data_9LLK
#
_entry.id   9LLK
#
_cell.length_a   1.00
_cell.length_b   1.00
_cell.length_c   1.00
_cell.angle_alpha   90.00
_cell.angle_beta   90.00
_cell.angle_gamma   90.00
#
_symmetry.space_group_name_H-M   'P 1'
#
loop_
_entity.id
_entity.type
_entity.pdbx_description
1 polymer 'Transitional endoplasmic reticulum ATPase'
2 polymer Derlin-1
3 non-polymer "ADENOSINE-5'-DIPHOSPHATE"
#
loop_
_entity_poly.entity_id
_entity_poly.type
_entity_poly.pdbx_seq_one_letter_code
_entity_poly.pdbx_strand_id
1 'polypeptide(L)'
;MNRPNRLIVDEAINEDNSVVSLSQPKMDELQLFRGDTVLLKGKKRREAVCIVLSDDTCSDEKIRMNRVVRNNLRVRLGDV
ISIQPCPDVKYGKRIHVLPIDDTVEGITGNLFEVYLKPYFLEAYRPIRKGDIFLVRGGMRAVEFKVVETDPSPYCIVAPD
TVIHCEGEPIKREDEEESLNEVGYDDIGGCRKQLAQIKEMVELPLRHPALFKAIGVKPPRGILLYGPPGTGKTLIARAVA
NETGAFFFLINGPEIMSKLAGESESNLRKAFEEAEKNAPAIIFIDELDAIAPKREKTHGEVERRIVSQLLTLMDGLKQRA
HVIVMAATNRPNSIDPALRRFGRFDREVDIGIPDATGRLEILQIHTKNMKLADDVDLEQVANETHGHVGADLAALCSEAA
LQAIRKKMDLIDLEDETIDAEVMNSLAVTMDDFRWALSQSNPSALRETVVEVPQVTWEDIGGLEDVKRELQELVQYPVEH
PDKFLKFGMTPSKGVLFYGPPGCGKTLLAKAIANECQANFISIKGPELLTMWFGESEANVREIFDKARQAAPCVLFFDEL
DSIAKARGGNIGDGGGAADRVINQILTEMDGMSTKKNVFIIGATNRPDIIDPAILRPGRLDQLIYIPLPDEKSRVAILKA
NLRKSPVAKDVDLEFLAKMTNGFSGADLTEICQRACKLAIRESIESEIRRERERQTNPSAMEVEEDDPVPEIRRDHFEEA
MRFARRSVSDNDIRKYEMFAQTLQQSRGFGSFRFPSGNQGGAGPSQGSGGGTGGSVYTEDNDDDLYG
;
B,C,F,A,D,E
2 'polypeptide(L)'
;MSDIGDWFRSIPAITRYWFAATVAVPLVGKLGLISPAYLFLWPEAFLYRFQIWRPITATFYFPVGPGTGFLYLVNLYFLY
QYSTRLETGAFDGRPADYLFMLLFNWICIVITGLAMDMQLLMIPLIMSVLYVWAQLNRDMIVSFWFGTRFKACYLPWVIL
GFNYIIGGSVINELIGNLVGHLYFFLMFRYPMDLGGRNFLSTPQFLYRWLPSRRHNWGQGFRLGDQ
;
V,W,Z,U,X,Y
#
# COMPACT_ATOMS: atom_id res chain seq x y z
N ARG A 3 -45.43 -21.65 -53.09
CA ARG A 3 -44.64 -22.13 -54.22
C ARG A 3 -43.73 -23.27 -53.80
N PRO A 4 -43.65 -24.31 -54.65
CA PRO A 4 -42.78 -25.46 -54.38
C PRO A 4 -41.33 -25.26 -54.83
N ASN A 5 -40.80 -24.08 -54.58
CA ASN A 5 -39.42 -23.75 -54.94
C ASN A 5 -38.57 -23.32 -53.76
N ARG A 6 -39.13 -22.54 -52.83
CA ARG A 6 -38.34 -22.01 -51.73
C ARG A 6 -38.13 -23.07 -50.67
N LEU A 7 -36.87 -23.26 -50.27
CA LEU A 7 -36.49 -24.32 -49.35
C LEU A 7 -35.48 -23.78 -48.34
N ILE A 8 -35.35 -24.50 -47.22
CA ILE A 8 -34.31 -24.20 -46.24
C ILE A 8 -33.05 -24.95 -46.65
N VAL A 9 -31.88 -24.40 -46.32
CA VAL A 9 -30.61 -24.96 -46.72
C VAL A 9 -29.85 -25.44 -45.48
N ASP A 10 -28.92 -26.37 -45.70
CA ASP A 10 -28.06 -26.84 -44.62
C ASP A 10 -26.77 -27.37 -45.22
N GLU A 11 -25.79 -27.61 -44.35
CA GLU A 11 -24.46 -28.04 -44.75
C GLU A 11 -24.47 -29.52 -45.13
N ALA A 12 -23.32 -29.99 -45.61
CA ALA A 12 -23.21 -31.30 -46.23
C ALA A 12 -22.18 -32.18 -45.53
N ILE A 13 -22.00 -33.38 -46.07
CA ILE A 13 -20.97 -34.33 -45.67
C ILE A 13 -19.99 -34.59 -46.80
N ASN A 14 -20.45 -34.52 -48.05
CA ASN A 14 -19.61 -34.68 -49.23
C ASN A 14 -19.35 -33.31 -49.84
N GLU A 15 -18.09 -33.00 -50.14
CA GLU A 15 -17.75 -31.63 -50.50
C GLU A 15 -18.24 -31.29 -51.90
N ASP A 16 -17.62 -31.89 -52.93
CA ASP A 16 -18.19 -31.92 -54.28
C ASP A 16 -18.77 -30.58 -54.71
N ASN A 17 -17.93 -29.58 -54.94
CA ASN A 17 -18.32 -28.17 -54.98
C ASN A 17 -19.49 -27.84 -55.90
N SER A 18 -19.95 -28.81 -56.69
CA SER A 18 -21.11 -28.53 -57.53
C SER A 18 -22.26 -29.49 -57.30
N VAL A 19 -22.61 -29.77 -56.04
CA VAL A 19 -23.69 -30.71 -55.74
C VAL A 19 -24.67 -30.14 -54.72
N VAL A 20 -25.92 -30.58 -54.84
CA VAL A 20 -26.95 -30.39 -53.84
C VAL A 20 -27.66 -31.72 -53.62
N SER A 21 -28.28 -31.88 -52.46
CA SER A 21 -29.00 -33.10 -52.12
C SER A 21 -30.49 -32.80 -52.04
N LEU A 22 -31.29 -33.54 -52.78
CA LEU A 22 -32.73 -33.35 -52.81
C LEU A 22 -33.43 -34.69 -52.62
N SER A 23 -34.62 -34.64 -52.02
CA SER A 23 -35.43 -35.83 -51.85
C SER A 23 -36.01 -36.28 -53.18
N GLN A 24 -36.27 -37.59 -53.27
CA GLN A 24 -36.87 -38.14 -54.49
C GLN A 24 -38.21 -37.54 -54.84
N PRO A 25 -39.20 -37.43 -53.93
CA PRO A 25 -40.49 -36.86 -54.34
C PRO A 25 -40.40 -35.43 -54.85
N LYS A 26 -39.47 -34.63 -54.33
CA LYS A 26 -39.35 -33.24 -54.78
C LYS A 26 -39.00 -33.18 -56.26
N MET A 27 -37.97 -33.92 -56.67
CA MET A 27 -37.61 -33.96 -58.08
C MET A 27 -38.67 -34.68 -58.90
N ASP A 28 -39.38 -35.64 -58.29
CA ASP A 28 -40.42 -36.35 -59.01
C ASP A 28 -41.58 -35.43 -59.39
N GLU A 29 -41.96 -34.53 -58.48
CA GLU A 29 -43.05 -33.61 -58.73
C GLU A 29 -42.62 -32.32 -59.42
N LEU A 30 -41.32 -32.10 -59.58
CA LEU A 30 -40.81 -30.89 -60.20
C LEU A 30 -40.22 -31.15 -61.59
N GLN A 31 -40.78 -32.12 -62.30
CA GLN A 31 -40.38 -32.51 -63.66
C GLN A 31 -38.86 -32.48 -63.84
N LEU A 32 -38.18 -33.18 -62.94
CA LEU A 32 -36.72 -33.22 -62.92
C LEU A 32 -36.22 -34.65 -63.15
N PHE A 33 -35.06 -34.74 -63.81
CA PHE A 33 -34.46 -36.02 -64.16
C PHE A 33 -32.99 -36.02 -63.79
N ARG A 34 -32.37 -37.18 -63.93
CA ARG A 34 -30.97 -37.35 -63.57
C ARG A 34 -30.07 -36.55 -64.51
N GLY A 35 -28.98 -36.04 -63.96
CA GLY A 35 -28.03 -35.30 -64.77
C GLY A 35 -28.49 -33.91 -65.18
N ASP A 36 -29.68 -33.49 -64.75
CA ASP A 36 -30.22 -32.21 -65.17
C ASP A 36 -29.52 -31.09 -64.41
N THR A 37 -28.84 -30.20 -65.14
CA THR A 37 -28.27 -29.02 -64.53
C THR A 37 -29.38 -28.08 -64.08
N VAL A 38 -29.17 -27.42 -62.95
CA VAL A 38 -30.19 -26.58 -62.34
C VAL A 38 -29.62 -25.21 -62.02
N LEU A 39 -30.49 -24.21 -62.08
CA LEU A 39 -30.17 -22.83 -61.75
C LEU A 39 -30.69 -22.53 -60.35
N LEU A 40 -29.83 -21.97 -59.51
CA LEU A 40 -30.19 -21.54 -58.16
C LEU A 40 -30.00 -20.03 -58.07
N LYS A 41 -31.00 -19.35 -57.54
CA LYS A 41 -31.02 -17.90 -57.49
C LYS A 41 -31.45 -17.46 -56.09
N GLY A 42 -30.80 -16.41 -55.58
CA GLY A 42 -31.10 -15.93 -54.24
C GLY A 42 -30.96 -14.44 -54.08
N LYS A 43 -30.39 -14.01 -52.96
CA LYS A 43 -30.24 -12.59 -52.69
C LYS A 43 -29.22 -11.96 -53.62
N LYS A 44 -29.33 -10.65 -53.79
CA LYS A 44 -28.43 -9.85 -54.63
C LYS A 44 -28.43 -10.30 -56.08
N ARG A 45 -29.48 -11.01 -56.50
CA ARG A 45 -29.67 -11.45 -57.89
C ARG A 45 -28.46 -12.23 -58.40
N ARG A 46 -27.89 -13.07 -57.54
CA ARG A 46 -26.78 -13.93 -57.90
C ARG A 46 -27.30 -15.29 -58.35
N GLU A 47 -26.69 -15.83 -59.40
CA GLU A 47 -27.12 -17.08 -59.99
C GLU A 47 -25.99 -18.09 -59.96
N ALA A 48 -26.31 -19.33 -59.63
CA ALA A 48 -25.34 -20.43 -59.60
C ALA A 48 -25.91 -21.61 -60.36
N VAL A 49 -25.01 -22.45 -60.87
CA VAL A 49 -25.37 -23.61 -61.66
C VAL A 49 -24.87 -24.85 -60.94
N CYS A 50 -25.75 -25.85 -60.80
CA CYS A 50 -25.41 -27.03 -60.03
C CYS A 50 -25.92 -28.27 -60.74
N ILE A 51 -25.45 -29.43 -60.29
CA ILE A 51 -25.97 -30.72 -60.73
C ILE A 51 -26.58 -31.40 -59.50
N VAL A 52 -27.84 -31.84 -59.65
CA VAL A 52 -28.59 -32.41 -58.55
C VAL A 52 -28.34 -33.91 -58.51
N LEU A 53 -28.29 -34.48 -57.31
CA LEU A 53 -28.32 -35.92 -57.09
C LEU A 53 -29.38 -36.26 -56.06
N SER A 54 -29.66 -37.56 -55.94
CA SER A 54 -30.56 -38.05 -54.91
C SER A 54 -29.82 -38.14 -53.59
N ASP A 55 -30.56 -38.39 -52.52
CA ASP A 55 -29.96 -38.59 -51.21
C ASP A 55 -30.87 -39.51 -50.41
N ASP A 56 -30.25 -40.34 -49.58
CA ASP A 56 -31.00 -41.35 -48.83
C ASP A 56 -31.91 -40.71 -47.79
N THR A 57 -31.39 -39.74 -47.05
CA THR A 57 -32.09 -39.18 -45.89
C THR A 57 -32.42 -37.70 -46.04
N CYS A 58 -32.49 -37.20 -47.27
CA CYS A 58 -32.84 -35.80 -47.50
C CYS A 58 -34.34 -35.62 -47.42
N SER A 59 -34.79 -34.61 -46.68
CA SER A 59 -36.20 -34.31 -46.59
C SER A 59 -36.64 -33.49 -47.80
N ASP A 60 -37.93 -33.17 -47.86
CA ASP A 60 -38.47 -32.47 -49.02
C ASP A 60 -38.03 -31.01 -49.01
N GLU A 61 -38.12 -30.34 -47.86
CA GLU A 61 -37.93 -28.90 -47.80
C GLU A 61 -36.51 -28.49 -47.44
N LYS A 62 -35.62 -29.42 -47.16
CA LYS A 62 -34.24 -29.13 -46.80
C LYS A 62 -33.32 -29.53 -47.95
N ILE A 63 -32.44 -28.62 -48.34
CA ILE A 63 -31.47 -28.85 -49.41
C ILE A 63 -30.07 -28.78 -48.82
N ARG A 64 -29.27 -29.78 -49.12
CA ARG A 64 -27.95 -29.95 -48.52
C ARG A 64 -26.88 -29.52 -49.50
N MET A 65 -26.04 -28.57 -49.09
CA MET A 65 -25.00 -28.05 -49.96
C MET A 65 -23.85 -27.53 -49.11
N ASN A 66 -22.67 -27.46 -49.71
CA ASN A 66 -21.43 -27.17 -49.01
C ASN A 66 -21.21 -25.66 -48.91
N ARG A 67 -20.00 -25.26 -48.51
CA ARG A 67 -19.72 -23.86 -48.23
C ARG A 67 -19.64 -23.03 -49.51
N VAL A 68 -18.99 -23.56 -50.54
CA VAL A 68 -18.67 -22.74 -51.71
C VAL A 68 -19.94 -22.31 -52.45
N VAL A 69 -20.91 -23.22 -52.59
CA VAL A 69 -22.14 -22.86 -53.28
C VAL A 69 -22.91 -21.81 -52.49
N ARG A 70 -22.97 -21.96 -51.17
CA ARG A 70 -23.63 -20.95 -50.35
C ARG A 70 -22.95 -19.60 -50.49
N ASN A 71 -21.62 -19.58 -50.49
CA ASN A 71 -20.90 -18.33 -50.62
C ASN A 71 -21.17 -17.69 -51.99
N ASN A 72 -21.22 -18.52 -53.04
CA ASN A 72 -21.54 -17.98 -54.36
C ASN A 72 -22.92 -17.37 -54.39
N LEU A 73 -23.91 -18.04 -53.80
CA LEU A 73 -25.27 -17.52 -53.78
C LEU A 73 -25.43 -16.31 -52.87
N ARG A 74 -24.48 -16.05 -51.98
CA ARG A 74 -24.55 -14.95 -51.01
C ARG A 74 -25.73 -15.13 -50.05
N VAL A 75 -25.84 -16.33 -49.49
CA VAL A 75 -26.87 -16.67 -48.52
C VAL A 75 -26.20 -17.25 -47.28
N ARG A 76 -27.01 -17.59 -46.28
CA ARG A 76 -26.53 -18.19 -45.05
C ARG A 76 -27.45 -19.34 -44.64
N LEU A 77 -27.11 -19.98 -43.54
CA LEU A 77 -27.87 -21.13 -43.05
C LEU A 77 -29.33 -20.75 -42.79
N GLY A 78 -30.24 -21.64 -43.17
CA GLY A 78 -31.65 -21.47 -42.86
C GLY A 78 -32.37 -20.42 -43.65
N ASP A 79 -31.87 -20.06 -44.85
CA ASP A 79 -32.55 -19.08 -45.69
C ASP A 79 -33.37 -19.82 -46.75
N VAL A 80 -33.90 -19.07 -47.72
CA VAL A 80 -34.76 -19.62 -48.76
C VAL A 80 -34.14 -19.30 -50.12
N ILE A 81 -34.25 -20.27 -51.04
CA ILE A 81 -33.58 -20.19 -52.33
C ILE A 81 -34.58 -20.52 -53.43
N SER A 82 -34.25 -20.11 -54.65
CA SER A 82 -35.08 -20.36 -55.83
C SER A 82 -34.36 -21.35 -56.73
N ILE A 83 -35.07 -22.42 -57.12
CA ILE A 83 -34.49 -23.52 -57.88
C ILE A 83 -35.29 -23.70 -59.17
N GLN A 84 -34.58 -23.86 -60.30
CA GLN A 84 -35.27 -24.07 -61.56
C GLN A 84 -34.48 -24.96 -62.51
N PRO A 85 -35.10 -25.93 -63.16
CA PRO A 85 -34.38 -26.79 -64.12
C PRO A 85 -34.22 -26.08 -65.45
N CYS A 86 -32.96 -25.88 -65.87
CA CYS A 86 -32.64 -25.24 -67.15
C CYS A 86 -31.52 -26.03 -67.83
N PRO A 87 -31.84 -27.16 -68.45
CA PRO A 87 -30.81 -27.96 -69.16
C PRO A 87 -30.65 -27.53 -70.62
N ASP A 88 -30.25 -26.27 -70.82
CA ASP A 88 -30.06 -25.74 -72.17
C ASP A 88 -28.80 -24.88 -72.24
N VAL A 89 -27.71 -25.36 -71.66
CA VAL A 89 -26.44 -24.64 -71.70
C VAL A 89 -25.61 -25.17 -72.87
N LYS A 90 -24.77 -24.29 -73.42
CA LYS A 90 -23.96 -24.61 -74.59
C LYS A 90 -22.48 -24.55 -74.23
N TYR A 91 -21.70 -25.40 -74.89
CA TYR A 91 -20.29 -25.57 -74.52
C TYR A 91 -19.52 -24.27 -74.71
N GLY A 92 -18.56 -24.04 -73.80
CA GLY A 92 -17.75 -22.85 -73.87
C GLY A 92 -16.60 -22.98 -74.84
N LYS A 93 -15.99 -21.84 -75.15
CA LYS A 93 -14.89 -21.78 -76.09
C LYS A 93 -13.57 -21.45 -75.43
N ARG A 94 -13.50 -20.33 -74.71
CA ARG A 94 -12.28 -19.95 -73.99
C ARG A 94 -12.66 -19.34 -72.65
N ILE A 95 -12.02 -19.83 -71.59
CA ILE A 95 -12.32 -19.41 -70.23
C ILE A 95 -11.07 -18.77 -69.63
N HIS A 96 -11.20 -17.54 -69.17
CA HIS A 96 -10.10 -16.81 -68.54
C HIS A 96 -10.32 -16.86 -67.04
N VAL A 97 -9.38 -17.49 -66.33
CA VAL A 97 -9.44 -17.75 -64.89
C VAL A 97 -8.13 -17.31 -64.25
N LEU A 98 -8.22 -16.57 -63.14
CA LEU A 98 -7.02 -16.20 -62.42
C LEU A 98 -7.23 -16.33 -60.92
N PRO A 99 -6.17 -16.53 -60.15
CA PRO A 99 -6.30 -16.69 -58.70
C PRO A 99 -6.48 -15.34 -58.02
N ILE A 100 -6.74 -15.40 -56.72
CA ILE A 100 -6.85 -14.22 -55.87
C ILE A 100 -5.45 -13.89 -55.36
N ASP A 101 -5.22 -12.60 -55.08
CA ASP A 101 -3.87 -12.14 -54.78
C ASP A 101 -3.33 -12.77 -53.50
N ASP A 102 -4.13 -12.78 -52.43
CA ASP A 102 -3.62 -13.22 -51.14
C ASP A 102 -3.79 -14.72 -50.94
N THR A 103 -3.41 -15.49 -51.95
CA THR A 103 -3.35 -16.95 -51.82
C THR A 103 -2.16 -17.57 -52.52
N VAL A 104 -1.47 -16.86 -53.39
CA VAL A 104 -0.39 -17.44 -54.19
C VAL A 104 0.92 -16.74 -53.85
N GLU A 105 1.06 -16.30 -52.59
CA GLU A 105 2.28 -15.63 -52.17
C GLU A 105 3.48 -16.56 -52.30
N GLY A 106 4.37 -16.24 -53.23
CA GLY A 106 5.57 -17.04 -53.40
C GLY A 106 5.31 -18.45 -53.88
N ILE A 107 4.46 -18.61 -54.89
CA ILE A 107 4.18 -19.91 -55.48
C ILE A 107 4.70 -19.98 -56.91
N THR A 108 4.14 -19.19 -57.81
CA THR A 108 4.50 -19.21 -59.22
C THR A 108 4.39 -20.64 -59.75
N GLY A 109 5.20 -20.99 -60.74
CA GLY A 109 5.05 -22.28 -61.40
C GLY A 109 3.86 -22.24 -62.34
N ASN A 110 3.54 -23.41 -62.89
CA ASN A 110 2.41 -23.53 -63.80
C ASN A 110 1.21 -23.99 -62.98
N LEU A 111 0.29 -23.07 -62.73
CA LEU A 111 -0.89 -23.40 -61.93
C LEU A 111 -1.87 -24.27 -62.70
N PHE A 112 -1.83 -24.22 -64.03
CA PHE A 112 -2.83 -24.92 -64.82
C PHE A 112 -2.70 -26.43 -64.69
N GLU A 113 -1.48 -26.94 -64.66
CA GLU A 113 -1.27 -28.39 -64.76
C GLU A 113 -1.17 -29.08 -63.41
N VAL A 114 -1.17 -28.36 -62.30
CA VAL A 114 -1.14 -28.99 -60.98
C VAL A 114 -2.34 -28.63 -60.12
N TYR A 115 -3.14 -27.63 -60.49
CA TYR A 115 -4.38 -27.32 -59.78
C TYR A 115 -5.61 -27.57 -60.64
N LEU A 116 -5.70 -26.90 -61.80
CA LEU A 116 -6.91 -26.99 -62.62
C LEU A 116 -6.99 -28.30 -63.38
N LYS A 117 -5.85 -28.82 -63.83
CA LYS A 117 -5.87 -30.04 -64.64
C LYS A 117 -6.50 -31.22 -63.91
N PRO A 118 -6.15 -31.55 -62.66
CA PRO A 118 -6.85 -32.66 -61.99
C PRO A 118 -8.21 -32.29 -61.45
N TYR A 119 -8.67 -31.05 -61.65
CA TYR A 119 -9.95 -30.62 -61.10
C TYR A 119 -11.06 -30.74 -62.12
N PHE A 120 -10.84 -30.25 -63.34
CA PHE A 120 -11.85 -30.28 -64.39
C PHE A 120 -11.86 -31.58 -65.19
N LEU A 121 -10.89 -32.46 -64.95
CA LEU A 121 -10.72 -33.64 -65.78
C LEU A 121 -11.87 -34.61 -65.55
N GLU A 122 -12.68 -34.83 -66.60
CA GLU A 122 -13.77 -35.81 -66.56
C GLU A 122 -14.79 -35.47 -65.49
N ALA A 123 -15.22 -34.20 -65.46
CA ALA A 123 -16.20 -33.76 -64.49
C ALA A 123 -17.34 -33.00 -65.17
N TYR A 124 -17.03 -32.33 -66.28
CA TYR A 124 -18.02 -31.54 -67.02
C TYR A 124 -18.70 -30.51 -66.12
N ARG A 125 -17.89 -29.84 -65.30
CA ARG A 125 -18.41 -28.91 -64.31
C ARG A 125 -19.10 -27.73 -64.98
N PRO A 126 -20.33 -27.39 -64.59
CA PRO A 126 -20.95 -26.17 -65.09
C PRO A 126 -20.60 -24.97 -64.24
N ILE A 127 -20.22 -23.88 -64.90
CA ILE A 127 -19.73 -22.67 -64.23
C ILE A 127 -20.46 -21.46 -64.78
N ARG A 128 -20.43 -20.39 -63.99
CA ARG A 128 -21.08 -19.13 -64.30
C ARG A 128 -20.11 -18.00 -64.01
N LYS A 129 -20.21 -16.91 -64.75
CA LYS A 129 -19.25 -15.82 -64.63
C LYS A 129 -19.30 -15.20 -63.25
N GLY A 130 -18.13 -14.81 -62.74
CA GLY A 130 -18.02 -14.06 -61.50
C GLY A 130 -17.92 -14.88 -60.24
N ASP A 131 -17.95 -16.21 -60.33
CA ASP A 131 -17.97 -17.05 -59.14
C ASP A 131 -16.55 -17.26 -58.61
N ILE A 132 -16.47 -17.95 -57.46
CA ILE A 132 -15.21 -18.29 -56.83
C ILE A 132 -15.25 -19.78 -56.49
N PHE A 133 -14.15 -20.48 -56.76
CA PHE A 133 -14.08 -21.89 -56.38
C PHE A 133 -12.70 -22.19 -55.82
N LEU A 134 -12.66 -23.06 -54.81
CA LEU A 134 -11.46 -23.32 -54.04
C LEU A 134 -10.94 -24.71 -54.34
N VAL A 135 -9.63 -24.82 -54.61
CA VAL A 135 -8.99 -26.07 -54.97
C VAL A 135 -7.96 -26.41 -53.90
N ARG A 136 -8.00 -27.64 -53.39
CA ARG A 136 -7.07 -28.11 -52.38
C ARG A 136 -5.75 -28.44 -53.07
N GLY A 137 -4.74 -27.61 -52.85
CA GLY A 137 -3.47 -27.78 -53.51
C GLY A 137 -2.62 -28.85 -52.83
N GLY A 138 -1.35 -28.88 -53.24
CA GLY A 138 -0.42 -29.83 -52.65
C GLY A 138 -0.17 -29.56 -51.18
N MET A 139 -0.02 -28.29 -50.81
CA MET A 139 0.15 -27.94 -49.41
C MET A 139 -0.62 -26.70 -48.99
N ARG A 140 -1.48 -26.16 -49.85
CA ARG A 140 -2.30 -24.99 -49.54
C ARG A 140 -3.70 -25.21 -50.10
N ALA A 141 -4.51 -24.15 -50.05
CA ALA A 141 -5.83 -24.15 -50.66
C ALA A 141 -5.98 -22.85 -51.43
N VAL A 142 -6.06 -22.94 -52.75
CA VAL A 142 -5.99 -21.78 -53.62
C VAL A 142 -7.37 -21.54 -54.23
N GLU A 143 -7.86 -20.31 -54.14
CA GLU A 143 -9.17 -19.97 -54.67
C GLU A 143 -9.05 -19.18 -55.96
N PHE A 144 -9.82 -19.59 -56.96
CA PHE A 144 -9.80 -18.99 -58.29
C PHE A 144 -11.13 -18.29 -58.56
N LYS A 145 -11.09 -17.29 -59.43
CA LYS A 145 -12.24 -16.46 -59.77
C LYS A 145 -12.40 -16.45 -61.28
N VAL A 146 -13.45 -17.11 -61.78
CA VAL A 146 -13.70 -17.12 -63.22
C VAL A 146 -14.00 -15.69 -63.67
N VAL A 147 -13.11 -15.13 -64.48
CA VAL A 147 -13.28 -13.74 -64.86
C VAL A 147 -13.90 -13.61 -66.26
N GLU A 148 -13.73 -14.60 -67.13
CA GLU A 148 -14.38 -14.48 -68.42
C GLU A 148 -14.77 -15.86 -68.95
N THR A 149 -15.95 -15.94 -69.55
CA THR A 149 -16.41 -17.16 -70.18
C THR A 149 -17.33 -16.80 -71.34
N ASP A 150 -17.44 -17.73 -72.29
CA ASP A 150 -18.27 -17.57 -73.47
C ASP A 150 -18.77 -18.93 -73.95
N PRO A 151 -20.09 -19.12 -74.12
CA PRO A 151 -21.20 -18.15 -74.08
C PRO A 151 -21.40 -17.49 -72.73
N SER A 152 -21.28 -16.17 -72.68
CA SER A 152 -21.46 -15.43 -71.44
C SER A 152 -22.93 -15.52 -70.99
N PRO A 153 -23.20 -15.83 -69.73
CA PRO A 153 -22.22 -16.16 -68.68
C PRO A 153 -22.21 -17.65 -68.33
N TYR A 154 -23.17 -18.42 -68.83
CA TYR A 154 -23.35 -19.81 -68.45
C TYR A 154 -22.49 -20.68 -69.36
N CYS A 155 -21.65 -21.53 -68.77
CA CYS A 155 -20.78 -22.37 -69.60
C CYS A 155 -20.45 -23.66 -68.88
N ILE A 156 -20.53 -24.77 -69.58
CA ILE A 156 -20.14 -26.06 -69.04
C ILE A 156 -18.82 -26.46 -69.68
N VAL A 157 -17.84 -26.80 -68.83
CA VAL A 157 -16.48 -27.01 -69.29
C VAL A 157 -16.39 -28.29 -70.10
N ALA A 158 -15.92 -28.19 -71.34
CA ALA A 158 -15.87 -29.26 -72.32
C ALA A 158 -14.44 -29.79 -72.46
N PRO A 159 -14.28 -31.03 -72.92
CA PRO A 159 -12.92 -31.58 -73.10
C PRO A 159 -12.08 -30.78 -74.08
N ASP A 160 -12.69 -30.09 -75.03
CA ASP A 160 -11.96 -29.20 -75.95
C ASP A 160 -12.29 -27.77 -75.53
N THR A 161 -11.31 -27.10 -74.92
CA THR A 161 -11.48 -25.73 -74.46
C THR A 161 -10.11 -25.11 -74.25
N VAL A 162 -10.06 -23.79 -74.37
CA VAL A 162 -8.86 -23.01 -74.08
C VAL A 162 -9.01 -22.40 -72.70
N ILE A 163 -8.02 -22.62 -71.85
CA ILE A 163 -8.00 -22.08 -70.49
C ILE A 163 -6.87 -21.07 -70.42
N HIS A 164 -7.21 -19.80 -70.21
CA HIS A 164 -6.23 -18.74 -70.03
C HIS A 164 -6.05 -18.51 -68.53
N CYS A 165 -4.95 -19.02 -67.98
CA CYS A 165 -4.65 -18.90 -66.56
C CYS A 165 -3.53 -17.91 -66.29
N GLU A 166 -3.18 -17.09 -67.28
CA GLU A 166 -2.10 -16.13 -67.16
C GLU A 166 -2.64 -14.75 -66.83
N GLY A 167 -1.91 -14.04 -66.00
CA GLY A 167 -2.28 -12.68 -65.62
C GLY A 167 -2.06 -12.44 -64.14
N GLU A 168 -1.95 -11.17 -63.77
CA GLU A 168 -1.74 -10.80 -62.37
C GLU A 168 -2.96 -11.17 -61.55
N PRO A 169 -2.80 -11.60 -60.30
CA PRO A 169 -3.94 -12.01 -59.50
C PRO A 169 -4.89 -10.85 -59.22
N ILE A 170 -6.19 -11.18 -59.17
CA ILE A 170 -7.21 -10.17 -58.90
C ILE A 170 -7.13 -9.74 -57.44
N LYS A 171 -7.26 -8.44 -57.20
CA LYS A 171 -7.35 -7.93 -55.84
C LYS A 171 -8.64 -8.39 -55.19
N ARG A 172 -8.56 -8.69 -53.89
CA ARG A 172 -9.73 -9.16 -53.17
C ARG A 172 -10.77 -8.05 -53.07
N GLU A 173 -12.01 -8.38 -53.43
CA GLU A 173 -13.08 -7.41 -53.44
C GLU A 173 -13.60 -7.17 -52.03
N ASP A 174 -14.42 -6.12 -51.89
CA ASP A 174 -15.02 -5.81 -50.59
C ASP A 174 -16.24 -6.66 -50.28
N GLU A 175 -16.91 -7.20 -51.29
CA GLU A 175 -18.05 -8.10 -51.08
C GLU A 175 -17.57 -9.55 -51.04
N GLU A 176 -16.67 -9.82 -50.11
CA GLU A 176 -16.04 -11.12 -49.96
C GLU A 176 -16.40 -11.71 -48.62
N GLU A 177 -16.20 -13.02 -48.50
CA GLU A 177 -16.36 -13.71 -47.22
C GLU A 177 -15.15 -14.53 -46.84
N SER A 178 -14.11 -14.57 -47.67
CA SER A 178 -12.84 -15.23 -47.34
C SER A 178 -13.09 -16.71 -47.00
N LEU A 179 -13.45 -17.45 -48.06
CA LEU A 179 -13.85 -18.85 -47.93
C LEU A 179 -12.92 -19.65 -47.00
N ASN A 180 -11.66 -19.22 -46.89
CA ASN A 180 -10.72 -19.91 -46.00
C ASN A 180 -11.02 -19.69 -44.52
N GLU A 181 -11.94 -18.79 -44.17
CA GLU A 181 -12.18 -18.47 -42.77
C GLU A 181 -12.94 -19.62 -42.09
N VAL A 182 -13.16 -19.45 -40.79
CA VAL A 182 -13.64 -20.51 -39.92
C VAL A 182 -15.13 -20.74 -40.14
N GLY A 183 -15.61 -21.95 -39.89
CA GLY A 183 -17.00 -22.28 -40.06
C GLY A 183 -17.36 -23.47 -39.20
N TYR A 184 -18.63 -23.89 -39.32
CA TYR A 184 -19.12 -24.97 -38.48
C TYR A 184 -18.46 -26.31 -38.76
N ASP A 185 -17.80 -26.46 -39.91
CA ASP A 185 -17.17 -27.72 -40.25
C ASP A 185 -15.71 -27.78 -39.82
N ASP A 186 -15.22 -26.77 -39.10
CA ASP A 186 -13.84 -26.70 -38.68
C ASP A 186 -13.62 -27.23 -37.27
N ILE A 187 -14.70 -27.58 -36.56
CA ILE A 187 -14.63 -27.99 -35.17
C ILE A 187 -14.99 -29.46 -35.07
N GLY A 188 -14.19 -30.23 -34.35
CA GLY A 188 -14.47 -31.63 -34.13
C GLY A 188 -14.30 -32.00 -32.68
N GLY A 189 -15.06 -33.00 -32.25
CA GLY A 189 -15.03 -33.44 -30.88
C GLY A 189 -15.87 -32.62 -29.92
N CYS A 190 -16.71 -31.73 -30.42
CA CYS A 190 -17.55 -30.84 -29.62
C CYS A 190 -18.95 -30.79 -30.19
N ARG A 191 -19.61 -31.94 -30.31
CA ARG A 191 -20.93 -31.96 -30.95
C ARG A 191 -22.01 -31.37 -30.04
N LYS A 192 -22.09 -31.85 -28.80
CA LYS A 192 -23.10 -31.34 -27.88
C LYS A 192 -22.90 -29.85 -27.62
N GLN A 193 -21.77 -29.51 -27.00
CA GLN A 193 -21.50 -28.16 -26.53
C GLN A 193 -21.39 -27.17 -27.68
N LEU A 194 -21.58 -27.63 -28.91
CA LEU A 194 -21.76 -26.73 -30.03
C LEU A 194 -23.19 -26.70 -30.56
N ALA A 195 -23.94 -27.80 -30.49
CA ALA A 195 -25.37 -27.71 -30.79
C ALA A 195 -26.07 -26.77 -29.82
N GLN A 196 -25.72 -26.87 -28.53
CA GLN A 196 -26.33 -26.00 -27.53
C GLN A 196 -26.10 -24.53 -27.86
N ILE A 197 -24.84 -24.15 -28.06
CA ILE A 197 -24.52 -22.76 -28.40
C ILE A 197 -25.20 -22.36 -29.69
N LYS A 198 -25.20 -23.25 -30.68
CA LYS A 198 -25.72 -22.91 -31.99
C LYS A 198 -27.20 -22.53 -31.91
N GLU A 199 -28.00 -23.36 -31.24
CA GLU A 199 -29.43 -23.02 -31.15
C GLU A 199 -29.65 -21.80 -30.28
N MET A 200 -29.01 -21.77 -29.10
CA MET A 200 -29.25 -20.71 -28.12
C MET A 200 -28.88 -19.33 -28.66
N VAL A 201 -27.88 -19.25 -29.53
CA VAL A 201 -27.49 -17.97 -30.12
C VAL A 201 -28.10 -17.75 -31.50
N GLU A 202 -28.54 -18.80 -32.20
CA GLU A 202 -29.15 -18.60 -33.51
C GLU A 202 -30.55 -18.03 -33.38
N LEU A 203 -31.27 -18.38 -32.32
CA LEU A 203 -32.61 -17.81 -32.18
C LEU A 203 -32.62 -16.29 -32.11
N PRO A 204 -31.79 -15.61 -31.29
CA PRO A 204 -31.89 -14.15 -31.21
C PRO A 204 -31.11 -13.39 -32.28
N LEU A 205 -30.04 -13.98 -32.81
CA LEU A 205 -29.16 -13.24 -33.71
C LEU A 205 -29.65 -13.21 -35.15
N ARG A 206 -30.59 -14.08 -35.53
CA ARG A 206 -31.10 -14.12 -36.89
C ARG A 206 -32.30 -13.20 -37.11
N HIS A 207 -33.27 -13.21 -36.20
CA HIS A 207 -34.48 -12.39 -36.31
C HIS A 207 -34.71 -11.63 -35.02
N PRO A 208 -34.09 -10.46 -34.86
CA PRO A 208 -34.37 -9.65 -33.66
C PRO A 208 -35.83 -9.23 -33.54
N ALA A 209 -36.50 -8.99 -34.67
CA ALA A 209 -37.87 -8.50 -34.64
C ALA A 209 -38.81 -9.48 -33.95
N LEU A 210 -38.54 -10.78 -34.07
CA LEU A 210 -39.38 -11.77 -33.40
C LEU A 210 -39.32 -11.60 -31.89
N PHE A 211 -38.12 -11.36 -31.34
CA PHE A 211 -38.03 -11.16 -29.91
C PHE A 211 -38.56 -9.80 -29.50
N LYS A 212 -38.48 -8.81 -30.39
CA LYS A 212 -39.08 -7.50 -30.09
C LYS A 212 -40.59 -7.62 -29.97
N ALA A 213 -41.20 -8.43 -30.84
CA ALA A 213 -42.67 -8.52 -30.86
C ALA A 213 -43.18 -9.48 -29.79
N ILE A 214 -42.54 -10.63 -29.61
CA ILE A 214 -43.03 -11.62 -28.67
C ILE A 214 -42.97 -11.11 -27.23
N GLY A 215 -42.06 -10.19 -26.93
CA GLY A 215 -41.94 -9.64 -25.58
C GLY A 215 -41.44 -10.58 -24.52
N VAL A 216 -40.46 -11.42 -24.86
CA VAL A 216 -39.79 -12.27 -23.87
C VAL A 216 -38.34 -11.82 -23.75
N LYS A 217 -37.65 -12.35 -22.75
CA LYS A 217 -36.28 -11.95 -22.47
C LYS A 217 -35.30 -12.82 -23.24
N PRO A 218 -34.28 -12.26 -23.87
CA PRO A 218 -33.28 -13.07 -24.56
C PRO A 218 -32.11 -13.38 -23.64
N PRO A 219 -31.26 -14.34 -23.99
CA PRO A 219 -30.01 -14.51 -23.25
C PRO A 219 -29.11 -13.29 -23.43
N ARG A 220 -28.36 -12.97 -22.39
CA ARG A 220 -27.48 -11.81 -22.44
C ARG A 220 -26.02 -12.15 -22.22
N GLY A 221 -25.70 -13.29 -21.63
CA GLY A 221 -24.32 -13.64 -21.44
C GLY A 221 -24.11 -15.13 -21.40
N ILE A 222 -23.00 -15.60 -21.99
CA ILE A 222 -22.66 -17.02 -21.99
C ILE A 222 -21.24 -17.14 -21.47
N LEU A 223 -20.96 -18.16 -20.68
CA LEU A 223 -19.66 -18.33 -20.07
C LEU A 223 -19.12 -19.72 -20.39
N LEU A 224 -18.08 -19.78 -21.20
CA LEU A 224 -17.45 -21.03 -21.59
C LEU A 224 -16.23 -21.28 -20.71
N TYR A 225 -16.13 -22.47 -20.12
CA TYR A 225 -14.94 -22.78 -19.33
C TYR A 225 -14.32 -24.10 -19.79
N GLY A 226 -13.01 -24.21 -19.55
CA GLY A 226 -12.25 -25.37 -19.91
C GLY A 226 -10.76 -25.09 -19.90
N PRO A 227 -9.94 -26.11 -20.07
CA PRO A 227 -8.49 -25.89 -20.08
C PRO A 227 -8.07 -25.09 -21.30
N PRO A 228 -6.94 -24.39 -21.23
CA PRO A 228 -6.49 -23.61 -22.39
C PRO A 228 -6.07 -24.50 -23.54
N GLY A 229 -6.27 -24.00 -24.75
CA GLY A 229 -5.93 -24.74 -25.94
C GLY A 229 -7.01 -25.66 -26.46
N THR A 230 -8.19 -25.67 -25.85
CA THR A 230 -9.26 -26.57 -26.25
C THR A 230 -10.20 -25.99 -27.30
N GLY A 231 -9.95 -24.77 -27.76
CA GLY A 231 -10.77 -24.21 -28.81
C GLY A 231 -12.03 -23.52 -28.31
N LYS A 232 -11.88 -22.49 -27.47
CA LYS A 232 -13.03 -21.71 -27.04
C LYS A 232 -13.26 -20.51 -27.95
N THR A 233 -12.21 -19.72 -28.21
CA THR A 233 -12.37 -18.59 -29.11
C THR A 233 -12.74 -19.04 -30.51
N LEU A 234 -12.39 -20.26 -30.87
CA LEU A 234 -12.77 -20.78 -32.18
C LEU A 234 -14.28 -20.98 -32.27
N ILE A 235 -14.91 -21.38 -31.17
CA ILE A 235 -16.37 -21.55 -31.18
C ILE A 235 -17.05 -20.21 -31.39
N ALA A 236 -16.61 -19.18 -30.66
CA ALA A 236 -17.23 -17.87 -30.82
C ALA A 236 -16.98 -17.31 -32.21
N ARG A 237 -15.77 -17.49 -32.73
CA ARG A 237 -15.48 -16.99 -34.08
C ARG A 237 -16.32 -17.71 -35.12
N ALA A 238 -16.48 -19.04 -34.99
CA ALA A 238 -17.28 -19.79 -35.94
C ALA A 238 -18.74 -19.36 -35.89
N VAL A 239 -19.29 -19.18 -34.68
CA VAL A 239 -20.68 -18.78 -34.55
C VAL A 239 -20.89 -17.39 -35.16
N ALA A 240 -19.98 -16.45 -34.86
CA ALA A 240 -20.12 -15.11 -35.41
C ALA A 240 -20.02 -15.11 -36.93
N ASN A 241 -19.12 -15.91 -37.49
CA ASN A 241 -19.00 -15.96 -38.95
C ASN A 241 -20.18 -16.65 -39.61
N GLU A 242 -20.80 -17.63 -38.96
CA GLU A 242 -21.84 -18.37 -39.67
C GLU A 242 -23.24 -17.76 -39.50
N THR A 243 -23.57 -17.25 -38.31
CA THR A 243 -24.90 -16.66 -38.15
C THR A 243 -24.99 -15.30 -38.80
N GLY A 244 -23.90 -14.55 -38.82
CA GLY A 244 -23.91 -13.20 -39.36
C GLY A 244 -23.97 -12.19 -38.24
N ALA A 245 -22.83 -11.63 -37.87
CA ALA A 245 -22.73 -10.76 -36.70
C ALA A 245 -21.46 -9.92 -36.85
N PHE A 246 -21.05 -9.30 -35.75
CA PHE A 246 -19.96 -8.33 -35.76
C PHE A 246 -18.97 -8.64 -34.65
N PHE A 247 -18.45 -9.86 -34.63
CA PHE A 247 -17.50 -10.30 -33.62
C PHE A 247 -16.47 -9.23 -33.29
N PHE A 248 -16.46 -8.81 -32.02
CA PHE A 248 -15.59 -7.74 -31.53
C PHE A 248 -14.89 -8.28 -30.29
N LEU A 249 -13.59 -8.49 -30.38
CA LEU A 249 -12.86 -9.15 -29.32
C LEU A 249 -12.25 -8.14 -28.36
N ILE A 250 -12.41 -8.41 -27.06
CA ILE A 250 -11.72 -7.70 -26.00
C ILE A 250 -10.83 -8.70 -25.28
N ASN A 251 -9.57 -8.35 -25.09
CA ASN A 251 -8.61 -9.24 -24.48
C ASN A 251 -8.38 -8.85 -23.04
N GLY A 252 -7.78 -9.74 -22.26
CA GLY A 252 -7.51 -9.47 -20.87
C GLY A 252 -6.23 -8.71 -20.63
N PRO A 253 -5.10 -9.28 -21.07
CA PRO A 253 -3.81 -8.61 -20.85
C PRO A 253 -3.72 -7.20 -21.41
N GLU A 254 -4.27 -6.91 -22.59
CA GLU A 254 -4.09 -5.55 -23.09
C GLU A 254 -5.09 -4.58 -22.49
N ILE A 255 -6.11 -5.06 -21.77
CA ILE A 255 -6.95 -4.15 -21.01
C ILE A 255 -6.33 -3.88 -19.65
N MET A 256 -5.70 -4.89 -19.05
CA MET A 256 -5.12 -4.73 -17.72
C MET A 256 -3.92 -3.82 -17.68
N SER A 257 -3.33 -3.47 -18.82
CA SER A 257 -2.07 -2.76 -18.82
C SER A 257 -2.03 -1.64 -19.85
N LYS A 258 -3.05 -0.78 -19.85
CA LYS A 258 -2.98 0.38 -20.76
C LYS A 258 -2.33 1.57 -20.06
N LEU A 259 -3.05 2.21 -19.15
CA LEU A 259 -2.46 3.15 -18.20
C LEU A 259 -3.50 3.57 -17.16
N ALA A 260 -3.34 3.15 -15.91
CA ALA A 260 -4.21 3.53 -14.81
C ALA A 260 -5.67 3.76 -15.23
N GLY A 261 -6.20 4.92 -14.87
CA GLY A 261 -7.64 5.15 -14.98
C GLY A 261 -8.17 4.97 -16.39
N GLU A 262 -7.44 5.50 -17.38
CA GLU A 262 -7.98 5.47 -18.73
C GLU A 262 -8.16 4.05 -19.25
N SER A 263 -7.54 3.06 -18.61
CA SER A 263 -7.82 1.67 -18.97
C SER A 263 -9.30 1.41 -18.99
N GLU A 264 -10.01 1.84 -17.94
CA GLU A 264 -11.45 1.65 -17.86
C GLU A 264 -12.14 2.19 -19.10
N SER A 265 -11.71 3.36 -19.57
CA SER A 265 -12.40 3.98 -20.71
C SER A 265 -12.46 3.01 -21.88
N ASN A 266 -11.39 2.23 -22.09
CA ASN A 266 -11.39 1.24 -23.15
C ASN A 266 -12.66 0.42 -23.14
N LEU A 267 -12.94 -0.26 -22.02
CA LEU A 267 -14.13 -1.09 -21.95
C LEU A 267 -15.35 -0.32 -22.39
N ARG A 268 -15.53 0.88 -21.84
CA ARG A 268 -16.70 1.69 -22.21
C ARG A 268 -16.79 1.83 -23.72
N LYS A 269 -15.73 2.38 -24.33
CA LYS A 269 -15.79 2.62 -25.77
C LYS A 269 -15.98 1.33 -26.53
N ALA A 270 -15.45 0.22 -25.99
CA ALA A 270 -15.64 -1.07 -26.65
C ALA A 270 -17.12 -1.35 -26.87
N PHE A 271 -17.93 -1.24 -25.82
CA PHE A 271 -19.33 -1.57 -25.98
C PHE A 271 -20.02 -0.64 -26.96
N GLU A 272 -19.49 0.57 -27.15
CA GLU A 272 -20.09 1.48 -28.11
C GLU A 272 -20.02 0.90 -29.52
N GLU A 273 -18.90 0.30 -29.90
CA GLU A 273 -18.84 -0.28 -31.24
C GLU A 273 -19.77 -1.48 -31.38
N ALA A 274 -20.32 -1.99 -30.28
CA ALA A 274 -21.32 -3.05 -30.41
C ALA A 274 -22.74 -2.52 -30.33
N GLU A 275 -22.92 -1.23 -30.09
CA GLU A 275 -24.26 -0.68 -29.93
C GLU A 275 -24.77 0.00 -31.19
N LYS A 276 -23.87 0.44 -32.07
CA LYS A 276 -24.25 1.11 -33.31
C LYS A 276 -23.74 0.37 -34.54
N ASN A 277 -23.48 -0.92 -34.40
CA ASN A 277 -22.93 -1.73 -35.50
C ASN A 277 -23.67 -3.05 -35.61
N ALA A 278 -25.01 -2.99 -35.63
CA ALA A 278 -25.86 -4.13 -35.97
C ALA A 278 -25.80 -5.20 -34.87
N PRO A 279 -26.59 -6.28 -34.95
CA PRO A 279 -26.44 -7.37 -33.97
C PRO A 279 -25.01 -7.85 -33.87
N ALA A 280 -24.38 -7.61 -32.73
CA ALA A 280 -22.97 -7.91 -32.53
C ALA A 280 -22.81 -9.04 -31.54
N ILE A 281 -21.57 -9.38 -31.26
CA ILE A 281 -21.22 -10.42 -30.30
C ILE A 281 -19.84 -10.10 -29.76
N ILE A 282 -19.74 -9.98 -28.44
CA ILE A 282 -18.53 -9.50 -27.79
C ILE A 282 -17.90 -10.65 -27.04
N PHE A 283 -16.66 -10.96 -27.36
CA PHE A 283 -15.94 -12.05 -26.73
C PHE A 283 -14.91 -11.48 -25.77
N ILE A 284 -15.02 -11.83 -24.49
CA ILE A 284 -14.07 -11.40 -23.46
C ILE A 284 -13.19 -12.60 -23.13
N ASP A 285 -11.93 -12.51 -23.51
CA ASP A 285 -11.00 -13.62 -23.34
C ASP A 285 -10.21 -13.46 -22.05
N GLU A 286 -9.91 -14.59 -21.41
CA GLU A 286 -9.17 -14.61 -20.14
C GLU A 286 -9.86 -13.71 -19.11
N LEU A 287 -11.07 -14.10 -18.73
CA LEU A 287 -11.85 -13.31 -17.80
C LEU A 287 -11.23 -13.31 -16.41
N ASP A 288 -10.52 -14.38 -16.05
CA ASP A 288 -9.95 -14.45 -14.71
C ASP A 288 -8.77 -13.50 -14.53
N ALA A 289 -8.33 -12.84 -15.59
CA ALA A 289 -7.21 -11.91 -15.45
C ALA A 289 -7.70 -10.52 -15.05
N ILE A 290 -8.96 -10.20 -15.32
CA ILE A 290 -9.50 -8.89 -14.99
C ILE A 290 -10.56 -8.93 -13.89
N ALA A 291 -11.18 -10.08 -13.64
CA ALA A 291 -12.23 -10.19 -12.62
C ALA A 291 -11.96 -11.37 -11.72
N PRO A 292 -10.96 -11.29 -10.86
CA PRO A 292 -10.66 -12.37 -9.92
C PRO A 292 -11.50 -12.21 -8.65
N LYS A 293 -11.30 -13.14 -7.71
CA LYS A 293 -12.06 -13.10 -6.47
C LYS A 293 -11.71 -11.85 -5.66
N ARG A 294 -12.68 -11.41 -4.85
CA ARG A 294 -12.53 -10.17 -4.10
C ARG A 294 -11.38 -10.25 -3.11
N GLU A 295 -11.09 -11.45 -2.60
CA GLU A 295 -10.07 -11.58 -1.56
C GLU A 295 -8.67 -11.32 -2.11
N LYS A 296 -8.40 -11.73 -3.35
CA LYS A 296 -7.08 -11.55 -3.93
C LYS A 296 -6.92 -10.27 -4.72
N THR A 297 -7.94 -9.40 -4.72
CA THR A 297 -7.77 -8.06 -5.29
C THR A 297 -7.06 -7.20 -4.26
N HIS A 298 -5.73 -7.17 -4.33
CA HIS A 298 -4.92 -6.49 -3.32
C HIS A 298 -4.77 -5.00 -3.56
N GLY A 299 -4.93 -4.53 -4.79
CA GLY A 299 -4.82 -3.11 -5.11
C GLY A 299 -6.15 -2.41 -5.03
N GLU A 300 -6.27 -1.33 -5.81
CA GLU A 300 -7.51 -0.56 -5.86
C GLU A 300 -8.03 -0.46 -7.29
N VAL A 301 -7.11 -0.42 -8.26
CA VAL A 301 -7.53 -0.23 -9.64
C VAL A 301 -8.25 -1.46 -10.17
N GLU A 302 -7.89 -2.66 -9.68
CA GLU A 302 -8.60 -3.85 -10.17
C GLU A 302 -10.04 -3.88 -9.70
N ARG A 303 -10.31 -3.38 -8.49
CA ARG A 303 -11.70 -3.25 -8.06
C ARG A 303 -12.44 -2.24 -8.92
N ARG A 304 -11.76 -1.17 -9.31
CA ARG A 304 -12.36 -0.21 -10.23
C ARG A 304 -12.75 -0.89 -11.55
N ILE A 305 -11.85 -1.70 -12.10
CA ILE A 305 -12.13 -2.34 -13.39
C ILE A 305 -13.28 -3.34 -13.25
N VAL A 306 -13.28 -4.12 -12.17
CA VAL A 306 -14.35 -5.09 -11.97
C VAL A 306 -15.70 -4.39 -11.86
N SER A 307 -15.77 -3.32 -11.07
CA SER A 307 -17.05 -2.64 -10.92
C SER A 307 -17.47 -1.95 -12.21
N GLN A 308 -16.51 -1.47 -13.00
CA GLN A 308 -16.85 -0.92 -14.30
C GLN A 308 -17.45 -1.97 -15.22
N LEU A 309 -16.87 -3.17 -15.21
CA LEU A 309 -17.45 -4.25 -16.01
C LEU A 309 -18.85 -4.60 -15.54
N LEU A 310 -19.07 -4.63 -14.22
CA LEU A 310 -20.39 -4.91 -13.69
C LEU A 310 -21.41 -3.89 -14.16
N THR A 311 -21.10 -2.61 -14.01
CA THR A 311 -22.08 -1.58 -14.36
C THR A 311 -22.27 -1.46 -15.86
N LEU A 312 -21.29 -1.90 -16.66
CA LEU A 312 -21.51 -1.94 -18.10
C LEU A 312 -22.40 -3.11 -18.49
N MET A 313 -22.24 -4.24 -17.81
CA MET A 313 -23.06 -5.41 -18.10
C MET A 313 -24.52 -5.17 -17.73
N ASP A 314 -24.76 -4.55 -16.56
CA ASP A 314 -26.12 -4.37 -16.10
C ASP A 314 -26.91 -3.36 -16.94
N GLY A 315 -26.25 -2.63 -17.82
CA GLY A 315 -26.92 -1.64 -18.65
C GLY A 315 -27.43 -2.13 -19.99
N LEU A 316 -27.39 -3.44 -20.24
CA LEU A 316 -27.86 -4.01 -21.50
C LEU A 316 -29.32 -4.42 -21.33
N LYS A 317 -30.21 -3.46 -21.56
CA LYS A 317 -31.66 -3.70 -21.51
C LYS A 317 -32.23 -3.45 -22.90
N GLN A 318 -32.38 -4.54 -23.66
CA GLN A 318 -32.92 -4.53 -25.01
C GLN A 318 -32.04 -3.74 -25.97
N ARG A 319 -32.59 -2.68 -26.57
CA ARG A 319 -31.95 -1.94 -27.68
C ARG A 319 -31.58 -2.97 -28.74
N ALA A 320 -30.38 -2.90 -29.32
CA ALA A 320 -29.93 -3.96 -30.22
C ALA A 320 -29.58 -5.20 -29.42
N HIS A 321 -29.56 -6.33 -30.12
CA HIS A 321 -29.25 -7.61 -29.47
C HIS A 321 -27.74 -7.80 -29.46
N VAL A 322 -27.14 -7.80 -28.28
CA VAL A 322 -25.70 -7.96 -28.11
C VAL A 322 -25.45 -9.09 -27.14
N ILE A 323 -24.88 -10.17 -27.62
CA ILE A 323 -24.53 -11.34 -26.82
C ILE A 323 -23.08 -11.16 -26.39
N VAL A 324 -22.79 -11.37 -25.11
CA VAL A 324 -21.43 -11.32 -24.61
C VAL A 324 -21.05 -12.70 -24.10
N MET A 325 -20.02 -13.26 -24.71
CA MET A 325 -19.48 -14.57 -24.32
C MET A 325 -18.14 -14.34 -23.66
N ALA A 326 -17.89 -15.02 -22.55
CA ALA A 326 -16.64 -14.88 -21.82
C ALA A 326 -15.99 -16.24 -21.68
N ALA A 327 -14.69 -16.29 -21.90
CA ALA A 327 -13.94 -17.53 -21.78
C ALA A 327 -13.12 -17.51 -20.51
N THR A 328 -13.21 -18.57 -19.72
CA THR A 328 -12.45 -18.64 -18.47
C THR A 328 -11.90 -20.05 -18.28
N ASN A 329 -10.85 -20.15 -17.47
CA ASN A 329 -10.16 -21.41 -17.24
C ASN A 329 -10.80 -22.22 -16.12
N ARG A 330 -11.03 -21.60 -14.97
CA ARG A 330 -11.66 -22.25 -13.84
C ARG A 330 -12.84 -21.42 -13.35
N PRO A 331 -14.03 -22.02 -13.21
CA PRO A 331 -15.20 -21.26 -12.76
C PRO A 331 -15.19 -20.93 -11.28
N ASN A 332 -14.16 -21.36 -10.54
CA ASN A 332 -14.05 -21.01 -9.13
C ASN A 332 -13.32 -19.70 -8.90
N SER A 333 -12.51 -19.27 -9.87
CA SER A 333 -11.71 -18.06 -9.73
C SER A 333 -12.44 -16.80 -10.17
N ILE A 334 -13.70 -16.91 -10.59
CA ILE A 334 -14.47 -15.77 -11.08
C ILE A 334 -15.22 -15.16 -9.91
N ASP A 335 -15.23 -13.83 -9.86
CA ASP A 335 -15.95 -13.11 -8.81
C ASP A 335 -17.42 -13.51 -8.84
N PRO A 336 -17.96 -14.01 -7.73
CA PRO A 336 -19.36 -14.48 -7.75
C PRO A 336 -20.36 -13.41 -8.13
N ALA A 337 -20.03 -12.13 -7.98
CA ALA A 337 -20.96 -11.08 -8.37
C ALA A 337 -21.31 -11.15 -9.86
N LEU A 338 -20.46 -11.80 -10.65
CA LEU A 338 -20.79 -12.09 -12.05
C LEU A 338 -21.45 -13.46 -12.19
N ARG A 339 -22.46 -13.72 -11.36
CA ARG A 339 -23.29 -14.90 -11.53
C ARG A 339 -24.77 -14.61 -11.36
N ARG A 340 -25.13 -13.44 -10.83
CA ARG A 340 -26.52 -13.07 -10.67
C ARG A 340 -27.20 -12.95 -12.03
N PHE A 341 -28.52 -12.95 -12.02
CA PHE A 341 -29.29 -12.92 -13.24
C PHE A 341 -29.16 -11.56 -13.91
N GLY A 342 -29.35 -11.53 -15.23
CA GLY A 342 -29.03 -10.37 -16.03
C GLY A 342 -27.57 -10.27 -16.41
N ARG A 343 -26.75 -11.18 -15.91
CA ARG A 343 -25.33 -11.27 -16.19
C ARG A 343 -25.02 -12.69 -16.64
N PHE A 344 -23.74 -13.04 -16.63
CA PHE A 344 -23.33 -14.39 -17.01
C PHE A 344 -24.09 -15.43 -16.19
N ASP A 345 -24.98 -16.14 -16.82
CA ASP A 345 -25.75 -17.18 -16.15
C ASP A 345 -25.68 -18.52 -16.87
N ARG A 346 -25.68 -18.53 -18.20
CA ARG A 346 -25.65 -19.75 -18.97
C ARG A 346 -24.21 -20.20 -19.14
N GLU A 347 -23.88 -21.36 -18.60
CA GLU A 347 -22.49 -21.79 -18.49
C GLU A 347 -22.30 -23.08 -19.27
N VAL A 348 -21.26 -23.11 -20.09
CA VAL A 348 -20.96 -24.24 -20.97
C VAL A 348 -19.57 -24.76 -20.65
N ASP A 349 -19.39 -26.07 -20.81
CA ASP A 349 -18.15 -26.75 -20.51
C ASP A 349 -17.56 -27.32 -21.79
N ILE A 350 -16.31 -26.97 -22.08
CA ILE A 350 -15.55 -27.55 -23.17
C ILE A 350 -14.43 -28.35 -22.52
N GLY A 351 -14.50 -29.67 -22.61
CA GLY A 351 -13.55 -30.54 -21.95
C GLY A 351 -12.46 -31.05 -22.87
N ILE A 352 -11.61 -31.91 -22.30
CA ILE A 352 -10.55 -32.58 -23.04
C ILE A 352 -11.17 -33.61 -23.99
N PRO A 353 -10.76 -33.64 -25.25
CA PRO A 353 -11.35 -34.60 -26.19
C PRO A 353 -10.95 -36.03 -25.87
N ASP A 354 -11.83 -36.96 -26.24
CA ASP A 354 -11.59 -38.39 -26.07
C ASP A 354 -10.96 -38.95 -27.34
N ALA A 355 -10.90 -40.28 -27.45
CA ALA A 355 -10.17 -40.91 -28.56
C ALA A 355 -10.79 -40.54 -29.91
N THR A 356 -12.11 -40.59 -30.01
CA THR A 356 -12.75 -40.16 -31.25
C THR A 356 -12.55 -38.67 -31.49
N GLY A 357 -12.54 -37.88 -30.43
CA GLY A 357 -12.23 -36.46 -30.58
C GLY A 357 -10.84 -36.23 -31.16
N ARG A 358 -9.85 -36.96 -30.65
CA ARG A 358 -8.50 -36.80 -31.17
C ARG A 358 -8.40 -37.26 -32.61
N LEU A 359 -9.09 -38.36 -32.96
CA LEU A 359 -9.08 -38.77 -34.35
C LEU A 359 -9.71 -37.72 -35.25
N GLU A 360 -10.77 -37.08 -34.79
CA GLU A 360 -11.43 -36.08 -35.61
C GLU A 360 -10.58 -34.82 -35.77
N ILE A 361 -9.90 -34.39 -34.71
CA ILE A 361 -8.99 -33.25 -34.85
C ILE A 361 -7.87 -33.59 -35.82
N LEU A 362 -7.35 -34.82 -35.75
CA LEU A 362 -6.32 -35.22 -36.69
C LEU A 362 -6.82 -35.17 -38.12
N GLN A 363 -8.04 -35.66 -38.36
CA GLN A 363 -8.55 -35.67 -39.72
C GLN A 363 -8.90 -34.26 -40.21
N ILE A 364 -9.18 -33.33 -39.30
CA ILE A 364 -9.47 -31.96 -39.70
C ILE A 364 -8.19 -31.23 -40.08
N HIS A 365 -7.16 -31.35 -39.25
CA HIS A 365 -5.95 -30.55 -39.45
C HIS A 365 -5.07 -31.04 -40.60
N THR A 366 -5.23 -32.29 -41.02
CA THR A 366 -4.40 -32.87 -42.07
C THR A 366 -5.11 -32.91 -43.42
N LYS A 367 -6.23 -32.19 -43.56
CA LYS A 367 -6.98 -32.20 -44.80
C LYS A 367 -6.19 -31.58 -45.94
N ASN A 368 -5.33 -30.60 -45.63
CA ASN A 368 -4.60 -29.90 -46.67
C ASN A 368 -3.42 -30.72 -47.18
N MET A 369 -2.73 -31.44 -46.30
CA MET A 369 -1.55 -32.18 -46.69
C MET A 369 -1.91 -33.36 -47.59
N LYS A 370 -0.89 -34.09 -48.04
CA LYS A 370 -1.05 -35.27 -48.88
C LYS A 370 -0.26 -36.41 -48.25
N LEU A 371 -0.90 -37.14 -47.35
CA LEU A 371 -0.22 -38.21 -46.63
C LEU A 371 0.05 -39.40 -47.54
N ALA A 372 1.09 -40.17 -47.18
CA ALA A 372 1.41 -41.39 -47.90
C ALA A 372 0.43 -42.49 -47.50
N ASP A 373 0.49 -43.60 -48.24
CA ASP A 373 -0.45 -44.70 -48.03
C ASP A 373 0.08 -45.72 -47.03
N ASP A 374 0.59 -45.23 -45.89
CA ASP A 374 0.92 -46.10 -44.78
C ASP A 374 0.60 -45.49 -43.43
N VAL A 375 -0.02 -44.32 -43.37
CA VAL A 375 -0.32 -43.66 -42.11
C VAL A 375 -1.65 -44.19 -41.57
N ASP A 376 -1.63 -44.69 -40.35
CA ASP A 376 -2.79 -45.25 -39.68
C ASP A 376 -3.23 -44.25 -38.63
N LEU A 377 -4.12 -43.33 -39.02
CA LEU A 377 -4.51 -42.24 -38.11
C LEU A 377 -5.18 -42.77 -36.85
N GLU A 378 -5.75 -43.98 -36.90
CA GLU A 378 -6.36 -44.54 -35.70
C GLU A 378 -5.31 -44.76 -34.62
N GLN A 379 -4.13 -45.24 -34.99
CA GLN A 379 -3.10 -45.50 -33.99
C GLN A 379 -2.62 -44.21 -33.33
N VAL A 380 -2.29 -43.21 -34.16
CA VAL A 380 -1.85 -41.92 -33.62
C VAL A 380 -2.96 -41.27 -32.81
N ALA A 381 -4.21 -41.55 -33.16
CA ALA A 381 -5.32 -41.03 -32.37
C ALA A 381 -5.37 -41.68 -31.00
N ASN A 382 -5.24 -43.01 -30.95
CA ASN A 382 -5.48 -43.73 -29.71
C ASN A 382 -4.28 -43.80 -28.79
N GLU A 383 -3.08 -43.43 -29.25
CA GLU A 383 -1.91 -43.49 -28.39
C GLU A 383 -1.44 -42.12 -27.91
N THR A 384 -2.27 -41.09 -28.01
CA THR A 384 -1.90 -39.72 -27.63
C THR A 384 -2.84 -39.18 -26.58
N HIS A 385 -3.10 -39.95 -25.53
CA HIS A 385 -3.91 -39.46 -24.43
C HIS A 385 -3.17 -38.36 -23.67
N GLY A 386 -3.91 -37.31 -23.32
CA GLY A 386 -3.35 -36.16 -22.64
C GLY A 386 -3.11 -34.95 -23.51
N HIS A 387 -3.61 -34.92 -24.74
CA HIS A 387 -3.41 -33.81 -25.65
C HIS A 387 -4.72 -33.06 -25.86
N VAL A 388 -4.58 -31.78 -26.23
CA VAL A 388 -5.72 -30.94 -26.55
C VAL A 388 -5.62 -30.58 -28.03
N GLY A 389 -6.51 -29.71 -28.52
CA GLY A 389 -6.53 -29.42 -29.94
C GLY A 389 -5.24 -28.79 -30.44
N ALA A 390 -4.74 -27.79 -29.69
CA ALA A 390 -3.54 -27.07 -30.14
C ALA A 390 -2.35 -27.99 -30.25
N ASP A 391 -2.22 -28.94 -29.32
CA ASP A 391 -1.09 -29.86 -29.35
C ASP A 391 -1.12 -30.74 -30.59
N LEU A 392 -2.31 -31.21 -30.97
CA LEU A 392 -2.40 -32.04 -32.18
C LEU A 392 -2.12 -31.22 -33.44
N ALA A 393 -2.55 -29.96 -33.45
CA ALA A 393 -2.17 -29.10 -34.57
C ALA A 393 -0.65 -28.93 -34.65
N ALA A 394 0.00 -28.71 -33.52
CA ALA A 394 1.46 -28.58 -33.52
C ALA A 394 2.13 -29.87 -33.95
N LEU A 395 1.57 -31.01 -33.55
CA LEU A 395 2.12 -32.30 -33.95
C LEU A 395 2.08 -32.47 -35.47
N CYS A 396 0.94 -32.15 -36.09
CA CYS A 396 0.86 -32.24 -37.54
C CYS A 396 1.84 -31.29 -38.22
N SER A 397 1.96 -30.07 -37.69
CA SER A 397 2.92 -29.13 -38.25
C SER A 397 4.35 -29.65 -38.17
N GLU A 398 4.73 -30.23 -37.03
CA GLU A 398 6.09 -30.75 -36.88
C GLU A 398 6.33 -31.93 -37.82
N ALA A 399 5.34 -32.79 -38.00
CA ALA A 399 5.50 -33.88 -38.96
C ALA A 399 5.74 -33.35 -40.37
N ALA A 400 4.97 -32.34 -40.78
CA ALA A 400 5.19 -31.76 -42.10
C ALA A 400 6.58 -31.17 -42.22
N LEU A 401 7.01 -30.45 -41.18
CA LEU A 401 8.32 -29.80 -41.23
C LEU A 401 9.44 -30.82 -41.35
N GLN A 402 9.35 -31.93 -40.61
CA GLN A 402 10.36 -32.97 -40.71
C GLN A 402 10.36 -33.61 -42.09
N ALA A 403 9.18 -33.84 -42.66
CA ALA A 403 9.11 -34.47 -43.98
C ALA A 403 9.64 -33.54 -45.06
N ILE A 404 9.58 -32.23 -44.85
CA ILE A 404 10.21 -31.35 -45.83
C ILE A 404 11.69 -31.18 -45.57
N ARG A 405 12.12 -31.30 -44.32
CA ARG A 405 13.54 -31.18 -44.00
C ARG A 405 14.32 -32.38 -44.54
N LYS A 406 13.72 -33.56 -44.55
CA LYS A 406 14.38 -34.74 -45.10
C LYS A 406 14.37 -34.76 -46.63
N LYS A 407 14.06 -33.63 -47.29
CA LYS A 407 14.13 -33.52 -48.74
C LYS A 407 14.66 -32.16 -49.17
N MET A 408 15.47 -31.51 -48.34
CA MET A 408 15.85 -30.12 -48.60
C MET A 408 16.73 -30.00 -49.83
N ASP A 409 17.46 -31.07 -50.18
CA ASP A 409 18.37 -31.00 -51.33
C ASP A 409 17.62 -30.68 -52.61
N LEU A 410 16.39 -31.19 -52.74
CA LEU A 410 15.59 -30.91 -53.92
C LEU A 410 15.31 -29.42 -54.09
N ILE A 411 15.21 -28.67 -53.00
CA ILE A 411 14.81 -27.27 -53.05
C ILE A 411 15.98 -26.44 -52.55
N ASP A 412 17.20 -26.90 -52.83
CA ASP A 412 18.40 -26.19 -52.38
C ASP A 412 18.36 -24.73 -52.81
N LEU A 413 18.27 -23.84 -51.83
CA LEU A 413 18.24 -22.39 -52.06
C LEU A 413 17.04 -22.00 -52.91
N GLU A 414 16.97 -22.52 -54.14
CA GLU A 414 15.86 -22.27 -55.05
C GLU A 414 15.76 -20.78 -55.37
N ASP A 415 14.59 -20.19 -55.13
CA ASP A 415 14.38 -18.77 -55.36
C ASP A 415 13.53 -18.24 -54.21
N GLU A 416 13.10 -16.97 -54.34
CA GLU A 416 12.15 -16.42 -53.38
C GLU A 416 10.80 -17.11 -53.46
N THR A 417 10.49 -17.72 -54.61
CA THR A 417 9.24 -18.44 -54.82
C THR A 417 9.56 -19.90 -55.10
N ILE A 418 8.81 -20.80 -54.49
CA ILE A 418 9.05 -22.24 -54.58
C ILE A 418 8.09 -22.86 -55.58
N ASP A 419 8.63 -23.67 -56.49
CA ASP A 419 7.82 -24.26 -57.55
C ASP A 419 6.74 -25.16 -56.97
N ALA A 420 5.60 -25.22 -57.65
CA ALA A 420 4.46 -26.00 -57.19
C ALA A 420 4.58 -27.48 -57.51
N GLU A 421 5.39 -27.85 -58.51
CA GLU A 421 5.52 -29.26 -58.85
C GLU A 421 6.17 -30.06 -57.74
N VAL A 422 7.23 -29.52 -57.12
CA VAL A 422 7.90 -30.25 -56.05
C VAL A 422 7.01 -30.36 -54.83
N MET A 423 6.17 -29.35 -54.57
CA MET A 423 5.28 -29.40 -53.41
C MET A 423 4.29 -30.54 -53.54
N ASN A 424 3.76 -30.78 -54.74
CA ASN A 424 2.81 -31.86 -54.93
C ASN A 424 3.47 -33.22 -54.98
N SER A 425 4.80 -33.29 -54.96
CA SER A 425 5.50 -34.56 -54.96
C SER A 425 5.81 -35.07 -53.56
N LEU A 426 5.52 -34.28 -52.52
CA LEU A 426 5.87 -34.64 -51.16
C LEU A 426 4.92 -35.69 -50.60
N ALA A 427 5.35 -36.32 -49.51
CA ALA A 427 4.54 -37.31 -48.82
C ALA A 427 5.02 -37.40 -47.38
N VAL A 428 4.10 -37.71 -46.48
CA VAL A 428 4.40 -37.83 -45.06
C VAL A 428 4.11 -39.25 -44.61
N THR A 429 5.07 -39.86 -43.94
CA THR A 429 4.99 -41.26 -43.53
C THR A 429 4.87 -41.35 -42.01
N MET A 430 4.74 -42.58 -41.52
CA MET A 430 4.62 -42.79 -40.08
C MET A 430 5.93 -42.52 -39.35
N ASP A 431 7.06 -42.63 -40.03
CA ASP A 431 8.34 -42.34 -39.39
C ASP A 431 8.39 -40.89 -38.92
N ASP A 432 7.95 -39.96 -39.77
CA ASP A 432 7.90 -38.55 -39.37
C ASP A 432 6.95 -38.34 -38.20
N PHE A 433 5.81 -39.03 -38.20
CA PHE A 433 4.85 -38.85 -37.12
C PHE A 433 5.40 -39.36 -35.80
N ARG A 434 6.09 -40.50 -35.82
CA ARG A 434 6.74 -40.99 -34.61
C ARG A 434 7.82 -40.02 -34.14
N TRP A 435 8.60 -39.48 -35.08
CA TRP A 435 9.66 -38.55 -34.72
C TRP A 435 9.09 -37.29 -34.08
N ALA A 436 7.99 -36.76 -34.64
CA ALA A 436 7.36 -35.58 -34.05
C ALA A 436 6.67 -35.90 -32.74
N LEU A 437 6.22 -37.14 -32.58
CA LEU A 437 5.63 -37.56 -31.31
C LEU A 437 6.68 -37.66 -30.21
N SER A 438 7.94 -37.96 -30.57
CA SER A 438 8.97 -38.14 -29.56
C SER A 438 9.20 -36.86 -28.75
N GLN A 439 9.46 -35.75 -29.42
CA GLN A 439 9.76 -34.50 -28.74
C GLN A 439 8.53 -33.61 -28.59
N SER A 440 7.46 -34.16 -28.03
CA SER A 440 6.23 -33.40 -27.80
C SER A 440 5.86 -33.53 -26.33
N ASN A 441 5.45 -32.41 -25.72
CA ASN A 441 5.09 -32.39 -24.31
C ASN A 441 3.60 -32.12 -24.17
N PRO A 442 2.79 -33.15 -23.93
CA PRO A 442 1.35 -32.92 -23.75
C PRO A 442 1.08 -32.05 -22.53
N SER A 443 0.03 -31.24 -22.63
CA SER A 443 -0.25 -30.23 -21.62
C SER A 443 -1.43 -30.58 -20.72
N ALA A 444 -2.19 -31.64 -21.03
CA ALA A 444 -3.32 -31.97 -20.17
C ALA A 444 -2.87 -32.75 -18.93
N LEU A 445 -2.36 -33.96 -19.15
CA LEU A 445 -1.86 -34.83 -18.09
C LEU A 445 -2.76 -34.86 -16.87
N ARG A 446 -2.35 -34.17 -15.81
CA ARG A 446 -3.07 -34.24 -14.54
C ARG A 446 -4.38 -33.47 -14.60
N GLU A 447 -5.45 -34.17 -14.94
CA GLU A 447 -6.79 -33.60 -15.00
C GLU A 447 -7.79 -34.74 -15.05
N THR A 448 -8.87 -34.62 -14.28
CA THR A 448 -9.86 -35.68 -14.17
C THR A 448 -10.55 -35.87 -15.52
N VAL A 449 -10.44 -37.07 -16.08
CA VAL A 449 -10.98 -37.37 -17.39
C VAL A 449 -12.38 -37.95 -17.24
N VAL A 450 -13.33 -37.36 -17.96
CA VAL A 450 -14.73 -37.81 -17.97
C VAL A 450 -15.00 -38.43 -19.32
N GLU A 451 -15.38 -39.70 -19.33
CA GLU A 451 -15.55 -40.45 -20.56
C GLU A 451 -16.34 -41.72 -20.26
N VAL A 452 -16.67 -42.46 -21.31
CA VAL A 452 -17.36 -43.74 -21.18
C VAL A 452 -16.32 -44.84 -21.36
N PRO A 453 -15.95 -45.58 -20.32
CA PRO A 453 -14.92 -46.61 -20.48
C PRO A 453 -15.40 -47.74 -21.39
N GLN A 454 -14.44 -48.38 -22.04
CA GLN A 454 -14.73 -49.37 -23.08
C GLN A 454 -14.79 -50.80 -22.55
N VAL A 455 -14.69 -50.99 -21.24
CA VAL A 455 -14.75 -52.34 -20.68
C VAL A 455 -16.14 -52.90 -20.88
N THR A 456 -16.22 -54.11 -21.43
CA THR A 456 -17.48 -54.80 -21.64
C THR A 456 -17.69 -55.88 -20.59
N TRP A 457 -18.86 -56.50 -20.63
CA TRP A 457 -19.20 -57.50 -19.62
C TRP A 457 -18.28 -58.71 -19.69
N GLU A 458 -17.91 -59.14 -20.90
CA GLU A 458 -17.12 -60.35 -21.05
C GLU A 458 -15.70 -60.20 -20.50
N ASP A 459 -15.25 -58.98 -20.21
CA ASP A 459 -13.92 -58.79 -19.66
C ASP A 459 -13.81 -59.31 -18.23
N ILE A 460 -14.92 -59.60 -17.56
CA ILE A 460 -14.92 -60.17 -16.22
C ILE A 460 -15.62 -61.52 -16.27
N GLY A 461 -15.05 -62.50 -15.59
CA GLY A 461 -15.57 -63.86 -15.57
C GLY A 461 -16.28 -64.15 -14.26
N GLY A 462 -17.43 -64.78 -14.35
CA GLY A 462 -18.19 -65.17 -13.18
C GLY A 462 -18.88 -63.99 -12.52
N LEU A 463 -19.37 -64.25 -11.30
CA LEU A 463 -20.03 -63.23 -10.48
C LEU A 463 -21.22 -62.62 -11.21
N GLU A 464 -22.00 -63.47 -11.88
CA GLU A 464 -23.14 -62.96 -12.65
C GLU A 464 -24.27 -62.50 -11.74
N ASP A 465 -24.33 -63.02 -10.51
CA ASP A 465 -25.35 -62.56 -9.57
C ASP A 465 -25.16 -61.09 -9.23
N VAL A 466 -23.91 -60.67 -8.99
CA VAL A 466 -23.63 -59.26 -8.74
C VAL A 466 -23.95 -58.43 -9.99
N LYS A 467 -23.69 -59.00 -11.16
CA LYS A 467 -24.05 -58.32 -12.41
C LYS A 467 -25.54 -58.06 -12.48
N ARG A 468 -26.35 -59.07 -12.18
CA ARG A 468 -27.81 -58.90 -12.19
C ARG A 468 -28.24 -57.88 -11.13
N GLU A 469 -27.60 -57.91 -9.96
CA GLU A 469 -27.95 -56.98 -8.90
C GLU A 469 -27.70 -55.53 -9.32
N LEU A 470 -26.51 -55.27 -9.87
CA LEU A 470 -26.18 -53.91 -10.32
C LEU A 470 -27.10 -53.49 -11.46
N GLN A 471 -27.39 -54.40 -12.38
CA GLN A 471 -28.32 -54.08 -13.46
C GLN A 471 -29.69 -53.70 -12.90
N GLU A 472 -30.19 -54.50 -11.94
CA GLU A 472 -31.47 -54.22 -11.32
C GLU A 472 -31.50 -52.83 -10.70
N LEU A 473 -30.43 -52.48 -9.99
CA LEU A 473 -30.48 -51.25 -9.22
C LEU A 473 -30.05 -50.02 -10.02
N VAL A 474 -29.53 -50.19 -11.23
CA VAL A 474 -29.12 -49.07 -12.07
C VAL A 474 -30.08 -48.84 -13.25
N GLN A 475 -30.36 -49.89 -14.03
CA GLN A 475 -30.99 -49.68 -15.33
C GLN A 475 -32.45 -49.27 -15.23
N TYR A 476 -33.32 -50.17 -14.76
CA TYR A 476 -34.76 -49.86 -14.74
C TYR A 476 -35.14 -48.60 -13.99
N PRO A 477 -34.53 -48.23 -12.86
CA PRO A 477 -34.90 -46.96 -12.21
C PRO A 477 -34.74 -45.73 -13.09
N VAL A 478 -34.08 -45.84 -14.25
CA VAL A 478 -34.00 -44.71 -15.17
C VAL A 478 -34.60 -44.99 -16.54
N GLU A 479 -34.67 -46.25 -17.00
CA GLU A 479 -35.25 -46.54 -18.30
C GLU A 479 -36.74 -46.80 -18.24
N HIS A 480 -37.25 -47.30 -17.11
CA HIS A 480 -38.67 -47.62 -16.95
C HIS A 480 -39.16 -46.94 -15.67
N PRO A 481 -39.40 -45.62 -15.73
CA PRO A 481 -39.73 -44.89 -14.50
C PRO A 481 -41.22 -44.76 -14.23
N ASP A 482 -42.08 -45.19 -15.14
CA ASP A 482 -43.51 -45.00 -14.95
C ASP A 482 -44.02 -45.75 -13.73
N LYS A 483 -43.51 -46.97 -13.51
CA LYS A 483 -43.96 -47.76 -12.37
C LYS A 483 -43.41 -47.18 -11.07
N PHE A 484 -42.16 -46.74 -11.07
CA PHE A 484 -41.62 -46.00 -9.93
C PHE A 484 -42.35 -44.72 -9.63
N LEU A 485 -43.00 -44.10 -10.64
CA LEU A 485 -43.82 -42.92 -10.38
C LEU A 485 -44.93 -43.23 -9.40
N LYS A 486 -45.66 -44.33 -9.62
CA LYS A 486 -46.55 -44.85 -8.60
C LYS A 486 -45.72 -45.33 -7.42
N PHE A 487 -46.32 -45.26 -6.23
CA PHE A 487 -45.64 -45.60 -4.97
C PHE A 487 -44.58 -44.57 -4.61
N GLY A 488 -44.42 -44.29 -3.32
CA GLY A 488 -43.37 -43.40 -2.88
C GLY A 488 -42.01 -44.06 -2.83
N MET A 489 -41.69 -44.82 -3.88
CA MET A 489 -40.41 -45.52 -3.94
C MET A 489 -39.25 -44.53 -4.07
N THR A 490 -38.20 -44.79 -3.31
CA THR A 490 -36.97 -44.02 -3.40
C THR A 490 -35.86 -44.95 -3.88
N PRO A 491 -35.49 -44.93 -5.16
CA PRO A 491 -34.40 -45.79 -5.63
C PRO A 491 -33.11 -45.45 -4.89
N SER A 492 -32.34 -46.49 -4.60
CA SER A 492 -31.13 -46.32 -3.80
C SER A 492 -30.14 -45.43 -4.53
N LYS A 493 -29.50 -44.52 -3.80
CA LYS A 493 -28.56 -43.58 -4.37
C LYS A 493 -27.11 -44.04 -4.27
N GLY A 494 -26.86 -45.23 -3.75
CA GLY A 494 -25.49 -45.67 -3.56
C GLY A 494 -25.36 -47.17 -3.42
N VAL A 495 -24.11 -47.63 -3.40
CA VAL A 495 -23.76 -49.03 -3.24
C VAL A 495 -22.43 -49.08 -2.50
N LEU A 496 -22.26 -50.09 -1.65
CA LEU A 496 -20.97 -50.34 -1.02
C LEU A 496 -20.52 -51.74 -1.38
N PHE A 497 -19.30 -51.85 -1.90
CA PHE A 497 -18.67 -53.13 -2.22
C PHE A 497 -17.65 -53.44 -1.14
N TYR A 498 -17.68 -54.66 -0.61
CA TYR A 498 -16.63 -55.09 0.29
C TYR A 498 -16.29 -56.56 0.01
N GLY A 499 -15.02 -56.90 0.20
CA GLY A 499 -14.56 -58.24 -0.06
C GLY A 499 -13.04 -58.33 -0.11
N PRO A 500 -12.52 -59.51 -0.40
CA PRO A 500 -11.07 -59.69 -0.48
C PRO A 500 -10.45 -58.79 -1.54
N PRO A 501 -9.26 -58.26 -1.30
CA PRO A 501 -8.64 -57.38 -2.29
C PRO A 501 -8.30 -58.11 -3.58
N GLY A 502 -8.26 -57.36 -4.66
CA GLY A 502 -7.95 -57.91 -5.96
C GLY A 502 -9.00 -58.85 -6.52
N CYS A 503 -10.28 -58.54 -6.31
CA CYS A 503 -11.37 -59.32 -6.88
C CYS A 503 -12.07 -58.63 -8.04
N GLY A 504 -11.73 -57.36 -8.30
CA GLY A 504 -12.28 -56.68 -9.46
C GLY A 504 -13.55 -55.90 -9.19
N LYS A 505 -13.52 -55.01 -8.19
CA LYS A 505 -14.64 -54.11 -7.99
C LYS A 505 -14.63 -52.98 -9.01
N THR A 506 -13.46 -52.41 -9.28
CA THR A 506 -13.35 -51.35 -10.27
C THR A 506 -13.78 -51.85 -11.64
N LEU A 507 -13.51 -53.10 -11.95
CA LEU A 507 -13.98 -53.67 -13.21
C LEU A 507 -15.50 -53.71 -13.25
N LEU A 508 -16.15 -54.05 -12.14
CA LEU A 508 -17.61 -54.04 -12.10
C LEU A 508 -18.16 -52.64 -12.32
N ALA A 509 -17.58 -51.65 -11.64
CA ALA A 509 -18.06 -50.28 -11.80
C ALA A 509 -17.87 -49.79 -13.23
N LYS A 510 -16.71 -50.07 -13.82
CA LYS A 510 -16.47 -49.68 -15.21
C LYS A 510 -17.44 -50.38 -16.15
N ALA A 511 -17.72 -51.66 -15.89
CA ALA A 511 -18.61 -52.40 -16.76
C ALA A 511 -20.04 -51.85 -16.72
N ILE A 512 -20.53 -51.52 -15.52
CA ILE A 512 -21.90 -51.00 -15.44
C ILE A 512 -21.96 -49.61 -16.05
N ALA A 513 -20.91 -48.79 -15.85
CA ALA A 513 -20.87 -47.48 -16.49
C ALA A 513 -20.89 -47.60 -18.01
N ASN A 514 -20.14 -48.55 -18.55
CA ASN A 514 -20.13 -48.76 -19.99
C ASN A 514 -21.49 -49.25 -20.49
N GLU A 515 -22.10 -50.19 -19.77
CA GLU A 515 -23.38 -50.75 -20.22
C GLU A 515 -24.45 -49.68 -20.24
N CYS A 516 -24.54 -48.87 -19.18
CA CYS A 516 -25.55 -47.81 -19.15
C CYS A 516 -25.19 -46.65 -20.07
N GLN A 517 -23.97 -46.61 -20.60
CA GLN A 517 -23.51 -45.54 -21.48
C GLN A 517 -23.60 -44.18 -20.77
N ALA A 518 -22.93 -44.08 -19.63
CA ALA A 518 -22.87 -42.85 -18.85
C ALA A 518 -21.43 -42.57 -18.47
N ASN A 519 -21.15 -41.30 -18.19
CA ASN A 519 -19.80 -40.87 -17.89
C ASN A 519 -19.30 -41.49 -16.58
N PHE A 520 -17.99 -41.70 -16.50
CA PHE A 520 -17.35 -42.31 -15.34
C PHE A 520 -16.32 -41.36 -14.77
N ILE A 521 -16.35 -41.16 -13.45
CA ILE A 521 -15.40 -40.31 -12.75
C ILE A 521 -14.84 -41.09 -11.57
N SER A 522 -13.52 -41.16 -11.48
CA SER A 522 -12.85 -41.92 -10.42
C SER A 522 -11.96 -40.97 -9.62
N ILE A 523 -12.13 -40.97 -8.31
CA ILE A 523 -11.26 -40.23 -7.40
C ILE A 523 -10.62 -41.21 -6.44
N LYS A 524 -9.30 -41.35 -6.52
CA LYS A 524 -8.58 -42.40 -5.82
C LYS A 524 -8.45 -42.11 -4.33
N GLY A 525 -7.77 -43.02 -3.64
CA GLY A 525 -7.50 -42.90 -2.23
C GLY A 525 -6.52 -41.79 -1.92
N PRO A 526 -5.27 -41.94 -2.38
CA PRO A 526 -4.28 -40.88 -2.12
C PRO A 526 -4.73 -39.52 -2.61
N GLU A 527 -5.53 -39.49 -3.67
CA GLU A 527 -6.17 -38.23 -4.06
C GLU A 527 -7.09 -37.73 -2.96
N LEU A 528 -7.81 -38.64 -2.30
CA LEU A 528 -8.69 -38.23 -1.21
C LEU A 528 -7.88 -37.71 -0.02
N LEU A 529 -6.73 -38.31 0.26
CA LEU A 529 -5.87 -37.78 1.30
C LEU A 529 -5.09 -36.53 0.86
N THR A 530 -5.13 -36.18 -0.42
CA THR A 530 -4.37 -35.02 -0.90
C THR A 530 -4.83 -33.73 -0.23
N MET A 531 -6.14 -33.44 -0.28
CA MET A 531 -6.67 -32.25 0.37
C MET A 531 -7.14 -32.54 1.79
N TRP A 532 -6.94 -33.78 2.26
CA TRP A 532 -7.31 -34.15 3.62
C TRP A 532 -6.52 -33.37 4.67
N PHE A 533 -5.31 -32.94 4.35
CA PHE A 533 -4.49 -32.17 5.27
C PHE A 533 -4.28 -30.76 4.72
N GLY A 534 -4.40 -29.78 5.61
CA GLY A 534 -4.01 -28.43 5.24
C GLY A 534 -4.96 -27.77 4.25
N GLU A 535 -4.98 -28.31 3.04
CA GLU A 535 -5.85 -27.78 2.00
C GLU A 535 -7.31 -27.87 2.43
N SER A 536 -8.07 -26.82 2.13
CA SER A 536 -9.44 -26.72 2.59
C SER A 536 -10.31 -27.77 1.91
N GLU A 537 -11.53 -27.92 2.44
CA GLU A 537 -12.50 -28.87 1.92
C GLU A 537 -13.30 -28.32 0.75
N ALA A 538 -12.82 -27.26 0.10
CA ALA A 538 -13.51 -26.74 -1.07
C ALA A 538 -13.40 -27.71 -2.25
N ASN A 539 -12.28 -28.42 -2.35
CA ASN A 539 -12.02 -29.25 -3.53
C ASN A 539 -13.15 -30.25 -3.75
N VAL A 540 -13.49 -31.03 -2.73
CA VAL A 540 -14.54 -32.04 -2.88
C VAL A 540 -15.80 -31.40 -3.43
N ARG A 541 -16.09 -30.16 -3.00
CA ARG A 541 -17.25 -29.44 -3.52
C ARG A 541 -17.30 -29.52 -5.03
N GLU A 542 -16.28 -28.98 -5.72
CA GLU A 542 -16.37 -28.92 -7.16
C GLU A 542 -16.47 -30.32 -7.76
N ILE A 543 -15.87 -31.32 -7.11
CA ILE A 543 -15.94 -32.68 -7.62
C ILE A 543 -17.39 -33.08 -7.79
N PHE A 544 -18.20 -32.83 -6.75
CA PHE A 544 -19.61 -33.16 -6.84
C PHE A 544 -20.29 -32.34 -7.92
N ASP A 545 -19.96 -31.04 -8.02
CA ASP A 545 -20.55 -30.26 -9.10
C ASP A 545 -20.07 -30.76 -10.46
N LYS A 546 -18.85 -31.31 -10.52
CA LYS A 546 -18.47 -32.03 -11.74
C LYS A 546 -19.46 -33.14 -12.04
N ALA A 547 -19.72 -34.00 -11.05
CA ALA A 547 -20.72 -35.03 -11.22
C ALA A 547 -22.09 -34.44 -11.52
N ARG A 548 -22.32 -33.18 -11.13
CA ARG A 548 -23.59 -32.56 -11.46
C ARG A 548 -23.69 -32.25 -12.94
N GLN A 549 -22.61 -31.74 -13.55
CA GLN A 549 -22.74 -31.23 -14.92
C GLN A 549 -22.79 -32.34 -15.94
N ALA A 550 -22.15 -33.48 -15.68
CA ALA A 550 -22.09 -34.58 -16.62
C ALA A 550 -23.17 -35.62 -16.38
N ALA A 551 -24.33 -35.21 -15.87
CA ALA A 551 -25.40 -36.17 -15.62
C ALA A 551 -25.89 -36.76 -16.94
N PRO A 552 -26.14 -38.07 -16.99
CA PRO A 552 -25.96 -39.07 -15.92
C PRO A 552 -24.51 -39.54 -15.82
N CYS A 553 -24.07 -39.95 -14.63
CA CYS A 553 -22.70 -40.40 -14.45
C CYS A 553 -22.66 -41.37 -13.28
N VAL A 554 -21.55 -42.10 -13.17
CA VAL A 554 -21.36 -43.11 -12.13
C VAL A 554 -20.10 -42.71 -11.37
N LEU A 555 -20.26 -41.88 -10.35
CA LEU A 555 -19.13 -41.51 -9.52
C LEU A 555 -18.62 -42.72 -8.75
N PHE A 556 -17.32 -42.76 -8.53
CA PHE A 556 -16.68 -43.90 -7.87
C PHE A 556 -15.69 -43.41 -6.82
N PHE A 557 -15.84 -43.90 -5.61
CA PHE A 557 -14.89 -43.67 -4.53
C PHE A 557 -14.07 -44.94 -4.34
N ASP A 558 -12.76 -44.82 -4.46
CA ASP A 558 -11.87 -45.97 -4.39
C ASP A 558 -11.15 -45.97 -3.05
N GLU A 559 -11.23 -47.09 -2.34
CA GLU A 559 -10.56 -47.29 -1.06
C GLU A 559 -10.99 -46.21 -0.05
N LEU A 560 -12.28 -46.28 0.28
CA LEU A 560 -12.88 -45.28 1.16
C LEU A 560 -12.26 -45.30 2.55
N ASP A 561 -11.90 -46.48 3.04
CA ASP A 561 -11.39 -46.62 4.41
C ASP A 561 -9.98 -46.12 4.59
N SER A 562 -9.38 -45.41 3.62
CA SER A 562 -8.01 -44.94 3.77
C SER A 562 -7.90 -43.98 4.95
N ILE A 563 -8.85 -43.05 5.07
CA ILE A 563 -8.78 -42.04 6.12
C ILE A 563 -8.98 -42.67 7.49
N ALA A 564 -9.85 -43.67 7.60
CA ALA A 564 -10.02 -44.38 8.87
C ALA A 564 -8.75 -45.14 9.25
N LYS A 565 -8.08 -45.76 8.27
CA LYS A 565 -6.82 -46.42 8.54
C LYS A 565 -5.76 -45.43 9.00
N ALA A 566 -5.72 -44.24 8.39
CA ALA A 566 -4.78 -43.21 8.84
C ALA A 566 -5.10 -42.78 10.25
N ARG A 567 -6.39 -42.67 10.58
CA ARG A 567 -6.80 -42.33 11.95
C ARG A 567 -6.34 -43.40 12.94
N GLY A 568 -6.49 -44.67 12.58
CA GLY A 568 -6.02 -45.75 13.43
C GLY A 568 -4.51 -45.75 13.50
N GLY A 569 -3.97 -45.67 14.71
CA GLY A 569 -2.53 -45.67 14.87
C GLY A 569 -2.15 -45.36 16.31
N ASN A 570 -0.84 -45.15 16.53
CA ASN A 570 -0.36 -44.84 17.87
C ASN A 570 -0.93 -43.53 18.38
N ILE A 571 -1.03 -42.51 17.52
CA ILE A 571 -1.62 -41.24 17.90
C ILE A 571 -2.91 -41.03 17.13
N GLY A 572 -2.82 -40.99 15.81
CA GLY A 572 -4.00 -40.72 15.01
C GLY A 572 -4.59 -39.35 15.24
N ASP A 573 -3.74 -38.32 15.26
CA ASP A 573 -4.21 -36.95 15.50
C ASP A 573 -5.12 -36.44 14.40
N GLY A 574 -5.17 -37.12 13.25
CA GLY A 574 -6.03 -36.73 12.16
C GLY A 574 -7.44 -37.23 12.23
N GLY A 575 -7.87 -37.75 13.37
CA GLY A 575 -9.27 -38.14 13.52
C GLY A 575 -10.21 -36.97 13.30
N GLY A 576 -9.84 -35.79 13.78
CA GLY A 576 -10.61 -34.60 13.49
C GLY A 576 -10.69 -34.31 11.99
N ALA A 577 -9.55 -34.42 11.30
CA ALA A 577 -9.54 -34.15 9.86
C ALA A 577 -10.30 -35.22 9.09
N ALA A 578 -10.21 -36.48 9.53
CA ALA A 578 -11.03 -37.53 8.93
C ALA A 578 -12.51 -37.22 9.12
N ASP A 579 -12.88 -36.73 10.30
CA ASP A 579 -14.25 -36.28 10.51
C ASP A 579 -14.59 -35.13 9.58
N ARG A 580 -13.63 -34.23 9.34
CA ARG A 580 -13.87 -33.12 8.41
C ARG A 580 -14.25 -33.62 7.03
N VAL A 581 -13.41 -34.50 6.46
CA VAL A 581 -13.66 -34.95 5.09
C VAL A 581 -14.93 -35.78 5.03
N ILE A 582 -15.15 -36.65 6.03
CA ILE A 582 -16.37 -37.45 6.05
C ILE A 582 -17.60 -36.55 6.14
N ASN A 583 -17.56 -35.54 7.01
CA ASN A 583 -18.71 -34.65 7.17
C ASN A 583 -18.98 -33.87 5.89
N GLN A 584 -17.94 -33.42 5.21
CA GLN A 584 -18.15 -32.76 3.93
C GLN A 584 -18.78 -33.72 2.92
N ILE A 585 -18.34 -34.98 2.94
CA ILE A 585 -18.89 -35.99 2.02
C ILE A 585 -20.38 -36.16 2.25
N LEU A 586 -20.80 -36.33 3.51
CA LEU A 586 -22.23 -36.42 3.79
C LEU A 586 -22.95 -35.12 3.43
N THR A 587 -22.34 -33.98 3.75
CA THR A 587 -23.01 -32.70 3.55
C THR A 587 -23.32 -32.46 2.08
N GLU A 588 -22.43 -32.87 1.18
CA GLU A 588 -22.69 -32.71 -0.24
C GLU A 588 -23.22 -33.99 -0.88
N MET A 589 -23.44 -35.04 -0.08
CA MET A 589 -24.14 -36.22 -0.57
C MET A 589 -25.63 -36.21 -0.32
N ASP A 590 -26.09 -35.69 0.82
CA ASP A 590 -27.51 -35.69 1.09
C ASP A 590 -28.27 -34.62 0.30
N GLY A 591 -27.57 -33.81 -0.50
CA GLY A 591 -28.21 -32.74 -1.23
C GLY A 591 -28.56 -33.05 -2.67
N MET A 592 -28.44 -34.31 -3.08
CA MET A 592 -28.78 -34.67 -4.46
C MET A 592 -30.28 -34.60 -4.67
N SER A 593 -30.68 -34.28 -5.90
CA SER A 593 -32.07 -34.27 -6.30
C SER A 593 -32.37 -35.50 -7.15
N THR A 594 -33.63 -35.96 -7.09
CA THR A 594 -34.01 -37.17 -7.82
C THR A 594 -34.02 -36.94 -9.32
N LYS A 595 -34.26 -35.70 -9.76
CA LYS A 595 -34.34 -35.43 -11.19
C LYS A 595 -33.01 -35.68 -11.88
N LYS A 596 -31.91 -35.22 -11.28
CA LYS A 596 -30.60 -35.52 -11.82
C LYS A 596 -30.16 -36.92 -11.41
N ASN A 597 -29.52 -37.64 -12.33
CA ASN A 597 -29.14 -39.03 -12.13
C ASN A 597 -27.64 -39.10 -11.86
N VAL A 598 -27.29 -39.16 -10.58
CA VAL A 598 -25.91 -39.38 -10.16
C VAL A 598 -25.88 -40.59 -9.23
N PHE A 599 -24.92 -41.47 -9.45
CA PHE A 599 -24.80 -42.73 -8.75
C PHE A 599 -23.44 -42.79 -8.05
N ILE A 600 -23.44 -43.16 -6.78
CA ILE A 600 -22.22 -43.17 -5.98
C ILE A 600 -21.90 -44.59 -5.58
N ILE A 601 -20.68 -45.04 -5.86
CA ILE A 601 -20.23 -46.39 -5.56
C ILE A 601 -18.92 -46.28 -4.79
N GLY A 602 -18.88 -46.88 -3.59
CA GLY A 602 -17.68 -46.84 -2.79
C GLY A 602 -17.13 -48.22 -2.51
N ALA A 603 -15.83 -48.42 -2.70
CA ALA A 603 -15.19 -49.71 -2.49
C ALA A 603 -14.31 -49.66 -1.25
N THR A 604 -14.28 -50.78 -0.53
CA THR A 604 -13.50 -50.86 0.69
C THR A 604 -13.05 -52.29 0.92
N ASN A 605 -12.02 -52.45 1.75
CA ASN A 605 -11.48 -53.77 2.06
C ASN A 605 -11.38 -54.05 3.56
N ARG A 606 -11.89 -53.16 4.41
CA ARG A 606 -11.99 -53.40 5.85
C ARG A 606 -13.35 -52.95 6.32
N PRO A 607 -14.40 -53.71 6.00
CA PRO A 607 -15.77 -53.23 6.24
C PRO A 607 -16.11 -53.01 7.71
N ASP A 608 -15.33 -53.58 8.63
CA ASP A 608 -15.59 -53.37 10.06
C ASP A 608 -15.02 -52.08 10.59
N ILE A 609 -14.25 -51.34 9.79
CA ILE A 609 -13.60 -50.11 10.26
C ILE A 609 -14.28 -48.85 9.76
N ILE A 610 -15.21 -48.95 8.81
CA ILE A 610 -15.93 -47.77 8.32
C ILE A 610 -16.81 -47.23 9.43
N ASP A 611 -16.84 -45.90 9.55
CA ASP A 611 -17.64 -45.27 10.59
C ASP A 611 -19.12 -45.58 10.38
N PRO A 612 -19.88 -45.82 11.45
CA PRO A 612 -21.31 -46.14 11.28
C PRO A 612 -22.12 -44.99 10.70
N ALA A 613 -21.61 -43.77 10.72
CA ALA A 613 -22.36 -42.63 10.22
C ALA A 613 -22.65 -42.76 8.72
N ILE A 614 -21.68 -43.27 7.97
CA ILE A 614 -21.86 -43.38 6.51
C ILE A 614 -22.99 -44.33 6.18
N LEU A 615 -23.06 -45.46 6.86
CA LEU A 615 -24.08 -46.47 6.60
C LEU A 615 -25.38 -46.04 7.28
N ARG A 616 -26.37 -45.66 6.48
CA ARG A 616 -27.62 -45.14 7.01
C ARG A 616 -28.65 -45.16 5.88
N PRO A 617 -29.93 -45.38 6.19
CA PRO A 617 -30.95 -45.25 5.13
C PRO A 617 -30.95 -43.87 4.51
N GLY A 618 -31.20 -43.81 3.21
CA GLY A 618 -31.15 -42.59 2.44
C GLY A 618 -29.82 -42.30 1.79
N ARG A 619 -28.79 -43.07 2.11
CA ARG A 619 -27.45 -42.91 1.53
C ARG A 619 -27.03 -44.24 0.94
N LEU A 620 -25.75 -44.37 0.58
CA LEU A 620 -25.26 -45.66 0.13
C LEU A 620 -25.44 -46.68 1.25
N ASP A 621 -26.32 -47.65 1.04
CA ASP A 621 -26.63 -48.63 2.07
C ASP A 621 -26.70 -50.06 1.58
N GLN A 622 -26.82 -50.31 0.28
CA GLN A 622 -26.81 -51.68 -0.22
C GLN A 622 -25.39 -52.23 -0.11
N LEU A 623 -25.19 -53.15 0.81
CA LEU A 623 -23.89 -53.77 1.04
C LEU A 623 -23.81 -55.03 0.18
N ILE A 624 -22.72 -55.16 -0.58
CA ILE A 624 -22.51 -56.33 -1.42
C ILE A 624 -21.14 -56.90 -1.10
N TYR A 625 -21.10 -58.19 -0.75
CA TYR A 625 -19.86 -58.90 -0.44
C TYR A 625 -19.41 -59.61 -1.71
N ILE A 626 -18.32 -59.13 -2.31
CA ILE A 626 -17.74 -59.74 -3.50
C ILE A 626 -16.85 -60.89 -3.04
N PRO A 627 -17.16 -62.12 -3.41
CA PRO A 627 -16.35 -63.26 -2.95
C PRO A 627 -15.20 -63.57 -3.89
N LEU A 628 -14.34 -64.50 -3.49
CA LEU A 628 -13.28 -64.99 -4.36
C LEU A 628 -13.88 -65.87 -5.46
N PRO A 629 -13.22 -65.97 -6.60
CA PRO A 629 -13.72 -66.83 -7.67
C PRO A 629 -13.69 -68.30 -7.26
N ASP A 630 -14.36 -69.13 -8.06
CA ASP A 630 -14.55 -70.53 -7.74
C ASP A 630 -14.39 -71.37 -9.00
N GLU A 631 -13.35 -72.21 -9.01
CA GLU A 631 -13.14 -73.25 -10.02
C GLU A 631 -13.47 -72.83 -11.44
N LYS A 632 -14.73 -73.00 -11.84
CA LYS A 632 -15.14 -72.64 -13.20
C LYS A 632 -14.86 -71.16 -13.47
N SER A 633 -15.35 -70.28 -12.59
CA SER A 633 -15.03 -68.87 -12.73
C SER A 633 -13.53 -68.66 -12.71
N ARG A 634 -12.79 -69.50 -11.98
CA ARG A 634 -11.34 -69.38 -11.92
C ARG A 634 -10.68 -69.60 -13.27
N VAL A 635 -11.30 -70.38 -14.17
CA VAL A 635 -10.71 -70.47 -15.50
C VAL A 635 -11.12 -69.28 -16.35
N ALA A 636 -12.26 -68.67 -16.04
CA ALA A 636 -12.71 -67.50 -16.80
C ALA A 636 -11.70 -66.37 -16.70
N ILE A 637 -11.18 -66.13 -15.50
CA ILE A 637 -10.09 -65.16 -15.34
C ILE A 637 -8.93 -65.53 -16.25
N LEU A 638 -8.55 -66.81 -16.25
CA LEU A 638 -7.54 -67.27 -17.20
C LEU A 638 -8.02 -67.06 -18.62
N LYS A 639 -9.28 -67.37 -18.90
CA LYS A 639 -9.85 -67.18 -20.22
C LYS A 639 -10.09 -65.69 -20.47
N ALA A 640 -9.62 -64.85 -19.54
CA ALA A 640 -9.60 -63.42 -19.72
C ALA A 640 -8.19 -62.85 -19.79
N ASN A 641 -7.17 -63.63 -19.44
CA ASN A 641 -5.79 -63.17 -19.58
C ASN A 641 -5.11 -63.65 -20.86
N LEU A 642 -5.70 -64.62 -21.55
CA LEU A 642 -5.23 -65.02 -22.87
C LEU A 642 -6.05 -64.38 -23.98
N ARG A 643 -6.59 -63.18 -23.76
CA ARG A 643 -7.31 -62.45 -24.79
C ARG A 643 -6.39 -61.83 -25.82
N LYS A 644 -5.07 -61.95 -25.65
CA LYS A 644 -4.12 -61.77 -26.73
C LYS A 644 -4.13 -63.06 -27.53
N SER A 645 -3.14 -63.30 -28.38
CA SER A 645 -3.13 -64.56 -29.11
C SER A 645 -2.03 -65.50 -28.61
N PRO A 646 -2.24 -66.19 -27.47
CA PRO A 646 -1.31 -67.27 -27.09
C PRO A 646 -1.79 -68.61 -27.59
N VAL A 647 -0.87 -69.42 -28.12
CA VAL A 647 -1.21 -70.80 -28.46
C VAL A 647 -0.05 -71.70 -28.01
N ALA A 648 -0.19 -72.28 -26.82
CA ALA A 648 0.83 -73.17 -26.27
C ALA A 648 0.49 -74.59 -26.70
N LYS A 649 0.67 -74.85 -28.00
CA LYS A 649 0.29 -76.10 -28.67
C LYS A 649 -0.99 -76.68 -28.10
N ASP A 650 -0.99 -77.98 -27.79
CA ASP A 650 -2.13 -78.61 -27.12
C ASP A 650 -2.08 -78.21 -25.66
N VAL A 651 -2.50 -76.96 -25.39
CA VAL A 651 -2.41 -76.42 -24.04
C VAL A 651 -3.34 -77.15 -23.08
N ASP A 652 -4.52 -77.58 -23.55
CA ASP A 652 -5.49 -78.30 -22.73
C ASP A 652 -5.88 -77.46 -21.51
N LEU A 653 -6.57 -76.36 -21.78
CA LEU A 653 -6.88 -75.36 -20.77
C LEU A 653 -7.62 -75.95 -19.57
N GLU A 654 -8.35 -77.05 -19.76
CA GLU A 654 -8.97 -77.72 -18.62
C GLU A 654 -7.92 -78.22 -17.64
N PHE A 655 -6.80 -78.74 -18.15
CA PHE A 655 -5.69 -79.16 -17.30
C PHE A 655 -5.15 -77.97 -16.50
N LEU A 656 -4.96 -76.83 -17.18
CA LEU A 656 -4.49 -75.63 -16.52
C LEU A 656 -5.46 -75.19 -15.43
N ALA A 657 -6.76 -75.28 -15.70
CA ALA A 657 -7.76 -74.94 -14.69
C ALA A 657 -7.69 -75.90 -13.51
N LYS A 658 -7.51 -77.19 -13.78
CA LYS A 658 -7.57 -78.17 -12.71
C LYS A 658 -6.35 -78.16 -11.81
N MET A 659 -5.18 -77.73 -12.31
CA MET A 659 -4.05 -77.60 -11.38
C MET A 659 -3.95 -76.21 -10.74
N THR A 660 -4.91 -75.32 -10.98
CA THR A 660 -4.80 -73.95 -10.49
C THR A 660 -5.89 -73.62 -9.48
N ASN A 661 -6.11 -74.51 -8.53
CA ASN A 661 -7.21 -74.38 -7.58
C ASN A 661 -6.86 -73.41 -6.46
N GLY A 662 -7.79 -72.52 -6.13
CA GLY A 662 -7.73 -71.76 -4.90
C GLY A 662 -6.92 -70.48 -4.91
N PHE A 663 -6.78 -69.82 -6.05
CA PHE A 663 -6.08 -68.54 -6.14
C PHE A 663 -7.08 -67.40 -6.33
N SER A 664 -6.55 -66.17 -6.30
CA SER A 664 -7.35 -64.99 -6.58
C SER A 664 -7.08 -64.50 -8.01
N GLY A 665 -7.96 -63.61 -8.48
CA GLY A 665 -7.89 -63.17 -9.87
C GLY A 665 -6.61 -62.41 -10.19
N ALA A 666 -6.23 -61.48 -9.32
CA ALA A 666 -5.03 -60.69 -9.57
C ALA A 666 -3.79 -61.56 -9.63
N ASP A 667 -3.71 -62.55 -8.74
CA ASP A 667 -2.58 -63.48 -8.77
C ASP A 667 -2.60 -64.30 -10.05
N LEU A 668 -3.78 -64.66 -10.55
CA LEU A 668 -3.86 -65.39 -11.81
C LEU A 668 -3.34 -64.55 -12.97
N THR A 669 -3.72 -63.28 -13.02
CA THR A 669 -3.15 -62.41 -14.04
C THR A 669 -1.64 -62.30 -13.88
N GLU A 670 -1.17 -62.22 -12.64
CA GLU A 670 0.26 -62.12 -12.39
C GLU A 670 1.01 -63.34 -12.90
N ILE A 671 0.50 -64.54 -12.63
CA ILE A 671 1.20 -65.74 -13.08
C ILE A 671 1.15 -65.85 -14.60
N CYS A 672 0.01 -65.48 -15.20
CA CYS A 672 -0.04 -65.46 -16.65
C CYS A 672 1.00 -64.52 -17.24
N GLN A 673 1.12 -63.32 -16.69
CA GLN A 673 2.10 -62.36 -17.21
C GLN A 673 3.53 -62.83 -16.95
N ARG A 674 3.77 -63.50 -15.83
CA ARG A 674 5.13 -63.92 -15.52
C ARG A 674 5.58 -65.09 -16.39
N ALA A 675 4.67 -66.05 -16.63
CA ALA A 675 4.95 -67.10 -17.61
C ALA A 675 5.14 -66.51 -18.99
N CYS A 676 4.36 -65.48 -19.32
CA CYS A 676 4.55 -64.74 -20.56
C CYS A 676 5.95 -64.15 -20.65
N LYS A 677 6.43 -63.55 -19.56
CA LYS A 677 7.77 -62.99 -19.54
C LYS A 677 8.83 -64.07 -19.72
N LEU A 678 8.62 -65.22 -19.10
CA LEU A 678 9.57 -66.32 -19.28
C LEU A 678 9.63 -66.76 -20.74
N ALA A 679 8.47 -66.87 -21.38
CA ALA A 679 8.43 -67.22 -22.80
C ALA A 679 9.15 -66.16 -23.64
N ILE A 680 8.96 -64.89 -23.30
CA ILE A 680 9.63 -63.81 -24.02
C ILE A 680 11.15 -63.97 -23.92
N ARG A 681 11.64 -64.21 -22.70
CA ARG A 681 13.09 -64.35 -22.51
C ARG A 681 13.63 -65.55 -23.26
N GLU A 682 12.88 -66.66 -23.26
CA GLU A 682 13.32 -67.85 -23.99
C GLU A 682 13.38 -67.57 -25.48
N SER A 683 12.40 -66.84 -26.01
CA SER A 683 12.48 -66.43 -27.42
C SER A 683 13.68 -65.54 -27.67
N ILE A 684 14.05 -64.71 -26.69
CA ILE A 684 15.24 -63.88 -26.83
C ILE A 684 16.50 -64.74 -26.95
N GLU A 685 16.63 -65.76 -26.08
CA GLU A 685 17.78 -66.65 -26.23
C GLU A 685 17.76 -67.37 -27.58
N SER A 686 16.58 -67.80 -28.02
CA SER A 686 16.49 -68.52 -29.29
C SER A 686 16.94 -67.64 -30.45
N GLU A 687 16.49 -66.38 -30.48
CA GLU A 687 16.88 -65.49 -31.56
C GLU A 687 18.35 -65.09 -31.45
N ILE A 688 18.89 -64.98 -30.23
CA ILE A 688 20.31 -64.72 -30.08
C ILE A 688 21.13 -65.87 -30.63
N ARG A 689 20.71 -67.10 -30.34
CA ARG A 689 21.38 -68.27 -30.92
C ARG A 689 21.29 -68.25 -32.45
N ARG A 690 20.11 -67.91 -32.98
CA ARG A 690 19.95 -67.87 -34.43
C ARG A 690 20.86 -66.83 -35.07
N GLU A 691 20.96 -65.65 -34.46
CA GLU A 691 21.76 -64.58 -35.06
C GLU A 691 23.26 -64.83 -34.91
N ARG A 692 23.69 -65.41 -33.78
CA ARG A 692 25.10 -65.72 -33.62
C ARG A 692 25.51 -66.96 -34.38
N GLU A 693 24.55 -67.81 -34.77
CA GLU A 693 24.87 -68.93 -35.66
C GLU A 693 25.07 -68.46 -37.10
N ARG A 694 24.42 -67.37 -37.49
CA ARG A 694 24.58 -66.82 -38.83
C ARG A 694 25.94 -66.19 -39.06
N GLN A 695 26.75 -66.02 -38.00
CA GLN A 695 28.08 -65.46 -38.15
C GLN A 695 28.98 -66.36 -39.00
N THR A 696 28.65 -67.64 -39.12
CA THR A 696 29.47 -68.58 -39.89
C THR A 696 29.05 -68.63 -41.36
N ASN A 697 27.75 -68.72 -41.62
CA ASN A 697 27.25 -68.82 -42.98
C ASN A 697 26.86 -67.43 -43.48
N PRO A 698 27.54 -66.89 -44.49
CA PRO A 698 27.18 -65.54 -44.98
C PRO A 698 25.97 -65.54 -45.88
N SER A 699 24.84 -65.06 -45.35
CA SER A 699 23.60 -64.89 -46.11
C SER A 699 23.18 -66.17 -46.80
N ALA A 700 23.39 -67.31 -46.12
CA ALA A 700 23.01 -68.62 -46.66
C ALA A 700 21.62 -68.98 -46.16
N MET A 701 20.63 -68.25 -46.69
CA MET A 701 19.22 -68.39 -46.29
C MET A 701 18.38 -68.55 -47.55
N GLU A 702 18.21 -69.79 -48.00
CA GLU A 702 17.40 -70.04 -49.19
C GLU A 702 15.94 -69.66 -48.97
N VAL A 703 15.39 -69.99 -47.80
CA VAL A 703 14.01 -69.67 -47.46
C VAL A 703 14.00 -68.47 -46.53
N GLU A 704 13.12 -67.52 -46.80
CA GLU A 704 13.06 -66.26 -46.06
C GLU A 704 12.35 -66.49 -44.73
N GLU A 705 13.13 -66.52 -43.65
CA GLU A 705 12.58 -66.57 -42.30
C GLU A 705 13.62 -66.01 -41.35
N ASP A 706 13.20 -65.04 -40.52
CA ASP A 706 14.10 -64.35 -39.61
C ASP A 706 13.94 -64.78 -38.17
N ASP A 707 12.72 -65.13 -37.76
CA ASP A 707 12.42 -65.49 -36.38
C ASP A 707 11.61 -66.77 -36.40
N PRO A 708 11.59 -67.53 -35.30
CA PRO A 708 10.76 -68.74 -35.23
C PRO A 708 9.27 -68.46 -35.30
N VAL A 709 8.89 -67.19 -35.49
CA VAL A 709 7.50 -66.77 -35.64
C VAL A 709 6.67 -67.23 -34.44
N PRO A 710 6.84 -66.57 -33.26
CA PRO A 710 6.10 -66.92 -32.03
C PRO A 710 5.36 -68.25 -32.00
N GLU A 711 6.04 -69.28 -31.50
CA GLU A 711 5.58 -70.65 -31.51
C GLU A 711 5.34 -71.15 -30.09
N ILE A 712 4.66 -70.33 -29.28
CA ILE A 712 4.55 -70.46 -27.83
C ILE A 712 4.36 -71.92 -27.40
N ARG A 713 5.14 -72.35 -26.43
CA ARG A 713 5.14 -73.73 -25.97
C ARG A 713 4.42 -73.87 -24.64
N ARG A 714 3.92 -75.08 -24.39
CA ARG A 714 3.22 -75.39 -23.15
C ARG A 714 4.16 -75.85 -22.05
N ASP A 715 5.28 -76.48 -22.40
CA ASP A 715 6.26 -76.88 -21.40
C ASP A 715 6.79 -75.65 -20.67
N HIS A 716 7.04 -74.57 -21.41
CA HIS A 716 7.49 -73.33 -20.79
C HIS A 716 6.45 -72.80 -19.82
N PHE A 717 5.17 -72.86 -20.23
CA PHE A 717 4.09 -72.40 -19.37
C PHE A 717 4.00 -73.23 -18.09
N GLU A 718 4.15 -74.55 -18.20
CA GLU A 718 4.07 -75.41 -17.02
C GLU A 718 5.25 -75.16 -16.08
N GLU A 719 6.46 -75.07 -16.64
CA GLU A 719 7.64 -74.80 -15.83
C GLU A 719 7.50 -73.46 -15.10
N ALA A 720 6.96 -72.46 -15.79
CA ALA A 720 6.71 -71.18 -15.16
C ALA A 720 5.65 -71.28 -14.06
N MET A 721 4.57 -72.02 -14.31
CA MET A 721 3.53 -72.21 -13.31
C MET A 721 4.09 -72.88 -12.06
N ARG A 722 5.11 -73.73 -12.23
CA ARG A 722 5.71 -74.41 -11.09
C ARG A 722 6.19 -73.42 -10.02
N PHE A 723 6.57 -72.21 -10.44
CA PHE A 723 6.99 -71.17 -9.50
C PHE A 723 5.83 -70.22 -9.23
N ALA A 724 4.91 -70.68 -8.38
CA ALA A 724 3.74 -69.89 -8.02
C ALA A 724 3.21 -70.36 -6.67
N ARG A 725 2.76 -69.41 -5.86
CA ARG A 725 2.27 -69.69 -4.52
C ARG A 725 0.88 -69.10 -4.33
N ARG A 726 0.14 -69.68 -3.38
CA ARG A 726 -1.21 -69.24 -3.08
C ARG A 726 -1.18 -67.88 -2.39
N SER A 727 -1.97 -66.94 -2.90
CA SER A 727 -2.09 -65.62 -2.30
C SER A 727 -3.27 -65.50 -1.34
N VAL A 728 -4.00 -66.59 -1.11
CA VAL A 728 -5.16 -66.56 -0.23
C VAL A 728 -4.72 -66.72 1.21
N SER A 729 -5.13 -65.79 2.06
CA SER A 729 -4.82 -65.82 3.49
C SER A 729 -6.04 -66.34 4.24
N ASP A 730 -5.84 -67.40 5.02
CA ASP A 730 -6.95 -68.05 5.70
C ASP A 730 -7.61 -67.13 6.72
N ASN A 731 -6.80 -66.38 7.48
CA ASN A 731 -7.35 -65.50 8.50
C ASN A 731 -8.24 -64.43 7.89
N ASP A 732 -7.80 -63.83 6.77
CA ASP A 732 -8.57 -62.75 6.16
C ASP A 732 -9.89 -63.26 5.60
N ILE A 733 -9.87 -64.39 4.90
CA ILE A 733 -11.10 -64.92 4.33
C ILE A 733 -12.05 -65.37 5.44
N ARG A 734 -11.50 -65.94 6.52
CA ARG A 734 -12.34 -66.33 7.64
C ARG A 734 -12.99 -65.11 8.29
N LYS A 735 -12.23 -64.03 8.46
CA LYS A 735 -12.80 -62.81 9.02
C LYS A 735 -13.90 -62.26 8.11
N TYR A 736 -13.65 -62.26 6.79
CA TYR A 736 -14.65 -61.72 5.87
C TYR A 736 -15.91 -62.58 5.88
N GLU A 737 -15.77 -63.89 5.93
CA GLU A 737 -16.94 -64.75 5.94
C GLU A 737 -17.71 -64.63 7.25
N MET A 738 -17.02 -64.45 8.38
CA MET A 738 -17.74 -64.29 9.64
C MET A 738 -18.44 -62.93 9.69
N PHE A 739 -17.81 -61.89 9.13
CA PHE A 739 -18.49 -60.61 9.02
C PHE A 739 -19.71 -60.70 8.10
N ALA A 740 -19.58 -61.45 7.00
CA ALA A 740 -20.72 -61.65 6.11
C ALA A 740 -21.85 -62.37 6.81
N GLN A 741 -21.52 -63.39 7.60
CA GLN A 741 -22.55 -64.10 8.36
C GLN A 741 -23.21 -63.20 9.39
N THR A 742 -22.42 -62.36 10.06
CA THR A 742 -22.98 -61.43 11.05
C THR A 742 -23.92 -60.44 10.38
N LEU A 743 -23.53 -59.89 9.23
CA LEU A 743 -24.39 -58.97 8.50
C LEU A 743 -25.64 -59.67 7.99
N GLN A 744 -25.49 -60.92 7.53
CA GLN A 744 -26.63 -61.68 7.04
C GLN A 744 -27.63 -61.95 8.16
N GLN A 745 -27.15 -62.27 9.35
CA GLN A 745 -28.01 -62.57 10.48
C GLN A 745 -27.88 -61.49 11.56
N ARG B 3 26.47 -30.71 -60.60
CA ARG B 3 27.42 -29.63 -60.80
C ARG B 3 28.57 -29.75 -59.80
N PRO B 4 29.79 -29.96 -60.31
CA PRO B 4 30.94 -30.17 -59.43
C PRO B 4 31.60 -28.88 -58.99
N ASN B 5 30.95 -27.74 -59.24
CA ASN B 5 31.50 -26.44 -58.90
C ASN B 5 30.93 -25.88 -57.59
N ARG B 6 29.61 -25.84 -57.47
CA ARG B 6 28.99 -25.24 -56.30
C ARG B 6 28.80 -26.28 -55.20
N LEU B 7 29.34 -25.99 -54.02
CA LEU B 7 29.24 -26.89 -52.87
C LEU B 7 28.66 -26.15 -51.66
N ILE B 8 28.71 -26.81 -50.50
CA ILE B 8 28.28 -26.24 -49.24
C ILE B 8 29.39 -26.42 -48.21
N VAL B 9 29.38 -25.58 -47.19
CA VAL B 9 30.50 -25.43 -46.28
C VAL B 9 30.15 -25.96 -44.90
N ASP B 10 31.19 -26.28 -44.13
CA ASP B 10 31.05 -26.70 -42.74
C ASP B 10 32.36 -26.44 -42.02
N GLU B 11 32.32 -26.54 -40.69
CA GLU B 11 33.47 -26.17 -39.88
C GLU B 11 34.61 -27.18 -40.02
N ALA B 12 35.84 -26.68 -39.87
CA ALA B 12 37.06 -27.47 -39.89
C ALA B 12 37.56 -27.68 -38.46
N ILE B 13 38.74 -28.28 -38.32
CA ILE B 13 39.24 -28.66 -37.00
C ILE B 13 40.62 -28.09 -36.73
N ASN B 14 41.58 -28.32 -37.63
CA ASN B 14 42.98 -28.12 -37.28
C ASN B 14 43.52 -26.74 -37.66
N GLU B 15 42.62 -25.78 -37.87
CA GLU B 15 43.01 -24.37 -38.10
C GLU B 15 43.87 -24.30 -39.36
N ASP B 16 44.97 -23.54 -39.30
CA ASP B 16 45.90 -23.40 -40.43
C ASP B 16 45.08 -22.82 -41.58
N ASN B 17 44.75 -21.53 -41.49
CA ASN B 17 43.71 -20.97 -42.33
C ASN B 17 44.16 -20.80 -43.78
N SER B 18 44.67 -21.87 -44.37
CA SER B 18 44.82 -21.96 -45.82
C SER B 18 44.53 -23.38 -46.30
N VAL B 19 43.56 -24.05 -45.67
CA VAL B 19 43.27 -25.44 -45.97
C VAL B 19 41.79 -25.61 -46.28
N VAL B 20 41.51 -26.48 -47.25
CA VAL B 20 40.14 -26.91 -47.56
C VAL B 20 40.13 -28.42 -47.65
N SER B 21 39.21 -29.06 -46.92
CA SER B 21 39.13 -30.52 -46.86
C SER B 21 38.11 -31.00 -47.89
N LEU B 22 38.60 -31.61 -48.96
CA LEU B 22 37.75 -32.19 -49.98
C LEU B 22 37.81 -33.72 -49.93
N SER B 23 36.92 -34.35 -50.68
CA SER B 23 36.88 -35.80 -50.79
C SER B 23 37.57 -36.25 -52.08
N GLN B 24 38.16 -37.44 -52.02
CA GLN B 24 38.92 -37.98 -53.15
C GLN B 24 38.09 -38.09 -54.42
N PRO B 25 36.84 -38.56 -54.37
CA PRO B 25 36.02 -38.54 -55.61
C PRO B 25 35.84 -37.14 -56.19
N LYS B 26 35.71 -36.13 -55.33
CA LYS B 26 35.57 -34.76 -55.83
C LYS B 26 36.82 -34.32 -56.58
N MET B 27 38.00 -34.62 -56.01
CA MET B 27 39.24 -34.27 -56.69
C MET B 27 39.39 -35.06 -57.99
N ASP B 28 38.97 -36.33 -57.98
CA ASP B 28 39.03 -37.14 -59.20
C ASP B 28 38.17 -36.55 -60.30
N GLU B 29 36.95 -36.11 -59.95
CA GLU B 29 36.04 -35.57 -60.95
C GLU B 29 36.34 -34.11 -61.27
N LEU B 30 37.20 -33.45 -60.51
CA LEU B 30 37.59 -32.07 -60.80
C LEU B 30 39.06 -31.94 -61.22
N GLN B 31 39.76 -33.07 -61.38
CA GLN B 31 41.16 -33.08 -61.79
C GLN B 31 42.00 -32.15 -60.91
N LEU B 32 41.92 -32.40 -59.61
CA LEU B 32 42.55 -31.55 -58.61
C LEU B 32 43.91 -32.10 -58.19
N PHE B 33 44.80 -31.19 -57.80
CA PHE B 33 46.12 -31.55 -57.29
C PHE B 33 46.33 -30.87 -55.94
N ARG B 34 47.13 -31.49 -55.09
CA ARG B 34 47.45 -30.92 -53.79
C ARG B 34 48.41 -29.74 -53.87
N GLY B 35 48.87 -29.39 -55.06
CA GLY B 35 49.74 -28.24 -55.21
C GLY B 35 49.09 -27.09 -55.96
N ASP B 36 47.92 -27.34 -56.54
CA ASP B 36 47.22 -26.31 -57.30
C ASP B 36 46.68 -25.23 -56.37
N THR B 37 46.99 -23.98 -56.69
CA THR B 37 46.44 -22.86 -55.94
C THR B 37 45.00 -22.64 -56.36
N VAL B 38 44.07 -23.33 -55.70
CA VAL B 38 42.68 -23.32 -56.14
C VAL B 38 42.03 -21.99 -55.80
N LEU B 39 41.31 -21.44 -56.77
CA LEU B 39 40.57 -20.20 -56.59
C LEU B 39 39.17 -20.52 -56.12
N LEU B 40 38.81 -19.99 -54.95
CA LEU B 40 37.48 -20.16 -54.38
C LEU B 40 36.71 -18.85 -54.54
N LYS B 41 35.49 -18.96 -55.04
CA LYS B 41 34.66 -17.78 -55.32
C LYS B 41 33.31 -17.91 -54.62
N GLY B 42 32.81 -16.79 -54.13
CA GLY B 42 31.52 -16.74 -53.46
C GLY B 42 30.85 -15.41 -53.66
N LYS B 43 30.19 -14.92 -52.61
CA LYS B 43 29.40 -13.70 -52.69
C LYS B 43 30.29 -12.48 -52.93
N LYS B 44 29.69 -11.44 -53.50
CA LYS B 44 30.32 -10.13 -53.70
C LYS B 44 31.55 -10.20 -54.59
N ARG B 45 31.62 -11.21 -55.46
CA ARG B 45 32.73 -11.37 -56.40
C ARG B 45 34.07 -11.37 -55.68
N ARG B 46 34.07 -11.88 -54.45
CA ARG B 46 35.28 -11.96 -53.64
C ARG B 46 35.96 -13.30 -53.85
N GLU B 47 37.26 -13.25 -54.10
CA GLU B 47 38.04 -14.44 -54.42
C GLU B 47 39.03 -14.72 -53.30
N ALA B 48 39.24 -16.01 -53.03
CA ALA B 48 40.31 -16.45 -52.14
C ALA B 48 41.13 -17.51 -52.86
N VAL B 49 42.37 -17.68 -52.41
CA VAL B 49 43.26 -18.69 -52.95
C VAL B 49 43.62 -19.65 -51.83
N CYS B 50 43.49 -20.95 -52.10
CA CYS B 50 43.69 -21.94 -51.05
C CYS B 50 44.40 -23.16 -51.63
N ILE B 51 44.69 -24.11 -50.76
CA ILE B 51 45.29 -25.39 -51.13
C ILE B 51 44.39 -26.50 -50.60
N VAL B 52 44.23 -27.55 -51.40
CA VAL B 52 43.28 -28.62 -51.08
C VAL B 52 44.00 -29.74 -50.35
N LEU B 53 43.25 -30.45 -49.51
CA LEU B 53 43.73 -31.70 -48.94
C LEU B 53 42.54 -32.62 -48.72
N SER B 54 42.81 -33.93 -48.75
CA SER B 54 41.74 -34.90 -48.61
C SER B 54 41.36 -35.07 -47.13
N ASP B 55 40.12 -35.53 -46.93
CA ASP B 55 39.60 -35.83 -45.60
C ASP B 55 38.91 -37.18 -45.63
N ASP B 56 39.02 -37.92 -44.52
CA ASP B 56 38.47 -39.27 -44.46
C ASP B 56 36.95 -39.26 -44.47
N THR B 57 36.33 -38.46 -43.60
CA THR B 57 34.87 -38.37 -43.53
C THR B 57 34.41 -37.09 -44.25
N CYS B 58 34.68 -37.05 -45.55
CA CYS B 58 34.35 -35.90 -46.38
C CYS B 58 33.27 -36.31 -47.37
N SER B 59 32.09 -35.71 -47.24
CA SER B 59 31.04 -35.93 -48.22
C SER B 59 31.43 -35.34 -49.57
N ASP B 60 30.83 -35.87 -50.63
CA ASP B 60 31.20 -35.45 -51.97
C ASP B 60 30.93 -33.97 -52.20
N GLU B 61 29.81 -33.47 -51.69
CA GLU B 61 29.41 -32.08 -51.90
C GLU B 61 29.69 -31.19 -50.69
N LYS B 62 30.30 -31.71 -49.63
CA LYS B 62 30.56 -30.96 -48.42
C LYS B 62 32.04 -30.67 -48.29
N ILE B 63 32.38 -29.42 -48.00
CA ILE B 63 33.75 -28.96 -47.83
C ILE B 63 33.88 -28.29 -46.47
N ARG B 64 34.94 -28.63 -45.74
CA ARG B 64 35.17 -28.10 -44.40
C ARG B 64 36.11 -26.90 -44.48
N MET B 65 35.72 -25.80 -43.82
CA MET B 65 36.46 -24.56 -43.92
C MET B 65 36.35 -23.81 -42.60
N ASN B 66 37.49 -23.41 -42.04
CA ASN B 66 37.52 -22.74 -40.75
C ASN B 66 37.03 -21.30 -40.90
N ARG B 67 37.01 -20.57 -39.79
CA ARG B 67 36.33 -19.28 -39.74
C ARG B 67 36.97 -18.24 -40.66
N VAL B 68 38.30 -18.21 -40.74
CA VAL B 68 38.97 -17.12 -41.44
C VAL B 68 38.65 -17.15 -42.93
N VAL B 69 38.65 -18.33 -43.54
CA VAL B 69 38.40 -18.41 -44.97
C VAL B 69 36.96 -18.01 -45.28
N ARG B 70 36.01 -18.46 -44.46
CA ARG B 70 34.63 -18.06 -44.67
C ARG B 70 34.46 -16.56 -44.52
N ASN B 71 35.12 -15.97 -43.51
CA ASN B 71 35.02 -14.53 -43.34
C ASN B 71 35.61 -13.78 -44.52
N ASN B 72 36.69 -14.29 -45.10
CA ASN B 72 37.23 -13.68 -46.30
C ASN B 72 36.26 -13.81 -47.47
N LEU B 73 35.56 -14.94 -47.57
CA LEU B 73 34.66 -15.17 -48.69
C LEU B 73 33.31 -14.51 -48.53
N ARG B 74 33.04 -13.89 -47.38
CA ARG B 74 31.71 -13.32 -47.08
C ARG B 74 30.62 -14.38 -47.22
N VAL B 75 30.92 -15.60 -46.80
CA VAL B 75 30.01 -16.73 -46.91
C VAL B 75 29.62 -17.15 -45.51
N ARG B 76 28.54 -17.91 -45.40
CA ARG B 76 28.05 -18.42 -44.13
C ARG B 76 27.83 -19.93 -44.23
N LEU B 77 27.40 -20.52 -43.13
CA LEU B 77 27.15 -21.95 -43.09
C LEU B 77 26.06 -22.33 -44.08
N GLY B 78 26.26 -23.44 -44.78
CA GLY B 78 25.27 -23.95 -45.70
C GLY B 78 24.96 -23.01 -46.85
N ASP B 79 26.01 -22.48 -47.48
CA ASP B 79 25.86 -21.59 -48.62
C ASP B 79 26.57 -22.19 -49.83
N VAL B 80 26.68 -21.43 -50.93
CA VAL B 80 27.25 -21.94 -52.17
C VAL B 80 28.63 -21.33 -52.37
N ILE B 81 29.61 -22.17 -52.69
CA ILE B 81 30.95 -21.71 -53.06
C ILE B 81 31.41 -22.49 -54.29
N SER B 82 32.27 -21.85 -55.08
CA SER B 82 32.73 -22.43 -56.34
C SER B 82 34.25 -22.60 -56.31
N ILE B 83 34.72 -23.73 -56.83
CA ILE B 83 36.14 -24.08 -56.83
C ILE B 83 36.62 -24.10 -58.28
N GLN B 84 37.74 -23.45 -58.55
CA GLN B 84 38.34 -23.44 -59.87
C GLN B 84 39.83 -23.76 -59.76
N PRO B 85 40.32 -24.83 -60.38
CA PRO B 85 41.76 -25.10 -60.34
C PRO B 85 42.56 -24.09 -61.15
N CYS B 86 43.36 -23.27 -60.47
CA CYS B 86 44.13 -22.20 -61.11
C CYS B 86 45.59 -22.27 -60.65
N PRO B 87 46.33 -23.30 -61.10
CA PRO B 87 47.74 -23.44 -60.72
C PRO B 87 48.70 -22.76 -61.69
N ASP B 88 48.58 -21.44 -61.83
CA ASP B 88 49.46 -20.67 -62.70
C ASP B 88 49.87 -19.37 -62.01
N VAL B 89 50.17 -19.46 -60.71
CA VAL B 89 50.49 -18.29 -59.91
C VAL B 89 51.99 -18.01 -59.99
N LYS B 90 52.37 -16.77 -59.70
CA LYS B 90 53.75 -16.32 -59.78
C LYS B 90 54.21 -15.79 -58.43
N TYR B 91 55.50 -15.91 -58.17
CA TYR B 91 56.06 -15.51 -56.88
C TYR B 91 55.93 -14.00 -56.71
N GLY B 92 55.82 -13.58 -55.45
CA GLY B 92 55.67 -12.17 -55.15
C GLY B 92 57.00 -11.49 -54.92
N LYS B 93 57.02 -10.18 -55.16
CA LYS B 93 58.23 -9.37 -55.03
C LYS B 93 58.22 -8.51 -53.78
N ARG B 94 57.08 -7.93 -53.42
CA ARG B 94 57.00 -7.11 -52.21
C ARG B 94 55.54 -7.01 -51.76
N ILE B 95 55.31 -7.25 -50.47
CA ILE B 95 53.99 -7.15 -49.88
C ILE B 95 54.03 -6.09 -48.81
N HIS B 96 52.93 -5.35 -48.66
CA HIS B 96 52.78 -4.33 -47.63
C HIS B 96 51.58 -4.71 -46.77
N VAL B 97 51.85 -5.06 -45.52
CA VAL B 97 50.88 -5.62 -44.60
C VAL B 97 50.86 -4.78 -43.34
N LEU B 98 49.66 -4.44 -42.86
CA LEU B 98 49.52 -3.60 -41.68
C LEU B 98 48.49 -4.19 -40.73
N PRO B 99 48.60 -3.89 -39.44
CA PRO B 99 47.63 -4.40 -38.47
C PRO B 99 46.38 -3.51 -38.41
N ILE B 100 45.42 -3.95 -37.60
CA ILE B 100 44.18 -3.21 -37.36
C ILE B 100 44.31 -2.43 -36.06
N ASP B 101 43.74 -1.23 -36.03
CA ASP B 101 43.90 -0.36 -34.86
C ASP B 101 43.28 -0.97 -33.62
N ASP B 102 42.07 -1.48 -33.71
CA ASP B 102 41.43 -2.00 -32.50
C ASP B 102 41.87 -3.43 -32.17
N THR B 103 43.17 -3.69 -32.33
CA THR B 103 43.75 -4.95 -31.88
C THR B 103 45.15 -4.79 -31.28
N VAL B 104 45.84 -3.67 -31.48
CA VAL B 104 47.22 -3.53 -31.06
C VAL B 104 47.40 -2.33 -30.15
N GLU B 105 46.41 -2.05 -29.32
CA GLU B 105 46.49 -0.93 -28.40
C GLU B 105 47.65 -1.13 -27.42
N GLY B 106 48.60 -0.21 -27.44
CA GLY B 106 49.70 -0.26 -26.49
C GLY B 106 50.58 -1.49 -26.60
N ILE B 107 51.03 -1.81 -27.80
CA ILE B 107 51.95 -2.92 -28.02
C ILE B 107 53.27 -2.44 -28.62
N THR B 108 53.23 -1.84 -29.80
CA THR B 108 54.42 -1.39 -30.51
C THR B 108 55.36 -2.59 -30.67
N GLY B 109 56.67 -2.36 -30.58
CA GLY B 109 57.63 -3.43 -30.77
C GLY B 109 57.83 -3.74 -32.24
N ASN B 110 58.65 -4.75 -32.49
CA ASN B 110 58.94 -5.18 -33.86
C ASN B 110 58.03 -6.36 -34.18
N LEU B 111 56.90 -6.06 -34.82
CA LEU B 111 55.92 -7.09 -35.12
C LEU B 111 56.47 -8.14 -36.08
N PHE B 112 57.37 -7.73 -36.97
CA PHE B 112 57.82 -8.63 -38.03
C PHE B 112 58.54 -9.84 -37.47
N GLU B 113 59.22 -9.70 -36.33
CA GLU B 113 60.03 -10.78 -35.80
C GLU B 113 59.34 -11.60 -34.71
N VAL B 114 58.14 -11.22 -34.30
CA VAL B 114 57.39 -11.99 -33.32
C VAL B 114 56.11 -12.60 -33.89
N TYR B 115 55.50 -12.00 -34.92
CA TYR B 115 54.25 -12.51 -35.47
C TYR B 115 54.43 -13.03 -36.89
N LEU B 116 54.92 -12.21 -37.81
CA LEU B 116 54.97 -12.61 -39.22
C LEU B 116 56.05 -13.67 -39.46
N LYS B 117 57.22 -13.50 -38.86
CA LYS B 117 58.30 -14.47 -39.07
C LYS B 117 57.94 -15.89 -38.66
N PRO B 118 57.29 -16.15 -37.52
CA PRO B 118 56.92 -17.54 -37.24
C PRO B 118 55.74 -18.02 -38.08
N TYR B 119 54.80 -17.13 -38.40
CA TYR B 119 53.60 -17.54 -39.13
C TYR B 119 53.94 -17.93 -40.56
N PHE B 120 54.76 -17.13 -41.25
CA PHE B 120 55.09 -17.35 -42.64
C PHE B 120 56.35 -18.18 -42.84
N LEU B 121 56.64 -19.10 -41.92
CA LEU B 121 57.89 -19.85 -41.94
C LEU B 121 57.68 -21.22 -42.56
N GLU B 122 58.30 -21.44 -43.72
CA GLU B 122 58.32 -22.76 -44.37
C GLU B 122 56.90 -23.28 -44.61
N ALA B 123 55.99 -22.39 -45.00
CA ALA B 123 54.62 -22.78 -45.29
C ALA B 123 54.16 -22.40 -46.69
N TYR B 124 54.85 -21.47 -47.36
CA TYR B 124 54.50 -21.06 -48.72
C TYR B 124 53.04 -20.61 -48.78
N ARG B 125 52.65 -19.76 -47.84
CA ARG B 125 51.25 -19.37 -47.73
C ARG B 125 50.84 -18.47 -48.88
N PRO B 126 49.86 -18.84 -49.69
CA PRO B 126 49.40 -17.97 -50.76
C PRO B 126 48.39 -16.95 -50.22
N ILE B 127 48.48 -15.73 -50.73
CA ILE B 127 47.61 -14.64 -50.29
C ILE B 127 47.05 -13.92 -51.50
N ARG B 128 45.97 -13.20 -51.28
CA ARG B 128 45.36 -12.34 -52.27
C ARG B 128 45.12 -10.96 -51.66
N LYS B 129 45.31 -9.93 -52.47
CA LYS B 129 45.19 -8.57 -51.97
C LYS B 129 43.83 -8.33 -51.33
N GLY B 130 43.85 -7.77 -50.12
CA GLY B 130 42.63 -7.38 -49.43
C GLY B 130 42.16 -8.28 -48.31
N ASP B 131 42.73 -9.47 -48.16
CA ASP B 131 42.23 -10.41 -47.17
C ASP B 131 42.71 -10.04 -45.77
N ILE B 132 42.24 -10.79 -44.79
CA ILE B 132 42.56 -10.58 -43.38
C ILE B 132 42.94 -11.92 -42.77
N PHE B 133 43.99 -11.93 -41.95
CA PHE B 133 44.39 -13.16 -41.28
C PHE B 133 44.79 -12.88 -39.84
N LEU B 134 44.48 -13.83 -38.96
CA LEU B 134 44.64 -13.68 -37.53
C LEU B 134 45.79 -14.52 -37.02
N VAL B 135 46.67 -13.90 -36.24
CA VAL B 135 47.87 -14.53 -35.72
C VAL B 135 47.78 -14.59 -34.20
N ARG B 136 48.06 -15.75 -33.63
CA ARG B 136 48.00 -15.94 -32.18
C ARG B 136 49.26 -15.35 -31.56
N GLY B 137 49.11 -14.29 -30.78
CA GLY B 137 50.24 -13.63 -30.17
C GLY B 137 50.66 -14.31 -28.87
N GLY B 138 51.55 -13.62 -28.15
CA GLY B 138 52.00 -14.13 -26.88
C GLY B 138 50.90 -14.16 -25.83
N MET B 139 50.03 -13.16 -25.85
CA MET B 139 48.88 -13.14 -24.97
C MET B 139 47.60 -12.71 -25.67
N ARG B 140 47.68 -12.12 -26.86
CA ARG B 140 46.53 -11.64 -27.60
C ARG B 140 46.41 -12.38 -28.93
N ALA B 141 45.49 -11.92 -29.76
CA ALA B 141 45.34 -12.41 -31.13
C ALA B 141 45.25 -11.20 -32.04
N VAL B 142 46.27 -10.99 -32.86
CA VAL B 142 46.40 -9.79 -33.67
C VAL B 142 46.04 -10.13 -35.11
N GLU B 143 45.13 -9.36 -35.70
CA GLU B 143 44.66 -9.64 -37.04
C GLU B 143 45.19 -8.60 -38.02
N PHE B 144 45.94 -9.08 -39.02
CA PHE B 144 46.57 -8.24 -40.01
C PHE B 144 45.75 -8.23 -41.30
N LYS B 145 45.96 -7.18 -42.09
CA LYS B 145 45.30 -7.02 -43.38
C LYS B 145 46.37 -6.86 -44.44
N VAL B 146 46.25 -7.63 -45.53
CA VAL B 146 47.15 -7.47 -46.66
C VAL B 146 46.68 -6.27 -47.46
N VAL B 147 47.31 -5.11 -47.23
CA VAL B 147 46.80 -3.88 -47.81
C VAL B 147 47.38 -3.57 -49.17
N GLU B 148 48.57 -4.09 -49.51
CA GLU B 148 49.07 -3.88 -50.86
C GLU B 148 50.03 -5.00 -51.21
N THR B 149 50.21 -5.22 -52.51
CA THR B 149 51.09 -6.29 -52.97
C THR B 149 51.65 -5.92 -54.34
N ASP B 150 52.68 -6.66 -54.72
CA ASP B 150 53.24 -6.64 -56.07
C ASP B 150 53.10 -8.05 -56.63
N PRO B 151 53.64 -8.33 -57.84
CA PRO B 151 52.78 -8.78 -58.95
C PRO B 151 51.48 -9.47 -58.52
N SER B 152 50.41 -9.04 -59.18
CA SER B 152 49.07 -8.80 -58.66
C SER B 152 48.42 -10.06 -58.08
N PRO B 153 47.21 -9.95 -57.50
CA PRO B 153 46.95 -10.56 -56.19
C PRO B 153 47.59 -11.92 -55.94
N TYR B 154 47.62 -12.80 -56.92
CA TYR B 154 48.07 -14.18 -56.72
C TYR B 154 49.58 -14.17 -56.53
N CYS B 155 50.04 -13.80 -55.34
CA CYS B 155 51.46 -13.71 -55.03
C CYS B 155 51.77 -14.53 -53.79
N ILE B 156 52.28 -15.74 -53.98
CA ILE B 156 52.60 -16.64 -52.89
C ILE B 156 53.92 -16.20 -52.26
N VAL B 157 54.00 -16.29 -50.94
CA VAL B 157 55.21 -15.91 -50.21
C VAL B 157 56.28 -16.97 -50.41
N ALA B 158 57.49 -16.53 -50.72
CA ALA B 158 58.61 -17.41 -51.03
C ALA B 158 59.79 -17.10 -50.12
N PRO B 159 60.70 -18.06 -49.92
CA PRO B 159 61.84 -17.83 -49.01
C PRO B 159 62.74 -16.67 -49.41
N ASP B 160 62.48 -15.99 -50.53
CA ASP B 160 63.18 -14.75 -50.87
C ASP B 160 62.12 -13.73 -51.28
N THR B 161 61.55 -13.05 -50.29
CA THR B 161 60.48 -12.11 -50.53
C THR B 161 60.63 -10.93 -49.58
N VAL B 162 59.96 -9.82 -49.90
CA VAL B 162 60.09 -8.57 -49.15
C VAL B 162 58.76 -8.28 -48.46
N ILE B 163 58.82 -8.04 -47.16
CA ILE B 163 57.65 -7.76 -46.33
C ILE B 163 57.81 -6.37 -45.75
N HIS B 164 56.75 -5.56 -45.83
CA HIS B 164 56.73 -4.21 -45.30
C HIS B 164 55.61 -4.13 -44.28
N CYS B 165 55.96 -4.21 -42.99
CA CYS B 165 54.96 -4.23 -41.92
C CYS B 165 54.93 -2.93 -41.12
N GLU B 166 55.47 -1.85 -41.66
CA GLU B 166 55.56 -0.59 -40.95
C GLU B 166 54.53 0.39 -41.52
N GLY B 167 54.05 1.28 -40.67
CA GLY B 167 53.05 2.27 -41.05
C GLY B 167 51.93 2.31 -40.04
N GLU B 168 51.05 3.29 -40.22
CA GLU B 168 49.90 3.43 -39.33
C GLU B 168 48.92 2.29 -39.57
N PRO B 169 48.21 1.84 -38.55
CA PRO B 169 47.23 0.76 -38.74
C PRO B 169 45.96 1.27 -39.40
N ILE B 170 45.30 0.38 -40.13
CA ILE B 170 44.07 0.71 -40.85
C ILE B 170 42.90 0.71 -39.87
N LYS B 171 42.04 1.71 -39.99
CA LYS B 171 40.83 1.75 -39.19
C LYS B 171 39.91 0.59 -39.55
N ARG B 172 39.18 0.10 -38.55
CA ARG B 172 38.27 -1.01 -38.76
C ARG B 172 37.06 -0.55 -39.58
N GLU B 173 37.02 -0.99 -40.84
CA GLU B 173 35.92 -0.64 -41.73
C GLU B 173 34.64 -1.34 -41.32
N ASP B 174 33.51 -0.76 -41.71
CA ASP B 174 32.21 -1.24 -41.25
C ASP B 174 31.92 -2.64 -41.78
N GLU B 175 32.23 -2.89 -43.04
CA GLU B 175 31.91 -4.18 -43.65
C GLU B 175 32.87 -5.25 -43.14
N GLU B 176 32.78 -5.58 -41.86
CA GLU B 176 33.68 -6.55 -41.24
C GLU B 176 32.91 -7.39 -40.25
N GLU B 177 33.37 -8.63 -40.08
CA GLU B 177 32.77 -9.56 -39.13
C GLU B 177 33.51 -9.60 -37.80
N SER B 178 34.61 -8.86 -37.65
CA SER B 178 35.32 -8.75 -36.39
C SER B 178 35.67 -10.12 -35.81
N LEU B 179 36.59 -10.83 -36.44
CA LEU B 179 36.87 -12.25 -36.17
C LEU B 179 37.06 -12.56 -34.69
N ASN B 180 37.26 -11.54 -33.86
CA ASN B 180 37.37 -11.71 -32.42
C ASN B 180 35.98 -11.65 -31.75
N GLU B 181 35.07 -12.45 -32.28
CA GLU B 181 33.71 -12.55 -31.75
C GLU B 181 33.32 -14.02 -31.63
N VAL B 182 32.29 -14.27 -30.82
CA VAL B 182 31.93 -15.64 -30.47
C VAL B 182 31.40 -16.38 -31.69
N GLY B 183 31.42 -17.71 -31.61
CA GLY B 183 30.97 -18.56 -32.69
C GLY B 183 30.74 -19.95 -32.15
N TYR B 184 30.42 -20.88 -33.06
CA TYR B 184 30.14 -22.24 -32.63
C TYR B 184 31.38 -22.93 -32.07
N ASP B 185 32.57 -22.45 -32.39
CA ASP B 185 33.80 -23.03 -31.86
C ASP B 185 34.26 -22.34 -30.58
N ASP B 186 33.35 -21.70 -29.86
CA ASP B 186 33.66 -21.00 -28.62
C ASP B 186 32.73 -21.44 -27.50
N ILE B 187 32.20 -22.65 -27.59
CA ILE B 187 31.37 -23.25 -26.55
C ILE B 187 31.82 -24.69 -26.37
N GLY B 188 31.85 -25.15 -25.13
CA GLY B 188 32.20 -26.52 -24.83
C GLY B 188 31.38 -27.05 -23.69
N GLY B 189 31.16 -28.37 -23.70
CA GLY B 189 30.36 -29.01 -22.69
C GLY B 189 28.86 -28.93 -22.92
N CYS B 190 28.42 -28.35 -24.03
CA CYS B 190 27.01 -28.22 -24.36
C CYS B 190 26.76 -28.57 -25.82
N ARG B 191 27.22 -29.75 -26.25
CA ARG B 191 27.07 -30.12 -27.65
C ARG B 191 25.62 -30.44 -27.99
N LYS B 192 24.96 -31.25 -27.17
CA LYS B 192 23.58 -31.64 -27.47
C LYS B 192 22.64 -30.44 -27.42
N GLN B 193 22.79 -29.58 -26.43
CA GLN B 193 21.89 -28.45 -26.29
C GLN B 193 22.04 -27.48 -27.48
N LEU B 194 23.26 -27.18 -27.88
CA LEU B 194 23.40 -26.30 -29.04
C LEU B 194 22.94 -27.01 -30.30
N ALA B 195 23.03 -28.34 -30.34
CA ALA B 195 22.45 -29.07 -31.47
C ALA B 195 20.94 -28.84 -31.55
N GLN B 196 20.26 -28.92 -30.42
CA GLN B 196 18.81 -28.69 -30.41
C GLN B 196 18.47 -27.26 -30.79
N ILE B 197 19.15 -26.29 -30.19
CA ILE B 197 18.85 -24.88 -30.44
C ILE B 197 19.16 -24.54 -31.89
N LYS B 198 20.12 -25.24 -32.48
CA LYS B 198 20.41 -25.05 -33.89
C LYS B 198 19.40 -25.68 -34.81
N GLU B 199 18.88 -26.87 -34.48
CA GLU B 199 17.84 -27.46 -35.32
C GLU B 199 16.56 -26.63 -35.27
N MET B 200 16.27 -25.98 -34.14
CA MET B 200 15.06 -25.16 -34.06
C MET B 200 15.20 -23.87 -34.86
N VAL B 201 16.40 -23.29 -34.89
CA VAL B 201 16.55 -21.89 -35.24
C VAL B 201 17.47 -21.72 -36.45
N GLU B 202 17.75 -22.81 -37.15
CA GLU B 202 18.51 -22.68 -38.39
C GLU B 202 17.66 -22.49 -39.64
N LEU B 203 16.46 -23.05 -39.72
CA LEU B 203 15.59 -22.87 -40.88
C LEU B 203 14.81 -21.56 -40.84
N PRO B 204 14.17 -21.18 -39.72
CA PRO B 204 13.42 -19.92 -39.72
C PRO B 204 14.28 -18.69 -39.96
N LEU B 205 15.55 -18.72 -39.62
CA LEU B 205 16.40 -17.53 -39.69
C LEU B 205 17.20 -17.42 -40.98
N ARG B 206 17.60 -18.54 -41.57
CA ARG B 206 18.36 -18.48 -42.82
C ARG B 206 17.44 -18.50 -44.04
N HIS B 207 16.43 -19.37 -44.04
CA HIS B 207 15.47 -19.44 -45.13
C HIS B 207 14.08 -19.05 -44.67
N PRO B 208 13.72 -17.77 -44.72
CA PRO B 208 12.37 -17.37 -44.30
C PRO B 208 11.32 -17.54 -45.38
N ALA B 209 11.75 -17.42 -46.64
CA ALA B 209 10.84 -17.49 -47.78
C ALA B 209 10.18 -18.85 -47.87
N LEU B 210 10.94 -19.92 -47.60
CA LEU B 210 10.36 -21.26 -47.64
C LEU B 210 9.27 -21.42 -46.59
N PHE B 211 9.51 -20.92 -45.37
CA PHE B 211 8.49 -20.97 -44.34
C PHE B 211 7.26 -20.16 -44.72
N LYS B 212 7.47 -19.01 -45.37
CA LYS B 212 6.32 -18.25 -45.87
C LYS B 212 5.54 -19.04 -46.89
N ALA B 213 6.24 -19.68 -47.83
CA ALA B 213 5.58 -20.39 -48.93
C ALA B 213 4.79 -21.61 -48.43
N ILE B 214 5.43 -22.47 -47.65
CA ILE B 214 4.78 -23.71 -47.23
C ILE B 214 3.66 -23.39 -46.25
N GLY B 215 3.87 -22.41 -45.37
CA GLY B 215 2.84 -22.00 -44.44
C GLY B 215 2.70 -22.83 -43.18
N VAL B 216 3.80 -23.35 -42.63
CA VAL B 216 3.76 -24.06 -41.35
C VAL B 216 4.11 -23.07 -40.24
N LYS B 217 3.61 -23.36 -39.04
CA LYS B 217 3.76 -22.41 -37.95
C LYS B 217 5.17 -22.50 -37.36
N PRO B 218 5.90 -21.40 -37.26
CA PRO B 218 7.29 -21.44 -36.80
C PRO B 218 7.34 -21.38 -35.28
N PRO B 219 8.50 -21.66 -34.69
CA PRO B 219 8.67 -21.41 -33.24
C PRO B 219 8.72 -19.92 -32.96
N ARG B 220 8.19 -19.52 -31.82
CA ARG B 220 8.09 -18.11 -31.47
C ARG B 220 8.50 -17.82 -30.03
N GLY B 221 9.19 -18.75 -29.39
CA GLY B 221 9.70 -18.51 -28.06
C GLY B 221 10.50 -19.69 -27.55
N ILE B 222 11.68 -19.44 -27.00
CA ILE B 222 12.54 -20.48 -26.45
C ILE B 222 12.94 -20.04 -25.06
N LEU B 223 12.97 -20.95 -24.11
CA LEU B 223 13.28 -20.59 -22.73
C LEU B 223 14.45 -21.43 -22.25
N LEU B 224 15.61 -20.80 -22.13
CA LEU B 224 16.82 -21.43 -21.60
C LEU B 224 16.78 -21.30 -20.09
N TYR B 225 16.98 -22.41 -19.37
CA TYR B 225 17.02 -22.29 -17.92
C TYR B 225 18.18 -23.10 -17.35
N GLY B 226 18.75 -22.59 -16.26
CA GLY B 226 19.86 -23.23 -15.59
C GLY B 226 20.50 -22.33 -14.54
N PRO B 227 21.60 -22.79 -13.95
CA PRO B 227 22.27 -21.98 -12.94
C PRO B 227 22.94 -20.77 -13.58
N PRO B 228 23.21 -19.72 -12.80
CA PRO B 228 23.79 -18.51 -13.38
C PRO B 228 25.28 -18.65 -13.62
N GLY B 229 25.71 -18.19 -14.80
CA GLY B 229 27.10 -18.27 -15.16
C GLY B 229 27.50 -19.49 -15.96
N THR B 230 26.54 -20.23 -16.50
CA THR B 230 26.83 -21.43 -17.27
C THR B 230 26.88 -21.19 -18.77
N GLY B 231 26.83 -19.93 -19.20
CA GLY B 231 26.89 -19.63 -20.60
C GLY B 231 25.56 -19.68 -21.32
N LYS B 232 24.59 -18.85 -20.90
CA LYS B 232 23.29 -18.85 -21.57
C LYS B 232 23.20 -17.73 -22.60
N THR B 233 23.60 -16.52 -22.22
CA THR B 233 23.63 -15.45 -23.21
C THR B 233 24.72 -15.67 -24.25
N LEU B 234 25.69 -16.52 -23.95
CA LEU B 234 26.70 -16.85 -24.95
C LEU B 234 26.12 -17.71 -26.07
N ILE B 235 25.19 -18.61 -25.73
CA ILE B 235 24.54 -19.41 -26.78
C ILE B 235 23.75 -18.51 -27.72
N ALA B 236 22.99 -17.58 -27.16
CA ALA B 236 22.21 -16.67 -28.00
C ALA B 236 23.14 -15.79 -28.84
N ARG B 237 24.21 -15.29 -28.25
CA ARG B 237 25.14 -14.46 -29.03
C ARG B 237 25.78 -15.26 -30.15
N ALA B 238 26.15 -16.51 -29.88
CA ALA B 238 26.77 -17.33 -30.93
C ALA B 238 25.78 -17.61 -32.06
N VAL B 239 24.54 -17.93 -31.72
CA VAL B 239 23.55 -18.23 -32.75
C VAL B 239 23.29 -16.99 -33.61
N ALA B 240 23.13 -15.83 -32.96
CA ALA B 240 22.90 -14.61 -33.73
C ALA B 240 24.09 -14.27 -34.61
N ASN B 241 25.31 -14.44 -34.11
CA ASN B 241 26.48 -14.12 -34.92
C ASN B 241 26.71 -15.10 -36.04
N GLU B 242 26.25 -16.34 -35.92
CA GLU B 242 26.58 -17.31 -36.96
C GLU B 242 25.49 -17.41 -38.02
N THR B 243 24.22 -17.45 -37.63
CA THR B 243 23.17 -17.60 -38.65
C THR B 243 22.94 -16.30 -39.41
N GLY B 244 23.22 -15.17 -38.79
CA GLY B 244 22.97 -13.89 -39.43
C GLY B 244 21.65 -13.32 -38.94
N ALA B 245 21.72 -12.36 -38.02
CA ALA B 245 20.52 -11.84 -37.40
C ALA B 245 20.87 -10.46 -36.81
N PHE B 246 19.99 -9.95 -35.96
CA PHE B 246 20.08 -8.60 -35.43
C PHE B 246 19.91 -8.65 -33.90
N PHE B 247 20.70 -9.50 -33.25
CA PHE B 247 20.63 -9.71 -31.81
C PHE B 247 20.44 -8.39 -31.08
N PHE B 248 19.34 -8.28 -30.34
CA PHE B 248 18.97 -7.06 -29.63
C PHE B 248 18.64 -7.45 -28.20
N LEU B 249 19.56 -7.18 -27.28
CA LEU B 249 19.41 -7.63 -25.90
C LEU B 249 18.51 -6.69 -25.12
N ILE B 250 17.63 -7.25 -24.31
CA ILE B 250 16.82 -6.51 -23.35
C ILE B 250 17.19 -7.01 -21.97
N ASN B 251 17.51 -6.09 -21.06
CA ASN B 251 18.00 -6.46 -19.75
C ASN B 251 16.89 -6.31 -18.73
N GLY B 252 16.94 -7.11 -17.67
CA GLY B 252 15.93 -7.07 -16.65
C GLY B 252 16.03 -5.87 -15.72
N PRO B 253 17.16 -5.77 -15.00
CA PRO B 253 17.34 -4.65 -14.08
C PRO B 253 17.25 -3.28 -14.74
N GLU B 254 17.61 -3.14 -16.01
CA GLU B 254 17.48 -1.83 -16.61
C GLU B 254 16.04 -1.50 -16.96
N ILE B 255 15.25 -2.48 -17.41
CA ILE B 255 13.84 -2.24 -17.69
C ILE B 255 13.10 -1.93 -16.39
N MET B 256 13.47 -2.61 -15.29
CA MET B 256 12.73 -2.44 -14.05
C MET B 256 12.86 -1.05 -13.46
N SER B 257 13.98 -0.37 -13.66
CA SER B 257 14.33 0.78 -12.86
C SER B 257 14.55 2.01 -13.72
N LYS B 258 13.64 2.28 -14.66
CA LYS B 258 13.76 3.50 -15.46
C LYS B 258 13.05 4.66 -14.78
N LEU B 259 11.72 4.61 -14.74
CA LEU B 259 10.93 5.56 -13.97
C LEU B 259 9.46 5.21 -13.98
N ALA B 260 8.82 5.17 -12.81
CA ALA B 260 7.37 5.14 -12.68
C ALA B 260 6.69 4.24 -13.70
N GLY B 261 6.06 4.84 -14.70
CA GLY B 261 5.34 4.10 -15.71
C GLY B 261 5.93 4.16 -17.10
N GLU B 262 6.99 4.93 -17.30
CA GLU B 262 7.54 5.07 -18.65
C GLU B 262 8.40 3.89 -19.04
N SER B 263 8.86 3.08 -18.07
CA SER B 263 9.62 1.88 -18.40
C SER B 263 8.84 0.99 -19.36
N GLU B 264 7.52 0.97 -19.19
CA GLU B 264 6.60 0.32 -20.13
C GLU B 264 7.04 0.56 -21.57
N SER B 265 7.10 1.84 -21.95
CA SER B 265 7.37 2.20 -23.34
C SER B 265 8.62 1.53 -23.86
N ASN B 266 9.64 1.36 -23.00
CA ASN B 266 10.89 0.77 -23.44
C ASN B 266 10.64 -0.57 -24.11
N LEU B 267 9.91 -1.47 -23.44
CA LEU B 267 9.64 -2.78 -24.03
C LEU B 267 9.07 -2.60 -25.42
N ARG B 268 8.05 -1.75 -25.55
CA ARG B 268 7.40 -1.57 -26.83
C ARG B 268 8.41 -1.19 -27.90
N LYS B 269 9.21 -0.15 -27.64
CA LYS B 269 10.10 0.31 -28.69
C LYS B 269 11.09 -0.76 -29.07
N ALA B 270 11.50 -1.59 -28.11
CA ALA B 270 12.40 -2.69 -28.43
C ALA B 270 11.82 -3.53 -29.55
N PHE B 271 10.61 -4.07 -29.34
CA PHE B 271 10.04 -4.93 -30.36
C PHE B 271 9.87 -4.18 -31.66
N GLU B 272 9.61 -2.86 -31.58
CA GLU B 272 9.41 -2.08 -32.78
C GLU B 272 10.62 -2.19 -33.69
N GLU B 273 11.83 -2.05 -33.14
CA GLU B 273 13.01 -2.16 -33.98
C GLU B 273 13.11 -3.55 -34.59
N ALA B 274 12.82 -4.59 -33.82
CA ALA B 274 12.88 -5.93 -34.37
C ALA B 274 11.84 -6.16 -35.47
N GLU B 275 10.87 -5.27 -35.60
CA GLU B 275 9.88 -5.39 -36.66
C GLU B 275 10.28 -4.67 -37.93
N LYS B 276 11.42 -3.97 -37.96
CA LYS B 276 11.86 -3.32 -39.19
C LYS B 276 13.34 -3.54 -39.46
N ASN B 277 13.95 -4.55 -38.87
CA ASN B 277 15.37 -4.83 -39.03
C ASN B 277 15.62 -6.29 -39.33
N ALA B 278 14.90 -6.85 -40.32
CA ALA B 278 15.24 -8.13 -40.91
C ALA B 278 14.99 -9.25 -39.90
N PRO B 279 15.24 -10.54 -40.24
CA PRO B 279 15.13 -11.58 -39.21
C PRO B 279 15.97 -11.28 -37.99
N ALA B 280 15.33 -10.98 -36.88
CA ALA B 280 16.00 -10.50 -35.69
C ALA B 280 15.82 -11.54 -34.58
N ILE B 281 16.59 -11.41 -33.51
CA ILE B 281 16.50 -12.29 -32.37
C ILE B 281 16.61 -11.45 -31.10
N ILE B 282 15.64 -11.58 -30.21
CA ILE B 282 15.54 -10.76 -29.01
C ILE B 282 15.87 -11.65 -27.82
N PHE B 283 16.63 -11.12 -26.88
CA PHE B 283 17.06 -11.90 -25.72
C PHE B 283 16.73 -11.13 -24.45
N ILE B 284 15.81 -11.67 -23.66
CA ILE B 284 15.37 -11.02 -22.42
C ILE B 284 16.11 -11.67 -21.26
N ASP B 285 17.17 -11.02 -20.79
CA ASP B 285 17.99 -11.58 -19.73
C ASP B 285 17.34 -11.40 -18.37
N GLU B 286 17.50 -12.40 -17.51
CA GLU B 286 16.97 -12.38 -16.15
C GLU B 286 15.45 -12.13 -16.15
N LEU B 287 14.74 -13.08 -16.75
CA LEU B 287 13.29 -12.94 -16.90
C LEU B 287 12.60 -12.98 -15.55
N ASP B 288 13.13 -13.77 -14.60
CA ASP B 288 12.46 -13.90 -13.31
C ASP B 288 12.51 -12.61 -12.50
N ALA B 289 13.30 -11.62 -12.93
CA ALA B 289 13.28 -10.33 -12.27
C ALA B 289 12.03 -9.53 -12.64
N ILE B 290 11.61 -9.56 -13.90
CA ILE B 290 10.51 -8.71 -14.37
C ILE B 290 9.20 -9.45 -14.54
N ALA B 291 9.20 -10.77 -14.50
CA ALA B 291 7.96 -11.56 -14.58
C ALA B 291 7.97 -12.61 -13.48
N PRO B 292 7.81 -12.20 -12.23
CA PRO B 292 7.81 -13.14 -11.11
C PRO B 292 6.43 -13.75 -10.92
N LYS B 293 6.33 -14.63 -9.92
CA LYS B 293 5.08 -15.30 -9.63
C LYS B 293 4.00 -14.31 -9.22
N ARG B 294 2.76 -14.63 -9.55
CA ARG B 294 1.65 -13.68 -9.35
C ARG B 294 1.48 -13.35 -7.86
N GLU B 295 1.60 -14.35 -6.99
CA GLU B 295 1.48 -14.07 -5.56
C GLU B 295 2.66 -13.26 -5.04
N LYS B 296 3.80 -13.29 -5.72
CA LYS B 296 4.95 -12.48 -5.32
C LYS B 296 4.83 -11.04 -5.80
N THR B 297 3.89 -10.74 -6.69
CA THR B 297 3.66 -9.38 -7.16
C THR B 297 2.73 -8.68 -6.19
N HIS B 298 3.27 -7.78 -5.38
CA HIS B 298 2.47 -7.07 -4.38
C HIS B 298 2.03 -5.70 -4.82
N GLY B 299 2.85 -4.96 -5.56
CA GLY B 299 2.51 -3.63 -6.01
C GLY B 299 1.52 -3.65 -7.15
N GLU B 300 1.61 -2.63 -8.00
CA GLU B 300 0.73 -2.54 -9.15
C GLU B 300 1.53 -2.40 -10.43
N VAL B 301 2.70 -1.75 -10.35
CA VAL B 301 3.47 -1.51 -11.56
C VAL B 301 4.04 -2.80 -12.13
N GLU B 302 4.40 -3.76 -11.27
CA GLU B 302 4.93 -5.01 -11.80
C GLU B 302 3.86 -5.81 -12.54
N ARG B 303 2.59 -5.72 -12.09
CA ARG B 303 1.51 -6.33 -12.87
C ARG B 303 1.37 -5.65 -14.22
N ARG B 304 1.54 -4.33 -14.26
CA ARG B 304 1.52 -3.62 -15.54
C ARG B 304 2.62 -4.13 -16.45
N ILE B 305 3.83 -4.30 -15.92
CA ILE B 305 4.95 -4.75 -16.74
C ILE B 305 4.68 -6.15 -17.30
N VAL B 306 4.21 -7.06 -16.44
CA VAL B 306 3.97 -8.42 -16.89
C VAL B 306 2.90 -8.45 -17.97
N SER B 307 1.80 -7.72 -17.76
CA SER B 307 0.72 -7.74 -18.74
C SER B 307 1.16 -7.10 -20.05
N GLN B 308 2.00 -6.07 -19.98
CA GLN B 308 2.54 -5.50 -21.21
C GLN B 308 3.39 -6.50 -21.97
N LEU B 309 4.23 -7.25 -21.26
CA LEU B 309 5.02 -8.26 -21.92
C LEU B 309 4.14 -9.31 -22.60
N LEU B 310 3.09 -9.75 -21.91
CA LEU B 310 2.20 -10.76 -22.49
C LEU B 310 1.51 -10.23 -23.73
N THR B 311 0.98 -9.00 -23.67
CA THR B 311 0.23 -8.48 -24.81
C THR B 311 1.15 -8.11 -25.96
N LEU B 312 2.44 -7.89 -25.69
CA LEU B 312 3.37 -7.66 -26.78
C LEU B 312 3.77 -8.97 -27.44
N MET B 313 3.91 -10.03 -26.65
CA MET B 313 4.35 -11.31 -27.23
C MET B 313 3.21 -11.97 -28.00
N ASP B 314 1.98 -11.86 -27.52
CA ASP B 314 0.87 -12.50 -28.21
C ASP B 314 0.57 -11.88 -29.56
N GLY B 315 1.08 -10.67 -29.83
CA GLY B 315 0.82 -10.00 -31.09
C GLY B 315 1.79 -10.30 -32.20
N LEU B 316 2.69 -11.27 -32.01
CA LEU B 316 3.68 -11.64 -33.02
C LEU B 316 3.04 -12.64 -33.98
N LYS B 317 2.28 -12.11 -34.94
CA LYS B 317 1.58 -12.94 -35.92
C LYS B 317 2.23 -12.70 -37.29
N GLN B 318 3.23 -13.51 -37.60
CA GLN B 318 3.95 -13.51 -38.88
C GLN B 318 4.72 -12.19 -39.00
N ARG B 319 4.49 -11.37 -40.03
CA ARG B 319 5.31 -10.21 -40.37
C ARG B 319 6.76 -10.70 -40.49
N ALA B 320 7.73 -10.02 -39.88
CA ALA B 320 9.10 -10.50 -39.91
C ALA B 320 9.25 -11.73 -39.03
N HIS B 321 10.40 -12.39 -39.14
CA HIS B 321 10.67 -13.58 -38.34
C HIS B 321 11.48 -13.16 -37.11
N VAL B 322 10.81 -13.04 -35.98
CA VAL B 322 11.42 -12.58 -34.74
C VAL B 322 11.35 -13.71 -33.73
N ILE B 323 12.48 -14.38 -33.52
CA ILE B 323 12.61 -15.39 -32.46
C ILE B 323 12.96 -14.66 -31.18
N VAL B 324 12.33 -15.04 -30.09
CA VAL B 324 12.60 -14.42 -28.79
C VAL B 324 12.92 -15.52 -27.78
N MET B 325 14.09 -15.43 -27.17
CA MET B 325 14.49 -16.33 -26.09
C MET B 325 14.64 -15.55 -24.82
N ALA B 326 14.42 -16.21 -23.69
CA ALA B 326 14.63 -15.61 -22.39
C ALA B 326 15.41 -16.58 -21.53
N ALA B 327 16.13 -16.06 -20.55
CA ALA B 327 16.96 -16.88 -19.69
C ALA B 327 16.51 -16.71 -18.25
N THR B 328 16.27 -17.82 -17.56
CA THR B 328 15.83 -17.78 -16.18
C THR B 328 16.59 -18.83 -15.37
N ASN B 329 16.69 -18.59 -14.07
CA ASN B 329 17.45 -19.47 -13.21
C ASN B 329 16.65 -20.72 -12.82
N ARG B 330 15.45 -20.52 -12.29
CA ARG B 330 14.63 -21.62 -11.80
C ARG B 330 13.25 -21.54 -12.45
N PRO B 331 12.84 -22.52 -13.25
CA PRO B 331 11.55 -22.42 -13.94
C PRO B 331 10.34 -22.38 -13.03
N ASN B 332 10.50 -22.65 -11.74
CA ASN B 332 9.38 -22.49 -10.81
C ASN B 332 8.95 -21.04 -10.68
N SER B 333 9.92 -20.12 -10.68
CA SER B 333 9.66 -18.73 -10.34
C SER B 333 9.01 -17.93 -11.47
N ILE B 334 9.02 -18.42 -12.69
CA ILE B 334 8.41 -17.71 -13.81
C ILE B 334 6.90 -17.74 -13.65
N ASP B 335 6.26 -16.62 -13.97
CA ASP B 335 4.80 -16.55 -13.93
C ASP B 335 4.22 -17.59 -14.89
N PRO B 336 3.34 -18.47 -14.43
CA PRO B 336 2.89 -19.59 -15.29
C PRO B 336 2.19 -19.14 -16.56
N ALA B 337 1.58 -17.95 -16.58
CA ALA B 337 0.86 -17.51 -17.76
C ALA B 337 1.76 -17.36 -18.97
N LEU B 338 3.07 -17.32 -18.79
CA LEU B 338 4.02 -17.24 -19.88
C LEU B 338 4.20 -18.56 -20.61
N ARG B 339 3.85 -19.68 -20.00
CA ARG B 339 4.14 -21.00 -20.58
C ARG B 339 2.95 -21.58 -21.33
N ARG B 340 2.11 -20.73 -21.90
CA ARG B 340 0.98 -21.16 -22.71
C ARG B 340 1.42 -21.46 -24.13
N PHE B 341 0.46 -21.53 -25.06
CA PHE B 341 0.75 -21.67 -26.47
C PHE B 341 0.74 -20.31 -27.13
N GLY B 342 1.67 -20.12 -28.08
CA GLY B 342 1.86 -18.83 -28.70
C GLY B 342 2.84 -17.98 -27.94
N ARG B 343 3.24 -18.46 -26.77
CA ARG B 343 4.22 -17.84 -25.89
C ARG B 343 5.37 -18.82 -25.69
N PHE B 344 6.23 -18.52 -24.72
CA PHE B 344 7.35 -19.42 -24.44
C PHE B 344 6.85 -20.82 -24.15
N ASP B 345 7.07 -21.73 -25.06
CA ASP B 345 6.63 -23.10 -24.92
C ASP B 345 7.78 -24.10 -24.96
N ARG B 346 8.75 -23.89 -25.85
CA ARG B 346 9.91 -24.77 -25.95
C ARG B 346 10.90 -24.39 -24.87
N GLU B 347 11.38 -25.37 -24.13
CA GLU B 347 12.22 -25.14 -22.97
C GLU B 347 13.46 -26.01 -23.02
N VAL B 348 14.62 -25.41 -22.78
CA VAL B 348 15.91 -26.08 -22.90
C VAL B 348 16.63 -25.97 -21.56
N ASP B 349 17.31 -27.04 -21.17
CA ASP B 349 18.04 -27.12 -19.93
C ASP B 349 19.54 -27.06 -20.18
N ILE B 350 20.21 -26.14 -19.50
CA ILE B 350 21.65 -25.93 -19.65
C ILE B 350 22.26 -26.24 -18.28
N GLY B 351 22.71 -27.49 -18.10
CA GLY B 351 23.25 -27.89 -16.82
C GLY B 351 24.73 -27.59 -16.68
N ILE B 352 25.22 -27.72 -15.44
CA ILE B 352 26.62 -27.46 -15.15
C ILE B 352 27.48 -28.55 -15.80
N PRO B 353 28.70 -28.26 -16.21
CA PRO B 353 29.51 -29.26 -16.91
C PRO B 353 30.04 -30.34 -15.99
N ASP B 354 30.33 -31.50 -16.59
CA ASP B 354 30.98 -32.61 -15.93
C ASP B 354 32.49 -32.52 -16.13
N ALA B 355 33.22 -33.62 -15.86
CA ALA B 355 34.67 -33.58 -15.94
C ALA B 355 35.16 -33.26 -17.35
N THR B 356 34.59 -33.92 -18.36
CA THR B 356 34.98 -33.62 -19.74
C THR B 356 34.59 -32.19 -20.12
N GLY B 357 33.44 -31.74 -19.66
CA GLY B 357 33.06 -30.35 -19.91
C GLY B 357 34.05 -29.36 -19.35
N ARG B 358 34.53 -29.60 -18.13
CA ARG B 358 35.48 -28.68 -17.53
C ARG B 358 36.83 -28.73 -18.24
N LEU B 359 37.25 -29.93 -18.67
CA LEU B 359 38.46 -30.01 -19.47
C LEU B 359 38.31 -29.21 -20.77
N GLU B 360 37.14 -29.28 -21.40
CA GLU B 360 36.93 -28.56 -22.65
C GLU B 360 36.93 -27.05 -22.43
N ILE B 361 36.30 -26.58 -21.36
CA ILE B 361 36.32 -25.15 -21.07
C ILE B 361 37.75 -24.69 -20.83
N LEU B 362 38.53 -25.47 -20.08
CA LEU B 362 39.92 -25.11 -19.84
C LEU B 362 40.68 -25.01 -21.15
N GLN B 363 40.47 -25.97 -22.06
CA GLN B 363 41.21 -25.92 -23.32
C GLN B 363 40.73 -24.78 -24.22
N ILE B 364 39.49 -24.34 -24.07
CA ILE B 364 39.02 -23.20 -24.86
C ILE B 364 39.65 -21.91 -24.35
N HIS B 365 39.65 -21.70 -23.04
CA HIS B 365 40.04 -20.40 -22.49
C HIS B 365 41.55 -20.19 -22.50
N THR B 366 42.34 -21.25 -22.40
CA THR B 366 43.79 -21.13 -22.40
C THR B 366 44.39 -21.15 -23.80
N LYS B 367 43.57 -20.98 -24.83
CA LYS B 367 44.06 -21.07 -26.20
C LYS B 367 45.06 -19.96 -26.53
N ASN B 368 44.79 -18.75 -26.04
CA ASN B 368 45.67 -17.63 -26.38
C ASN B 368 46.98 -17.69 -25.59
N MET B 369 46.92 -18.13 -24.35
CA MET B 369 48.10 -18.14 -23.49
C MET B 369 49.11 -19.17 -23.98
N LYS B 370 50.33 -19.06 -23.46
CA LYS B 370 51.47 -19.85 -23.91
C LYS B 370 51.93 -20.73 -22.75
N LEU B 371 51.30 -21.88 -22.60
CA LEU B 371 51.63 -22.78 -21.50
C LEU B 371 52.98 -23.43 -21.73
N ALA B 372 53.69 -23.69 -20.63
CA ALA B 372 54.95 -24.40 -20.68
C ALA B 372 54.69 -25.91 -20.58
N ASP B 373 55.75 -26.69 -20.75
CA ASP B 373 55.63 -28.16 -20.73
C ASP B 373 55.62 -28.71 -19.32
N ASP B 374 54.73 -28.21 -18.47
CA ASP B 374 54.51 -28.78 -17.15
C ASP B 374 53.04 -28.90 -16.78
N VAL B 375 52.16 -28.10 -17.37
CA VAL B 375 50.76 -28.07 -16.98
C VAL B 375 50.01 -29.19 -17.70
N ASP B 376 49.23 -29.96 -16.93
CA ASP B 376 48.42 -31.04 -17.46
C ASP B 376 46.97 -30.74 -17.07
N LEU B 377 46.24 -30.10 -18.00
CA LEU B 377 44.91 -29.58 -17.70
C LEU B 377 43.93 -30.65 -17.32
N GLU B 378 44.18 -31.92 -17.61
CA GLU B 378 43.30 -32.98 -17.16
C GLU B 378 43.26 -33.09 -15.64
N GLN B 379 44.40 -32.93 -14.97
CA GLN B 379 44.43 -32.96 -13.52
C GLN B 379 43.66 -31.80 -12.91
N VAL B 380 43.78 -30.60 -13.51
CA VAL B 380 42.99 -29.46 -13.09
C VAL B 380 41.52 -29.61 -13.47
N ALA B 381 41.21 -30.49 -14.41
CA ALA B 381 39.83 -30.70 -14.83
C ALA B 381 39.09 -31.69 -13.96
N ASN B 382 39.74 -32.77 -13.54
CA ASN B 382 39.08 -33.79 -12.73
C ASN B 382 39.00 -33.43 -11.26
N GLU B 383 39.65 -32.35 -10.84
CA GLU B 383 39.73 -31.98 -9.43
C GLU B 383 38.72 -30.91 -9.04
N THR B 384 38.23 -30.11 -9.99
CA THR B 384 37.50 -28.90 -9.68
C THR B 384 36.00 -29.08 -9.77
N HIS B 385 35.48 -30.21 -9.31
CA HIS B 385 34.03 -30.40 -9.30
C HIS B 385 33.36 -29.33 -8.46
N GLY B 386 32.22 -28.85 -8.93
CA GLY B 386 31.50 -27.76 -8.30
C GLY B 386 31.67 -26.41 -8.96
N HIS B 387 32.37 -26.32 -10.09
CA HIS B 387 32.60 -25.06 -10.79
C HIS B 387 31.72 -24.98 -12.02
N VAL B 388 31.67 -23.78 -12.60
CA VAL B 388 30.92 -23.47 -13.79
C VAL B 388 31.89 -22.85 -14.81
N GLY B 389 31.34 -22.31 -15.89
CA GLY B 389 32.21 -21.68 -16.88
C GLY B 389 32.94 -20.47 -16.34
N ALA B 390 32.23 -19.60 -15.62
CA ALA B 390 32.83 -18.35 -15.17
C ALA B 390 33.99 -18.60 -14.21
N ASP B 391 33.85 -19.58 -13.33
CA ASP B 391 34.93 -19.85 -12.37
C ASP B 391 36.18 -20.34 -13.08
N LEU B 392 36.03 -21.15 -14.12
CA LEU B 392 37.20 -21.61 -14.87
C LEU B 392 37.86 -20.46 -15.64
N ALA B 393 37.05 -19.55 -16.19
CA ALA B 393 37.62 -18.36 -16.81
C ALA B 393 38.42 -17.53 -15.81
N ALA B 394 37.85 -17.32 -14.62
CA ALA B 394 38.55 -16.55 -13.59
C ALA B 394 39.82 -17.26 -13.15
N LEU B 395 39.78 -18.59 -13.08
CA LEU B 395 40.95 -19.36 -12.69
C LEU B 395 42.09 -19.18 -13.69
N CYS B 396 41.78 -19.26 -14.98
CA CYS B 396 42.81 -19.03 -15.99
C CYS B 396 43.36 -17.60 -15.91
N SER B 397 42.49 -16.63 -15.71
CA SER B 397 42.93 -15.24 -15.60
C SER B 397 43.87 -15.06 -14.42
N GLU B 398 43.53 -15.63 -13.26
CA GLU B 398 44.38 -15.49 -12.08
C GLU B 398 45.71 -16.19 -12.27
N ALA B 399 45.72 -17.34 -12.96
CA ALA B 399 46.99 -18.01 -13.23
C ALA B 399 47.90 -17.15 -14.08
N ALA B 400 47.34 -16.54 -15.14
CA ALA B 400 48.16 -15.66 -15.98
C ALA B 400 48.67 -14.46 -15.18
N LEU B 401 47.81 -13.88 -14.34
CA LEU B 401 48.20 -12.72 -13.56
C LEU B 401 49.32 -13.05 -12.59
N GLN B 402 49.23 -14.19 -11.92
CA GLN B 402 50.30 -14.61 -11.03
C GLN B 402 51.59 -14.85 -11.78
N ALA B 403 51.51 -15.49 -12.96
CA ALA B 403 52.73 -15.78 -13.71
C ALA B 403 53.38 -14.51 -14.23
N ILE B 404 52.59 -13.45 -14.47
CA ILE B 404 53.22 -12.20 -14.91
C ILE B 404 53.69 -11.39 -13.71
N ARG B 405 53.06 -11.57 -12.54
CA ARG B 405 53.52 -10.89 -11.35
C ARG B 405 54.87 -11.44 -10.88
N LYS B 406 55.10 -12.74 -11.09
CA LYS B 406 56.39 -13.33 -10.72
C LYS B 406 57.55 -12.74 -11.53
N LYS B 407 57.32 -12.31 -12.76
CA LYS B 407 58.36 -11.75 -13.62
C LYS B 407 58.32 -10.23 -13.66
N MET B 408 57.83 -9.60 -12.60
CA MET B 408 57.60 -8.16 -12.62
C MET B 408 58.89 -7.38 -12.85
N ASP B 409 60.04 -7.97 -12.50
CA ASP B 409 61.30 -7.25 -12.61
C ASP B 409 61.62 -6.90 -14.07
N LEU B 410 61.39 -7.83 -14.98
CA LEU B 410 61.69 -7.59 -16.39
C LEU B 410 60.75 -6.56 -17.02
N ILE B 411 59.53 -6.43 -16.49
CA ILE B 411 58.56 -5.50 -17.05
C ILE B 411 58.28 -4.42 -16.01
N ASP B 412 59.30 -4.07 -15.22
CA ASP B 412 59.14 -3.03 -14.21
C ASP B 412 58.81 -1.69 -14.87
N LEU B 413 57.55 -1.25 -14.73
CA LEU B 413 57.09 0.03 -15.22
C LEU B 413 57.24 0.14 -16.73
N GLU B 414 58.49 0.15 -17.21
CA GLU B 414 58.82 0.23 -18.63
C GLU B 414 58.20 1.50 -19.18
N ASP B 415 57.20 1.43 -20.05
CA ASP B 415 56.48 2.60 -20.54
C ASP B 415 55.01 2.22 -20.66
N GLU B 416 54.25 3.05 -21.37
CA GLU B 416 52.84 2.74 -21.57
C GLU B 416 52.67 1.52 -22.46
N THR B 417 53.56 1.31 -23.42
CA THR B 417 53.49 0.20 -24.35
C THR B 417 54.50 -0.88 -23.95
N ILE B 418 54.11 -2.13 -24.11
CA ILE B 418 54.92 -3.28 -23.71
C ILE B 418 55.46 -3.97 -24.95
N ASP B 419 56.76 -4.27 -24.94
CA ASP B 419 57.38 -4.98 -26.05
C ASP B 419 56.76 -6.36 -26.21
N ALA B 420 56.71 -6.83 -27.46
CA ALA B 420 56.14 -8.14 -27.73
C ALA B 420 57.08 -9.26 -27.29
N GLU B 421 58.39 -9.01 -27.34
CA GLU B 421 59.35 -10.06 -27.00
C GLU B 421 59.24 -10.49 -25.55
N VAL B 422 59.09 -9.53 -24.63
CA VAL B 422 58.93 -9.89 -23.22
C VAL B 422 57.62 -10.61 -22.99
N MET B 423 56.62 -10.35 -23.83
CA MET B 423 55.38 -11.12 -23.77
C MET B 423 55.59 -12.56 -24.23
N ASN B 424 56.25 -12.74 -25.38
CA ASN B 424 56.48 -14.08 -25.89
C ASN B 424 57.54 -14.83 -25.09
N SER B 425 58.23 -14.18 -24.16
CA SER B 425 59.14 -14.87 -23.26
C SER B 425 58.42 -15.46 -22.05
N LEU B 426 57.12 -15.25 -21.91
CA LEU B 426 56.40 -15.71 -20.75
C LEU B 426 56.21 -17.23 -20.78
N ALA B 427 55.82 -17.76 -19.63
CA ALA B 427 55.43 -19.15 -19.49
C ALA B 427 54.55 -19.27 -18.26
N VAL B 428 53.71 -20.28 -18.24
CA VAL B 428 52.82 -20.55 -17.12
C VAL B 428 53.02 -21.99 -16.69
N THR B 429 53.18 -22.21 -15.39
CA THR B 429 53.50 -23.52 -14.85
C THR B 429 52.37 -24.02 -13.96
N MET B 430 52.56 -25.23 -13.43
CA MET B 430 51.52 -25.82 -12.59
C MET B 430 51.42 -25.13 -11.24
N ASP B 431 52.52 -24.52 -10.78
CA ASP B 431 52.50 -23.84 -9.49
C ASP B 431 51.50 -22.70 -9.49
N ASP B 432 51.47 -21.90 -10.56
CA ASP B 432 50.53 -20.80 -10.63
C ASP B 432 49.09 -21.30 -10.66
N PHE B 433 48.84 -22.41 -11.35
CA PHE B 433 47.49 -22.95 -11.39
C PHE B 433 47.04 -23.44 -10.02
N ARG B 434 47.95 -24.10 -9.28
CA ARG B 434 47.60 -24.51 -7.92
C ARG B 434 47.35 -23.30 -7.02
N TRP B 435 48.18 -22.26 -7.17
CA TRP B 435 47.99 -21.06 -6.38
C TRP B 435 46.66 -20.40 -6.69
N ALA B 436 46.27 -20.36 -7.96
CA ALA B 436 44.96 -19.81 -8.33
C ALA B 436 43.83 -20.67 -7.80
N LEU B 437 44.02 -21.99 -7.81
CA LEU B 437 42.99 -22.88 -7.26
C LEU B 437 42.80 -22.67 -5.76
N SER B 438 43.87 -22.31 -5.04
CA SER B 438 43.77 -22.22 -3.59
C SER B 438 42.72 -21.19 -3.16
N GLN B 439 42.83 -19.97 -3.67
CA GLN B 439 41.92 -18.89 -3.27
C GLN B 439 40.73 -18.75 -4.20
N SER B 440 40.00 -19.83 -4.43
CA SER B 440 38.84 -19.81 -5.30
C SER B 440 37.65 -20.42 -4.57
N ASN B 441 36.47 -19.82 -4.75
CA ASN B 441 35.24 -20.28 -4.13
C ASN B 441 34.30 -20.76 -5.23
N PRO B 442 34.15 -22.07 -5.40
CA PRO B 442 33.20 -22.59 -6.40
C PRO B 442 31.78 -22.19 -6.03
N SER B 443 30.97 -21.97 -7.07
CA SER B 443 29.63 -21.42 -6.88
C SER B 443 28.52 -22.45 -7.01
N ALA B 444 28.78 -23.65 -7.52
CA ALA B 444 27.71 -24.63 -7.67
C ALA B 444 27.45 -25.36 -6.36
N LEU B 445 28.44 -26.13 -5.90
CA LEU B 445 28.34 -26.90 -4.66
C LEU B 445 27.02 -27.64 -4.51
N ARG B 446 26.13 -27.08 -3.67
CA ARG B 446 24.87 -27.74 -3.33
C ARG B 446 23.93 -27.68 -4.53
N GLU B 447 24.18 -28.54 -5.50
CA GLU B 447 23.32 -28.66 -6.66
C GLU B 447 23.20 -30.13 -7.04
N THR B 448 22.04 -30.50 -7.59
CA THR B 448 21.81 -31.87 -8.02
C THR B 448 22.75 -32.20 -9.17
N VAL B 449 23.59 -33.22 -8.98
CA VAL B 449 24.56 -33.63 -9.98
C VAL B 449 23.96 -34.82 -10.73
N VAL B 450 23.72 -34.64 -12.02
CA VAL B 450 23.21 -35.71 -12.88
C VAL B 450 24.22 -35.91 -14.01
N GLU B 451 24.63 -37.16 -14.21
CA GLU B 451 25.54 -37.55 -15.28
C GLU B 451 25.68 -39.07 -15.22
N VAL B 452 26.33 -39.64 -16.24
CA VAL B 452 26.56 -41.07 -16.31
C VAL B 452 27.73 -41.41 -15.39
N PRO B 453 27.54 -42.23 -14.36
CA PRO B 453 28.66 -42.60 -13.49
C PRO B 453 29.60 -43.55 -14.20
N GLN B 454 30.76 -43.76 -13.57
CA GLN B 454 31.82 -44.58 -14.15
C GLN B 454 31.98 -45.95 -13.50
N VAL B 455 31.20 -46.26 -12.46
CA VAL B 455 31.30 -47.56 -11.81
C VAL B 455 30.77 -48.64 -12.74
N THR B 456 31.59 -49.66 -13.00
CA THR B 456 31.27 -50.72 -13.93
C THR B 456 30.82 -51.96 -13.17
N TRP B 457 30.37 -52.99 -13.91
CA TRP B 457 30.03 -54.26 -13.28
C TRP B 457 31.22 -54.82 -12.50
N GLU B 458 32.43 -54.60 -12.99
CA GLU B 458 33.61 -55.27 -12.44
C GLU B 458 34.03 -54.70 -11.08
N ASP B 459 33.68 -53.45 -10.79
CA ASP B 459 34.12 -52.84 -9.55
C ASP B 459 33.61 -53.60 -8.33
N ILE B 460 32.35 -54.01 -8.36
CA ILE B 460 31.79 -54.82 -7.28
C ILE B 460 32.07 -56.29 -7.57
N GLY B 461 32.16 -57.09 -6.52
CA GLY B 461 32.41 -58.51 -6.64
C GLY B 461 31.26 -59.32 -6.10
N GLY B 462 30.99 -60.45 -6.75
CA GLY B 462 29.91 -61.31 -6.31
C GLY B 462 28.56 -60.72 -6.59
N LEU B 463 27.53 -61.38 -6.05
CA LEU B 463 26.13 -60.97 -6.22
C LEU B 463 25.78 -60.82 -7.69
N GLU B 464 26.29 -61.75 -8.50
CA GLU B 464 26.14 -61.66 -9.95
C GLU B 464 24.81 -62.21 -10.46
N ASP B 465 24.08 -62.96 -9.63
CA ASP B 465 22.72 -63.34 -10.01
C ASP B 465 21.81 -62.12 -10.08
N VAL B 466 21.89 -61.26 -9.07
CA VAL B 466 21.15 -60.01 -9.10
C VAL B 466 21.62 -59.15 -10.26
N LYS B 467 22.93 -59.17 -10.54
CA LYS B 467 23.48 -58.50 -11.72
C LYS B 467 22.75 -58.92 -12.98
N ARG B 468 22.75 -60.23 -13.26
CA ARG B 468 22.12 -60.73 -14.47
C ARG B 468 20.64 -60.43 -14.52
N GLU B 469 19.92 -60.63 -13.41
CA GLU B 469 18.48 -60.39 -13.43
C GLU B 469 18.17 -58.92 -13.65
N LEU B 470 18.97 -58.03 -13.07
CA LEU B 470 18.79 -56.60 -13.31
C LEU B 470 18.97 -56.29 -14.79
N GLN B 471 19.99 -56.89 -15.42
CA GLN B 471 20.13 -56.71 -16.86
C GLN B 471 18.88 -57.19 -17.58
N GLU B 472 18.35 -58.36 -17.20
CA GLU B 472 17.15 -58.88 -17.86
C GLU B 472 15.98 -57.93 -17.71
N LEU B 473 15.84 -57.34 -16.53
CA LEU B 473 14.68 -56.49 -16.25
C LEU B 473 14.81 -55.12 -16.89
N VAL B 474 16.03 -54.68 -17.22
CA VAL B 474 16.26 -53.30 -17.63
C VAL B 474 16.53 -53.16 -19.13
N GLN B 475 17.35 -54.03 -19.73
CA GLN B 475 17.93 -53.63 -21.02
C GLN B 475 17.05 -54.02 -22.20
N TYR B 476 16.66 -55.30 -22.32
CA TYR B 476 15.82 -55.69 -23.45
C TYR B 476 14.50 -54.94 -23.54
N PRO B 477 13.80 -54.59 -22.46
CA PRO B 477 12.57 -53.81 -22.61
C PRO B 477 12.73 -52.47 -23.34
N VAL B 478 13.93 -52.04 -23.67
CA VAL B 478 14.11 -50.83 -24.46
C VAL B 478 14.95 -51.04 -25.71
N GLU B 479 15.72 -52.12 -25.82
CA GLU B 479 16.53 -52.35 -27.01
C GLU B 479 15.82 -53.21 -28.06
N HIS B 480 14.96 -54.12 -27.63
CA HIS B 480 14.21 -55.00 -28.54
C HIS B 480 12.74 -54.94 -28.16
N PRO B 481 12.03 -53.91 -28.60
CA PRO B 481 10.67 -53.66 -28.11
C PRO B 481 9.55 -54.29 -28.92
N ASP B 482 9.82 -54.85 -30.10
CA ASP B 482 8.73 -55.41 -30.91
C ASP B 482 8.10 -56.62 -30.23
N LYS B 483 8.92 -57.47 -29.59
CA LYS B 483 8.39 -58.65 -28.91
C LYS B 483 7.57 -58.28 -27.68
N PHE B 484 7.82 -57.11 -27.09
CA PHE B 484 6.96 -56.60 -26.03
C PHE B 484 5.71 -55.91 -26.58
N LEU B 485 5.81 -55.27 -27.74
CA LEU B 485 4.63 -54.73 -28.39
C LEU B 485 3.65 -55.85 -28.69
N LYS B 486 4.15 -56.99 -29.16
CA LYS B 486 3.35 -58.19 -29.28
C LYS B 486 3.42 -58.96 -27.96
N PHE B 487 2.78 -60.13 -27.92
CA PHE B 487 2.70 -60.99 -26.72
C PHE B 487 2.00 -60.17 -25.65
N GLY B 488 2.48 -60.17 -24.39
CA GLY B 488 1.69 -59.51 -23.36
C GLY B 488 2.34 -58.71 -22.23
N MET B 489 3.61 -58.35 -22.35
CA MET B 489 4.29 -57.53 -21.33
C MET B 489 4.01 -56.04 -21.49
N THR B 490 3.43 -55.46 -20.44
CA THR B 490 3.69 -54.08 -20.12
C THR B 490 4.94 -54.02 -19.23
N PRO B 491 5.97 -53.28 -19.63
CA PRO B 491 7.22 -53.30 -18.84
C PRO B 491 7.01 -52.75 -17.44
N SER B 492 7.77 -53.31 -16.50
CA SER B 492 7.65 -52.96 -15.08
C SER B 492 8.67 -51.88 -14.73
N LYS B 493 8.17 -50.74 -14.27
CA LYS B 493 9.01 -49.60 -13.89
C LYS B 493 9.04 -49.51 -12.36
N GLY B 494 9.97 -50.24 -11.76
CA GLY B 494 10.16 -50.19 -10.32
C GLY B 494 10.74 -51.47 -9.75
N VAL B 495 11.70 -51.33 -8.84
CA VAL B 495 12.40 -52.45 -8.22
C VAL B 495 12.81 -52.02 -6.82
N LEU B 496 12.52 -52.85 -5.83
CA LEU B 496 12.89 -52.54 -4.46
C LEU B 496 13.94 -53.53 -3.98
N PHE B 497 15.15 -53.06 -3.75
CA PHE B 497 16.21 -53.84 -3.14
C PHE B 497 16.01 -53.85 -1.63
N TYR B 498 16.21 -55.02 -1.01
CA TYR B 498 16.16 -55.13 0.44
C TYR B 498 17.21 -56.12 0.91
N GLY B 499 17.76 -55.87 2.08
CA GLY B 499 18.77 -56.72 2.65
C GLY B 499 19.47 -56.09 3.83
N PRO B 500 20.51 -56.76 4.34
CA PRO B 500 21.27 -56.19 5.44
C PRO B 500 21.95 -54.91 5.01
N PRO B 501 22.10 -53.94 5.92
CA PRO B 501 22.76 -52.69 5.57
C PRO B 501 24.24 -52.90 5.26
N GLY B 502 24.78 -52.02 4.43
CA GLY B 502 26.16 -52.13 4.03
C GLY B 502 26.45 -53.35 3.17
N CYS B 503 25.66 -53.55 2.13
CA CYS B 503 25.87 -54.66 1.21
C CYS B 503 26.05 -54.23 -0.24
N GLY B 504 25.86 -52.97 -0.57
CA GLY B 504 26.20 -52.45 -1.87
C GLY B 504 25.06 -52.23 -2.85
N LYS B 505 23.85 -51.95 -2.37
CA LYS B 505 22.74 -51.69 -3.29
C LYS B 505 23.00 -50.46 -4.15
N THR B 506 23.49 -49.39 -3.53
CA THR B 506 23.86 -48.20 -4.30
C THR B 506 24.91 -48.52 -5.35
N LEU B 507 25.83 -49.43 -5.03
CA LEU B 507 26.80 -49.86 -6.02
C LEU B 507 26.10 -50.52 -7.21
N LEU B 508 25.10 -51.37 -6.93
CA LEU B 508 24.36 -52.00 -8.02
C LEU B 508 23.65 -50.97 -8.88
N ALA B 509 23.00 -50.00 -8.25
CA ALA B 509 22.28 -48.99 -9.02
C ALA B 509 23.22 -48.15 -9.86
N LYS B 510 24.35 -47.73 -9.30
CA LYS B 510 25.33 -46.97 -10.08
C LYS B 510 25.85 -47.79 -11.24
N ALA B 511 26.15 -49.08 -10.99
CA ALA B 511 26.68 -49.92 -12.06
C ALA B 511 25.70 -50.09 -13.19
N ILE B 512 24.42 -50.32 -12.88
CA ILE B 512 23.46 -50.53 -13.95
C ILE B 512 23.22 -49.22 -14.70
N ALA B 513 23.16 -48.10 -13.98
CA ALA B 513 23.01 -46.82 -14.65
C ALA B 513 24.16 -46.55 -15.61
N ASN B 514 25.38 -46.90 -15.19
CA ASN B 514 26.52 -46.77 -16.09
C ASN B 514 26.41 -47.69 -17.29
N GLU B 515 25.99 -48.94 -17.07
CA GLU B 515 25.95 -49.91 -18.17
C GLU B 515 24.90 -49.54 -19.20
N CYS B 516 23.73 -49.10 -18.76
CA CYS B 516 22.68 -48.69 -19.69
C CYS B 516 22.93 -47.30 -20.26
N GLN B 517 23.90 -46.56 -19.71
CA GLN B 517 24.23 -45.19 -20.14
C GLN B 517 23.00 -44.28 -20.06
N ALA B 518 22.55 -44.08 -18.82
CA ALA B 518 21.47 -43.15 -18.51
C ALA B 518 21.87 -42.31 -17.31
N ASN B 519 21.31 -41.11 -17.24
CA ASN B 519 21.62 -40.21 -16.13
C ASN B 519 21.15 -40.79 -14.81
N PHE B 520 21.94 -40.60 -13.77
CA PHE B 520 21.67 -41.13 -12.45
C PHE B 520 21.32 -39.99 -11.51
N ILE B 521 20.10 -40.03 -10.95
CA ILE B 521 19.63 -39.02 -10.02
C ILE B 521 19.40 -39.70 -8.68
N SER B 522 20.14 -39.27 -7.67
CA SER B 522 20.10 -39.90 -6.35
C SER B 522 19.37 -38.99 -5.38
N ILE B 523 18.56 -39.57 -4.51
CA ILE B 523 17.85 -38.86 -3.46
C ILE B 523 18.22 -39.50 -2.12
N LYS B 524 18.81 -38.71 -1.23
CA LYS B 524 19.25 -39.21 0.06
C LYS B 524 18.19 -38.97 1.12
N GLY B 525 18.24 -39.78 2.17
CA GLY B 525 17.25 -39.73 3.23
C GLY B 525 17.15 -38.41 3.96
N PRO B 526 18.29 -37.82 4.37
CA PRO B 526 18.21 -36.52 5.05
C PRO B 526 17.53 -35.43 4.24
N GLU B 527 17.76 -35.36 2.92
CA GLU B 527 17.03 -34.38 2.12
C GLU B 527 15.53 -34.68 2.06
N LEU B 528 15.18 -35.97 1.97
CA LEU B 528 13.77 -36.33 1.88
C LEU B 528 13.08 -35.94 3.19
N LEU B 529 13.74 -36.15 4.32
CA LEU B 529 13.24 -35.64 5.58
C LEU B 529 13.21 -34.12 5.61
N THR B 530 14.17 -33.47 4.96
CA THR B 530 14.23 -32.02 4.96
C THR B 530 12.98 -31.41 4.34
N MET B 531 12.54 -31.94 3.21
CA MET B 531 11.27 -31.46 2.69
C MET B 531 10.08 -32.27 3.21
N TRP B 532 10.32 -33.22 4.11
CA TRP B 532 9.24 -33.99 4.71
C TRP B 532 8.43 -33.19 5.73
N PHE B 533 8.99 -32.10 6.26
CA PHE B 533 8.26 -31.24 7.19
C PHE B 533 8.24 -29.81 6.65
N GLY B 534 7.10 -29.15 6.81
CA GLY B 534 6.99 -27.73 6.49
C GLY B 534 6.97 -27.43 5.01
N GLU B 535 8.07 -27.73 4.33
CA GLU B 535 8.17 -27.42 2.91
C GLU B 535 7.14 -28.19 2.10
N SER B 536 6.65 -27.57 1.04
CA SER B 536 5.58 -28.15 0.24
C SER B 536 6.13 -29.28 -0.63
N GLU B 537 5.26 -29.81 -1.48
CA GLU B 537 5.59 -30.93 -2.36
C GLU B 537 6.04 -30.46 -3.73
N ALA B 538 6.16 -29.16 -3.94
CA ALA B 538 6.82 -28.66 -5.14
C ALA B 538 8.21 -29.24 -5.28
N ASN B 539 8.86 -29.57 -4.16
CA ASN B 539 10.15 -30.22 -4.22
C ASN B 539 10.06 -31.56 -4.95
N VAL B 540 9.11 -32.42 -4.55
CA VAL B 540 9.03 -33.74 -5.17
C VAL B 540 8.58 -33.63 -6.62
N ARG B 541 7.67 -32.69 -6.90
CA ARG B 541 7.25 -32.52 -8.28
C ARG B 541 8.39 -32.02 -9.15
N GLU B 542 9.23 -31.12 -8.61
CA GLU B 542 10.40 -30.65 -9.35
C GLU B 542 11.40 -31.78 -9.58
N ILE B 543 11.59 -32.63 -8.57
CA ILE B 543 12.49 -33.77 -8.73
C ILE B 543 12.00 -34.66 -9.87
N PHE B 544 10.71 -34.97 -9.88
CA PHE B 544 10.16 -35.82 -10.93
C PHE B 544 10.21 -35.15 -12.30
N ASP B 545 9.98 -33.85 -12.39
CA ASP B 545 10.08 -33.16 -13.67
C ASP B 545 11.51 -33.11 -14.20
N LYS B 546 12.49 -32.86 -13.33
CA LYS B 546 13.88 -32.94 -13.76
C LYS B 546 14.25 -34.36 -14.19
N ALA B 547 13.68 -35.37 -13.54
CA ALA B 547 13.89 -36.74 -13.99
C ALA B 547 13.30 -36.95 -15.38
N ARG B 548 12.10 -36.43 -15.62
CA ARG B 548 11.44 -36.61 -16.91
C ARG B 548 12.20 -35.93 -18.03
N GLN B 549 12.67 -34.70 -17.78
CA GLN B 549 13.30 -33.92 -18.84
C GLN B 549 14.58 -34.57 -19.33
N ALA B 550 15.33 -35.24 -18.44
CA ALA B 550 16.61 -35.84 -18.78
C ALA B 550 16.50 -37.31 -19.14
N ALA B 551 15.40 -37.72 -19.76
CA ALA B 551 15.20 -39.12 -20.09
C ALA B 551 16.28 -39.59 -21.07
N PRO B 552 16.74 -40.84 -20.97
CA PRO B 552 16.39 -41.86 -19.98
C PRO B 552 17.17 -41.68 -18.68
N CYS B 553 16.60 -42.00 -17.53
CA CYS B 553 17.28 -41.82 -16.26
C CYS B 553 16.88 -42.92 -15.30
N VAL B 554 17.78 -43.22 -14.37
CA VAL B 554 17.57 -44.26 -13.38
C VAL B 554 17.54 -43.58 -12.02
N LEU B 555 16.35 -43.13 -11.61
CA LEU B 555 16.22 -42.45 -10.33
C LEU B 555 16.46 -43.43 -9.20
N PHE B 556 16.95 -42.92 -8.08
CA PHE B 556 17.29 -43.75 -6.94
C PHE B 556 16.72 -43.15 -5.67
N PHE B 557 15.96 -43.96 -4.94
CA PHE B 557 15.44 -43.59 -3.63
C PHE B 557 16.21 -44.38 -2.58
N ASP B 558 16.76 -43.66 -1.60
CA ASP B 558 17.63 -44.27 -0.61
C ASP B 558 17.00 -44.14 0.78
N GLU B 559 16.98 -45.24 1.52
CA GLU B 559 16.52 -45.29 2.91
C GLU B 559 15.18 -44.57 3.09
N LEU B 560 14.26 -44.83 2.18
CA LEU B 560 12.95 -44.20 2.25
C LEU B 560 12.21 -44.55 3.53
N ASP B 561 12.29 -45.82 3.95
CA ASP B 561 11.56 -46.28 5.13
C ASP B 561 11.93 -45.50 6.39
N SER B 562 12.99 -44.69 6.34
CA SER B 562 13.32 -43.83 7.47
C SER B 562 12.13 -42.96 7.86
N ILE B 563 11.34 -42.52 6.87
CA ILE B 563 10.15 -41.72 7.19
C ILE B 563 9.18 -42.52 8.03
N ALA B 564 8.98 -43.80 7.69
CA ALA B 564 8.19 -44.67 8.55
C ALA B 564 8.87 -44.82 9.91
N LYS B 565 10.21 -44.92 9.91
CA LYS B 565 10.94 -44.90 11.16
C LYS B 565 10.76 -43.58 11.89
N ALA B 566 10.54 -42.49 11.13
CA ALA B 566 10.14 -41.24 11.77
C ALA B 566 8.77 -41.38 12.43
N ARG B 567 7.84 -42.03 11.72
CA ARG B 567 6.50 -42.24 12.29
C ARG B 567 6.54 -43.19 13.47
N GLY B 568 7.37 -44.23 13.40
CA GLY B 568 7.51 -45.16 14.50
C GLY B 568 8.31 -44.54 15.63
N GLY B 569 7.71 -44.46 16.81
CA GLY B 569 8.41 -43.87 17.95
C GLY B 569 7.47 -43.70 19.12
N ASN B 570 7.90 -42.86 20.07
CA ASN B 570 7.08 -42.61 21.26
C ASN B 570 5.74 -41.98 20.91
N ILE B 571 5.75 -41.03 19.98
CA ILE B 571 4.52 -40.36 19.55
C ILE B 571 4.33 -40.56 18.06
N GLY B 572 5.32 -40.16 17.27
CA GLY B 572 5.21 -40.22 15.83
C GLY B 572 4.13 -39.30 15.29
N ASP B 573 4.11 -38.06 15.78
CA ASP B 573 3.12 -37.08 15.36
C ASP B 573 3.24 -36.68 13.90
N GLY B 574 4.35 -37.03 13.25
CA GLY B 574 4.56 -36.73 11.85
C GLY B 574 3.94 -37.71 10.88
N GLY B 575 3.10 -38.62 11.36
CA GLY B 575 2.45 -39.55 10.44
C GLY B 575 1.65 -38.85 9.37
N GLY B 576 1.13 -37.66 9.68
CA GLY B 576 0.51 -36.86 8.65
C GLY B 576 1.48 -36.47 7.56
N ALA B 577 2.67 -36.02 7.93
CA ALA B 577 3.68 -35.68 6.93
C ALA B 577 4.12 -36.92 6.15
N ALA B 578 4.17 -38.06 6.83
CA ALA B 578 4.49 -39.31 6.14
C ALA B 578 3.45 -39.63 5.08
N ASP B 579 2.17 -39.48 5.42
CA ASP B 579 1.13 -39.71 4.41
C ASP B 579 1.22 -38.68 3.30
N ARG B 580 1.58 -37.44 3.63
CA ARG B 580 1.78 -36.43 2.59
C ARG B 580 2.81 -36.89 1.57
N VAL B 581 4.00 -37.27 2.06
CA VAL B 581 5.10 -37.58 1.14
C VAL B 581 4.83 -38.88 0.39
N ILE B 582 4.22 -39.87 1.05
CA ILE B 582 3.93 -41.12 0.37
C ILE B 582 2.86 -40.92 -0.69
N ASN B 583 1.83 -40.12 -0.38
CA ASN B 583 0.80 -39.82 -1.38
C ASN B 583 1.40 -39.08 -2.56
N GLN B 584 2.31 -38.13 -2.30
CA GLN B 584 2.95 -37.41 -3.40
C GLN B 584 3.74 -38.36 -4.29
N ILE B 585 4.53 -39.24 -3.68
CA ILE B 585 5.33 -40.18 -4.47
C ILE B 585 4.43 -41.07 -5.29
N LEU B 586 3.38 -41.63 -4.67
CA LEU B 586 2.49 -42.54 -5.39
C LEU B 586 1.77 -41.82 -6.53
N THR B 587 1.28 -40.60 -6.28
CA THR B 587 0.57 -39.87 -7.31
C THR B 587 1.48 -39.51 -8.48
N GLU B 588 2.70 -39.06 -8.20
CA GLU B 588 3.62 -38.69 -9.27
C GLU B 588 4.26 -39.87 -9.96
N MET B 589 4.24 -41.07 -9.37
CA MET B 589 4.84 -42.22 -10.01
C MET B 589 3.81 -43.17 -10.62
N ASP B 590 2.52 -42.94 -10.38
CA ASP B 590 1.47 -43.62 -11.14
C ASP B 590 0.71 -42.69 -12.07
N GLY B 591 0.76 -41.38 -11.84
CA GLY B 591 0.17 -40.43 -12.76
C GLY B 591 0.97 -40.19 -14.01
N MET B 592 2.19 -40.70 -14.07
CA MET B 592 3.02 -40.58 -15.25
C MET B 592 2.61 -41.61 -16.30
N SER B 593 2.97 -41.32 -17.55
CA SER B 593 2.72 -42.24 -18.66
C SER B 593 3.96 -43.11 -18.87
N THR B 594 3.95 -43.90 -19.95
CA THR B 594 5.04 -44.82 -20.22
C THR B 594 5.98 -44.35 -21.33
N LYS B 595 5.72 -43.19 -21.93
CA LYS B 595 6.59 -42.71 -22.99
C LYS B 595 8.00 -42.43 -22.48
N LYS B 596 8.11 -41.83 -21.30
CA LYS B 596 9.41 -41.61 -20.69
C LYS B 596 10.02 -42.95 -20.27
N ASN B 597 11.32 -43.09 -20.52
CA ASN B 597 12.04 -44.31 -20.14
C ASN B 597 12.71 -44.15 -18.78
N VAL B 598 11.91 -43.79 -17.77
CA VAL B 598 12.40 -43.50 -16.44
C VAL B 598 12.23 -44.74 -15.57
N PHE B 599 13.28 -45.11 -14.86
CA PHE B 599 13.28 -46.25 -13.96
C PHE B 599 13.35 -45.76 -12.51
N ILE B 600 12.67 -46.50 -11.62
CA ILE B 600 12.41 -45.96 -10.28
C ILE B 600 13.02 -46.86 -9.22
N ILE B 601 14.19 -47.42 -9.49
CA ILE B 601 14.90 -48.26 -8.52
C ILE B 601 14.89 -47.61 -7.14
N GLY B 602 14.51 -48.39 -6.12
CA GLY B 602 14.52 -47.95 -4.75
C GLY B 602 15.46 -48.82 -3.92
N ALA B 603 15.47 -48.55 -2.61
CA ALA B 603 16.33 -49.30 -1.71
C ALA B 603 15.86 -49.10 -0.28
N THR B 604 16.01 -50.14 0.52
CA THR B 604 15.68 -50.09 1.94
C THR B 604 16.35 -51.25 2.64
N ASN B 605 16.45 -51.15 3.97
CA ASN B 605 17.05 -52.18 4.80
C ASN B 605 16.09 -52.69 5.88
N ARG B 606 14.87 -52.18 5.94
CA ARG B 606 13.86 -52.61 6.90
C ARG B 606 12.58 -52.88 6.13
N PRO B 607 12.50 -54.02 5.43
CA PRO B 607 11.32 -54.27 4.57
C PRO B 607 10.02 -54.42 5.35
N ASP B 608 10.08 -54.66 6.65
CA ASP B 608 8.86 -54.84 7.43
C ASP B 608 8.09 -53.54 7.58
N ILE B 609 8.79 -52.45 7.92
CA ILE B 609 8.12 -51.22 8.34
C ILE B 609 7.44 -50.50 7.19
N ILE B 610 7.93 -50.65 5.95
CA ILE B 610 7.37 -49.92 4.82
C ILE B 610 5.94 -50.34 4.59
N ASP B 611 5.08 -49.36 4.32
CA ASP B 611 3.65 -49.63 4.19
C ASP B 611 3.37 -50.46 2.94
N PRO B 612 2.47 -51.44 3.03
CA PRO B 612 2.13 -52.25 1.84
C PRO B 612 1.53 -51.44 0.69
N ALA B 613 1.21 -50.16 0.89
CA ALA B 613 0.62 -49.37 -0.19
C ALA B 613 1.57 -49.28 -1.39
N ILE B 614 2.85 -49.00 -1.14
CA ILE B 614 3.81 -48.89 -2.23
C ILE B 614 4.16 -50.25 -2.83
N LEU B 615 3.82 -51.35 -2.14
CA LEU B 615 4.19 -52.69 -2.59
C LEU B 615 3.06 -53.39 -3.32
N ARG B 616 2.24 -52.65 -4.04
CA ARG B 616 1.07 -53.06 -4.80
C ARG B 616 1.38 -53.04 -6.30
N PRO B 617 0.79 -53.95 -7.08
CA PRO B 617 0.96 -53.88 -8.54
C PRO B 617 0.49 -52.54 -9.08
N GLY B 618 1.20 -52.07 -10.11
CA GLY B 618 1.06 -50.72 -10.60
C GLY B 618 2.14 -49.79 -10.08
N ARG B 619 2.91 -50.23 -9.09
CA ARG B 619 4.03 -49.49 -8.55
C ARG B 619 5.27 -50.39 -8.61
N LEU B 620 6.36 -50.08 -7.91
CA LEU B 620 7.48 -51.00 -7.80
C LEU B 620 7.00 -52.32 -7.22
N ASP B 621 7.36 -53.43 -7.87
CA ASP B 621 6.84 -54.74 -7.51
C ASP B 621 7.92 -55.68 -7.00
N GLN B 622 9.01 -55.88 -7.75
CA GLN B 622 9.95 -56.93 -7.42
C GLN B 622 10.79 -56.55 -6.19
N LEU B 623 10.64 -57.33 -5.13
CA LEU B 623 11.44 -57.19 -3.92
C LEU B 623 12.63 -58.13 -4.02
N ILE B 624 13.80 -57.55 -4.26
CA ILE B 624 14.99 -58.36 -4.53
C ILE B 624 15.88 -58.41 -3.29
N TYR B 625 16.22 -59.62 -2.87
CA TYR B 625 17.01 -59.84 -1.66
C TYR B 625 18.50 -59.77 -1.98
N ILE B 626 19.23 -58.98 -1.21
CA ILE B 626 20.68 -58.88 -1.36
C ILE B 626 21.34 -59.46 -0.12
N PRO B 627 21.83 -60.70 -0.16
CA PRO B 627 22.36 -61.33 1.04
C PRO B 627 23.82 -61.03 1.28
N LEU B 628 24.37 -61.57 2.36
CA LEU B 628 25.79 -61.38 2.66
C LEU B 628 26.65 -62.11 1.64
N PRO B 629 27.67 -61.47 1.08
CA PRO B 629 28.50 -62.14 0.07
C PRO B 629 29.36 -63.24 0.67
N ASP B 630 30.13 -63.94 -0.18
CA ASP B 630 31.00 -65.01 0.27
C ASP B 630 31.96 -65.35 -0.87
N GLU B 631 32.81 -66.35 -0.61
CA GLU B 631 33.75 -66.89 -1.60
C GLU B 631 34.77 -65.86 -2.06
N LYS B 632 35.56 -66.23 -3.07
CA LYS B 632 36.68 -65.42 -3.53
C LYS B 632 36.23 -64.05 -4.05
N SER B 633 34.92 -63.82 -4.06
CA SER B 633 34.41 -62.48 -4.32
C SER B 633 35.01 -61.48 -3.35
N ARG B 634 35.15 -61.88 -2.08
CA ARG B 634 35.81 -61.00 -1.12
C ARG B 634 37.27 -60.79 -1.49
N VAL B 635 37.92 -61.81 -2.06
CA VAL B 635 39.24 -61.62 -2.65
C VAL B 635 39.19 -60.50 -3.67
N ALA B 636 38.16 -60.50 -4.51
CA ALA B 636 37.99 -59.44 -5.50
C ALA B 636 37.94 -58.06 -4.86
N ILE B 637 37.38 -57.96 -3.65
CA ILE B 637 37.35 -56.66 -2.97
C ILE B 637 38.77 -56.20 -2.65
N LEU B 638 39.62 -57.13 -2.20
CA LEU B 638 41.03 -56.78 -2.06
C LEU B 638 41.65 -56.49 -3.43
N LYS B 639 41.18 -57.18 -4.47
CA LYS B 639 41.57 -56.81 -5.82
C LYS B 639 41.09 -55.41 -6.16
N ALA B 640 39.97 -54.98 -5.56
CA ALA B 640 39.57 -53.58 -5.67
C ALA B 640 40.62 -52.67 -5.06
N ASN B 641 41.20 -53.09 -3.93
CA ASN B 641 42.28 -52.33 -3.32
C ASN B 641 43.54 -52.36 -4.17
N LEU B 642 43.74 -53.43 -4.94
CA LEU B 642 44.95 -53.58 -5.74
C LEU B 642 45.08 -52.52 -6.83
N ARG B 643 43.98 -51.84 -7.17
CA ARG B 643 44.05 -50.76 -8.14
C ARG B 643 44.88 -49.58 -7.64
N LYS B 644 45.09 -49.47 -6.33
CA LYS B 644 45.83 -48.34 -5.79
C LYS B 644 47.34 -48.55 -5.92
N SER B 645 47.87 -49.55 -5.21
CA SER B 645 49.30 -49.87 -5.18
C SER B 645 49.69 -51.06 -4.30
N PRO B 646 48.89 -51.51 -3.32
CA PRO B 646 49.46 -52.36 -2.26
C PRO B 646 49.95 -53.69 -2.79
N VAL B 647 51.18 -54.04 -2.42
CA VAL B 647 51.75 -55.35 -2.71
C VAL B 647 52.53 -55.75 -1.45
N ALA B 648 52.01 -56.73 -0.72
CA ALA B 648 52.62 -57.18 0.52
C ALA B 648 53.44 -58.45 0.28
N LYS B 649 54.50 -58.28 -0.52
CA LYS B 649 55.38 -59.35 -0.97
C LYS B 649 54.63 -60.66 -1.19
N ASP B 650 55.09 -61.74 -0.56
CA ASP B 650 54.38 -63.01 -0.58
C ASP B 650 53.25 -62.92 0.46
N VAL B 651 52.19 -62.21 0.07
CA VAL B 651 51.09 -61.95 0.99
C VAL B 651 50.31 -63.24 1.29
N ASP B 652 50.26 -64.17 0.34
CA ASP B 652 49.44 -65.37 0.45
C ASP B 652 47.99 -65.01 0.72
N LEU B 653 47.39 -64.33 -0.27
CA LEU B 653 46.05 -63.77 -0.11
C LEU B 653 45.02 -64.85 0.20
N GLU B 654 45.24 -66.08 -0.26
CA GLU B 654 44.29 -67.16 0.04
C GLU B 654 44.24 -67.44 1.54
N PHE B 655 45.39 -67.37 2.21
CA PHE B 655 45.41 -67.54 3.66
C PHE B 655 44.56 -66.49 4.35
N LEU B 656 44.72 -65.22 3.94
CA LEU B 656 43.92 -64.15 4.53
C LEU B 656 42.44 -64.35 4.24
N ALA B 657 42.09 -64.74 3.01
CA ALA B 657 40.69 -64.92 2.65
C ALA B 657 40.05 -66.04 3.45
N LYS B 658 40.75 -67.18 3.59
CA LYS B 658 40.20 -68.30 4.35
C LYS B 658 40.18 -67.99 5.84
N MET B 659 41.05 -67.10 6.30
CA MET B 659 41.09 -66.72 7.70
C MET B 659 40.16 -65.56 8.02
N THR B 660 39.60 -64.90 6.99
CA THR B 660 38.69 -63.77 7.15
C THR B 660 37.29 -64.14 6.70
N ASN B 661 36.81 -65.30 7.12
CA ASN B 661 35.51 -65.79 6.70
C ASN B 661 34.40 -65.19 7.56
N GLY B 662 33.28 -64.87 6.91
CA GLY B 662 32.09 -64.40 7.62
C GLY B 662 32.03 -62.91 7.84
N PHE B 663 32.19 -62.13 6.77
CA PHE B 663 32.14 -60.67 6.84
C PHE B 663 31.29 -60.12 5.70
N SER B 664 30.90 -58.86 5.86
CA SER B 664 30.24 -58.10 4.81
C SER B 664 31.25 -57.20 4.09
N GLY B 665 30.81 -56.58 3.01
CA GLY B 665 31.71 -55.76 2.21
C GLY B 665 32.26 -54.57 2.98
N ALA B 666 31.40 -53.89 3.73
CA ALA B 666 31.84 -52.71 4.47
C ALA B 666 32.91 -53.06 5.49
N ASP B 667 32.73 -54.18 6.20
CA ASP B 667 33.74 -54.59 7.18
C ASP B 667 35.07 -54.91 6.53
N LEU B 668 35.05 -55.62 5.39
CA LEU B 668 36.29 -55.93 4.70
C LEU B 668 37.00 -54.67 4.23
N THR B 669 36.25 -53.74 3.64
CA THR B 669 36.85 -52.49 3.19
C THR B 669 37.41 -51.69 4.35
N GLU B 670 36.70 -51.67 5.48
CA GLU B 670 37.19 -50.97 6.66
C GLU B 670 38.47 -51.59 7.19
N ILE B 671 38.54 -52.93 7.19
CA ILE B 671 39.76 -53.62 7.64
C ILE B 671 40.93 -53.25 6.74
N CYS B 672 40.70 -53.26 5.42
CA CYS B 672 41.77 -52.89 4.49
C CYS B 672 42.21 -51.44 4.70
N GLN B 673 41.24 -50.54 4.93
CA GLN B 673 41.58 -49.14 5.17
C GLN B 673 42.44 -49.00 6.42
N ARG B 674 42.06 -49.72 7.49
CA ARG B 674 42.81 -49.65 8.74
C ARG B 674 44.23 -50.18 8.57
N ALA B 675 44.37 -51.30 7.84
CA ALA B 675 45.70 -51.85 7.62
C ALA B 675 46.57 -50.87 6.82
N CYS B 676 46.00 -50.27 5.78
CA CYS B 676 46.77 -49.30 5.00
C CYS B 676 47.10 -48.06 5.85
N LYS B 677 46.23 -47.73 6.81
CA LYS B 677 46.53 -46.61 7.71
C LYS B 677 47.70 -46.94 8.63
N LEU B 678 47.74 -48.16 9.15
CA LEU B 678 48.90 -48.57 9.94
C LEU B 678 50.16 -48.57 9.07
N ALA B 679 50.01 -48.88 7.78
CA ALA B 679 51.12 -48.71 6.84
C ALA B 679 51.54 -47.24 6.70
N ILE B 680 50.55 -46.33 6.64
CA ILE B 680 50.86 -44.91 6.68
C ILE B 680 51.79 -44.59 7.84
N ARG B 681 51.39 -45.04 9.03
CA ARG B 681 52.14 -44.69 10.23
C ARG B 681 53.53 -45.31 10.23
N GLU B 682 53.63 -46.58 9.78
CA GLU B 682 54.92 -47.24 9.77
C GLU B 682 55.88 -46.58 8.80
N SER B 683 55.39 -46.18 7.62
CA SER B 683 56.24 -45.43 6.69
C SER B 683 56.65 -44.09 7.28
N ILE B 684 55.74 -43.44 8.00
CA ILE B 684 56.10 -42.19 8.67
C ILE B 684 57.25 -42.40 9.64
N GLU B 685 57.16 -43.45 10.46
CA GLU B 685 58.23 -43.70 11.42
C GLU B 685 59.53 -44.09 10.73
N SER B 686 59.45 -44.84 9.63
CA SER B 686 60.68 -45.21 8.91
C SER B 686 61.38 -43.97 8.37
N GLU B 687 60.63 -43.07 7.73
CA GLU B 687 61.26 -41.85 7.22
C GLU B 687 61.72 -40.95 8.35
N ILE B 688 61.04 -40.98 9.50
CA ILE B 688 61.50 -40.20 10.65
C ILE B 688 62.85 -40.73 11.13
N ARG B 689 62.99 -42.05 11.21
CA ARG B 689 64.28 -42.63 11.58
C ARG B 689 65.36 -42.25 10.57
N ARG B 690 65.03 -42.31 9.28
CA ARG B 690 66.01 -41.97 8.25
C ARG B 690 66.46 -40.51 8.37
N GLU B 691 65.52 -39.59 8.59
CA GLU B 691 65.89 -38.18 8.68
C GLU B 691 66.59 -37.85 9.99
N ARG B 692 66.28 -38.58 11.08
CA ARG B 692 66.93 -38.31 12.35
C ARG B 692 68.29 -38.99 12.47
N GLU B 693 68.56 -39.99 11.62
CA GLU B 693 69.93 -40.47 11.47
C GLU B 693 70.72 -39.68 10.45
N ARG B 694 70.02 -39.01 9.52
CA ARG B 694 70.65 -38.07 8.61
C ARG B 694 71.15 -36.82 9.32
N GLN B 695 70.69 -36.55 10.54
CA GLN B 695 71.14 -35.38 11.27
C GLN B 695 72.66 -35.42 11.51
N THR B 696 73.20 -36.61 11.79
CA THR B 696 74.63 -36.80 11.92
C THR B 696 75.29 -37.33 10.65
N ASN B 697 74.53 -37.50 9.57
CA ASN B 697 75.08 -37.98 8.30
C ASN B 697 75.24 -36.78 7.37
N PRO B 698 76.47 -36.37 7.04
CA PRO B 698 76.64 -35.19 6.19
C PRO B 698 76.44 -35.49 4.72
N SER B 699 75.19 -35.77 4.33
CA SER B 699 74.83 -36.06 2.94
C SER B 699 75.70 -37.16 2.35
N ALA B 700 75.94 -38.22 3.13
CA ALA B 700 76.79 -39.33 2.69
C ALA B 700 75.92 -40.38 2.00
N MET B 701 75.43 -40.01 0.83
CA MET B 701 74.59 -40.89 0.00
C MET B 701 75.24 -41.01 -1.37
N GLU B 702 76.01 -42.08 -1.56
CA GLU B 702 76.60 -42.33 -2.88
C GLU B 702 75.53 -42.61 -3.92
N VAL B 703 74.51 -43.37 -3.54
CA VAL B 703 73.36 -43.66 -4.40
C VAL B 703 72.21 -42.75 -4.00
N GLU B 704 71.39 -42.38 -4.98
CA GLU B 704 70.28 -41.47 -4.75
C GLU B 704 69.08 -42.24 -4.25
N GLU B 705 68.78 -42.13 -2.97
CA GLU B 705 67.59 -42.75 -2.39
C GLU B 705 67.14 -41.92 -1.20
N ASP B 706 65.82 -41.72 -1.10
CA ASP B 706 65.23 -40.91 -0.04
C ASP B 706 64.28 -41.68 0.86
N ASP B 707 63.49 -42.57 0.30
CA ASP B 707 62.49 -43.35 1.03
C ASP B 707 62.67 -44.81 0.69
N PRO B 708 62.23 -45.71 1.57
CA PRO B 708 62.32 -47.15 1.25
C PRO B 708 61.43 -47.58 0.08
N VAL B 709 60.78 -46.63 -0.58
CA VAL B 709 59.97 -46.88 -1.78
C VAL B 709 58.89 -47.92 -1.51
N PRO B 710 57.75 -47.53 -0.86
CA PRO B 710 56.66 -48.46 -0.49
C PRO B 710 56.95 -49.95 -0.53
N GLU B 711 57.29 -50.51 0.63
CA GLU B 711 57.70 -51.90 0.76
C GLU B 711 56.73 -52.69 1.65
N ILE B 712 55.42 -52.49 1.46
CA ILE B 712 54.41 -53.05 2.35
C ILE B 712 54.67 -54.52 2.63
N ARG B 713 54.56 -54.89 3.90
CA ARG B 713 54.81 -56.24 4.38
C ARG B 713 53.49 -56.98 4.61
N ARG B 714 53.61 -58.29 4.87
CA ARG B 714 52.46 -59.14 5.11
C ARG B 714 52.18 -59.38 6.59
N ASP B 715 53.23 -59.63 7.38
CA ASP B 715 53.04 -59.80 8.83
C ASP B 715 52.43 -58.55 9.46
N HIS B 716 52.79 -57.37 8.94
CA HIS B 716 52.15 -56.15 9.41
C HIS B 716 50.65 -56.17 9.13
N PHE B 717 50.26 -56.63 7.94
CA PHE B 717 48.85 -56.74 7.62
C PHE B 717 48.15 -57.74 8.54
N GLU B 718 48.83 -58.86 8.85
CA GLU B 718 48.29 -59.82 9.81
C GLU B 718 48.03 -59.16 11.15
N GLU B 719 49.04 -58.43 11.67
CA GLU B 719 48.90 -57.80 12.97
C GLU B 719 47.79 -56.76 12.97
N ALA B 720 47.68 -55.98 11.89
CA ALA B 720 46.60 -55.01 11.79
C ALA B 720 45.24 -55.70 11.78
N MET B 721 45.14 -56.82 11.06
CA MET B 721 43.91 -57.59 11.02
C MET B 721 43.57 -58.18 12.38
N ARG B 722 44.57 -58.45 13.23
CA ARG B 722 44.29 -59.05 14.53
C ARG B 722 43.30 -58.22 15.33
N PHE B 723 43.45 -56.90 15.33
CA PHE B 723 42.55 -56.01 16.05
C PHE B 723 41.34 -55.72 15.16
N ALA B 724 40.42 -56.68 15.14
CA ALA B 724 39.20 -56.54 14.37
C ALA B 724 38.12 -57.42 14.98
N ARG B 725 36.86 -57.01 14.81
CA ARG B 725 35.73 -57.72 15.40
C ARG B 725 34.66 -57.95 14.36
N ARG B 726 33.84 -58.98 14.60
CA ARG B 726 32.77 -59.35 13.68
C ARG B 726 31.57 -58.43 13.89
N SER B 727 31.28 -57.61 12.89
CA SER B 727 30.09 -56.78 12.90
C SER B 727 28.86 -57.50 12.38
N VAL B 728 29.02 -58.71 11.84
CA VAL B 728 27.89 -59.49 11.36
C VAL B 728 26.99 -59.85 12.53
N SER B 729 25.72 -59.48 12.43
CA SER B 729 24.76 -59.68 13.51
C SER B 729 23.76 -60.75 13.10
N ASP B 730 23.62 -61.77 13.94
CA ASP B 730 22.75 -62.90 13.62
C ASP B 730 21.28 -62.49 13.59
N ASN B 731 20.87 -61.62 14.53
CA ASN B 731 19.46 -61.23 14.62
C ASN B 731 18.96 -60.67 13.30
N ASP B 732 19.71 -59.73 12.72
CA ASP B 732 19.30 -59.14 11.46
C ASP B 732 19.23 -60.19 10.35
N ILE B 733 20.22 -61.08 10.29
CA ILE B 733 20.28 -62.00 9.17
C ILE B 733 19.12 -62.99 9.22
N ARG B 734 18.75 -63.49 10.41
CA ARG B 734 17.65 -64.43 10.34
C ARG B 734 16.29 -63.72 10.35
N LYS B 735 16.23 -62.45 10.75
CA LYS B 735 15.04 -61.66 10.45
C LYS B 735 14.82 -61.55 8.95
N TYR B 736 15.89 -61.23 8.22
CA TYR B 736 15.78 -61.13 6.76
C TYR B 736 15.44 -62.49 6.17
N GLU B 737 16.01 -63.56 6.73
CA GLU B 737 15.72 -64.90 6.24
C GLU B 737 14.26 -65.27 6.43
N MET B 738 13.69 -64.98 7.60
CA MET B 738 12.29 -65.35 7.83
C MET B 738 11.36 -64.50 6.96
N PHE B 739 11.68 -63.21 6.79
CA PHE B 739 10.87 -62.39 5.90
C PHE B 739 10.96 -62.89 4.45
N ALA B 740 12.16 -63.29 4.02
CA ALA B 740 12.33 -63.80 2.67
C ALA B 740 11.55 -65.11 2.48
N GLN B 741 11.58 -65.99 3.48
CA GLN B 741 10.84 -67.24 3.37
C GLN B 741 9.34 -66.98 3.37
N THR B 742 8.88 -66.01 4.18
CA THR B 742 7.46 -65.64 4.16
C THR B 742 7.05 -65.11 2.80
N LEU B 743 7.88 -64.26 2.19
CA LEU B 743 7.60 -63.77 0.86
C LEU B 743 7.57 -64.90 -0.16
N GLN B 744 8.53 -65.82 -0.08
CA GLN B 744 8.61 -66.91 -1.05
C GLN B 744 7.41 -67.83 -0.94
N GLN B 745 6.99 -68.17 0.28
CA GLN B 745 5.86 -69.06 0.49
C GLN B 745 4.64 -68.29 0.97
N ASP C 3 10.26 10.85 -50.11
CA ASP C 3 8.80 10.84 -50.10
C ASP C 3 8.24 11.72 -51.20
N ILE C 4 8.80 12.91 -51.35
CA ILE C 4 8.27 13.88 -52.31
C ILE C 4 8.37 13.35 -53.73
N GLY C 5 9.55 12.87 -54.12
CA GLY C 5 9.78 12.42 -55.48
C GLY C 5 8.93 11.23 -55.89
N ASP C 6 9.01 10.14 -55.15
CA ASP C 6 8.24 8.95 -55.51
C ASP C 6 6.75 9.15 -55.27
N TRP C 7 6.36 10.03 -54.34
CA TRP C 7 4.95 10.33 -54.15
C TRP C 7 4.40 11.12 -55.34
N PHE C 8 5.17 12.09 -55.83
CA PHE C 8 4.76 12.83 -57.03
C PHE C 8 4.72 11.92 -58.24
N ARG C 9 5.69 11.01 -58.36
CA ARG C 9 5.66 10.04 -59.46
C ARG C 9 4.49 9.09 -59.35
N SER C 10 4.05 8.78 -58.12
CA SER C 10 2.93 7.87 -57.94
C SER C 10 1.64 8.45 -58.49
N ILE C 11 1.47 9.76 -58.44
CA ILE C 11 0.27 10.38 -59.00
C ILE C 11 0.26 10.15 -60.50
N PRO C 12 -0.90 9.90 -61.12
CA PRO C 12 -0.94 9.75 -62.58
C PRO C 12 -0.43 11.01 -63.28
N ALA C 13 0.19 10.80 -64.43
CA ALA C 13 0.95 11.87 -65.09
C ALA C 13 0.08 13.10 -65.36
N ILE C 14 -1.17 12.89 -65.78
CA ILE C 14 -2.05 14.02 -66.03
C ILE C 14 -2.40 14.74 -64.74
N THR C 15 -2.80 13.99 -63.72
CA THR C 15 -3.13 14.61 -62.44
C THR C 15 -1.89 15.18 -61.77
N ARG C 16 -0.73 14.53 -61.94
CA ARG C 16 0.49 15.07 -61.37
C ARG C 16 0.89 16.37 -62.07
N TYR C 17 0.65 16.49 -63.38
CA TYR C 17 0.90 17.74 -64.07
C TYR C 17 -0.05 18.83 -63.59
N TRP C 18 -1.32 18.47 -63.40
CA TRP C 18 -2.29 19.42 -62.84
C TRP C 18 -1.82 19.93 -61.48
N PHE C 19 -1.40 19.01 -60.61
CA PHE C 19 -0.90 19.36 -59.29
C PHE C 19 0.32 20.27 -59.40
N ALA C 20 1.26 19.91 -60.29
CA ALA C 20 2.49 20.69 -60.43
C ALA C 20 2.18 22.12 -60.85
N ALA C 21 1.30 22.29 -61.83
CA ALA C 21 0.95 23.65 -62.26
C ALA C 21 0.22 24.41 -61.15
N THR C 22 -0.75 23.76 -60.50
CA THR C 22 -1.56 24.43 -59.50
C THR C 22 -0.80 24.74 -58.22
N VAL C 23 0.37 24.13 -58.01
CA VAL C 23 1.21 24.53 -56.89
C VAL C 23 2.39 25.39 -57.32
N ALA C 24 2.79 25.36 -58.59
CA ALA C 24 3.87 26.23 -59.05
C ALA C 24 3.37 27.67 -59.24
N VAL C 25 2.14 27.84 -59.72
CA VAL C 25 1.63 29.20 -59.92
C VAL C 25 1.55 30.01 -58.63
N PRO C 26 0.95 29.51 -57.55
CA PRO C 26 0.85 30.35 -56.33
C PRO C 26 2.19 30.72 -55.74
N LEU C 27 3.20 29.85 -55.84
CA LEU C 27 4.52 30.18 -55.30
C LEU C 27 5.14 31.36 -56.05
N VAL C 28 5.08 31.33 -57.38
CA VAL C 28 5.60 32.45 -58.17
C VAL C 28 4.78 33.71 -57.91
N GLY C 29 3.47 33.55 -57.69
CA GLY C 29 2.64 34.70 -57.36
C GLY C 29 3.03 35.34 -56.05
N LYS C 30 3.28 34.54 -55.02
CA LYS C 30 3.58 35.10 -53.70
C LYS C 30 5.00 35.65 -53.64
N LEU C 31 5.96 34.97 -54.28
CA LEU C 31 7.33 35.49 -54.26
C LEU C 31 7.46 36.73 -55.13
N GLY C 32 6.75 36.79 -56.26
CA GLY C 32 6.70 37.99 -57.06
C GLY C 32 7.91 38.27 -57.92
N LEU C 33 8.25 37.35 -58.81
CA LEU C 33 9.29 37.59 -59.81
C LEU C 33 8.67 38.13 -61.11
N ILE C 34 7.75 37.38 -61.71
CA ILE C 34 6.99 37.90 -62.83
C ILE C 34 5.95 38.89 -62.33
N SER C 35 5.43 39.70 -63.24
CA SER C 35 4.47 40.73 -62.86
C SER C 35 3.15 40.09 -62.43
N PRO C 36 2.70 40.30 -61.20
CA PRO C 36 1.39 39.77 -60.81
C PRO C 36 0.25 40.36 -61.62
N ALA C 37 0.38 41.62 -62.04
CA ALA C 37 -0.66 42.26 -62.84
C ALA C 37 -0.66 41.78 -64.29
N TYR C 38 0.34 41.01 -64.70
CA TYR C 38 0.43 40.56 -66.09
C TYR C 38 -0.56 39.46 -66.43
N LEU C 39 -1.19 38.84 -65.44
CA LEU C 39 -2.11 37.73 -65.68
C LEU C 39 -3.50 38.14 -65.23
N PHE C 40 -4.25 38.78 -66.12
CA PHE C 40 -5.60 39.25 -65.81
C PHE C 40 -6.71 38.61 -66.63
N LEU C 41 -6.55 38.41 -67.95
CA LEU C 41 -7.65 37.98 -68.82
C LEU C 41 -8.78 39.01 -68.83
N TRP C 42 -8.46 40.21 -69.35
CA TRP C 42 -9.45 41.26 -69.48
C TRP C 42 -10.53 40.86 -70.48
N PRO C 43 -11.81 40.89 -70.08
CA PRO C 43 -12.87 40.50 -71.01
C PRO C 43 -13.12 41.51 -72.11
N GLU C 44 -13.13 42.81 -71.78
CA GLU C 44 -13.38 43.82 -72.79
C GLU C 44 -12.27 43.87 -73.83
N ALA C 45 -11.03 43.57 -73.43
CA ALA C 45 -9.94 43.48 -74.39
C ALA C 45 -10.19 42.36 -75.39
N PHE C 46 -10.68 41.22 -74.90
CA PHE C 46 -11.05 40.12 -75.79
C PHE C 46 -12.22 40.49 -76.70
N LEU C 47 -13.18 41.26 -76.18
CA LEU C 47 -14.29 41.71 -77.00
C LEU C 47 -13.83 42.68 -78.07
N TYR C 48 -12.78 43.45 -77.82
CA TYR C 48 -12.27 44.40 -78.80
C TYR C 48 -11.21 43.79 -79.71
N ARG C 49 -10.21 43.13 -79.14
CA ARG C 49 -9.12 42.54 -79.90
C ARG C 49 -8.95 41.07 -79.52
N PHE C 50 -8.21 40.35 -80.36
CA PHE C 50 -7.98 38.92 -80.10
C PHE C 50 -7.15 38.72 -78.84
N GLN C 51 -6.03 39.44 -78.71
CA GLN C 51 -5.15 39.37 -77.55
C GLN C 51 -4.74 37.93 -77.25
N ILE C 52 -3.95 37.39 -78.18
CA ILE C 52 -3.46 36.01 -78.10
C ILE C 52 -2.43 35.87 -76.98
N TRP C 53 -2.12 36.98 -76.30
CA TRP C 53 -1.17 36.93 -75.21
C TRP C 53 -1.67 36.08 -74.04
N ARG C 54 -2.95 36.19 -73.71
CA ARG C 54 -3.51 35.56 -72.52
C ARG C 54 -4.79 34.78 -72.84
N PRO C 55 -4.69 33.71 -73.64
CA PRO C 55 -5.88 32.88 -73.87
C PRO C 55 -6.13 31.89 -72.75
N ILE C 56 -5.06 31.38 -72.13
CA ILE C 56 -5.13 30.25 -71.22
C ILE C 56 -4.41 30.59 -69.93
N THR C 57 -3.59 31.65 -69.96
CA THR C 57 -2.65 31.92 -68.88
C THR C 57 -3.37 32.27 -67.59
N ALA C 58 -4.22 33.30 -67.62
CA ALA C 58 -4.87 33.77 -66.41
C ALA C 58 -5.87 32.76 -65.85
N THR C 59 -6.19 31.71 -66.60
CA THR C 59 -7.00 30.62 -66.09
C THR C 59 -6.25 29.76 -65.09
N PHE C 60 -4.94 29.97 -64.93
CA PHE C 60 -4.15 29.23 -63.97
C PHE C 60 -3.59 30.09 -62.84
N TYR C 61 -3.69 31.41 -62.93
CA TYR C 61 -3.08 32.31 -61.96
C TYR C 61 -4.05 32.62 -60.83
N PHE C 62 -3.61 32.40 -59.60
CA PHE C 62 -4.38 32.73 -58.41
C PHE C 62 -3.51 33.51 -57.44
N PRO C 63 -3.67 34.83 -57.36
CA PRO C 63 -2.90 35.61 -56.38
C PRO C 63 -3.41 35.39 -54.96
N VAL C 64 -2.98 34.29 -54.34
CA VAL C 64 -3.44 33.96 -53.00
C VAL C 64 -2.92 34.98 -51.99
N GLY C 65 -3.80 35.44 -51.12
CA GLY C 65 -3.44 36.36 -50.07
C GLY C 65 -4.05 35.95 -48.74
N PRO C 66 -3.60 36.57 -47.65
CA PRO C 66 -4.12 36.19 -46.33
C PRO C 66 -5.48 36.79 -46.04
N GLY C 67 -6.38 36.72 -47.02
CA GLY C 67 -7.77 37.08 -46.82
C GLY C 67 -8.69 36.09 -47.50
N THR C 68 -8.11 35.27 -48.38
CA THR C 68 -8.86 34.27 -49.12
C THR C 68 -8.09 32.96 -49.19
N GLY C 69 -6.94 32.86 -48.52
CA GLY C 69 -6.09 31.70 -48.66
C GLY C 69 -6.72 30.40 -48.15
N PHE C 70 -7.55 30.50 -47.10
CA PHE C 70 -8.12 29.29 -46.52
C PHE C 70 -9.02 28.56 -47.52
N LEU C 71 -9.75 29.31 -48.34
CA LEU C 71 -10.55 28.68 -49.39
C LEU C 71 -9.68 27.93 -50.38
N TYR C 72 -8.54 28.54 -50.76
CA TYR C 72 -7.62 27.87 -51.67
C TYR C 72 -7.07 26.60 -51.05
N LEU C 73 -6.69 26.65 -49.78
CA LEU C 73 -6.22 25.45 -49.10
C LEU C 73 -7.29 24.37 -49.10
N VAL C 74 -8.53 24.74 -48.77
CA VAL C 74 -9.57 23.74 -48.61
C VAL C 74 -9.94 23.12 -49.96
N ASN C 75 -9.98 23.93 -51.03
CA ASN C 75 -10.33 23.34 -52.32
C ASN C 75 -9.20 22.48 -52.86
N LEU C 76 -7.94 22.90 -52.69
CA LEU C 76 -6.84 21.97 -52.98
C LEU C 76 -6.96 20.70 -52.15
N TYR C 77 -7.50 20.82 -50.94
CA TYR C 77 -7.65 19.63 -50.11
C TYR C 77 -8.66 18.65 -50.70
N PHE C 78 -9.86 19.13 -51.07
CA PHE C 78 -10.79 18.19 -51.68
C PHE C 78 -10.25 17.66 -52.99
N LEU C 79 -9.57 18.51 -53.77
CA LEU C 79 -9.02 18.03 -55.04
C LEU C 79 -8.03 16.90 -54.81
N TYR C 80 -7.11 17.06 -53.85
CA TYR C 80 -6.11 16.03 -53.61
C TYR C 80 -6.76 14.77 -53.03
N GLN C 81 -7.77 14.93 -52.17
CA GLN C 81 -8.47 13.77 -51.62
C GLN C 81 -9.37 13.07 -52.63
N TYR C 82 -9.73 13.73 -53.73
CA TYR C 82 -10.85 13.25 -54.51
C TYR C 82 -10.52 12.94 -55.96
N SER C 83 -9.52 13.60 -56.53
CA SER C 83 -9.10 13.28 -57.88
C SER C 83 -8.61 11.85 -57.97
N THR C 84 -7.82 11.42 -56.97
CA THR C 84 -7.36 10.02 -56.96
C THR C 84 -8.55 9.08 -56.98
N ARG C 85 -9.56 9.35 -56.15
CA ARG C 85 -10.73 8.49 -56.09
C ARG C 85 -11.44 8.45 -57.44
N LEU C 86 -11.56 9.60 -58.11
CA LEU C 86 -12.37 9.63 -59.32
C LEU C 86 -11.63 9.03 -60.52
N GLU C 87 -10.30 9.16 -60.58
CA GLU C 87 -9.56 8.37 -61.57
C GLU C 87 -9.70 6.87 -61.28
N THR C 88 -9.57 6.47 -60.02
CA THR C 88 -9.80 5.05 -59.73
C THR C 88 -11.26 4.64 -59.92
N GLY C 89 -12.17 5.60 -60.07
CA GLY C 89 -13.55 5.25 -60.38
C GLY C 89 -13.84 5.20 -61.86
N ALA C 90 -13.78 4.00 -62.44
CA ALA C 90 -14.17 3.74 -63.83
C ALA C 90 -13.45 4.62 -64.84
N PHE C 91 -12.29 5.18 -64.47
CA PHE C 91 -11.56 6.08 -65.35
C PHE C 91 -10.16 5.61 -65.69
N ASP C 92 -9.72 4.47 -65.16
CA ASP C 92 -8.37 3.98 -65.46
C ASP C 92 -8.22 3.64 -66.93
N GLY C 93 -9.23 2.99 -67.51
CA GLY C 93 -9.16 2.56 -68.90
C GLY C 93 -9.59 3.58 -69.93
N ARG C 94 -10.08 4.75 -69.52
CA ARG C 94 -10.56 5.76 -70.46
C ARG C 94 -9.99 7.13 -70.07
N PRO C 95 -8.68 7.32 -70.25
CA PRO C 95 -8.11 8.65 -69.96
C PRO C 95 -8.40 9.68 -71.04
N ALA C 96 -8.60 9.24 -72.29
CA ALA C 96 -8.87 10.18 -73.37
C ALA C 96 -10.18 10.92 -73.15
N ASP C 97 -11.23 10.20 -72.73
CA ASP C 97 -12.51 10.85 -72.44
C ASP C 97 -12.38 11.83 -71.28
N TYR C 98 -11.56 11.48 -70.29
CA TYR C 98 -11.36 12.37 -69.14
C TYR C 98 -10.66 13.65 -69.56
N LEU C 99 -9.61 13.54 -70.37
CA LEU C 99 -9.01 14.73 -70.96
C LEU C 99 -10.04 15.51 -71.77
N PHE C 100 -10.90 14.80 -72.50
CA PHE C 100 -11.85 15.46 -73.38
C PHE C 100 -12.81 16.34 -72.59
N MET C 101 -13.43 15.81 -71.54
CA MET C 101 -14.42 16.66 -70.87
C MET C 101 -13.72 17.62 -69.92
N LEU C 102 -12.44 17.38 -69.61
CA LEU C 102 -11.66 18.45 -68.99
C LEU C 102 -11.60 19.67 -69.91
N LEU C 103 -11.18 19.48 -71.16
CA LEU C 103 -11.17 20.59 -72.10
C LEU C 103 -12.57 21.14 -72.35
N PHE C 104 -13.59 20.28 -72.38
CA PHE C 104 -14.94 20.76 -72.63
C PHE C 104 -15.42 21.65 -71.50
N ASN C 105 -15.18 21.23 -70.25
CA ASN C 105 -15.52 22.07 -69.11
C ASN C 105 -14.75 23.39 -69.15
N TRP C 106 -13.47 23.33 -69.51
CA TRP C 106 -12.68 24.55 -69.58
C TRP C 106 -13.23 25.51 -70.63
N ILE C 107 -13.60 25.01 -71.81
CA ILE C 107 -14.06 25.91 -72.85
C ILE C 107 -15.43 26.48 -72.50
N CYS C 108 -16.31 25.65 -71.93
CA CYS C 108 -17.62 26.14 -71.52
C CYS C 108 -17.48 27.22 -70.45
N ILE C 109 -16.67 26.96 -69.43
CA ILE C 109 -16.53 27.94 -68.35
C ILE C 109 -15.83 29.20 -68.85
N VAL C 110 -14.87 29.07 -69.77
CA VAL C 110 -14.15 30.26 -70.24
C VAL C 110 -15.04 31.13 -71.11
N ILE C 111 -15.91 30.52 -71.94
CA ILE C 111 -16.80 31.35 -72.73
C ILE C 111 -17.87 31.99 -71.84
N THR C 112 -18.38 31.25 -70.85
CA THR C 112 -19.36 31.86 -69.94
C THR C 112 -18.72 32.97 -69.11
N GLY C 113 -17.43 32.83 -68.79
CA GLY C 113 -16.75 33.88 -68.05
C GLY C 113 -16.39 35.08 -68.90
N LEU C 114 -16.12 34.85 -70.19
CA LEU C 114 -15.91 35.97 -71.10
C LEU C 114 -17.20 36.73 -71.35
N ALA C 115 -18.34 36.04 -71.27
CA ALA C 115 -19.62 36.74 -71.36
C ALA C 115 -19.81 37.69 -70.19
N MET C 116 -19.41 37.28 -68.98
CA MET C 116 -19.59 38.07 -67.77
C MET C 116 -18.28 38.83 -67.52
N ASP C 117 -18.23 39.66 -66.48
CA ASP C 117 -17.06 40.49 -66.19
C ASP C 117 -16.32 40.03 -64.93
N MET C 118 -16.55 38.80 -64.49
CA MET C 118 -15.81 38.24 -63.36
C MET C 118 -14.36 38.01 -63.79
N GLN C 119 -13.47 37.87 -62.81
CA GLN C 119 -12.04 37.90 -63.12
C GLN C 119 -11.34 36.57 -62.86
N LEU C 120 -11.41 36.06 -61.63
CA LEU C 120 -10.58 34.92 -61.22
C LEU C 120 -11.33 33.63 -61.51
N LEU C 121 -10.92 32.91 -62.55
CA LEU C 121 -11.55 31.64 -62.93
C LEU C 121 -10.69 30.49 -62.40
N MET C 122 -10.72 30.35 -61.07
CA MET C 122 -9.95 29.31 -60.40
C MET C 122 -10.86 28.24 -59.81
N ILE C 123 -11.78 28.65 -58.93
CA ILE C 123 -12.71 27.71 -58.32
C ILE C 123 -13.61 27.03 -59.35
N PRO C 124 -14.16 27.72 -60.36
CA PRO C 124 -15.11 27.05 -61.26
C PRO C 124 -14.64 25.71 -61.81
N LEU C 125 -13.38 25.59 -62.24
CA LEU C 125 -12.92 24.31 -62.77
C LEU C 125 -13.04 23.21 -61.73
N ILE C 126 -12.48 23.43 -60.54
CA ILE C 126 -12.40 22.37 -59.55
C ILE C 126 -13.78 22.04 -59.01
N MET C 127 -14.61 23.05 -58.76
CA MET C 127 -15.95 22.76 -58.26
C MET C 127 -16.79 22.06 -59.32
N SER C 128 -16.60 22.40 -60.59
CA SER C 128 -17.32 21.72 -61.67
C SER C 128 -16.92 20.25 -61.74
N VAL C 129 -15.62 19.96 -61.70
CA VAL C 129 -15.22 18.56 -61.81
C VAL C 129 -15.64 17.78 -60.57
N LEU C 130 -15.61 18.42 -59.39
CA LEU C 130 -16.07 17.74 -58.19
C LEU C 130 -17.56 17.43 -58.28
N TYR C 131 -18.36 18.37 -58.76
CA TYR C 131 -19.79 18.12 -58.90
C TYR C 131 -20.05 17.04 -59.95
N VAL C 132 -19.25 17.01 -61.01
CA VAL C 132 -19.37 15.95 -62.01
C VAL C 132 -19.06 14.61 -61.38
N TRP C 133 -18.02 14.55 -60.54
CA TRP C 133 -17.74 13.31 -59.82
C TRP C 133 -18.93 12.90 -58.98
N ALA C 134 -19.52 13.86 -58.27
CA ALA C 134 -20.65 13.56 -57.38
C ALA C 134 -21.80 12.96 -58.16
N GLN C 135 -22.23 13.63 -59.23
CA GLN C 135 -23.36 13.14 -60.01
C GLN C 135 -23.02 11.85 -60.75
N LEU C 136 -21.73 11.60 -60.99
CA LEU C 136 -21.33 10.39 -61.70
C LEU C 136 -20.84 9.27 -60.78
N ASN C 137 -20.65 9.54 -59.50
CA ASN C 137 -20.18 8.53 -58.54
C ASN C 137 -21.06 8.61 -57.29
N ARG C 138 -22.37 8.62 -57.50
CA ARG C 138 -23.33 8.72 -56.42
C ARG C 138 -23.42 7.42 -55.63
N ASP C 139 -24.34 7.39 -54.66
CA ASP C 139 -24.78 6.16 -54.00
C ASP C 139 -23.70 5.55 -53.11
N MET C 140 -23.16 6.34 -52.17
CA MET C 140 -22.43 5.81 -51.03
C MET C 140 -22.49 6.80 -49.87
N ILE C 141 -22.32 6.28 -48.66
CA ILE C 141 -22.41 7.06 -47.43
C ILE C 141 -21.01 7.52 -47.03
N VAL C 142 -20.88 8.81 -46.72
CA VAL C 142 -19.63 9.40 -46.26
C VAL C 142 -19.92 10.17 -44.97
N SER C 143 -19.08 9.98 -43.96
CA SER C 143 -19.24 10.67 -42.68
C SER C 143 -17.85 10.90 -42.10
N PHE C 144 -17.31 12.10 -42.31
CA PHE C 144 -16.00 12.44 -41.80
C PHE C 144 -16.07 12.77 -40.31
N TRP C 145 -14.89 12.91 -39.70
CA TRP C 145 -14.80 12.97 -38.24
C TRP C 145 -15.52 14.20 -37.68
N PHE C 146 -15.36 15.35 -38.33
CA PHE C 146 -15.94 16.59 -37.83
C PHE C 146 -17.28 16.92 -38.48
N GLY C 147 -17.95 15.95 -39.09
CA GLY C 147 -19.21 16.16 -39.75
C GLY C 147 -20.34 15.37 -39.10
N THR C 148 -21.50 15.47 -39.73
CA THR C 148 -22.71 14.81 -39.27
C THR C 148 -22.90 13.48 -40.02
N ARG C 149 -24.07 12.86 -39.82
CA ARG C 149 -24.40 11.57 -40.40
C ARG C 149 -25.36 11.71 -41.58
N PHE C 150 -25.16 12.73 -42.41
CA PHE C 150 -26.08 13.00 -43.51
C PHE C 150 -26.15 11.83 -44.47
N LYS C 151 -27.35 11.62 -45.03
CA LYS C 151 -27.59 10.48 -45.91
C LYS C 151 -26.83 10.65 -47.22
N ALA C 152 -26.67 9.53 -47.93
CA ALA C 152 -25.93 9.50 -49.19
C ALA C 152 -26.60 10.36 -50.25
N CYS C 153 -25.95 10.48 -51.41
CA CYS C 153 -26.41 11.25 -52.57
C CYS C 153 -26.87 12.66 -52.19
N TYR C 154 -26.34 13.21 -51.09
CA TYR C 154 -26.59 14.58 -50.68
C TYR C 154 -25.37 15.46 -50.84
N LEU C 155 -24.25 14.88 -51.26
CA LEU C 155 -22.98 15.60 -51.29
C LEU C 155 -22.97 16.80 -52.24
N PRO C 156 -23.47 16.70 -53.49
CA PRO C 156 -23.35 17.87 -54.39
C PRO C 156 -24.07 19.10 -53.87
N TRP C 157 -25.32 18.98 -53.45
CA TRP C 157 -26.06 20.15 -52.96
C TRP C 157 -25.43 20.72 -51.71
N VAL C 158 -25.00 19.86 -50.78
CA VAL C 158 -24.45 20.35 -49.53
C VAL C 158 -23.10 21.03 -49.76
N ILE C 159 -22.28 20.49 -50.67
CA ILE C 159 -21.00 21.12 -50.97
C ILE C 159 -21.24 22.42 -51.73
N LEU C 160 -22.29 22.49 -52.55
CA LEU C 160 -22.67 23.76 -53.16
C LEU C 160 -23.02 24.79 -52.10
N GLY C 161 -23.78 24.37 -51.08
CA GLY C 161 -24.07 25.28 -49.97
C GLY C 161 -22.81 25.75 -49.27
N PHE C 162 -21.89 24.82 -49.00
CA PHE C 162 -20.66 25.18 -48.30
C PHE C 162 -19.83 26.17 -49.11
N ASN C 163 -19.58 25.88 -50.38
CA ASN C 163 -18.72 26.76 -51.16
C ASN C 163 -19.46 28.00 -51.66
N TYR C 164 -20.77 28.07 -51.49
CA TYR C 164 -21.53 29.27 -51.80
C TYR C 164 -21.54 30.24 -50.62
N ILE C 165 -21.91 29.75 -49.43
CA ILE C 165 -22.08 30.64 -48.29
C ILE C 165 -20.77 31.26 -47.83
N ILE C 166 -19.64 30.60 -48.08
CA ILE C 166 -18.34 31.14 -47.72
C ILE C 166 -17.81 31.89 -48.93
N GLY C 167 -17.81 33.22 -48.86
CA GLY C 167 -17.38 34.05 -49.97
C GLY C 167 -18.53 34.72 -50.69
N GLY C 168 -18.87 34.21 -51.87
CA GLY C 168 -19.95 34.78 -52.64
C GLY C 168 -19.78 34.57 -54.13
N SER C 169 -20.11 35.59 -54.93
CA SER C 169 -19.98 35.54 -56.38
C SER C 169 -20.73 34.33 -56.96
N VAL C 170 -22.05 34.36 -56.77
CA VAL C 170 -22.91 33.22 -57.11
C VAL C 170 -22.80 32.84 -58.58
N ILE C 171 -22.26 33.73 -59.41
CA ILE C 171 -22.21 33.48 -60.85
C ILE C 171 -21.38 32.24 -61.15
N ASN C 172 -20.18 32.15 -60.60
CA ASN C 172 -19.30 31.04 -60.94
C ASN C 172 -19.86 29.71 -60.46
N GLU C 173 -20.37 29.66 -59.23
CA GLU C 173 -20.95 28.42 -58.72
C GLU C 173 -22.16 28.00 -59.55
N LEU C 174 -23.05 28.95 -59.86
CA LEU C 174 -24.26 28.62 -60.60
C LEU C 174 -23.91 28.12 -62.00
N ILE C 175 -22.98 28.79 -62.68
CA ILE C 175 -22.63 28.38 -64.04
C ILE C 175 -21.91 27.04 -64.03
N GLY C 176 -21.03 26.81 -63.05
CA GLY C 176 -20.35 25.53 -62.97
C GLY C 176 -21.31 24.38 -62.72
N ASN C 177 -22.24 24.57 -61.78
CA ASN C 177 -23.22 23.51 -61.52
C ASN C 177 -24.12 23.28 -62.74
N LEU C 178 -24.54 24.35 -63.41
CA LEU C 178 -25.39 24.20 -64.58
C LEU C 178 -24.65 23.47 -65.70
N VAL C 179 -23.39 23.82 -65.95
CA VAL C 179 -22.66 23.17 -67.04
C VAL C 179 -22.37 21.72 -66.69
N GLY C 180 -22.09 21.43 -65.41
CA GLY C 180 -21.93 20.05 -65.00
C GLY C 180 -23.19 19.23 -65.21
N HIS C 181 -24.34 19.79 -64.83
CA HIS C 181 -25.61 19.09 -65.02
C HIS C 181 -25.91 18.87 -66.49
N LEU C 182 -25.68 19.89 -67.33
CA LEU C 182 -26.01 19.73 -68.74
C LEU C 182 -25.07 18.75 -69.42
N TYR C 183 -23.79 18.75 -69.06
CA TYR C 183 -22.87 17.76 -69.62
C TYR C 183 -23.23 16.35 -69.15
N PHE C 184 -23.63 16.21 -67.88
CA PHE C 184 -24.05 14.92 -67.38
C PHE C 184 -25.26 14.41 -68.15
N PHE C 185 -26.21 15.30 -68.44
CA PHE C 185 -27.37 14.91 -69.24
C PHE C 185 -26.97 14.58 -70.66
N LEU C 186 -25.97 15.29 -71.20
CA LEU C 186 -25.62 15.13 -72.61
C LEU C 186 -24.86 13.85 -72.87
N MET C 187 -23.76 13.63 -72.13
CA MET C 187 -22.93 12.46 -72.42
C MET C 187 -23.53 11.18 -71.86
N PHE C 188 -24.23 11.26 -70.74
CA PHE C 188 -24.74 10.06 -70.08
C PHE C 188 -26.23 9.84 -70.34
N ARG C 189 -27.04 10.89 -70.26
CA ARG C 189 -28.49 10.72 -70.30
C ARG C 189 -29.09 10.98 -71.68
N TYR C 190 -28.50 11.87 -72.47
CA TYR C 190 -29.07 12.16 -73.79
C TYR C 190 -29.08 10.96 -74.73
N PRO C 191 -28.00 10.17 -74.86
CA PRO C 191 -28.04 9.07 -75.85
C PRO C 191 -29.17 8.08 -75.63
N MET C 192 -29.51 7.74 -74.40
CA MET C 192 -30.58 6.78 -74.16
C MET C 192 -31.86 7.42 -73.64
N ASP C 193 -31.94 8.75 -73.60
CA ASP C 193 -33.21 9.40 -73.30
C ASP C 193 -34.10 9.47 -74.55
N LEU C 194 -33.62 10.15 -75.59
CA LEU C 194 -34.33 10.27 -76.86
C LEU C 194 -33.50 9.86 -78.06
N GLY C 195 -32.22 10.20 -78.07
CA GLY C 195 -31.35 9.95 -79.20
C GLY C 195 -30.20 10.93 -79.18
N GLY C 196 -29.69 11.25 -80.36
CA GLY C 196 -28.59 12.18 -80.46
C GLY C 196 -27.34 11.65 -79.79
N ARG C 197 -26.73 10.62 -80.39
CA ARG C 197 -25.65 9.90 -79.75
C ARG C 197 -24.37 10.76 -79.75
N ASN C 198 -23.24 10.14 -79.44
CA ASN C 198 -22.00 10.85 -79.12
C ASN C 198 -21.47 11.50 -80.39
N PHE C 199 -22.00 12.68 -80.68
CA PHE C 199 -21.48 13.51 -81.78
C PHE C 199 -20.42 14.48 -81.29
N LEU C 200 -19.50 13.99 -80.45
CA LEU C 200 -18.31 14.74 -80.11
C LEU C 200 -17.11 13.82 -79.90
N SER C 201 -17.05 12.69 -80.60
CA SER C 201 -16.06 11.66 -80.33
C SER C 201 -14.64 12.22 -80.42
N THR C 202 -13.82 11.85 -79.45
CA THR C 202 -12.44 12.31 -79.42
C THR C 202 -11.69 11.79 -80.64
N PRO C 203 -10.87 12.61 -81.29
CA PRO C 203 -10.17 12.14 -82.50
C PRO C 203 -9.21 11.01 -82.18
N GLN C 204 -8.96 10.18 -83.20
CA GLN C 204 -8.00 9.10 -83.06
C GLN C 204 -6.60 9.62 -82.73
N PHE C 205 -6.33 10.89 -83.03
CA PHE C 205 -5.04 11.50 -82.70
C PHE C 205 -4.80 11.49 -81.20
N LEU C 206 -5.84 11.74 -80.41
CA LEU C 206 -5.69 11.68 -78.95
C LEU C 206 -5.33 10.27 -78.49
N TYR C 207 -5.99 9.26 -79.07
CA TYR C 207 -5.65 7.88 -78.72
C TYR C 207 -4.21 7.55 -79.13
N ARG C 208 -3.77 8.05 -80.28
CA ARG C 208 -2.40 7.85 -80.70
C ARG C 208 -1.43 8.51 -79.72
N TRP C 209 -1.78 9.70 -79.22
CA TRP C 209 -0.97 10.36 -78.22
C TRP C 209 -0.88 9.54 -76.94
N LEU C 210 -2.03 9.13 -76.41
CA LEU C 210 -2.09 8.33 -75.20
C LEU C 210 -3.07 7.18 -75.42
N PRO C 211 -2.62 5.93 -75.36
CA PRO C 211 -3.51 4.81 -75.63
C PRO C 211 -4.42 4.51 -74.44
N SER C 212 -5.41 3.66 -74.70
CA SER C 212 -6.36 3.22 -73.69
C SER C 212 -6.03 1.79 -73.26
N ARG C 213 -6.37 1.48 -72.00
CA ARG C 213 -6.08 0.17 -71.44
C ARG C 213 -7.03 -0.88 -71.99
N ARG C 214 -6.48 -2.01 -72.39
CA ARG C 214 -7.25 -3.13 -72.91
C ARG C 214 -6.75 -4.42 -72.27
N HIS C 215 -7.66 -5.35 -72.05
CA HIS C 215 -7.31 -6.62 -71.43
C HIS C 215 -6.38 -7.42 -72.32
N ASN C 216 -5.23 -7.82 -71.79
CA ASN C 216 -4.20 -8.52 -72.56
C ASN C 216 -4.35 -10.02 -72.36
N TRP C 217 -4.82 -10.71 -73.40
CA TRP C 217 -4.89 -12.16 -73.34
C TRP C 217 -3.51 -12.79 -73.24
N GLY C 218 -2.55 -12.28 -74.00
CA GLY C 218 -1.23 -12.91 -74.02
C GLY C 218 -1.28 -14.29 -74.65
N GLN C 219 -0.40 -15.16 -74.19
CA GLN C 219 -0.39 -16.53 -74.67
C GLN C 219 -1.55 -17.31 -74.05
N GLY C 220 -1.93 -18.41 -74.71
CA GLY C 220 -3.00 -19.25 -74.24
C GLY C 220 -2.59 -20.70 -74.21
N PHE C 221 -3.27 -21.47 -73.37
CA PHE C 221 -3.00 -22.88 -73.19
C PHE C 221 -4.15 -23.70 -73.76
N ARG C 222 -4.07 -25.01 -73.58
CA ARG C 222 -5.04 -25.94 -74.14
C ARG C 222 -5.37 -26.98 -73.08
N LEU C 223 -6.59 -27.52 -73.15
CA LEU C 223 -6.99 -28.55 -72.20
C LEU C 223 -6.62 -29.94 -72.69
N GLY C 224 -7.17 -30.35 -73.83
CA GLY C 224 -6.88 -31.67 -74.35
C GLY C 224 -7.21 -32.79 -73.38
N ASP C 225 -8.39 -32.73 -72.76
CA ASP C 225 -8.79 -33.68 -71.74
C ASP C 225 -7.83 -33.65 -70.55
N ASP D 3 49.72 29.18 -30.72
CA ASP D 3 48.58 28.42 -31.23
C ASP D 3 48.19 28.88 -32.62
N ILE D 4 48.21 30.21 -32.82
CA ILE D 4 47.76 30.78 -34.09
C ILE D 4 48.64 30.29 -35.23
N GLY D 5 49.96 30.32 -35.04
CA GLY D 5 50.88 29.95 -36.10
C GLY D 5 50.78 28.51 -36.56
N ASP D 6 50.93 27.57 -35.63
CA ASP D 6 50.88 26.16 -36.02
C ASP D 6 49.47 25.73 -36.40
N TRP D 7 48.44 26.36 -35.81
CA TRP D 7 47.08 26.05 -36.25
C TRP D 7 46.85 26.51 -37.68
N PHE D 8 47.29 27.72 -38.02
CA PHE D 8 47.13 28.25 -39.37
C PHE D 8 47.93 27.43 -40.38
N ARG D 9 49.16 27.05 -40.02
CA ARG D 9 49.97 26.23 -40.91
C ARG D 9 49.43 24.82 -41.03
N SER D 10 48.72 24.33 -40.01
CA SER D 10 48.11 23.01 -40.07
C SER D 10 46.93 22.97 -41.03
N ILE D 11 46.30 24.11 -41.30
CA ILE D 11 45.20 24.13 -42.26
C ILE D 11 45.73 23.77 -43.64
N PRO D 12 45.05 22.93 -44.41
CA PRO D 12 45.50 22.66 -45.78
C PRO D 12 45.50 23.93 -46.63
N ALA D 13 46.37 23.93 -47.64
CA ALA D 13 46.71 25.17 -48.35
C ALA D 13 45.47 25.83 -48.93
N ILE D 14 44.62 25.07 -49.64
CA ILE D 14 43.44 25.67 -50.25
C ILE D 14 42.48 26.18 -49.18
N THR D 15 42.24 25.37 -48.14
CA THR D 15 41.36 25.80 -47.06
C THR D 15 41.96 26.99 -46.30
N ARG D 16 43.28 26.99 -46.12
CA ARG D 16 43.91 28.10 -45.41
C ARG D 16 43.83 29.38 -46.22
N TYR D 17 43.97 29.31 -47.55
CA TYR D 17 43.80 30.49 -48.38
C TYR D 17 42.35 30.98 -48.33
N TRP D 18 41.40 30.05 -48.35
CA TRP D 18 40.00 30.42 -48.24
C TRP D 18 39.71 31.14 -46.92
N PHE D 19 40.23 30.60 -45.82
CA PHE D 19 40.06 31.24 -44.53
C PHE D 19 40.73 32.62 -44.49
N ALA D 20 41.95 32.72 -45.04
CA ALA D 20 42.66 33.99 -45.02
C ALA D 20 41.89 35.06 -45.77
N ALA D 21 41.38 34.71 -46.96
CA ALA D 21 40.59 35.69 -47.71
C ALA D 21 39.31 36.05 -46.96
N THR D 22 38.53 35.04 -46.54
CA THR D 22 37.23 35.27 -45.94
C THR D 22 37.33 35.91 -44.56
N VAL D 23 38.52 35.98 -43.97
CA VAL D 23 38.72 36.72 -42.73
C VAL D 23 39.31 38.09 -42.98
N ALA D 24 40.30 38.20 -43.87
CA ALA D 24 40.99 39.47 -44.07
C ALA D 24 40.09 40.48 -44.78
N VAL D 25 39.33 40.04 -45.79
CA VAL D 25 38.44 40.97 -46.50
C VAL D 25 37.46 41.63 -45.55
N PRO D 26 36.78 40.92 -44.63
CA PRO D 26 35.95 41.61 -43.64
C PRO D 26 36.71 42.60 -42.79
N LEU D 27 37.97 42.31 -42.45
CA LEU D 27 38.74 43.26 -41.64
C LEU D 27 38.91 44.58 -42.36
N VAL D 28 39.37 44.54 -43.60
CA VAL D 28 39.57 45.78 -44.37
C VAL D 28 38.24 46.46 -44.61
N GLY D 29 37.17 45.68 -44.81
CA GLY D 29 35.86 46.28 -45.00
C GLY D 29 35.38 47.03 -43.78
N LYS D 30 35.55 46.44 -42.60
CA LYS D 30 35.01 47.04 -41.38
C LYS D 30 35.87 48.22 -40.91
N LEU D 31 37.20 48.11 -41.03
CA LEU D 31 38.04 49.20 -40.56
C LEU D 31 38.11 50.36 -41.55
N GLY D 32 37.52 50.21 -42.73
CA GLY D 32 37.44 51.29 -43.70
C GLY D 32 38.77 51.70 -44.29
N LEU D 33 39.63 50.73 -44.60
CA LEU D 33 40.88 51.04 -45.30
C LEU D 33 40.61 51.30 -46.78
N ILE D 34 40.07 50.31 -47.47
CA ILE D 34 39.63 50.51 -48.84
C ILE D 34 38.21 51.07 -48.84
N SER D 35 37.84 51.73 -49.93
CA SER D 35 36.51 52.31 -50.04
C SER D 35 35.47 51.20 -50.07
N PRO D 36 34.50 51.19 -49.15
CA PRO D 36 33.47 50.14 -49.18
C PRO D 36 32.66 50.13 -50.46
N ALA D 37 32.42 51.30 -51.05
CA ALA D 37 31.65 51.39 -52.29
C ALA D 37 32.47 50.99 -53.52
N TYR D 38 33.77 50.77 -53.36
CA TYR D 38 34.61 50.43 -54.51
C TYR D 38 34.30 49.05 -55.08
N LEU D 39 33.54 48.22 -54.37
CA LEU D 39 33.20 46.87 -54.82
C LEU D 39 31.68 46.74 -54.84
N PHE D 40 31.08 46.89 -56.01
CA PHE D 40 29.63 46.79 -56.15
C PHE D 40 29.15 45.90 -57.29
N LEU D 41 29.97 45.64 -58.30
CA LEU D 41 29.64 44.71 -59.39
C LEU D 41 28.34 45.13 -60.10
N TRP D 42 28.43 46.29 -60.74
CA TRP D 42 27.28 46.82 -61.48
C TRP D 42 26.93 45.87 -62.63
N PRO D 43 25.71 45.33 -62.68
CA PRO D 43 25.36 44.37 -63.74
C PRO D 43 25.09 45.05 -65.07
N GLU D 44 24.43 46.21 -65.03
CA GLU D 44 24.16 46.93 -66.28
C GLU D 44 25.44 47.45 -66.91
N ALA D 45 26.39 47.91 -66.10
CA ALA D 45 27.69 48.33 -66.64
C ALA D 45 28.41 47.16 -67.28
N PHE D 46 28.35 45.99 -66.64
CA PHE D 46 28.94 44.79 -67.24
C PHE D 46 28.26 44.43 -68.54
N LEU D 47 26.94 44.62 -68.61
CA LEU D 47 26.21 44.38 -69.86
C LEU D 47 26.67 45.35 -70.96
N TYR D 48 26.89 46.62 -70.60
CA TYR D 48 27.29 47.61 -71.59
C TYR D 48 28.77 47.51 -71.91
N ARG D 49 29.63 47.72 -70.93
CA ARG D 49 31.07 47.67 -71.10
C ARG D 49 31.63 46.40 -70.46
N PHE D 50 32.87 46.07 -70.85
CA PHE D 50 33.48 44.84 -70.39
C PHE D 50 33.68 44.84 -68.86
N GLN D 51 34.06 45.99 -68.30
CA GLN D 51 34.29 46.14 -66.87
C GLN D 51 35.36 45.16 -66.38
N ILE D 52 36.54 45.27 -66.98
CA ILE D 52 37.65 44.39 -66.64
C ILE D 52 38.23 44.69 -65.27
N TRP D 53 37.86 45.83 -64.67
CA TRP D 53 38.47 46.23 -63.41
C TRP D 53 38.09 45.30 -62.27
N ARG D 54 36.85 44.84 -62.24
CA ARG D 54 36.30 44.12 -61.09
C ARG D 54 35.62 42.82 -61.53
N PRO D 55 36.42 41.84 -61.97
CA PRO D 55 35.81 40.56 -62.35
C PRO D 55 35.48 39.68 -61.16
N ILE D 56 36.32 39.70 -60.13
CA ILE D 56 36.17 38.81 -58.99
C ILE D 56 36.21 39.59 -57.69
N THR D 57 36.72 40.82 -57.75
CA THR D 57 36.93 41.60 -56.53
C THR D 57 35.60 41.88 -55.82
N ALA D 58 34.63 42.41 -56.55
CA ALA D 58 33.32 42.69 -55.96
C ALA D 58 32.58 41.42 -55.55
N THR D 59 33.01 40.26 -56.04
CA THR D 59 32.46 38.99 -55.61
C THR D 59 32.98 38.56 -54.25
N PHE D 60 33.98 39.24 -53.71
CA PHE D 60 34.52 38.94 -52.39
C PHE D 60 34.08 39.93 -51.32
N TYR D 61 33.36 40.99 -51.70
CA TYR D 61 33.05 42.08 -50.78
C TYR D 61 31.90 41.68 -49.85
N PHE D 62 32.09 41.94 -48.55
CA PHE D 62 31.06 41.65 -47.55
C PHE D 62 31.11 42.74 -46.47
N PRO D 63 30.25 43.75 -46.57
CA PRO D 63 30.19 44.77 -45.50
C PRO D 63 29.39 44.29 -44.31
N VAL D 64 30.04 43.56 -43.40
CA VAL D 64 29.35 43.02 -42.24
C VAL D 64 28.82 44.16 -41.38
N GLY D 65 27.65 43.93 -40.77
CA GLY D 65 27.03 44.92 -39.92
C GLY D 65 26.31 44.28 -38.75
N PRO D 66 26.08 45.05 -37.69
CA PRO D 66 25.44 44.49 -36.49
C PRO D 66 23.93 44.38 -36.62
N GLY D 67 23.45 43.87 -37.76
CA GLY D 67 22.05 43.58 -37.94
C GLY D 67 21.85 42.17 -38.47
N THR D 68 22.90 41.63 -39.09
CA THR D 68 22.87 40.27 -39.61
C THR D 68 24.16 39.52 -39.31
N GLY D 69 24.97 39.98 -38.36
CA GLY D 69 26.25 39.36 -38.08
C GLY D 69 26.14 37.97 -37.49
N PHE D 70 25.01 37.65 -36.85
CA PHE D 70 24.82 36.30 -36.31
C PHE D 70 24.83 35.26 -37.41
N LEU D 71 24.17 35.56 -38.54
CA LEU D 71 24.19 34.66 -39.68
C LEU D 71 25.60 34.48 -40.22
N TYR D 72 26.37 35.57 -40.30
CA TYR D 72 27.76 35.50 -40.75
C TYR D 72 28.58 34.60 -39.82
N LEU D 73 28.42 34.79 -38.51
CA LEU D 73 29.16 33.98 -37.56
C LEU D 73 28.78 32.50 -37.67
N VAL D 74 27.48 32.22 -37.80
CA VAL D 74 27.05 30.82 -37.80
C VAL D 74 27.48 30.11 -39.07
N ASN D 75 27.41 30.78 -40.23
CA ASN D 75 27.85 30.06 -41.42
C ASN D 75 29.37 30.00 -41.51
N LEU D 76 30.08 30.96 -40.92
CA LEU D 76 31.53 30.82 -40.83
C LEU D 76 31.92 29.62 -39.98
N TYR D 77 31.25 29.44 -38.83
CA TYR D 77 31.49 28.26 -38.01
C TYR D 77 31.13 26.98 -38.75
N PHE D 78 30.01 27.01 -39.48
CA PHE D 78 29.59 25.86 -40.28
C PHE D 78 30.66 25.48 -41.29
N LEU D 79 31.17 26.47 -42.03
CA LEU D 79 32.23 26.23 -42.99
C LEU D 79 33.47 25.68 -42.29
N TYR D 80 33.82 26.26 -41.14
CA TYR D 80 35.04 25.86 -40.44
C TYR D 80 35.00 24.39 -40.05
N GLN D 81 33.90 23.95 -39.46
CA GLN D 81 33.86 22.59 -38.96
C GLN D 81 33.37 21.60 -40.02
N TYR D 82 32.89 22.08 -41.17
CA TYR D 82 32.52 21.20 -42.27
C TYR D 82 33.59 21.05 -43.35
N SER D 83 34.51 22.01 -43.50
CA SER D 83 35.53 21.89 -44.53
C SER D 83 36.44 20.70 -44.26
N THR D 84 36.84 20.50 -43.00
CA THR D 84 37.64 19.33 -42.66
C THR D 84 36.88 18.05 -42.95
N ARG D 85 35.60 18.01 -42.58
CA ARG D 85 34.81 16.79 -42.78
C ARG D 85 34.72 16.43 -44.25
N LEU D 86 34.49 17.43 -45.12
CA LEU D 86 34.41 17.12 -46.55
C LEU D 86 35.77 16.80 -47.13
N GLU D 87 36.84 17.44 -46.63
CA GLU D 87 38.16 17.24 -47.21
C GLU D 87 38.72 15.86 -46.86
N THR D 88 38.43 15.35 -45.67
CA THR D 88 38.82 14.00 -45.33
C THR D 88 37.81 12.96 -45.78
N GLY D 89 36.66 13.38 -46.32
CA GLY D 89 35.71 12.44 -46.87
C GLY D 89 35.94 12.19 -48.34
N ALA D 90 36.66 11.11 -48.66
CA ALA D 90 36.94 10.66 -50.02
C ALA D 90 37.66 11.71 -50.87
N PHE D 91 38.16 12.78 -50.26
CA PHE D 91 38.78 13.87 -50.99
C PHE D 91 40.23 14.10 -50.61
N ASP D 92 40.79 13.25 -49.75
CA ASP D 92 42.19 13.43 -49.33
C ASP D 92 43.14 13.27 -50.50
N GLY D 93 42.95 12.24 -51.31
CA GLY D 93 43.84 11.96 -52.42
C GLY D 93 43.54 12.68 -53.72
N ARG D 94 42.47 13.46 -53.78
CA ARG D 94 42.07 14.16 -55.00
C ARG D 94 41.76 15.62 -54.70
N PRO D 95 42.77 16.42 -54.38
CA PRO D 95 42.50 17.85 -54.12
C PRO D 95 42.20 18.64 -55.38
N ALA D 96 42.81 18.29 -56.51
CA ALA D 96 42.57 19.06 -57.74
C ALA D 96 41.12 18.94 -58.19
N ASP D 97 40.55 17.75 -58.11
CA ASP D 97 39.16 17.56 -58.51
C ASP D 97 38.23 18.38 -57.62
N TYR D 98 38.49 18.39 -56.31
CA TYR D 98 37.70 19.23 -55.41
C TYR D 98 37.84 20.71 -55.74
N LEU D 99 39.07 21.15 -56.01
CA LEU D 99 39.27 22.57 -56.26
C LEU D 99 38.58 23.02 -57.55
N PHE D 100 38.67 22.24 -58.63
CA PHE D 100 37.84 22.56 -59.80
C PHE D 100 36.35 22.41 -59.54
N MET D 101 35.91 21.52 -58.65
CA MET D 101 34.47 21.44 -58.47
C MET D 101 33.98 22.73 -57.79
N LEU D 102 34.80 23.27 -56.87
CA LEU D 102 34.60 24.65 -56.44
C LEU D 102 34.63 25.63 -57.60
N LEU D 103 35.56 25.43 -58.55
CA LEU D 103 35.70 26.38 -59.65
C LEU D 103 34.44 26.44 -60.49
N PHE D 104 33.88 25.28 -60.85
CA PHE D 104 32.60 25.28 -61.56
C PHE D 104 31.50 25.90 -60.71
N ASN D 105 31.46 25.58 -59.41
CA ASN D 105 30.48 26.26 -58.57
C ASN D 105 30.57 27.77 -58.76
N TRP D 106 31.78 28.31 -58.62
CA TRP D 106 31.96 29.76 -58.67
C TRP D 106 31.52 30.32 -60.02
N ILE D 107 31.89 29.65 -61.11
CA ILE D 107 31.56 30.20 -62.42
C ILE D 107 30.05 30.21 -62.63
N CYS D 108 29.35 29.13 -62.25
CA CYS D 108 27.90 29.15 -62.42
C CYS D 108 27.25 30.22 -61.55
N ILE D 109 27.69 30.38 -60.30
CA ILE D 109 27.04 31.40 -59.47
C ILE D 109 27.33 32.80 -60.01
N VAL D 110 28.54 33.02 -60.55
CA VAL D 110 28.86 34.37 -61.03
C VAL D 110 28.07 34.67 -62.31
N ILE D 111 27.91 33.69 -63.20
CA ILE D 111 27.10 33.92 -64.39
C ILE D 111 25.65 34.17 -64.00
N THR D 112 25.11 33.38 -63.06
CA THR D 112 23.72 33.57 -62.67
C THR D 112 23.52 34.92 -61.99
N GLY D 113 24.47 35.35 -61.17
CA GLY D 113 24.38 36.67 -60.56
C GLY D 113 24.57 37.79 -61.55
N LEU D 114 25.24 37.52 -62.67
CA LEU D 114 25.27 38.49 -63.75
C LEU D 114 23.93 38.58 -64.45
N ALA D 115 23.27 37.43 -64.65
CA ALA D 115 21.98 37.41 -65.35
C ALA D 115 20.93 38.19 -64.57
N MET D 116 20.75 37.87 -63.30
CA MET D 116 19.88 38.62 -62.41
C MET D 116 20.73 39.68 -61.69
N ASP D 117 20.20 40.32 -60.65
CA ASP D 117 20.80 41.53 -60.10
C ASP D 117 20.98 41.44 -58.59
N MET D 118 21.62 40.38 -58.12
CA MET D 118 22.01 40.27 -56.71
C MET D 118 23.51 40.50 -56.58
N GLN D 119 23.91 41.21 -55.53
CA GLN D 119 25.27 41.70 -55.41
C GLN D 119 26.12 40.99 -54.37
N LEU D 120 25.60 40.77 -53.16
CA LEU D 120 26.40 40.20 -52.07
C LEU D 120 26.47 38.68 -52.25
N LEU D 121 27.49 38.26 -53.01
CA LEU D 121 27.64 36.85 -53.35
C LEU D 121 28.72 36.21 -52.48
N MET D 122 28.32 35.89 -51.25
CA MET D 122 29.12 35.10 -50.32
C MET D 122 28.44 33.80 -49.91
N ILE D 123 27.21 33.89 -49.40
CA ILE D 123 26.52 32.71 -48.87
C ILE D 123 26.27 31.64 -49.94
N PRO D 124 25.78 31.96 -51.15
CA PRO D 124 25.27 30.89 -52.02
C PRO D 124 26.29 29.80 -52.32
N LEU D 125 27.56 30.17 -52.54
CA LEU D 125 28.58 29.16 -52.78
C LEU D 125 28.81 28.31 -51.54
N ILE D 126 28.77 28.94 -50.36
CA ILE D 126 28.94 28.20 -49.11
C ILE D 126 27.84 27.15 -48.97
N MET D 127 26.59 27.55 -49.21
CA MET D 127 25.50 26.60 -49.09
C MET D 127 25.58 25.55 -50.18
N SER D 128 26.10 25.91 -51.36
CA SER D 128 26.25 24.95 -52.43
C SER D 128 27.22 23.84 -52.04
N VAL D 129 28.39 24.21 -51.50
CA VAL D 129 29.33 23.17 -51.10
C VAL D 129 28.79 22.39 -49.91
N LEU D 130 28.05 23.05 -49.01
CA LEU D 130 27.41 22.34 -47.90
C LEU D 130 26.45 21.28 -48.42
N TYR D 131 25.63 21.64 -49.42
CA TYR D 131 24.67 20.71 -49.99
C TYR D 131 25.36 19.58 -50.73
N VAL D 132 26.47 19.88 -51.40
CA VAL D 132 27.26 18.83 -52.05
C VAL D 132 27.77 17.86 -50.99
N TRP D 133 28.28 18.38 -49.88
CA TRP D 133 28.70 17.52 -48.77
C TRP D 133 27.55 16.65 -48.29
N ALA D 134 26.36 17.24 -48.15
CA ALA D 134 25.23 16.51 -47.61
C ALA D 134 24.81 15.38 -48.53
N GLN D 135 24.72 15.65 -49.83
CA GLN D 135 24.25 14.63 -50.76
C GLN D 135 25.31 13.56 -51.02
N LEU D 136 26.59 13.93 -51.05
CA LEU D 136 27.63 12.94 -51.25
C LEU D 136 28.01 12.15 -50.01
N ASN D 137 27.72 12.66 -48.82
CA ASN D 137 28.09 11.98 -47.58
C ASN D 137 26.83 11.84 -46.72
N ARG D 138 25.79 11.28 -47.34
CA ARG D 138 24.54 10.97 -46.66
C ARG D 138 24.75 9.84 -45.65
N ASP D 139 23.64 9.41 -45.05
CA ASP D 139 23.59 8.20 -44.23
C ASP D 139 24.48 8.28 -42.99
N MET D 140 24.29 9.33 -42.18
CA MET D 140 25.03 9.47 -40.94
C MET D 140 24.30 10.48 -40.06
N ILE D 141 23.90 10.02 -38.87
CA ILE D 141 22.94 10.77 -38.06
C ILE D 141 23.54 12.09 -37.58
N VAL D 142 22.67 13.09 -37.42
CA VAL D 142 23.10 14.44 -37.12
C VAL D 142 23.46 14.53 -35.63
N SER D 143 24.07 15.64 -35.22
CA SER D 143 24.48 15.86 -33.85
C SER D 143 23.65 16.98 -33.23
N PHE D 144 22.34 16.93 -33.42
CA PHE D 144 21.43 17.98 -32.96
C PHE D 144 21.39 17.98 -31.44
N TRP D 145 22.12 18.90 -30.82
CA TRP D 145 22.14 19.04 -29.37
C TRP D 145 20.98 19.88 -28.85
N PHE D 146 19.94 20.07 -29.65
CA PHE D 146 18.69 20.69 -29.25
C PHE D 146 17.50 19.76 -29.36
N GLY D 147 17.37 19.04 -30.47
CA GLY D 147 16.23 18.16 -30.68
C GLY D 147 16.53 16.93 -31.50
N THR D 148 15.64 16.59 -32.43
CA THR D 148 15.77 15.40 -33.23
C THR D 148 16.98 15.50 -34.16
N ARG D 149 17.73 14.41 -34.28
CA ARG D 149 18.93 14.37 -35.12
C ARG D 149 18.78 13.41 -36.30
N PHE D 150 17.55 12.95 -36.59
CA PHE D 150 17.17 12.14 -37.74
C PHE D 150 18.33 11.39 -38.41
N LYS D 151 18.68 11.80 -39.62
CA LYS D 151 19.74 11.16 -40.39
C LYS D 151 20.33 12.20 -41.34
N ALA D 152 21.25 11.78 -42.21
CA ALA D 152 21.92 12.68 -43.12
C ALA D 152 21.18 12.87 -44.44
N CYS D 153 20.06 12.19 -44.64
CA CYS D 153 19.21 12.42 -45.81
C CYS D 153 18.29 13.62 -45.61
N TYR D 154 18.55 14.41 -44.58
CA TYR D 154 17.70 15.54 -44.23
C TYR D 154 18.44 16.87 -44.11
N LEU D 155 19.78 16.87 -44.01
CA LEU D 155 20.51 18.13 -43.86
C LEU D 155 20.23 19.13 -44.95
N PRO D 156 20.18 18.78 -46.24
CA PRO D 156 19.89 19.80 -47.26
C PRO D 156 18.61 20.57 -47.01
N TRP D 157 17.47 19.88 -46.92
CA TRP D 157 16.18 20.54 -46.77
C TRP D 157 16.10 21.35 -45.48
N VAL D 158 16.59 20.79 -44.37
CA VAL D 158 16.50 21.50 -43.10
C VAL D 158 17.40 22.74 -43.12
N ILE D 159 18.56 22.66 -43.77
CA ILE D 159 19.43 23.83 -43.79
C ILE D 159 18.86 24.89 -44.73
N LEU D 160 18.17 24.49 -45.80
CA LEU D 160 17.47 25.48 -46.61
C LEU D 160 16.35 26.15 -45.82
N GLY D 161 15.62 25.38 -45.02
CA GLY D 161 14.66 25.98 -44.11
C GLY D 161 15.31 26.99 -43.17
N PHE D 162 16.45 26.60 -42.58
CA PHE D 162 17.12 27.46 -41.61
C PHE D 162 17.60 28.76 -42.24
N ASN D 163 18.20 28.68 -43.42
CA ASN D 163 18.69 29.91 -44.06
C ASN D 163 17.60 30.63 -44.83
N TYR D 164 16.40 30.05 -44.93
CA TYR D 164 15.26 30.78 -45.49
C TYR D 164 14.59 31.62 -44.41
N ILE D 165 14.33 31.03 -43.23
CA ILE D 165 13.61 31.75 -42.20
C ILE D 165 14.39 32.98 -41.76
N ILE D 166 15.71 32.84 -41.62
CA ILE D 166 16.58 33.94 -41.22
C ILE D 166 17.27 34.47 -42.46
N GLY D 167 16.98 35.73 -42.81
CA GLY D 167 17.59 36.35 -43.97
C GLY D 167 16.62 36.55 -45.11
N GLY D 168 16.85 35.86 -46.22
CA GLY D 168 16.01 35.98 -47.40
C GLY D 168 16.74 35.69 -48.69
N SER D 169 16.48 36.48 -49.72
CA SER D 169 17.12 36.33 -51.02
C SER D 169 16.95 34.91 -51.56
N VAL D 170 15.69 34.55 -51.80
CA VAL D 170 15.35 33.18 -52.18
C VAL D 170 16.02 32.78 -53.49
N ILE D 171 16.34 33.75 -54.35
CA ILE D 171 16.92 33.44 -55.66
C ILE D 171 18.28 32.77 -55.49
N ASN D 172 19.12 33.29 -54.58
CA ASN D 172 20.46 32.74 -54.43
C ASN D 172 20.42 31.32 -53.86
N GLU D 173 19.54 31.06 -52.89
CA GLU D 173 19.40 29.71 -52.36
C GLU D 173 18.89 28.76 -53.44
N LEU D 174 17.91 29.21 -54.22
CA LEU D 174 17.38 28.37 -55.29
C LEU D 174 18.46 28.02 -56.29
N ILE D 175 19.26 29.01 -56.68
CA ILE D 175 20.29 28.75 -57.70
C ILE D 175 21.41 27.88 -57.12
N GLY D 176 21.72 28.03 -55.83
CA GLY D 176 22.71 27.17 -55.21
C GLY D 176 22.27 25.73 -55.19
N ASN D 177 21.03 25.49 -54.77
CA ASN D 177 20.50 24.13 -54.78
C ASN D 177 20.48 23.56 -56.20
N LEU D 178 20.06 24.38 -57.17
CA LEU D 178 19.97 23.92 -58.55
C LEU D 178 21.35 23.53 -59.08
N VAL D 179 22.36 24.37 -58.84
CA VAL D 179 23.69 24.08 -59.37
C VAL D 179 24.29 22.87 -58.67
N GLY D 180 24.05 22.73 -57.35
CA GLY D 180 24.53 21.55 -56.67
C GLY D 180 23.94 20.28 -57.22
N HIS D 181 22.62 20.27 -57.41
CA HIS D 181 21.96 19.08 -57.96
C HIS D 181 22.43 18.79 -59.38
N LEU D 182 22.57 19.82 -60.22
CA LEU D 182 22.94 19.56 -61.61
C LEU D 182 24.38 19.10 -61.72
N TYR D 183 25.27 19.60 -60.85
CA TYR D 183 26.64 19.11 -60.88
C TYR D 183 26.72 17.69 -60.34
N PHE D 184 25.93 17.37 -59.32
CA PHE D 184 25.88 16.00 -58.83
C PHE D 184 25.39 15.04 -59.92
N PHE D 185 24.40 15.47 -60.69
CA PHE D 185 23.91 14.65 -61.80
C PHE D 185 24.95 14.53 -62.91
N LEU D 186 25.61 15.65 -63.24
CA LEU D 186 26.51 15.67 -64.39
C LEU D 186 27.79 14.89 -64.13
N MET D 187 28.49 15.23 -63.05
CA MET D 187 29.78 14.62 -62.77
C MET D 187 29.65 13.18 -62.29
N PHE D 188 28.60 12.88 -61.51
CA PHE D 188 28.51 11.62 -60.80
C PHE D 188 27.40 10.69 -61.29
N ARG D 189 26.30 11.24 -61.78
CA ARG D 189 25.15 10.43 -62.19
C ARG D 189 25.02 10.29 -63.70
N TYR D 190 25.36 11.34 -64.45
CA TYR D 190 25.26 11.26 -65.91
C TYR D 190 26.16 10.19 -66.52
N PRO D 191 27.43 10.05 -66.14
CA PRO D 191 28.28 9.03 -66.79
C PRO D 191 27.74 7.61 -66.70
N MET D 192 27.17 7.21 -65.57
CA MET D 192 26.66 5.85 -65.44
C MET D 192 25.15 5.74 -65.56
N ASP D 193 24.46 6.85 -65.84
CA ASP D 193 23.02 6.77 -66.13
C ASP D 193 22.79 6.36 -67.58
N LEU D 194 23.22 7.19 -68.52
CA LEU D 194 23.06 6.89 -69.94
C LEU D 194 24.38 6.94 -70.71
N GLY D 195 25.26 7.85 -70.37
CA GLY D 195 26.52 8.03 -71.07
C GLY D 195 27.01 9.45 -70.89
N GLY D 196 27.80 9.92 -71.86
CA GLY D 196 28.34 11.26 -71.79
C GLY D 196 29.26 11.45 -70.60
N ARG D 197 30.43 10.82 -70.65
CA ARG D 197 31.33 10.82 -69.51
C ARG D 197 32.02 12.19 -69.39
N ASN D 198 33.08 12.25 -68.61
CA ASN D 198 33.72 13.51 -68.21
C ASN D 198 34.40 14.13 -69.42
N PHE D 199 33.62 14.89 -70.20
CA PHE D 199 34.20 15.74 -71.24
C PHE D 199 34.52 17.13 -70.72
N LEU D 200 35.10 17.21 -69.51
CA LEU D 200 35.71 18.43 -69.00
C LEU D 200 36.95 18.09 -68.18
N SER D 201 37.59 16.95 -68.45
CA SER D 201 38.54 16.35 -67.53
C SER D 201 39.67 17.30 -67.15
N THR D 202 40.24 17.07 -65.98
CA THR D 202 41.28 17.92 -65.44
C THR D 202 42.55 17.83 -66.28
N PRO D 203 43.06 18.94 -66.79
CA PRO D 203 44.28 18.90 -67.61
C PRO D 203 45.52 18.57 -66.81
N GLN D 204 46.58 18.20 -67.54
CA GLN D 204 47.86 17.90 -66.91
C GLN D 204 48.52 19.13 -66.31
N PHE D 205 48.16 20.32 -66.77
CA PHE D 205 48.69 21.56 -66.20
C PHE D 205 48.45 21.61 -64.71
N LEU D 206 47.32 21.05 -64.26
CA LEU D 206 46.99 21.04 -62.84
C LEU D 206 47.91 20.13 -62.05
N TYR D 207 48.13 18.91 -62.55
CA TYR D 207 49.01 17.98 -61.86
C TYR D 207 50.43 18.49 -61.84
N ARG D 208 50.79 19.27 -62.86
CA ARG D 208 52.06 19.99 -62.80
C ARG D 208 52.03 21.05 -61.71
N TRP D 209 50.92 21.78 -61.59
CA TRP D 209 50.80 22.79 -60.54
C TRP D 209 50.80 22.15 -59.15
N LEU D 210 49.97 21.11 -58.96
CA LEU D 210 49.90 20.41 -57.69
C LEU D 210 49.69 18.93 -57.97
N PRO D 211 50.52 18.06 -57.42
CA PRO D 211 50.40 16.63 -57.71
C PRO D 211 49.32 15.96 -56.87
N SER D 212 48.87 14.82 -57.35
CA SER D 212 47.93 13.98 -56.61
C SER D 212 48.70 12.96 -55.79
N ARG D 213 48.10 12.55 -54.67
CA ARG D 213 48.75 11.60 -53.76
C ARG D 213 48.63 10.18 -54.31
N ARG D 214 49.70 9.40 -54.15
CA ARG D 214 49.72 8.02 -54.58
C ARG D 214 50.31 7.16 -53.46
N HIS D 215 50.00 5.86 -53.52
CA HIS D 215 50.39 4.96 -52.44
C HIS D 215 51.90 4.76 -52.42
N ASN D 216 52.49 4.97 -51.24
CA ASN D 216 53.92 4.80 -51.05
C ASN D 216 54.22 3.39 -50.55
N TRP D 217 55.45 3.17 -50.07
CA TRP D 217 55.84 1.88 -49.53
C TRP D 217 56.57 2.06 -48.20
N GLY D 218 57.17 0.99 -47.69
CA GLY D 218 57.87 1.03 -46.43
C GLY D 218 59.33 0.60 -46.57
N GLN D 219 60.03 0.68 -45.45
CA GLN D 219 61.42 0.23 -45.40
C GLN D 219 61.47 -1.27 -45.63
N GLY D 220 62.40 -1.70 -46.49
CA GLY D 220 62.42 -3.09 -46.92
C GLY D 220 62.81 -4.04 -45.80
N PHE D 221 62.33 -5.27 -45.90
CA PHE D 221 62.75 -6.36 -45.03
C PHE D 221 62.98 -7.60 -45.88
N ARG D 222 63.26 -8.73 -45.26
CA ARG D 222 63.55 -9.94 -46.02
C ARG D 222 63.27 -11.17 -45.17
N LEU D 223 62.35 -12.01 -45.64
CA LEU D 223 62.10 -13.32 -45.03
C LEU D 223 63.16 -14.27 -45.56
N GLY D 224 64.35 -14.16 -44.97
CA GLY D 224 65.52 -14.82 -45.54
C GLY D 224 65.37 -16.33 -45.61
N ASP D 225 64.90 -16.94 -44.53
CA ASP D 225 64.77 -18.39 -44.49
C ASP D 225 63.45 -18.81 -43.86
N ARG E 3 -26.21 42.97 53.01
CA ARG E 3 -27.65 43.13 52.86
C ARG E 3 -28.36 41.77 52.94
N PRO E 4 -29.49 41.73 53.65
CA PRO E 4 -30.27 40.48 53.78
C PRO E 4 -31.25 40.25 52.63
N ASN E 5 -30.79 40.50 51.41
CA ASN E 5 -31.60 40.35 50.22
C ASN E 5 -30.98 39.45 49.17
N ARG E 6 -29.66 39.43 49.07
CA ARG E 6 -29.00 38.72 47.97
C ARG E 6 -28.74 37.28 48.38
N LEU E 7 -29.30 36.32 47.62
CA LEU E 7 -29.19 34.91 47.92
C LEU E 7 -28.66 34.16 46.71
N ILE E 8 -28.57 32.84 46.83
CA ILE E 8 -28.19 31.98 45.72
C ILE E 8 -29.40 31.17 45.29
N VAL E 9 -29.45 30.82 44.01
CA VAL E 9 -30.61 30.16 43.42
C VAL E 9 -30.28 28.71 43.12
N ASP E 10 -31.32 27.89 42.98
CA ASP E 10 -31.16 26.48 42.66
C ASP E 10 -32.44 25.99 42.00
N GLU E 11 -32.33 24.89 41.26
CA GLU E 11 -33.45 24.38 40.47
C GLU E 11 -34.56 23.85 41.37
N ALA E 12 -35.71 23.56 40.74
CA ALA E 12 -36.91 23.16 41.45
C ALA E 12 -37.26 21.71 41.14
N ILE E 13 -38.33 21.22 41.74
CA ILE E 13 -38.88 19.89 41.46
C ILE E 13 -40.34 19.96 41.04
N ASN E 14 -41.17 20.69 41.79
CA ASN E 14 -42.61 20.70 41.56
C ASN E 14 -43.05 21.87 40.69
N GLU E 15 -42.41 22.01 39.51
CA GLU E 15 -42.79 22.96 38.46
C GLU E 15 -43.36 24.25 39.01
N ASP E 16 -44.62 24.55 38.67
CA ASP E 16 -45.38 25.65 39.28
C ASP E 16 -44.67 26.99 39.05
N ASN E 17 -44.77 27.48 37.81
CA ASN E 17 -44.03 28.63 37.33
C ASN E 17 -44.15 29.87 38.22
N SER E 18 -44.98 29.82 39.26
CA SER E 18 -45.08 30.95 40.16
C SER E 18 -44.87 30.60 41.64
N VAL E 19 -43.82 29.83 41.96
CA VAL E 19 -43.45 29.60 43.35
C VAL E 19 -41.94 29.77 43.52
N VAL E 20 -41.56 30.32 44.67
CA VAL E 20 -40.18 30.33 45.14
C VAL E 20 -40.18 29.81 46.58
N SER E 21 -39.11 29.09 46.94
CA SER E 21 -39.01 28.48 48.26
C SER E 21 -38.03 29.26 49.13
N LEU E 22 -38.49 29.66 50.31
CA LEU E 22 -37.68 30.41 51.26
C LEU E 22 -37.78 29.76 52.63
N SER E 23 -36.71 29.89 53.42
CA SER E 23 -36.72 29.37 54.77
C SER E 23 -37.65 30.19 55.66
N GLN E 24 -38.15 29.54 56.71
CA GLN E 24 -39.05 30.22 57.64
C GLN E 24 -38.43 31.45 58.28
N PRO E 25 -37.22 31.41 58.85
CA PRO E 25 -36.68 32.63 59.48
C PRO E 25 -36.48 33.78 58.52
N LYS E 26 -36.26 33.51 57.23
CA LYS E 26 -36.00 34.57 56.27
C LYS E 26 -37.19 35.51 56.14
N MET E 27 -38.38 34.95 55.88
CA MET E 27 -39.57 35.77 55.80
C MET E 27 -39.93 36.36 57.15
N ASP E 28 -39.58 35.66 58.24
CA ASP E 28 -39.88 36.16 59.58
C ASP E 28 -39.11 37.45 59.87
N GLU E 29 -37.85 37.51 59.46
CA GLU E 29 -37.03 38.70 59.69
C GLU E 29 -37.17 39.73 58.57
N LEU E 30 -37.83 39.40 57.46
CA LEU E 30 -37.99 40.31 56.34
C LEU E 30 -39.43 40.84 56.25
N GLN E 31 -40.10 40.95 57.39
CA GLN E 31 -41.47 41.46 57.52
C GLN E 31 -42.36 40.98 56.37
N LEU E 32 -42.38 39.67 56.18
CA LEU E 32 -43.13 39.04 55.11
C LEU E 32 -44.22 38.13 55.69
N PHE E 33 -45.31 37.97 54.94
CA PHE E 33 -46.43 37.16 55.36
C PHE E 33 -46.88 36.28 54.19
N ARG E 34 -47.79 35.36 54.49
CA ARG E 34 -48.26 34.42 53.50
C ARG E 34 -49.07 35.13 52.41
N GLY E 35 -48.96 34.61 51.18
CA GLY E 35 -49.69 35.17 50.07
C GLY E 35 -49.20 36.52 49.60
N ASP E 36 -48.08 37.00 50.13
CA ASP E 36 -47.56 38.31 49.76
C ASP E 36 -46.79 38.19 48.44
N THR E 37 -47.27 38.89 47.42
CA THR E 37 -46.54 38.95 46.16
C THR E 37 -45.25 39.73 46.36
N VAL E 38 -44.19 39.27 45.68
CA VAL E 38 -42.86 39.83 45.85
C VAL E 38 -42.31 40.22 44.48
N LEU E 39 -41.39 41.18 44.49
CA LEU E 39 -40.72 41.65 43.29
C LEU E 39 -39.31 41.09 43.28
N LEU E 40 -38.94 40.40 42.21
CA LEU E 40 -37.60 39.88 42.04
C LEU E 40 -36.92 40.63 40.91
N LYS E 41 -35.70 41.10 41.16
CA LYS E 41 -34.96 41.92 40.20
C LYS E 41 -33.55 41.39 40.07
N GLY E 42 -33.07 41.31 38.84
CA GLY E 42 -31.75 40.74 38.55
C GLY E 42 -31.02 41.50 37.49
N LYS E 43 -30.26 40.78 36.67
CA LYS E 43 -29.43 41.42 35.65
C LYS E 43 -30.31 42.01 34.55
N LYS E 44 -29.70 42.94 33.78
CA LYS E 44 -30.35 43.60 32.66
C LYS E 44 -31.60 44.37 33.09
N ARG E 45 -31.71 44.71 34.38
CA ARG E 45 -32.84 45.45 34.92
C ARG E 45 -34.18 44.80 34.55
N ARG E 46 -34.28 43.50 34.81
CA ARG E 46 -35.51 42.76 34.59
C ARG E 46 -36.21 42.47 35.91
N GLU E 47 -37.53 42.47 35.90
CA GLU E 47 -38.32 42.18 37.07
C GLU E 47 -39.29 41.06 36.78
N ALA E 48 -39.44 40.15 37.73
CA ALA E 48 -40.42 39.07 37.67
C ALA E 48 -41.17 39.03 38.99
N VAL E 49 -42.49 38.91 38.89
CA VAL E 49 -43.38 38.95 40.04
C VAL E 49 -43.83 37.54 40.34
N CYS E 50 -43.69 37.14 41.60
CA CYS E 50 -43.98 35.77 42.02
C CYS E 50 -44.66 35.79 43.37
N ILE E 51 -45.09 34.60 43.81
CA ILE E 51 -45.68 34.41 45.13
C ILE E 51 -44.74 33.53 45.95
N VAL E 52 -44.70 33.78 47.25
CA VAL E 52 -43.79 33.08 48.16
C VAL E 52 -44.58 32.08 48.99
N LEU E 53 -43.92 31.00 49.38
CA LEU E 53 -44.52 30.00 50.24
C LEU E 53 -43.43 29.27 51.00
N SER E 54 -43.82 28.62 52.09
CA SER E 54 -42.86 27.96 52.96
C SER E 54 -42.29 26.71 52.31
N ASP E 55 -41.15 26.27 52.82
CA ASP E 55 -40.49 25.04 52.37
C ASP E 55 -39.94 24.35 53.60
N ASP E 56 -39.96 23.02 53.59
CA ASP E 56 -39.54 22.25 54.76
C ASP E 56 -38.03 22.30 54.94
N THR E 57 -37.27 22.14 53.87
CA THR E 57 -35.82 21.99 53.95
C THR E 57 -35.06 23.09 53.21
N CYS E 58 -35.65 24.28 53.10
CA CYS E 58 -34.98 25.40 52.46
C CYS E 58 -34.07 26.10 53.46
N SER E 59 -32.84 26.38 53.03
CA SER E 59 -31.90 27.11 53.87
C SER E 59 -32.19 28.61 53.79
N ASP E 60 -31.47 29.39 54.60
CA ASP E 60 -31.71 30.83 54.64
C ASP E 60 -31.21 31.52 53.38
N GLU E 61 -30.02 31.15 52.92
CA GLU E 61 -29.34 31.87 51.85
C GLU E 61 -29.57 31.27 50.47
N LYS E 62 -30.36 30.21 50.35
CA LYS E 62 -30.63 29.56 49.08
C LYS E 62 -32.12 29.65 48.78
N ILE E 63 -32.45 30.03 47.54
CA ILE E 63 -33.83 30.13 47.08
C ILE E 63 -34.01 29.17 45.91
N ARG E 64 -35.01 28.31 46.01
CA ARG E 64 -35.30 27.29 44.99
C ARG E 64 -36.36 27.81 44.05
N MET E 65 -36.09 27.74 42.74
CA MET E 65 -37.01 28.22 41.73
C MET E 65 -36.77 27.45 40.44
N ASN E 66 -37.83 27.35 39.63
CA ASN E 66 -37.81 26.50 38.44
C ASN E 66 -37.19 27.23 37.26
N ARG E 67 -37.24 26.60 36.09
CA ARG E 67 -36.54 27.12 34.92
C ARG E 67 -37.16 28.41 34.40
N VAL E 68 -38.49 28.48 34.36
CA VAL E 68 -39.15 29.60 33.68
C VAL E 68 -38.89 30.91 34.41
N VAL E 69 -38.91 30.88 35.75
CA VAL E 69 -38.66 32.12 36.49
C VAL E 69 -37.21 32.54 36.32
N ARG E 70 -36.29 31.59 36.29
CA ARG E 70 -34.88 31.93 36.10
C ARG E 70 -34.66 32.61 34.76
N ASN E 71 -35.30 32.10 33.71
CA ASN E 71 -35.08 32.64 32.38
C ASN E 71 -35.57 34.09 32.30
N ASN E 72 -36.72 34.37 32.90
CA ASN E 72 -37.27 35.73 32.85
C ASN E 72 -36.30 36.73 33.48
N LEU E 73 -35.70 36.36 34.61
CA LEU E 73 -34.76 37.24 35.29
C LEU E 73 -33.42 37.37 34.56
N ARG E 74 -33.13 36.47 33.62
CA ARG E 74 -31.86 36.45 32.90
C ARG E 74 -30.68 36.18 33.85
N VAL E 75 -30.83 35.15 34.69
CA VAL E 75 -29.80 34.72 35.61
C VAL E 75 -29.53 33.24 35.36
N ARG E 76 -28.52 32.71 36.07
CA ARG E 76 -28.17 31.29 35.99
C ARG E 76 -27.94 30.76 37.39
N LEU E 77 -27.57 29.48 37.46
CA LEU E 77 -27.37 28.82 38.74
C LEU E 77 -26.30 29.53 39.57
N GLY E 78 -26.57 29.71 40.85
CA GLY E 78 -25.58 30.24 41.76
C GLY E 78 -25.32 31.73 41.67
N ASP E 79 -26.26 32.51 41.14
CA ASP E 79 -26.11 33.96 41.08
C ASP E 79 -26.84 34.60 42.25
N VAL E 80 -26.93 35.93 42.25
CA VAL E 80 -27.55 36.68 43.34
C VAL E 80 -28.76 37.44 42.80
N ILE E 81 -29.77 37.58 43.65
CA ILE E 81 -31.06 38.13 43.27
C ILE E 81 -31.54 39.07 44.39
N SER E 82 -32.51 39.91 44.04
CA SER E 82 -33.14 40.84 44.99
C SER E 82 -34.55 40.35 45.27
N ILE E 83 -34.90 40.21 46.55
CA ILE E 83 -36.16 39.62 46.96
C ILE E 83 -37.01 40.75 47.54
N GLN E 84 -36.82 41.96 47.01
CA GLN E 84 -37.55 43.15 47.43
C GLN E 84 -39.05 42.93 47.40
N PRO E 85 -39.74 43.02 48.54
CA PRO E 85 -41.17 42.73 48.58
C PRO E 85 -42.04 43.96 48.41
N CYS E 86 -43.18 43.75 47.76
CA CYS E 86 -44.18 44.79 47.56
C CYS E 86 -45.56 44.18 47.29
N PRO E 87 -46.39 44.01 48.32
CA PRO E 87 -47.73 43.46 48.09
C PRO E 87 -48.75 44.54 47.72
N ASP E 88 -48.59 45.13 46.54
CA ASP E 88 -49.55 46.10 46.04
C ASP E 88 -49.64 46.07 44.52
N VAL E 89 -50.61 45.31 43.99
CA VAL E 89 -50.81 45.17 42.55
C VAL E 89 -52.29 45.40 42.26
N LYS E 90 -52.57 46.34 41.35
CA LYS E 90 -53.93 46.67 40.97
C LYS E 90 -54.40 45.75 39.85
N TYR E 91 -55.65 45.31 39.93
CA TYR E 91 -56.18 44.32 39.01
C TYR E 91 -56.06 44.78 37.57
N GLY E 92 -55.58 43.88 36.71
CA GLY E 92 -55.56 44.17 35.29
C GLY E 92 -56.94 44.16 34.69
N LYS E 93 -57.09 44.92 33.61
CA LYS E 93 -58.38 45.10 32.95
C LYS E 93 -58.51 44.26 31.69
N ARG E 94 -57.48 44.24 30.84
CA ARG E 94 -57.52 43.48 29.60
C ARG E 94 -56.10 43.11 29.21
N ILE E 95 -55.89 41.85 28.84
CA ILE E 95 -54.58 41.29 28.60
C ILE E 95 -54.50 40.83 27.15
N HIS E 96 -53.31 40.85 26.58
CA HIS E 96 -53.07 40.46 25.20
C HIS E 96 -51.90 39.47 25.17
N VAL E 97 -52.20 38.17 25.04
CA VAL E 97 -51.20 37.13 25.11
C VAL E 97 -51.14 36.43 23.76
N LEU E 98 -49.96 36.37 23.17
CA LEU E 98 -49.75 35.80 21.84
C LEU E 98 -48.62 34.79 21.89
N PRO E 99 -48.67 33.76 21.04
CA PRO E 99 -47.67 32.70 21.09
C PRO E 99 -46.42 33.07 20.30
N ILE E 100 -45.40 32.22 20.42
CA ILE E 100 -44.17 32.34 19.65
C ILE E 100 -44.34 31.56 18.36
N ASP E 101 -43.65 32.01 17.30
CA ASP E 101 -43.92 31.50 15.96
C ASP E 101 -43.55 30.02 15.84
N ASP E 102 -42.36 29.65 16.30
CA ASP E 102 -41.86 28.29 16.06
C ASP E 102 -42.30 27.33 17.16
N THR E 103 -43.57 27.40 17.53
CA THR E 103 -44.16 26.40 18.42
C THR E 103 -45.58 26.02 18.04
N VAL E 104 -46.25 26.79 17.17
CA VAL E 104 -47.65 26.56 16.86
C VAL E 104 -47.72 26.17 15.38
N GLU E 105 -46.69 25.48 14.90
CA GLU E 105 -46.66 25.03 13.51
C GLU E 105 -47.75 24.02 13.24
N GLY E 106 -48.72 24.40 12.41
CA GLY E 106 -49.79 23.51 12.03
C GLY E 106 -50.68 23.08 13.18
N ILE E 107 -51.10 24.04 14.01
CA ILE E 107 -52.02 23.78 15.11
C ILE E 107 -53.35 24.49 14.89
N THR E 108 -53.34 25.82 14.93
CA THR E 108 -54.57 26.63 14.82
C THR E 108 -55.58 26.15 15.85
N GLY E 109 -56.87 26.31 15.56
CA GLY E 109 -57.88 26.07 16.56
C GLY E 109 -57.95 27.24 17.52
N ASN E 110 -58.78 27.07 18.55
CA ASN E 110 -58.90 28.11 19.57
C ASN E 110 -57.92 27.78 20.68
N LEU E 111 -56.86 28.57 20.77
CA LEU E 111 -55.84 28.33 21.79
C LEU E 111 -56.31 28.73 23.17
N PHE E 112 -57.27 29.64 23.25
CA PHE E 112 -57.66 30.20 24.55
C PHE E 112 -58.30 29.14 25.44
N GLU E 113 -59.16 28.28 24.89
CA GLU E 113 -59.96 27.40 25.72
C GLU E 113 -59.33 26.03 25.94
N VAL E 114 -58.17 25.75 25.36
CA VAL E 114 -57.50 24.48 25.59
C VAL E 114 -56.10 24.63 26.17
N TYR E 115 -55.51 25.83 26.13
CA TYR E 115 -54.24 26.10 26.78
C TYR E 115 -54.38 27.09 27.92
N LEU E 116 -54.89 28.29 27.65
CA LEU E 116 -54.94 29.33 28.66
C LEU E 116 -56.07 29.10 29.67
N LYS E 117 -57.20 28.59 29.21
CA LYS E 117 -58.34 28.43 30.11
C LYS E 117 -58.04 27.53 31.30
N PRO E 118 -57.45 26.34 31.15
CA PRO E 118 -57.11 25.55 32.34
C PRO E 118 -55.86 26.01 33.06
N TYR E 119 -55.18 27.05 32.56
CA TYR E 119 -53.95 27.51 33.18
C TYR E 119 -54.20 28.62 34.20
N PHE E 120 -54.99 29.61 33.83
CA PHE E 120 -55.31 30.73 34.73
C PHE E 120 -56.50 30.44 35.63
N LEU E 121 -57.16 29.30 35.47
CA LEU E 121 -58.41 29.01 36.16
C LEU E 121 -58.13 28.84 37.66
N GLU E 122 -58.63 29.78 38.45
CA GLU E 122 -58.54 29.72 39.92
C GLU E 122 -57.09 29.65 40.39
N ALA E 123 -56.27 30.57 39.88
CA ALA E 123 -54.86 30.60 40.25
C ALA E 123 -54.43 31.99 40.69
N TYR E 124 -55.05 33.02 40.13
CA TYR E 124 -54.70 34.42 40.41
C TYR E 124 -53.22 34.67 40.16
N ARG E 125 -52.74 34.19 39.02
CA ARG E 125 -51.32 34.30 38.70
C ARG E 125 -50.93 35.77 38.51
N PRO E 126 -49.91 36.26 39.20
CA PRO E 126 -49.42 37.62 38.94
C PRO E 126 -48.45 37.63 37.77
N ILE E 127 -48.73 38.46 36.77
CA ILE E 127 -47.94 38.48 35.55
C ILE E 127 -47.38 39.88 35.34
N ARG E 128 -46.30 39.95 34.57
CA ARG E 128 -45.63 41.20 34.26
C ARG E 128 -45.35 41.27 32.77
N LYS E 129 -45.36 42.48 32.23
CA LYS E 129 -45.20 42.67 30.79
C LYS E 129 -43.84 42.15 30.33
N GLY E 130 -43.82 41.55 29.14
CA GLY E 130 -42.60 41.12 28.49
C GLY E 130 -42.12 39.73 28.84
N ASP E 131 -42.80 39.02 29.74
CA ASP E 131 -42.31 37.73 30.20
C ASP E 131 -42.70 36.61 29.24
N ILE E 132 -42.26 35.40 29.56
CA ILE E 132 -42.58 34.20 28.80
C ILE E 132 -42.97 33.10 29.77
N PHE E 133 -43.99 32.34 29.42
CA PHE E 133 -44.39 31.19 30.22
C PHE E 133 -44.69 30.02 29.30
N LEU E 134 -44.59 28.81 29.85
CA LEU E 134 -44.70 27.58 29.07
C LEU E 134 -45.90 26.78 29.57
N VAL E 135 -46.75 26.37 28.63
CA VAL E 135 -47.97 25.63 28.94
C VAL E 135 -47.85 24.24 28.36
N ARG E 136 -48.01 23.23 29.21
CA ARG E 136 -47.93 21.84 28.76
C ARG E 136 -49.24 21.49 28.07
N GLY E 137 -49.21 21.43 26.75
CA GLY E 137 -50.41 21.20 25.97
C GLY E 137 -50.81 19.74 25.99
N GLY E 138 -51.82 19.43 25.17
CA GLY E 138 -52.28 18.05 25.06
C GLY E 138 -51.23 17.14 24.48
N MET E 139 -50.45 17.63 23.52
CA MET E 139 -49.38 16.85 22.92
C MET E 139 -48.06 17.59 22.77
N ARG E 140 -48.07 18.92 22.75
CA ARG E 140 -46.86 19.73 22.61
C ARG E 140 -46.66 20.58 23.85
N ALA E 141 -45.65 21.45 23.80
CA ALA E 141 -45.39 22.43 24.84
C ALA E 141 -45.30 23.79 24.18
N VAL E 142 -46.38 24.58 24.26
CA VAL E 142 -46.51 25.84 23.56
C VAL E 142 -46.20 26.96 24.53
N GLU E 143 -45.30 27.87 24.14
CA GLU E 143 -44.94 29.01 24.97
C GLU E 143 -45.55 30.29 24.43
N PHE E 144 -45.98 31.14 25.35
CA PHE E 144 -46.63 32.40 25.02
C PHE E 144 -45.79 33.57 25.52
N LYS E 145 -46.16 34.77 25.11
CA LYS E 145 -45.42 35.98 25.45
C LYS E 145 -46.39 37.11 25.70
N VAL E 146 -46.46 37.61 26.93
CA VAL E 146 -47.38 38.69 27.26
C VAL E 146 -46.88 39.96 26.56
N VAL E 147 -47.56 40.35 25.49
CA VAL E 147 -47.08 41.44 24.66
C VAL E 147 -47.71 42.79 25.00
N GLU E 148 -48.79 42.80 25.79
CA GLU E 148 -49.42 44.05 26.18
C GLU E 148 -50.31 43.78 27.38
N THR E 149 -50.39 44.76 28.29
CA THR E 149 -51.25 44.63 29.45
C THR E 149 -51.81 45.98 29.82
N ASP E 150 -52.92 45.96 30.57
CA ASP E 150 -53.59 47.16 31.05
C ASP E 150 -54.11 46.94 32.46
N PRO E 151 -53.65 47.72 33.45
CA PRO E 151 -52.66 48.80 33.36
C PRO E 151 -51.24 48.26 33.23
N SER E 152 -50.37 48.98 32.54
CA SER E 152 -48.99 48.53 32.35
C SER E 152 -48.11 48.96 33.52
N PRO E 153 -47.13 48.13 33.90
CA PRO E 153 -46.88 46.77 33.41
C PRO E 153 -47.30 45.70 34.42
N TYR E 154 -47.52 46.07 35.68
CA TYR E 154 -47.87 45.11 36.71
C TYR E 154 -49.37 44.88 36.70
N CYS E 155 -49.77 43.62 36.57
CA CYS E 155 -51.19 43.26 36.59
C CYS E 155 -51.31 41.80 37.02
N ILE E 156 -52.36 41.51 37.78
CA ILE E 156 -52.65 40.15 38.21
C ILE E 156 -53.91 39.67 37.51
N VAL E 157 -53.86 38.47 36.94
CA VAL E 157 -54.99 37.94 36.19
C VAL E 157 -56.15 37.68 37.14
N ALA E 158 -57.30 38.26 36.82
CA ALA E 158 -58.49 38.24 37.64
C ALA E 158 -59.59 37.44 36.96
N PRO E 159 -60.61 36.99 37.70
CA PRO E 159 -61.72 36.28 37.05
C PRO E 159 -62.46 37.10 36.02
N ASP E 160 -62.37 38.42 36.06
CA ASP E 160 -63.03 39.28 35.09
C ASP E 160 -61.96 40.13 34.37
N THR E 161 -61.45 39.61 33.26
CA THR E 161 -60.56 40.32 32.37
C THR E 161 -60.97 40.05 30.92
N VAL E 162 -60.13 40.47 29.98
CA VAL E 162 -60.38 40.25 28.56
C VAL E 162 -59.07 39.79 27.92
N ILE E 163 -59.00 38.50 27.60
CA ILE E 163 -57.80 37.89 27.01
C ILE E 163 -57.97 37.93 25.49
N HIS E 164 -57.05 38.60 24.81
CA HIS E 164 -57.09 38.72 23.36
C HIS E 164 -55.97 37.87 22.77
N CYS E 165 -56.24 36.59 22.57
CA CYS E 165 -55.26 35.66 22.04
C CYS E 165 -55.25 35.62 20.52
N GLU E 166 -55.78 36.65 19.88
CA GLU E 166 -55.87 36.71 18.42
C GLU E 166 -54.65 37.45 17.86
N GLY E 167 -54.18 37.00 16.71
CA GLY E 167 -53.08 37.66 16.04
C GLY E 167 -51.99 36.74 15.55
N GLU E 168 -51.10 37.26 14.71
CA GLU E 168 -49.99 36.47 14.20
C GLU E 168 -48.95 36.26 15.30
N PRO E 169 -48.27 35.11 15.33
CA PRO E 169 -47.28 34.87 16.38
C PRO E 169 -46.09 35.81 16.27
N ILE E 170 -45.51 36.15 17.43
CA ILE E 170 -44.31 36.98 17.46
C ILE E 170 -43.11 36.17 17.01
N LYS E 171 -42.25 36.78 16.20
CA LYS E 171 -41.00 36.14 15.82
C LYS E 171 -40.08 36.03 17.03
N ARG E 172 -39.35 34.92 17.10
CA ARG E 172 -38.41 34.71 18.20
C ARG E 172 -37.32 35.76 18.17
N GLU E 173 -37.04 36.35 19.33
CA GLU E 173 -36.04 37.41 19.44
C GLU E 173 -34.65 36.78 19.51
N ASP E 174 -33.64 37.59 19.83
CA ASP E 174 -32.26 37.13 19.94
C ASP E 174 -31.80 36.95 21.37
N GLU E 175 -32.46 37.62 22.33
CA GLU E 175 -32.08 37.53 23.74
C GLU E 175 -33.07 36.63 24.45
N GLU E 176 -32.75 35.34 24.50
CA GLU E 176 -33.57 34.35 25.18
C GLU E 176 -32.71 33.11 25.43
N GLU E 177 -33.27 32.14 26.16
CA GLU E 177 -32.61 30.86 26.35
C GLU E 177 -33.26 29.76 25.53
N SER E 178 -34.37 30.03 24.85
CA SER E 178 -35.11 29.03 24.08
C SER E 178 -35.53 27.88 24.99
N LEU E 179 -36.48 28.21 25.88
CA LEU E 179 -36.91 27.36 26.99
C LEU E 179 -37.07 25.89 26.58
N ASN E 180 -37.42 25.65 25.33
CA ASN E 180 -37.56 24.27 24.85
C ASN E 180 -36.20 23.68 24.48
N GLU E 181 -35.26 23.73 25.41
CA GLU E 181 -33.93 23.18 25.20
C GLU E 181 -33.50 22.45 26.48
N VAL E 182 -32.37 21.75 26.40
CA VAL E 182 -31.97 20.78 27.41
C VAL E 182 -31.48 21.50 28.67
N GLY E 183 -31.59 20.83 29.82
CA GLY E 183 -31.12 21.36 31.08
C GLY E 183 -30.84 20.21 32.03
N TYR E 184 -30.49 20.56 33.27
CA TYR E 184 -30.19 19.53 34.25
C TYR E 184 -31.39 18.67 34.62
N ASP E 185 -32.61 19.14 34.40
CA ASP E 185 -33.78 18.35 34.75
C ASP E 185 -34.18 17.37 33.66
N ASP E 186 -33.44 17.35 32.55
CA ASP E 186 -33.72 16.45 31.44
C ASP E 186 -32.75 15.28 31.38
N ILE E 187 -32.27 14.81 32.52
CA ILE E 187 -31.44 13.61 32.60
C ILE E 187 -31.91 12.79 33.79
N GLY E 188 -32.03 11.48 33.59
CA GLY E 188 -32.44 10.58 34.64
C GLY E 188 -31.61 9.32 34.63
N GLY E 189 -31.43 8.75 35.82
CA GLY E 189 -30.60 7.57 35.96
C GLY E 189 -29.12 7.85 36.01
N CYS E 190 -28.72 9.12 36.00
CA CYS E 190 -27.32 9.54 36.07
C CYS E 190 -27.14 10.56 37.18
N ARG E 191 -27.56 10.19 38.38
CA ARG E 191 -27.46 11.11 39.51
C ARG E 191 -26.03 11.25 40.00
N LYS E 192 -25.29 10.15 40.11
CA LYS E 192 -23.93 10.23 40.63
C LYS E 192 -22.98 10.84 39.62
N GLN E 193 -23.03 10.39 38.37
CA GLN E 193 -22.08 10.88 37.37
C GLN E 193 -22.25 12.37 37.10
N LEU E 194 -23.49 12.83 36.99
CA LEU E 194 -23.73 14.25 36.76
C LEU E 194 -23.42 15.09 38.00
N ALA E 195 -23.04 14.48 39.10
CA ALA E 195 -22.50 15.19 40.25
C ALA E 195 -20.98 15.21 40.27
N GLN E 196 -20.32 14.63 39.26
CA GLN E 196 -18.88 14.72 39.09
C GLN E 196 -18.50 15.61 37.92
N ILE E 197 -19.16 15.47 36.77
CA ILE E 197 -18.94 16.41 35.66
C ILE E 197 -19.38 17.82 36.04
N LYS E 198 -20.23 17.98 37.04
CA LYS E 198 -20.67 19.30 37.46
C LYS E 198 -19.78 19.91 38.53
N GLU E 199 -19.05 19.10 39.31
CA GLU E 199 -18.19 19.67 40.34
C GLU E 199 -16.82 20.05 39.79
N MET E 200 -16.38 19.42 38.71
CA MET E 200 -15.06 19.66 38.15
C MET E 200 -15.08 20.60 36.95
N VAL E 201 -16.25 21.12 36.58
CA VAL E 201 -16.36 21.97 35.40
C VAL E 201 -16.97 23.34 35.71
N GLU E 202 -17.77 23.49 36.76
CA GLU E 202 -18.45 24.75 36.97
C GLU E 202 -17.47 25.87 37.31
N LEU E 203 -16.43 25.57 38.07
CA LEU E 203 -15.49 26.61 38.49
C LEU E 203 -14.69 27.19 37.33
N PRO E 204 -14.06 26.41 36.45
CA PRO E 204 -13.33 27.03 35.33
C PRO E 204 -14.22 27.76 34.35
N LEU E 205 -15.52 27.43 34.29
CA LEU E 205 -16.39 28.01 33.27
C LEU E 205 -17.24 29.16 33.81
N ARG E 206 -17.69 29.07 35.05
CA ARG E 206 -18.55 30.10 35.62
C ARG E 206 -17.72 31.33 36.02
N HIS E 207 -16.72 31.12 36.88
CA HIS E 207 -15.82 32.22 37.25
C HIS E 207 -14.41 31.92 36.78
N PRO E 208 -14.01 32.41 35.61
CA PRO E 208 -12.69 32.05 35.08
C PRO E 208 -11.55 32.79 35.77
N ALA E 209 -11.78 34.05 36.14
CA ALA E 209 -10.73 34.93 36.63
C ALA E 209 -10.05 34.40 37.89
N LEU E 210 -10.76 33.59 38.67
CA LEU E 210 -10.19 33.07 39.91
C LEU E 210 -9.00 32.17 39.66
N PHE E 211 -9.08 31.33 38.63
CA PHE E 211 -7.98 30.38 38.39
C PHE E 211 -6.71 31.08 37.93
N LYS E 212 -6.82 32.31 37.43
CA LYS E 212 -5.63 33.06 37.07
C LYS E 212 -4.90 33.56 38.31
N ALA E 213 -5.65 34.06 39.29
CA ALA E 213 -5.04 34.60 40.50
C ALA E 213 -4.48 33.49 41.39
N ILE E 214 -5.24 32.42 41.58
CA ILE E 214 -4.80 31.33 42.44
C ILE E 214 -3.58 30.61 41.86
N GLY E 215 -3.47 30.55 40.53
CA GLY E 215 -2.32 29.92 39.91
C GLY E 215 -2.24 28.40 40.06
N VAL E 216 -3.35 27.71 39.89
CA VAL E 216 -3.36 26.25 39.88
C VAL E 216 -3.78 25.76 38.49
N LYS E 217 -3.77 24.44 38.32
CA LYS E 217 -3.98 23.81 37.01
C LYS E 217 -5.45 23.44 36.84
N PRO E 218 -6.13 23.97 35.83
CA PRO E 218 -7.51 23.57 35.57
C PRO E 218 -7.56 22.22 34.87
N PRO E 219 -8.71 21.55 34.86
CA PRO E 219 -8.85 20.37 34.01
C PRO E 219 -8.85 20.77 32.54
N ARG E 220 -8.35 19.88 31.69
CA ARG E 220 -8.28 20.15 30.26
C ARG E 220 -8.83 19.02 29.40
N GLY E 221 -9.47 18.02 29.99
CA GLY E 221 -10.04 16.96 29.19
C GLY E 221 -10.81 15.96 30.03
N ILE E 222 -12.01 15.62 29.60
CA ILE E 222 -12.84 14.64 30.26
C ILE E 222 -13.26 13.61 29.22
N LEU E 223 -13.19 12.34 29.57
CA LEU E 223 -13.46 11.27 28.63
C LEU E 223 -14.60 10.41 29.14
N LEU E 224 -15.79 10.59 28.57
CA LEU E 224 -16.97 9.83 28.93
C LEU E 224 -17.01 8.58 28.07
N TYR E 225 -17.21 7.41 28.70
CA TYR E 225 -17.31 6.18 27.92
C TYR E 225 -18.52 5.37 28.37
N GLY E 226 -19.07 4.61 27.42
CA GLY E 226 -20.23 3.77 27.67
C GLY E 226 -20.83 3.28 26.37
N PRO E 227 -21.86 2.45 26.46
CA PRO E 227 -22.50 1.94 25.25
C PRO E 227 -23.19 3.07 24.49
N PRO E 228 -23.37 2.92 23.17
CA PRO E 228 -24.01 3.98 22.40
C PRO E 228 -25.50 4.09 22.72
N GLY E 229 -25.97 5.34 22.81
CA GLY E 229 -27.36 5.59 23.11
C GLY E 229 -27.69 5.78 24.57
N THR E 230 -26.69 5.88 25.43
CA THR E 230 -26.93 6.03 26.87
C THR E 230 -26.99 7.48 27.31
N GLY E 231 -26.86 8.43 26.40
CA GLY E 231 -26.93 9.83 26.77
C GLY E 231 -25.62 10.48 27.10
N LYS E 232 -24.63 10.41 26.20
CA LYS E 232 -23.35 11.04 26.46
C LYS E 232 -23.29 12.45 25.88
N THR E 233 -23.76 12.62 24.64
CA THR E 233 -23.79 13.96 24.06
C THR E 233 -24.88 14.82 24.66
N LEU E 234 -25.73 14.25 25.51
CA LEU E 234 -26.74 15.06 26.18
C LEU E 234 -26.21 15.60 27.51
N ILE E 235 -25.21 14.96 28.11
CA ILE E 235 -24.56 15.52 29.28
C ILE E 235 -23.72 16.73 28.89
N ALA E 236 -23.05 16.64 27.73
CA ALA E 236 -22.24 17.76 27.30
C ALA E 236 -23.09 18.91 26.81
N ARG E 237 -24.27 18.62 26.25
CA ARG E 237 -25.15 19.69 25.82
C ARG E 237 -25.91 20.30 27.00
N ALA E 238 -26.16 19.53 28.05
CA ALA E 238 -26.84 20.08 29.22
C ALA E 238 -25.90 20.97 30.03
N VAL E 239 -24.63 20.57 30.14
CA VAL E 239 -23.67 21.35 30.92
C VAL E 239 -23.37 22.67 30.22
N ALA E 240 -23.28 22.67 28.90
CA ALA E 240 -22.96 23.91 28.19
C ALA E 240 -24.12 24.90 28.25
N ASN E 241 -25.36 24.42 28.26
CA ASN E 241 -26.52 25.32 28.20
C ASN E 241 -26.83 26.00 29.52
N GLU E 242 -26.41 25.44 30.65
CA GLU E 242 -26.77 25.99 31.95
C GLU E 242 -25.66 26.84 32.56
N THR E 243 -24.40 26.41 32.45
CA THR E 243 -23.32 27.22 33.02
C THR E 243 -23.02 28.44 32.16
N GLY E 244 -23.31 28.38 30.87
CA GLY E 244 -23.01 29.48 29.98
C GLY E 244 -21.69 29.24 29.30
N ALA E 245 -21.74 28.82 28.03
CA ALA E 245 -20.53 28.44 27.30
C ALA E 245 -20.85 28.50 25.82
N PHE E 246 -19.98 27.92 25.00
CA PHE E 246 -20.05 28.02 23.56
C PHE E 246 -19.91 26.63 22.94
N PHE E 247 -20.77 25.70 23.36
CA PHE E 247 -20.71 24.32 22.88
C PHE E 247 -20.50 24.26 21.38
N PHE E 248 -19.35 23.71 20.98
CA PHE E 248 -18.95 23.63 19.57
C PHE E 248 -18.62 22.17 19.28
N LEU E 249 -19.54 21.48 18.62
CA LEU E 249 -19.36 20.05 18.38
C LEU E 249 -18.58 19.80 17.10
N ILE E 250 -17.59 18.93 17.18
CA ILE E 250 -16.92 18.38 16.00
C ILE E 250 -17.19 16.89 16.00
N ASN E 251 -17.43 16.32 14.82
CA ASN E 251 -17.95 14.98 14.71
C ASN E 251 -16.86 14.04 14.23
N GLY E 252 -17.08 12.74 14.45
CA GLY E 252 -16.13 11.74 14.05
C GLY E 252 -16.15 11.45 12.57
N PRO E 253 -17.27 10.92 12.07
CA PRO E 253 -17.31 10.52 10.65
C PRO E 253 -17.03 11.64 9.66
N GLU E 254 -17.53 12.86 9.87
CA GLU E 254 -17.34 13.85 8.80
C GLU E 254 -15.98 14.52 8.85
N ILE E 255 -15.17 14.26 9.87
CA ILE E 255 -13.77 14.65 9.80
C ILE E 255 -12.98 13.66 8.95
N MET E 256 -13.30 12.36 9.08
CA MET E 256 -12.54 11.33 8.40
C MET E 256 -12.79 11.29 6.90
N SER E 257 -13.79 12.02 6.40
CA SER E 257 -14.21 11.88 5.02
C SER E 257 -14.42 13.23 4.37
N LYS E 258 -13.46 14.15 4.52
CA LYS E 258 -13.58 15.44 3.83
C LYS E 258 -12.86 15.39 2.49
N LEU E 259 -11.52 15.36 2.52
CA LEU E 259 -10.72 15.11 1.32
C LEU E 259 -9.24 15.01 1.66
N ALA E 260 -8.59 13.94 1.20
CA ALA E 260 -7.14 13.82 1.20
C ALA E 260 -6.47 14.38 2.45
N GLY E 261 -5.83 15.53 2.31
CA GLY E 261 -5.13 16.18 3.41
C GLY E 261 -5.82 17.42 3.92
N GLU E 262 -7.07 17.63 3.54
CA GLU E 262 -7.78 18.81 4.02
C GLU E 262 -8.52 18.56 5.33
N SER E 263 -8.55 17.31 5.80
CA SER E 263 -9.20 17.02 7.07
C SER E 263 -8.50 17.73 8.22
N GLU E 264 -7.17 17.80 8.19
CA GLU E 264 -6.43 18.44 9.27
C GLU E 264 -6.77 19.92 9.37
N SER E 265 -7.04 20.57 8.24
CA SER E 265 -7.39 21.98 8.30
C SER E 265 -8.79 22.19 8.87
N ASN E 266 -9.52 21.10 9.11
CA ASN E 266 -10.81 21.22 9.80
C ASN E 266 -10.62 21.21 11.31
N LEU E 267 -9.68 20.39 11.81
CA LEU E 267 -9.40 20.43 13.24
C LEU E 267 -8.68 21.72 13.63
N ARG E 268 -7.74 22.16 12.80
CA ARG E 268 -6.93 23.33 13.15
C ARG E 268 -7.79 24.57 13.27
N LYS E 269 -8.80 24.71 12.42
CA LYS E 269 -9.69 25.86 12.52
C LYS E 269 -10.94 25.59 13.33
N ALA E 270 -11.11 24.37 13.86
CA ALA E 270 -12.20 24.13 14.80
C ALA E 270 -11.86 24.67 16.17
N PHE E 271 -10.60 24.56 16.59
CA PHE E 271 -10.18 25.11 17.87
C PHE E 271 -10.05 26.62 17.84
N GLU E 272 -10.12 27.24 16.66
CA GLU E 272 -9.97 28.69 16.58
C GLU E 272 -11.20 29.43 17.08
N GLU E 273 -12.39 28.95 16.74
CA GLU E 273 -13.60 29.57 17.26
C GLU E 273 -13.66 29.44 18.78
N ALA E 274 -13.29 28.27 19.31
CA ALA E 274 -13.31 28.08 20.75
C ALA E 274 -12.28 28.93 21.46
N GLU E 275 -11.32 29.51 20.74
CA GLU E 275 -10.28 30.31 21.36
C GLU E 275 -10.62 31.79 21.42
N LYS E 276 -11.43 32.29 20.49
CA LYS E 276 -11.79 33.70 20.45
C LYS E 276 -13.28 33.93 20.67
N ASN E 277 -13.97 32.99 21.31
CA ASN E 277 -15.40 33.09 21.55
C ASN E 277 -15.73 32.72 22.98
N ALA E 278 -15.02 33.31 23.94
CA ALA E 278 -15.38 33.24 25.36
C ALA E 278 -15.11 31.83 25.90
N PRO E 279 -15.31 31.57 27.21
CA PRO E 279 -15.16 30.20 27.70
C PRO E 279 -16.01 29.22 26.91
N ALA E 280 -15.36 28.32 26.19
CA ALA E 280 -16.03 27.41 25.28
C ALA E 280 -15.82 25.98 25.74
N ILE E 281 -16.61 25.09 25.16
CA ILE E 281 -16.53 23.66 25.43
C ILE E 281 -16.63 22.92 24.11
N ILE E 282 -15.69 22.02 23.87
CA ILE E 282 -15.56 21.31 22.60
C ILE E 282 -15.89 19.85 22.86
N PHE E 283 -16.72 19.26 22.01
CA PHE E 283 -17.15 17.89 22.19
C PHE E 283 -16.77 17.09 20.96
N ILE E 284 -15.79 16.21 21.09
CA ILE E 284 -15.29 15.41 19.99
C ILE E 284 -16.00 14.06 20.02
N ASP E 285 -17.12 13.95 19.32
CA ASP E 285 -17.93 12.75 19.38
C ASP E 285 -17.28 11.63 18.59
N GLU E 286 -17.46 10.39 19.06
CA GLU E 286 -16.95 9.19 18.41
C GLU E 286 -15.43 9.29 18.21
N LEU E 287 -14.72 9.33 19.33
CA LEU E 287 -13.27 9.47 19.28
C LEU E 287 -12.61 8.24 18.67
N ASP E 288 -13.20 7.07 18.84
CA ASP E 288 -12.57 5.86 18.35
C ASP E 288 -12.59 5.75 16.83
N ALA E 289 -13.31 6.64 16.16
CA ALA E 289 -13.36 6.60 14.70
C ALA E 289 -12.17 7.34 14.09
N ILE E 290 -11.57 8.28 14.83
CA ILE E 290 -10.47 9.05 14.29
C ILE E 290 -9.14 8.80 15.01
N ALA E 291 -9.16 8.24 16.20
CA ALA E 291 -7.94 7.98 16.96
C ALA E 291 -7.93 6.55 17.48
N PRO E 292 -7.79 5.57 16.57
CA PRO E 292 -7.76 4.16 17.02
C PRO E 292 -6.36 3.75 17.45
N LYS E 293 -6.17 2.47 17.76
CA LYS E 293 -4.86 1.99 18.18
C LYS E 293 -3.86 2.12 17.03
N ARG E 294 -2.57 2.11 17.40
CA ARG E 294 -1.52 2.30 16.41
C ARG E 294 -1.48 1.17 15.39
N GLU E 295 -1.76 -0.06 15.83
CA GLU E 295 -1.68 -1.20 14.93
C GLU E 295 -2.92 -1.37 14.05
N LYS E 296 -4.02 -0.68 14.35
CA LYS E 296 -5.15 -0.67 13.43
C LYS E 296 -5.04 0.41 12.37
N THR E 297 -4.09 1.33 12.47
CA THR E 297 -3.89 2.34 11.45
C THR E 297 -3.01 1.76 10.35
N HIS E 298 -3.64 1.26 9.28
CA HIS E 298 -2.93 0.58 8.22
C HIS E 298 -2.39 1.52 7.16
N GLY E 299 -2.95 2.72 7.05
CA GLY E 299 -2.49 3.70 6.07
C GLY E 299 -1.54 4.71 6.63
N GLU E 300 -1.54 5.90 6.01
CA GLU E 300 -0.67 6.99 6.45
C GLU E 300 -1.49 8.23 6.79
N VAL E 301 -2.59 8.46 6.07
CA VAL E 301 -3.40 9.63 6.35
C VAL E 301 -4.24 9.41 7.61
N GLU E 302 -4.31 8.18 8.10
CA GLU E 302 -4.89 7.96 9.43
C GLU E 302 -3.85 8.08 10.52
N ARG E 303 -2.57 8.21 10.16
CA ARG E 303 -1.55 8.55 11.15
C ARG E 303 -1.27 10.03 11.17
N ARG E 304 -1.72 10.76 10.14
CA ARG E 304 -1.56 12.20 10.13
C ARG E 304 -2.60 12.88 11.01
N ILE E 305 -3.81 12.34 11.05
CA ILE E 305 -4.88 12.97 11.82
C ILE E 305 -4.64 12.82 13.31
N VAL E 306 -4.22 11.62 13.73
CA VAL E 306 -3.99 11.38 15.16
C VAL E 306 -2.91 12.30 15.69
N SER E 307 -1.78 12.39 14.97
CA SER E 307 -0.69 13.24 15.43
C SER E 307 -1.01 14.72 15.20
N GLN E 308 -2.11 15.02 14.53
CA GLN E 308 -2.57 16.40 14.43
C GLN E 308 -3.50 16.73 15.59
N LEU E 309 -4.12 15.72 16.18
CA LEU E 309 -4.97 15.94 17.35
C LEU E 309 -4.14 16.10 18.61
N LEU E 310 -2.98 15.44 18.69
CA LEU E 310 -2.17 15.50 19.90
C LEU E 310 -1.48 16.85 20.04
N THR E 311 -1.02 17.42 18.92
CA THR E 311 -0.28 18.68 19.00
C THR E 311 -1.20 19.86 19.27
N LEU E 312 -2.50 19.71 19.02
CA LEU E 312 -3.44 20.78 19.35
C LEU E 312 -3.81 20.77 20.82
N MET E 313 -3.87 19.59 21.42
CA MET E 313 -4.22 19.50 22.83
C MET E 313 -3.09 20.01 23.71
N ASP E 314 -1.84 19.72 23.34
CA ASP E 314 -0.70 20.24 24.08
C ASP E 314 -0.48 21.73 23.86
N GLY E 315 -1.17 22.33 22.89
CA GLY E 315 -1.10 23.75 22.67
C GLY E 315 -2.05 24.58 23.50
N LEU E 316 -2.79 23.94 24.41
CA LEU E 316 -3.75 24.63 25.27
C LEU E 316 -3.06 24.92 26.61
N LYS E 317 -2.36 26.06 26.66
CA LYS E 317 -1.69 26.50 27.89
C LYS E 317 -2.31 27.82 28.32
N GLN E 318 -3.27 27.74 29.24
CA GLN E 318 -3.96 28.88 29.85
C GLN E 318 -4.73 29.62 28.76
N ARG E 319 -4.48 30.92 28.53
CA ARG E 319 -5.29 31.77 27.65
C ARG E 319 -6.73 31.67 28.13
N ALA E 320 -7.72 31.53 27.23
CA ALA E 320 -9.09 31.30 27.66
C ALA E 320 -9.24 29.89 28.19
N HIS E 321 -10.31 29.66 28.95
CA HIS E 321 -10.58 28.35 29.52
C HIS E 321 -11.40 27.54 28.52
N VAL E 322 -10.82 26.45 28.01
CA VAL E 322 -11.45 25.64 26.99
C VAL E 322 -11.41 24.18 27.45
N ILE E 323 -12.57 23.65 27.83
CA ILE E 323 -12.71 22.26 28.25
C ILE E 323 -13.07 21.46 27.02
N VAL E 324 -12.37 20.35 26.80
CA VAL E 324 -12.63 19.49 25.65
C VAL E 324 -12.97 18.09 26.14
N MET E 325 -14.22 17.68 25.91
CA MET E 325 -14.70 16.35 26.26
C MET E 325 -14.77 15.49 25.02
N ALA E 326 -14.62 14.18 25.20
CA ALA E 326 -14.72 13.22 24.13
C ALA E 326 -15.59 12.07 24.57
N ALA E 327 -16.21 11.39 23.62
CA ALA E 327 -17.09 10.26 23.89
C ALA E 327 -16.63 9.05 23.09
N THR E 328 -16.37 7.95 23.78
CA THR E 328 -15.93 6.73 23.12
C THR E 328 -16.68 5.55 23.68
N ASN E 329 -16.80 4.50 22.87
CA ASN E 329 -17.58 3.32 23.23
C ASN E 329 -16.80 2.40 24.17
N ARG E 330 -15.64 1.91 23.72
CA ARG E 330 -14.78 1.08 24.53
C ARG E 330 -13.49 1.82 24.82
N PRO E 331 -13.14 2.04 26.09
CA PRO E 331 -11.90 2.78 26.40
C PRO E 331 -10.63 1.99 26.13
N ASN E 332 -10.71 0.81 25.51
CA ASN E 332 -9.53 0.08 25.12
C ASN E 332 -9.08 0.39 23.71
N SER E 333 -9.99 0.90 22.87
CA SER E 333 -9.68 1.13 21.46
C SER E 333 -9.04 2.49 21.22
N ILE E 334 -9.02 3.37 22.20
CA ILE E 334 -8.40 4.68 22.05
C ILE E 334 -6.89 4.54 22.12
N ASP E 335 -6.18 5.31 21.30
CA ASP E 335 -4.73 5.25 21.24
C ASP E 335 -4.15 5.55 22.62
N PRO E 336 -3.24 4.71 23.14
CA PRO E 336 -2.78 4.88 24.52
C PRO E 336 -1.88 6.08 24.74
N ALA E 337 -1.62 6.85 23.68
CA ALA E 337 -0.84 8.07 23.81
C ALA E 337 -1.69 9.28 24.15
N LEU E 338 -3.00 9.11 24.25
CA LEU E 338 -3.90 10.19 24.61
C LEU E 338 -4.20 10.25 26.10
N ARG E 339 -3.96 9.18 26.84
CA ARG E 339 -4.26 9.11 28.26
C ARG E 339 -3.11 9.60 29.12
N ARG E 340 -2.17 10.34 28.54
CA ARG E 340 -1.05 10.89 29.30
C ARG E 340 -1.52 12.13 30.05
N PHE E 341 -0.59 12.91 30.59
CA PHE E 341 -0.93 14.08 31.36
C PHE E 341 -0.89 15.31 30.46
N GLY E 342 -1.74 16.28 30.76
CA GLY E 342 -1.93 17.43 29.90
C GLY E 342 -2.93 17.15 28.80
N ARG E 343 -3.40 15.91 28.75
CA ARG E 343 -4.37 15.41 27.80
C ARG E 343 -5.51 14.74 28.57
N PHE E 344 -6.32 13.96 27.86
CA PHE E 344 -7.44 13.29 28.51
C PHE E 344 -6.97 12.45 29.67
N ASP E 345 -7.28 12.87 30.89
CA ASP E 345 -6.85 12.17 32.09
C ASP E 345 -8.01 11.79 32.99
N ARG E 346 -8.99 12.69 33.15
CA ARG E 346 -10.15 12.40 33.97
C ARG E 346 -11.14 11.60 33.15
N GLU E 347 -11.58 10.46 33.67
CA GLU E 347 -12.44 9.55 32.93
C GLU E 347 -13.69 9.27 33.73
N VAL E 348 -14.85 9.37 33.08
CA VAL E 348 -16.15 9.14 33.70
C VAL E 348 -16.83 8.01 32.95
N ASP E 349 -17.58 7.19 33.69
CA ASP E 349 -18.25 6.02 33.13
C ASP E 349 -19.75 6.25 33.19
N ILE E 350 -20.43 6.07 32.06
CA ILE E 350 -21.88 6.20 31.95
C ILE E 350 -22.40 4.82 31.56
N GLY E 351 -22.77 4.02 32.55
CA GLY E 351 -23.29 2.69 32.28
C GLY E 351 -24.75 2.69 31.89
N ILE E 352 -25.26 1.50 31.60
CA ILE E 352 -26.67 1.34 31.25
C ILE E 352 -27.52 1.50 32.50
N PRO E 353 -28.75 2.00 32.39
CA PRO E 353 -29.56 2.26 33.58
C PRO E 353 -30.04 0.98 34.24
N ASP E 354 -30.31 1.09 35.55
CA ASP E 354 -30.81 -0.03 36.34
C ASP E 354 -32.33 0.07 36.45
N ALA E 355 -32.93 -0.85 37.20
CA ALA E 355 -34.39 -0.99 37.19
C ALA E 355 -35.09 0.23 37.75
N THR E 356 -34.45 0.94 38.69
CA THR E 356 -35.03 2.18 39.18
C THR E 356 -34.60 3.36 38.31
N GLY E 357 -33.67 3.12 37.38
CA GLY E 357 -33.33 4.16 36.42
C GLY E 357 -34.25 4.16 35.22
N ARG E 358 -34.66 2.98 34.76
CA ARG E 358 -35.53 2.90 33.59
C ARG E 358 -36.89 3.50 33.88
N LEU E 359 -37.27 3.59 35.16
CA LEU E 359 -38.52 4.26 35.50
C LEU E 359 -38.39 5.75 35.32
N GLU E 360 -37.20 6.31 35.57
CA GLU E 360 -37.05 7.75 35.51
C GLU E 360 -36.96 8.25 34.08
N ILE E 361 -36.39 7.46 33.17
CA ILE E 361 -36.42 7.82 31.76
C ILE E 361 -37.85 7.85 31.25
N LEU E 362 -38.68 6.95 31.76
CA LEU E 362 -40.08 6.91 31.35
C LEU E 362 -40.81 8.18 31.75
N GLN E 363 -40.62 8.64 32.98
CA GLN E 363 -41.37 9.79 33.45
C GLN E 363 -40.88 11.09 32.84
N ILE E 364 -39.74 11.06 32.14
CA ILE E 364 -39.24 12.25 31.47
C ILE E 364 -39.86 12.39 30.08
N HIS E 365 -39.85 11.30 29.31
CA HIS E 365 -40.32 11.36 27.93
C HIS E 365 -41.84 11.40 27.84
N THR E 366 -42.55 10.91 28.84
CA THR E 366 -44.00 10.88 28.84
C THR E 366 -44.62 12.09 29.52
N LYS E 367 -43.81 13.09 29.87
CA LYS E 367 -44.32 14.27 30.57
C LYS E 367 -45.26 15.07 29.67
N ASN E 368 -45.01 15.08 28.37
CA ASN E 368 -45.82 15.87 27.46
C ASN E 368 -47.16 15.21 27.18
N MET E 369 -47.18 13.88 27.06
CA MET E 369 -48.39 13.15 26.69
C MET E 369 -49.37 13.11 27.85
N LYS E 370 -50.58 12.63 27.57
CA LYS E 370 -51.66 12.58 28.56
C LYS E 370 -52.09 11.13 28.72
N LEU E 371 -51.46 10.42 29.65
CA LEU E 371 -51.73 9.01 29.83
C LEU E 371 -53.12 8.79 30.42
N ALA E 372 -53.71 7.65 30.07
CA ALA E 372 -54.97 7.23 30.67
C ALA E 372 -54.72 6.70 32.08
N ASP E 373 -55.80 6.51 32.83
CA ASP E 373 -55.69 6.14 34.24
C ASP E 373 -55.70 4.63 34.43
N ASP E 374 -54.95 3.92 33.60
CA ASP E 374 -54.73 2.50 33.82
C ASP E 374 -53.29 2.07 33.59
N VAL E 375 -52.40 2.97 33.19
CA VAL E 375 -51.01 2.63 32.93
C VAL E 375 -50.20 2.79 34.20
N ASP E 376 -49.54 1.71 34.61
CA ASP E 376 -48.67 1.72 35.78
C ASP E 376 -47.24 1.64 35.27
N LEU E 377 -46.53 2.78 35.34
CA LEU E 377 -45.19 2.84 34.76
C LEU E 377 -44.21 1.96 35.51
N GLU E 378 -44.55 1.54 36.73
CA GLU E 378 -43.68 0.61 37.45
C GLU E 378 -43.59 -0.73 36.71
N GLN E 379 -44.72 -1.22 36.19
CA GLN E 379 -44.69 -2.51 35.53
C GLN E 379 -43.88 -2.47 34.24
N VAL E 380 -44.05 -1.40 33.45
CA VAL E 380 -43.29 -1.28 32.21
C VAL E 380 -41.81 -1.04 32.51
N ALA E 381 -41.52 -0.47 33.67
CA ALA E 381 -40.12 -0.20 34.00
C ALA E 381 -39.36 -1.49 34.30
N ASN E 382 -39.96 -2.39 35.08
CA ASN E 382 -39.21 -3.51 35.63
C ASN E 382 -39.09 -4.70 34.67
N GLU E 383 -39.81 -4.71 33.55
CA GLU E 383 -39.74 -5.81 32.61
C GLU E 383 -39.05 -5.43 31.31
N THR E 384 -38.25 -4.36 31.30
CA THR E 384 -37.53 -3.92 30.12
C THR E 384 -36.03 -3.95 30.34
N HIS E 385 -35.52 -5.02 30.96
CA HIS E 385 -34.09 -5.14 31.14
C HIS E 385 -33.41 -5.38 29.79
N GLY E 386 -32.28 -4.69 29.59
CA GLY E 386 -31.58 -4.72 28.32
C GLY E 386 -31.79 -3.50 27.45
N HIS E 387 -32.57 -2.52 27.90
CA HIS E 387 -32.80 -1.29 27.15
C HIS E 387 -31.89 -0.19 27.66
N VAL E 388 -31.46 0.66 26.74
CA VAL E 388 -30.63 1.82 27.07
C VAL E 388 -31.54 3.04 27.08
N GLY E 389 -31.00 4.19 27.44
CA GLY E 389 -31.83 5.38 27.53
C GLY E 389 -32.48 5.74 26.21
N ALA E 390 -31.78 5.52 25.10
CA ALA E 390 -32.30 5.93 23.81
C ALA E 390 -33.43 5.03 23.33
N ASP E 391 -33.49 3.79 23.81
CA ASP E 391 -34.53 2.87 23.37
C ASP E 391 -35.87 3.21 24.01
N LEU E 392 -35.86 3.56 25.30
CA LEU E 392 -37.09 3.92 25.98
C LEU E 392 -37.67 5.23 25.45
N ALA E 393 -36.90 5.97 24.66
CA ALA E 393 -37.45 7.15 24.00
C ALA E 393 -38.15 6.79 22.70
N ALA E 394 -37.94 5.57 22.21
CA ALA E 394 -38.66 5.10 21.03
C ALA E 394 -39.89 4.31 21.44
N LEU E 395 -39.81 3.60 22.57
CA LEU E 395 -40.97 2.87 23.08
C LEU E 395 -42.10 3.82 23.43
N CYS E 396 -41.79 4.95 24.06
CA CYS E 396 -42.83 5.91 24.42
C CYS E 396 -43.34 6.66 23.20
N SER E 397 -42.66 6.53 22.05
CA SER E 397 -43.16 7.13 20.83
C SER E 397 -44.08 6.18 20.08
N GLU E 398 -43.79 4.87 20.13
CA GLU E 398 -44.63 3.90 19.45
C GLU E 398 -45.97 3.75 20.14
N ALA E 399 -46.01 3.95 21.46
CA ALA E 399 -47.28 3.88 22.16
C ALA E 399 -48.17 5.08 21.85
N ALA E 400 -47.61 6.12 21.23
CA ALA E 400 -48.42 7.27 20.84
C ALA E 400 -48.95 7.10 19.43
N LEU E 401 -48.09 6.66 18.51
CA LEU E 401 -48.51 6.48 17.12
C LEU E 401 -49.61 5.44 17.00
N GLN E 402 -49.61 4.44 17.89
CA GLN E 402 -50.67 3.43 17.86
C GLN E 402 -51.99 4.00 18.35
N ALA E 403 -51.95 4.91 19.32
CA ALA E 403 -53.19 5.46 19.85
C ALA E 403 -53.79 6.49 18.89
N ILE E 404 -52.99 7.03 17.98
CA ILE E 404 -53.56 7.87 16.93
C ILE E 404 -53.90 7.03 15.72
N ARG E 405 -53.28 5.87 15.56
CA ARG E 405 -53.60 4.99 14.45
C ARG E 405 -55.02 4.45 14.57
N LYS E 406 -55.47 4.19 15.80
CA LYS E 406 -56.80 3.68 16.05
C LYS E 406 -57.85 4.78 16.20
N LYS E 407 -57.49 6.04 15.92
CA LYS E 407 -58.44 7.13 15.97
C LYS E 407 -58.43 7.97 14.68
N MET E 408 -57.91 7.42 13.59
CA MET E 408 -57.73 8.21 12.38
C MET E 408 -59.05 8.64 11.75
N ASP E 409 -60.16 7.97 12.09
CA ASP E 409 -61.45 8.32 11.51
C ASP E 409 -61.86 9.74 11.89
N LEU E 410 -61.63 10.12 13.15
CA LEU E 410 -61.96 11.47 13.59
C LEU E 410 -61.15 12.52 12.85
N ILE E 411 -59.97 12.14 12.34
CA ILE E 411 -59.06 13.09 11.72
C ILE E 411 -58.91 12.71 10.24
N ASP E 412 -60.00 12.28 9.62
CA ASP E 412 -59.89 11.79 8.25
C ASP E 412 -59.49 12.92 7.31
N LEU E 413 -58.20 12.97 6.99
CA LEU E 413 -57.57 13.88 6.04
C LEU E 413 -57.57 15.32 6.53
N GLU E 414 -58.43 15.63 7.51
CA GLU E 414 -58.47 16.90 8.23
C GLU E 414 -58.17 18.09 7.32
N ASP E 415 -57.14 18.85 7.65
CA ASP E 415 -56.59 19.89 6.81
C ASP E 415 -55.06 19.82 6.94
N GLU E 416 -54.38 20.85 6.42
CA GLU E 416 -52.94 20.94 6.65
C GLU E 416 -52.62 21.19 8.12
N THR E 417 -53.55 21.77 8.87
CA THR E 417 -53.38 22.03 10.29
C THR E 417 -54.42 21.24 11.07
N ILE E 418 -53.97 20.58 12.14
CA ILE E 418 -54.81 19.68 12.92
C ILE E 418 -55.35 20.42 14.14
N ASP E 419 -56.66 20.31 14.35
CA ASP E 419 -57.30 21.03 15.45
C ASP E 419 -56.76 20.56 16.79
N ALA E 420 -56.66 21.51 17.73
CA ALA E 420 -56.12 21.21 19.05
C ALA E 420 -57.14 20.57 19.98
N GLU E 421 -58.42 20.64 19.65
CA GLU E 421 -59.44 20.01 20.50
C GLU E 421 -59.31 18.49 20.49
N VAL E 422 -59.13 17.90 19.30
CA VAL E 422 -59.03 16.45 19.20
C VAL E 422 -57.76 15.94 19.87
N MET E 423 -56.67 16.71 19.78
CA MET E 423 -55.41 16.30 20.39
C MET E 423 -55.56 16.13 21.89
N ASN E 424 -56.26 17.05 22.55
CA ASN E 424 -56.45 16.95 23.99
C ASN E 424 -57.45 15.88 24.38
N SER E 425 -58.17 15.31 23.41
CA SER E 425 -59.10 14.22 23.69
C SER E 425 -58.44 12.86 23.70
N LEU E 426 -57.20 12.76 23.23
CA LEU E 426 -56.52 11.47 23.09
C LEU E 426 -56.01 10.98 24.43
N ALA E 427 -55.78 9.66 24.49
CA ALA E 427 -55.21 9.03 25.67
C ALA E 427 -54.65 7.68 25.25
N VAL E 428 -53.53 7.31 25.85
CA VAL E 428 -52.88 6.04 25.56
C VAL E 428 -53.11 5.11 26.74
N THR E 429 -53.31 3.84 26.45
CA THR E 429 -53.65 2.84 27.45
C THR E 429 -52.50 1.83 27.56
N MET E 430 -52.68 0.85 28.46
CA MET E 430 -51.68 -0.20 28.61
C MET E 430 -51.67 -1.14 27.42
N ASP E 431 -52.77 -1.20 26.66
CA ASP E 431 -52.80 -2.06 25.48
C ASP E 431 -51.79 -1.60 24.43
N ASP E 432 -51.66 -0.29 24.23
CA ASP E 432 -50.68 0.21 23.26
C ASP E 432 -49.26 -0.09 23.70
N PHE E 433 -48.97 0.07 24.99
CA PHE E 433 -47.61 -0.16 25.47
C PHE E 433 -47.20 -1.61 25.32
N ARG E 434 -48.12 -2.54 25.60
CA ARG E 434 -47.83 -3.95 25.37
C ARG E 434 -47.63 -4.24 23.89
N TRP E 435 -48.27 -3.43 23.04
CA TRP E 435 -48.09 -3.60 21.60
C TRP E 435 -46.76 -3.02 21.14
N ALA E 436 -46.30 -1.93 21.78
CA ALA E 436 -45.04 -1.32 21.38
C ALA E 436 -43.85 -2.14 21.86
N LEU E 437 -44.01 -2.92 22.92
CA LEU E 437 -42.90 -3.72 23.42
C LEU E 437 -42.64 -4.93 22.53
N SER E 438 -43.66 -5.42 21.83
CA SER E 438 -43.51 -6.65 21.05
C SER E 438 -42.50 -6.47 19.93
N GLN E 439 -42.68 -5.45 19.09
CA GLN E 439 -41.76 -5.21 17.98
C GLN E 439 -40.66 -4.22 18.35
N SER E 440 -39.98 -4.49 19.46
CA SER E 440 -38.86 -3.66 19.90
C SER E 440 -37.68 -4.58 20.17
N ASN E 441 -36.51 -4.16 19.70
CA ASN E 441 -35.29 -4.96 19.85
C ASN E 441 -34.33 -4.24 20.79
N PRO E 442 -34.23 -4.66 22.04
CA PRO E 442 -33.28 -4.02 22.97
C PRO E 442 -31.86 -4.20 22.48
N SER E 443 -31.03 -3.19 22.75
CA SER E 443 -29.68 -3.15 22.20
C SER E 443 -28.59 -3.49 23.20
N ALA E 444 -28.88 -3.55 24.50
CA ALA E 444 -27.82 -3.85 25.46
C ALA E 444 -27.56 -5.34 25.53
N LEU E 445 -28.54 -6.12 25.99
CA LEU E 445 -28.45 -7.57 26.10
C LEU E 445 -27.12 -8.03 26.68
N ARG E 446 -26.24 -8.54 25.81
CA ARG E 446 -24.99 -9.12 26.25
C ARG E 446 -24.00 -8.05 26.70
N GLU E 447 -24.08 -7.67 27.96
CA GLU E 447 -23.17 -6.69 28.55
C GLU E 447 -23.15 -6.90 30.06
N THR E 448 -21.97 -6.76 30.65
CA THR E 448 -21.79 -7.00 32.08
C THR E 448 -22.59 -5.97 32.87
N VAL E 449 -23.59 -6.42 33.61
CA VAL E 449 -24.47 -5.53 34.36
C VAL E 449 -23.93 -5.36 35.77
N VAL E 450 -23.78 -4.11 36.18
CA VAL E 450 -23.31 -3.76 37.52
C VAL E 450 -24.47 -3.10 38.26
N GLU E 451 -24.85 -3.67 39.39
CA GLU E 451 -26.03 -3.20 40.12
C GLU E 451 -25.97 -3.77 41.53
N VAL E 452 -26.91 -3.35 42.37
CA VAL E 452 -27.07 -3.87 43.72
C VAL E 452 -28.22 -4.86 43.71
N PRO E 453 -27.96 -6.17 43.86
CA PRO E 453 -29.05 -7.14 43.80
C PRO E 453 -30.01 -6.96 44.96
N GLN E 454 -31.27 -7.35 44.74
CA GLN E 454 -32.34 -7.12 45.69
C GLN E 454 -32.59 -8.30 46.62
N VAL E 455 -31.74 -9.33 46.58
CA VAL E 455 -31.94 -10.48 47.45
C VAL E 455 -31.73 -10.07 48.89
N THR E 456 -32.66 -10.47 49.77
CA THR E 456 -32.61 -10.16 51.18
C THR E 456 -32.13 -11.38 51.96
N TRP E 457 -31.81 -11.16 53.23
CA TRP E 457 -31.36 -12.26 54.09
C TRP E 457 -32.43 -13.32 54.24
N GLU E 458 -33.70 -12.91 54.33
CA GLU E 458 -34.79 -13.85 54.53
C GLU E 458 -35.01 -14.77 53.34
N ASP E 459 -34.44 -14.46 52.17
CA ASP E 459 -34.61 -15.31 51.01
C ASP E 459 -33.87 -16.64 51.12
N ILE E 460 -32.97 -16.78 52.09
CA ILE E 460 -32.27 -18.03 52.32
C ILE E 460 -32.61 -18.53 53.73
N GLY E 461 -32.91 -19.81 53.82
CA GLY E 461 -33.28 -20.43 55.09
C GLY E 461 -32.12 -21.18 55.71
N GLY E 462 -31.92 -20.95 57.00
CA GLY E 462 -30.87 -21.63 57.73
C GLY E 462 -29.49 -21.10 57.41
N LEU E 463 -28.48 -21.90 57.80
CA LEU E 463 -27.08 -21.57 57.57
C LEU E 463 -26.71 -20.22 58.18
N GLU E 464 -27.25 -19.96 59.37
CA GLU E 464 -26.97 -18.69 60.03
C GLU E 464 -25.55 -18.63 60.57
N ASP E 465 -24.93 -19.78 60.81
CA ASP E 465 -23.53 -19.80 61.25
C ASP E 465 -22.62 -19.23 60.16
N VAL E 466 -22.88 -19.57 58.91
CA VAL E 466 -22.13 -18.98 57.81
C VAL E 466 -22.48 -17.50 57.67
N LYS E 467 -23.71 -17.12 58.00
CA LYS E 467 -24.14 -15.73 57.85
C LYS E 467 -23.33 -14.80 58.75
N ARG E 468 -23.11 -15.20 60.01
CA ARG E 468 -22.30 -14.37 60.90
C ARG E 468 -20.84 -14.34 60.44
N GLU E 469 -20.33 -15.48 59.98
CA GLU E 469 -18.93 -15.56 59.57
C GLU E 469 -18.62 -14.59 58.44
N LEU E 470 -19.48 -14.55 57.43
CA LEU E 470 -19.23 -13.69 56.28
C LEU E 470 -19.50 -12.23 56.60
N GLN E 471 -20.36 -11.96 57.59
CA GLN E 471 -20.57 -10.60 58.04
C GLN E 471 -19.30 -10.03 58.67
N GLU E 472 -18.48 -10.90 59.26
CA GLU E 472 -17.26 -10.45 59.92
C GLU E 472 -16.26 -9.88 58.93
N LEU E 473 -16.12 -10.51 57.77
CA LEU E 473 -15.04 -10.21 56.84
C LEU E 473 -15.34 -9.05 55.91
N VAL E 474 -16.53 -8.46 55.96
CA VAL E 474 -16.91 -7.45 54.97
C VAL E 474 -17.23 -6.12 55.65
N GLN E 475 -18.21 -6.11 56.55
CA GLN E 475 -18.68 -4.86 57.12
C GLN E 475 -17.63 -4.23 58.04
N TYR E 476 -17.24 -4.94 59.09
CA TYR E 476 -16.34 -4.37 60.08
C TYR E 476 -15.02 -3.82 59.50
N PRO E 477 -14.35 -4.48 58.55
CA PRO E 477 -13.13 -3.89 57.98
C PRO E 477 -13.36 -2.56 57.27
N VAL E 478 -14.59 -2.22 56.89
CA VAL E 478 -14.85 -0.96 56.21
C VAL E 478 -15.68 0.00 57.04
N GLU E 479 -16.43 -0.47 58.04
CA GLU E 479 -17.21 0.43 58.87
C GLU E 479 -16.49 0.83 60.15
N HIS E 480 -15.62 -0.02 60.68
CA HIS E 480 -14.87 0.25 61.90
C HIS E 480 -13.40 0.04 61.61
N PRO E 481 -12.75 1.01 60.95
CA PRO E 481 -11.35 0.82 60.56
C PRO E 481 -10.35 1.25 61.61
N ASP E 482 -10.76 2.03 62.61
CA ASP E 482 -9.81 2.57 63.57
C ASP E 482 -9.10 1.46 64.34
N LYS E 483 -9.85 0.43 64.76
CA LYS E 483 -9.22 -0.71 65.41
C LYS E 483 -8.29 -1.44 64.47
N PHE E 484 -8.70 -1.62 63.21
CA PHE E 484 -7.83 -2.24 62.22
C PHE E 484 -6.66 -1.33 61.85
N LEU E 485 -6.82 -0.02 61.99
CA LEU E 485 -5.68 0.88 61.81
C LEU E 485 -4.58 0.57 62.82
N LYS E 486 -4.96 0.37 64.07
CA LYS E 486 -4.05 -0.21 65.05
C LYS E 486 -3.77 -1.65 64.65
N PHE E 487 -2.55 -2.11 64.95
CA PHE E 487 -2.07 -3.45 64.60
C PHE E 487 -1.85 -3.58 63.10
N GLY E 488 -0.85 -4.38 62.71
CA GLY E 488 -0.63 -4.67 61.31
C GLY E 488 -1.62 -5.70 60.77
N MET E 489 -2.89 -5.53 61.11
CA MET E 489 -3.92 -6.45 60.67
C MET E 489 -4.11 -6.37 59.16
N THR E 490 -4.20 -7.52 58.51
CA THR E 490 -4.48 -7.58 57.08
C THR E 490 -5.84 -8.23 56.88
N PRO E 491 -6.90 -7.46 56.65
CA PRO E 491 -8.22 -8.07 56.41
C PRO E 491 -8.19 -8.97 55.18
N SER E 492 -8.93 -10.07 55.25
CA SER E 492 -8.93 -11.05 54.17
C SER E 492 -9.43 -10.42 52.88
N LYS E 493 -8.70 -10.65 51.80
CA LYS E 493 -9.06 -10.12 50.50
C LYS E 493 -9.91 -11.09 49.67
N GLY E 494 -10.21 -12.27 50.21
CA GLY E 494 -10.98 -13.25 49.46
C GLY E 494 -11.55 -14.31 50.36
N VAL E 495 -12.53 -15.04 49.82
CA VAL E 495 -13.19 -16.14 50.50
C VAL E 495 -13.54 -17.20 49.46
N LEU E 496 -13.33 -18.47 49.80
CA LEU E 496 -13.63 -19.57 48.89
C LEU E 496 -14.75 -20.43 49.48
N PHE E 497 -15.71 -20.79 48.63
CA PHE E 497 -16.81 -21.67 49.00
C PHE E 497 -16.60 -23.05 48.38
N TYR E 498 -16.80 -24.09 49.18
CA TYR E 498 -16.85 -25.44 48.65
C TYR E 498 -17.89 -26.24 49.42
N GLY E 499 -18.74 -26.95 48.69
CA GLY E 499 -19.81 -27.71 49.27
C GLY E 499 -20.61 -28.45 48.21
N PRO E 500 -21.57 -29.26 48.65
CA PRO E 500 -22.38 -30.04 47.69
C PRO E 500 -23.12 -29.12 46.74
N PRO E 501 -23.25 -29.53 45.47
CA PRO E 501 -23.90 -28.66 44.49
C PRO E 501 -25.36 -28.41 44.83
N GLY E 502 -25.86 -27.26 44.39
CA GLY E 502 -27.23 -26.86 44.65
C GLY E 502 -27.55 -26.61 46.10
N CYS E 503 -26.60 -26.07 46.86
CA CYS E 503 -26.84 -25.70 48.25
C CYS E 503 -27.01 -24.20 48.43
N GLY E 504 -26.95 -23.42 47.37
CA GLY E 504 -27.17 -21.99 47.47
C GLY E 504 -25.91 -21.20 47.77
N LYS E 505 -24.84 -21.44 47.00
CA LYS E 505 -23.64 -20.65 47.16
C LYS E 505 -23.81 -19.25 46.56
N THR E 506 -24.42 -19.17 45.38
CA THR E 506 -24.60 -17.87 44.73
C THR E 506 -25.53 -16.97 45.52
N LEU E 507 -26.44 -17.55 46.30
CA LEU E 507 -27.38 -16.73 47.07
C LEU E 507 -26.67 -16.03 48.23
N LEU E 508 -25.62 -16.63 48.77
CA LEU E 508 -24.90 -16.01 49.88
C LEU E 508 -24.13 -14.77 49.42
N ALA E 509 -23.45 -14.87 48.28
CA ALA E 509 -22.71 -13.72 47.77
C ALA E 509 -23.65 -12.58 47.41
N LYS E 510 -24.79 -12.90 46.79
CA LYS E 510 -25.74 -11.87 46.39
C LYS E 510 -26.29 -11.14 47.61
N ALA E 511 -26.63 -11.88 48.66
CA ALA E 511 -27.25 -11.28 49.83
C ALA E 511 -26.33 -10.27 50.50
N ILE E 512 -25.03 -10.56 50.56
CA ILE E 512 -24.09 -9.65 51.21
C ILE E 512 -23.99 -8.34 50.47
N ALA E 513 -23.93 -8.37 49.15
CA ALA E 513 -23.86 -7.13 48.38
C ALA E 513 -25.07 -6.25 48.65
N ASN E 514 -26.25 -6.87 48.82
CA ASN E 514 -27.44 -6.11 49.19
C ASN E 514 -27.31 -5.53 50.58
N GLU E 515 -26.77 -6.31 51.53
CA GLU E 515 -26.66 -5.83 52.90
C GLU E 515 -25.71 -4.64 53.00
N CYS E 516 -24.51 -4.77 52.42
CA CYS E 516 -23.54 -3.68 52.47
C CYS E 516 -23.81 -2.60 51.43
N GLN E 517 -24.78 -2.82 50.54
CA GLN E 517 -25.13 -1.88 49.48
C GLN E 517 -23.92 -1.57 48.60
N ALA E 518 -23.42 -2.61 47.96
CA ALA E 518 -22.29 -2.50 47.05
C ALA E 518 -22.61 -3.24 45.75
N ASN E 519 -21.95 -2.82 44.68
CA ASN E 519 -22.21 -3.39 43.37
C ASN E 519 -21.78 -4.86 43.31
N PHE E 520 -22.43 -5.62 42.43
CA PHE E 520 -22.17 -7.03 42.26
C PHE E 520 -21.83 -7.33 40.81
N ILE E 521 -20.77 -8.11 40.60
CA ILE E 521 -20.33 -8.50 39.26
C ILE E 521 -20.09 -9.99 39.26
N SER E 522 -20.67 -10.69 38.29
CA SER E 522 -20.60 -12.15 38.23
C SER E 522 -19.98 -12.58 36.91
N ILE E 523 -18.94 -13.41 36.97
CA ILE E 523 -18.31 -14.00 35.80
C ILE E 523 -18.51 -15.51 35.90
N LYS E 524 -19.27 -16.06 34.96
CA LYS E 524 -19.64 -17.47 35.02
C LYS E 524 -18.51 -18.36 34.53
N GLY E 525 -18.74 -19.66 34.64
CA GLY E 525 -17.80 -20.66 34.19
C GLY E 525 -17.59 -20.62 32.69
N PRO E 526 -18.64 -20.93 31.92
CA PRO E 526 -18.49 -20.94 30.45
C PRO E 526 -17.98 -19.62 29.90
N GLU E 527 -18.27 -18.50 30.57
CA GLU E 527 -17.66 -17.23 30.18
C GLU E 527 -16.17 -17.24 30.47
N LEU E 528 -15.75 -17.89 31.54
CA LEU E 528 -14.32 -17.93 31.88
C LEU E 528 -13.53 -18.76 30.88
N LEU E 529 -14.12 -19.79 30.31
CA LEU E 529 -13.46 -20.55 29.25
C LEU E 529 -13.64 -19.94 27.87
N THR E 530 -14.36 -18.82 27.75
CA THR E 530 -14.57 -18.21 26.43
C THR E 530 -13.25 -17.68 25.87
N MET E 531 -12.51 -16.91 26.65
CA MET E 531 -11.21 -16.41 26.22
C MET E 531 -10.07 -17.33 26.62
N TRP E 532 -10.39 -18.49 27.20
CA TRP E 532 -9.36 -19.46 27.56
C TRP E 532 -8.61 -19.97 26.34
N PHE E 533 -9.29 -20.11 25.20
CA PHE E 533 -8.69 -20.61 23.98
C PHE E 533 -8.67 -19.51 22.92
N GLY E 534 -7.57 -19.42 22.18
CA GLY E 534 -7.53 -18.55 21.03
C GLY E 534 -7.48 -17.08 21.38
N GLU E 535 -8.57 -16.58 21.94
CA GLU E 535 -8.62 -15.19 22.35
C GLU E 535 -7.59 -14.92 23.44
N SER E 536 -6.91 -13.77 23.33
CA SER E 536 -5.82 -13.47 24.23
C SER E 536 -6.33 -13.27 25.66
N GLU E 537 -5.39 -13.14 26.59
CA GLU E 537 -5.71 -12.88 27.98
C GLU E 537 -5.88 -11.39 28.27
N ALA E 538 -6.08 -10.59 27.23
CA ALA E 538 -6.37 -9.18 27.44
C ALA E 538 -7.72 -8.98 28.11
N ASN E 539 -8.65 -9.92 27.92
CA ASN E 539 -9.98 -9.78 28.50
C ASN E 539 -9.94 -9.77 30.01
N VAL E 540 -9.08 -10.61 30.61
CA VAL E 540 -9.09 -10.77 32.06
C VAL E 540 -8.60 -9.51 32.76
N ARG E 541 -8.14 -8.52 32.00
CA ARG E 541 -7.67 -7.29 32.62
C ARG E 541 -8.82 -6.36 32.96
N GLU E 542 -9.59 -5.94 31.96
CA GLU E 542 -10.59 -4.88 32.20
C GLU E 542 -11.66 -5.32 33.18
N ILE E 543 -11.91 -6.63 33.28
CA ILE E 543 -12.88 -7.11 34.26
C ILE E 543 -12.42 -6.74 35.67
N PHE E 544 -11.11 -6.72 35.90
CA PHE E 544 -10.60 -6.19 37.17
C PHE E 544 -10.63 -4.67 37.20
N ASP E 545 -10.33 -4.01 36.08
CA ASP E 545 -10.52 -2.55 36.03
C ASP E 545 -12.00 -2.18 36.13
N LYS E 546 -12.88 -2.99 35.55
CA LYS E 546 -14.32 -2.76 35.73
C LYS E 546 -14.70 -2.82 37.20
N ALA E 547 -14.17 -3.82 37.92
CA ALA E 547 -14.41 -3.91 39.35
C ALA E 547 -13.72 -2.77 40.10
N ARG E 548 -12.53 -2.38 39.65
CA ARG E 548 -11.76 -1.37 40.35
C ARG E 548 -12.48 -0.03 40.37
N GLN E 549 -13.04 0.39 39.22
CA GLN E 549 -13.65 1.71 39.14
C GLN E 549 -14.95 1.78 39.93
N ALA E 550 -15.65 0.65 40.08
CA ALA E 550 -16.95 0.62 40.72
C ALA E 550 -16.87 0.29 42.21
N ALA E 551 -15.76 0.64 42.86
CA ALA E 551 -15.63 0.38 44.28
C ALA E 551 -16.68 1.19 45.05
N PRO E 552 -17.32 0.59 46.06
CA PRO E 552 -17.16 -0.78 46.57
C PRO E 552 -17.89 -1.80 45.72
N CYS E 553 -17.38 -3.03 45.64
CA CYS E 553 -18.03 -4.07 44.85
C CYS E 553 -17.63 -5.43 45.42
N VAL E 554 -18.39 -6.45 45.02
CA VAL E 554 -18.18 -7.82 45.48
C VAL E 554 -18.04 -8.68 44.23
N LEU E 555 -16.83 -8.82 43.74
CA LEU E 555 -16.59 -9.65 42.57
C LEU E 555 -16.87 -11.12 42.91
N PHE E 556 -17.35 -11.86 41.92
CA PHE E 556 -17.73 -13.25 42.13
C PHE E 556 -17.22 -14.10 40.96
N PHE E 557 -16.56 -15.19 41.29
CA PHE E 557 -16.13 -16.18 40.31
C PHE E 557 -16.93 -17.46 40.54
N ASP E 558 -17.65 -17.91 39.51
CA ASP E 558 -18.51 -19.06 39.61
C ASP E 558 -17.85 -20.25 38.93
N GLU E 559 -17.80 -21.38 39.63
CA GLU E 559 -17.22 -22.62 39.13
C GLU E 559 -15.76 -22.40 38.71
N LEU E 560 -14.93 -22.08 39.71
CA LEU E 560 -13.51 -21.83 39.46
C LEU E 560 -12.81 -23.05 38.87
N ASP E 561 -13.18 -24.24 39.33
CA ASP E 561 -12.52 -25.47 38.90
C ASP E 561 -12.92 -25.90 37.51
N SER E 562 -13.70 -25.13 36.75
CA SER E 562 -14.11 -25.55 35.41
C SER E 562 -12.91 -25.71 34.49
N ILE E 563 -11.97 -24.77 34.55
CA ILE E 563 -10.80 -24.83 33.68
C ILE E 563 -9.91 -26.02 34.05
N ALA E 564 -9.82 -26.35 35.33
CA ALA E 564 -9.01 -27.50 35.74
C ALA E 564 -9.64 -28.80 35.27
N LYS E 565 -10.97 -28.87 35.23
CA LYS E 565 -11.65 -30.07 34.76
C LYS E 565 -11.34 -30.35 33.29
N ALA E 566 -11.24 -29.30 32.46
CA ALA E 566 -10.87 -29.49 31.06
C ALA E 566 -9.47 -30.08 30.94
N ARG E 567 -8.55 -29.65 31.81
CA ARG E 567 -7.21 -30.20 31.80
C ARG E 567 -7.22 -31.69 32.11
N GLY E 568 -8.03 -32.10 33.10
CA GLY E 568 -8.16 -33.51 33.41
C GLY E 568 -8.90 -34.25 32.32
N GLY E 569 -8.22 -35.19 31.65
CA GLY E 569 -8.84 -35.91 30.56
C GLY E 569 -7.84 -36.84 29.91
N ASN E 570 -8.23 -37.36 28.74
CA ASN E 570 -7.35 -38.27 28.01
C ASN E 570 -6.06 -37.58 27.58
N ILE E 571 -6.13 -36.34 27.13
CA ILE E 571 -4.94 -35.60 26.71
C ILE E 571 -4.76 -34.39 27.63
N GLY E 572 -5.73 -33.49 27.63
CA GLY E 572 -5.60 -32.26 28.39
C GLY E 572 -4.45 -31.41 27.89
N ASP E 573 -4.38 -31.23 26.56
CA ASP E 573 -3.29 -30.47 25.96
C ASP E 573 -3.29 -29.00 26.41
N GLY E 574 -4.41 -28.53 26.96
CA GLY E 574 -4.50 -27.18 27.46
C GLY E 574 -4.07 -26.99 28.89
N GLY E 575 -3.33 -27.94 29.46
CA GLY E 575 -2.87 -27.78 30.84
C GLY E 575 -2.02 -26.55 31.02
N GLY E 576 -1.05 -26.34 30.13
CA GLY E 576 -0.34 -25.06 30.12
C GLY E 576 -1.24 -23.92 29.73
N ALA E 577 -2.18 -24.15 28.82
CA ALA E 577 -3.17 -23.14 28.49
C ALA E 577 -4.09 -22.86 29.67
N ALA E 578 -4.46 -23.90 30.42
CA ALA E 578 -5.25 -23.69 31.63
C ALA E 578 -4.49 -22.86 32.65
N ASP E 579 -3.16 -22.90 32.60
CA ASP E 579 -2.38 -22.02 33.47
C ASP E 579 -2.43 -20.58 32.99
N ARG E 580 -2.64 -20.36 31.68
CA ARG E 580 -2.65 -18.99 31.15
C ARG E 580 -3.71 -18.15 31.85
N VAL E 581 -4.95 -18.63 31.88
CA VAL E 581 -6.01 -17.89 32.56
C VAL E 581 -5.72 -17.79 34.05
N ILE E 582 -5.24 -18.89 34.64
CA ILE E 582 -4.88 -18.87 36.06
C ILE E 582 -3.76 -17.87 36.31
N ASN E 583 -2.68 -17.95 35.53
CA ASN E 583 -1.52 -17.10 35.78
C ASN E 583 -1.90 -15.63 35.73
N GLN E 584 -2.80 -15.26 34.82
CA GLN E 584 -3.27 -13.88 34.77
C GLN E 584 -4.07 -13.52 36.01
N ILE E 585 -4.76 -14.50 36.60
CA ILE E 585 -5.62 -14.22 37.75
C ILE E 585 -4.78 -13.81 38.96
N LEU E 586 -3.73 -14.58 39.27
CA LEU E 586 -2.86 -14.16 40.37
C LEU E 586 -2.07 -12.91 40.01
N THR E 587 -1.69 -12.78 38.74
CA THR E 587 -0.96 -11.59 38.32
C THR E 587 -1.80 -10.33 38.52
N GLU E 588 -3.11 -10.45 38.38
CA GLU E 588 -4.01 -9.31 38.54
C GLU E 588 -4.88 -9.46 39.79
N MET E 589 -4.38 -10.13 40.82
CA MET E 589 -5.03 -10.14 42.11
C MET E 589 -4.14 -9.64 43.24
N ASP E 590 -2.83 -9.79 43.15
CA ASP E 590 -1.94 -9.28 44.18
C ASP E 590 -1.64 -7.81 44.03
N GLY E 591 -2.13 -7.17 42.98
CA GLY E 591 -1.90 -5.76 42.73
C GLY E 591 -2.94 -4.81 43.30
N MET E 592 -3.94 -5.30 44.01
CA MET E 592 -4.95 -4.40 44.58
C MET E 592 -4.41 -3.72 45.83
N SER E 593 -4.76 -2.45 45.99
CA SER E 593 -4.36 -1.67 47.14
C SER E 593 -5.40 -1.78 48.24
N THR E 594 -4.98 -1.48 49.47
CA THR E 594 -5.91 -1.51 50.59
C THR E 594 -6.85 -0.32 50.60
N LYS E 595 -6.43 0.79 49.97
CA LYS E 595 -7.28 1.98 49.94
C LYS E 595 -8.61 1.69 49.24
N LYS E 596 -8.54 1.15 48.03
CA LYS E 596 -9.74 0.66 47.38
C LYS E 596 -10.11 -0.70 47.94
N ASN E 597 -11.41 -0.97 48.05
CA ASN E 597 -11.89 -2.23 48.60
C ASN E 597 -12.55 -3.02 47.48
N VAL E 598 -12.08 -4.25 47.29
CA VAL E 598 -12.65 -5.21 46.35
C VAL E 598 -12.64 -6.57 47.02
N PHE E 599 -13.80 -7.20 47.08
CA PHE E 599 -13.96 -8.49 47.72
C PHE E 599 -14.12 -9.55 46.64
N ILE E 600 -13.33 -10.61 46.71
CA ILE E 600 -13.33 -11.66 45.70
C ILE E 600 -13.85 -12.94 46.34
N ILE E 601 -14.88 -13.53 45.75
CA ILE E 601 -15.51 -14.74 46.26
C ILE E 601 -15.54 -15.77 45.13
N GLY E 602 -14.96 -16.94 45.38
CA GLY E 602 -14.96 -17.99 44.39
C GLY E 602 -15.65 -19.25 44.87
N ALA E 603 -16.52 -19.82 44.03
CA ALA E 603 -17.27 -21.01 44.39
C ALA E 603 -16.77 -22.20 43.59
N THR E 604 -16.74 -23.36 44.25
CA THR E 604 -16.25 -24.58 43.62
C THR E 604 -16.96 -25.78 44.23
N ASN E 605 -16.93 -26.89 43.49
CA ASN E 605 -17.55 -28.12 43.94
C ASN E 605 -16.63 -29.34 43.85
N ARG E 606 -15.35 -29.16 43.52
CA ARG E 606 -14.36 -30.22 43.57
C ARG E 606 -13.12 -29.68 44.25
N PRO E 607 -13.17 -29.50 45.57
CA PRO E 607 -12.08 -28.78 46.27
C PRO E 607 -10.74 -29.49 46.20
N ASP E 608 -10.71 -30.79 45.90
CA ASP E 608 -9.44 -31.48 45.81
C ASP E 608 -8.72 -31.26 44.48
N ILE E 609 -9.40 -30.68 43.49
CA ILE E 609 -8.82 -30.54 42.15
C ILE E 609 -8.28 -29.14 41.89
N ILE E 610 -8.56 -28.17 42.75
CA ILE E 610 -8.02 -26.83 42.58
C ILE E 610 -6.51 -26.85 42.76
N ASP E 611 -5.81 -26.12 41.90
CA ASP E 611 -4.36 -26.09 41.97
C ASP E 611 -3.91 -25.50 43.30
N PRO E 612 -2.86 -26.05 43.92
CA PRO E 612 -2.39 -25.51 45.21
C PRO E 612 -1.88 -24.08 45.13
N ALA E 613 -1.56 -23.58 43.93
CA ALA E 613 -1.05 -22.22 43.81
C ALA E 613 -2.09 -21.18 44.25
N ILE E 614 -3.36 -21.44 43.93
CA ILE E 614 -4.42 -20.48 44.25
C ILE E 614 -4.52 -20.29 45.76
N LEU E 615 -4.49 -21.39 46.52
CA LEU E 615 -4.63 -21.34 47.96
C LEU E 615 -3.28 -21.01 48.58
N ARG E 616 -3.18 -19.84 49.20
CA ARG E 616 -1.94 -19.36 49.77
C ARG E 616 -2.27 -18.14 50.62
N PRO E 617 -1.55 -17.93 51.73
CA PRO E 617 -1.76 -16.70 52.50
C PRO E 617 -1.52 -15.46 51.66
N GLY E 618 -2.33 -14.43 51.91
CA GLY E 618 -2.32 -13.21 51.15
C GLY E 618 -3.36 -13.13 50.06
N ARG E 619 -3.93 -14.25 49.65
CA ARG E 619 -4.99 -14.33 48.65
C ARG E 619 -6.23 -14.93 49.30
N LEU E 620 -7.22 -15.28 48.48
CA LEU E 620 -8.40 -15.96 49.00
C LEU E 620 -7.96 -17.26 49.68
N ASP E 621 -8.14 -17.33 51.00
CA ASP E 621 -7.64 -18.46 51.76
C ASP E 621 -8.57 -18.99 52.82
N GLN E 622 -9.61 -18.25 53.22
CA GLN E 622 -10.57 -18.77 54.19
C GLN E 622 -11.42 -19.83 53.52
N LEU E 623 -11.34 -21.06 54.00
CA LEU E 623 -12.10 -22.18 53.46
C LEU E 623 -13.36 -22.35 54.29
N ILE E 624 -14.52 -22.29 53.65
CA ILE E 624 -15.81 -22.48 54.31
C ILE E 624 -16.53 -23.62 53.61
N TYR E 625 -17.01 -24.58 54.40
CA TYR E 625 -17.73 -25.73 53.90
C TYR E 625 -19.21 -25.55 54.14
N ILE E 626 -19.97 -25.37 53.06
CA ILE E 626 -21.42 -25.19 53.14
C ILE E 626 -22.06 -26.58 53.24
N PRO E 627 -22.76 -26.88 54.32
CA PRO E 627 -23.35 -28.22 54.48
C PRO E 627 -24.72 -28.30 53.81
N LEU E 628 -25.22 -29.53 53.73
CA LEU E 628 -26.58 -29.79 53.25
C LEU E 628 -27.58 -29.35 54.30
N PRO E 629 -28.66 -28.68 53.91
CA PRO E 629 -29.68 -28.25 54.89
C PRO E 629 -30.19 -29.40 55.74
N ASP E 630 -30.14 -29.24 57.07
CA ASP E 630 -30.47 -30.33 57.99
C ASP E 630 -31.94 -30.26 58.35
N GLU E 631 -32.74 -31.15 57.76
CA GLU E 631 -34.15 -31.36 58.07
C GLU E 631 -34.90 -30.08 58.40
N LYS E 632 -34.79 -29.65 59.66
CA LYS E 632 -35.48 -28.45 60.17
C LYS E 632 -35.27 -27.26 59.24
N SER E 633 -34.11 -27.19 58.59
CA SER E 633 -33.86 -26.11 57.63
C SER E 633 -34.86 -26.14 56.49
N ARG E 634 -35.36 -27.32 56.10
CA ARG E 634 -36.28 -27.41 54.98
C ARG E 634 -37.62 -26.75 55.28
N VAL E 635 -37.98 -26.55 56.55
CA VAL E 635 -39.23 -25.87 56.86
C VAL E 635 -39.05 -24.38 56.55
N ALA E 636 -37.81 -23.98 56.29
CA ALA E 636 -37.49 -22.65 55.83
C ALA E 636 -37.18 -22.58 54.35
N ILE E 637 -36.72 -23.70 53.76
CA ILE E 637 -36.48 -23.73 52.32
C ILE E 637 -37.79 -23.87 51.57
N LEU E 638 -38.61 -24.85 51.95
CA LEU E 638 -39.92 -25.00 51.32
C LEU E 638 -40.79 -23.78 51.60
N LYS E 639 -40.65 -23.17 52.77
CA LYS E 639 -41.35 -21.92 53.05
C LYS E 639 -40.90 -20.81 52.11
N ALA E 640 -39.62 -20.84 51.71
CA ALA E 640 -39.10 -19.87 50.77
C ALA E 640 -39.67 -20.02 49.37
N ASN E 641 -40.36 -21.12 49.08
CA ASN E 641 -41.08 -21.29 47.84
C ASN E 641 -42.58 -21.12 48.00
N LEU E 642 -43.06 -20.81 49.21
CA LEU E 642 -44.45 -20.45 49.42
C LEU E 642 -44.67 -18.96 49.30
N ARG E 643 -43.70 -18.22 48.78
CA ARG E 643 -43.89 -16.79 48.51
C ARG E 643 -44.86 -16.56 47.36
N LYS E 644 -45.21 -17.62 46.64
CA LYS E 644 -46.35 -17.63 45.73
C LYS E 644 -47.60 -17.81 46.57
N SER E 645 -48.71 -18.19 45.96
CA SER E 645 -49.91 -18.39 46.78
C SER E 645 -50.39 -19.84 46.80
N PRO E 646 -49.56 -20.81 47.20
CA PRO E 646 -50.03 -22.21 47.24
C PRO E 646 -50.59 -22.59 48.61
N VAL E 647 -51.68 -21.96 49.00
CA VAL E 647 -52.34 -22.26 50.27
C VAL E 647 -53.24 -23.47 50.04
N ALA E 648 -52.74 -24.64 50.40
CA ALA E 648 -53.44 -25.91 50.18
C ALA E 648 -54.19 -26.28 51.46
N LYS E 649 -55.33 -25.62 51.66
CA LYS E 649 -56.16 -25.73 52.86
C LYS E 649 -55.31 -25.93 54.12
N ASP E 650 -55.65 -26.92 54.93
CA ASP E 650 -54.85 -27.31 56.09
C ASP E 650 -53.57 -28.02 55.65
N VAL E 651 -52.73 -27.27 54.95
CA VAL E 651 -51.52 -27.83 54.33
C VAL E 651 -50.61 -28.44 55.38
N ASP E 652 -50.58 -27.88 56.59
CA ASP E 652 -49.84 -28.46 57.72
C ASP E 652 -48.37 -28.66 57.35
N LEU E 653 -47.70 -27.52 57.14
CA LEU E 653 -46.30 -27.53 56.71
C LEU E 653 -45.42 -28.33 57.67
N GLU E 654 -45.79 -28.38 58.96
CA GLU E 654 -45.07 -29.23 59.90
C GLU E 654 -45.19 -30.70 59.49
N PHE E 655 -46.39 -31.13 59.10
CA PHE E 655 -46.53 -32.47 58.53
C PHE E 655 -45.71 -32.61 57.26
N LEU E 656 -45.73 -31.59 56.40
CA LEU E 656 -44.91 -31.61 55.19
C LEU E 656 -43.42 -31.53 55.51
N ALA E 657 -43.06 -31.04 56.69
CA ALA E 657 -41.65 -30.93 57.06
C ALA E 657 -41.05 -32.30 57.35
N LYS E 658 -41.80 -33.16 58.05
CA LYS E 658 -41.27 -34.44 58.50
C LYS E 658 -41.15 -35.46 57.37
N MET E 659 -42.04 -35.41 56.36
CA MET E 659 -41.95 -36.37 55.27
C MET E 659 -40.70 -36.16 54.43
N THR E 660 -40.23 -34.92 54.33
CA THR E 660 -39.01 -34.62 53.58
C THR E 660 -37.79 -34.87 54.47
N ASN E 661 -36.95 -35.80 54.04
CA ASN E 661 -35.78 -36.19 54.81
C ASN E 661 -34.58 -36.37 53.88
N GLY E 662 -33.42 -35.90 54.33
CA GLY E 662 -32.17 -36.04 53.60
C GLY E 662 -32.21 -35.59 52.16
N PHE E 663 -32.48 -34.31 51.93
CA PHE E 663 -32.57 -33.74 50.60
C PHE E 663 -31.51 -32.64 50.44
N SER E 664 -31.56 -31.91 49.33
CA SER E 664 -30.63 -30.81 49.09
C SER E 664 -31.46 -29.54 49.00
N GLY E 665 -30.87 -28.42 48.63
CA GLY E 665 -31.62 -27.17 48.56
C GLY E 665 -32.22 -26.90 47.19
N ALA E 666 -31.53 -27.33 46.14
CA ALA E 666 -32.03 -27.07 44.79
C ALA E 666 -33.21 -27.98 44.45
N ASP E 667 -33.15 -29.25 44.88
CA ASP E 667 -34.21 -30.17 44.54
C ASP E 667 -35.52 -29.83 45.23
N LEU E 668 -35.44 -29.31 46.46
CA LEU E 668 -36.64 -28.94 47.20
C LEU E 668 -37.43 -27.86 46.47
N THR E 669 -36.72 -26.90 45.88
CA THR E 669 -37.38 -25.90 45.06
C THR E 669 -38.07 -26.54 43.86
N GLU E 670 -37.44 -27.56 43.27
CA GLU E 670 -38.03 -28.25 42.14
C GLU E 670 -39.34 -28.94 42.53
N ILE E 671 -39.39 -29.53 43.73
CA ILE E 671 -40.59 -30.27 44.13
C ILE E 671 -41.77 -29.33 44.27
N CYS E 672 -41.53 -28.09 44.72
CA CYS E 672 -42.61 -27.12 44.79
C CYS E 672 -43.08 -26.70 43.39
N GLN E 673 -42.13 -26.52 42.47
CA GLN E 673 -42.49 -26.18 41.10
C GLN E 673 -43.18 -27.36 40.42
N ARG E 674 -42.68 -28.57 40.62
CA ARG E 674 -43.28 -29.75 40.00
C ARG E 674 -44.69 -29.99 40.53
N ALA E 675 -44.88 -29.86 41.85
CA ALA E 675 -46.22 -30.02 42.41
C ALA E 675 -47.18 -28.96 41.90
N CYS E 676 -46.71 -27.72 41.76
CA CYS E 676 -47.56 -26.65 41.25
C CYS E 676 -47.96 -26.91 39.81
N LYS E 677 -47.06 -27.47 39.00
CA LYS E 677 -47.35 -27.69 37.60
C LYS E 677 -48.54 -28.62 37.42
N LEU E 678 -48.64 -29.66 38.25
CA LEU E 678 -49.83 -30.50 38.22
C LEU E 678 -51.08 -29.71 38.59
N ALA E 679 -50.98 -28.86 39.62
CA ALA E 679 -52.13 -28.08 40.05
C ALA E 679 -52.60 -27.13 38.94
N ILE E 680 -51.65 -26.51 38.24
CA ILE E 680 -52.01 -25.63 37.12
C ILE E 680 -52.72 -26.42 36.04
N ARG E 681 -52.20 -27.60 35.70
CA ARG E 681 -52.83 -28.42 34.68
C ARG E 681 -54.20 -28.89 35.12
N GLU E 682 -54.34 -29.28 36.40
CA GLU E 682 -55.62 -29.76 36.89
C GLU E 682 -56.71 -28.70 36.79
N SER E 683 -56.35 -27.45 37.04
CA SER E 683 -57.31 -26.37 36.88
C SER E 683 -57.72 -26.20 35.42
N ILE E 684 -56.83 -26.54 34.48
CA ILE E 684 -57.17 -26.44 33.07
C ILE E 684 -58.26 -27.44 32.70
N GLU E 685 -58.08 -28.71 33.10
CA GLU E 685 -59.12 -29.69 32.84
C GLU E 685 -60.43 -29.34 33.53
N SER E 686 -60.35 -28.65 34.67
CA SER E 686 -61.56 -28.14 35.30
C SER E 686 -62.26 -27.15 34.39
N GLU E 687 -61.59 -26.03 34.07
CA GLU E 687 -62.23 -25.01 33.24
C GLU E 687 -62.55 -25.53 31.84
N ILE E 688 -61.76 -26.48 31.33
CA ILE E 688 -62.12 -27.13 30.07
C ILE E 688 -63.44 -27.89 30.24
N ARG E 689 -63.58 -28.63 31.33
CA ARG E 689 -64.88 -29.20 31.68
C ARG E 689 -65.92 -28.12 31.90
N ARG E 690 -65.53 -27.02 32.55
CA ARG E 690 -66.47 -25.93 32.80
C ARG E 690 -66.92 -25.28 31.50
N GLU E 691 -65.98 -25.05 30.57
CA GLU E 691 -66.32 -24.33 29.35
C GLU E 691 -67.15 -25.19 28.40
N ARG E 692 -66.85 -26.50 28.32
CA ARG E 692 -67.63 -27.37 27.47
C ARG E 692 -68.99 -27.69 28.08
N GLU E 693 -69.18 -27.45 29.37
CA GLU E 693 -70.51 -27.57 29.97
C GLU E 693 -71.38 -26.38 29.59
N ARG E 694 -70.78 -25.23 29.29
CA ARG E 694 -71.52 -24.05 28.86
C ARG E 694 -72.18 -24.23 27.50
N GLN E 695 -71.80 -25.25 26.74
CA GLN E 695 -72.40 -25.48 25.42
C GLN E 695 -73.87 -25.86 25.52
N THR E 696 -74.33 -26.32 26.69
CA THR E 696 -75.71 -26.74 26.86
C THR E 696 -76.59 -25.61 27.40
N ASN E 697 -76.14 -24.94 28.46
CA ASN E 697 -76.93 -23.88 29.09
C ASN E 697 -76.36 -22.52 28.69
N PRO E 698 -77.08 -21.71 27.92
CA PRO E 698 -76.55 -20.39 27.57
C PRO E 698 -76.68 -19.39 28.70
N SER E 699 -75.58 -19.11 29.38
CA SER E 699 -75.50 -18.10 30.44
C SER E 699 -76.65 -18.23 31.43
N ALA E 700 -76.95 -19.47 31.82
CA ALA E 700 -78.07 -19.75 32.70
C ALA E 700 -77.71 -20.48 33.98
N MET E 701 -76.83 -21.48 33.94
CA MET E 701 -76.50 -22.26 35.13
C MET E 701 -75.05 -22.09 35.51
N GLU E 702 -74.18 -21.89 34.52
CA GLU E 702 -72.74 -21.98 34.71
C GLU E 702 -72.10 -20.66 34.34
N VAL E 703 -71.74 -19.86 35.34
CA VAL E 703 -71.20 -18.52 35.12
C VAL E 703 -69.83 -18.36 35.77
N GLU E 704 -69.08 -19.45 35.84
CA GLU E 704 -67.77 -19.48 36.52
C GLU E 704 -67.93 -19.12 38.00
N GLU E 705 -68.74 -19.94 38.69
CA GLU E 705 -69.06 -19.70 40.09
C GLU E 705 -67.93 -20.16 41.01
N ASP E 706 -66.73 -19.64 40.78
CA ASP E 706 -65.55 -19.87 41.62
C ASP E 706 -65.15 -21.35 41.69
N ASP E 707 -65.47 -22.13 40.67
CA ASP E 707 -65.07 -23.54 40.69
C ASP E 707 -63.58 -23.77 40.47
N PRO E 708 -62.98 -23.47 39.29
CA PRO E 708 -61.58 -23.88 39.09
C PRO E 708 -60.62 -23.17 40.01
N VAL E 709 -60.57 -21.83 39.91
CA VAL E 709 -59.99 -20.86 40.84
C VAL E 709 -58.62 -21.22 41.41
N PRO E 710 -57.67 -20.29 41.40
CA PRO E 710 -56.42 -20.53 42.13
C PRO E 710 -56.67 -20.79 43.60
N GLU E 711 -56.52 -22.05 44.02
CA GLU E 711 -56.56 -22.40 45.43
C GLU E 711 -55.36 -23.24 45.81
N ILE E 712 -54.98 -24.15 44.91
CA ILE E 712 -53.98 -25.19 45.16
C ILE E 712 -54.47 -26.09 46.28
N ARG E 713 -54.49 -27.39 46.04
CA ARG E 713 -55.09 -28.34 46.96
C ARG E 713 -54.03 -29.29 47.52
N ARG E 714 -54.24 -29.71 48.77
CA ARG E 714 -53.31 -30.61 49.42
C ARG E 714 -53.25 -31.95 48.71
N ASP E 715 -54.40 -32.45 48.24
CA ASP E 715 -54.44 -33.76 47.60
C ASP E 715 -53.70 -33.77 46.27
N HIS E 716 -53.32 -32.61 45.76
CA HIS E 716 -52.52 -32.54 44.53
C HIS E 716 -51.03 -32.40 44.83
N PHE E 717 -50.70 -32.04 46.06
CA PHE E 717 -49.30 -31.72 46.40
C PHE E 717 -48.46 -32.98 46.53
N GLU E 718 -48.98 -34.01 47.23
CA GLU E 718 -48.16 -35.16 47.55
C GLU E 718 -47.96 -36.08 46.35
N GLU E 719 -48.83 -36.00 45.35
CA GLU E 719 -48.77 -36.95 44.24
C GLU E 719 -47.47 -36.83 43.46
N ALA E 720 -46.94 -35.61 43.33
CA ALA E 720 -45.67 -35.43 42.66
C ALA E 720 -44.50 -35.89 43.53
N MET E 721 -44.66 -35.81 44.84
CA MET E 721 -43.56 -36.12 45.75
C MET E 721 -43.16 -37.59 45.67
N ARG E 722 -44.10 -38.46 45.26
CA ARG E 722 -43.81 -39.89 45.15
C ARG E 722 -42.59 -40.16 44.26
N PHE E 723 -42.46 -39.39 43.17
CA PHE E 723 -41.28 -39.49 42.32
C PHE E 723 -40.39 -38.26 42.51
N ALA E 724 -39.27 -38.45 43.19
CA ALA E 724 -38.33 -37.36 43.44
C ALA E 724 -36.92 -37.92 43.38
N ARG E 725 -35.99 -37.14 42.84
CA ARG E 725 -34.59 -37.56 42.68
C ARG E 725 -33.78 -37.03 43.86
N ARG E 726 -33.44 -37.93 44.78
CA ARG E 726 -32.60 -37.57 45.91
C ARG E 726 -31.19 -37.28 45.44
N SER E 727 -30.81 -36.00 45.45
CA SER E 727 -29.48 -35.58 45.04
C SER E 727 -28.44 -35.83 46.13
N VAL E 728 -28.78 -36.58 47.18
CA VAL E 728 -27.85 -36.88 48.25
C VAL E 728 -27.07 -38.14 47.91
N SER E 729 -26.01 -37.99 47.12
CA SER E 729 -25.17 -39.12 46.77
C SER E 729 -24.27 -39.47 47.94
N ASP E 730 -24.36 -40.72 48.41
CA ASP E 730 -23.61 -41.13 49.59
C ASP E 730 -22.11 -41.04 49.36
N ASN E 731 -21.65 -41.43 48.17
CA ASN E 731 -20.23 -41.33 47.86
C ASN E 731 -19.77 -39.88 47.82
N ASP E 732 -20.59 -38.99 47.24
CA ASP E 732 -20.19 -37.60 47.09
C ASP E 732 -20.15 -36.88 48.44
N ILE E 733 -21.18 -37.08 49.27
CA ILE E 733 -21.23 -36.39 50.56
C ILE E 733 -20.10 -36.89 51.47
N ARG E 734 -19.79 -38.19 51.39
CA ARG E 734 -18.66 -38.72 52.15
C ARG E 734 -17.34 -38.15 51.64
N LYS E 735 -17.23 -37.95 50.33
CA LYS E 735 -16.01 -37.40 49.76
C LYS E 735 -15.75 -35.99 50.26
N TYR E 736 -16.80 -35.26 50.61
CA TYR E 736 -16.62 -33.90 51.09
C TYR E 736 -16.28 -33.87 52.58
N GLU E 737 -16.92 -34.75 53.36
CA GLU E 737 -16.75 -34.68 54.81
C GLU E 737 -15.33 -35.08 55.23
N MET E 738 -14.75 -36.10 54.59
CA MET E 738 -13.41 -36.51 54.98
C MET E 738 -12.38 -35.48 54.50
N PHE E 739 -12.69 -34.80 53.40
CA PHE E 739 -11.89 -33.64 53.02
C PHE E 739 -12.09 -32.50 54.03
N ALA E 740 -13.32 -32.35 54.53
CA ALA E 740 -13.56 -31.37 55.58
C ALA E 740 -12.78 -31.72 56.85
N GLN E 741 -12.78 -33.01 57.23
CA GLN E 741 -11.99 -33.44 58.37
C GLN E 741 -10.50 -33.28 58.11
N THR E 742 -10.06 -33.59 56.88
CA THR E 742 -8.65 -33.42 56.53
C THR E 742 -8.24 -31.96 56.65
N LEU E 743 -9.07 -31.04 56.14
CA LEU E 743 -8.81 -29.63 56.33
C LEU E 743 -8.96 -29.23 57.80
N GLN E 744 -9.94 -29.82 58.49
CA GLN E 744 -10.11 -29.57 59.91
C GLN E 744 -8.91 -30.07 60.70
N GLN E 745 -8.41 -31.26 60.36
CA GLN E 745 -7.28 -31.84 61.07
C GLN E 745 -6.11 -32.11 60.12
N ARG F 3 -71.93 10.88 6.14
CA ARG F 3 -72.15 11.31 4.77
C ARG F 3 -72.03 10.14 3.80
N PRO F 4 -73.14 9.77 3.15
CA PRO F 4 -73.10 8.66 2.19
C PRO F 4 -72.67 9.11 0.81
N ASN F 5 -71.57 9.88 0.74
CA ASN F 5 -71.03 10.32 -0.54
C ASN F 5 -69.51 10.27 -0.57
N ARG F 6 -68.87 9.82 0.50
CA ARG F 6 -67.41 9.77 0.57
C ARG F 6 -67.01 8.44 1.21
N LEU F 7 -66.15 7.68 0.52
CA LEU F 7 -65.72 6.38 0.99
C LEU F 7 -64.21 6.28 0.86
N ILE F 8 -63.68 5.08 1.13
CA ILE F 8 -62.27 4.79 1.00
C ILE F 8 -62.10 3.56 0.12
N VAL F 9 -61.07 3.60 -0.73
CA VAL F 9 -60.84 2.56 -1.73
C VAL F 9 -59.83 1.56 -1.20
N ASP F 10 -59.91 0.34 -1.75
CA ASP F 10 -58.96 -0.72 -1.42
C ASP F 10 -58.91 -1.70 -2.58
N GLU F 11 -57.85 -2.51 -2.60
CA GLU F 11 -57.56 -3.34 -3.75
C GLU F 11 -58.63 -4.41 -3.94
N ALA F 12 -59.01 -4.64 -5.20
CA ALA F 12 -60.00 -5.64 -5.56
C ALA F 12 -59.31 -6.95 -5.95
N ILE F 13 -60.11 -7.92 -6.37
CA ILE F 13 -59.60 -9.26 -6.63
C ILE F 13 -59.89 -9.72 -8.06
N ASN F 14 -61.17 -9.82 -8.41
CA ASN F 14 -61.57 -10.51 -9.64
C ASN F 14 -61.80 -9.51 -10.79
N GLU F 15 -60.71 -8.84 -11.18
CA GLU F 15 -60.59 -8.02 -12.38
C GLU F 15 -61.88 -7.32 -12.78
N ASP F 16 -62.34 -7.53 -14.02
CA ASP F 16 -63.63 -7.03 -14.48
C ASP F 16 -63.70 -5.49 -14.35
N ASN F 17 -62.95 -4.84 -15.24
CA ASN F 17 -62.56 -3.44 -15.11
C ASN F 17 -63.71 -2.47 -14.86
N SER F 18 -64.95 -2.96 -14.88
CA SER F 18 -66.07 -2.10 -14.51
C SER F 18 -66.89 -2.70 -13.38
N VAL F 19 -66.23 -3.08 -12.28
CA VAL F 19 -66.92 -3.53 -11.08
C VAL F 19 -66.38 -2.80 -9.86
N VAL F 20 -67.28 -2.48 -8.93
CA VAL F 20 -66.93 -2.01 -7.59
C VAL F 20 -67.78 -2.78 -6.58
N SER F 21 -67.27 -2.90 -5.36
CA SER F 21 -67.94 -3.64 -4.30
C SER F 21 -68.52 -2.68 -3.26
N LEU F 22 -69.79 -2.89 -2.90
CA LEU F 22 -70.46 -2.10 -1.89
C LEU F 22 -71.20 -3.02 -0.93
N SER F 23 -71.42 -2.52 0.29
CA SER F 23 -72.17 -3.27 1.28
C SER F 23 -73.67 -3.15 1.04
N GLN F 24 -74.41 -4.14 1.54
CA GLN F 24 -75.86 -4.15 1.35
C GLN F 24 -76.56 -2.95 1.98
N PRO F 25 -76.29 -2.56 3.24
CA PRO F 25 -77.01 -1.41 3.80
C PRO F 25 -76.74 -0.10 3.08
N LYS F 26 -75.55 0.07 2.49
CA LYS F 26 -75.23 1.32 1.83
C LYS F 26 -76.15 1.57 0.66
N MET F 27 -76.34 0.57 -0.20
CA MET F 27 -77.29 0.71 -1.30
C MET F 27 -78.73 0.74 -0.80
N ASP F 28 -79.00 0.16 0.37
CA ASP F 28 -80.34 0.22 0.94
C ASP F 28 -80.72 1.65 1.30
N GLU F 29 -79.79 2.40 1.89
CA GLU F 29 -80.05 3.77 2.30
C GLU F 29 -79.76 4.79 1.20
N LEU F 30 -79.22 4.36 0.06
CA LEU F 30 -78.95 5.25 -1.06
C LEU F 30 -79.85 4.96 -2.25
N GLN F 31 -80.96 4.24 -2.02
CA GLN F 31 -81.91 3.82 -3.06
C GLN F 31 -81.19 3.42 -4.35
N LEU F 32 -80.18 2.58 -4.20
CA LEU F 32 -79.34 2.15 -5.31
C LEU F 32 -79.86 0.85 -5.91
N PHE F 33 -79.67 0.71 -7.22
CA PHE F 33 -80.12 -0.45 -7.97
C PHE F 33 -78.95 -1.10 -8.68
N ARG F 34 -78.91 -2.43 -8.67
CA ARG F 34 -77.90 -3.15 -9.45
C ARG F 34 -78.22 -3.02 -10.93
N GLY F 35 -77.47 -2.16 -11.61
CA GLY F 35 -77.74 -1.88 -13.02
C GLY F 35 -77.65 -0.40 -13.34
N ASP F 36 -77.86 0.44 -12.34
CA ASP F 36 -77.75 1.88 -12.53
C ASP F 36 -76.33 2.27 -12.87
N THR F 37 -76.16 3.11 -13.89
CA THR F 37 -74.84 3.60 -14.26
C THR F 37 -74.40 4.66 -13.26
N VAL F 38 -73.83 4.22 -12.14
CA VAL F 38 -73.44 5.14 -11.09
C VAL F 38 -72.30 6.03 -11.57
N LEU F 39 -72.45 7.33 -11.36
CA LEU F 39 -71.44 8.31 -11.71
C LEU F 39 -70.46 8.47 -10.56
N LEU F 40 -69.20 8.20 -10.82
CA LEU F 40 -68.13 8.31 -9.82
C LEU F 40 -67.26 9.51 -10.18
N LYS F 41 -67.03 10.38 -9.19
CA LYS F 41 -66.27 11.59 -9.40
C LYS F 41 -65.18 11.70 -8.35
N GLY F 42 -64.01 12.18 -8.76
CA GLY F 42 -62.87 12.30 -7.86
C GLY F 42 -62.04 13.52 -8.18
N LYS F 43 -60.74 13.39 -8.00
CA LYS F 43 -59.82 14.51 -8.16
C LYS F 43 -59.77 14.97 -9.62
N LYS F 44 -59.41 16.24 -9.80
CA LYS F 44 -59.18 16.84 -11.11
C LYS F 44 -60.43 16.84 -11.98
N ARG F 45 -61.61 16.82 -11.34
CA ARG F 45 -62.88 16.85 -12.05
C ARG F 45 -62.99 15.71 -13.06
N ARG F 46 -62.40 14.57 -12.72
CA ARG F 46 -62.42 13.39 -13.57
C ARG F 46 -63.52 12.45 -13.11
N GLU F 47 -64.20 11.83 -14.07
CA GLU F 47 -65.36 11.01 -13.79
C GLU F 47 -65.19 9.63 -14.40
N ALA F 48 -65.67 8.61 -13.70
CA ALA F 48 -65.72 7.24 -14.20
C ALA F 48 -67.11 6.69 -13.96
N VAL F 49 -67.59 5.89 -14.92
CA VAL F 49 -68.87 5.21 -14.83
C VAL F 49 -68.60 3.73 -14.60
N CYS F 50 -69.36 3.14 -13.69
CA CYS F 50 -69.20 1.73 -13.35
C CYS F 50 -70.57 1.13 -13.06
N ILE F 51 -70.56 -0.16 -12.71
CA ILE F 51 -71.77 -0.89 -12.36
C ILE F 51 -71.63 -1.37 -10.92
N VAL F 52 -72.72 -1.33 -10.18
CA VAL F 52 -72.71 -1.64 -8.75
C VAL F 52 -73.20 -3.07 -8.53
N LEU F 53 -72.44 -3.83 -7.75
CA LEU F 53 -72.83 -5.18 -7.38
C LEU F 53 -72.48 -5.39 -5.90
N SER F 54 -73.17 -6.33 -5.28
CA SER F 54 -73.01 -6.59 -3.87
C SER F 54 -71.70 -7.33 -3.60
N ASP F 55 -71.28 -7.31 -2.33
CA ASP F 55 -70.12 -8.05 -1.88
C ASP F 55 -70.44 -8.69 -0.53
N ASP F 56 -69.85 -9.86 -0.29
CA ASP F 56 -70.18 -10.62 0.92
C ASP F 56 -69.65 -9.93 2.17
N THR F 57 -68.38 -9.54 2.16
CA THR F 57 -67.70 -9.01 3.35
C THR F 57 -67.40 -7.53 3.25
N CYS F 58 -68.10 -6.81 2.37
CA CYS F 58 -67.84 -5.38 2.22
C CYS F 58 -68.40 -4.61 3.40
N SER F 59 -67.57 -3.76 3.99
CA SER F 59 -68.02 -2.90 5.08
C SER F 59 -68.75 -1.68 4.50
N ASP F 60 -69.30 -0.85 5.40
CA ASP F 60 -70.14 0.25 4.96
C ASP F 60 -69.33 1.32 4.23
N GLU F 61 -68.20 1.73 4.79
CA GLU F 61 -67.47 2.88 4.27
C GLU F 61 -66.31 2.51 3.37
N LYS F 62 -66.11 1.23 3.08
CA LYS F 62 -65.02 0.78 2.23
C LYS F 62 -65.58 0.27 0.91
N ILE F 63 -64.96 0.69 -0.20
CA ILE F 63 -65.37 0.31 -1.54
C ILE F 63 -64.18 -0.34 -2.22
N ARG F 64 -64.40 -1.49 -2.87
CA ARG F 64 -63.34 -2.25 -3.51
C ARG F 64 -63.37 -2.03 -5.01
N MET F 65 -62.20 -1.72 -5.58
CA MET F 65 -62.10 -1.42 -7.00
C MET F 65 -60.68 -1.71 -7.45
N ASN F 66 -60.53 -2.19 -8.69
CA ASN F 66 -59.24 -2.64 -9.18
C ASN F 66 -58.42 -1.45 -9.67
N ARG F 67 -57.30 -1.73 -10.33
CA ARG F 67 -56.34 -0.67 -10.66
C ARG F 67 -56.82 0.20 -11.80
N VAL F 68 -57.53 -0.37 -12.77
CA VAL F 68 -57.87 0.38 -13.97
C VAL F 68 -58.84 1.50 -13.65
N VAL F 69 -59.78 1.26 -12.73
CA VAL F 69 -60.73 2.31 -12.37
C VAL F 69 -60.04 3.42 -11.59
N ARG F 70 -59.13 3.06 -10.67
CA ARG F 70 -58.47 4.06 -9.86
C ARG F 70 -57.58 4.96 -10.70
N ASN F 71 -56.93 4.39 -11.71
CA ASN F 71 -56.05 5.20 -12.57
C ASN F 71 -56.84 6.27 -13.29
N ASN F 72 -58.07 5.97 -13.72
CA ASN F 72 -58.90 6.98 -14.36
C ASN F 72 -59.31 8.07 -13.38
N LEU F 73 -59.68 7.69 -12.17
CA LEU F 73 -60.11 8.65 -11.16
C LEU F 73 -58.97 9.48 -10.61
N ARG F 74 -57.72 9.14 -10.93
CA ARG F 74 -56.54 9.83 -10.42
C ARG F 74 -56.48 9.84 -8.90
N VAL F 75 -57.01 8.78 -8.29
CA VAL F 75 -56.97 8.63 -6.84
C VAL F 75 -55.98 7.52 -6.48
N ARG F 76 -55.68 7.37 -5.20
CA ARG F 76 -54.77 6.35 -4.73
C ARG F 76 -55.43 5.63 -3.55
N LEU F 77 -54.70 4.70 -2.95
CA LEU F 77 -55.26 3.91 -1.86
C LEU F 77 -55.60 4.81 -0.67
N GLY F 78 -56.79 4.58 -0.11
CA GLY F 78 -57.19 5.32 1.08
C GLY F 78 -57.63 6.74 0.85
N ASP F 79 -57.93 7.12 -0.39
CA ASP F 79 -58.39 8.47 -0.68
C ASP F 79 -59.92 8.53 -0.54
N VAL F 80 -60.54 9.60 -1.01
CA VAL F 80 -61.98 9.80 -0.91
C VAL F 80 -62.56 9.98 -2.31
N ILE F 81 -63.71 9.34 -2.55
CA ILE F 81 -64.39 9.40 -3.84
C ILE F 81 -65.84 9.79 -3.63
N SER F 82 -66.44 10.31 -4.70
CA SER F 82 -67.83 10.74 -4.70
C SER F 82 -68.65 9.84 -5.61
N ILE F 83 -69.76 9.34 -5.09
CA ILE F 83 -70.64 8.42 -5.81
C ILE F 83 -72.02 9.06 -5.94
N GLN F 84 -72.55 9.06 -7.16
CA GLN F 84 -73.86 9.63 -7.44
C GLN F 84 -74.57 8.79 -8.51
N PRO F 85 -75.68 8.14 -8.17
CA PRO F 85 -76.37 7.30 -9.16
C PRO F 85 -76.95 8.14 -10.29
N CYS F 86 -76.58 7.80 -11.53
CA CYS F 86 -77.02 8.52 -12.72
C CYS F 86 -77.47 7.52 -13.77
N PRO F 87 -78.63 6.87 -13.56
CA PRO F 87 -79.13 5.86 -14.50
C PRO F 87 -80.05 6.44 -15.57
N ASP F 88 -79.54 7.42 -16.33
CA ASP F 88 -80.28 8.02 -17.42
C ASP F 88 -79.39 8.22 -18.63
N VAL F 89 -78.56 7.22 -18.93
CA VAL F 89 -77.61 7.31 -20.02
C VAL F 89 -78.27 6.84 -21.31
N LYS F 90 -77.70 7.26 -22.44
CA LYS F 90 -78.25 6.94 -23.75
C LYS F 90 -77.25 6.14 -24.56
N TYR F 91 -77.77 5.26 -25.43
CA TYR F 91 -76.92 4.39 -26.22
C TYR F 91 -76.06 5.20 -27.18
N GLY F 92 -74.90 4.66 -27.49
CA GLY F 92 -73.98 5.30 -28.42
C GLY F 92 -74.20 4.86 -29.85
N LYS F 93 -74.06 5.82 -30.76
CA LYS F 93 -74.21 5.55 -32.19
C LYS F 93 -72.90 5.26 -32.89
N ARG F 94 -71.78 5.74 -32.35
CA ARG F 94 -70.47 5.48 -32.93
C ARG F 94 -69.40 5.82 -31.90
N ILE F 95 -68.35 5.01 -31.85
CA ILE F 95 -67.25 5.19 -30.91
C ILE F 95 -65.95 5.20 -31.70
N HIS F 96 -64.92 5.83 -31.13
CA HIS F 96 -63.60 5.92 -31.76
C HIS F 96 -62.53 5.69 -30.72
N VAL F 97 -61.85 4.55 -30.79
CA VAL F 97 -60.81 4.18 -29.84
C VAL F 97 -59.53 3.91 -30.61
N LEU F 98 -58.38 4.11 -29.97
CA LEU F 98 -57.08 3.93 -30.58
C LEU F 98 -56.08 3.42 -29.56
N PRO F 99 -55.01 2.76 -30.00
CA PRO F 99 -54.02 2.25 -29.05
C PRO F 99 -52.96 3.30 -28.74
N ILE F 100 -52.01 2.92 -27.89
CA ILE F 100 -50.88 3.76 -27.51
C ILE F 100 -49.65 3.26 -28.27
N ASP F 101 -48.77 4.19 -28.64
CA ASP F 101 -47.61 3.83 -29.46
C ASP F 101 -46.71 2.82 -28.74
N ASP F 102 -46.32 3.14 -27.52
CA ASP F 102 -45.35 2.29 -26.82
C ASP F 102 -46.05 1.12 -26.14
N THR F 103 -46.95 0.47 -26.86
CA THR F 103 -47.51 -0.83 -26.48
C THR F 103 -47.72 -1.76 -27.66
N VAL F 104 -47.70 -1.26 -28.91
CA VAL F 104 -48.01 -2.08 -30.07
C VAL F 104 -46.85 -2.05 -31.06
N GLU F 105 -45.62 -1.98 -30.56
CA GLU F 105 -44.47 -1.96 -31.43
C GLU F 105 -44.41 -3.24 -32.25
N GLY F 106 -44.47 -3.11 -33.57
CA GLY F 106 -44.35 -4.27 -34.44
C GLY F 106 -45.45 -5.29 -34.27
N ILE F 107 -46.70 -4.85 -34.26
CA ILE F 107 -47.85 -5.75 -34.19
C ILE F 107 -48.73 -5.63 -35.43
N THR F 108 -49.28 -4.45 -35.68
CA THR F 108 -50.18 -4.22 -36.81
C THR F 108 -51.32 -5.24 -36.74
N GLY F 109 -51.77 -5.73 -37.88
CA GLY F 109 -52.86 -6.66 -37.91
C GLY F 109 -54.20 -5.97 -37.70
N ASN F 110 -55.24 -6.79 -37.60
CA ASN F 110 -56.60 -6.29 -37.39
C ASN F 110 -56.90 -6.36 -35.90
N LEU F 111 -56.69 -5.23 -35.20
CA LEU F 111 -56.87 -5.20 -33.76
C LEU F 111 -58.33 -5.43 -33.37
N PHE F 112 -59.27 -5.08 -34.24
CA PHE F 112 -60.68 -5.12 -33.87
C PHE F 112 -61.13 -6.54 -33.57
N GLU F 113 -60.68 -7.51 -34.38
CA GLU F 113 -61.22 -8.86 -34.28
C GLU F 113 -60.46 -9.74 -33.30
N VAL F 114 -59.35 -9.28 -32.74
CA VAL F 114 -58.61 -10.06 -31.75
C VAL F 114 -58.65 -9.44 -30.36
N TYR F 115 -58.84 -8.13 -30.23
CA TYR F 115 -58.84 -7.47 -28.93
C TYR F 115 -60.21 -6.91 -28.56
N LEU F 116 -60.78 -6.04 -29.38
CA LEU F 116 -62.02 -5.36 -28.99
C LEU F 116 -63.22 -6.30 -29.02
N LYS F 117 -63.30 -7.16 -30.03
CA LYS F 117 -64.47 -8.04 -30.15
C LYS F 117 -64.64 -8.97 -28.96
N PRO F 118 -63.61 -9.63 -28.43
CA PRO F 118 -63.84 -10.46 -27.24
C PRO F 118 -64.08 -9.64 -25.98
N TYR F 119 -63.53 -8.43 -25.89
CA TYR F 119 -63.68 -7.63 -24.69
C TYR F 119 -65.07 -7.02 -24.56
N PHE F 120 -65.63 -6.52 -25.66
CA PHE F 120 -66.93 -5.86 -25.65
C PHE F 120 -68.07 -6.77 -26.04
N LEU F 121 -67.97 -8.07 -25.77
CA LEU F 121 -68.97 -9.03 -26.23
C LEU F 121 -69.92 -9.38 -25.09
N GLU F 122 -71.20 -9.01 -25.27
CA GLU F 122 -72.27 -9.36 -24.33
C GLU F 122 -71.96 -8.87 -22.91
N ALA F 123 -71.34 -7.70 -22.82
CA ALA F 123 -71.03 -7.10 -21.53
C ALA F 123 -71.66 -5.74 -21.31
N TYR F 124 -72.09 -5.05 -22.37
CA TYR F 124 -72.73 -3.74 -22.26
C TYR F 124 -71.86 -2.77 -21.48
N ARG F 125 -70.58 -2.72 -21.82
CA ARG F 125 -69.62 -1.95 -21.03
C ARG F 125 -69.84 -0.45 -21.24
N PRO F 126 -70.12 0.31 -20.19
CA PRO F 126 -70.27 1.76 -20.35
C PRO F 126 -68.93 2.47 -20.27
N ILE F 127 -68.76 3.49 -21.11
CA ILE F 127 -67.50 4.22 -21.18
C ILE F 127 -67.78 5.71 -21.16
N ARG F 128 -66.73 6.47 -20.85
CA ARG F 128 -66.74 7.93 -20.92
C ARG F 128 -65.56 8.38 -21.75
N LYS F 129 -65.77 9.45 -22.52
CA LYS F 129 -64.71 9.97 -23.37
C LYS F 129 -63.47 10.30 -22.56
N GLY F 130 -62.32 9.81 -23.01
CA GLY F 130 -61.04 10.13 -22.42
C GLY F 130 -60.41 9.07 -21.54
N ASP F 131 -61.14 8.01 -21.17
CA ASP F 131 -60.61 7.04 -20.24
C ASP F 131 -59.65 6.07 -20.94
N ILE F 132 -59.05 5.17 -20.15
CA ILE F 132 -58.09 4.18 -20.64
C ILE F 132 -58.45 2.83 -20.06
N PHE F 133 -58.41 1.80 -20.90
CA PHE F 133 -58.65 0.44 -20.45
C PHE F 133 -57.61 -0.49 -21.05
N LEU F 134 -57.31 -1.57 -20.33
CA LEU F 134 -56.22 -2.48 -20.67
C LEU F 134 -56.78 -3.84 -21.05
N VAL F 135 -56.32 -4.36 -22.19
CA VAL F 135 -56.82 -5.60 -22.76
C VAL F 135 -55.69 -6.63 -22.74
N ARG F 136 -56.01 -7.85 -22.32
CA ARG F 136 -55.02 -8.93 -22.27
C ARG F 136 -54.91 -9.56 -23.65
N GLY F 137 -53.75 -9.40 -24.28
CA GLY F 137 -53.53 -9.92 -25.62
C GLY F 137 -53.08 -11.38 -25.61
N GLY F 138 -52.67 -11.83 -26.79
CA GLY F 138 -52.16 -13.19 -26.90
C GLY F 138 -50.86 -13.39 -26.15
N MET F 139 -49.96 -12.42 -26.23
CA MET F 139 -48.71 -12.44 -25.48
C MET F 139 -48.37 -11.12 -24.83
N ARG F 140 -49.16 -10.06 -25.05
CA ARG F 140 -48.91 -8.75 -24.49
C ARG F 140 -50.15 -8.26 -23.76
N ALA F 141 -50.10 -6.98 -23.37
CA ALA F 141 -51.25 -6.30 -22.76
C ALA F 141 -51.37 -4.92 -23.39
N VAL F 142 -52.27 -4.79 -24.35
CA VAL F 142 -52.42 -3.56 -25.12
C VAL F 142 -53.48 -2.69 -24.48
N GLU F 143 -53.14 -1.43 -24.22
CA GLU F 143 -54.05 -0.50 -23.58
C GLU F 143 -54.46 0.60 -24.55
N PHE F 144 -55.77 0.75 -24.72
CA PHE F 144 -56.34 1.68 -25.68
C PHE F 144 -56.71 2.98 -25.00
N LYS F 145 -57.27 3.90 -25.79
CA LYS F 145 -57.75 5.18 -25.29
C LYS F 145 -59.02 5.55 -26.05
N VAL F 146 -60.05 5.96 -25.32
CA VAL F 146 -61.29 6.43 -25.94
C VAL F 146 -61.10 7.91 -26.26
N VAL F 147 -60.64 8.21 -27.47
CA VAL F 147 -60.27 9.57 -27.80
C VAL F 147 -61.47 10.42 -28.25
N GLU F 148 -62.52 9.81 -28.77
CA GLU F 148 -63.71 10.55 -29.16
C GLU F 148 -64.91 9.60 -29.12
N THR F 149 -66.09 10.17 -28.98
CA THR F 149 -67.31 9.37 -28.91
C THR F 149 -68.50 10.22 -29.32
N ASP F 150 -69.66 9.56 -29.40
CA ASP F 150 -70.92 10.21 -29.72
C ASP F 150 -72.08 9.28 -29.40
N PRO F 151 -73.10 9.75 -28.67
CA PRO F 151 -73.28 11.09 -28.11
C PRO F 151 -72.47 11.28 -26.83
N SER F 152 -71.75 12.38 -26.72
CA SER F 152 -70.88 12.62 -25.59
C SER F 152 -71.68 12.81 -24.31
N PRO F 153 -71.16 12.36 -23.17
CA PRO F 153 -69.96 11.54 -23.01
C PRO F 153 -70.27 10.10 -22.66
N TYR F 154 -71.49 9.81 -22.21
CA TYR F 154 -71.85 8.49 -21.72
C TYR F 154 -72.48 7.68 -22.86
N CYS F 155 -71.73 6.71 -23.38
CA CYS F 155 -72.24 5.94 -24.51
C CYS F 155 -71.95 4.46 -24.27
N ILE F 156 -72.89 3.79 -23.60
CA ILE F 156 -72.74 2.36 -23.36
C ILE F 156 -72.77 1.63 -24.69
N VAL F 157 -71.83 0.68 -24.86
CA VAL F 157 -71.66 0.00 -26.14
C VAL F 157 -72.77 -1.00 -26.36
N ALA F 158 -73.77 -0.61 -27.16
CA ALA F 158 -74.89 -1.48 -27.44
C ALA F 158 -74.52 -2.50 -28.52
N PRO F 159 -75.24 -3.64 -28.57
CA PRO F 159 -74.93 -4.64 -29.61
C PRO F 159 -75.04 -4.12 -31.03
N ASP F 160 -75.64 -2.96 -31.25
CA ASP F 160 -75.65 -2.32 -32.57
C ASP F 160 -74.95 -0.97 -32.45
N THR F 161 -73.63 -1.00 -32.57
CA THR F 161 -72.81 0.19 -32.45
C THR F 161 -71.64 0.08 -33.41
N VAL F 162 -71.09 1.24 -33.78
CA VAL F 162 -69.99 1.32 -34.73
C VAL F 162 -68.70 1.64 -33.97
N ILE F 163 -67.69 0.80 -34.14
CA ILE F 163 -66.39 0.97 -33.49
C ILE F 163 -65.38 1.35 -34.55
N HIS F 164 -64.69 2.47 -34.34
CA HIS F 164 -63.74 3.02 -35.30
C HIS F 164 -62.34 2.91 -34.69
N CYS F 165 -61.69 1.76 -34.88
CA CYS F 165 -60.40 1.48 -34.27
C CYS F 165 -59.23 1.74 -35.19
N GLU F 166 -59.46 2.41 -36.33
CA GLU F 166 -58.43 2.63 -37.33
C GLU F 166 -57.85 4.03 -37.18
N GLY F 167 -56.53 4.13 -37.22
CA GLY F 167 -55.85 5.40 -37.13
C GLY F 167 -54.50 5.25 -36.47
N GLU F 168 -53.74 6.33 -36.47
CA GLU F 168 -52.43 6.34 -35.83
C GLU F 168 -52.60 6.32 -34.31
N PRO F 169 -51.66 5.73 -33.58
CA PRO F 169 -51.78 5.69 -32.12
C PRO F 169 -51.41 7.02 -31.48
N ILE F 170 -51.92 7.24 -30.27
CA ILE F 170 -51.72 8.49 -29.56
C ILE F 170 -50.42 8.43 -28.78
N LYS F 171 -49.72 9.56 -28.71
CA LYS F 171 -48.52 9.67 -27.90
C LYS F 171 -48.84 9.52 -26.42
N ARG F 172 -47.91 8.90 -25.71
CA ARG F 172 -48.09 8.66 -24.28
C ARG F 172 -48.07 9.98 -23.51
N GLU F 173 -49.23 10.39 -23.03
CA GLU F 173 -49.35 11.63 -22.29
C GLU F 173 -48.65 11.51 -20.93
N ASP F 174 -48.18 12.65 -20.44
CA ASP F 174 -47.40 12.68 -19.21
C ASP F 174 -48.25 12.75 -17.95
N GLU F 175 -49.53 13.12 -18.07
CA GLU F 175 -50.38 13.22 -16.88
C GLU F 175 -50.53 11.85 -16.21
N GLU F 176 -51.15 10.91 -16.90
CA GLU F 176 -51.22 9.55 -16.39
C GLU F 176 -49.88 8.87 -16.58
N GLU F 177 -49.52 8.01 -15.62
CA GLU F 177 -48.20 7.38 -15.66
C GLU F 177 -48.18 6.16 -16.59
N SER F 178 -48.90 5.10 -16.20
CA SER F 178 -48.97 3.86 -16.95
C SER F 178 -49.89 2.88 -16.24
N LEU F 179 -50.22 1.76 -16.89
CA LEU F 179 -50.94 0.67 -16.26
C LEU F 179 -50.14 -0.63 -16.31
N ASN F 180 -48.88 -0.55 -16.73
CA ASN F 180 -48.01 -1.72 -16.84
C ASN F 180 -46.90 -1.74 -15.80
N GLU F 181 -46.79 -0.73 -14.96
CA GLU F 181 -45.75 -0.70 -13.95
C GLU F 181 -46.21 -1.47 -12.71
N VAL F 182 -45.27 -1.73 -11.80
CA VAL F 182 -45.47 -2.65 -10.69
C VAL F 182 -46.47 -2.08 -9.70
N GLY F 183 -47.12 -2.95 -8.93
CA GLY F 183 -48.10 -2.55 -7.95
C GLY F 183 -48.19 -3.59 -6.86
N TYR F 184 -49.20 -3.44 -6.01
CA TYR F 184 -49.36 -4.40 -4.91
C TYR F 184 -49.87 -5.74 -5.39
N ASP F 185 -50.39 -5.82 -6.61
CA ASP F 185 -50.89 -7.07 -7.18
C ASP F 185 -49.84 -7.79 -8.02
N ASP F 186 -48.57 -7.40 -7.88
CA ASP F 186 -47.47 -7.98 -8.65
C ASP F 186 -46.43 -8.63 -7.73
N ILE F 187 -46.83 -9.02 -6.53
CA ILE F 187 -45.96 -9.71 -5.59
C ILE F 187 -46.72 -10.88 -5.00
N GLY F 188 -46.05 -12.02 -4.86
CA GLY F 188 -46.63 -13.17 -4.20
C GLY F 188 -45.57 -13.87 -3.37
N GLY F 189 -46.05 -14.63 -2.38
CA GLY F 189 -45.14 -15.30 -1.48
C GLY F 189 -44.59 -14.45 -0.37
N CYS F 190 -44.97 -13.17 -0.32
CA CYS F 190 -44.55 -12.24 0.72
C CYS F 190 -45.74 -11.45 1.23
N ARG F 191 -46.80 -12.14 1.65
CA ARG F 191 -47.96 -11.45 2.18
C ARG F 191 -47.71 -10.93 3.59
N LYS F 192 -46.81 -11.57 4.33
CA LYS F 192 -46.53 -11.12 5.69
C LYS F 192 -45.54 -9.96 5.69
N GLN F 193 -44.41 -10.11 5.00
CA GLN F 193 -43.38 -9.07 5.01
C GLN F 193 -43.85 -7.80 4.33
N LEU F 194 -44.66 -7.93 3.28
CA LEU F 194 -45.20 -6.74 2.64
C LEU F 194 -46.29 -6.11 3.48
N ALA F 195 -46.71 -6.78 4.56
CA ALA F 195 -47.63 -6.14 5.50
C ALA F 195 -46.87 -5.34 6.55
N GLN F 196 -45.66 -5.75 6.88
CA GLN F 196 -44.86 -5.01 7.87
C GLN F 196 -44.35 -3.70 7.27
N ILE F 197 -43.83 -3.75 6.04
CA ILE F 197 -43.30 -2.54 5.42
C ILE F 197 -44.42 -1.53 5.18
N LYS F 198 -45.59 -2.02 4.80
CA LYS F 198 -46.68 -1.12 4.44
C LYS F 198 -47.17 -0.32 5.64
N GLU F 199 -47.06 -0.88 6.85
CA GLU F 199 -47.53 -0.16 8.03
C GLU F 199 -46.53 0.91 8.46
N MET F 200 -45.24 0.69 8.22
CA MET F 200 -44.21 1.64 8.63
C MET F 200 -44.06 2.81 7.66
N VAL F 201 -44.52 2.65 6.41
CA VAL F 201 -44.27 3.64 5.38
C VAL F 201 -45.54 4.27 4.83
N GLU F 202 -46.72 3.72 5.11
CA GLU F 202 -47.94 4.34 4.57
C GLU F 202 -48.23 5.68 5.25
N LEU F 203 -47.91 5.81 6.53
CA LEU F 203 -48.27 7.04 7.25
C LEU F 203 -47.30 8.20 6.99
N PRO F 204 -45.97 8.03 7.06
CA PRO F 204 -45.10 9.17 6.80
C PRO F 204 -45.19 9.69 5.38
N LEU F 205 -45.48 8.83 4.40
CA LEU F 205 -45.44 9.22 3.00
C LEU F 205 -46.78 9.73 2.47
N ARG F 206 -47.89 9.25 3.01
CA ARG F 206 -49.21 9.67 2.57
C ARG F 206 -49.71 10.91 3.29
N HIS F 207 -49.38 11.11 4.57
CA HIS F 207 -49.77 12.28 5.35
C HIS F 207 -48.53 12.91 5.96
N PRO F 208 -47.80 13.73 5.20
CA PRO F 208 -46.58 14.35 5.75
C PRO F 208 -46.86 15.38 6.82
N ALA F 209 -48.00 16.06 6.76
CA ALA F 209 -48.25 17.18 7.67
C ALA F 209 -48.62 16.70 9.06
N LEU F 210 -49.26 15.54 9.17
CA LEU F 210 -49.74 15.06 10.46
C LEU F 210 -48.59 14.80 11.42
N PHE F 211 -47.46 14.30 10.90
CA PHE F 211 -46.30 14.06 11.76
C PHE F 211 -45.70 15.36 12.28
N LYS F 212 -45.96 16.48 11.61
CA LYS F 212 -45.52 17.76 12.14
C LYS F 212 -46.35 18.19 13.33
N ALA F 213 -47.68 18.04 13.23
CA ALA F 213 -48.55 18.46 14.32
C ALA F 213 -48.33 17.62 15.56
N ILE F 214 -48.33 16.30 15.42
CA ILE F 214 -48.07 15.44 16.57
C ILE F 214 -46.62 15.57 17.03
N GLY F 215 -45.69 15.79 16.11
CA GLY F 215 -44.29 15.96 16.47
C GLY F 215 -43.63 14.73 17.06
N VAL F 216 -43.85 13.57 16.47
CA VAL F 216 -43.14 12.35 16.86
C VAL F 216 -42.08 12.06 15.81
N LYS F 217 -41.17 11.14 16.14
CA LYS F 217 -40.08 10.80 15.25
C LYS F 217 -40.48 9.68 14.31
N PRO F 218 -40.35 9.85 13.00
CA PRO F 218 -40.76 8.81 12.07
C PRO F 218 -39.60 7.88 11.74
N PRO F 219 -39.87 6.71 11.15
CA PRO F 219 -38.77 5.83 10.75
C PRO F 219 -37.93 6.48 9.65
N ARG F 220 -36.64 6.16 9.66
CA ARG F 220 -35.69 6.78 8.74
C ARG F 220 -34.69 5.81 8.14
N GLY F 221 -34.90 4.50 8.31
CA GLY F 221 -34.06 3.54 7.62
C GLY F 221 -34.63 2.14 7.73
N ILE F 222 -34.77 1.47 6.59
CA ILE F 222 -35.31 0.11 6.55
C ILE F 222 -34.30 -0.73 5.78
N LEU F 223 -33.97 -1.89 6.32
CA LEU F 223 -32.93 -2.73 5.74
C LEU F 223 -33.52 -4.07 5.35
N LEU F 224 -33.57 -4.34 4.05
CA LEU F 224 -34.10 -5.58 3.51
C LEU F 224 -32.95 -6.52 3.23
N TYR F 225 -32.98 -7.73 3.79
CA TYR F 225 -31.89 -8.66 3.54
C TYR F 225 -32.45 -10.04 3.19
N GLY F 226 -31.70 -10.74 2.35
CA GLY F 226 -32.09 -12.06 1.89
C GLY F 226 -31.23 -12.51 0.71
N PRO F 227 -31.56 -13.68 0.15
CA PRO F 227 -30.79 -14.17 -0.99
C PRO F 227 -31.05 -13.32 -2.21
N PRO F 228 -30.13 -13.31 -3.18
CA PRO F 228 -30.32 -12.46 -4.36
C PRO F 228 -31.32 -13.05 -5.33
N GLY F 229 -32.16 -12.19 -5.89
CA GLY F 229 -33.18 -12.63 -6.82
C GLY F 229 -34.51 -12.96 -6.19
N THR F 230 -34.73 -12.62 -4.93
CA THR F 230 -35.99 -12.93 -4.26
C THR F 230 -37.00 -11.81 -4.35
N GLY F 231 -36.69 -10.72 -5.03
CA GLY F 231 -37.63 -9.63 -5.16
C GLY F 231 -37.51 -8.56 -4.09
N LYS F 232 -36.33 -7.97 -3.91
CA LYS F 232 -36.17 -6.92 -2.91
C LYS F 232 -36.32 -5.54 -3.53
N THR F 233 -35.74 -5.32 -4.70
CA THR F 233 -35.94 -4.05 -5.38
C THR F 233 -37.27 -4.01 -6.12
N LEU F 234 -38.15 -4.97 -5.85
CA LEU F 234 -39.52 -4.90 -6.33
C LEU F 234 -40.48 -4.52 -5.20
N ILE F 235 -40.12 -4.81 -3.95
CA ILE F 235 -40.88 -4.28 -2.83
C ILE F 235 -40.66 -2.77 -2.72
N ALA F 236 -39.45 -2.32 -3.04
CA ALA F 236 -39.17 -0.89 -2.96
C ALA F 236 -39.70 -0.14 -4.16
N ARG F 237 -40.06 -0.85 -5.23
CA ARG F 237 -40.64 -0.18 -6.38
C ARG F 237 -42.15 -0.19 -6.33
N ALA F 238 -42.74 -1.17 -5.65
CA ALA F 238 -44.19 -1.21 -5.52
C ALA F 238 -44.68 -0.18 -4.50
N VAL F 239 -43.91 0.04 -3.44
CA VAL F 239 -44.32 0.97 -2.39
C VAL F 239 -44.27 2.41 -2.90
N ALA F 240 -43.25 2.73 -3.70
CA ALA F 240 -43.16 4.09 -4.22
C ALA F 240 -44.22 4.36 -5.29
N ASN F 241 -44.61 3.33 -6.04
CA ASN F 241 -45.55 3.54 -7.13
C ASN F 241 -47.00 3.50 -6.68
N GLU F 242 -47.28 3.19 -5.42
CA GLU F 242 -48.66 3.13 -4.95
C GLU F 242 -48.98 4.24 -3.95
N THR F 243 -48.10 4.49 -2.99
CA THR F 243 -48.34 5.59 -2.07
C THR F 243 -48.09 6.94 -2.73
N GLY F 244 -47.22 6.98 -3.73
CA GLY F 244 -46.89 8.23 -4.39
C GLY F 244 -45.64 8.83 -3.81
N ALA F 245 -44.54 8.72 -4.54
CA ALA F 245 -43.25 9.19 -4.05
C ALA F 245 -42.34 9.42 -5.25
N PHE F 246 -41.06 9.60 -4.98
CA PHE F 246 -40.06 9.96 -5.98
C PHE F 246 -38.89 8.99 -5.93
N PHE F 247 -39.20 7.68 -6.01
CA PHE F 247 -38.21 6.62 -5.95
C PHE F 247 -36.97 6.97 -6.75
N PHE F 248 -35.83 7.06 -6.06
CA PHE F 248 -34.56 7.46 -6.67
C PHE F 248 -33.54 6.36 -6.38
N LEU F 249 -33.35 5.45 -7.32
CA LEU F 249 -32.43 4.34 -7.11
C LEU F 249 -31.00 4.81 -7.22
N ILE F 250 -30.18 4.38 -6.27
CA ILE F 250 -28.74 4.60 -6.30
C ILE F 250 -28.07 3.23 -6.21
N ASN F 251 -27.13 2.96 -7.10
CA ASN F 251 -26.62 1.61 -7.29
C ASN F 251 -25.30 1.42 -6.57
N GLY F 252 -24.91 0.16 -6.40
CA GLY F 252 -23.67 -0.17 -5.74
C GLY F 252 -22.45 -0.07 -6.64
N PRO F 253 -22.40 -0.91 -7.69
CA PRO F 253 -21.24 -0.87 -8.59
C PRO F 253 -21.02 0.47 -9.26
N GLU F 254 -22.07 1.23 -9.56
CA GLU F 254 -21.87 2.49 -10.25
C GLU F 254 -21.22 3.54 -9.35
N ILE F 255 -21.53 3.54 -8.05
CA ILE F 255 -20.88 4.48 -7.15
C ILE F 255 -19.41 4.14 -6.98
N MET F 256 -19.08 2.86 -6.87
CA MET F 256 -17.74 2.45 -6.49
C MET F 256 -16.72 2.68 -7.58
N SER F 257 -17.14 2.86 -8.83
CA SER F 257 -16.22 2.84 -9.95
C SER F 257 -16.39 4.06 -10.84
N LYS F 258 -16.45 5.26 -10.26
CA LYS F 258 -16.57 6.45 -11.11
C LYS F 258 -15.19 7.00 -11.44
N LEU F 259 -14.53 7.63 -10.46
CA LEU F 259 -13.11 7.90 -10.54
C LEU F 259 -12.60 8.46 -9.21
N ALA F 260 -11.76 7.70 -8.50
CA ALA F 260 -10.99 8.24 -7.38
C ALA F 260 -11.81 9.14 -6.47
N GLY F 261 -11.60 10.45 -6.61
CA GLY F 261 -12.21 11.40 -5.69
C GLY F 261 -13.71 11.52 -5.85
N GLU F 262 -14.20 11.58 -7.08
CA GLU F 262 -15.60 11.98 -7.30
C GLU F 262 -16.59 10.84 -7.16
N SER F 263 -16.25 9.77 -6.45
CA SER F 263 -17.27 8.80 -6.06
C SER F 263 -18.17 9.37 -4.98
N GLU F 264 -17.61 10.17 -4.08
CA GLU F 264 -18.41 10.74 -3.00
C GLU F 264 -19.38 11.80 -3.51
N SER F 265 -18.96 12.58 -4.50
CA SER F 265 -19.81 13.66 -4.97
C SER F 265 -21.07 13.14 -5.66
N ASN F 266 -21.13 11.84 -5.94
CA ASN F 266 -22.35 11.25 -6.46
C ASN F 266 -23.36 10.98 -5.35
N LEU F 267 -22.87 10.62 -4.16
CA LEU F 267 -23.78 10.44 -3.03
C LEU F 267 -24.31 11.79 -2.56
N ARG F 268 -23.47 12.83 -2.56
CA ARG F 268 -23.89 14.11 -2.02
C ARG F 268 -24.94 14.77 -2.89
N LYS F 269 -24.91 14.50 -4.21
CA LYS F 269 -25.96 15.02 -5.07
C LYS F 269 -27.11 14.03 -5.26
N ALA F 270 -27.02 12.85 -4.67
CA ALA F 270 -28.14 11.92 -4.70
C ALA F 270 -29.15 12.25 -3.61
N PHE F 271 -28.67 12.61 -2.42
CA PHE F 271 -29.57 13.05 -1.37
C PHE F 271 -30.01 14.50 -1.55
N GLU F 272 -29.36 15.25 -2.45
CA GLU F 272 -29.74 16.63 -2.67
C GLU F 272 -31.09 16.73 -3.36
N GLU F 273 -31.27 15.98 -4.45
CA GLU F 273 -32.54 16.03 -5.17
C GLU F 273 -33.69 15.50 -4.33
N ALA F 274 -33.45 14.48 -3.51
CA ALA F 274 -34.51 13.94 -2.68
C ALA F 274 -34.98 14.94 -1.62
N GLU F 275 -34.23 16.00 -1.39
CA GLU F 275 -34.63 17.00 -0.41
C GLU F 275 -35.52 18.08 -1.00
N LYS F 276 -35.46 18.31 -2.31
CA LYS F 276 -36.29 19.32 -2.95
C LYS F 276 -37.31 18.70 -3.90
N ASN F 277 -37.63 17.42 -3.74
CA ASN F 277 -38.54 16.72 -4.64
C ASN F 277 -39.55 15.90 -3.86
N ALA F 278 -40.21 16.51 -2.87
CA ALA F 278 -41.41 15.94 -2.25
C ALA F 278 -41.05 14.69 -1.44
N PRO F 279 -42.02 14.06 -0.72
CA PRO F 279 -41.70 12.81 -0.03
C PRO F 279 -41.13 11.77 -0.97
N ALA F 280 -39.86 11.45 -0.79
CA ALA F 280 -39.14 10.56 -1.70
C ALA F 280 -38.63 9.37 -0.91
N ILE F 281 -38.28 8.32 -1.64
CA ILE F 281 -37.69 7.11 -1.07
C ILE F 281 -36.45 6.78 -1.87
N ILE F 282 -35.34 6.59 -1.18
CA ILE F 282 -34.04 6.32 -1.80
C ILE F 282 -33.71 4.86 -1.56
N PHE F 283 -33.25 4.17 -2.60
CA PHE F 283 -32.96 2.75 -2.49
C PHE F 283 -31.50 2.52 -2.87
N ILE F 284 -30.70 2.09 -1.90
CA ILE F 284 -29.29 1.82 -2.10
C ILE F 284 -29.10 0.33 -2.31
N ASP F 285 -28.97 -0.09 -3.56
CA ASP F 285 -28.88 -1.51 -3.88
C ASP F 285 -27.43 -1.99 -3.75
N GLU F 286 -27.27 -3.23 -3.32
CA GLU F 286 -25.96 -3.85 -3.10
C GLU F 286 -25.14 -3.01 -2.11
N LEU F 287 -25.66 -2.93 -0.88
CA LEU F 287 -25.01 -2.11 0.13
C LEU F 287 -23.66 -2.68 0.53
N ASP F 288 -23.52 -4.01 0.53
CA ASP F 288 -22.26 -4.60 0.97
C ASP F 288 -21.15 -4.40 -0.04
N ALA F 289 -21.45 -3.81 -1.19
CA ALA F 289 -20.41 -3.53 -2.17
C ALA F 289 -19.73 -2.19 -1.89
N ILE F 290 -20.42 -1.28 -1.20
CA ILE F 290 -19.86 0.03 -0.88
C ILE F 290 -19.64 0.25 0.60
N ALA F 291 -20.24 -0.58 1.47
CA ALA F 291 -20.05 -0.47 2.91
C ALA F 291 -19.75 -1.84 3.49
N PRO F 292 -18.55 -2.36 3.26
CA PRO F 292 -18.18 -3.68 3.80
C PRO F 292 -17.65 -3.54 5.22
N LYS F 293 -17.23 -4.67 5.78
CA LYS F 293 -16.72 -4.70 7.14
C LYS F 293 -15.45 -3.88 7.26
N ARG F 294 -15.25 -3.30 8.44
CA ARG F 294 -14.11 -2.39 8.64
C ARG F 294 -12.78 -3.10 8.45
N GLU F 295 -12.66 -4.33 8.96
CA GLU F 295 -11.42 -5.08 8.77
C GLU F 295 -11.20 -5.51 7.33
N LYS F 296 -12.27 -5.57 6.51
CA LYS F 296 -12.11 -5.85 5.10
C LYS F 296 -11.73 -4.62 4.29
N THR F 297 -11.84 -3.43 4.87
CA THR F 297 -11.38 -2.22 4.21
C THR F 297 -9.87 -2.11 4.37
N HIS F 298 -9.14 -2.24 3.26
CA HIS F 298 -7.68 -2.19 3.28
C HIS F 298 -7.14 -0.84 2.80
N GLY F 299 -7.69 -0.29 1.73
CA GLY F 299 -7.21 0.97 1.21
C GLY F 299 -7.73 2.16 1.99
N GLU F 300 -7.67 3.34 1.38
CA GLU F 300 -8.17 4.55 2.00
C GLU F 300 -9.39 5.13 1.30
N VAL F 301 -9.52 4.93 -0.02
CA VAL F 301 -10.67 5.48 -0.72
C VAL F 301 -11.92 4.66 -0.43
N GLU F 302 -11.76 3.43 0.05
CA GLU F 302 -12.93 2.68 0.48
C GLU F 302 -13.24 2.90 1.96
N ARG F 303 -12.42 3.69 2.64
CA ARG F 303 -12.82 4.20 3.96
C ARG F 303 -13.35 5.62 3.85
N ARG F 304 -13.31 6.20 2.66
CA ARG F 304 -13.89 7.53 2.45
C ARG F 304 -15.36 7.42 2.04
N ILE F 305 -15.71 6.36 1.31
CA ILE F 305 -17.09 6.19 0.86
C ILE F 305 -17.99 5.92 2.06
N VAL F 306 -17.57 5.02 2.95
CA VAL F 306 -18.40 4.64 4.09
C VAL F 306 -18.65 5.85 4.97
N SER F 307 -17.61 6.62 5.27
CA SER F 307 -17.76 7.76 6.17
C SER F 307 -18.43 8.93 5.46
N GLN F 308 -18.53 8.87 4.14
CA GLN F 308 -19.35 9.85 3.43
C GLN F 308 -20.81 9.45 3.45
N LEU F 309 -21.09 8.16 3.56
CA LEU F 309 -22.47 7.71 3.69
C LEU F 309 -23.00 7.94 5.10
N LEU F 310 -22.14 7.79 6.11
CA LEU F 310 -22.59 7.92 7.50
C LEU F 310 -22.93 9.35 7.86
N THR F 311 -22.17 10.31 7.33
CA THR F 311 -22.43 11.70 7.65
C THR F 311 -23.65 12.25 6.93
N LEU F 312 -24.16 11.54 5.93
CA LEU F 312 -25.33 12.00 5.20
C LEU F 312 -26.62 11.49 5.83
N MET F 313 -26.57 10.33 6.47
CA MET F 313 -27.75 9.84 7.18
C MET F 313 -28.06 10.70 8.40
N ASP F 314 -27.03 11.12 9.14
CA ASP F 314 -27.24 11.89 10.36
C ASP F 314 -27.63 13.33 10.08
N GLY F 315 -27.57 13.77 8.83
CA GLY F 315 -27.92 15.13 8.46
C GLY F 315 -29.36 15.35 8.07
N LEU F 316 -30.25 14.44 8.45
CA LEU F 316 -31.66 14.55 8.10
C LEU F 316 -32.39 15.29 9.21
N LYS F 317 -32.75 16.54 8.95
CA LYS F 317 -33.24 17.49 9.95
C LYS F 317 -34.77 17.48 9.97
N GLN F 318 -35.35 16.29 10.19
CA GLN F 318 -36.79 16.11 10.07
C GLN F 318 -37.24 16.59 8.71
N ARG F 319 -36.76 15.92 7.67
CA ARG F 319 -36.93 16.34 6.28
C ARG F 319 -38.32 15.98 5.78
N ALA F 320 -38.50 15.96 4.46
CA ALA F 320 -39.79 15.70 3.84
C ALA F 320 -40.19 14.24 3.95
N HIS F 321 -39.61 13.55 4.93
CA HIS F 321 -39.79 12.11 5.15
C HIS F 321 -39.11 11.32 4.04
N VAL F 322 -37.85 11.68 3.78
CA VAL F 322 -37.02 10.91 2.86
C VAL F 322 -36.68 9.59 3.55
N ILE F 323 -37.42 8.54 3.23
CA ILE F 323 -37.14 7.20 3.72
C ILE F 323 -36.03 6.64 2.86
N VAL F 324 -35.06 5.99 3.49
CA VAL F 324 -33.96 5.38 2.78
C VAL F 324 -33.94 3.89 3.11
N MET F 325 -33.98 3.05 2.08
CA MET F 325 -33.98 1.61 2.25
C MET F 325 -32.75 1.04 1.57
N ALA F 326 -32.23 -0.04 2.10
CA ALA F 326 -31.04 -0.67 1.52
C ALA F 326 -31.25 -2.16 1.44
N ALA F 327 -30.60 -2.80 0.48
CA ALA F 327 -30.71 -4.24 0.27
C ALA F 327 -29.34 -4.87 0.43
N THR F 328 -29.26 -5.93 1.23
CA THR F 328 -28.00 -6.63 1.42
C THR F 328 -28.27 -8.13 1.46
N ASN F 329 -27.23 -8.91 1.16
CA ASN F 329 -27.38 -10.36 1.07
C ASN F 329 -27.27 -11.00 2.46
N ARG F 330 -26.28 -10.59 3.24
CA ARG F 330 -26.01 -11.21 4.53
C ARG F 330 -25.75 -10.11 5.55
N PRO F 331 -26.57 -9.99 6.59
CA PRO F 331 -26.42 -8.88 7.55
C PRO F 331 -25.13 -8.95 8.36
N ASN F 332 -24.39 -10.05 8.23
CA ASN F 332 -23.08 -10.13 8.86
C ASN F 332 -22.08 -9.17 8.22
N SER F 333 -22.14 -9.03 6.90
CA SER F 333 -21.10 -8.33 6.16
C SER F 333 -21.22 -6.82 6.18
N ILE F 334 -22.36 -6.27 6.61
CA ILE F 334 -22.53 -4.82 6.67
C ILE F 334 -21.70 -4.26 7.81
N ASP F 335 -21.08 -3.11 7.57
CA ASP F 335 -20.27 -2.46 8.59
C ASP F 335 -21.13 -2.17 9.80
N PRO F 336 -20.74 -2.62 11.00
CA PRO F 336 -21.63 -2.51 12.16
C PRO F 336 -21.96 -1.08 12.57
N ALA F 337 -21.30 -0.08 12.01
CA ALA F 337 -21.65 1.30 12.34
C ALA F 337 -23.02 1.68 11.81
N LEU F 338 -23.55 0.95 10.84
CA LEU F 338 -24.88 1.21 10.30
C LEU F 338 -25.96 0.41 11.03
N ARG F 339 -25.94 0.46 12.36
CA ARG F 339 -27.01 -0.12 13.15
C ARG F 339 -27.41 0.76 14.32
N ARG F 340 -26.75 1.88 14.54
CA ARG F 340 -27.10 2.79 15.62
C ARG F 340 -28.43 3.48 15.31
N PHE F 341 -28.98 4.11 16.34
CA PHE F 341 -30.24 4.82 16.18
C PHE F 341 -30.01 6.10 15.40
N GLY F 342 -31.01 6.47 14.60
CA GLY F 342 -30.86 7.51 13.60
C GLY F 342 -30.33 7.01 12.27
N ARG F 343 -29.96 5.74 12.19
CA ARG F 343 -29.49 5.08 10.99
C ARG F 343 -30.34 3.82 10.78
N PHE F 344 -29.88 2.94 9.89
CA PHE F 344 -30.62 1.72 9.62
C PHE F 344 -30.81 0.94 10.91
N ASP F 345 -32.03 0.91 11.40
CA ASP F 345 -32.35 0.23 12.65
C ASP F 345 -33.43 -0.83 12.49
N ARG F 346 -34.43 -0.58 11.65
CA ARG F 346 -35.49 -1.54 11.41
C ARG F 346 -35.04 -2.48 10.30
N GLU F 347 -35.17 -3.78 10.54
CA GLU F 347 -34.65 -4.80 9.63
C GLU F 347 -35.74 -5.80 9.30
N VAL F 348 -35.92 -6.07 8.01
CA VAL F 348 -36.96 -6.95 7.51
C VAL F 348 -36.31 -8.09 6.75
N ASP F 349 -36.81 -9.31 6.94
CA ASP F 349 -36.24 -10.49 6.33
C ASP F 349 -37.14 -11.01 5.22
N ILE F 350 -36.59 -11.11 4.01
CA ILE F 350 -37.31 -11.61 2.84
C ILE F 350 -36.72 -12.98 2.51
N GLY F 351 -37.35 -14.04 3.01
CA GLY F 351 -36.87 -15.37 2.75
C GLY F 351 -37.35 -15.91 1.41
N ILE F 352 -36.78 -17.04 1.02
CA ILE F 352 -37.13 -17.67 -0.26
C ILE F 352 -38.55 -18.23 -0.16
N PRO F 353 -39.28 -18.33 -1.26
CA PRO F 353 -40.66 -18.83 -1.19
C PRO F 353 -40.71 -20.30 -0.84
N ASP F 354 -41.81 -20.69 -0.20
CA ASP F 354 -42.05 -22.06 0.21
C ASP F 354 -42.82 -22.80 -0.89
N ALA F 355 -43.40 -23.95 -0.55
CA ALA F 355 -44.03 -24.80 -1.55
C ALA F 355 -45.35 -24.19 -2.04
N THR F 356 -46.02 -23.39 -1.20
CA THR F 356 -47.24 -22.73 -1.65
C THR F 356 -46.96 -21.32 -2.14
N GLY F 357 -45.80 -20.78 -1.80
CA GLY F 357 -45.39 -19.51 -2.37
C GLY F 357 -45.06 -19.62 -3.84
N ARG F 358 -44.39 -20.70 -4.24
CA ARG F 358 -43.94 -20.84 -5.62
C ARG F 358 -45.11 -21.02 -6.57
N LEU F 359 -46.23 -21.54 -6.07
CA LEU F 359 -47.42 -21.61 -6.91
C LEU F 359 -47.96 -20.22 -7.21
N GLU F 360 -47.70 -19.26 -6.33
CA GLU F 360 -48.23 -17.92 -6.53
C GLU F 360 -47.38 -17.11 -7.51
N ILE F 361 -46.07 -17.37 -7.55
CA ILE F 361 -45.23 -16.69 -8.53
C ILE F 361 -45.58 -17.15 -9.94
N LEU F 362 -45.93 -18.42 -10.09
CA LEU F 362 -46.26 -18.95 -11.40
C LEU F 362 -47.48 -18.26 -11.98
N GLN F 363 -48.54 -18.09 -11.16
CA GLN F 363 -49.77 -17.52 -11.68
C GLN F 363 -49.66 -16.02 -11.94
N ILE F 364 -48.57 -15.38 -11.52
CA ILE F 364 -48.37 -13.97 -11.83
C ILE F 364 -47.73 -13.81 -13.20
N HIS F 365 -46.68 -14.59 -13.46
CA HIS F 365 -45.93 -14.45 -14.72
C HIS F 365 -46.66 -15.08 -15.89
N THR F 366 -47.37 -16.18 -15.67
CA THR F 366 -48.13 -16.84 -16.73
C THR F 366 -49.48 -16.19 -16.97
N LYS F 367 -49.76 -15.06 -16.33
CA LYS F 367 -51.04 -14.39 -16.50
C LYS F 367 -51.23 -13.93 -17.92
N ASN F 368 -50.17 -13.41 -18.55
CA ASN F 368 -50.30 -12.88 -19.90
C ASN F 368 -50.40 -14.00 -20.93
N MET F 369 -49.70 -15.11 -20.70
CA MET F 369 -49.67 -16.20 -21.68
C MET F 369 -51.02 -16.92 -21.72
N LYS F 370 -51.17 -17.78 -22.72
CA LYS F 370 -52.44 -18.45 -23.00
C LYS F 370 -52.23 -19.95 -22.86
N LEU F 371 -52.36 -20.45 -21.62
CA LEU F 371 -52.11 -21.85 -21.37
C LEU F 371 -53.19 -22.72 -22.00
N ALA F 372 -52.79 -23.89 -22.47
CA ALA F 372 -53.73 -24.90 -22.90
C ALA F 372 -54.30 -25.61 -21.68
N ASP F 373 -55.42 -26.30 -21.88
CA ASP F 373 -56.16 -26.91 -20.77
C ASP F 373 -55.59 -28.28 -20.39
N ASP F 374 -54.28 -28.36 -20.25
CA ASP F 374 -53.64 -29.58 -19.74
C ASP F 374 -52.53 -29.32 -18.73
N VAL F 375 -52.21 -28.07 -18.41
CA VAL F 375 -51.13 -27.75 -17.48
C VAL F 375 -51.68 -27.64 -16.07
N ASP F 376 -51.07 -28.37 -15.15
CA ASP F 376 -51.43 -28.37 -13.73
C ASP F 376 -50.30 -27.65 -12.98
N LEU F 377 -50.46 -26.34 -12.81
CA LEU F 377 -49.40 -25.54 -12.20
C LEU F 377 -49.06 -26.00 -10.79
N GLU F 378 -49.98 -26.67 -10.11
CA GLU F 378 -49.66 -27.21 -8.78
C GLU F 378 -48.58 -28.27 -8.88
N GLN F 379 -48.58 -29.06 -9.96
CA GLN F 379 -47.55 -30.08 -10.13
C GLN F 379 -46.18 -29.46 -10.34
N VAL F 380 -46.12 -28.35 -11.06
CA VAL F 380 -44.84 -27.66 -11.28
C VAL F 380 -44.42 -26.89 -10.04
N ALA F 381 -45.38 -26.53 -9.18
CA ALA F 381 -45.07 -25.75 -7.99
C ALA F 381 -44.35 -26.59 -6.96
N ASN F 382 -44.82 -27.81 -6.72
CA ASN F 382 -44.30 -28.64 -5.63
C ASN F 382 -43.03 -29.39 -5.99
N GLU F 383 -42.63 -29.38 -7.27
CA GLU F 383 -41.45 -30.12 -7.70
C GLU F 383 -40.17 -29.28 -7.66
N THR F 384 -40.29 -27.96 -7.70
CA THR F 384 -39.17 -27.07 -7.98
C THR F 384 -38.51 -26.52 -6.72
N HIS F 385 -38.35 -27.36 -5.70
CA HIS F 385 -37.63 -26.92 -4.51
C HIS F 385 -36.23 -26.46 -4.87
N GLY F 386 -35.81 -25.36 -4.25
CA GLY F 386 -34.52 -24.78 -4.52
C GLY F 386 -34.52 -23.56 -5.43
N HIS F 387 -35.68 -23.16 -5.93
CA HIS F 387 -35.80 -22.00 -6.80
C HIS F 387 -36.24 -20.78 -6.00
N VAL F 388 -35.78 -19.62 -6.46
CA VAL F 388 -36.17 -18.34 -5.88
C VAL F 388 -37.13 -17.69 -6.86
N GLY F 389 -37.61 -16.49 -6.54
CA GLY F 389 -38.58 -15.84 -7.40
C GLY F 389 -38.06 -15.62 -8.80
N ALA F 390 -36.78 -15.30 -8.92
CA ALA F 390 -36.24 -14.94 -10.23
C ALA F 390 -36.12 -16.14 -11.16
N ASP F 391 -35.91 -17.35 -10.62
CA ASP F 391 -35.75 -18.52 -11.48
C ASP F 391 -37.07 -18.97 -12.06
N LEU F 392 -38.18 -18.68 -11.38
CA LEU F 392 -39.49 -19.05 -11.89
C LEU F 392 -39.98 -18.06 -12.94
N ALA F 393 -39.24 -16.97 -13.15
CA ALA F 393 -39.55 -16.07 -14.25
C ALA F 393 -38.86 -16.49 -15.53
N ALA F 394 -37.69 -17.11 -15.42
CA ALA F 394 -37.03 -17.67 -16.59
C ALA F 394 -37.75 -18.92 -17.07
N LEU F 395 -38.24 -19.73 -16.14
CA LEU F 395 -38.93 -20.97 -16.51
C LEU F 395 -40.20 -20.70 -17.29
N CYS F 396 -40.93 -19.64 -16.93
CA CYS F 396 -42.15 -19.30 -17.65
C CYS F 396 -41.82 -18.67 -19.00
N SER F 397 -40.68 -18.01 -19.12
CA SER F 397 -40.28 -17.44 -20.40
C SER F 397 -39.74 -18.52 -21.33
N GLU F 398 -39.11 -19.56 -20.77
CA GLU F 398 -38.55 -20.62 -21.60
C GLU F 398 -39.63 -21.50 -22.20
N ALA F 399 -40.77 -21.62 -21.51
CA ALA F 399 -41.84 -22.47 -22.02
C ALA F 399 -42.58 -21.79 -23.17
N ALA F 400 -42.51 -20.45 -23.25
CA ALA F 400 -43.11 -19.77 -24.39
C ALA F 400 -42.18 -19.80 -25.59
N LEU F 401 -40.87 -19.73 -25.35
CA LEU F 401 -39.90 -19.77 -26.44
C LEU F 401 -39.89 -21.13 -27.12
N GLN F 402 -40.03 -22.20 -26.33
CA GLN F 402 -40.09 -23.53 -26.91
C GLN F 402 -41.37 -23.72 -27.72
N ALA F 403 -42.50 -23.26 -27.20
CA ALA F 403 -43.78 -23.50 -27.88
C ALA F 403 -43.96 -22.61 -29.09
N ILE F 404 -43.09 -21.61 -29.29
CA ILE F 404 -43.12 -20.86 -30.53
C ILE F 404 -42.08 -21.40 -31.50
N ARG F 405 -41.02 -22.04 -31.00
CA ARG F 405 -40.04 -22.66 -31.88
C ARG F 405 -40.62 -23.86 -32.61
N LYS F 406 -41.66 -24.48 -32.04
CA LYS F 406 -42.34 -25.57 -32.73
C LYS F 406 -43.26 -25.08 -33.84
N LYS F 407 -43.75 -23.84 -33.76
CA LYS F 407 -44.59 -23.25 -34.79
C LYS F 407 -43.81 -22.33 -35.71
N MET F 408 -42.48 -22.51 -35.78
CA MET F 408 -41.64 -21.60 -36.55
C MET F 408 -42.03 -21.56 -38.02
N ASP F 409 -42.64 -22.63 -38.54
CA ASP F 409 -43.03 -22.66 -39.93
C ASP F 409 -44.08 -21.61 -40.24
N LEU F 410 -45.07 -21.45 -39.35
CA LEU F 410 -46.14 -20.49 -39.59
C LEU F 410 -45.64 -19.04 -39.52
N ILE F 411 -44.53 -18.79 -38.82
CA ILE F 411 -43.94 -17.46 -38.75
C ILE F 411 -42.55 -17.46 -39.37
N ASP F 412 -42.30 -18.36 -40.32
CA ASP F 412 -41.00 -18.43 -40.97
C ASP F 412 -40.66 -17.11 -41.64
N LEU F 413 -39.63 -16.42 -41.14
CA LEU F 413 -39.23 -15.10 -41.61
C LEU F 413 -40.36 -14.10 -41.41
N GLU F 414 -41.49 -14.31 -42.10
CA GLU F 414 -42.68 -13.48 -41.99
C GLU F 414 -42.30 -12.06 -42.39
N ASP F 415 -42.38 -11.08 -41.50
CA ASP F 415 -41.97 -9.71 -41.80
C ASP F 415 -41.49 -9.07 -40.51
N GLU F 416 -41.33 -7.75 -40.54
CA GLU F 416 -40.94 -7.03 -39.32
C GLU F 416 -42.04 -7.06 -38.28
N THR F 417 -43.30 -7.04 -38.70
CA THR F 417 -44.44 -7.05 -37.79
C THR F 417 -45.16 -8.38 -37.90
N ILE F 418 -45.52 -8.95 -36.77
CA ILE F 418 -46.18 -10.25 -36.69
C ILE F 418 -47.68 -10.05 -36.52
N ASP F 419 -48.46 -10.89 -37.18
CA ASP F 419 -49.91 -10.79 -37.10
C ASP F 419 -50.39 -11.13 -35.69
N ALA F 420 -51.55 -10.59 -35.34
CA ALA F 420 -52.11 -10.84 -34.01
C ALA F 420 -52.76 -12.22 -33.92
N GLU F 421 -53.41 -12.68 -35.00
CA GLU F 421 -54.13 -13.94 -34.95
C GLU F 421 -53.19 -15.12 -34.75
N VAL F 422 -52.03 -15.09 -35.42
CA VAL F 422 -51.07 -16.18 -35.25
C VAL F 422 -50.55 -16.23 -33.82
N MET F 423 -50.55 -15.08 -33.12
CA MET F 423 -50.22 -15.08 -31.71
C MET F 423 -51.35 -15.70 -30.89
N ASN F 424 -52.59 -15.30 -31.16
CA ASN F 424 -53.71 -15.83 -30.38
C ASN F 424 -54.04 -17.27 -30.72
N SER F 425 -53.39 -17.86 -31.71
CA SER F 425 -53.51 -19.28 -31.98
C SER F 425 -52.53 -20.12 -31.17
N LEU F 426 -51.64 -19.49 -30.42
CA LEU F 426 -50.63 -20.23 -29.67
C LEU F 426 -51.25 -20.95 -28.48
N ALA F 427 -50.47 -21.89 -27.93
CA ALA F 427 -50.80 -22.57 -26.70
C ALA F 427 -49.53 -23.28 -26.23
N VAL F 428 -49.41 -23.44 -24.92
CA VAL F 428 -48.29 -24.17 -24.34
C VAL F 428 -48.85 -25.35 -23.57
N THR F 429 -48.08 -26.44 -23.55
CA THR F 429 -48.53 -27.68 -22.95
C THR F 429 -47.61 -28.05 -21.79
N MET F 430 -47.90 -29.20 -21.18
CA MET F 430 -47.05 -29.68 -20.09
C MET F 430 -45.70 -30.13 -20.62
N ASP F 431 -45.61 -30.49 -21.91
CA ASP F 431 -44.35 -30.95 -22.47
C ASP F 431 -43.29 -29.86 -22.42
N ASP F 432 -43.65 -28.63 -22.80
CA ASP F 432 -42.68 -27.54 -22.81
C ASP F 432 -42.20 -27.22 -21.41
N PHE F 433 -43.11 -27.22 -20.43
CA PHE F 433 -42.70 -26.96 -19.05
C PHE F 433 -41.78 -28.04 -18.53
N ARG F 434 -42.04 -29.30 -18.88
CA ARG F 434 -41.11 -30.37 -18.52
C ARG F 434 -39.80 -30.22 -19.29
N TRP F 435 -39.85 -29.68 -20.50
CA TRP F 435 -38.63 -29.45 -21.27
C TRP F 435 -37.81 -28.31 -20.68
N ALA F 436 -38.47 -27.27 -20.18
CA ALA F 436 -37.75 -26.12 -19.64
C ALA F 436 -37.14 -26.43 -18.28
N LEU F 437 -37.72 -27.37 -17.54
CA LEU F 437 -37.20 -27.70 -16.22
C LEU F 437 -35.85 -28.40 -16.31
N SER F 438 -35.60 -29.13 -17.39
CA SER F 438 -34.38 -29.93 -17.48
C SER F 438 -33.14 -29.05 -17.51
N GLN F 439 -33.11 -28.05 -18.39
CA GLN F 439 -31.96 -27.16 -18.50
C GLN F 439 -32.10 -25.94 -17.61
N SER F 440 -32.31 -26.17 -16.32
CA SER F 440 -32.44 -25.10 -15.34
C SER F 440 -31.60 -25.45 -14.12
N ASN F 441 -30.88 -24.46 -13.59
CA ASN F 441 -30.05 -24.63 -12.41
C ASN F 441 -30.60 -23.80 -11.27
N PRO F 442 -31.30 -24.41 -10.32
CA PRO F 442 -31.78 -23.64 -9.15
C PRO F 442 -30.62 -23.05 -8.38
N SER F 443 -30.83 -21.84 -7.85
CA SER F 443 -29.76 -21.09 -7.23
C SER F 443 -29.78 -21.11 -5.71
N ALA F 444 -30.85 -21.59 -5.08
CA ALA F 444 -30.89 -21.62 -3.63
C ALA F 444 -30.14 -22.83 -3.07
N LEU F 445 -30.65 -24.03 -3.37
CA LEU F 445 -30.05 -25.29 -2.93
C LEU F 445 -29.61 -25.25 -1.47
N ARG F 446 -28.31 -25.12 -1.24
CA ARG F 446 -27.75 -25.21 0.09
C ARG F 446 -28.08 -23.96 0.92
N GLU F 447 -29.34 -23.83 1.31
CA GLU F 447 -29.74 -22.74 2.19
C GLU F 447 -30.63 -23.32 3.29
N THR F 448 -30.56 -22.70 4.47
CA THR F 448 -31.36 -23.15 5.61
C THR F 448 -32.84 -22.99 5.28
N VAL F 449 -33.53 -24.10 5.13
CA VAL F 449 -34.96 -24.08 4.81
C VAL F 449 -35.75 -24.02 6.10
N VAL F 450 -36.53 -22.96 6.27
CA VAL F 450 -37.34 -22.75 7.47
C VAL F 450 -38.78 -22.46 7.05
N GLU F 451 -39.69 -23.35 7.46
CA GLU F 451 -41.11 -23.20 7.16
C GLU F 451 -41.88 -24.20 8.01
N VAL F 452 -43.20 -24.08 7.99
CA VAL F 452 -44.07 -24.97 8.74
C VAL F 452 -43.99 -26.36 8.10
N PRO F 453 -43.64 -27.40 8.86
CA PRO F 453 -43.42 -28.72 8.25
C PRO F 453 -44.70 -29.38 7.78
N GLN F 454 -44.59 -30.62 7.30
CA GLN F 454 -45.71 -31.35 6.73
C GLN F 454 -46.22 -32.47 7.62
N VAL F 455 -45.35 -33.11 8.39
CA VAL F 455 -45.74 -34.29 9.16
C VAL F 455 -46.78 -33.89 10.20
N THR F 456 -47.86 -34.66 10.26
CA THR F 456 -48.96 -34.43 11.19
C THR F 456 -48.92 -35.48 12.29
N TRP F 457 -49.78 -35.33 13.30
CA TRP F 457 -49.82 -36.24 14.43
C TRP F 457 -50.10 -37.69 14.04
N GLU F 458 -50.88 -37.92 12.98
CA GLU F 458 -51.31 -39.26 12.62
C GLU F 458 -50.33 -40.01 11.73
N ASP F 459 -49.33 -39.32 11.17
CA ASP F 459 -48.35 -40.00 10.33
C ASP F 459 -47.50 -40.98 11.12
N ILE F 460 -47.40 -40.79 12.43
CA ILE F 460 -46.66 -41.70 13.31
C ILE F 460 -47.65 -42.55 14.08
N GLY F 461 -47.24 -43.76 14.40
CA GLY F 461 -48.08 -44.72 15.11
C GLY F 461 -47.57 -44.95 16.52
N GLY F 462 -48.50 -45.06 17.46
CA GLY F 462 -48.14 -45.34 18.83
C GLY F 462 -47.50 -44.13 19.51
N LEU F 463 -46.99 -44.39 20.71
CA LEU F 463 -46.32 -43.37 21.52
C LEU F 463 -47.23 -42.16 21.77
N GLU F 464 -48.53 -42.41 21.95
CA GLU F 464 -49.45 -41.30 22.19
C GLU F 464 -49.34 -40.75 23.61
N ASP F 465 -48.77 -41.52 24.54
CA ASP F 465 -48.52 -40.99 25.88
C ASP F 465 -47.52 -39.86 25.85
N VAL F 466 -46.42 -40.04 25.10
CA VAL F 466 -45.47 -38.95 24.92
C VAL F 466 -46.09 -37.82 24.12
N LYS F 467 -47.01 -38.16 23.21
CA LYS F 467 -47.74 -37.14 22.47
C LYS F 467 -48.52 -36.22 23.41
N ARG F 468 -48.99 -36.76 24.53
CA ARG F 468 -49.72 -35.93 25.49
C ARG F 468 -48.79 -35.01 26.25
N GLU F 469 -47.59 -35.48 26.58
CA GLU F 469 -46.64 -34.66 27.34
C GLU F 469 -46.11 -33.50 26.49
N LEU F 470 -45.77 -33.78 25.23
CA LEU F 470 -45.27 -32.70 24.37
C LEU F 470 -46.32 -31.63 24.17
N GLN F 471 -47.57 -32.02 23.93
CA GLN F 471 -48.65 -31.04 23.89
C GLN F 471 -48.83 -30.38 25.24
N GLU F 472 -48.42 -31.06 26.32
CA GLU F 472 -48.57 -30.48 27.64
C GLU F 472 -47.52 -29.42 27.90
N LEU F 473 -46.33 -29.56 27.32
CA LEU F 473 -45.19 -28.76 27.73
C LEU F 473 -45.05 -27.48 26.92
N VAL F 474 -45.55 -27.44 25.68
CA VAL F 474 -45.38 -26.31 24.79
C VAL F 474 -46.68 -25.58 24.51
N GLN F 475 -47.81 -26.29 24.49
CA GLN F 475 -49.04 -25.70 23.95
C GLN F 475 -49.65 -24.68 24.92
N TYR F 476 -50.06 -25.12 26.11
CA TYR F 476 -50.69 -24.19 27.05
C TYR F 476 -49.82 -23.01 27.45
N PRO F 477 -48.52 -23.15 27.74
CA PRO F 477 -47.74 -22.00 28.21
C PRO F 477 -47.73 -20.81 27.25
N VAL F 478 -48.33 -20.91 26.07
CA VAL F 478 -48.49 -19.75 25.19
C VAL F 478 -49.93 -19.42 24.87
N GLU F 479 -50.88 -20.35 25.08
CA GLU F 479 -52.29 -20.07 24.81
C GLU F 479 -53.06 -19.67 26.06
N HIS F 480 -52.62 -20.11 27.23
CA HIS F 480 -53.27 -19.78 28.51
C HIS F 480 -52.20 -19.28 29.48
N PRO F 481 -51.64 -18.10 29.22
CA PRO F 481 -50.57 -17.58 30.09
C PRO F 481 -51.07 -16.87 31.33
N ASP F 482 -52.38 -16.61 31.43
CA ASP F 482 -52.91 -15.90 32.59
C ASP F 482 -52.67 -16.69 33.87
N LYS F 483 -52.87 -18.01 33.82
CA LYS F 483 -52.63 -18.83 34.99
C LYS F 483 -51.17 -18.85 35.38
N PHE F 484 -50.27 -18.86 34.39
CA PHE F 484 -48.84 -18.80 34.66
C PHE F 484 -48.38 -17.45 35.19
N LEU F 485 -49.18 -16.39 34.99
CA LEU F 485 -48.84 -15.11 35.58
C LEU F 485 -48.82 -15.21 37.10
N LYS F 486 -49.82 -15.87 37.67
CA LYS F 486 -49.73 -16.33 39.05
C LYS F 486 -48.69 -17.43 39.15
N PHE F 487 -48.01 -17.49 40.30
CA PHE F 487 -46.90 -18.43 40.52
C PHE F 487 -45.66 -18.02 39.74
N GLY F 488 -44.50 -18.18 40.37
CA GLY F 488 -43.24 -17.89 39.70
C GLY F 488 -42.73 -19.02 38.84
N MET F 489 -43.61 -19.68 38.09
CA MET F 489 -43.16 -20.65 37.10
C MET F 489 -42.29 -20.00 36.05
N THR F 490 -41.15 -20.63 35.78
CA THR F 490 -40.37 -20.36 34.60
C THR F 490 -40.55 -21.57 33.69
N PRO F 491 -41.38 -21.47 32.64
CA PRO F 491 -41.62 -22.65 31.80
C PRO F 491 -40.33 -23.18 31.20
N SER F 492 -40.23 -24.50 31.14
CA SER F 492 -39.00 -25.13 30.67
C SER F 492 -38.76 -24.81 29.21
N LYS F 493 -37.54 -24.35 28.90
CA LYS F 493 -37.20 -23.89 27.57
C LYS F 493 -36.61 -24.99 26.70
N GLY F 494 -36.40 -26.19 27.22
CA GLY F 494 -35.75 -27.23 26.46
C GLY F 494 -36.24 -28.61 26.84
N VAL F 495 -36.18 -29.53 25.89
CA VAL F 495 -36.56 -30.92 26.08
C VAL F 495 -35.51 -31.79 25.39
N LEU F 496 -35.04 -32.82 26.08
CA LEU F 496 -34.09 -33.76 25.51
C LEU F 496 -34.77 -35.10 25.28
N PHE F 497 -34.65 -35.63 24.07
CA PHE F 497 -35.13 -36.97 23.74
C PHE F 497 -33.97 -37.93 23.70
N TYR F 498 -34.12 -39.08 24.35
CA TYR F 498 -33.11 -40.12 24.31
C TYR F 498 -33.78 -41.47 24.16
N GLY F 499 -33.11 -42.38 23.47
CA GLY F 499 -33.63 -43.71 23.23
C GLY F 499 -32.82 -44.45 22.20
N PRO F 500 -33.29 -45.64 21.81
CA PRO F 500 -32.60 -46.38 20.76
C PRO F 500 -32.64 -45.62 19.45
N PRO F 501 -31.60 -45.72 18.64
CA PRO F 501 -31.59 -45.02 17.36
C PRO F 501 -32.64 -45.58 16.41
N GLY F 502 -33.12 -44.72 15.51
CA GLY F 502 -34.15 -45.10 14.58
C GLY F 502 -35.47 -45.44 15.24
N CYS F 503 -35.91 -44.58 16.16
CA CYS F 503 -37.18 -44.79 16.85
C CYS F 503 -38.17 -43.66 16.61
N GLY F 504 -37.79 -42.60 15.91
CA GLY F 504 -38.72 -41.56 15.53
C GLY F 504 -38.70 -40.29 16.34
N LYS F 505 -37.58 -39.96 17.00
CA LYS F 505 -37.51 -38.72 17.76
C LYS F 505 -37.68 -37.50 16.86
N THR F 506 -37.03 -37.51 15.69
CA THR F 506 -37.20 -36.42 14.73
C THR F 506 -38.64 -36.29 14.30
N LEU F 507 -39.35 -37.41 14.15
CA LEU F 507 -40.75 -37.34 13.74
C LEU F 507 -41.60 -36.59 14.77
N LEU F 508 -41.31 -36.81 16.05
CA LEU F 508 -42.09 -36.15 17.09
C LEU F 508 -41.91 -34.65 17.07
N ALA F 509 -40.68 -34.18 16.84
CA ALA F 509 -40.44 -32.74 16.85
C ALA F 509 -41.02 -32.07 15.62
N LYS F 510 -41.06 -32.77 14.49
CA LYS F 510 -41.71 -32.21 13.31
C LYS F 510 -43.20 -32.04 13.54
N ALA F 511 -43.85 -33.05 14.14
CA ALA F 511 -45.29 -33.02 14.29
C ALA F 511 -45.75 -31.89 15.20
N ILE F 512 -45.06 -31.68 16.32
CA ILE F 512 -45.49 -30.68 17.27
C ILE F 512 -45.37 -29.28 16.66
N ALA F 513 -44.34 -29.06 15.85
CA ALA F 513 -44.22 -27.78 15.14
C ALA F 513 -45.40 -27.58 14.20
N ASN F 514 -45.84 -28.65 13.53
CA ASN F 514 -47.01 -28.56 12.68
C ASN F 514 -48.28 -28.30 13.49
N GLU F 515 -48.38 -28.91 14.67
CA GLU F 515 -49.56 -28.72 15.50
C GLU F 515 -49.68 -27.27 15.95
N CYS F 516 -48.59 -26.69 16.44
CA CYS F 516 -48.61 -25.32 16.93
C CYS F 516 -48.40 -24.29 15.83
N GLN F 517 -48.06 -24.72 14.62
CA GLN F 517 -47.83 -23.84 13.49
C GLN F 517 -46.72 -22.83 13.80
N ALA F 518 -45.52 -23.37 14.02
CA ALA F 518 -44.32 -22.57 14.23
C ALA F 518 -43.24 -23.03 13.27
N ASN F 519 -42.34 -22.11 12.92
CA ASN F 519 -41.26 -22.44 12.00
C ASN F 519 -40.35 -23.50 12.62
N PHE F 520 -39.84 -24.38 11.76
CA PHE F 520 -38.98 -25.48 12.18
C PHE F 520 -37.60 -25.29 11.59
N ILE F 521 -36.60 -25.10 12.45
CA ILE F 521 -35.22 -24.94 12.04
C ILE F 521 -34.45 -26.15 12.55
N SER F 522 -33.94 -26.95 11.63
CA SER F 522 -33.24 -28.19 11.96
C SER F 522 -31.75 -27.99 11.81
N ILE F 523 -30.98 -28.57 12.73
CA ILE F 523 -29.52 -28.59 12.65
C ILE F 523 -29.07 -30.03 12.69
N LYS F 524 -28.39 -30.47 11.64
CA LYS F 524 -27.89 -31.83 11.55
C LYS F 524 -26.48 -31.90 12.15
N GLY F 525 -26.03 -33.11 12.42
CA GLY F 525 -24.74 -33.34 13.02
C GLY F 525 -23.58 -32.81 12.20
N PRO F 526 -23.37 -33.36 11.00
CA PRO F 526 -22.21 -32.93 10.20
C PRO F 526 -22.17 -31.44 9.93
N GLU F 527 -23.33 -30.78 9.91
CA GLU F 527 -23.33 -29.32 9.86
C GLU F 527 -22.75 -28.72 11.13
N LEU F 528 -22.93 -29.41 12.27
CA LEU F 528 -22.46 -28.87 13.54
C LEU F 528 -20.95 -29.04 13.69
N LEU F 529 -20.37 -30.06 13.06
CA LEU F 529 -18.92 -30.16 13.06
C LEU F 529 -18.28 -29.36 11.93
N THR F 530 -19.07 -28.67 11.11
CA THR F 530 -18.48 -27.85 10.05
C THR F 530 -17.61 -26.74 10.63
N MET F 531 -18.12 -26.03 11.63
CA MET F 531 -17.35 -24.98 12.29
C MET F 531 -16.74 -25.45 13.61
N TRP F 532 -16.85 -26.74 13.93
CA TRP F 532 -16.20 -27.27 15.12
C TRP F 532 -14.68 -27.18 15.03
N PHE F 533 -14.13 -27.03 13.84
CA PHE F 533 -12.70 -26.90 13.63
C PHE F 533 -12.40 -25.58 12.93
N GLY F 534 -11.37 -24.88 13.41
CA GLY F 534 -10.82 -23.77 12.65
C GLY F 534 -11.73 -22.56 12.59
N GLU F 535 -12.86 -22.72 11.92
CA GLU F 535 -13.79 -21.61 11.73
C GLU F 535 -14.25 -21.06 13.06
N SER F 536 -14.33 -19.73 13.14
CA SER F 536 -14.73 -19.07 14.38
C SER F 536 -16.20 -19.40 14.69
N GLU F 537 -16.62 -18.99 15.88
CA GLU F 537 -17.96 -19.27 16.36
C GLU F 537 -18.97 -18.21 15.96
N ALA F 538 -18.68 -17.44 14.90
CA ALA F 538 -19.68 -16.53 14.35
C ALA F 538 -20.82 -17.29 13.70
N ASN F 539 -20.63 -18.56 13.36
CA ASN F 539 -21.70 -19.35 12.76
C ASN F 539 -22.82 -19.60 13.76
N VAL F 540 -22.47 -19.99 14.99
CA VAL F 540 -23.49 -20.22 16.00
C VAL F 540 -24.17 -18.92 16.41
N ARG F 541 -23.51 -17.77 16.22
CA ARG F 541 -24.15 -16.50 16.47
C ARG F 541 -25.34 -16.29 15.52
N GLU F 542 -25.13 -16.53 14.24
CA GLU F 542 -26.16 -16.28 13.24
C GLU F 542 -27.30 -17.27 13.34
N ILE F 543 -27.01 -18.52 13.71
CA ILE F 543 -28.05 -19.55 13.76
C ILE F 543 -29.14 -19.17 14.75
N PHE F 544 -28.74 -18.70 15.93
CA PHE F 544 -29.73 -18.33 16.95
C PHE F 544 -30.51 -17.08 16.53
N ASP F 545 -29.84 -16.13 15.88
CA ASP F 545 -30.52 -14.90 15.46
C ASP F 545 -31.56 -15.17 14.37
N LYS F 546 -31.46 -16.28 13.65
CA LYS F 546 -32.55 -16.70 12.79
C LYS F 546 -33.78 -17.07 13.60
N ALA F 547 -33.58 -17.70 14.75
CA ALA F 547 -34.71 -18.07 15.60
C ALA F 547 -35.42 -16.84 16.15
N ARG F 548 -34.65 -15.81 16.53
CA ARG F 548 -35.25 -14.63 17.15
C ARG F 548 -36.22 -13.93 16.21
N GLN F 549 -35.83 -13.76 14.95
CA GLN F 549 -36.68 -13.03 14.01
C GLN F 549 -37.87 -13.86 13.58
N ALA F 550 -37.74 -15.18 13.53
CA ALA F 550 -38.80 -16.05 13.05
C ALA F 550 -39.69 -16.58 14.17
N ALA F 551 -39.84 -15.83 15.24
CA ALA F 551 -40.64 -16.30 16.36
C ALA F 551 -42.11 -16.43 15.93
N PRO F 552 -42.81 -17.46 16.39
CA PRO F 552 -42.35 -18.57 17.23
C PRO F 552 -41.69 -19.67 16.41
N CYS F 553 -40.73 -20.41 16.95
CA CYS F 553 -40.07 -21.45 16.19
C CYS F 553 -39.58 -22.54 17.13
N VAL F 554 -39.40 -23.74 16.57
CA VAL F 554 -38.97 -24.90 17.34
C VAL F 554 -37.61 -25.36 16.84
N LEU F 555 -36.55 -24.82 17.41
CA LEU F 555 -35.21 -25.19 17.00
C LEU F 555 -34.94 -26.65 17.36
N PHE F 556 -34.25 -27.36 16.48
CA PHE F 556 -33.99 -28.78 16.66
C PHE F 556 -32.49 -29.05 16.59
N PHE F 557 -31.97 -29.70 17.62
CA PHE F 557 -30.58 -30.12 17.67
C PHE F 557 -30.53 -31.63 17.51
N ASP F 558 -29.76 -32.09 16.53
CA ASP F 558 -29.68 -33.51 16.21
C ASP F 558 -28.30 -34.05 16.54
N GLU F 559 -28.27 -35.22 17.17
CA GLU F 559 -27.04 -35.93 17.53
C GLU F 559 -25.98 -34.98 18.10
N LEU F 560 -26.39 -34.20 19.10
CA LEU F 560 -25.50 -33.22 19.71
C LEU F 560 -24.33 -33.86 20.44
N ASP F 561 -24.38 -35.17 20.69
CA ASP F 561 -23.27 -35.87 21.33
C ASP F 561 -22.19 -36.29 20.36
N SER F 562 -22.31 -35.93 19.08
CA SER F 562 -21.27 -36.29 18.11
C SER F 562 -19.93 -35.66 18.46
N ILE F 563 -19.96 -34.40 18.91
CA ILE F 563 -18.72 -33.75 19.34
C ILE F 563 -18.12 -34.47 20.54
N ALA F 564 -18.96 -34.90 21.48
CA ALA F 564 -18.47 -35.69 22.61
C ALA F 564 -17.90 -37.03 22.12
N LYS F 565 -18.52 -37.62 21.09
CA LYS F 565 -17.98 -38.83 20.51
C LYS F 565 -16.64 -38.59 19.82
N ALA F 566 -16.50 -37.45 19.15
CA ALA F 566 -15.22 -37.13 18.53
C ALA F 566 -14.13 -36.96 19.58
N ARG F 567 -14.46 -36.34 20.72
CA ARG F 567 -13.50 -36.19 21.80
C ARG F 567 -13.08 -37.54 22.36
N GLY F 568 -14.03 -38.46 22.51
CA GLY F 568 -13.72 -39.79 22.97
C GLY F 568 -13.03 -40.63 21.90
N GLY F 569 -11.77 -40.99 22.15
CA GLY F 569 -11.03 -41.76 21.17
C GLY F 569 -9.59 -41.97 21.63
N ASN F 570 -8.74 -42.30 20.66
CA ASN F 570 -7.34 -42.57 20.96
C ASN F 570 -6.64 -41.34 21.53
N ILE F 571 -6.91 -40.17 20.96
CA ILE F 571 -6.31 -38.93 21.45
C ILE F 571 -7.42 -37.96 21.86
N GLY F 572 -8.31 -37.65 20.94
CA GLY F 572 -9.34 -36.67 21.21
C GLY F 572 -8.78 -35.28 21.45
N ASP F 573 -7.87 -34.85 20.57
CA ASP F 573 -7.26 -33.53 20.70
C ASP F 573 -8.26 -32.40 20.50
N GLY F 574 -9.47 -32.70 20.00
CA GLY F 574 -10.54 -31.74 19.90
C GLY F 574 -11.30 -31.50 21.17
N GLY F 575 -10.81 -32.04 22.30
CA GLY F 575 -11.46 -31.75 23.58
C GLY F 575 -11.47 -30.28 23.90
N GLY F 576 -10.36 -29.58 23.64
CA GLY F 576 -10.37 -28.14 23.72
C GLY F 576 -11.30 -27.51 22.69
N ALA F 577 -11.41 -28.13 21.51
CA ALA F 577 -12.38 -27.69 20.53
C ALA F 577 -13.79 -28.09 20.94
N ALA F 578 -13.93 -29.20 21.68
CA ALA F 578 -15.24 -29.65 22.11
C ALA F 578 -15.92 -28.65 23.03
N ASP F 579 -15.15 -28.06 23.94
CA ASP F 579 -15.73 -27.08 24.85
C ASP F 579 -16.15 -25.80 24.13
N ARG F 580 -15.60 -25.57 22.93
CA ARG F 580 -15.89 -24.33 22.21
C ARG F 580 -17.37 -24.23 21.85
N VAL F 581 -17.89 -25.27 21.19
CA VAL F 581 -19.29 -25.22 20.74
C VAL F 581 -20.24 -25.33 21.93
N ILE F 582 -19.90 -26.17 22.91
CA ILE F 582 -20.74 -26.31 24.09
C ILE F 582 -20.81 -25.01 24.85
N ASN F 583 -19.67 -24.33 25.01
CA ASN F 583 -19.71 -23.01 25.62
C ASN F 583 -20.56 -22.04 24.81
N GLN F 584 -20.43 -22.08 23.48
CA GLN F 584 -21.21 -21.18 22.64
C GLN F 584 -22.70 -21.47 22.77
N ILE F 585 -23.08 -22.75 22.72
CA ILE F 585 -24.50 -23.09 22.86
C ILE F 585 -25.01 -22.68 24.24
N LEU F 586 -24.22 -22.92 25.28
CA LEU F 586 -24.65 -22.59 26.63
C LEU F 586 -24.74 -21.08 26.84
N THR F 587 -23.85 -20.31 26.19
CA THR F 587 -23.74 -18.89 26.50
C THR F 587 -25.00 -18.13 26.10
N GLU F 588 -25.46 -18.28 24.86
CA GLU F 588 -26.63 -17.57 24.36
C GLU F 588 -27.89 -18.43 24.38
N MET F 589 -27.99 -19.30 25.38
CA MET F 589 -29.23 -20.03 25.61
C MET F 589 -29.73 -19.90 27.05
N ASP F 590 -28.88 -19.43 27.97
CA ASP F 590 -29.32 -19.00 29.29
C ASP F 590 -29.47 -17.49 29.39
N GLY F 591 -28.86 -16.73 28.49
CA GLY F 591 -29.01 -15.29 28.47
C GLY F 591 -30.18 -14.90 27.58
N MET F 592 -31.06 -15.87 27.32
CA MET F 592 -32.20 -15.70 26.42
C MET F 592 -33.38 -15.17 27.22
N SER F 593 -33.62 -13.87 27.10
CA SER F 593 -34.77 -13.25 27.75
C SER F 593 -36.06 -13.73 27.10
N THR F 594 -37.06 -14.03 27.94
CA THR F 594 -38.31 -14.58 27.44
C THR F 594 -39.22 -13.49 26.87
N LYS F 595 -39.24 -13.38 25.54
CA LYS F 595 -40.14 -12.45 24.88
C LYS F 595 -40.86 -13.13 23.71
N LYS F 596 -40.48 -14.37 23.39
CA LYS F 596 -40.99 -15.09 22.23
C LYS F 596 -41.29 -16.52 22.63
N ASN F 597 -41.50 -17.40 21.64
CA ASN F 597 -41.76 -18.80 21.93
C ASN F 597 -40.73 -19.59 21.13
N VAL F 598 -39.45 -19.27 21.33
CA VAL F 598 -38.37 -20.04 20.74
C VAL F 598 -38.10 -21.26 21.60
N PHE F 599 -38.78 -22.36 21.27
CA PHE F 599 -38.65 -23.60 22.00
C PHE F 599 -37.45 -24.38 21.47
N ILE F 600 -36.74 -25.06 22.36
CA ILE F 600 -35.52 -25.80 22.01
C ILE F 600 -35.76 -27.27 22.29
N ILE F 601 -35.38 -28.12 21.34
CA ILE F 601 -35.56 -29.55 21.44
C ILE F 601 -34.25 -30.22 21.02
N GLY F 602 -33.80 -31.19 21.80
CA GLY F 602 -32.60 -31.93 21.47
C GLY F 602 -32.89 -33.41 21.36
N ALA F 603 -32.03 -34.09 20.61
CA ALA F 603 -32.16 -35.53 20.40
C ALA F 603 -30.79 -36.19 20.44
N THR F 604 -30.72 -37.33 21.11
CA THR F 604 -29.47 -38.08 21.18
C THR F 604 -29.79 -39.54 21.46
N ASN F 605 -28.83 -40.40 21.14
CA ASN F 605 -28.97 -41.84 21.31
C ASN F 605 -27.91 -42.41 22.25
N ARG F 606 -27.07 -41.57 22.84
CA ARG F 606 -26.07 -41.99 23.82
C ARG F 606 -26.15 -41.05 25.01
N PRO F 607 -27.16 -41.19 25.86
CA PRO F 607 -27.36 -40.23 26.95
C PRO F 607 -26.23 -40.18 27.96
N ASP F 608 -25.40 -41.21 28.04
CA ASP F 608 -24.34 -41.24 29.05
C ASP F 608 -23.21 -40.29 28.72
N ILE F 609 -22.82 -40.20 27.44
CA ILE F 609 -21.60 -39.48 27.07
C ILE F 609 -21.75 -37.97 27.23
N ILE F 610 -22.93 -37.41 27.01
CA ILE F 610 -23.11 -35.96 27.06
C ILE F 610 -22.85 -35.46 28.48
N ASP F 611 -22.28 -34.25 28.56
CA ASP F 611 -21.83 -33.70 29.82
C ASP F 611 -23.00 -33.16 30.64
N PRO F 612 -22.86 -33.11 31.97
CA PRO F 612 -23.93 -32.55 32.81
C PRO F 612 -24.24 -31.10 32.53
N ALA F 613 -23.39 -30.38 31.79
CA ALA F 613 -23.60 -28.95 31.54
C ALA F 613 -24.96 -28.69 30.90
N ILE F 614 -25.25 -29.41 29.82
CA ILE F 614 -26.54 -29.30 29.15
C ILE F 614 -27.67 -29.77 30.07
N LEU F 615 -27.37 -30.66 31.01
CA LEU F 615 -28.39 -31.37 31.79
C LEU F 615 -28.62 -30.71 33.15
N ARG F 616 -28.52 -29.39 33.20
CA ARG F 616 -28.71 -28.63 34.44
C ARG F 616 -30.04 -27.90 34.42
N PRO F 617 -30.67 -27.71 35.59
CA PRO F 617 -31.86 -26.86 35.66
C PRO F 617 -31.54 -25.44 35.22
N GLY F 618 -32.55 -24.79 34.64
CA GLY F 618 -32.38 -23.54 33.94
C GLY F 618 -32.09 -23.70 32.46
N ARG F 619 -31.71 -24.90 32.04
CA ARG F 619 -31.49 -25.29 30.65
C ARG F 619 -32.46 -26.43 30.34
N LEU F 620 -32.28 -27.07 29.20
CA LEU F 620 -33.10 -28.22 28.87
C LEU F 620 -32.89 -29.33 29.90
N ASP F 621 -33.97 -29.71 30.58
CA ASP F 621 -33.85 -30.59 31.73
C ASP F 621 -34.87 -31.71 31.79
N GLN F 622 -35.89 -31.75 30.94
CA GLN F 622 -36.82 -32.87 30.91
C GLN F 622 -36.21 -33.99 30.07
N LEU F 623 -36.18 -35.20 30.62
CA LEU F 623 -35.57 -36.35 29.96
C LEU F 623 -36.65 -37.34 29.60
N ILE F 624 -37.19 -37.23 28.38
CA ILE F 624 -38.27 -38.09 27.93
C ILE F 624 -37.64 -39.30 27.25
N TYR F 625 -37.93 -40.49 27.78
CA TYR F 625 -37.36 -41.73 27.28
C TYR F 625 -38.28 -42.30 26.21
N ILE F 626 -37.76 -42.47 25.00
CA ILE F 626 -38.51 -43.02 23.89
C ILE F 626 -38.20 -44.51 23.80
N PRO F 627 -39.12 -45.40 24.16
CA PRO F 627 -38.84 -46.83 24.10
C PRO F 627 -39.06 -47.38 22.70
N LEU F 628 -38.64 -48.62 22.51
CA LEU F 628 -38.91 -49.32 21.26
C LEU F 628 -40.42 -49.50 21.12
N PRO F 629 -40.97 -49.38 19.91
CA PRO F 629 -42.42 -49.44 19.76
C PRO F 629 -42.99 -50.75 20.30
N ASP F 630 -44.14 -50.65 20.96
CA ASP F 630 -44.78 -51.81 21.57
C ASP F 630 -45.54 -52.59 20.51
N GLU F 631 -46.23 -53.64 20.94
CA GLU F 631 -46.96 -54.50 20.01
C GLU F 631 -48.05 -53.71 19.28
N LYS F 632 -48.79 -52.88 20.02
CA LYS F 632 -49.83 -52.07 19.39
C LYS F 632 -49.23 -51.05 18.43
N SER F 633 -48.10 -50.46 18.81
CA SER F 633 -47.47 -49.46 17.94
C SER F 633 -46.98 -50.09 16.64
N ARG F 634 -46.47 -51.32 16.68
CA ARG F 634 -45.96 -51.95 15.47
C ARG F 634 -47.05 -52.11 14.42
N VAL F 635 -48.27 -52.47 14.84
CA VAL F 635 -49.37 -52.60 13.89
C VAL F 635 -49.64 -51.26 13.20
N ALA F 636 -49.65 -50.17 13.97
CA ALA F 636 -49.94 -48.86 13.41
C ALA F 636 -48.83 -48.35 12.50
N ILE F 637 -47.60 -48.83 12.67
CA ILE F 637 -46.49 -48.32 11.85
C ILE F 637 -46.67 -48.75 10.40
N LEU F 638 -47.07 -49.99 10.16
CA LEU F 638 -47.34 -50.42 8.79
C LEU F 638 -48.47 -49.63 8.14
N LYS F 639 -49.37 -49.08 8.94
CA LYS F 639 -50.43 -48.25 8.38
C LYS F 639 -49.87 -46.97 7.76
N ALA F 640 -48.77 -46.45 8.31
CA ALA F 640 -48.10 -45.32 7.67
C ALA F 640 -47.57 -45.70 6.29
N ASN F 641 -46.99 -46.89 6.17
CA ASN F 641 -46.58 -47.42 4.87
C ASN F 641 -47.74 -47.95 4.06
N LEU F 642 -48.93 -48.04 4.65
CA LEU F 642 -50.15 -48.42 3.94
C LEU F 642 -50.78 -47.25 3.21
N ARG F 643 -50.31 -46.02 3.46
CA ARG F 643 -50.78 -44.85 2.72
C ARG F 643 -50.34 -44.88 1.27
N LYS F 644 -49.55 -45.87 0.88
CA LYS F 644 -49.29 -46.20 -0.51
C LYS F 644 -50.48 -46.98 -1.05
N SER F 645 -50.34 -47.60 -2.21
CA SER F 645 -51.41 -48.47 -2.70
C SER F 645 -50.96 -49.92 -2.79
N PRO F 646 -50.47 -50.53 -1.69
CA PRO F 646 -50.00 -51.92 -1.78
C PRO F 646 -51.08 -52.91 -1.42
N VAL F 647 -52.15 -52.97 -2.20
CA VAL F 647 -53.24 -53.91 -1.92
C VAL F 647 -52.76 -55.30 -2.32
N ALA F 648 -52.50 -56.14 -1.32
CA ALA F 648 -52.01 -57.50 -1.54
C ALA F 648 -53.14 -58.50 -1.32
N LYS F 649 -54.16 -58.39 -2.19
CA LYS F 649 -55.40 -59.15 -2.11
C LYS F 649 -55.81 -59.42 -0.66
N ASP F 650 -56.08 -60.69 -0.32
CA ASP F 650 -56.34 -61.08 1.06
C ASP F 650 -55.00 -61.17 1.78
N VAL F 651 -54.46 -59.99 2.13
CA VAL F 651 -53.14 -59.92 2.73
C VAL F 651 -53.13 -60.54 4.13
N ASP F 652 -54.22 -60.38 4.88
CA ASP F 652 -54.30 -60.82 6.27
C ASP F 652 -53.16 -60.20 7.09
N LEU F 653 -53.20 -58.87 7.19
CA LEU F 653 -52.11 -58.13 7.83
C LEU F 653 -51.91 -58.55 9.28
N GLU F 654 -52.98 -58.97 9.97
CA GLU F 654 -52.83 -59.43 11.34
C GLU F 654 -51.92 -60.64 11.41
N PHE F 655 -52.04 -61.56 10.46
CA PHE F 655 -51.09 -62.67 10.37
C PHE F 655 -49.68 -62.14 10.12
N LEU F 656 -49.55 -61.13 9.26
CA LEU F 656 -48.25 -60.51 9.06
C LEU F 656 -47.81 -59.72 10.28
N ALA F 657 -48.75 -59.04 10.95
CA ALA F 657 -48.40 -58.25 12.12
C ALA F 657 -47.87 -59.12 13.25
N LYS F 658 -48.53 -60.25 13.52
CA LYS F 658 -48.07 -61.13 14.57
C LYS F 658 -46.75 -61.80 14.21
N MET F 659 -46.50 -62.00 12.91
CA MET F 659 -45.26 -62.61 12.46
C MET F 659 -44.08 -61.64 12.46
N THR F 660 -44.33 -60.35 12.72
CA THR F 660 -43.33 -59.31 12.63
C THR F 660 -43.05 -58.68 14.00
N ASN F 661 -42.92 -59.51 15.02
CA ASN F 661 -42.76 -59.03 16.39
C ASN F 661 -41.29 -58.75 16.71
N GLY F 662 -41.08 -57.80 17.61
CA GLY F 662 -39.76 -57.54 18.17
C GLY F 662 -38.84 -56.69 17.34
N PHE F 663 -39.37 -55.83 16.47
CA PHE F 663 -38.56 -54.96 15.63
C PHE F 663 -38.61 -53.53 16.13
N SER F 664 -37.70 -52.71 15.61
CA SER F 664 -37.65 -51.29 15.91
C SER F 664 -38.49 -50.51 14.89
N GLY F 665 -38.56 -49.20 15.09
CA GLY F 665 -39.38 -48.37 14.21
C GLY F 665 -38.87 -48.34 12.79
N ALA F 666 -37.56 -48.13 12.60
CA ALA F 666 -37.03 -47.97 11.26
C ALA F 666 -36.97 -49.29 10.49
N ASP F 667 -37.01 -50.43 11.19
CA ASP F 667 -36.97 -51.72 10.49
C ASP F 667 -38.25 -51.97 9.72
N LEU F 668 -39.39 -51.56 10.28
CA LEU F 668 -40.68 -51.83 9.64
C LEU F 668 -40.79 -51.13 8.29
N THR F 669 -40.34 -49.88 8.21
CA THR F 669 -40.36 -49.17 6.93
C THR F 669 -39.38 -49.77 5.95
N GLU F 670 -38.24 -50.26 6.44
CA GLU F 670 -37.28 -50.91 5.57
C GLU F 670 -37.85 -52.22 5.00
N ILE F 671 -38.59 -52.97 5.81
CA ILE F 671 -39.17 -54.22 5.34
C ILE F 671 -40.16 -53.96 4.23
N CYS F 672 -41.04 -52.95 4.39
CA CYS F 672 -42.00 -52.63 3.36
C CYS F 672 -41.33 -52.23 2.06
N GLN F 673 -40.30 -51.39 2.15
CA GLN F 673 -39.58 -50.99 0.95
C GLN F 673 -38.89 -52.17 0.29
N ARG F 674 -38.25 -53.03 1.10
CA ARG F 674 -37.59 -54.21 0.55
C ARG F 674 -38.58 -55.13 -0.14
N ALA F 675 -39.72 -55.38 0.53
CA ALA F 675 -40.72 -56.27 -0.06
C ALA F 675 -41.31 -55.67 -1.33
N CYS F 676 -41.64 -54.39 -1.30
CA CYS F 676 -42.20 -53.74 -2.48
C CYS F 676 -41.15 -53.58 -3.58
N LYS F 677 -39.87 -53.59 -3.21
CA LYS F 677 -38.81 -53.47 -4.21
C LYS F 677 -38.80 -54.69 -5.12
N LEU F 678 -39.06 -55.88 -4.56
CA LEU F 678 -39.17 -57.05 -5.41
C LEU F 678 -40.47 -57.02 -6.22
N ALA F 679 -41.50 -56.32 -5.73
CA ALA F 679 -42.71 -56.13 -6.53
C ALA F 679 -42.42 -55.29 -7.76
N ILE F 680 -41.40 -54.43 -7.69
CA ILE F 680 -40.98 -53.67 -8.86
C ILE F 680 -40.52 -54.62 -9.95
N ARG F 681 -39.70 -55.61 -9.57
CA ARG F 681 -39.03 -56.46 -10.55
C ARG F 681 -40.00 -57.44 -11.19
N GLU F 682 -40.89 -58.04 -10.39
CA GLU F 682 -41.82 -59.03 -10.94
C GLU F 682 -42.76 -58.41 -11.96
N SER F 683 -43.11 -57.13 -11.78
CA SER F 683 -43.92 -56.45 -12.79
C SER F 683 -43.12 -56.21 -14.07
N ILE F 684 -41.80 -56.05 -13.95
CA ILE F 684 -40.97 -55.85 -15.13
C ILE F 684 -40.99 -57.09 -16.02
N GLU F 685 -40.73 -58.26 -15.43
CA GLU F 685 -40.78 -59.48 -16.21
C GLU F 685 -42.19 -59.79 -16.69
N SER F 686 -43.20 -59.29 -15.97
CA SER F 686 -44.58 -59.48 -16.41
C SER F 686 -44.82 -58.79 -17.75
N GLU F 687 -44.31 -57.56 -17.91
CA GLU F 687 -44.48 -56.87 -19.18
C GLU F 687 -43.42 -57.26 -20.19
N ILE F 688 -42.26 -57.72 -19.72
CA ILE F 688 -41.24 -58.26 -20.63
C ILE F 688 -41.77 -59.51 -21.33
N ARG F 689 -42.43 -60.39 -20.58
CA ARG F 689 -43.09 -61.54 -21.20
C ARG F 689 -44.21 -61.07 -22.14
N ARG F 690 -44.97 -60.07 -21.71
CA ARG F 690 -46.07 -59.56 -22.54
C ARG F 690 -45.55 -58.91 -23.81
N GLU F 691 -44.45 -58.14 -23.72
CA GLU F 691 -43.95 -57.47 -24.91
C GLU F 691 -43.29 -58.43 -25.88
N ARG F 692 -42.66 -59.50 -25.37
CA ARG F 692 -42.02 -60.45 -26.26
C ARG F 692 -42.98 -61.49 -26.82
N GLU F 693 -44.11 -61.74 -26.15
CA GLU F 693 -45.14 -62.56 -26.75
C GLU F 693 -45.93 -61.79 -27.82
N ARG F 694 -45.95 -60.45 -27.71
CA ARG F 694 -46.57 -59.62 -28.73
C ARG F 694 -45.80 -59.63 -30.04
N GLN F 695 -44.55 -60.10 -30.04
CA GLN F 695 -43.80 -60.21 -31.28
C GLN F 695 -44.38 -61.24 -32.23
N THR F 696 -45.14 -62.21 -31.70
CA THR F 696 -45.76 -63.25 -32.52
C THR F 696 -47.16 -62.84 -32.99
N ASN F 697 -47.91 -62.15 -32.15
CA ASN F 697 -49.25 -61.71 -32.50
C ASN F 697 -49.23 -60.23 -32.83
N PRO F 698 -49.42 -59.84 -34.09
CA PRO F 698 -49.36 -58.42 -34.46
C PRO F 698 -50.64 -57.68 -34.10
N SER F 699 -50.57 -56.90 -33.02
CA SER F 699 -51.68 -56.05 -32.57
C SER F 699 -52.96 -56.87 -32.39
N ALA F 700 -52.83 -58.06 -31.84
CA ALA F 700 -53.97 -58.97 -31.65
C ALA F 700 -54.54 -58.78 -30.24
N MET F 701 -55.08 -57.58 -30.01
CA MET F 701 -55.68 -57.21 -28.73
C MET F 701 -57.07 -56.65 -29.00
N GLU F 702 -58.09 -57.49 -28.86
CA GLU F 702 -59.47 -57.03 -28.99
C GLU F 702 -59.81 -56.02 -27.89
N VAL F 703 -59.35 -56.29 -26.67
CA VAL F 703 -59.56 -55.39 -25.54
C VAL F 703 -58.29 -54.59 -25.32
N GLU F 704 -58.45 -53.34 -24.88
CA GLU F 704 -57.31 -52.44 -24.67
C GLU F 704 -56.74 -52.70 -23.28
N GLU F 705 -55.60 -53.39 -23.23
CA GLU F 705 -54.89 -53.62 -21.98
C GLU F 705 -53.40 -53.70 -22.28
N ASP F 706 -52.60 -53.03 -21.46
CA ASP F 706 -51.15 -52.98 -21.63
C ASP F 706 -50.38 -53.63 -20.49
N ASP F 707 -50.86 -53.47 -19.26
CA ASP F 707 -50.19 -53.98 -18.08
C ASP F 707 -51.22 -54.73 -17.24
N PRO F 708 -50.78 -55.65 -16.39
CA PRO F 708 -51.72 -56.35 -15.50
C PRO F 708 -52.39 -55.47 -14.46
N VAL F 709 -52.18 -54.15 -14.55
CA VAL F 709 -52.85 -53.18 -13.67
C VAL F 709 -52.60 -53.49 -12.21
N PRO F 710 -51.39 -53.18 -11.69
CA PRO F 710 -51.00 -53.52 -10.31
C PRO F 710 -51.80 -54.59 -9.57
N GLU F 711 -51.28 -55.82 -9.62
CA GLU F 711 -51.92 -57.00 -9.04
C GLU F 711 -51.15 -57.51 -7.82
N ILE F 712 -50.69 -56.58 -6.98
CA ILE F 712 -49.87 -56.92 -5.82
C ILE F 712 -50.53 -58.03 -5.02
N ARG F 713 -49.73 -59.01 -4.62
CA ARG F 713 -50.20 -60.21 -3.94
C ARG F 713 -49.47 -60.36 -2.61
N ARG F 714 -49.80 -61.44 -1.89
CA ARG F 714 -49.30 -61.67 -0.54
C ARG F 714 -48.20 -62.71 -0.44
N ASP F 715 -48.30 -63.82 -1.18
CA ASP F 715 -47.28 -64.85 -1.08
C ASP F 715 -45.90 -64.34 -1.46
N HIS F 716 -45.84 -63.39 -2.41
CA HIS F 716 -44.59 -62.71 -2.67
C HIS F 716 -44.12 -61.94 -1.44
N PHE F 717 -45.03 -61.17 -0.82
CA PHE F 717 -44.69 -60.46 0.40
C PHE F 717 -44.24 -61.40 1.50
N GLU F 718 -44.83 -62.61 1.53
CA GLU F 718 -44.39 -63.63 2.49
C GLU F 718 -42.94 -64.02 2.23
N GLU F 719 -42.57 -64.21 0.96
CA GLU F 719 -41.20 -64.60 0.64
C GLU F 719 -40.22 -63.49 0.96
N ALA F 720 -40.57 -62.23 0.66
CA ALA F 720 -39.69 -61.12 0.98
C ALA F 720 -39.51 -60.96 2.47
N MET F 721 -40.52 -61.34 3.26
CA MET F 721 -40.40 -61.32 4.71
C MET F 721 -39.28 -62.26 5.16
N ARG F 722 -39.15 -63.41 4.48
CA ARG F 722 -38.19 -64.41 4.91
C ARG F 722 -36.77 -63.87 4.95
N PHE F 723 -36.40 -63.06 3.95
CA PHE F 723 -35.06 -62.47 3.91
C PHE F 723 -35.07 -61.15 4.71
N ALA F 724 -35.22 -61.31 6.02
CA ALA F 724 -35.19 -60.20 6.94
C ALA F 724 -34.74 -60.70 8.30
N ARG F 725 -33.97 -59.86 9.01
CA ARG F 725 -33.37 -60.24 10.27
C ARG F 725 -33.58 -59.16 11.31
N ARG F 726 -33.46 -59.55 12.57
CA ARG F 726 -33.68 -58.65 13.71
C ARG F 726 -32.46 -57.76 13.87
N SER F 727 -32.62 -56.47 13.55
CA SER F 727 -31.57 -55.49 13.83
C SER F 727 -31.57 -55.05 15.28
N VAL F 728 -32.62 -55.39 16.04
CA VAL F 728 -32.67 -55.05 17.46
C VAL F 728 -31.59 -55.82 18.21
N SER F 729 -30.77 -55.11 18.97
CA SER F 729 -29.65 -55.70 19.69
C SER F 729 -29.91 -55.63 21.18
N ASP F 730 -29.78 -56.77 21.86
CA ASP F 730 -30.07 -56.83 23.29
C ASP F 730 -29.05 -56.06 24.12
N ASN F 731 -27.81 -55.96 23.64
CA ASN F 731 -26.80 -55.21 24.40
C ASN F 731 -27.17 -53.74 24.50
N ASP F 732 -27.70 -53.16 23.42
CA ASP F 732 -28.01 -51.74 23.41
C ASP F 732 -29.21 -51.43 24.30
N ILE F 733 -30.22 -52.30 24.30
CA ILE F 733 -31.50 -51.94 24.91
C ILE F 733 -31.38 -51.84 26.43
N ARG F 734 -30.61 -52.73 27.05
CA ARG F 734 -30.51 -52.70 28.50
C ARG F 734 -29.70 -51.50 28.98
N LYS F 735 -28.79 -50.99 28.15
CA LYS F 735 -28.00 -49.82 28.55
C LYS F 735 -28.89 -48.61 28.78
N TYR F 736 -29.90 -48.42 27.93
CA TYR F 736 -30.84 -47.32 28.13
C TYR F 736 -31.68 -47.56 29.37
N GLU F 737 -32.04 -48.82 29.63
CA GLU F 737 -32.94 -49.13 30.74
C GLU F 737 -32.27 -48.88 32.09
N MET F 738 -31.01 -49.29 32.25
CA MET F 738 -30.32 -49.07 33.51
C MET F 738 -30.12 -47.57 33.75
N PHE F 739 -29.82 -46.83 32.69
CA PHE F 739 -29.77 -45.37 32.82
C PHE F 739 -31.15 -44.80 33.09
N ALA F 740 -32.19 -45.42 32.52
CA ALA F 740 -33.55 -45.02 32.83
C ALA F 740 -33.88 -45.26 34.30
N GLN F 741 -33.46 -46.41 34.84
CA GLN F 741 -33.62 -46.65 36.27
C GLN F 741 -32.69 -45.78 37.10
N THR F 742 -31.51 -45.46 36.55
CA THR F 742 -30.62 -44.54 37.25
C THR F 742 -31.26 -43.16 37.41
N LEU F 743 -31.89 -42.66 36.35
CA LEU F 743 -32.60 -41.39 36.44
C LEU F 743 -33.82 -41.51 37.36
N GLN F 744 -34.58 -42.59 37.22
CA GLN F 744 -35.80 -42.76 38.01
C GLN F 744 -35.48 -42.89 39.50
N GLN F 745 -34.47 -43.68 39.83
CA GLN F 745 -34.11 -43.90 41.22
C GLN F 745 -32.65 -43.52 41.48
N ASP G 3 -37.25 36.19 -10.16
CA ASP G 3 -36.66 36.93 -9.05
C ASP G 3 -36.87 38.43 -9.20
N ILE G 4 -36.73 38.92 -10.43
CA ILE G 4 -36.82 40.36 -10.67
C ILE G 4 -38.21 40.89 -10.30
N GLY G 5 -39.25 40.09 -10.49
CA GLY G 5 -40.59 40.53 -10.18
C GLY G 5 -40.86 40.64 -8.69
N ASP G 6 -40.88 39.50 -7.99
CA ASP G 6 -41.31 39.48 -6.61
C ASP G 6 -40.34 40.24 -5.70
N TRP G 7 -39.04 40.16 -5.98
CA TRP G 7 -38.06 40.82 -5.11
C TRP G 7 -38.23 42.34 -5.15
N PHE G 8 -38.53 42.89 -6.32
CA PHE G 8 -38.71 44.34 -6.43
C PHE G 8 -39.96 44.79 -5.71
N ARG G 9 -41.01 43.97 -5.71
CA ARG G 9 -42.22 44.34 -4.97
C ARG G 9 -42.13 43.99 -3.48
N SER G 10 -41.14 43.21 -3.02
CA SER G 10 -41.05 42.85 -1.61
C SER G 10 -40.15 43.78 -0.81
N ILE G 11 -39.18 44.42 -1.43
CA ILE G 11 -38.42 45.46 -0.73
C ILE G 11 -39.36 46.61 -0.40
N PRO G 12 -39.18 47.31 0.73
CA PRO G 12 -40.14 48.36 1.12
C PRO G 12 -40.36 49.39 0.03
N ALA G 13 -41.61 49.83 -0.12
CA ALA G 13 -42.04 50.70 -1.20
C ALA G 13 -41.16 51.94 -1.33
N ILE G 14 -40.78 52.50 -0.18
CA ILE G 14 -39.91 53.69 -0.16
C ILE G 14 -38.58 53.32 -0.82
N THR G 15 -38.03 52.16 -0.45
CA THR G 15 -36.76 51.73 -1.03
C THR G 15 -36.93 51.33 -2.49
N ARG G 16 -38.03 50.65 -2.81
CA ARG G 16 -38.21 50.09 -4.14
C ARG G 16 -38.30 51.20 -5.19
N TYR G 17 -38.86 52.36 -4.82
CA TYR G 17 -38.96 53.45 -5.78
C TYR G 17 -37.70 54.30 -5.78
N TRP G 18 -37.13 54.54 -4.60
CA TRP G 18 -35.90 55.34 -4.53
C TRP G 18 -34.74 54.63 -5.22
N PHE G 19 -34.64 53.31 -5.04
CA PHE G 19 -33.59 52.54 -5.71
C PHE G 19 -33.74 52.66 -7.22
N ALA G 20 -34.96 52.47 -7.73
CA ALA G 20 -35.19 52.55 -9.16
C ALA G 20 -35.11 53.99 -9.66
N ALA G 21 -35.25 54.96 -8.75
CA ALA G 21 -35.22 56.37 -9.16
C ALA G 21 -33.86 56.76 -9.70
N THR G 22 -32.79 56.30 -9.06
CA THR G 22 -31.44 56.69 -9.43
C THR G 22 -30.64 55.58 -10.09
N VAL G 23 -31.27 54.46 -10.40
CA VAL G 23 -30.60 53.35 -11.07
C VAL G 23 -30.93 53.31 -12.56
N ALA G 24 -32.20 53.49 -12.92
CA ALA G 24 -32.61 53.45 -14.31
C ALA G 24 -32.16 54.67 -15.10
N VAL G 25 -31.98 55.82 -14.44
CA VAL G 25 -31.57 57.03 -15.15
C VAL G 25 -30.18 56.90 -15.78
N PRO G 26 -29.15 56.39 -15.08
CA PRO G 26 -27.86 56.19 -15.76
C PRO G 26 -27.94 55.20 -16.92
N LEU G 27 -28.94 54.32 -16.93
CA LEU G 27 -29.11 53.41 -18.07
C LEU G 27 -29.42 54.19 -19.34
N VAL G 28 -30.25 55.23 -19.23
CA VAL G 28 -30.52 56.07 -20.39
C VAL G 28 -29.26 56.83 -20.81
N GLY G 29 -28.46 57.26 -19.84
CA GLY G 29 -27.27 58.03 -20.15
C GLY G 29 -26.23 57.23 -20.91
N LYS G 30 -25.99 55.99 -20.50
CA LYS G 30 -24.94 55.19 -21.13
C LYS G 30 -25.28 54.89 -22.58
N LEU G 31 -26.55 54.57 -22.87
CA LEU G 31 -26.95 54.38 -24.25
C LEU G 31 -27.10 55.72 -24.98
N GLY G 32 -27.59 56.75 -24.28
CA GLY G 32 -27.64 58.08 -24.85
C GLY G 32 -28.76 58.33 -25.83
N LEU G 33 -30.00 58.21 -25.38
CA LEU G 33 -31.16 58.57 -26.18
C LEU G 33 -31.56 60.03 -25.96
N ILE G 34 -31.89 60.38 -24.71
CA ILE G 34 -32.10 61.79 -24.37
C ILE G 34 -30.75 62.49 -24.30
N SER G 35 -30.79 63.81 -24.34
CA SER G 35 -29.57 64.60 -24.34
C SER G 35 -28.86 64.48 -22.99
N PRO G 36 -27.64 63.96 -22.93
CA PRO G 36 -26.90 64.00 -21.66
C PRO G 36 -26.59 65.41 -21.19
N ALA G 37 -26.49 66.37 -22.11
CA ALA G 37 -26.20 67.74 -21.72
C ALA G 37 -27.42 68.48 -21.19
N TYR G 38 -28.60 67.84 -21.21
CA TYR G 38 -29.82 68.52 -20.81
C TYR G 38 -30.03 68.56 -19.30
N LEU G 39 -29.18 67.90 -18.52
CA LEU G 39 -29.38 67.81 -17.07
C LEU G 39 -28.10 68.27 -16.37
N PHE G 40 -27.96 69.58 -16.17
CA PHE G 40 -26.82 70.16 -15.46
C PHE G 40 -27.18 70.89 -14.17
N LEU G 41 -28.35 71.52 -14.07
CA LEU G 41 -28.71 72.36 -12.93
C LEU G 41 -27.73 73.52 -12.77
N TRP G 42 -27.72 74.40 -13.77
CA TRP G 42 -26.81 75.55 -13.74
C TRP G 42 -27.17 76.49 -12.61
N PRO G 43 -26.24 76.75 -11.68
CA PRO G 43 -26.58 77.64 -10.55
C PRO G 43 -26.70 79.09 -10.95
N GLU G 44 -25.79 79.59 -11.79
CA GLU G 44 -25.85 80.99 -12.20
C GLU G 44 -27.10 81.28 -13.02
N ALA G 45 -27.58 80.30 -13.78
CA ALA G 45 -28.85 80.48 -14.48
C ALA G 45 -30.01 80.62 -13.50
N PHE G 46 -30.00 79.84 -12.42
CA PHE G 46 -31.04 79.96 -11.40
C PHE G 46 -30.99 81.31 -10.69
N LEU G 47 -29.80 81.90 -10.56
CA LEU G 47 -29.68 83.18 -9.89
C LEU G 47 -30.31 84.30 -10.72
N TYR G 48 -30.27 84.16 -12.05
CA TYR G 48 -30.81 85.18 -12.94
C TYR G 48 -32.27 84.91 -13.32
N ARG G 49 -32.57 83.67 -13.69
CA ARG G 49 -33.92 83.29 -14.10
C ARG G 49 -34.38 82.08 -13.30
N PHE G 50 -35.70 81.95 -13.16
CA PHE G 50 -36.26 80.85 -12.39
C PHE G 50 -35.98 79.49 -13.02
N GLN G 51 -36.14 79.39 -14.34
CA GLN G 51 -35.82 78.18 -15.10
C GLN G 51 -36.50 76.95 -14.51
N ILE G 52 -37.83 76.96 -14.62
CA ILE G 52 -38.69 75.90 -14.09
C ILE G 52 -38.45 74.59 -14.85
N TRP G 53 -37.58 74.63 -15.87
CA TRP G 53 -37.28 73.43 -16.64
C TRP G 53 -36.59 72.36 -15.78
N ARG G 54 -35.66 72.78 -14.92
CA ARG G 54 -34.80 71.83 -14.19
C ARG G 54 -34.76 72.11 -12.69
N PRO G 55 -35.90 72.03 -11.99
CA PRO G 55 -35.85 72.20 -10.53
C PRO G 55 -35.32 70.98 -9.81
N ILE G 56 -35.67 69.77 -10.28
CA ILE G 56 -35.36 68.53 -9.58
C ILE G 56 -34.81 67.54 -10.61
N THR G 57 -34.85 67.93 -11.88
CA THR G 57 -34.50 67.00 -12.96
C THR G 57 -33.05 66.53 -12.85
N ALA G 58 -32.13 67.43 -12.52
CA ALA G 58 -30.72 67.07 -12.43
C ALA G 58 -30.36 66.47 -11.07
N THR G 59 -31.34 66.12 -10.24
CA THR G 59 -31.07 65.53 -8.94
C THR G 59 -31.09 64.00 -8.96
N PHE G 60 -31.30 63.39 -10.12
CA PHE G 60 -31.29 61.93 -10.23
C PHE G 60 -30.45 61.41 -11.40
N TYR G 61 -29.97 62.28 -12.28
CA TYR G 61 -29.19 61.87 -13.44
C TYR G 61 -27.69 61.91 -13.15
N PHE G 62 -27.06 60.74 -13.21
CA PHE G 62 -25.61 60.68 -13.08
C PHE G 62 -25.03 59.91 -14.25
N PRO G 63 -24.10 60.50 -15.00
CA PRO G 63 -23.46 59.79 -16.13
C PRO G 63 -22.35 58.84 -15.68
N VAL G 64 -22.75 57.71 -15.11
CA VAL G 64 -21.77 56.71 -14.70
C VAL G 64 -21.14 56.09 -15.95
N GLY G 65 -19.82 55.93 -15.92
CA GLY G 65 -19.11 55.44 -17.07
C GLY G 65 -17.65 55.08 -16.78
N PRO G 66 -16.78 55.35 -17.76
CA PRO G 66 -15.37 54.94 -17.63
C PRO G 66 -14.66 55.52 -16.43
N GLY G 67 -14.60 56.86 -16.34
CA GLY G 67 -13.88 57.50 -15.26
C GLY G 67 -14.79 58.02 -14.17
N THR G 68 -16.08 57.74 -14.28
CA THR G 68 -17.06 58.18 -13.30
C THR G 68 -17.80 57.02 -12.64
N GLY G 69 -17.26 55.80 -12.73
CA GLY G 69 -17.88 54.65 -12.10
C GLY G 69 -17.38 54.46 -10.69
N PHE G 70 -16.93 53.23 -10.38
CA PHE G 70 -16.45 52.83 -9.06
C PHE G 70 -17.21 53.49 -7.93
N LEU G 71 -16.87 54.75 -7.64
CA LEU G 71 -17.44 55.50 -6.52
C LEU G 71 -18.96 55.51 -6.56
N TYR G 72 -19.54 55.75 -7.74
CA TYR G 72 -21.00 55.78 -7.83
C TYR G 72 -21.58 54.40 -7.57
N LEU G 73 -20.87 53.35 -7.99
CA LEU G 73 -21.40 52.00 -7.88
C LEU G 73 -21.43 51.52 -6.44
N VAL G 74 -20.39 51.86 -5.66
CA VAL G 74 -20.28 51.32 -4.31
C VAL G 74 -21.36 51.88 -3.38
N ASN G 75 -21.71 53.16 -3.52
CA ASN G 75 -22.73 53.73 -2.64
C ASN G 75 -24.08 53.08 -2.87
N LEU G 76 -24.33 52.58 -4.07
CA LEU G 76 -25.52 51.77 -4.30
C LEU G 76 -25.49 50.51 -3.45
N TYR G 77 -24.30 49.92 -3.28
CA TYR G 77 -24.20 48.72 -2.46
C TYR G 77 -24.57 48.98 -1.01
N PHE G 78 -23.96 49.98 -0.37
CA PHE G 78 -24.29 50.25 1.02
C PHE G 78 -25.74 50.70 1.15
N LEU G 79 -26.20 51.60 0.28
CA LEU G 79 -27.60 52.04 0.34
C LEU G 79 -28.54 50.85 0.28
N TYR G 80 -28.35 49.96 -0.70
CA TYR G 80 -29.18 48.77 -0.79
C TYR G 80 -28.98 47.87 0.43
N GLN G 81 -27.76 47.78 0.93
CA GLN G 81 -27.51 47.04 2.16
C GLN G 81 -27.97 47.78 3.41
N TYR G 82 -28.19 49.09 3.36
CA TYR G 82 -28.39 49.84 4.59
C TYR G 82 -29.72 50.57 4.64
N SER G 83 -30.34 50.86 3.50
CA SER G 83 -31.69 51.43 3.54
C SER G 83 -32.68 50.44 4.14
N THR G 84 -32.65 49.19 3.68
CA THR G 84 -33.56 48.18 4.21
C THR G 84 -33.45 48.07 5.73
N ARG G 85 -32.27 48.34 6.28
CA ARG G 85 -32.10 48.32 7.73
C ARG G 85 -32.78 49.52 8.38
N LEU G 86 -32.71 50.70 7.73
CA LEU G 86 -33.17 51.91 8.41
C LEU G 86 -34.67 52.14 8.23
N GLU G 87 -35.32 51.49 7.26
CA GLU G 87 -36.77 51.32 7.38
C GLU G 87 -37.12 50.55 8.64
N THR G 88 -36.39 49.46 8.92
CA THR G 88 -36.58 48.71 10.15
C THR G 88 -35.96 49.38 11.36
N GLY G 89 -35.21 50.46 11.16
CA GLY G 89 -34.67 51.22 12.27
C GLY G 89 -35.68 52.17 12.84
N ALA G 90 -36.81 51.64 13.31
CA ALA G 90 -37.94 52.35 13.90
C ALA G 90 -38.66 53.24 12.89
N PHE G 91 -38.23 53.28 11.64
CA PHE G 91 -38.90 54.10 10.63
C PHE G 91 -40.04 53.38 9.93
N ASP G 92 -40.22 52.09 10.20
CA ASP G 92 -41.32 51.35 9.57
C ASP G 92 -42.67 51.91 10.01
N GLY G 93 -42.81 52.26 11.29
CA GLY G 93 -44.06 52.78 11.79
C GLY G 93 -44.30 54.24 11.49
N ARG G 94 -43.31 54.92 10.91
CA ARG G 94 -43.41 56.35 10.60
C ARG G 94 -42.97 56.61 9.16
N PRO G 95 -43.70 56.08 8.17
CA PRO G 95 -43.37 56.41 6.77
C PRO G 95 -43.50 57.89 6.47
N ALA G 96 -44.51 58.56 7.06
CA ALA G 96 -44.70 59.98 6.84
C ALA G 96 -43.51 60.78 7.39
N ASP G 97 -43.01 60.38 8.57
CA ASP G 97 -41.80 60.98 9.09
C ASP G 97 -40.61 60.71 8.16
N TYR G 98 -40.53 59.49 7.63
CA TYR G 98 -39.45 59.17 6.70
C TYR G 98 -39.64 59.90 5.38
N LEU G 99 -40.88 60.12 4.97
CA LEU G 99 -41.13 60.96 3.80
C LEU G 99 -40.68 62.40 4.05
N PHE G 100 -40.67 62.83 5.32
CA PHE G 100 -40.48 64.25 5.59
C PHE G 100 -39.01 64.65 5.53
N MET G 101 -38.16 64.01 6.36
CA MET G 101 -36.78 64.47 6.44
C MET G 101 -36.03 64.18 5.14
N LEU G 102 -36.57 63.27 4.33
CA LEU G 102 -36.09 63.14 2.96
C LEU G 102 -36.34 64.42 2.17
N LEU G 103 -37.53 65.01 2.33
CA LEU G 103 -37.83 66.29 1.69
C LEU G 103 -36.98 67.41 2.31
N PHE G 104 -36.87 67.42 3.64
CA PHE G 104 -36.08 68.46 4.30
C PHE G 104 -34.62 68.37 3.92
N ASN G 105 -34.06 67.15 3.87
CA ASN G 105 -32.67 66.99 3.47
C ASN G 105 -32.47 67.37 2.01
N TRP G 106 -33.42 67.04 1.14
CA TRP G 106 -33.28 67.34 -0.28
C TRP G 106 -33.30 68.84 -0.53
N ILE G 107 -34.12 69.58 0.22
CA ILE G 107 -34.11 71.02 0.08
C ILE G 107 -32.89 71.64 0.78
N CYS G 108 -32.35 70.96 1.78
CA CYS G 108 -31.19 71.50 2.50
C CYS G 108 -29.92 71.38 1.67
N ILE G 109 -29.73 70.26 0.98
CA ILE G 109 -28.52 70.08 0.18
C ILE G 109 -28.59 70.95 -1.08
N VAL G 110 -29.79 71.14 -1.63
CA VAL G 110 -29.91 71.84 -2.91
C VAL G 110 -29.67 73.34 -2.76
N ILE G 111 -30.07 73.93 -1.63
CA ILE G 111 -29.83 75.36 -1.43
C ILE G 111 -28.33 75.62 -1.28
N THR G 112 -27.61 74.74 -0.59
CA THR G 112 -26.16 74.79 -0.61
C THR G 112 -25.62 74.38 -1.97
N GLY G 113 -26.34 73.49 -2.66
CA GLY G 113 -25.94 73.11 -4.01
C GLY G 113 -26.08 74.26 -5.00
N LEU G 114 -26.93 75.23 -4.69
CA LEU G 114 -27.13 76.37 -5.56
C LEU G 114 -26.26 77.55 -5.15
N ALA G 115 -25.93 77.66 -3.85
CA ALA G 115 -25.11 78.77 -3.39
C ALA G 115 -23.71 78.70 -3.97
N MET G 116 -23.07 77.52 -3.86
CA MET G 116 -21.77 77.31 -4.46
C MET G 116 -21.91 76.38 -5.67
N ASP G 117 -20.88 76.36 -6.52
CA ASP G 117 -21.05 75.97 -7.91
C ASP G 117 -20.68 74.51 -8.20
N MET G 118 -20.99 73.56 -7.32
CA MET G 118 -20.88 72.17 -7.75
C MET G 118 -22.11 71.81 -8.57
N GLN G 119 -21.97 70.79 -9.42
CA GLN G 119 -23.02 70.42 -10.37
C GLN G 119 -23.76 69.16 -9.96
N LEU G 120 -23.03 68.08 -9.68
CA LEU G 120 -23.64 66.77 -9.43
C LEU G 120 -23.81 66.58 -7.93
N LEU G 121 -25.04 66.72 -7.45
CA LEU G 121 -25.35 66.47 -6.04
C LEU G 121 -25.92 65.06 -5.87
N MET G 122 -25.05 64.07 -6.09
CA MET G 122 -25.48 62.68 -6.16
C MET G 122 -25.02 61.87 -4.94
N ILE G 123 -23.71 61.84 -4.69
CA ILE G 123 -23.22 61.24 -3.45
C ILE G 123 -23.82 61.87 -2.21
N PRO G 124 -23.99 63.21 -2.10
CA PRO G 124 -24.46 63.77 -0.82
C PRO G 124 -25.76 63.18 -0.30
N LEU G 125 -26.74 62.92 -1.15
CA LEU G 125 -28.03 62.44 -0.65
C LEU G 125 -27.94 61.00 -0.17
N ILE G 126 -26.94 60.26 -0.65
CA ILE G 126 -26.74 58.90 -0.20
C ILE G 126 -26.14 58.87 1.20
N MET G 127 -25.05 59.59 1.41
CA MET G 127 -24.35 59.55 2.69
C MET G 127 -25.06 60.35 3.77
N SER G 128 -25.82 61.37 3.38
CA SER G 128 -26.52 62.19 4.38
C SER G 128 -27.52 61.35 5.16
N VAL G 129 -28.38 60.61 4.45
CA VAL G 129 -29.30 59.70 5.13
C VAL G 129 -28.53 58.57 5.79
N LEU G 130 -27.44 58.11 5.16
CA LEU G 130 -26.61 57.07 5.77
C LEU G 130 -25.96 57.58 7.05
N TYR G 131 -25.44 58.80 7.03
CA TYR G 131 -24.90 59.38 8.26
C TYR G 131 -25.98 59.54 9.30
N VAL G 132 -27.16 59.99 8.88
CA VAL G 132 -28.29 60.13 9.81
C VAL G 132 -28.67 58.76 10.37
N TRP G 133 -28.51 57.71 9.56
CA TRP G 133 -28.81 56.36 10.05
C TRP G 133 -27.82 55.97 11.15
N ALA G 134 -26.55 56.38 11.01
CA ALA G 134 -25.52 56.01 11.98
C ALA G 134 -25.84 56.58 13.35
N GLN G 135 -25.94 57.91 13.44
CA GLN G 135 -26.17 58.57 14.72
C GLN G 135 -27.50 58.14 15.34
N LEU G 136 -28.51 57.86 14.53
CA LEU G 136 -29.80 57.42 15.04
C LEU G 136 -29.88 55.92 15.30
N ASN G 137 -28.94 55.12 14.80
CA ASN G 137 -28.91 53.69 15.06
C ASN G 137 -27.48 53.30 15.44
N ARG G 138 -26.92 54.04 16.41
CA ARG G 138 -25.57 53.79 16.90
C ARG G 138 -25.55 52.54 17.77
N ASP G 139 -24.38 52.24 18.34
CA ASP G 139 -24.22 51.25 19.41
C ASP G 139 -24.42 49.82 18.93
N MET G 140 -23.83 49.44 17.79
CA MET G 140 -23.66 48.05 17.43
C MET G 140 -22.25 47.81 16.95
N ILE G 141 -21.79 46.56 17.08
CA ILE G 141 -20.49 46.14 16.56
C ILE G 141 -20.69 45.54 15.18
N VAL G 142 -19.90 45.98 14.23
CA VAL G 142 -19.94 45.48 12.85
C VAL G 142 -18.51 45.18 12.40
N SER G 143 -18.33 44.02 11.77
CA SER G 143 -17.01 43.61 11.31
C SER G 143 -17.22 42.74 10.07
N PHE G 144 -17.01 43.33 8.90
CA PHE G 144 -17.17 42.60 7.65
C PHE G 144 -15.91 41.78 7.35
N TRP G 145 -16.01 40.94 6.31
CA TRP G 145 -14.98 39.94 6.07
C TRP G 145 -13.63 40.56 5.72
N PHE G 146 -13.62 41.60 4.89
CA PHE G 146 -12.39 42.23 4.46
C PHE G 146 -12.01 43.44 5.31
N GLY G 147 -12.57 43.56 6.51
CA GLY G 147 -12.28 44.70 7.36
C GLY G 147 -11.59 44.34 8.66
N THR G 148 -11.41 45.33 9.53
CA THR G 148 -10.75 45.14 10.80
C THR G 148 -11.79 44.93 11.90
N ARG G 149 -11.34 44.94 13.15
CA ARG G 149 -12.19 44.71 14.32
C ARG G 149 -12.48 46.01 15.05
N PHE G 150 -12.73 47.09 14.32
CA PHE G 150 -12.90 48.41 14.92
C PHE G 150 -14.10 48.41 15.87
N LYS G 151 -13.99 49.26 16.91
CA LYS G 151 -15.01 49.32 17.95
C LYS G 151 -16.29 49.94 17.42
N ALA G 152 -17.38 49.71 18.16
CA ALA G 152 -18.70 50.21 17.78
C ALA G 152 -18.72 51.73 17.76
N CYS G 153 -19.86 52.27 17.32
CA CYS G 153 -20.16 53.71 17.30
C CYS G 153 -19.07 54.54 16.61
N TYR G 154 -18.25 53.89 15.78
CA TYR G 154 -17.24 54.59 14.98
C TYR G 154 -17.65 54.72 13.52
N LEU G 155 -18.83 54.22 13.16
CA LEU G 155 -19.21 54.11 11.76
C LEU G 155 -19.34 55.46 11.05
N PRO G 156 -20.04 56.47 11.59
CA PRO G 156 -20.18 57.73 10.83
C PRO G 156 -18.86 58.42 10.54
N TRP G 157 -17.88 58.32 11.45
CA TRP G 157 -16.59 58.96 11.19
C TRP G 157 -15.68 58.10 10.33
N VAL G 158 -15.71 56.78 10.51
CA VAL G 158 -14.84 55.92 9.72
C VAL G 158 -15.27 55.92 8.26
N ILE G 159 -16.58 55.97 8.01
CA ILE G 159 -17.06 56.03 6.62
C ILE G 159 -16.78 57.40 6.03
N LEU G 160 -16.60 58.42 6.88
CA LEU G 160 -16.30 59.76 6.39
C LEU G 160 -14.93 59.84 5.74
N GLY G 161 -14.04 58.89 6.04
CA GLY G 161 -12.70 58.92 5.49
C GLY G 161 -12.59 58.27 4.13
N PHE G 162 -13.19 57.08 3.97
CA PHE G 162 -13.04 56.34 2.72
C PHE G 162 -13.64 57.09 1.55
N ASN G 163 -14.84 57.65 1.72
CA ASN G 163 -15.48 58.37 0.62
C ASN G 163 -14.74 59.65 0.30
N TYR G 164 -14.21 60.33 1.32
CA TYR G 164 -13.52 61.59 1.11
C TYR G 164 -12.22 61.39 0.33
N ILE G 165 -11.39 60.45 0.76
CA ILE G 165 -10.07 60.30 0.16
C ILE G 165 -10.14 59.76 -1.26
N ILE G 166 -11.21 59.04 -1.61
CA ILE G 166 -11.41 58.54 -2.96
C ILE G 166 -12.21 59.61 -3.70
N GLY G 167 -11.54 60.33 -4.60
CA GLY G 167 -12.18 61.40 -5.33
C GLY G 167 -11.80 62.78 -4.84
N GLY G 168 -12.71 63.45 -4.13
CA GLY G 168 -12.45 64.78 -3.63
C GLY G 168 -13.71 65.57 -3.40
N SER G 169 -13.71 66.85 -3.83
CA SER G 169 -14.87 67.73 -3.73
C SER G 169 -15.36 67.81 -2.28
N VAL G 170 -14.49 68.38 -1.44
CA VAL G 170 -14.68 68.42 0.01
C VAL G 170 -15.99 69.11 0.38
N ILE G 171 -16.56 69.88 -0.55
CA ILE G 171 -17.76 70.64 -0.26
C ILE G 171 -18.92 69.72 0.09
N ASN G 172 -19.14 68.68 -0.72
CA ASN G 172 -20.36 67.88 -0.56
C ASN G 172 -20.28 66.98 0.67
N GLU G 173 -19.11 66.42 0.97
CA GLU G 173 -18.99 65.56 2.15
C GLU G 173 -19.22 66.35 3.43
N LEU G 174 -18.66 67.56 3.52
CA LEU G 174 -18.74 68.32 4.75
C LEU G 174 -20.16 68.80 5.03
N ILE G 175 -20.81 69.37 4.02
CA ILE G 175 -22.16 69.89 4.22
C ILE G 175 -23.15 68.75 4.45
N GLY G 176 -22.96 67.64 3.75
CA GLY G 176 -23.89 66.52 3.90
C GLY G 176 -23.90 65.97 5.31
N ASN G 177 -22.72 65.79 5.90
CA ASN G 177 -22.64 65.32 7.28
C ASN G 177 -23.12 66.40 8.25
N LEU G 178 -22.73 67.65 8.02
CA LEU G 178 -23.12 68.72 8.92
C LEU G 178 -24.63 68.95 8.92
N VAL G 179 -25.26 68.91 7.74
CA VAL G 179 -26.70 69.13 7.67
C VAL G 179 -27.43 67.99 8.37
N GLY G 180 -26.90 66.77 8.28
CA GLY G 180 -27.46 65.68 9.07
C GLY G 180 -27.23 65.89 10.56
N HIS G 181 -26.09 66.49 10.92
CA HIS G 181 -25.80 66.73 12.33
C HIS G 181 -26.75 67.75 12.93
N LEU G 182 -26.97 68.88 12.24
CA LEU G 182 -27.85 69.90 12.77
C LEU G 182 -29.30 69.40 12.85
N TYR G 183 -29.74 68.66 11.83
CA TYR G 183 -31.07 68.06 11.90
C TYR G 183 -31.14 66.99 12.98
N PHE G 184 -30.03 66.28 13.23
CA PHE G 184 -30.00 65.32 14.32
C PHE G 184 -30.26 65.99 15.66
N PHE G 185 -29.64 67.15 15.88
CA PHE G 185 -29.90 67.91 17.11
C PHE G 185 -31.28 68.54 17.08
N LEU G 186 -31.75 68.96 15.91
CA LEU G 186 -33.03 69.67 15.83
C LEU G 186 -34.20 68.74 16.06
N MET G 187 -34.32 67.70 15.23
CA MET G 187 -35.44 66.78 15.35
C MET G 187 -35.41 66.01 16.67
N PHE G 188 -34.23 65.61 17.13
CA PHE G 188 -34.11 64.70 18.25
C PHE G 188 -33.66 65.37 19.55
N ARG G 189 -32.60 66.18 19.49
CA ARG G 189 -31.98 66.69 20.70
C ARG G 189 -32.52 68.05 21.14
N TYR G 190 -32.90 68.91 20.19
CA TYR G 190 -33.31 70.27 20.55
C TYR G 190 -34.52 70.30 21.48
N PRO G 191 -35.62 69.57 21.23
CA PRO G 191 -36.77 69.68 22.14
C PRO G 191 -36.47 69.32 23.58
N MET G 192 -35.62 68.32 23.83
CA MET G 192 -35.33 67.93 25.20
C MET G 192 -34.09 68.61 25.78
N ASP G 193 -33.39 69.43 24.99
CA ASP G 193 -32.24 70.15 25.52
C ASP G 193 -32.67 71.43 26.23
N LEU G 194 -33.28 72.35 25.51
CA LEU G 194 -33.76 73.61 26.06
C LEU G 194 -35.23 73.86 25.75
N GLY G 195 -35.69 73.49 24.58
CA GLY G 195 -37.04 73.78 24.13
C GLY G 195 -37.08 73.74 22.61
N GLY G 196 -37.96 74.57 22.04
CA GLY G 196 -38.09 74.62 20.60
C GLY G 196 -38.57 73.30 20.03
N ARG G 197 -39.83 72.96 20.28
CA ARG G 197 -40.36 71.65 19.95
C ARG G 197 -40.61 71.58 18.44
N ASN G 198 -41.34 70.54 18.02
CA ASN G 198 -41.48 70.20 16.61
C ASN G 198 -42.36 71.25 15.93
N PHE G 199 -41.72 72.34 15.52
CA PHE G 199 -42.37 73.31 14.64
C PHE G 199 -42.08 73.01 13.18
N LEU G 200 -42.18 71.73 12.81
CA LEU G 200 -42.14 71.32 11.42
C LEU G 200 -43.05 70.11 11.18
N SER G 201 -44.13 69.98 11.96
CA SER G 201 -44.97 68.79 11.92
C SER G 201 -45.52 68.53 10.52
N THR G 202 -45.49 67.27 10.12
CA THR G 202 -46.02 66.89 8.82
C THR G 202 -47.53 67.12 8.79
N PRO G 203 -48.06 67.74 7.74
CA PRO G 203 -49.50 68.00 7.70
C PRO G 203 -50.30 66.72 7.65
N GLN G 204 -51.58 66.81 8.05
CA GLN G 204 -52.48 65.67 7.97
C GLN G 204 -52.63 65.16 6.54
N PHE G 205 -52.39 66.01 5.55
CA PHE G 205 -52.50 65.61 4.15
C PHE G 205 -51.50 64.50 3.82
N LEU G 206 -50.27 64.61 4.36
CA LEU G 206 -49.30 63.54 4.19
C LEU G 206 -49.79 62.24 4.85
N TYR G 207 -50.35 62.35 6.05
CA TYR G 207 -50.95 61.18 6.69
C TYR G 207 -52.13 60.66 5.88
N ARG G 208 -52.92 61.57 5.31
CA ARG G 208 -54.06 61.15 4.50
C ARG G 208 -53.60 60.36 3.28
N TRP G 209 -52.48 60.77 2.66
CA TRP G 209 -51.94 60.02 1.53
C TRP G 209 -51.54 58.61 1.95
N LEU G 210 -50.74 58.51 3.00
CA LEU G 210 -50.29 57.21 3.49
C LEU G 210 -50.38 57.18 5.01
N PRO G 211 -51.21 56.32 5.58
CA PRO G 211 -51.34 56.25 7.04
C PRO G 211 -50.21 55.42 7.66
N SER G 212 -50.15 55.48 8.99
CA SER G 212 -49.15 54.75 9.74
C SER G 212 -49.71 53.39 10.16
N ARG G 213 -49.02 52.71 11.06
CA ARG G 213 -49.44 51.41 11.58
C ARG G 213 -49.80 51.54 13.05
N ARG G 214 -50.93 50.95 13.43
CA ARG G 214 -51.41 51.00 14.80
C ARG G 214 -51.80 49.60 15.25
N HIS G 215 -51.61 49.33 16.54
CA HIS G 215 -52.00 48.07 17.14
C HIS G 215 -53.52 48.00 17.26
N ASN G 216 -54.09 46.87 16.83
CA ASN G 216 -55.52 46.63 16.90
C ASN G 216 -55.80 45.59 17.97
N TRP G 217 -56.89 45.79 18.72
CA TRP G 217 -57.14 44.92 19.87
C TRP G 217 -57.94 43.69 19.47
N GLY G 218 -58.86 43.84 18.53
CA GLY G 218 -59.60 42.71 17.97
C GLY G 218 -60.95 42.51 18.66
N GLN G 219 -61.23 41.26 19.06
CA GLN G 219 -62.50 40.91 19.69
C GLN G 219 -62.21 40.15 20.98
N GLY G 220 -62.86 40.56 22.05
CA GLY G 220 -62.62 40.00 23.37
C GLY G 220 -63.58 38.90 23.74
N PHE G 221 -63.13 38.00 24.62
CA PHE G 221 -63.97 36.89 25.06
C PHE G 221 -63.43 36.38 26.39
N ARG G 222 -64.22 36.55 27.44
CA ARG G 222 -63.94 35.99 28.75
C ARG G 222 -65.17 36.15 29.62
N LEU G 223 -65.56 35.08 30.31
CA LEU G 223 -66.73 35.06 31.18
C LEU G 223 -66.29 35.00 32.64
N GLY G 224 -67.29 34.96 33.52
CA GLY G 224 -67.02 34.89 34.95
C GLY G 224 -66.27 33.65 35.35
N ASP G 225 -65.06 33.84 35.87
CA ASP G 225 -64.18 32.74 36.25
C ASP G 225 -63.88 31.81 35.07
N ASP H 3 -33.89 15.92 -53.69
CA ASP H 3 -34.30 16.13 -52.32
C ASP H 3 -34.92 17.52 -52.13
N ILE H 4 -34.59 18.43 -53.04
CA ILE H 4 -35.12 19.79 -52.94
C ILE H 4 -36.62 19.81 -53.16
N GLY H 5 -37.13 18.94 -54.03
CA GLY H 5 -38.53 18.93 -54.37
C GLY H 5 -39.46 18.57 -53.23
N ASP H 6 -39.36 17.35 -52.72
CA ASP H 6 -40.27 16.89 -51.68
C ASP H 6 -40.09 17.69 -50.39
N TRP H 7 -38.84 17.98 -50.01
CA TRP H 7 -38.59 18.70 -48.78
C TRP H 7 -39.20 20.10 -48.81
N PHE H 8 -39.07 20.79 -49.94
CA PHE H 8 -39.67 22.12 -50.07
C PHE H 8 -41.19 22.04 -49.92
N ARG H 9 -41.81 21.05 -50.54
CA ARG H 9 -43.24 20.84 -50.37
C ARG H 9 -43.58 20.24 -49.01
N SER H 10 -42.61 19.57 -48.37
CA SER H 10 -42.84 19.04 -47.03
C SER H 10 -43.06 20.17 -46.02
N ILE H 11 -42.34 21.27 -46.18
CA ILE H 11 -42.53 22.41 -45.26
C ILE H 11 -43.95 22.94 -45.43
N PRO H 12 -44.65 23.27 -44.34
CA PRO H 12 -45.97 23.88 -44.47
C PRO H 12 -45.90 25.20 -45.22
N ALA H 13 -46.99 25.53 -45.93
CA ALA H 13 -46.99 26.66 -46.83
C ALA H 13 -46.63 27.96 -46.12
N ILE H 14 -47.18 28.17 -44.92
CA ILE H 14 -46.89 29.40 -44.18
C ILE H 14 -45.41 29.46 -43.82
N THR H 15 -44.85 28.35 -43.35
CA THR H 15 -43.42 28.32 -43.05
C THR H 15 -42.60 28.32 -44.34
N ARG H 16 -43.02 27.55 -45.34
CA ARG H 16 -42.28 27.51 -46.59
C ARG H 16 -42.32 28.87 -47.29
N TYR H 17 -43.40 29.62 -47.13
CA TYR H 17 -43.41 31.00 -47.62
C TYR H 17 -42.38 31.84 -46.88
N TRP H 18 -42.24 31.62 -45.57
CA TRP H 18 -41.28 32.38 -44.77
C TRP H 18 -39.86 32.13 -45.22
N PHE H 19 -39.51 30.86 -45.48
CA PHE H 19 -38.17 30.53 -45.92
C PHE H 19 -37.87 31.10 -47.30
N ALA H 20 -38.86 31.06 -48.20
CA ALA H 20 -38.67 31.62 -49.53
C ALA H 20 -38.38 33.11 -49.46
N ALA H 21 -39.13 33.83 -48.62
CA ALA H 21 -38.91 35.27 -48.49
C ALA H 21 -37.53 35.57 -47.90
N THR H 22 -37.10 34.77 -46.92
CA THR H 22 -35.82 35.01 -46.26
C THR H 22 -34.63 34.51 -47.08
N VAL H 23 -34.86 33.79 -48.17
CA VAL H 23 -33.78 33.25 -48.99
C VAL H 23 -33.76 33.87 -50.38
N ALA H 24 -34.92 33.95 -51.05
CA ALA H 24 -34.95 34.49 -52.41
C ALA H 24 -34.57 35.96 -52.43
N VAL H 25 -35.05 36.74 -51.46
CA VAL H 25 -34.72 38.17 -51.43
C VAL H 25 -33.22 38.41 -51.29
N PRO H 26 -32.48 37.73 -50.40
CA PRO H 26 -31.03 37.89 -50.40
C PRO H 26 -30.36 37.54 -51.72
N LEU H 27 -30.92 36.58 -52.47
CA LEU H 27 -30.31 36.19 -53.74
C LEU H 27 -30.26 37.34 -54.72
N VAL H 28 -31.35 38.10 -54.82
CA VAL H 28 -31.41 39.21 -55.76
C VAL H 28 -30.42 40.30 -55.36
N GLY H 29 -30.34 40.62 -54.07
CA GLY H 29 -29.50 41.73 -53.64
C GLY H 29 -28.02 41.47 -53.84
N LYS H 30 -27.55 40.26 -53.53
CA LYS H 30 -26.12 40.00 -53.54
C LYS H 30 -25.53 40.12 -54.93
N LEU H 31 -26.23 39.59 -55.94
CA LEU H 31 -25.73 39.68 -57.30
C LEU H 31 -26.12 40.99 -58.00
N GLY H 32 -26.87 41.85 -57.32
CA GLY H 32 -27.20 43.16 -57.85
C GLY H 32 -28.12 43.16 -59.06
N LEU H 33 -29.14 42.31 -59.04
CA LEU H 33 -30.16 42.34 -60.08
C LEU H 33 -31.05 43.57 -59.92
N ILE H 34 -31.72 43.68 -58.79
CA ILE H 34 -32.47 44.89 -58.44
C ILE H 34 -31.51 45.89 -57.82
N SER H 35 -31.85 47.17 -57.91
CA SER H 35 -31.00 48.21 -57.36
C SER H 35 -31.00 48.12 -55.84
N PRO H 36 -29.84 47.91 -55.20
CA PRO H 36 -29.81 47.84 -53.73
C PRO H 36 -30.24 49.12 -53.05
N ALA H 37 -30.16 50.26 -53.75
CA ALA H 37 -30.55 51.53 -53.16
C ALA H 37 -32.05 51.74 -53.15
N TYR H 38 -32.83 50.84 -53.78
CA TYR H 38 -34.27 51.01 -53.81
C TYR H 38 -34.93 50.79 -52.45
N LEU H 39 -34.24 50.18 -51.49
CA LEU H 39 -34.82 49.85 -50.20
C LEU H 39 -33.96 50.45 -49.10
N PHE H 40 -34.39 51.59 -48.55
CA PHE H 40 -33.69 52.24 -47.44
C PHE H 40 -34.60 52.61 -46.27
N LEU H 41 -35.91 52.63 -46.44
CA LEU H 41 -36.85 52.90 -45.35
C LEU H 41 -36.53 54.24 -44.67
N TRP H 42 -36.65 55.30 -45.45
CA TRP H 42 -36.36 56.64 -44.95
C TRP H 42 -37.43 57.04 -43.94
N PRO H 43 -37.05 57.28 -42.67
CA PRO H 43 -38.09 57.61 -41.67
C PRO H 43 -38.61 59.03 -41.81
N GLU H 44 -37.73 59.99 -42.13
CA GLU H 44 -38.18 61.37 -42.28
C GLU H 44 -39.14 61.52 -43.45
N ALA H 45 -38.93 60.75 -44.52
CA ALA H 45 -39.85 60.78 -45.65
C ALA H 45 -41.24 60.28 -45.24
N PHE H 46 -41.29 59.27 -44.36
CA PHE H 46 -42.57 58.76 -43.89
C PHE H 46 -43.32 59.81 -43.09
N LEU H 47 -42.60 60.60 -42.30
CA LEU H 47 -43.26 61.63 -41.49
C LEU H 47 -43.93 62.68 -42.37
N TYR H 48 -43.27 63.09 -43.45
CA TYR H 48 -43.81 64.13 -44.31
C TYR H 48 -44.88 63.58 -45.24
N ARG H 49 -44.52 62.63 -46.11
CA ARG H 49 -45.42 62.05 -47.08
C ARG H 49 -45.75 60.61 -46.72
N PHE H 50 -46.83 60.10 -47.32
CA PHE H 50 -47.28 58.75 -47.03
C PHE H 50 -46.23 57.71 -47.42
N GLN H 51 -45.58 57.91 -48.57
CA GLN H 51 -44.57 56.99 -49.09
C GLN H 51 -45.17 55.59 -49.26
N ILE H 52 -46.24 55.53 -50.07
CA ILE H 52 -46.93 54.27 -50.34
C ILE H 52 -46.12 53.35 -51.25
N TRP H 53 -45.01 53.83 -51.81
CA TRP H 53 -44.21 53.00 -52.71
C TRP H 53 -43.55 51.86 -51.95
N ARG H 54 -43.18 52.08 -50.69
CA ARG H 54 -42.41 51.11 -49.91
C ARG H 54 -43.05 50.88 -48.55
N PRO H 55 -44.25 50.28 -48.51
CA PRO H 55 -44.87 50.01 -47.21
C PRO H 55 -44.30 48.77 -46.54
N ILE H 56 -43.94 47.76 -47.35
CA ILE H 56 -43.48 46.48 -46.83
C ILE H 56 -42.20 46.08 -47.54
N THR H 57 -41.89 46.74 -48.66
CA THR H 57 -40.76 46.32 -49.48
C THR H 57 -39.45 46.44 -48.72
N ALA H 58 -39.26 47.54 -48.00
CA ALA H 58 -38.05 47.72 -47.21
C ALA H 58 -38.02 46.80 -46.00
N THR H 59 -39.14 46.15 -45.65
CA THR H 59 -39.19 45.23 -44.53
C THR H 59 -38.72 43.83 -44.90
N PHE H 60 -38.02 43.67 -46.03
CA PHE H 60 -37.40 42.41 -46.39
C PHE H 60 -35.97 42.57 -46.85
N TYR H 61 -35.45 43.80 -46.90
CA TYR H 61 -34.13 44.06 -47.46
C TYR H 61 -33.04 43.72 -46.45
N PHE H 62 -32.13 42.83 -46.83
CA PHE H 62 -31.01 42.45 -45.99
C PHE H 62 -29.74 42.41 -46.83
N PRO H 63 -28.97 43.50 -46.86
CA PRO H 63 -27.69 43.50 -47.60
C PRO H 63 -26.57 42.80 -46.83
N VAL H 64 -26.54 41.47 -46.96
CA VAL H 64 -25.56 40.67 -46.24
C VAL H 64 -24.16 41.00 -46.74
N GLY H 65 -23.20 41.03 -45.81
CA GLY H 65 -21.83 41.29 -46.15
C GLY H 65 -20.88 40.39 -45.39
N PRO H 66 -19.66 40.23 -45.90
CA PRO H 66 -18.70 39.33 -45.24
C PRO H 66 -18.04 39.95 -44.03
N GLY H 67 -18.83 40.59 -43.17
CA GLY H 67 -18.36 41.06 -41.89
C GLY H 67 -19.31 40.68 -40.78
N THR H 68 -20.55 40.35 -41.17
CA THR H 68 -21.57 39.90 -40.23
C THR H 68 -22.37 38.73 -40.78
N GLY H 69 -21.91 38.09 -41.86
CA GLY H 69 -22.66 37.00 -42.45
C GLY H 69 -22.83 35.81 -41.52
N PHE H 70 -21.87 35.61 -40.61
CA PHE H 70 -22.00 34.55 -39.62
C PHE H 70 -23.22 34.77 -38.74
N LEU H 71 -23.50 36.02 -38.38
CA LEU H 71 -24.72 36.32 -37.65
C LEU H 71 -25.96 36.00 -38.48
N TYR H 72 -25.90 36.29 -39.78
CA TYR H 72 -27.01 35.95 -40.66
C TYR H 72 -27.25 34.46 -40.73
N LEU H 73 -26.20 33.66 -40.53
CA LEU H 73 -26.35 32.21 -40.58
C LEU H 73 -27.05 31.65 -39.36
N VAL H 74 -26.69 32.12 -38.17
CA VAL H 74 -27.16 31.48 -36.94
C VAL H 74 -28.65 31.72 -36.73
N ASN H 75 -29.11 32.96 -36.96
CA ASN H 75 -30.53 33.24 -36.74
C ASN H 75 -31.40 32.48 -37.72
N LEU H 76 -31.00 32.41 -39.00
CA LEU H 76 -31.71 31.58 -39.94
C LEU H 76 -31.64 30.10 -39.55
N TYR H 77 -30.47 29.64 -39.10
CA TYR H 77 -30.37 28.30 -38.53
C TYR H 77 -31.24 28.18 -37.29
N PHE H 78 -31.26 29.21 -36.45
CA PHE H 78 -32.12 29.21 -35.28
C PHE H 78 -33.59 29.21 -35.68
N LEU H 79 -33.93 29.99 -36.72
CA LEU H 79 -35.32 30.05 -37.17
C LEU H 79 -35.78 28.71 -37.72
N TYR H 80 -34.93 28.02 -38.47
CA TYR H 80 -35.34 26.80 -39.15
C TYR H 80 -35.72 25.71 -38.16
N GLN H 81 -34.88 25.45 -37.17
CA GLN H 81 -35.07 24.29 -36.31
C GLN H 81 -36.22 24.48 -35.34
N TYR H 82 -36.51 25.73 -34.96
CA TYR H 82 -37.53 25.99 -33.95
C TYR H 82 -38.87 26.44 -34.50
N SER H 83 -38.92 26.96 -35.73
CA SER H 83 -40.21 27.28 -36.34
C SER H 83 -41.05 26.03 -36.51
N THR H 84 -40.41 24.93 -36.94
CA THR H 84 -41.11 23.65 -37.00
C THR H 84 -41.54 23.20 -35.61
N ARG H 85 -40.68 23.40 -34.61
CA ARG H 85 -40.98 22.95 -33.26
C ARG H 85 -42.19 23.69 -32.69
N LEU H 86 -42.27 25.00 -32.88
CA LEU H 86 -43.41 25.75 -32.35
C LEU H 86 -44.69 25.42 -33.09
N GLU H 87 -44.59 25.18 -34.41
CA GLU H 87 -45.78 24.79 -35.17
C GLU H 87 -46.36 23.50 -34.65
N THR H 88 -45.51 22.51 -34.38
CA THR H 88 -45.97 21.26 -33.81
C THR H 88 -46.29 21.38 -32.32
N GLY H 89 -45.92 22.49 -31.69
CA GLY H 89 -46.26 22.72 -30.29
C GLY H 89 -47.53 23.52 -30.15
N ALA H 90 -48.64 22.83 -29.91
CA ALA H 90 -49.96 23.41 -29.66
C ALA H 90 -50.45 24.30 -30.79
N PHE H 91 -49.80 24.26 -31.96
CA PHE H 91 -50.18 25.11 -33.08
C PHE H 91 -50.58 24.33 -34.32
N ASP H 92 -50.61 23.00 -34.25
CA ASP H 92 -50.97 22.21 -35.43
C ASP H 92 -52.41 22.45 -35.85
N GLY H 93 -53.33 22.48 -34.89
CA GLY H 93 -54.74 22.63 -35.20
C GLY H 93 -55.23 24.05 -35.38
N ARG H 94 -54.38 25.06 -35.16
CA ARG H 94 -54.79 26.46 -35.24
C ARG H 94 -53.80 27.23 -36.11
N PRO H 95 -53.75 26.94 -37.41
CA PRO H 95 -52.87 27.73 -38.29
C PRO H 95 -53.28 29.20 -38.37
N ALA H 96 -54.57 29.50 -38.30
CA ALA H 96 -55.03 30.87 -38.44
C ALA H 96 -54.55 31.74 -37.29
N ASP H 97 -54.63 31.22 -36.06
CA ASP H 97 -54.21 32.02 -34.91
C ASP H 97 -52.71 32.27 -34.92
N TYR H 98 -51.93 31.29 -35.40
CA TYR H 98 -50.50 31.49 -35.52
C TYR H 98 -50.17 32.62 -36.50
N LEU H 99 -50.73 32.55 -37.70
CA LEU H 99 -50.42 33.56 -38.71
C LEU H 99 -50.92 34.93 -38.30
N PHE H 100 -52.12 35.00 -37.71
CA PHE H 100 -52.65 36.29 -37.27
C PHE H 100 -51.76 36.91 -36.20
N MET H 101 -51.31 36.10 -35.24
CA MET H 101 -50.43 36.64 -34.20
C MET H 101 -49.13 37.14 -34.81
N LEU H 102 -48.67 36.50 -35.88
CA LEU H 102 -47.47 36.95 -36.56
C LEU H 102 -47.63 38.36 -37.09
N LEU H 103 -48.81 38.68 -37.61
CA LEU H 103 -49.07 40.02 -38.11
C LEU H 103 -48.94 41.07 -37.00
N PHE H 104 -49.24 40.67 -35.76
CA PHE H 104 -49.10 41.60 -34.64
C PHE H 104 -47.65 42.02 -34.46
N ASN H 105 -46.71 41.08 -34.53
CA ASN H 105 -45.32 41.43 -34.34
C ASN H 105 -44.79 42.29 -35.47
N TRP H 106 -45.36 42.15 -36.67
CA TRP H 106 -44.91 42.95 -37.80
C TRP H 106 -45.38 44.40 -37.73
N ILE H 107 -46.63 44.61 -37.32
CA ILE H 107 -47.18 45.96 -37.30
C ILE H 107 -46.50 46.82 -36.24
N CYS H 108 -46.13 46.21 -35.11
CA CYS H 108 -45.58 47.00 -34.01
C CYS H 108 -44.17 47.47 -34.31
N ILE H 109 -43.35 46.60 -34.92
CA ILE H 109 -41.96 46.98 -35.15
C ILE H 109 -41.87 48.10 -36.18
N VAL H 110 -42.68 48.02 -37.25
CA VAL H 110 -42.66 49.06 -38.27
C VAL H 110 -43.17 50.37 -37.71
N ILE H 111 -44.14 50.32 -36.79
CA ILE H 111 -44.59 51.53 -36.12
C ILE H 111 -43.48 52.10 -35.26
N THR H 112 -42.81 51.25 -34.48
CA THR H 112 -41.64 51.70 -33.72
C THR H 112 -40.49 52.05 -34.66
N GLY H 113 -40.43 51.39 -35.82
CA GLY H 113 -39.42 51.70 -36.81
C GLY H 113 -39.68 52.97 -37.60
N LEU H 114 -40.84 53.61 -37.38
CA LEU H 114 -41.12 54.91 -38.00
C LEU H 114 -40.71 56.05 -37.08
N ALA H 115 -41.17 56.02 -35.83
CA ALA H 115 -40.77 57.03 -34.87
C ALA H 115 -39.28 56.97 -34.59
N MET H 116 -38.75 55.75 -34.39
CA MET H 116 -37.32 55.56 -34.23
C MET H 116 -36.74 55.15 -35.60
N ASP H 117 -35.41 55.27 -35.72
CA ASP H 117 -34.77 55.35 -37.04
C ASP H 117 -33.80 54.19 -37.26
N MET H 118 -34.25 52.98 -36.95
CA MET H 118 -33.47 51.78 -37.27
C MET H 118 -33.70 51.36 -38.72
N GLN H 119 -32.63 50.90 -39.36
CA GLN H 119 -32.66 50.51 -40.77
C GLN H 119 -33.06 49.05 -40.96
N LEU H 120 -32.31 48.12 -40.35
CA LEU H 120 -32.51 46.69 -40.58
C LEU H 120 -33.53 46.16 -39.59
N LEU H 121 -34.78 46.04 -40.03
CA LEU H 121 -35.85 45.47 -39.21
C LEU H 121 -36.01 43.97 -39.50
N MET H 122 -34.89 43.25 -39.44
CA MET H 122 -34.86 41.82 -39.71
C MET H 122 -34.86 41.00 -38.42
N ILE H 123 -33.86 41.19 -37.56
CA ILE H 123 -33.78 40.41 -36.33
C ILE H 123 -34.98 40.61 -35.41
N PRO H 124 -35.52 41.82 -35.20
CA PRO H 124 -36.57 41.95 -34.16
C PRO H 124 -37.78 41.07 -34.41
N LEU H 125 -38.18 40.89 -35.68
CA LEU H 125 -39.26 39.97 -35.98
C LEU H 125 -38.86 38.53 -35.68
N ILE H 126 -37.62 38.17 -36.00
CA ILE H 126 -37.15 36.81 -35.76
C ILE H 126 -37.13 36.49 -34.28
N MET H 127 -36.53 37.37 -33.48
CA MET H 127 -36.34 37.06 -32.06
C MET H 127 -37.62 37.23 -31.26
N SER H 128 -38.56 38.06 -31.74
CA SER H 128 -39.80 38.27 -30.98
C SER H 128 -40.58 36.98 -30.83
N VAL H 129 -40.85 36.30 -31.95
CA VAL H 129 -41.50 35.00 -31.87
C VAL H 129 -40.57 33.97 -31.24
N LEU H 130 -39.26 34.13 -31.42
CA LEU H 130 -38.30 33.23 -30.81
C LEU H 130 -38.40 33.30 -29.28
N TYR H 131 -38.49 34.51 -28.73
CA TYR H 131 -38.71 34.66 -27.31
C TYR H 131 -40.05 34.09 -26.88
N VAL H 132 -41.09 34.33 -27.70
CA VAL H 132 -42.42 33.79 -27.40
C VAL H 132 -42.38 32.26 -27.40
N TRP H 133 -41.62 31.67 -28.34
CA TRP H 133 -41.48 30.22 -28.37
C TRP H 133 -40.85 29.70 -27.08
N ALA H 134 -39.84 30.39 -26.57
CA ALA H 134 -39.16 29.92 -25.36
C ALA H 134 -40.09 29.95 -24.16
N GLN H 135 -40.81 31.07 -23.95
CA GLN H 135 -41.68 31.18 -22.79
C GLN H 135 -42.89 30.26 -22.90
N LEU H 136 -43.43 30.08 -24.10
CA LEU H 136 -44.56 29.17 -24.29
C LEU H 136 -44.15 27.71 -24.21
N ASN H 137 -42.89 27.38 -24.49
CA ASN H 137 -42.45 26.00 -24.50
C ASN H 137 -41.33 25.97 -23.46
N ARG H 138 -41.63 26.52 -22.29
CA ARG H 138 -40.67 26.55 -21.19
C ARG H 138 -40.49 25.17 -20.58
N ASP H 139 -39.62 25.11 -19.58
CA ASP H 139 -39.47 23.92 -18.73
C ASP H 139 -39.05 22.69 -19.52
N MET H 140 -38.19 22.85 -20.51
CA MET H 140 -37.67 21.72 -21.27
C MET H 140 -36.19 21.97 -21.55
N ILE H 141 -35.39 20.93 -21.34
CA ILE H 141 -33.93 21.07 -21.29
C ILE H 141 -33.34 20.84 -22.67
N VAL H 142 -32.49 21.77 -23.11
CA VAL H 142 -31.73 21.64 -24.34
C VAL H 142 -30.26 21.82 -24.00
N SER H 143 -29.41 20.93 -24.52
CA SER H 143 -27.96 21.00 -24.31
C SER H 143 -27.29 20.56 -25.61
N PHE H 144 -26.96 21.53 -26.46
CA PHE H 144 -26.34 21.23 -27.74
C PHE H 144 -24.89 20.80 -27.54
N TRP H 145 -24.30 20.29 -28.64
CA TRP H 145 -22.98 19.67 -28.56
C TRP H 145 -21.91 20.65 -28.09
N PHE H 146 -21.94 21.88 -28.59
CA PHE H 146 -20.96 22.90 -28.22
C PHE H 146 -21.44 23.76 -27.06
N GLY H 147 -22.36 23.25 -26.24
CA GLY H 147 -22.88 23.98 -25.10
C GLY H 147 -22.53 23.31 -23.77
N THR H 148 -22.95 23.98 -22.71
CA THR H 148 -22.72 23.52 -21.34
C THR H 148 -23.95 22.76 -20.85
N ARG H 149 -23.95 22.43 -19.56
CA ARG H 149 -25.04 21.69 -18.92
C ARG H 149 -26.01 22.62 -18.19
N PHE H 150 -26.25 23.81 -18.74
CA PHE H 150 -27.19 24.73 -18.14
C PHE H 150 -28.60 24.14 -18.10
N LYS H 151 -29.32 24.42 -17.02
CA LYS H 151 -30.64 23.84 -16.82
C LYS H 151 -31.65 24.49 -17.77
N ALA H 152 -32.89 23.99 -17.70
CA ALA H 152 -33.94 24.41 -18.62
C ALA H 152 -34.50 25.78 -18.21
N CYS H 153 -35.55 26.19 -18.91
CA CYS H 153 -36.32 27.41 -18.63
C CYS H 153 -35.45 28.66 -18.59
N TYR H 154 -34.23 28.59 -19.12
CA TYR H 154 -33.31 29.71 -19.16
C TYR H 154 -33.08 30.23 -20.57
N LEU H 155 -33.73 29.65 -21.57
CA LEU H 155 -33.42 29.98 -22.96
C LEU H 155 -33.70 31.44 -23.32
N PRO H 156 -34.86 32.02 -23.01
CA PRO H 156 -35.12 33.39 -23.50
C PRO H 156 -34.15 34.42 -23.00
N TRP H 157 -33.66 34.27 -21.76
CA TRP H 157 -32.70 35.24 -21.22
C TRP H 157 -31.33 35.05 -21.83
N VAL H 158 -30.87 33.80 -21.95
CA VAL H 158 -29.52 33.55 -22.46
C VAL H 158 -29.42 33.89 -23.93
N ILE H 159 -30.46 33.57 -24.71
CA ILE H 159 -30.43 33.91 -26.13
C ILE H 159 -30.43 35.42 -26.33
N LEU H 160 -30.97 36.16 -25.36
CA LEU H 160 -30.90 37.61 -25.41
C LEU H 160 -29.48 38.12 -25.23
N GLY H 161 -28.59 37.30 -24.68
CA GLY H 161 -27.22 37.75 -24.46
C GLY H 161 -26.31 37.50 -25.65
N PHE H 162 -26.47 36.35 -26.30
CA PHE H 162 -25.58 35.98 -27.40
C PHE H 162 -25.67 36.97 -28.55
N ASN H 163 -26.90 37.35 -28.92
CA ASN H 163 -27.07 38.30 -30.02
C ASN H 163 -26.68 39.71 -29.62
N TYR H 164 -26.70 40.01 -28.32
CA TYR H 164 -26.32 41.35 -27.86
C TYR H 164 -24.83 41.60 -28.10
N ILE H 165 -23.98 40.68 -27.66
CA ILE H 165 -22.53 40.87 -27.80
C ILE H 165 -22.12 40.82 -29.26
N ILE H 166 -22.65 39.87 -30.03
CA ILE H 166 -22.30 39.71 -31.43
C ILE H 166 -23.08 40.74 -32.21
N GLY H 167 -22.40 41.79 -32.67
CA GLY H 167 -23.06 42.84 -33.41
C GLY H 167 -23.32 44.09 -32.59
N GLY H 168 -24.59 44.37 -32.31
CA GLY H 168 -24.96 45.53 -31.54
C GLY H 168 -26.42 45.87 -31.63
N SER H 169 -26.73 47.15 -31.84
CA SER H 169 -28.11 47.62 -31.98
C SER H 169 -28.94 47.23 -30.75
N VAL H 170 -28.59 47.83 -29.63
CA VAL H 170 -29.20 47.51 -28.33
C VAL H 170 -30.70 47.72 -28.41
N ILE H 171 -31.14 48.63 -29.28
CA ILE H 171 -32.54 49.00 -29.36
C ILE H 171 -33.39 47.84 -29.85
N ASN H 172 -32.89 47.06 -30.81
CA ASN H 172 -33.72 46.03 -31.42
C ASN H 172 -33.99 44.88 -30.45
N GLU H 173 -33.01 44.53 -29.61
CA GLU H 173 -33.24 43.50 -28.61
C GLU H 173 -34.30 43.91 -27.61
N LEU H 174 -34.27 45.17 -27.16
CA LEU H 174 -35.22 45.62 -26.16
C LEU H 174 -36.64 45.63 -26.73
N ILE H 175 -36.82 46.13 -27.95
CA ILE H 175 -38.16 46.27 -28.50
C ILE H 175 -38.77 44.91 -28.81
N GLY H 176 -37.98 43.99 -29.37
CA GLY H 176 -38.52 42.70 -29.76
C GLY H 176 -38.99 41.87 -28.58
N ASN H 177 -38.15 41.78 -27.54
CA ASN H 177 -38.52 40.97 -26.38
C ASN H 177 -39.71 41.55 -25.64
N LEU H 178 -39.73 42.87 -25.45
CA LEU H 178 -40.76 43.48 -24.63
C LEU H 178 -42.12 43.44 -25.30
N VAL H 179 -42.17 43.67 -26.62
CA VAL H 179 -43.47 43.65 -27.30
C VAL H 179 -44.05 42.25 -27.29
N GLY H 180 -43.19 41.23 -27.38
CA GLY H 180 -43.66 39.87 -27.15
C GLY H 180 -44.05 39.63 -25.71
N HIS H 181 -43.33 40.25 -24.78
CA HIS H 181 -43.65 40.08 -23.36
C HIS H 181 -45.04 40.58 -23.03
N LEU H 182 -45.39 41.78 -23.53
CA LEU H 182 -46.71 42.33 -23.25
C LEU H 182 -47.80 41.54 -23.96
N TYR H 183 -47.55 41.10 -25.18
CA TYR H 183 -48.53 40.28 -25.89
C TYR H 183 -48.75 38.95 -25.17
N PHE H 184 -47.67 38.35 -24.66
CA PHE H 184 -47.79 37.17 -23.82
C PHE H 184 -48.70 37.46 -22.64
N PHE H 185 -48.58 38.65 -22.05
CA PHE H 185 -49.53 39.07 -21.03
C PHE H 185 -50.88 39.41 -21.64
N LEU H 186 -50.89 39.96 -22.85
CA LEU H 186 -52.12 40.48 -23.45
C LEU H 186 -53.12 39.37 -23.77
N MET H 187 -52.65 38.30 -24.41
CA MET H 187 -53.55 37.25 -24.85
C MET H 187 -53.50 36.00 -23.99
N PHE H 188 -52.34 35.67 -23.40
CA PHE H 188 -52.20 34.45 -22.63
C PHE H 188 -52.39 34.67 -21.14
N ARG H 189 -52.24 35.89 -20.65
CA ARG H 189 -52.31 36.18 -19.22
C ARG H 189 -53.44 37.14 -18.84
N TYR H 190 -53.71 38.16 -19.67
CA TYR H 190 -54.74 39.13 -19.33
C TYR H 190 -56.13 38.53 -19.18
N PRO H 191 -56.61 37.65 -20.07
CA PRO H 191 -58.01 37.19 -19.96
C PRO H 191 -58.36 36.58 -18.61
N MET H 192 -57.46 35.81 -17.99
CA MET H 192 -57.77 35.21 -16.69
C MET H 192 -57.03 35.85 -15.53
N ASP H 193 -56.29 36.94 -15.74
CA ASP H 193 -55.68 37.65 -14.62
C ASP H 193 -56.71 38.58 -13.97
N LEU H 194 -57.24 39.52 -14.73
CA LEU H 194 -58.25 40.45 -14.24
C LEU H 194 -59.50 40.49 -15.11
N GLY H 195 -59.35 40.36 -16.42
CA GLY H 195 -60.46 40.43 -17.35
C GLY H 195 -59.97 40.91 -18.70
N GLY H 196 -60.88 41.54 -19.45
CA GLY H 196 -60.53 42.05 -20.75
C GLY H 196 -60.12 40.94 -21.70
N ARG H 197 -61.08 40.13 -22.13
CA ARG H 197 -60.79 38.94 -22.93
C ARG H 197 -60.42 39.36 -24.34
N ASN H 198 -60.34 38.38 -25.25
CA ASN H 198 -59.76 38.58 -26.57
C ASN H 198 -60.68 39.45 -27.41
N PHE H 199 -60.49 40.77 -27.29
CA PHE H 199 -61.11 41.71 -28.22
C PHE H 199 -60.23 41.99 -29.43
N LEU H 200 -59.68 40.92 -30.02
CA LEU H 200 -59.05 41.01 -31.33
C LEU H 200 -59.28 39.73 -32.13
N SER H 201 -60.37 39.02 -31.86
CA SER H 201 -60.56 37.66 -32.37
C SER H 201 -60.50 37.63 -33.89
N THR H 202 -60.09 36.49 -34.41
CA THR H 202 -59.95 36.32 -35.85
C THR H 202 -61.32 36.42 -36.52
N PRO H 203 -61.50 37.30 -37.50
CA PRO H 203 -62.75 37.31 -38.27
C PRO H 203 -62.91 36.03 -39.06
N GLN H 204 -64.16 35.73 -39.41
CA GLN H 204 -64.45 34.54 -40.21
C GLN H 204 -63.74 34.57 -41.55
N PHE H 205 -63.35 35.76 -42.02
CA PHE H 205 -62.61 35.85 -43.27
C PHE H 205 -61.31 35.07 -43.21
N LEU H 206 -60.66 35.07 -42.04
CA LEU H 206 -59.43 34.30 -41.88
C LEU H 206 -59.71 32.80 -41.90
N TYR H 207 -60.76 32.37 -41.20
CA TYR H 207 -61.15 30.95 -41.25
C TYR H 207 -61.62 30.55 -42.64
N ARG H 208 -62.29 31.47 -43.36
CA ARG H 208 -62.74 31.17 -44.71
C ARG H 208 -61.54 30.87 -45.62
N TRP H 209 -60.47 31.65 -45.50
CA TRP H 209 -59.27 31.38 -46.28
C TRP H 209 -58.64 30.05 -45.89
N LEU H 210 -58.55 29.76 -44.60
CA LEU H 210 -57.86 28.57 -44.11
C LEU H 210 -58.68 27.91 -43.01
N PRO H 211 -59.16 26.68 -43.21
CA PRO H 211 -59.84 25.96 -42.13
C PRO H 211 -58.86 25.59 -41.03
N SER H 212 -59.39 25.48 -39.80
CA SER H 212 -58.54 25.20 -38.65
C SER H 212 -58.27 23.70 -38.51
N ARG H 213 -59.32 22.92 -38.23
CA ARG H 213 -59.18 21.48 -37.98
C ARG H 213 -60.56 20.87 -37.86
N ARG H 214 -60.66 19.60 -38.27
CA ARG H 214 -61.87 18.81 -38.10
C ARG H 214 -61.49 17.43 -37.59
N HIS H 215 -62.42 16.79 -36.88
CA HIS H 215 -62.18 15.48 -36.33
C HIS H 215 -62.50 14.40 -37.38
N ASN H 216 -61.49 13.60 -37.72
CA ASN H 216 -61.63 12.53 -38.69
C ASN H 216 -62.29 11.35 -37.97
N TRP H 217 -63.46 10.94 -38.45
CA TRP H 217 -64.18 9.87 -37.78
C TRP H 217 -63.76 8.49 -38.29
N GLY H 218 -62.85 8.43 -39.24
CA GLY H 218 -62.39 7.15 -39.73
C GLY H 218 -63.42 6.43 -40.58
N GLN H 219 -63.08 5.19 -40.93
CA GLN H 219 -63.92 4.36 -41.79
C GLN H 219 -64.91 3.58 -40.94
N GLY H 220 -66.16 3.54 -41.39
CA GLY H 220 -67.20 2.82 -40.69
C GLY H 220 -66.89 1.34 -40.53
N PHE H 221 -66.94 0.85 -39.31
CA PHE H 221 -66.64 -0.54 -39.01
C PHE H 221 -67.67 -1.10 -38.04
N ARG H 222 -68.95 -0.89 -38.34
CA ARG H 222 -70.04 -1.38 -37.51
C ARG H 222 -70.03 -2.89 -37.40
N LEU H 223 -69.73 -3.41 -36.22
CA LEU H 223 -69.90 -4.83 -35.92
C LEU H 223 -70.29 -4.97 -34.47
N GLY H 224 -71.35 -5.75 -34.21
CA GLY H 224 -71.81 -5.96 -32.85
C GLY H 224 -72.49 -7.31 -32.68
N ASP H 225 -73.49 -7.35 -31.81
CA ASP H 225 -74.26 -8.56 -31.51
C ASP H 225 -73.32 -9.54 -30.82
N ARG I 3 71.74 1.26 -13.76
CA ARG I 3 72.42 2.09 -12.76
C ARG I 3 72.19 1.54 -11.36
N PRO I 4 73.25 1.55 -10.54
CA PRO I 4 73.15 1.07 -9.15
C PRO I 4 72.69 2.15 -8.17
N ASN I 5 71.69 2.92 -8.56
CA ASN I 5 71.14 3.98 -7.73
C ASN I 5 69.64 3.87 -7.51
N ARG I 6 68.89 3.41 -8.50
CA ARG I 6 67.44 3.41 -8.40
C ARG I 6 66.98 2.18 -7.64
N LEU I 7 66.18 2.40 -6.59
CA LEU I 7 65.75 1.34 -5.69
C LEU I 7 64.25 1.46 -5.44
N ILE I 8 63.71 0.45 -4.79
CA ILE I 8 62.31 0.46 -4.36
C ILE I 8 62.26 0.84 -2.89
N VAL I 9 61.18 1.52 -2.49
CA VAL I 9 61.04 2.06 -1.14
C VAL I 9 59.96 1.28 -0.40
N ASP I 10 60.03 1.33 0.92
CA ASP I 10 59.02 0.70 1.77
C ASP I 10 59.05 1.35 3.15
N GLU I 11 57.98 1.12 3.90
CA GLU I 11 57.80 1.77 5.20
C GLU I 11 58.71 1.16 6.25
N ALA I 12 59.01 1.97 7.27
CA ALA I 12 59.89 1.61 8.38
C ALA I 12 59.06 1.37 9.64
N ILE I 13 59.76 1.13 10.75
CA ILE I 13 59.14 0.89 12.05
C ILE I 13 59.58 1.91 13.09
N ASN I 14 60.89 2.19 13.14
CA ASN I 14 61.45 3.02 14.21
C ASN I 14 61.55 4.49 13.82
N GLU I 15 60.43 5.06 13.34
CA GLU I 15 60.28 6.49 13.07
C GLU I 15 61.57 7.15 12.58
N ASP I 16 62.12 8.06 13.39
CA ASP I 16 63.45 8.63 13.13
C ASP I 16 63.51 9.32 11.77
N ASN I 17 62.85 10.48 11.71
CA ASN I 17 62.57 11.20 10.48
C ASN I 17 63.80 11.46 9.61
N SER I 18 64.99 11.14 10.11
CA SER I 18 66.21 11.29 9.31
C SER I 18 67.02 10.00 9.31
N VAL I 19 66.38 8.86 9.03
CA VAL I 19 67.09 7.60 8.84
C VAL I 19 66.60 6.91 7.57
N VAL I 20 67.50 6.16 6.94
CA VAL I 20 67.18 5.27 5.83
C VAL I 20 67.95 3.97 6.03
N SER I 21 67.31 2.86 5.72
CA SER I 21 67.90 1.53 5.91
C SER I 21 68.42 1.01 4.57
N LEU I 22 69.70 0.67 4.52
CA LEU I 22 70.34 0.13 3.33
C LEU I 22 71.11 -1.13 3.67
N SER I 23 71.22 -2.02 2.69
CA SER I 23 72.00 -3.24 2.88
C SER I 23 73.48 -2.92 2.95
N GLN I 24 74.21 -3.74 3.71
CA GLN I 24 75.65 -3.53 3.85
C GLN I 24 76.40 -3.58 2.53
N PRO I 25 76.20 -4.57 1.65
CA PRO I 25 76.95 -4.57 0.38
C PRO I 25 76.68 -3.35 -0.49
N LYS I 26 75.46 -2.79 -0.46
CA LYS I 26 75.16 -1.65 -1.30
C LYS I 26 76.04 -0.45 -0.96
N MET I 27 76.15 -0.14 0.33
CA MET I 27 77.04 0.94 0.75
C MET I 27 78.50 0.59 0.48
N ASP I 28 78.85 -0.69 0.58
CA ASP I 28 80.23 -1.11 0.35
C ASP I 28 80.65 -0.86 -1.09
N GLU I 29 79.76 -1.13 -2.04
CA GLU I 29 80.08 -0.95 -3.45
C GLU I 29 79.78 0.45 -3.96
N LEU I 30 79.16 1.31 -3.15
CA LEU I 30 78.83 2.67 -3.55
C LEU I 30 79.70 3.70 -2.83
N GLN I 31 80.94 3.32 -2.53
CA GLN I 31 81.93 4.18 -1.85
C GLN I 31 81.30 5.01 -0.74
N LEU I 32 80.58 4.33 0.15
CA LEU I 32 79.87 4.97 1.25
C LEU I 32 80.43 4.51 2.59
N PHE I 33 80.35 5.40 3.58
CA PHE I 33 80.87 5.12 4.91
C PHE I 33 79.84 5.58 5.94
N ARG I 34 80.08 5.23 7.20
CA ARG I 34 79.16 5.55 8.27
C ARG I 34 79.09 7.05 8.50
N GLY I 35 77.91 7.53 8.86
CA GLY I 35 77.70 8.93 9.14
C GLY I 35 77.75 9.84 7.95
N ASP I 36 77.78 9.30 6.73
CA ASP I 36 77.86 10.11 5.53
C ASP I 36 76.46 10.60 5.17
N THR I 37 76.29 11.92 5.14
CA THR I 37 75.05 12.50 4.66
C THR I 37 74.91 12.27 3.16
N VAL I 38 73.67 12.00 2.73
CA VAL I 38 73.39 11.64 1.35
C VAL I 38 72.29 12.53 0.80
N LEU I 39 72.27 12.67 -0.52
CA LEU I 39 71.24 13.43 -1.22
C LEU I 39 70.27 12.44 -1.85
N LEU I 40 69.00 12.56 -1.52
CA LEU I 40 67.95 11.76 -2.14
C LEU I 40 67.13 12.66 -3.06
N LYS I 41 66.92 12.21 -4.29
CA LYS I 41 66.22 13.00 -5.28
C LYS I 41 65.15 12.15 -5.95
N GLY I 42 63.99 12.74 -6.18
CA GLY I 42 62.85 12.02 -6.73
C GLY I 42 62.09 12.86 -7.71
N LYS I 43 60.77 12.69 -7.73
CA LYS I 43 59.93 13.41 -8.68
C LYS I 43 59.87 14.89 -8.31
N LYS I 44 59.47 15.70 -9.29
CA LYS I 44 59.29 17.14 -9.14
C LYS I 44 60.58 17.85 -8.73
N ARG I 45 61.73 17.22 -8.98
CA ARG I 45 63.04 17.80 -8.69
C ARG I 45 63.16 18.22 -7.22
N ARG I 46 62.61 17.42 -6.33
CA ARG I 46 62.68 17.67 -4.90
C ARG I 46 63.86 16.92 -4.30
N GLU I 47 64.50 17.55 -3.32
CA GLU I 47 65.71 17.02 -2.70
C GLU I 47 65.49 16.88 -1.20
N ALA I 48 65.85 15.73 -0.64
CA ALA I 48 65.82 15.50 0.79
C ALA I 48 67.16 14.96 1.25
N VAL I 49 67.66 15.49 2.35
CA VAL I 49 68.96 15.15 2.90
C VAL I 49 68.74 14.28 4.13
N CYS I 50 69.42 13.14 4.17
CA CYS I 50 69.22 12.18 5.24
C CYS I 50 70.58 11.61 5.65
N ILE I 51 70.56 10.80 6.70
CA ILE I 51 71.75 10.09 7.16
C ILE I 51 71.50 8.59 7.00
N VAL I 52 72.54 7.87 6.60
CA VAL I 52 72.44 6.44 6.29
C VAL I 52 72.96 5.64 7.47
N LEU I 53 72.36 4.48 7.68
CA LEU I 53 72.81 3.55 8.71
C LEU I 53 72.45 2.14 8.28
N SER I 54 73.20 1.17 8.82
CA SER I 54 73.03 -0.22 8.43
C SER I 54 71.72 -0.79 8.98
N ASP I 55 71.26 -1.85 8.33
CA ASP I 55 70.08 -2.58 8.77
C ASP I 55 70.39 -4.08 8.69
N ASP I 56 69.80 -4.84 9.62
CA ASP I 56 70.09 -6.26 9.71
C ASP I 56 69.50 -7.02 8.54
N THR I 57 68.24 -6.74 8.18
CA THR I 57 67.51 -7.53 7.20
C THR I 57 67.12 -6.71 5.97
N CYS I 58 67.88 -5.69 5.62
CA CYS I 58 67.59 -4.88 4.45
C CYS I 58 68.21 -5.51 3.21
N SER I 59 67.41 -5.66 2.16
CA SER I 59 67.90 -6.20 0.90
C SER I 59 68.66 -5.12 0.13
N ASP I 60 69.26 -5.52 -0.99
CA ASP I 60 70.08 -4.60 -1.75
C ASP I 60 69.24 -3.53 -2.45
N GLU I 61 68.17 -3.95 -3.10
CA GLU I 61 67.39 -3.06 -3.97
C GLU I 61 66.22 -2.38 -3.26
N LYS I 62 66.00 -2.66 -1.98
CA LYS I 62 64.92 -2.07 -1.22
C LYS I 62 65.48 -1.16 -0.14
N ILE I 63 64.96 0.07 -0.06
CA ILE I 63 65.38 1.05 0.93
C ILE I 63 64.19 1.35 1.83
N ARG I 64 64.42 1.28 3.14
CA ARG I 64 63.36 1.43 4.13
C ARG I 64 63.37 2.84 4.70
N MET I 65 62.22 3.52 4.63
CA MET I 65 62.12 4.88 5.11
C MET I 65 60.69 5.14 5.56
N ASN I 66 60.54 6.12 6.46
CA ASN I 66 59.26 6.37 7.12
C ASN I 66 58.40 7.31 6.28
N ARG I 67 57.31 7.80 6.87
CA ARG I 67 56.33 8.58 6.11
C ARG I 67 56.87 9.96 5.76
N VAL I 68 57.54 10.64 6.70
CA VAL I 68 57.87 12.04 6.50
C VAL I 68 58.89 12.21 5.38
N VAL I 69 59.86 11.31 5.28
CA VAL I 69 60.85 11.42 4.21
C VAL I 69 60.20 11.18 2.86
N ARG I 70 59.27 10.23 2.79
CA ARG I 70 58.58 9.99 1.54
C ARG I 70 57.77 11.21 1.11
N ASN I 71 57.10 11.86 2.06
CA ASN I 71 56.23 12.97 1.72
C ASN I 71 57.02 14.14 1.15
N ASN I 72 58.23 14.38 1.65
CA ASN I 72 59.04 15.47 1.13
C ASN I 72 59.41 15.23 -0.34
N LEU I 73 59.74 13.99 -0.68
CA LEU I 73 60.16 13.67 -2.05
C LEU I 73 59.01 13.62 -3.03
N ARG I 74 57.76 13.63 -2.56
CA ARG I 74 56.57 13.52 -3.42
C ARG I 74 56.58 12.18 -4.19
N VAL I 75 56.88 11.10 -3.48
CA VAL I 75 56.86 9.76 -4.04
C VAL I 75 55.93 8.90 -3.20
N ARG I 76 55.68 7.68 -3.68
CA ARG I 76 54.81 6.72 -2.99
C ARG I 76 55.50 5.37 -2.94
N LEU I 77 54.83 4.39 -2.34
CA LEU I 77 55.39 3.07 -2.16
C LEU I 77 55.75 2.44 -3.50
N GLY I 78 56.89 1.75 -3.54
CA GLY I 78 57.28 1.01 -4.72
C GLY I 78 57.76 1.82 -5.89
N ASP I 79 58.19 3.07 -5.66
CA ASP I 79 58.74 3.88 -6.74
C ASP I 79 60.26 3.83 -6.71
N VAL I 80 60.92 4.68 -7.49
CA VAL I 80 62.37 4.68 -7.61
C VAL I 80 62.91 6.07 -7.30
N ILE I 81 64.06 6.11 -6.63
CA ILE I 81 64.68 7.35 -6.19
C ILE I 81 66.13 7.39 -6.65
N SER I 82 66.71 8.58 -6.62
CA SER I 82 68.11 8.80 -6.96
C SER I 82 68.87 9.09 -5.67
N ILE I 83 69.95 8.35 -5.44
CA ILE I 83 70.73 8.44 -4.20
C ILE I 83 72.17 8.75 -4.55
N GLN I 84 72.75 9.72 -3.85
CA GLN I 84 74.13 10.13 -4.08
C GLN I 84 74.75 10.73 -2.82
N PRO I 85 75.96 10.31 -2.45
CA PRO I 85 76.60 10.85 -1.23
C PRO I 85 77.21 12.22 -1.50
N CYS I 86 76.91 13.18 -0.63
CA CYS I 86 77.47 14.53 -0.70
C CYS I 86 77.83 15.00 0.70
N PRO I 87 78.95 14.54 1.25
CA PRO I 87 79.37 14.97 2.59
C PRO I 87 80.19 16.25 2.55
N ASP I 88 79.59 17.31 2.02
CA ASP I 88 80.25 18.61 1.91
C ASP I 88 79.29 19.74 2.28
N VAL I 89 78.53 19.57 3.35
CA VAL I 89 77.56 20.57 3.79
C VAL I 89 78.24 21.52 4.77
N LYS I 90 77.82 22.78 4.74
CA LYS I 90 78.39 23.84 5.57
C LYS I 90 77.38 24.27 6.62
N TYR I 91 77.87 24.55 7.83
CA TYR I 91 77.00 24.83 8.96
C TYR I 91 76.09 26.02 8.69
N GLY I 92 74.82 25.88 9.03
CA GLY I 92 73.90 26.98 8.92
C GLY I 92 74.12 28.01 10.01
N LYS I 93 73.59 29.22 9.77
CA LYS I 93 73.79 30.33 10.69
C LYS I 93 72.51 30.71 11.42
N ARG I 94 71.44 31.03 10.69
CA ARG I 94 70.17 31.39 11.30
C ARG I 94 69.05 30.70 10.54
N ILE I 95 68.16 30.04 11.26
CA ILE I 95 67.09 29.23 10.69
C ILE I 95 65.76 29.82 11.12
N HIS I 96 64.81 29.87 10.19
CA HIS I 96 63.49 30.43 10.44
C HIS I 96 62.45 29.34 10.23
N VAL I 97 61.97 28.75 11.33
CA VAL I 97 61.04 27.63 11.30
C VAL I 97 59.70 28.09 11.83
N LEU I 98 58.65 27.90 11.03
CA LEU I 98 57.32 28.38 11.38
C LEU I 98 56.31 27.23 11.27
N PRO I 99 55.25 27.26 12.08
CA PRO I 99 54.27 26.17 12.07
C PRO I 99 53.26 26.36 10.95
N ILE I 100 52.44 25.32 10.75
CA ILE I 100 51.37 25.35 9.78
C ILE I 100 50.11 25.84 10.47
N ASP I 101 49.23 26.49 9.70
CA ASP I 101 48.11 27.22 10.28
C ASP I 101 47.13 26.28 11.00
N ASP I 102 46.78 25.18 10.35
CA ASP I 102 45.72 24.31 10.90
C ASP I 102 46.30 23.21 11.79
N THR I 103 47.21 23.60 12.68
CA THR I 103 47.71 22.66 13.69
C THR I 103 47.92 23.31 15.05
N VAL I 104 47.91 24.63 15.16
CA VAL I 104 48.22 25.31 16.41
C VAL I 104 47.01 26.10 16.88
N GLU I 105 45.82 25.59 16.57
CA GLU I 105 44.58 26.26 16.97
C GLU I 105 44.50 26.38 18.49
N GLY I 106 44.60 27.59 19.00
CA GLY I 106 44.48 27.81 20.43
C GLY I 106 45.58 27.17 21.25
N ILE I 107 46.84 27.32 20.84
CA ILE I 107 47.98 26.83 21.59
C ILE I 107 48.83 27.97 22.13
N THR I 108 49.41 28.77 21.25
CA THR I 108 50.29 29.88 21.63
C THR I 108 51.38 29.35 22.57
N GLY I 109 51.85 30.18 23.48
CA GLY I 109 52.97 29.82 24.32
C GLY I 109 54.26 29.89 23.54
N ASN I 110 55.33 29.40 24.16
CA ASN I 110 56.64 29.37 23.51
C ASN I 110 56.81 27.99 22.89
N LEU I 111 56.69 27.92 21.57
CA LEU I 111 56.80 26.64 20.87
C LEU I 111 58.24 26.18 20.80
N PHE I 112 59.20 27.10 20.87
CA PHE I 112 60.60 26.72 20.68
C PHE I 112 61.09 25.82 21.80
N GLU I 113 60.71 26.11 23.04
CA GLU I 113 61.32 25.43 24.17
C GLU I 113 60.58 24.18 24.62
N VAL I 114 59.46 23.84 24.00
CA VAL I 114 58.74 22.61 24.32
C VAL I 114 58.51 21.71 23.12
N TYR I 115 58.74 22.19 21.90
CA TYR I 115 58.67 21.36 20.71
C TYR I 115 60.02 21.20 20.02
N LEU I 116 60.64 22.31 19.62
CA LEU I 116 61.89 22.25 18.88
C LEU I 116 63.08 21.95 19.78
N LYS I 117 63.07 22.45 21.01
CA LYS I 117 64.22 22.26 21.89
C LYS I 117 64.55 20.80 22.15
N PRO I 118 63.60 19.92 22.51
CA PRO I 118 63.96 18.51 22.70
C PRO I 118 64.12 17.75 21.40
N TYR I 119 63.89 18.37 20.24
CA TYR I 119 63.95 17.69 18.96
C TYR I 119 65.33 17.79 18.32
N PHE I 120 65.93 18.98 18.30
CA PHE I 120 67.24 19.19 17.69
C PHE I 120 68.39 18.93 18.66
N LEU I 121 68.09 18.69 19.94
CA LEU I 121 69.13 18.61 20.96
C LEU I 121 69.98 17.37 20.74
N GLU I 122 71.25 17.57 20.42
CA GLU I 122 72.23 16.49 20.27
C GLU I 122 71.80 15.49 19.20
N ALA I 123 71.41 16.03 18.03
CA ALA I 123 70.99 15.18 16.93
C ALA I 123 71.73 15.54 15.64
N TYR I 124 72.10 16.81 15.50
CA TYR I 124 72.78 17.32 14.30
C TYR I 124 71.99 17.00 13.04
N ARG I 125 70.68 17.23 13.11
CA ARG I 125 69.80 16.88 12.00
C ARG I 125 70.13 17.73 10.77
N PRO I 126 70.36 17.12 9.61
CA PRO I 126 70.55 17.89 8.38
C PRO I 126 69.22 18.23 7.75
N ILE I 127 68.97 19.52 7.51
CA ILE I 127 67.69 19.96 6.99
C ILE I 127 67.91 20.72 5.69
N ARG I 128 66.86 20.76 4.87
CA ARG I 128 66.89 21.43 3.59
C ARG I 128 65.70 22.36 3.48
N LYS I 129 65.87 23.45 2.74
CA LYS I 129 64.80 24.44 2.62
C LYS I 129 63.56 23.84 2.00
N GLY I 130 62.39 24.26 2.48
CA GLY I 130 61.12 23.89 1.90
C GLY I 130 60.50 22.62 2.44
N ASP I 131 61.17 21.92 3.35
CA ASP I 131 60.68 20.62 3.81
C ASP I 131 59.65 20.79 4.93
N ILE I 132 59.10 19.66 5.38
CA ILE I 132 58.14 19.62 6.48
C ILE I 132 58.54 18.46 7.40
N PHE I 133 58.48 18.71 8.70
CA PHE I 133 58.73 17.67 9.68
C PHE I 133 57.67 17.74 10.77
N LEU I 134 57.41 16.59 11.39
CA LEU I 134 56.32 16.43 12.34
C LEU I 134 56.89 16.15 13.73
N VAL I 135 56.44 16.91 14.71
CA VAL I 135 56.92 16.81 16.08
C VAL I 135 55.79 16.31 16.97
N ARG I 136 56.02 15.22 17.68
CA ARG I 136 55.02 14.66 18.59
C ARG I 136 55.02 15.51 19.85
N GLY I 137 54.01 16.37 19.98
CA GLY I 137 53.93 17.30 21.07
C GLY I 137 53.46 16.64 22.35
N GLY I 138 53.15 17.49 23.34
CA GLY I 138 52.68 16.99 24.61
C GLY I 138 51.32 16.32 24.52
N MET I 139 50.45 16.86 23.68
CA MET I 139 49.11 16.30 23.55
C MET I 139 48.70 16.21 22.09
N ARG I 140 49.34 17.01 21.24
CA ARG I 140 49.04 17.07 19.82
C ARG I 140 50.26 16.65 19.00
N ALA I 141 50.14 16.78 17.69
CA ALA I 141 51.23 16.55 16.75
C ALA I 141 51.32 17.76 15.83
N VAL I 142 52.29 18.63 16.08
CA VAL I 142 52.41 19.91 15.40
C VAL I 142 53.50 19.80 14.35
N GLU I 143 53.19 20.19 13.11
CA GLU I 143 54.15 20.15 12.03
C GLU I 143 54.65 21.56 11.72
N PHE I 144 55.89 21.61 11.24
CA PHE I 144 56.57 22.87 10.95
C PHE I 144 57.06 22.86 9.51
N LYS I 145 57.48 24.03 9.03
CA LYS I 145 57.93 24.20 7.66
C LYS I 145 59.12 25.13 7.63
N VAL I 146 60.29 24.61 7.23
CA VAL I 146 61.50 25.42 7.19
C VAL I 146 61.36 26.40 6.04
N VAL I 147 61.05 27.66 6.37
CA VAL I 147 60.71 28.64 5.34
C VAL I 147 61.90 29.51 4.96
N GLU I 148 63.01 29.44 5.69
CA GLU I 148 64.17 30.26 5.37
C GLU I 148 65.38 29.67 6.09
N THR I 149 66.49 29.58 5.38
CA THR I 149 67.73 29.09 5.96
C THR I 149 68.90 29.91 5.41
N ASP I 150 69.97 29.99 6.21
CA ASP I 150 71.19 30.68 5.82
C ASP I 150 72.41 29.88 6.28
N PRO I 151 73.27 29.45 5.36
CA PRO I 151 73.21 29.66 3.90
C PRO I 151 72.16 28.79 3.24
N SER I 152 71.58 29.24 2.14
CA SER I 152 70.52 28.52 1.45
C SER I 152 71.10 27.60 0.38
N PRO I 153 70.52 26.43 0.17
CA PRO I 153 69.41 25.84 0.93
C PRO I 153 69.88 24.71 1.86
N TYR I 154 71.09 24.19 1.65
CA TYR I 154 71.59 23.08 2.44
C TYR I 154 72.23 23.61 3.72
N CYS I 155 71.78 23.11 4.86
CA CYS I 155 72.34 23.50 6.14
C CYS I 155 72.06 22.41 7.16
N ILE I 156 73.02 22.17 8.04
CA ILE I 156 72.86 21.20 9.12
C ILE I 156 72.78 21.96 10.43
N VAL I 157 71.76 21.62 11.24
CA VAL I 157 71.52 22.35 12.48
C VAL I 157 72.67 22.11 13.45
N ALA I 158 73.27 23.19 13.91
CA ALA I 158 74.46 23.18 14.75
C ALA I 158 74.12 23.67 16.15
N PRO I 159 74.95 23.33 17.15
CA PRO I 159 74.68 23.82 18.52
C PRO I 159 74.68 25.33 18.63
N ASP I 160 75.31 26.04 17.70
CA ASP I 160 75.29 27.50 17.69
C ASP I 160 74.52 27.94 16.44
N THR I 161 73.20 28.04 16.58
CA THR I 161 72.34 28.45 15.48
C THR I 161 71.14 29.18 16.05
N VAL I 162 70.75 30.27 15.37
CA VAL I 162 69.70 31.16 15.86
C VAL I 162 68.39 30.80 15.17
N ILE I 163 67.44 30.26 15.94
CA ILE I 163 66.16 29.82 15.43
C ILE I 163 65.16 30.96 15.62
N HIS I 164 64.65 31.50 14.52
CA HIS I 164 63.67 32.59 14.56
C HIS I 164 62.29 31.96 14.36
N CYS I 165 61.72 31.48 15.45
CA CYS I 165 60.45 30.75 15.40
C CYS I 165 59.24 31.65 15.60
N GLU I 166 59.34 32.93 15.26
CA GLU I 166 58.27 33.88 15.44
C GLU I 166 57.55 34.13 14.12
N GLY I 167 56.30 34.52 14.19
CA GLY I 167 55.54 34.91 13.02
C GLY I 167 54.23 34.17 12.92
N GLU I 168 53.37 34.66 12.03
CA GLU I 168 52.08 34.02 11.80
C GLU I 168 52.28 32.70 11.06
N PRO I 169 51.45 31.70 11.31
CA PRO I 169 51.62 30.40 10.63
C PRO I 169 51.39 30.52 9.13
N ILE I 170 52.12 29.69 8.37
CA ILE I 170 51.96 29.67 6.93
C ILE I 170 50.65 28.99 6.56
N LYS I 171 49.96 29.53 5.57
CA LYS I 171 48.77 28.90 5.04
C LYS I 171 49.12 27.58 4.36
N ARG I 172 48.26 26.59 4.54
CA ARG I 172 48.48 25.30 3.89
C ARG I 172 48.30 25.41 2.38
N GLU I 173 49.30 24.94 1.64
CA GLU I 173 49.26 24.99 0.19
C GLU I 173 48.53 23.75 -0.34
N ASP I 174 48.50 23.60 -1.67
CA ASP I 174 47.65 22.60 -2.31
C ASP I 174 48.38 21.33 -2.72
N GLU I 175 49.70 21.34 -2.85
CA GLU I 175 50.43 20.19 -3.36
C GLU I 175 50.88 19.24 -2.27
N GLU I 176 50.54 19.52 -1.01
CA GLU I 176 50.90 18.62 0.09
C GLU I 176 49.86 17.53 0.25
N GLU I 177 50.24 16.46 0.94
CA GLU I 177 49.36 15.33 1.17
C GLU I 177 48.85 15.28 2.61
N SER I 178 49.06 16.33 3.40
CA SER I 178 48.48 16.46 4.74
C SER I 178 48.91 15.29 5.63
N LEU I 179 50.20 15.31 5.98
CA LEU I 179 50.82 14.25 6.77
C LEU I 179 49.96 13.78 7.94
N ASN I 180 49.09 14.64 8.47
CA ASN I 180 48.22 14.23 9.56
C ASN I 180 46.97 13.52 9.05
N GLU I 181 47.15 12.46 8.24
CA GLU I 181 46.04 11.69 7.73
C GLU I 181 46.42 10.22 7.76
N VAL I 182 45.47 9.36 7.40
CA VAL I 182 45.57 7.92 7.62
C VAL I 182 46.59 7.31 6.69
N GLY I 183 47.12 6.15 7.06
CA GLY I 183 48.13 5.48 6.26
C GLY I 183 48.18 4.00 6.64
N TYR I 184 49.15 3.31 6.07
CA TYR I 184 49.25 1.87 6.31
C TYR I 184 49.70 1.54 7.73
N ASP I 185 50.24 2.51 8.46
CA ASP I 185 50.69 2.27 9.82
C ASP I 185 49.65 2.64 10.86
N ASP I 186 48.45 3.05 10.45
CA ASP I 186 47.39 3.43 11.35
C ASP I 186 46.33 2.34 11.49
N ILE I 187 46.71 1.08 11.29
CA ILE I 187 45.79 -0.06 11.44
C ILE I 187 46.53 -1.16 12.19
N GLY I 188 45.89 -1.68 13.23
CA GLY I 188 46.45 -2.78 13.99
C GLY I 188 45.42 -3.88 14.18
N GLY I 189 45.93 -5.11 14.30
CA GLY I 189 45.07 -6.27 14.45
C GLY I 189 44.48 -6.79 13.16
N CYS I 190 44.87 -6.23 12.01
CA CYS I 190 44.42 -6.64 10.69
C CYS I 190 45.62 -6.87 9.79
N ARG I 191 46.54 -7.71 10.23
CA ARG I 191 47.75 -7.98 9.45
C ARG I 191 47.45 -8.84 8.23
N LYS I 192 46.65 -9.89 8.40
CA LYS I 192 46.38 -10.78 7.28
C LYS I 192 45.43 -10.14 6.28
N GLN I 193 44.35 -9.52 6.75
CA GLN I 193 43.36 -8.96 5.84
C GLN I 193 43.93 -7.81 5.03
N LEU I 194 44.74 -6.95 5.66
CA LEU I 194 45.34 -5.85 4.91
C LEU I 194 46.42 -6.35 3.95
N ALA I 195 46.84 -7.60 4.07
CA ALA I 195 47.72 -8.17 3.06
C ALA I 195 46.92 -8.58 1.82
N GLN I 196 45.69 -9.04 2.01
CA GLN I 196 44.86 -9.45 0.88
C GLN I 196 44.36 -8.25 0.08
N ILE I 197 43.86 -7.22 0.78
CA ILE I 197 43.32 -6.05 0.09
C ILE I 197 44.42 -5.34 -0.68
N LYS I 198 45.61 -5.26 -0.11
CA LYS I 198 46.71 -4.56 -0.77
C LYS I 198 47.21 -5.34 -1.98
N GLU I 199 47.05 -6.66 -1.96
CA GLU I 199 47.52 -7.48 -3.07
C GLU I 199 46.58 -7.41 -4.27
N MET I 200 45.27 -7.37 -4.02
CA MET I 200 44.30 -7.37 -5.11
C MET I 200 44.09 -6.00 -5.73
N VAL I 201 44.57 -4.93 -5.10
CA VAL I 201 44.23 -3.58 -5.49
C VAL I 201 45.42 -2.77 -5.98
N GLU I 202 46.64 -3.08 -5.55
CA GLU I 202 47.76 -2.20 -5.85
C GLU I 202 48.10 -2.22 -7.33
N LEU I 203 47.83 -3.33 -8.02
CA LEU I 203 48.18 -3.43 -9.43
C LEU I 203 47.22 -2.67 -10.36
N PRO I 204 45.89 -2.82 -10.24
CA PRO I 204 45.02 -2.05 -11.14
C PRO I 204 45.06 -0.55 -10.90
N LEU I 205 45.55 -0.10 -9.74
CA LEU I 205 45.48 1.32 -9.40
C LEU I 205 46.80 2.05 -9.60
N ARG I 206 47.92 1.35 -9.54
CA ARG I 206 49.23 1.95 -9.71
C ARG I 206 49.68 2.01 -11.16
N HIS I 207 49.45 0.94 -11.93
CA HIS I 207 49.81 0.88 -13.34
C HIS I 207 48.58 0.46 -14.13
N PRO I 208 47.68 1.39 -14.44
CA PRO I 208 46.51 1.03 -15.26
C PRO I 208 46.88 0.54 -16.64
N ALA I 209 47.98 1.02 -17.21
CA ALA I 209 48.32 0.70 -18.60
C ALA I 209 48.62 -0.78 -18.78
N LEU I 210 49.22 -1.42 -17.78
CA LEU I 210 49.63 -2.81 -17.94
C LEU I 210 48.42 -3.73 -18.14
N PHE I 211 47.31 -3.46 -17.47
CA PHE I 211 46.16 -4.34 -17.61
C PHE I 211 45.48 -4.21 -18.97
N LYS I 212 45.72 -3.11 -19.69
CA LYS I 212 45.18 -2.99 -21.04
C LYS I 212 45.97 -3.85 -22.03
N ALA I 213 47.30 -3.86 -21.90
CA ALA I 213 48.12 -4.63 -22.81
C ALA I 213 47.99 -6.13 -22.54
N ILE I 214 48.00 -6.53 -21.27
CA ILE I 214 47.89 -7.94 -20.94
C ILE I 214 46.52 -8.49 -21.29
N GLY I 215 45.48 -7.67 -21.29
CA GLY I 215 44.15 -8.13 -21.68
C GLY I 215 43.53 -9.16 -20.77
N VAL I 216 43.63 -8.97 -19.46
CA VAL I 216 43.01 -9.86 -18.49
C VAL I 216 41.96 -9.07 -17.70
N LYS I 217 41.18 -9.80 -16.91
CA LYS I 217 40.04 -9.22 -16.21
C LYS I 217 40.47 -8.68 -14.85
N PRO I 218 40.37 -7.38 -14.60
CA PRO I 218 40.70 -6.86 -13.28
C PRO I 218 39.55 -7.07 -12.31
N PRO I 219 39.80 -6.99 -11.00
CA PRO I 219 38.69 -7.04 -10.05
C PRO I 219 37.82 -5.80 -10.17
N ARG I 220 36.54 -5.96 -9.88
CA ARG I 220 35.59 -4.86 -9.97
C ARG I 220 34.76 -4.66 -8.72
N GLY I 221 34.96 -5.47 -7.69
CA GLY I 221 34.18 -5.28 -6.47
C GLY I 221 34.73 -6.07 -5.30
N ILE I 222 34.84 -5.43 -4.15
CA ILE I 222 35.30 -6.07 -2.93
C ILE I 222 34.29 -5.78 -1.84
N LEU I 223 33.95 -6.79 -1.06
CA LEU I 223 32.91 -6.68 -0.06
C LEU I 223 33.46 -7.05 1.30
N LEU I 224 33.63 -6.06 2.17
CA LEU I 224 34.15 -6.27 3.51
C LEU I 224 32.99 -6.36 4.50
N TYR I 225 32.97 -7.40 5.32
CA TYR I 225 31.89 -7.56 6.28
C TYR I 225 32.44 -7.79 7.68
N GLY I 226 31.67 -7.35 8.67
CA GLY I 226 32.03 -7.48 10.06
C GLY I 226 31.15 -6.62 10.94
N PRO I 227 31.34 -6.69 12.26
CA PRO I 227 30.53 -5.88 13.16
C PRO I 227 30.87 -4.40 13.00
N PRO I 228 29.95 -3.51 13.36
CA PRO I 228 30.24 -2.08 13.25
C PRO I 228 31.30 -1.64 14.25
N GLY I 229 32.10 -0.66 13.83
CA GLY I 229 33.16 -0.14 14.68
C GLY I 229 34.47 -0.89 14.62
N THR I 230 34.61 -1.87 13.72
CA THR I 230 35.83 -2.66 13.65
C THR I 230 36.86 -2.10 12.68
N GLY I 231 36.58 -0.97 12.04
CA GLY I 231 37.55 -0.37 11.14
C GLY I 231 37.46 -0.80 9.70
N LYS I 232 36.30 -0.67 9.07
CA LYS I 232 36.17 -1.01 7.66
C LYS I 232 36.41 0.21 6.78
N THR I 233 35.71 1.32 7.04
CA THR I 233 35.93 2.52 6.25
C THR I 233 37.23 3.21 6.59
N LEU I 234 38.09 2.56 7.36
CA LEU I 234 39.46 3.03 7.52
C LEU I 234 40.42 2.24 6.64
N ILE I 235 40.05 1.01 6.28
CA ILE I 235 40.82 0.26 5.30
C ILE I 235 40.62 0.85 3.91
N ALA I 236 39.42 1.35 3.62
CA ALA I 236 39.17 1.97 2.33
C ALA I 236 39.80 3.36 2.26
N ARG I 237 39.98 4.02 3.40
CA ARG I 237 40.60 5.33 3.39
C ARG I 237 42.11 5.25 3.44
N ALA I 238 42.65 4.17 4.00
CA ALA I 238 44.10 4.00 4.02
C ALA I 238 44.63 3.60 2.65
N VAL I 239 43.91 2.72 1.96
CA VAL I 239 44.36 2.21 0.66
C VAL I 239 44.30 3.31 -0.38
N ALA I 240 43.26 4.14 -0.34
CA ALA I 240 43.15 5.21 -1.33
C ALA I 240 44.21 6.29 -1.11
N ASN I 241 44.59 6.54 0.14
CA ASN I 241 45.55 7.60 0.42
C ASN I 241 46.99 7.21 0.09
N GLU I 242 47.31 5.92 0.04
CA GLU I 242 48.70 5.52 -0.16
C GLU I 242 49.00 5.14 -1.61
N THR I 243 48.11 4.38 -2.26
CA THR I 243 48.35 4.03 -3.66
C THR I 243 48.16 5.24 -4.57
N GLY I 244 47.31 6.17 -4.19
CA GLY I 244 47.02 7.33 -5.01
C GLY I 244 45.77 7.11 -5.82
N ALA I 245 44.67 7.72 -5.39
CA ALA I 245 43.37 7.49 -6.00
C ALA I 245 42.47 8.66 -5.67
N PHE I 246 41.17 8.50 -5.88
CA PHE I 246 40.19 9.56 -5.75
C PHE I 246 39.01 9.07 -4.92
N PHE I 247 39.31 8.59 -3.71
CA PHE I 247 38.29 8.06 -2.81
C PHE I 247 37.04 8.93 -2.78
N PHE I 248 35.92 8.36 -3.21
CA PHE I 248 34.65 9.07 -3.31
C PHE I 248 33.60 8.27 -2.54
N LEU I 249 33.31 8.72 -1.33
CA LEU I 249 32.37 7.99 -0.48
C LEU I 249 30.94 8.37 -0.80
N ILE I 250 30.08 7.36 -0.95
CA ILE I 250 28.64 7.56 -0.98
C ILE I 250 28.06 6.80 0.20
N ASN I 251 27.08 7.39 0.87
CA ASN I 251 26.61 6.88 2.15
C ASN I 251 25.29 6.14 1.99
N GLY I 252 24.93 5.38 3.00
CA GLY I 252 23.70 4.62 2.99
C GLY I 252 22.48 5.46 3.33
N PRO I 253 22.43 5.98 4.56
CA PRO I 253 21.24 6.75 4.95
C PRO I 253 20.94 7.97 4.10
N GLU I 254 21.94 8.72 3.64
CA GLU I 254 21.58 9.95 2.94
C GLU I 254 21.15 9.72 1.50
N ILE I 255 21.41 8.53 0.95
CA ILE I 255 20.82 8.19 -0.35
C ILE I 255 19.35 7.85 -0.18
N MET I 256 19.01 7.12 0.88
CA MET I 256 17.65 6.62 1.06
C MET I 256 16.66 7.70 1.44
N SER I 257 17.11 8.91 1.75
CA SER I 257 16.23 9.93 2.30
C SER I 257 16.46 11.27 1.62
N LYS I 258 16.51 11.30 0.29
CA LYS I 258 16.66 12.59 -0.40
C LYS I 258 15.28 13.13 -0.79
N LEU I 259 14.63 12.50 -1.76
CA LEU I 259 13.24 12.80 -2.09
C LEU I 259 12.70 11.85 -3.14
N ALA I 260 11.56 11.23 -2.88
CA ALA I 260 10.76 10.56 -3.91
C ALA I 260 11.59 9.78 -4.92
N GLY I 261 11.71 10.33 -6.13
CA GLY I 261 12.42 9.68 -7.21
C GLY I 261 13.78 10.28 -7.54
N GLU I 262 14.24 11.26 -6.77
CA GLU I 262 15.57 11.77 -7.14
C GLU I 262 16.70 11.13 -6.35
N SER I 263 16.45 10.08 -5.57
CA SER I 263 17.56 9.33 -4.99
C SER I 263 18.41 8.68 -6.07
N GLU I 264 17.76 8.19 -7.14
CA GLU I 264 18.49 7.52 -8.21
C GLU I 264 19.45 8.47 -8.90
N SER I 265 19.05 9.72 -9.12
CA SER I 265 19.93 10.66 -9.80
C SER I 265 21.14 11.01 -8.94
N ASN I 266 21.12 10.60 -7.67
CA ASN I 266 22.32 10.75 -6.84
C ASN I 266 23.32 9.63 -7.12
N LEU I 267 22.84 8.41 -7.37
CA LEU I 267 23.75 7.34 -7.74
C LEU I 267 24.27 7.53 -9.16
N ARG I 268 23.40 7.92 -10.09
CA ARG I 268 23.79 8.01 -11.48
C ARG I 268 24.88 9.05 -11.69
N LYS I 269 24.84 10.14 -10.93
CA LYS I 269 25.88 11.15 -11.03
C LYS I 269 26.96 10.99 -9.97
N ALA I 270 26.91 9.92 -9.17
CA ALA I 270 28.03 9.63 -8.27
C ALA I 270 29.12 8.85 -8.99
N PHE I 271 28.74 7.95 -9.89
CA PHE I 271 29.72 7.24 -10.69
C PHE I 271 30.32 8.11 -11.79
N GLU I 272 29.80 9.32 -12.01
CA GLU I 272 30.32 10.17 -13.07
C GLU I 272 31.66 10.79 -12.70
N GLU I 273 31.79 11.28 -11.46
CA GLU I 273 33.09 11.82 -11.06
C GLU I 273 34.17 10.76 -11.09
N ALA I 274 33.85 9.55 -10.62
CA ALA I 274 34.83 8.48 -10.63
C ALA I 274 35.20 8.04 -12.04
N GLU I 275 34.43 8.45 -13.04
CA GLU I 275 34.72 8.04 -14.41
C GLU I 275 35.57 9.05 -15.16
N LYS I 276 35.62 10.30 -14.70
CA LYS I 276 36.42 11.33 -15.36
C LYS I 276 37.42 11.99 -14.41
N ASN I 277 37.79 11.30 -13.34
CA ASN I 277 38.73 11.83 -12.35
C ASN I 277 39.78 10.80 -11.99
N ALA I 278 40.39 10.19 -13.02
CA ALA I 278 41.57 9.34 -12.85
C ALA I 278 41.20 8.03 -12.16
N PRO I 279 42.13 7.05 -12.00
CA PRO I 279 41.79 5.84 -11.24
C PRO I 279 41.19 6.16 -9.89
N ALA I 280 39.92 5.84 -9.72
CA ALA I 280 39.15 6.21 -8.55
C ALA I 280 38.73 4.96 -7.79
N ILE I 281 38.26 5.17 -6.57
CA ILE I 281 37.78 4.11 -5.71
C ILE I 281 36.52 4.62 -5.03
N ILE I 282 35.47 3.81 -5.06
CA ILE I 282 34.16 4.21 -4.56
C ILE I 282 33.80 3.33 -3.39
N PHE I 283 33.41 3.93 -2.27
CA PHE I 283 33.08 3.19 -1.07
C PHE I 283 31.62 3.41 -0.75
N ILE I 284 30.82 2.36 -0.84
CA ILE I 284 29.39 2.40 -0.56
C ILE I 284 29.17 1.89 0.84
N ASP I 285 29.08 2.78 1.81
CA ASP I 285 28.98 2.39 3.20
C ASP I 285 27.55 1.98 3.54
N GLU I 286 27.42 1.03 4.45
CA GLU I 286 26.12 0.53 4.92
C GLU I 286 25.28 0.05 3.73
N LEU I 287 25.77 -1.02 3.09
CA LEU I 287 25.10 -1.54 1.91
C LEU I 287 23.74 -2.13 2.25
N ASP I 288 23.60 -2.69 3.45
CA ASP I 288 22.34 -3.35 3.79
C ASP I 288 21.20 -2.37 4.00
N ALA I 289 21.49 -1.07 4.05
CA ALA I 289 20.44 -0.08 4.20
C ALA I 289 19.71 0.17 2.90
N ILE I 290 20.40 0.01 1.76
CA ILE I 290 19.79 0.32 0.48
C ILE I 290 19.52 -0.92 -0.38
N ALA I 291 20.16 -2.04 -0.11
CA ALA I 291 19.99 -3.26 -0.90
C ALA I 291 19.70 -4.45 0.01
N PRO I 292 18.52 -4.47 0.65
CA PRO I 292 18.19 -5.62 1.49
C PRO I 292 17.61 -6.76 0.69
N LYS I 293 17.19 -7.85 1.34
CA LYS I 293 16.62 -8.98 0.63
C LYS I 293 15.30 -8.59 -0.03
N ARG I 294 14.93 -9.36 -1.05
CA ARG I 294 13.76 -9.02 -1.85
C ARG I 294 12.48 -9.09 -1.02
N GLU I 295 12.44 -9.96 -0.02
CA GLU I 295 11.23 -10.12 0.78
C GLU I 295 11.04 -9.00 1.80
N LYS I 296 12.09 -8.28 2.18
CA LYS I 296 11.93 -7.16 3.10
C LYS I 296 11.73 -5.84 2.38
N THR I 297 11.71 -5.81 1.06
CA THR I 297 11.37 -4.60 0.31
C THR I 297 9.87 -4.57 0.11
N HIS I 298 9.17 -3.94 1.04
CA HIS I 298 7.71 -3.94 1.04
C HIS I 298 7.10 -2.89 0.11
N GLY I 299 7.88 -1.89 -0.28
CA GLY I 299 7.38 -0.84 -1.16
C GLY I 299 7.78 -1.04 -2.61
N GLU I 300 7.84 0.07 -3.34
CA GLU I 300 8.27 0.03 -4.73
C GLU I 300 9.50 0.88 -4.95
N VAL I 301 9.59 2.02 -4.26
CA VAL I 301 10.76 2.89 -4.44
C VAL I 301 12.00 2.29 -3.81
N GLU I 302 11.83 1.27 -2.96
CA GLU I 302 12.99 0.52 -2.51
C GLU I 302 13.31 -0.63 -3.46
N ARG I 303 12.44 -0.88 -4.44
CA ARG I 303 12.78 -1.82 -5.51
C ARG I 303 13.33 -1.08 -6.72
N ARG I 304 13.32 0.24 -6.69
CA ARG I 304 13.90 1.02 -7.78
C ARG I 304 15.36 1.32 -7.52
N ILE I 305 15.74 1.49 -6.25
CA ILE I 305 17.12 1.80 -5.92
C ILE I 305 18.01 0.59 -6.15
N VAL I 306 17.56 -0.59 -5.76
CA VAL I 306 18.36 -1.79 -5.93
C VAL I 306 18.61 -2.06 -7.40
N SER I 307 17.55 -1.99 -8.22
CA SER I 307 17.70 -2.26 -9.64
C SER I 307 18.40 -1.11 -10.36
N GLN I 308 18.58 0.01 -9.67
CA GLN I 308 19.41 1.08 -10.22
C GLN I 308 20.87 0.91 -9.84
N LEU I 309 21.13 0.18 -8.76
CA LEU I 309 22.50 -0.12 -8.38
C LEU I 309 23.07 -1.24 -9.23
N LEU I 310 22.24 -2.17 -9.66
CA LEU I 310 22.72 -3.30 -10.44
C LEU I 310 23.09 -2.88 -11.86
N THR I 311 22.29 -1.98 -12.45
CA THR I 311 22.55 -1.60 -13.83
C THR I 311 23.77 -0.70 -13.96
N LEU I 312 24.23 -0.11 -12.85
CA LEU I 312 25.42 0.72 -12.92
C LEU I 312 26.69 -0.10 -12.75
N MET I 313 26.62 -1.18 -11.98
CA MET I 313 27.77 -2.05 -11.80
C MET I 313 28.07 -2.84 -13.08
N ASP I 314 27.03 -3.31 -13.76
CA ASP I 314 27.21 -4.02 -15.01
C ASP I 314 27.67 -3.11 -16.14
N GLY I 315 27.62 -1.80 -15.95
CA GLY I 315 28.10 -0.86 -16.94
C GLY I 315 29.55 -0.47 -16.80
N LEU I 316 30.29 -1.14 -15.93
CA LEU I 316 31.72 -0.87 -15.73
C LEU I 316 32.51 -1.92 -16.51
N LYS I 317 32.69 -1.67 -17.81
CA LYS I 317 33.47 -2.54 -18.67
C LYS I 317 34.70 -1.78 -19.15
N GLN I 318 35.82 -1.97 -18.46
CA GLN I 318 37.10 -1.33 -18.75
C GLN I 318 37.03 0.18 -18.54
N ARG I 319 37.27 0.95 -19.60
CA ARG I 319 37.44 2.41 -19.52
C ARG I 319 38.48 2.69 -18.45
N ALA I 320 38.27 3.66 -17.56
CA ALA I 320 39.18 3.86 -16.44
C ALA I 320 39.00 2.75 -15.42
N HIS I 321 40.03 2.53 -14.61
CA HIS I 321 39.99 1.49 -13.59
C HIS I 321 39.30 2.05 -12.36
N VAL I 322 38.11 1.53 -12.04
CA VAL I 322 37.32 2.00 -10.91
C VAL I 322 36.97 0.81 -10.05
N ILE I 323 37.48 0.78 -8.82
CA ILE I 323 37.19 -0.27 -7.85
C ILE I 323 36.10 0.24 -6.94
N VAL I 324 35.03 -0.53 -6.80
CA VAL I 324 33.92 -0.16 -5.92
C VAL I 324 33.86 -1.17 -4.78
N MET I 325 34.04 -0.68 -3.55
CA MET I 325 34.05 -1.51 -2.35
C MET I 325 32.86 -1.16 -1.49
N ALA I 326 32.27 -2.15 -0.85
CA ALA I 326 31.11 -1.95 -0.01
C ALA I 326 31.37 -2.53 1.36
N ALA I 327 30.63 -2.06 2.35
CA ALA I 327 30.76 -2.54 3.71
C ALA I 327 29.38 -2.91 4.25
N THR I 328 29.26 -4.11 4.80
CA THR I 328 27.99 -4.57 5.33
C THR I 328 28.21 -5.33 6.62
N ASN I 329 27.18 -5.32 7.47
CA ASN I 329 27.24 -5.91 8.79
C ASN I 329 27.11 -7.44 8.74
N ARG I 330 26.12 -7.94 8.01
CA ARG I 330 25.89 -9.37 7.89
C ARG I 330 25.79 -9.73 6.41
N PRO I 331 26.57 -10.69 5.93
CA PRO I 331 26.53 -11.04 4.50
C PRO I 331 25.29 -11.82 4.11
N ASN I 332 24.40 -12.13 5.05
CA ASN I 332 23.14 -12.79 4.72
C ASN I 332 22.05 -11.80 4.35
N SER I 333 22.12 -10.57 4.85
CA SER I 333 21.07 -9.58 4.62
C SER I 333 21.18 -8.90 3.26
N ILE I 334 22.29 -9.05 2.56
CA ILE I 334 22.45 -8.43 1.25
C ILE I 334 21.61 -9.18 0.22
N ASP I 335 21.18 -8.47 -0.81
CA ASP I 335 20.38 -9.08 -1.86
C ASP I 335 21.21 -10.10 -2.62
N PRO I 336 20.70 -11.31 -2.85
CA PRO I 336 21.52 -12.34 -3.51
C PRO I 336 21.93 -12.00 -4.93
N ALA I 337 21.26 -11.04 -5.58
CA ALA I 337 21.64 -10.69 -6.93
C ALA I 337 22.97 -9.97 -6.98
N LEU I 338 23.43 -9.43 -5.85
CA LEU I 338 24.75 -8.81 -5.78
C LEU I 338 25.82 -9.81 -5.38
N ARG I 339 25.84 -10.95 -6.04
CA ARG I 339 26.91 -11.94 -5.87
C ARG I 339 27.37 -12.53 -7.18
N ARG I 340 26.64 -12.31 -8.27
CA ARG I 340 27.04 -12.85 -9.56
C ARG I 340 28.32 -12.20 -10.05
N PHE I 341 29.00 -12.89 -10.95
CA PHE I 341 30.27 -12.41 -11.46
C PHE I 341 30.07 -11.14 -12.28
N GLY I 342 31.08 -10.28 -12.28
CA GLY I 342 30.94 -8.93 -12.78
C GLY I 342 30.45 -7.95 -11.74
N ARG I 343 30.07 -8.43 -10.55
CA ARG I 343 29.62 -7.65 -9.42
C ARG I 343 30.44 -8.07 -8.21
N PHE I 344 29.97 -7.70 -7.02
CA PHE I 344 30.68 -8.05 -5.80
C PHE I 344 30.89 -9.56 -5.71
N ASP I 345 32.12 -10.00 -5.89
CA ASP I 345 32.47 -11.41 -5.84
C ASP I 345 33.54 -11.72 -4.82
N ARG I 346 34.58 -10.91 -4.74
CA ARG I 346 35.64 -11.11 -3.76
C ARG I 346 35.17 -10.57 -2.42
N GLU I 347 35.23 -11.40 -1.38
CA GLU I 347 34.69 -11.05 -0.08
C GLU I 347 35.76 -11.23 0.99
N VAL I 348 35.92 -10.20 1.82
CA VAL I 348 36.91 -10.20 2.89
C VAL I 348 36.17 -10.09 4.22
N ASP I 349 36.76 -10.67 5.26
CA ASP I 349 36.14 -10.69 6.58
C ASP I 349 37.03 -9.95 7.56
N ILE I 350 36.43 -8.98 8.27
CA ILE I 350 37.12 -8.21 9.30
C ILE I 350 36.44 -8.57 10.62
N GLY I 351 37.03 -9.49 11.37
CA GLY I 351 36.48 -9.89 12.65
C GLY I 351 36.91 -8.96 13.77
N ILE I 352 36.42 -9.26 14.96
CA ILE I 352 36.78 -8.49 16.16
C ILE I 352 38.21 -8.86 16.56
N PRO I 353 38.97 -7.96 17.15
CA PRO I 353 40.37 -8.25 17.47
C PRO I 353 40.50 -9.24 18.61
N ASP I 354 41.63 -9.94 18.62
CA ASP I 354 41.95 -10.91 19.66
C ASP I 354 42.82 -10.26 20.73
N ALA I 355 43.28 -11.05 21.70
CA ALA I 355 43.94 -10.48 22.87
C ALA I 355 45.27 -9.83 22.51
N THR I 356 45.94 -10.32 21.48
CA THR I 356 47.16 -9.65 21.02
C THR I 356 46.83 -8.57 20.00
N GLY I 357 45.57 -8.49 19.58
CA GLY I 357 45.16 -7.38 18.73
C GLY I 357 44.76 -6.16 19.54
N ARG I 358 44.07 -6.38 20.67
CA ARG I 358 43.63 -5.26 21.48
C ARG I 358 44.81 -4.50 22.08
N LEU I 359 45.97 -5.15 22.15
CA LEU I 359 47.16 -4.42 22.62
C LEU I 359 47.66 -3.47 21.55
N GLU I 360 47.50 -3.85 20.27
CA GLU I 360 48.05 -3.02 19.20
C GLU I 360 47.19 -1.80 18.95
N ILE I 361 45.87 -1.89 19.15
CA ILE I 361 45.03 -0.70 19.05
C ILE I 361 45.39 0.28 20.15
N LEU I 362 45.78 -0.23 21.31
CA LEU I 362 46.14 0.64 22.43
C LEU I 362 47.38 1.47 22.10
N GLN I 363 48.42 0.83 21.57
CA GLN I 363 49.67 1.53 21.32
C GLN I 363 49.57 2.47 20.11
N ILE I 364 48.46 2.44 19.37
CA ILE I 364 48.29 3.35 18.25
C ILE I 364 47.61 4.63 18.71
N HIS I 365 46.56 4.52 19.52
CA HIS I 365 45.80 5.68 19.96
C HIS I 365 46.50 6.47 21.06
N THR I 366 47.34 5.81 21.84
CA THR I 366 48.04 6.46 22.95
C THR I 366 49.42 6.95 22.56
N LYS I 367 49.76 6.90 21.27
CA LYS I 367 51.06 7.37 20.81
C LYS I 367 51.24 8.87 21.03
N ASN I 368 50.15 9.63 20.90
CA ASN I 368 50.24 11.07 21.07
C ASN I 368 50.39 11.46 22.54
N MET I 369 49.66 10.80 23.42
CA MET I 369 49.66 11.15 24.84
C MET I 369 50.98 10.76 25.49
N LYS I 370 51.17 11.21 26.72
CA LYS I 370 52.40 10.98 27.48
C LYS I 370 52.05 10.25 28.77
N LEU I 371 52.06 8.92 28.73
CA LEU I 371 51.68 8.14 29.89
C LEU I 371 52.76 8.18 30.97
N ALA I 372 52.33 7.96 32.20
CA ALA I 372 53.24 7.87 33.32
C ALA I 372 53.93 6.51 33.34
N ASP I 373 54.91 6.37 34.23
CA ASP I 373 55.72 5.16 34.28
C ASP I 373 55.16 4.12 35.25
N ASP I 374 53.85 3.92 35.21
CA ASP I 374 53.23 2.82 35.96
C ASP I 374 52.12 2.13 35.17
N VAL I 375 51.90 2.50 33.91
CA VAL I 375 50.83 1.91 33.13
C VAL I 375 51.34 0.64 32.45
N ASP I 376 50.61 -0.45 32.65
CA ASP I 376 50.96 -1.75 32.09
C ASP I 376 49.94 -2.06 31.00
N LEU I 377 50.26 -1.65 29.77
CA LEU I 377 49.29 -1.79 28.68
C LEU I 377 48.95 -3.26 28.41
N GLU I 378 49.81 -4.19 28.82
CA GLU I 378 49.46 -5.60 28.72
C GLU I 378 48.26 -5.92 29.61
N GLN I 379 48.23 -5.36 30.81
CA GLN I 379 47.14 -5.66 31.73
C GLN I 379 45.80 -5.15 31.19
N VAL I 380 45.79 -3.92 30.67
CA VAL I 380 44.55 -3.35 30.14
C VAL I 380 44.13 -4.09 28.87
N ALA I 381 45.10 -4.61 28.12
CA ALA I 381 44.77 -5.30 26.88
C ALA I 381 44.04 -6.61 27.14
N ASN I 382 44.53 -7.40 28.11
CA ASN I 382 44.06 -8.77 28.25
C ASN I 382 42.76 -8.92 29.02
N GLU I 383 42.25 -7.85 29.63
CA GLU I 383 41.02 -7.93 30.42
C GLU I 383 39.88 -7.16 29.80
N THR I 384 39.96 -6.83 28.51
CA THR I 384 38.93 -6.08 27.81
C THR I 384 38.34 -6.88 26.68
N HIS I 385 38.07 -8.15 26.93
CA HIS I 385 37.41 -8.98 25.92
C HIS I 385 35.97 -8.52 25.71
N GLY I 386 35.57 -8.48 24.45
CA GLY I 386 34.28 -7.94 24.07
C GLY I 386 34.31 -6.54 23.50
N HIS I 387 35.49 -5.94 23.37
CA HIS I 387 35.63 -4.61 22.78
C HIS I 387 36.06 -4.72 21.32
N VAL I 388 35.63 -3.75 20.53
CA VAL I 388 35.99 -3.66 19.12
C VAL I 388 36.99 -2.53 18.98
N GLY I 389 37.48 -2.29 17.77
CA GLY I 389 38.48 -1.25 17.58
C GLY I 389 38.01 0.12 18.01
N ALA I 390 36.75 0.44 17.72
CA ALA I 390 36.25 1.78 17.99
C ALA I 390 36.02 2.05 19.46
N ASP I 391 35.85 0.99 20.27
CA ASP I 391 35.63 1.19 21.70
C ASP I 391 36.92 1.52 22.42
N LEU I 392 38.02 0.87 22.04
CA LEU I 392 39.30 1.16 22.68
C LEU I 392 39.79 2.55 22.32
N ALA I 393 39.21 3.18 21.30
CA ALA I 393 39.56 4.55 20.99
C ALA I 393 38.78 5.54 21.85
N ALA I 394 37.73 5.07 22.53
CA ALA I 394 37.03 5.92 23.48
C ALA I 394 37.56 5.74 24.89
N LEU I 395 38.03 4.52 25.21
CA LEU I 395 38.64 4.28 26.50
C LEU I 395 39.89 5.11 26.69
N CYS I 396 40.72 5.21 25.64
CA CYS I 396 41.95 5.98 25.74
C CYS I 396 41.67 7.48 25.75
N SER I 397 40.42 7.88 25.50
CA SER I 397 40.06 9.29 25.56
C SER I 397 39.49 9.66 26.92
N GLU I 398 38.63 8.79 27.47
CA GLU I 398 38.09 9.04 28.80
C GLU I 398 39.19 9.05 29.86
N ALA I 399 40.16 8.15 29.75
CA ALA I 399 41.27 8.16 30.69
C ALA I 399 42.15 9.38 30.49
N ALA I 400 42.10 10.01 29.31
CA ALA I 400 42.84 11.23 29.10
C ALA I 400 42.15 12.43 29.74
N LEU I 401 40.83 12.36 29.90
CA LEU I 401 40.09 13.48 30.42
C LEU I 401 40.24 13.61 31.93
N GLN I 402 40.54 12.50 32.62
CA GLN I 402 40.76 12.56 34.06
C GLN I 402 42.01 13.37 34.39
N ALA I 403 43.06 13.23 33.59
CA ALA I 403 44.32 13.91 33.90
C ALA I 403 44.17 15.42 33.81
N ILE I 404 43.10 15.91 33.17
CA ILE I 404 42.83 17.34 33.22
C ILE I 404 41.65 17.65 34.14
N ARG I 405 40.77 16.69 34.37
CA ARG I 405 39.67 16.90 35.31
C ARG I 405 40.20 17.06 36.74
N LYS I 406 41.24 16.31 37.09
CA LYS I 406 41.86 16.38 38.41
C LYS I 406 42.98 17.41 38.48
N LYS I 407 43.24 18.14 37.39
CA LYS I 407 44.20 19.23 37.39
C LYS I 407 43.56 20.54 36.91
N MET I 408 42.24 20.65 37.01
CA MET I 408 41.54 21.79 36.43
C MET I 408 41.91 23.09 37.11
N ASP I 409 42.35 23.04 38.37
CA ASP I 409 42.71 24.25 39.09
C ASP I 409 43.90 24.95 38.45
N LEU I 410 44.86 24.17 37.94
CA LEU I 410 46.03 24.75 37.28
C LEU I 410 45.65 25.61 36.08
N ILE I 411 44.52 25.32 35.45
CA ILE I 411 44.14 25.96 34.19
C ILE I 411 42.83 26.73 34.38
N ASP I 412 42.66 27.34 35.56
CA ASP I 412 41.36 27.90 35.90
C ASP I 412 40.99 29.05 34.97
N LEU I 413 40.14 28.72 34.00
CA LEU I 413 39.53 29.65 33.04
C LEU I 413 40.57 30.19 32.07
N GLU I 414 41.85 30.01 32.37
CA GLU I 414 42.99 30.33 31.53
C GLU I 414 42.71 31.52 30.60
N ASP I 415 42.79 31.28 29.31
CA ASP I 415 42.39 32.23 28.27
C ASP I 415 41.66 31.45 27.19
N GLU I 416 41.43 32.08 26.05
CA GLU I 416 40.92 31.36 24.89
C GLU I 416 41.93 30.35 24.37
N THR I 417 43.21 30.54 24.68
CA THR I 417 44.28 29.64 24.27
C THR I 417 44.98 29.11 25.51
N ILE I 418 45.33 27.82 25.48
CA ILE I 418 45.90 27.14 26.64
C ILE I 418 47.41 27.01 26.44
N ASP I 419 48.17 27.39 27.46
CA ASP I 419 49.62 27.35 27.37
C ASP I 419 50.12 25.93 27.14
N ALA I 420 51.19 25.81 26.35
CA ALA I 420 51.73 24.50 26.01
C ALA I 420 52.60 23.92 27.12
N GLU I 421 53.09 24.74 28.05
CA GLU I 421 53.93 24.22 29.12
C GLU I 421 53.16 23.30 30.05
N VAL I 422 51.92 23.67 30.41
CA VAL I 422 51.14 22.84 31.32
C VAL I 422 50.75 21.52 30.65
N MET I 423 50.50 21.54 29.34
CA MET I 423 50.10 20.33 28.65
C MET I 423 51.20 19.27 28.70
N ASN I 424 52.45 19.68 28.57
CA ASN I 424 53.55 18.73 28.62
C ASN I 424 53.88 18.28 30.04
N SER I 425 53.22 18.84 31.05
CA SER I 425 53.42 18.43 32.43
C SER I 425 52.45 17.36 32.88
N LEU I 426 51.51 16.97 32.03
CA LEU I 426 50.45 16.05 32.41
C LEU I 426 50.93 14.60 32.32
N ALA I 427 50.21 13.71 33.00
CA ALA I 427 50.50 12.29 32.97
C ALA I 427 49.23 11.53 33.29
N VAL I 428 49.15 10.31 32.77
CA VAL I 428 47.99 9.45 32.97
C VAL I 428 48.45 8.17 33.67
N THR I 429 47.74 7.80 34.72
CA THR I 429 48.11 6.69 35.59
C THR I 429 47.05 5.60 35.52
N MET I 430 47.32 4.48 36.21
CA MET I 430 46.35 3.40 36.26
C MET I 430 45.08 3.80 36.99
N ASP I 431 45.14 4.83 37.84
CA ASP I 431 43.94 5.27 38.53
C ASP I 431 42.89 5.80 37.56
N ASP I 432 43.32 6.44 36.48
CA ASP I 432 42.38 6.90 35.47
C ASP I 432 41.88 5.75 34.62
N PHE I 433 42.78 4.84 34.22
CA PHE I 433 42.40 3.78 33.30
C PHE I 433 41.42 2.81 33.95
N ARG I 434 41.59 2.54 35.24
CA ARG I 434 40.62 1.73 35.95
C ARG I 434 39.29 2.45 36.10
N TRP I 435 39.30 3.78 36.02
CA TRP I 435 38.06 4.53 36.15
C TRP I 435 37.29 4.57 34.84
N ALA I 436 38.00 4.76 33.72
CA ALA I 436 37.33 4.78 32.43
C ALA I 436 36.81 3.41 32.05
N LEU I 437 37.35 2.36 32.64
CA LEU I 437 36.90 1.00 32.35
C LEU I 437 35.56 0.71 33.00
N SER I 438 35.25 1.36 34.12
CA SER I 438 34.03 1.04 34.86
C SER I 438 32.78 1.41 34.07
N GLN I 439 32.70 2.65 33.61
CA GLN I 439 31.53 3.11 32.84
C GLN I 439 31.73 2.97 31.35
N SER I 440 32.12 1.77 30.92
CA SER I 440 32.29 1.46 29.51
C SER I 440 31.43 0.25 29.19
N ASN I 441 30.68 0.32 28.09
CA ASN I 441 29.79 -0.76 27.69
C ASN I 441 30.32 -1.38 26.41
N PRO I 442 31.01 -2.52 26.49
CA PRO I 442 31.49 -3.17 25.27
C PRO I 442 30.34 -3.62 24.39
N SER I 443 30.55 -3.55 23.08
CA SER I 443 29.50 -3.78 22.12
C SER I 443 29.58 -5.12 21.40
N ALA I 444 30.66 -5.88 21.58
CA ALA I 444 30.73 -7.17 20.91
C ALA I 444 29.96 -8.23 21.68
N LEU I 445 30.41 -8.55 22.89
CA LEU I 445 29.76 -9.51 23.78
C LEU I 445 29.28 -10.77 23.06
N ARG I 446 27.98 -10.86 22.82
CA ARG I 446 27.40 -12.06 22.25
C ARG I 446 27.74 -12.18 20.77
N GLU I 447 28.91 -12.74 20.48
CA GLU I 447 29.36 -12.98 19.12
C GLU I 447 30.41 -14.09 19.17
N THR I 448 30.30 -15.03 18.23
CA THR I 448 31.19 -16.19 18.23
C THR I 448 32.62 -15.73 17.97
N VAL I 449 33.53 -16.08 18.87
CA VAL I 449 34.91 -15.62 18.79
C VAL I 449 35.76 -16.72 18.17
N VAL I 450 36.49 -16.36 17.12
CA VAL I 450 37.38 -17.27 16.41
C VAL I 450 38.82 -16.87 16.73
N GLU I 451 39.57 -17.78 17.32
CA GLU I 451 40.91 -17.49 17.81
C GLU I 451 41.63 -18.81 18.04
N VAL I 452 42.93 -18.70 18.34
CA VAL I 452 43.74 -19.86 18.69
C VAL I 452 43.84 -19.91 20.22
N PRO I 453 43.22 -20.89 20.88
CA PRO I 453 43.27 -20.93 22.34
C PRO I 453 44.68 -21.20 22.84
N GLN I 454 44.96 -20.71 24.05
CA GLN I 454 46.30 -20.73 24.61
C GLN I 454 46.56 -21.94 25.50
N VAL I 455 45.62 -22.89 25.57
CA VAL I 455 45.81 -24.07 26.40
C VAL I 455 46.97 -24.90 25.85
N THR I 456 47.87 -25.31 26.73
CA THR I 456 49.03 -26.11 26.37
C THR I 456 48.77 -27.57 26.76
N TRP I 457 49.66 -28.45 26.27
CA TRP I 457 49.52 -29.87 26.57
C TRP I 457 49.66 -30.13 28.07
N GLU I 458 50.56 -29.42 28.73
CA GLU I 458 50.81 -29.64 30.15
C GLU I 458 49.62 -29.27 31.03
N ASP I 459 48.64 -28.53 30.51
CA ASP I 459 47.48 -28.15 31.30
C ASP I 459 46.58 -29.34 31.64
N ILE I 460 46.76 -30.48 30.99
CA ILE I 460 46.01 -31.69 31.27
C ILE I 460 47.00 -32.78 31.67
N GLY I 461 46.64 -33.55 32.68
CA GLY I 461 47.49 -34.62 33.20
C GLY I 461 46.97 -35.97 32.78
N GLY I 462 47.89 -36.86 32.40
CA GLY I 462 47.54 -38.20 32.01
C GLY I 462 46.91 -38.27 30.63
N LEU I 463 46.32 -39.43 30.35
CA LEU I 463 45.62 -39.69 29.09
C LEU I 463 46.53 -39.43 27.89
N GLU I 464 47.80 -39.83 28.02
CA GLU I 464 48.75 -39.62 26.94
C GLU I 464 48.48 -40.55 25.76
N ASP I 465 47.84 -41.70 26.01
CA ASP I 465 47.48 -42.59 24.91
C ASP I 465 46.47 -41.93 23.99
N VAL I 466 45.50 -41.22 24.55
CA VAL I 466 44.57 -40.44 23.73
C VAL I 466 45.29 -39.28 23.05
N LYS I 467 46.29 -38.71 23.72
CA LYS I 467 47.01 -37.57 23.15
C LYS I 467 47.72 -37.96 21.85
N ARG I 468 48.35 -39.13 21.82
CA ARG I 468 48.97 -39.60 20.59
C ARG I 468 47.92 -39.88 19.52
N GLU I 469 46.77 -40.43 19.93
CA GLU I 469 45.74 -40.81 18.97
C GLU I 469 45.21 -39.60 18.22
N LEU I 470 44.93 -38.51 18.93
CA LEU I 470 44.42 -37.30 18.28
C LEU I 470 45.49 -36.68 17.40
N GLN I 471 46.76 -36.78 17.79
CA GLN I 471 47.85 -36.20 17.01
C GLN I 471 47.94 -36.85 15.64
N GLU I 472 47.62 -38.15 15.55
CA GLU I 472 47.75 -38.86 14.29
C GLU I 472 46.73 -38.40 13.27
N LEU I 473 45.51 -38.06 13.72
CA LEU I 473 44.40 -37.77 12.82
C LEU I 473 44.37 -36.32 12.35
N VAL I 474 45.28 -35.46 12.83
CA VAL I 474 45.20 -34.04 12.51
C VAL I 474 46.46 -33.57 11.80
N GLN I 475 47.62 -33.72 12.45
CA GLN I 475 48.85 -33.17 11.90
C GLN I 475 49.27 -33.90 10.63
N TYR I 476 49.50 -35.22 10.73
CA TYR I 476 50.03 -35.97 9.60
C TYR I 476 49.23 -35.83 8.31
N PRO I 477 47.89 -35.86 8.31
CA PRO I 477 47.17 -35.67 7.03
C PRO I 477 47.39 -34.32 6.38
N VAL I 478 47.86 -33.32 7.12
CA VAL I 478 48.06 -31.99 6.55
C VAL I 478 49.53 -31.59 6.46
N GLU I 479 50.41 -32.12 7.32
CA GLU I 479 51.82 -31.74 7.25
C GLU I 479 52.62 -32.60 6.28
N HIS I 480 52.27 -33.88 6.14
CA HIS I 480 52.99 -34.80 5.26
C HIS I 480 51.96 -35.49 4.36
N PRO I 481 51.47 -34.79 3.33
CA PRO I 481 50.38 -35.33 2.52
C PRO I 481 50.82 -36.17 1.35
N ASP I 482 52.11 -36.18 1.00
CA ASP I 482 52.56 -36.84 -0.22
C ASP I 482 52.28 -38.34 -0.18
N LYS I 483 52.49 -38.97 0.97
CA LYS I 483 52.33 -40.43 1.02
C LYS I 483 50.85 -40.78 1.15
N PHE I 484 50.06 -39.91 1.79
CA PHE I 484 48.60 -39.95 1.67
C PHE I 484 48.13 -39.71 0.24
N LEU I 485 48.87 -38.90 -0.54
CA LEU I 485 48.48 -38.70 -1.93
C LEU I 485 48.49 -40.02 -2.69
N LYS I 486 49.55 -40.80 -2.53
CA LYS I 486 49.52 -42.18 -2.96
C LYS I 486 48.47 -42.92 -2.13
N PHE I 487 47.83 -43.92 -2.73
CA PHE I 487 46.73 -44.66 -2.11
C PHE I 487 45.47 -43.79 -2.03
N GLY I 488 44.31 -44.40 -2.27
CA GLY I 488 43.06 -43.67 -2.15
C GLY I 488 42.61 -43.52 -0.71
N MET I 489 43.54 -43.16 0.15
CA MET I 489 43.26 -42.95 1.57
C MET I 489 42.32 -41.77 1.77
N THR I 490 41.33 -41.96 2.63
CA THR I 490 40.43 -40.89 3.05
C THR I 490 40.67 -40.61 4.53
N PRO I 491 41.41 -39.55 4.87
CA PRO I 491 41.62 -39.23 6.29
C PRO I 491 40.30 -38.93 6.99
N SER I 492 40.23 -39.32 8.26
CA SER I 492 38.99 -39.17 9.01
C SER I 492 38.58 -37.71 9.10
N LYS I 493 37.31 -37.43 8.82
CA LYS I 493 36.79 -36.08 8.86
C LYS I 493 36.16 -35.73 10.20
N GLY I 494 36.14 -36.64 11.15
CA GLY I 494 35.51 -36.37 12.43
C GLY I 494 35.95 -37.35 13.49
N VAL I 495 35.70 -36.97 14.74
CA VAL I 495 36.03 -37.79 15.91
C VAL I 495 34.95 -37.57 16.95
N LEU I 496 34.53 -38.64 17.63
CA LEU I 496 33.53 -38.56 18.67
C LEU I 496 34.14 -38.97 20.00
N PHE I 497 33.90 -38.15 21.03
CA PHE I 497 34.36 -38.41 22.39
C PHE I 497 33.19 -38.84 23.25
N TYR I 498 33.33 -39.95 23.96
CA TYR I 498 32.33 -40.36 24.93
C TYR I 498 33.02 -40.91 26.17
N GLY I 499 32.53 -40.50 27.33
CA GLY I 499 33.10 -40.90 28.59
C GLY I 499 32.37 -40.28 29.77
N PRO I 500 32.84 -40.58 30.98
CA PRO I 500 32.20 -40.02 32.18
C PRO I 500 32.25 -38.50 32.17
N PRO I 501 31.20 -37.85 32.66
CA PRO I 501 31.18 -36.37 32.63
C PRO I 501 32.27 -35.77 33.49
N GLY I 502 32.72 -34.58 33.07
CA GLY I 502 33.76 -33.87 33.79
C GLY I 502 35.10 -34.58 33.80
N CYS I 503 35.50 -35.18 32.69
CA CYS I 503 36.76 -35.91 32.60
C CYS I 503 37.77 -35.22 31.70
N GLY I 504 37.40 -34.10 31.09
CA GLY I 504 38.32 -33.35 30.27
C GLY I 504 38.13 -33.48 28.78
N LYS I 505 36.90 -33.54 28.29
CA LYS I 505 36.70 -33.62 26.84
C LYS I 505 36.98 -32.30 26.15
N THR I 506 36.50 -31.18 26.73
CA THR I 506 36.70 -29.89 26.08
C THR I 506 38.15 -29.47 26.11
N LEU I 507 38.91 -29.94 27.08
CA LEU I 507 40.33 -29.56 27.17
C LEU I 507 41.14 -30.22 26.06
N LEU I 508 40.77 -31.43 25.66
CA LEU I 508 41.50 -32.10 24.58
C LEU I 508 41.33 -31.38 23.25
N ALA I 509 40.10 -30.97 22.93
CA ALA I 509 39.87 -30.29 21.67
C ALA I 509 40.57 -28.94 21.64
N LYS I 510 40.59 -28.23 22.77
CA LYS I 510 41.31 -26.96 22.82
C LYS I 510 42.81 -27.17 22.63
N ALA I 511 43.35 -28.21 23.26
CA ALA I 511 44.79 -28.42 23.24
C ALA I 511 45.28 -28.74 21.83
N ILE I 512 44.55 -29.58 21.09
CA ILE I 512 45.02 -29.98 19.76
C ILE I 512 44.99 -28.79 18.81
N ALA I 513 44.00 -27.90 18.94
CA ALA I 513 43.97 -26.71 18.11
C ALA I 513 45.18 -25.82 18.36
N ASN I 514 45.58 -25.69 19.63
CA ASN I 514 46.76 -24.88 19.95
C ASN I 514 48.03 -25.47 19.35
N GLU I 515 48.17 -26.80 19.42
CA GLU I 515 49.37 -27.43 18.89
C GLU I 515 49.49 -27.22 17.38
N CYS I 516 48.40 -27.40 16.65
CA CYS I 516 48.43 -27.22 15.20
C CYS I 516 48.30 -25.76 14.78
N GLN I 517 48.00 -24.87 15.72
CA GLN I 517 47.83 -23.43 15.46
C GLN I 517 46.74 -23.20 14.42
N ALA I 518 45.54 -23.63 14.78
CA ALA I 518 44.36 -23.44 13.94
C ALA I 518 43.24 -22.84 14.77
N ASN I 519 42.31 -22.19 14.08
CA ASN I 519 41.22 -21.51 14.75
C ASN I 519 40.28 -22.50 15.43
N PHE I 520 39.60 -22.04 16.47
CA PHE I 520 38.69 -22.88 17.25
C PHE I 520 37.32 -22.21 17.31
N ILE I 521 36.28 -22.99 17.03
CA ILE I 521 34.90 -22.52 17.09
C ILE I 521 34.09 -23.51 17.91
N SER I 522 33.39 -23.02 18.92
CA SER I 522 32.65 -23.89 19.84
C SER I 522 31.16 -23.53 19.78
N ILE I 523 30.33 -24.55 19.60
CA ILE I 523 28.87 -24.40 19.61
C ILE I 523 28.34 -25.22 20.78
N LYS I 524 27.76 -24.54 21.76
CA LYS I 524 27.32 -25.18 22.98
C LYS I 524 26.01 -25.93 22.78
N GLY I 525 25.62 -26.67 23.80
CA GLY I 525 24.38 -27.41 23.81
C GLY I 525 23.17 -26.49 23.77
N PRO I 526 22.98 -25.69 24.83
CA PRO I 526 21.82 -24.79 24.86
C PRO I 526 21.76 -23.85 23.67
N GLU I 527 22.91 -23.53 23.07
CA GLU I 527 22.90 -22.80 21.82
C GLU I 527 22.34 -23.65 20.68
N LEU I 528 22.56 -24.97 20.73
CA LEU I 528 22.09 -25.84 19.67
C LEU I 528 20.57 -25.97 19.69
N LEU I 529 19.97 -25.91 20.88
CA LEU I 529 18.52 -25.91 20.97
C LEU I 529 17.90 -24.52 20.80
N THR I 530 18.72 -23.48 20.62
CA THR I 530 18.17 -22.14 20.46
C THR I 530 17.33 -22.02 19.19
N MET I 531 17.88 -22.43 18.06
CA MET I 531 17.15 -22.43 16.79
C MET I 531 16.44 -23.75 16.54
N TRP I 532 16.48 -24.68 17.49
CA TRP I 532 15.80 -25.96 17.35
C TRP I 532 14.29 -25.78 17.24
N PHE I 533 13.73 -24.77 17.92
CA PHE I 533 12.29 -24.51 17.91
C PHE I 533 12.02 -23.16 17.26
N GLY I 534 10.98 -23.11 16.44
CA GLY I 534 10.51 -21.84 15.91
C GLY I 534 11.43 -21.25 14.87
N GLU I 535 12.63 -20.86 15.30
CA GLU I 535 13.61 -20.29 14.39
C GLU I 535 14.01 -21.32 13.34
N SER I 536 14.13 -20.87 12.10
CA SER I 536 14.43 -21.77 11.00
C SER I 536 15.84 -22.33 11.11
N GLU I 537 16.15 -23.27 10.23
CA GLU I 537 17.47 -23.88 10.18
C GLU I 537 18.46 -23.10 9.33
N ALA I 538 18.19 -21.83 9.07
CA ALA I 538 19.17 -21.01 8.35
C ALA I 538 20.41 -20.76 9.20
N ASN I 539 20.26 -20.79 10.53
CA ASN I 539 21.40 -20.55 11.41
C ASN I 539 22.47 -21.62 11.24
N VAL I 540 22.07 -22.88 11.12
CA VAL I 540 23.03 -23.97 11.05
C VAL I 540 23.82 -23.93 9.74
N ARG I 541 23.38 -23.10 8.80
CA ARG I 541 24.11 -22.99 7.54
C ARG I 541 25.34 -22.10 7.70
N GLU I 542 25.13 -20.86 8.16
CA GLU I 542 26.23 -19.90 8.23
C GLU I 542 27.33 -20.32 9.19
N ILE I 543 27.02 -21.14 10.19
CA ILE I 543 28.05 -21.58 11.14
C ILE I 543 29.07 -22.46 10.43
N PHE I 544 28.62 -23.26 9.46
CA PHE I 544 29.56 -24.04 8.66
C PHE I 544 30.30 -23.16 7.67
N ASP I 545 29.63 -22.14 7.12
CA ASP I 545 30.33 -21.17 6.28
C ASP I 545 31.31 -20.35 7.10
N LYS I 546 30.98 -20.07 8.37
CA LYS I 546 31.94 -19.41 9.24
C LYS I 546 33.17 -20.27 9.44
N ALA I 547 32.99 -21.58 9.63
CA ALA I 547 34.13 -22.48 9.74
C ALA I 547 34.85 -22.63 8.41
N ARG I 548 34.10 -22.56 7.31
CA ARG I 548 34.70 -22.76 5.99
C ARG I 548 35.73 -21.69 5.67
N GLN I 549 35.41 -20.42 5.95
CA GLN I 549 36.28 -19.33 5.53
C GLN I 549 37.57 -19.29 6.37
N ALA I 550 37.52 -19.73 7.61
CA ALA I 550 38.66 -19.67 8.51
C ALA I 550 39.51 -20.94 8.47
N ALA I 551 39.52 -21.65 7.35
CA ALA I 551 40.30 -22.86 7.25
C ALA I 551 41.78 -22.56 7.41
N PRO I 552 42.54 -23.39 8.13
CA PRO I 552 42.11 -24.59 8.87
C PRO I 552 41.52 -24.25 10.24
N CYS I 553 40.59 -25.07 10.74
CA CYS I 553 39.98 -24.82 12.03
C CYS I 553 39.48 -26.15 12.60
N VAL I 554 39.16 -26.13 13.89
CA VAL I 554 38.72 -27.33 14.60
C VAL I 554 37.35 -27.02 15.18
N LEU I 555 36.30 -27.29 14.41
CA LEU I 555 34.95 -27.09 14.90
C LEU I 555 34.66 -28.07 16.02
N PHE I 556 33.85 -27.64 16.98
CA PHE I 556 33.55 -28.44 18.16
C PHE I 556 32.05 -28.37 18.45
N PHE I 557 31.43 -29.54 18.57
CA PHE I 557 30.04 -29.66 18.98
C PHE I 557 30.02 -30.22 20.40
N ASP I 558 29.49 -29.46 21.34
CA ASP I 558 29.52 -29.82 22.74
C ASP I 558 28.17 -30.38 23.16
N GLU I 559 28.18 -31.56 23.78
CA GLU I 559 26.98 -32.23 24.26
C GLU I 559 25.98 -32.43 23.13
N LEU I 560 26.41 -33.27 22.19
CA LEU I 560 25.62 -33.51 20.98
C LEU I 560 24.27 -34.15 21.30
N ASP I 561 24.21 -34.97 22.35
CA ASP I 561 22.97 -35.66 22.68
C ASP I 561 21.96 -34.78 23.37
N SER I 562 22.12 -33.45 23.35
CA SER I 562 21.17 -32.58 24.03
C SER I 562 19.78 -32.71 23.42
N ILE I 563 19.69 -32.72 22.10
CA ILE I 563 18.39 -32.77 21.44
C ILE I 563 17.72 -34.14 21.63
N ALA I 564 18.51 -35.21 21.67
CA ALA I 564 17.94 -36.54 21.87
C ALA I 564 17.30 -36.66 23.25
N LYS I 565 17.92 -36.07 24.27
CA LYS I 565 17.36 -36.12 25.62
C LYS I 565 16.01 -35.42 25.68
N ALA I 566 15.86 -34.29 24.98
CA ALA I 566 14.56 -33.61 24.94
C ALA I 566 13.50 -34.50 24.28
N ARG I 567 13.89 -35.22 23.23
CA ARG I 567 12.96 -36.15 22.59
C ARG I 567 12.52 -37.25 23.54
N GLY I 568 13.47 -37.78 24.33
CA GLY I 568 13.13 -38.79 25.31
C GLY I 568 12.35 -38.19 26.46
N GLY I 569 11.07 -38.56 26.59
CA GLY I 569 10.25 -37.99 27.64
C GLY I 569 8.85 -38.57 27.57
N ASN I 570 7.94 -37.92 28.29
CA ASN I 570 6.55 -38.39 28.31
C ASN I 570 5.92 -38.31 26.93
N ILE I 571 6.20 -37.24 26.18
CA ILE I 571 5.67 -37.09 24.83
C ILE I 571 6.81 -37.01 23.84
N GLY I 572 7.67 -36.01 24.00
CA GLY I 572 8.74 -35.79 23.04
C GLY I 572 8.23 -35.47 21.66
N ASP I 573 7.26 -34.54 21.60
CA ASP I 573 6.63 -34.18 20.33
C ASP I 573 7.62 -33.59 19.33
N GLY I 574 8.78 -33.15 19.78
CA GLY I 574 9.81 -32.62 18.91
C GLY I 574 10.74 -33.65 18.32
N GLY I 575 10.37 -34.94 18.36
CA GLY I 575 11.23 -35.96 17.77
C GLY I 575 11.48 -35.74 16.29
N GLY I 576 10.42 -35.44 15.55
CA GLY I 576 10.60 -35.00 14.17
C GLY I 576 11.34 -33.68 14.08
N ALA I 577 11.04 -32.77 15.01
CA ALA I 577 11.79 -31.52 15.09
C ALA I 577 13.24 -31.78 15.47
N ALA I 578 13.48 -32.75 16.36
CA ALA I 578 14.85 -33.13 16.70
C ALA I 578 15.58 -33.67 15.48
N ASP I 579 14.85 -34.24 14.53
CA ASP I 579 15.49 -34.68 13.29
C ASP I 579 15.81 -33.51 12.38
N ARG I 580 15.13 -32.37 12.56
CA ARG I 580 15.38 -31.22 11.69
C ARG I 580 16.84 -30.77 11.78
N VAL I 581 17.34 -30.54 13.00
CA VAL I 581 18.72 -30.10 13.17
C VAL I 581 19.68 -31.18 12.71
N ILE I 582 19.39 -32.44 13.05
CA ILE I 582 20.25 -33.53 12.64
C ILE I 582 20.28 -33.65 11.11
N ASN I 583 19.11 -33.51 10.47
CA ASN I 583 19.08 -33.57 9.02
C ASN I 583 19.91 -32.45 8.40
N GLN I 584 19.79 -31.24 8.94
CA GLN I 584 20.60 -30.13 8.43
C GLN I 584 22.08 -30.34 8.72
N ILE I 585 22.40 -30.87 9.90
CA ILE I 585 23.79 -31.19 10.21
C ILE I 585 24.32 -32.26 9.26
N LEU I 586 23.51 -33.29 9.02
CA LEU I 586 23.92 -34.32 8.07
C LEU I 586 24.00 -33.76 6.65
N THR I 587 23.07 -32.88 6.27
CA THR I 587 23.07 -32.34 4.92
C THR I 587 24.31 -31.49 4.65
N GLU I 588 24.82 -30.82 5.68
CA GLU I 588 25.98 -29.95 5.53
C GLU I 588 27.24 -30.54 6.15
N MET I 589 27.37 -31.87 6.15
CA MET I 589 28.59 -32.50 6.62
C MET I 589 29.23 -33.31 5.50
N ASP I 590 28.41 -33.81 4.57
CA ASP I 590 28.92 -34.54 3.43
C ASP I 590 29.35 -33.62 2.29
N GLY I 591 29.12 -32.32 2.42
CA GLY I 591 29.51 -31.35 1.41
C GLY I 591 30.91 -30.79 1.55
N MET I 592 31.65 -31.19 2.59
CA MET I 592 33.00 -30.67 2.77
C MET I 592 33.94 -31.26 1.73
N SER I 593 34.88 -30.44 1.25
CA SER I 593 35.87 -30.86 0.29
C SER I 593 37.19 -31.18 0.99
N THR I 594 37.98 -32.04 0.36
CA THR I 594 39.25 -32.44 0.96
C THR I 594 40.28 -31.33 0.89
N LYS I 595 40.17 -30.43 -0.09
CA LYS I 595 41.14 -29.35 -0.23
C LYS I 595 41.12 -28.43 0.99
N LYS I 596 39.93 -28.07 1.46
CA LYS I 596 39.84 -27.28 2.69
C LYS I 596 39.93 -28.19 3.91
N ASN I 597 40.64 -27.73 4.92
CA ASN I 597 40.92 -28.52 6.12
C ASN I 597 39.99 -28.06 7.24
N VAL I 598 38.92 -28.81 7.46
CA VAL I 598 38.00 -28.57 8.56
C VAL I 598 37.82 -29.88 9.32
N PHE I 599 37.91 -29.80 10.64
CA PHE I 599 37.86 -30.96 11.52
C PHE I 599 36.67 -30.80 12.45
N ILE I 600 35.88 -31.86 12.60
CA ILE I 600 34.67 -31.82 13.41
C ILE I 600 34.82 -32.79 14.58
N ILE I 601 34.57 -32.29 15.78
CA ILE I 601 34.71 -33.08 17.00
C ILE I 601 33.44 -32.92 17.82
N GLY I 602 32.79 -34.04 18.14
CA GLY I 602 31.58 -33.99 18.94
C GLY I 602 31.73 -34.73 20.25
N ALA I 603 31.27 -34.14 21.34
CA ALA I 603 31.38 -34.73 22.67
C ALA I 603 29.99 -35.13 23.16
N THR I 604 29.93 -36.26 23.87
CA THR I 604 28.67 -36.77 24.37
C THR I 604 28.93 -37.58 25.63
N ASN I 605 27.87 -37.77 26.43
CA ASN I 605 27.94 -38.52 27.67
C ASN I 605 26.89 -39.61 27.79
N ARG I 606 26.07 -39.84 26.78
CA ARG I 606 25.13 -40.96 26.73
C ARG I 606 25.25 -41.62 25.36
N PRO I 607 26.34 -42.36 25.13
CA PRO I 607 26.62 -42.86 23.77
C PRO I 607 25.60 -43.85 23.26
N ASP I 608 24.77 -44.44 24.14
CA ASP I 608 23.76 -45.38 23.69
C ASP I 608 22.50 -44.68 23.17
N ILE I 609 22.37 -43.37 23.37
CA ILE I 609 21.17 -42.65 22.95
C ILE I 609 21.34 -41.88 21.66
N ILE I 610 22.56 -41.76 21.14
CA ILE I 610 22.78 -41.08 19.88
C ILE I 610 22.16 -41.88 18.74
N ASP I 611 21.49 -41.19 17.83
CA ASP I 611 20.84 -41.85 16.71
C ASP I 611 21.87 -42.58 15.86
N PRO I 612 21.55 -43.78 15.37
CA PRO I 612 22.52 -44.53 14.55
C PRO I 612 22.86 -43.85 13.23
N ALA I 613 22.05 -42.89 12.78
CA ALA I 613 22.31 -42.24 11.49
C ALA I 613 23.62 -41.47 11.52
N ILE I 614 23.94 -40.82 12.63
CA ILE I 614 25.15 -39.99 12.71
C ILE I 614 26.39 -40.85 12.50
N LEU I 615 26.44 -41.99 13.16
CA LEU I 615 27.62 -42.86 13.10
C LEU I 615 27.54 -43.68 11.82
N ARG I 616 28.50 -43.46 10.91
CA ARG I 616 28.49 -44.09 9.59
C ARG I 616 29.83 -43.83 8.96
N PRO I 617 30.35 -44.75 8.14
CA PRO I 617 31.59 -44.46 7.42
C PRO I 617 31.44 -43.24 6.53
N GLY I 618 32.51 -42.45 6.45
CA GLY I 618 32.52 -41.20 5.72
C GLY I 618 32.26 -39.97 6.57
N ARG I 619 31.73 -40.14 7.77
CA ARG I 619 31.45 -39.07 8.72
C ARG I 619 32.29 -39.30 9.97
N LEU I 620 32.00 -38.53 11.01
CA LEU I 620 32.65 -38.78 12.30
C LEU I 620 32.34 -40.19 12.76
N ASP I 621 33.36 -41.04 12.82
CA ASP I 621 33.14 -42.45 13.12
C ASP I 621 34.13 -43.06 14.10
N GLN I 622 35.27 -42.44 14.37
CA GLN I 622 36.22 -42.98 15.33
C GLN I 622 35.66 -42.79 16.73
N LEU I 623 35.41 -43.90 17.43
CA LEU I 623 34.89 -43.86 18.79
C LEU I 623 36.08 -43.93 19.74
N ILE I 624 36.15 -42.98 20.66
CA ILE I 624 37.21 -42.93 21.67
C ILE I 624 36.54 -42.83 23.04
N TYR I 625 36.90 -43.75 23.94
CA TYR I 625 36.38 -43.76 25.29
C TYR I 625 37.41 -43.16 26.23
N ILE I 626 37.05 -42.05 26.87
CA ILE I 626 37.94 -41.33 27.77
C ILE I 626 37.76 -41.91 29.18
N PRO I 627 38.77 -42.57 29.75
CA PRO I 627 38.59 -43.17 31.08
C PRO I 627 38.94 -42.21 32.21
N LEU I 628 38.52 -42.56 33.43
CA LEU I 628 38.87 -41.79 34.61
C LEU I 628 40.37 -41.88 34.88
N PRO I 629 41.01 -40.78 35.28
CA PRO I 629 42.44 -40.84 35.57
C PRO I 629 42.76 -41.79 36.71
N ASP I 630 43.93 -42.42 36.61
CA ASP I 630 44.33 -43.48 37.54
C ASP I 630 45.55 -43.03 38.34
N GLU I 631 45.41 -43.01 39.67
CA GLU I 631 46.48 -42.80 40.64
C GLU I 631 47.51 -41.75 40.20
N LYS I 632 48.62 -42.21 39.60
CA LYS I 632 49.68 -41.31 39.19
C LYS I 632 49.17 -40.22 38.27
N SER I 633 48.22 -40.56 37.40
CA SER I 633 47.55 -39.54 36.61
C SER I 633 46.63 -38.69 37.47
N ARG I 634 45.98 -39.30 38.47
CA ARG I 634 45.07 -38.58 39.34
C ARG I 634 45.78 -37.58 40.23
N VAL I 635 47.11 -37.66 40.35
CA VAL I 635 47.87 -36.62 41.03
C VAL I 635 48.17 -35.45 40.11
N ALA I 636 48.22 -35.70 38.79
CA ALA I 636 48.48 -34.62 37.85
C ALA I 636 47.32 -33.63 37.80
N ILE I 637 46.10 -34.10 38.03
CA ILE I 637 44.97 -33.18 38.16
C ILE I 637 45.17 -32.26 39.35
N LEU I 638 45.63 -32.82 40.47
CA LEU I 638 45.89 -32.01 41.65
C LEU I 638 46.97 -30.97 41.36
N LYS I 639 48.01 -31.35 40.60
CA LYS I 639 49.03 -30.39 40.20
C LYS I 639 48.47 -29.29 39.31
N ALA I 640 47.35 -29.54 38.62
CA ALA I 640 46.73 -28.52 37.79
C ALA I 640 46.18 -27.37 38.61
N ASN I 641 46.01 -27.54 39.92
CA ASN I 641 45.64 -26.44 40.80
C ASN I 641 46.82 -25.95 41.63
N LEU I 642 47.99 -26.56 41.48
CA LEU I 642 49.22 -26.02 42.05
C LEU I 642 49.85 -24.96 41.16
N ARG I 643 49.27 -24.70 39.99
CA ARG I 643 49.67 -23.57 39.16
C ARG I 643 49.33 -22.23 39.83
N LYS I 644 48.51 -22.26 40.87
CA LYS I 644 48.31 -21.14 41.77
C LYS I 644 49.48 -21.11 42.76
N SER I 645 49.33 -20.40 43.87
CA SER I 645 50.42 -20.42 44.84
C SER I 645 50.01 -21.05 46.17
N PRO I 646 49.56 -22.32 46.19
CA PRO I 646 49.20 -22.95 47.47
C PRO I 646 50.37 -23.72 48.09
N VAL I 647 51.43 -22.99 48.47
CA VAL I 647 52.58 -23.60 49.12
C VAL I 647 52.20 -23.80 50.58
N ALA I 648 51.83 -25.03 50.92
CA ALA I 648 51.36 -25.38 52.27
C ALA I 648 52.50 -26.07 53.01
N LYS I 649 53.48 -25.27 53.44
CA LYS I 649 54.70 -25.71 54.09
C LYS I 649 55.20 -27.04 53.53
N ASP I 650 55.54 -27.99 54.40
CA ASP I 650 55.87 -29.36 53.98
C ASP I 650 54.57 -30.07 53.59
N VAL I 651 54.05 -29.70 52.41
CA VAL I 651 52.76 -30.22 51.97
C VAL I 651 52.84 -31.73 51.70
N ASP I 652 53.97 -32.20 51.16
CA ASP I 652 54.18 -33.62 50.87
C ASP I 652 53.07 -34.15 49.97
N LEU I 653 53.06 -33.65 48.73
CA LEU I 653 52.00 -33.99 47.78
C LEU I 653 51.87 -35.49 47.59
N GLU I 654 52.96 -36.24 47.75
CA GLU I 654 52.86 -37.70 47.71
C GLU I 654 51.96 -38.22 48.83
N PHE I 655 52.07 -37.65 50.02
CA PHE I 655 51.13 -37.95 51.08
C PHE I 655 49.72 -37.54 50.68
N LEU I 656 49.58 -36.36 50.08
CA LEU I 656 48.29 -35.92 49.57
C LEU I 656 47.82 -36.77 48.39
N ALA I 657 48.72 -37.49 47.74
CA ALA I 657 48.34 -38.32 46.59
C ALA I 657 47.60 -39.58 47.03
N LYS I 658 48.06 -40.21 48.12
CA LYS I 658 47.52 -41.50 48.51
C LYS I 658 46.19 -41.41 49.25
N MET I 659 45.80 -40.21 49.70
CA MET I 659 44.52 -40.03 50.36
C MET I 659 43.44 -39.50 49.43
N THR I 660 43.70 -39.49 48.13
CA THR I 660 42.78 -38.94 47.13
C THR I 660 42.38 -40.02 46.12
N ASN I 661 42.01 -41.19 46.61
CA ASN I 661 41.79 -42.35 45.76
C ASN I 661 40.37 -42.32 45.18
N GLY I 662 40.27 -42.61 43.88
CA GLY I 662 39.01 -42.93 43.26
C GLY I 662 38.05 -41.79 43.02
N PHE I 663 38.54 -40.57 42.80
CA PHE I 663 37.66 -39.46 42.46
C PHE I 663 37.63 -39.23 40.96
N SER I 664 36.75 -38.34 40.52
CA SER I 664 36.62 -38.00 39.12
C SER I 664 37.62 -36.91 38.74
N GLY I 665 37.45 -36.36 37.54
CA GLY I 665 38.36 -35.34 37.05
C GLY I 665 38.10 -33.94 37.56
N ALA I 666 36.92 -33.39 37.24
CA ALA I 666 36.65 -32.00 37.59
C ALA I 666 36.40 -31.82 39.08
N ASP I 667 36.09 -32.90 39.80
CA ASP I 667 35.85 -32.79 41.22
C ASP I 667 37.12 -32.42 41.97
N LEU I 668 38.27 -32.94 41.51
CA LEU I 668 39.52 -32.69 42.22
C LEU I 668 39.88 -31.21 42.21
N THR I 669 39.67 -30.52 41.09
CA THR I 669 39.93 -29.09 41.05
C THR I 669 39.02 -28.34 42.01
N GLU I 670 37.77 -28.77 42.13
CA GLU I 670 36.86 -28.17 43.10
C GLU I 670 37.38 -28.34 44.52
N ILE I 671 38.05 -29.46 44.79
CA ILE I 671 38.60 -29.70 46.13
C ILE I 671 39.64 -28.63 46.47
N CYS I 672 40.55 -28.36 45.53
CA CYS I 672 41.56 -27.33 45.76
C CYS I 672 40.93 -25.96 45.92
N GLN I 673 39.91 -25.66 45.11
CA GLN I 673 39.17 -24.41 45.28
C GLN I 673 38.46 -24.36 46.62
N ARG I 674 37.83 -25.48 47.01
CA ARG I 674 37.18 -25.53 48.32
C ARG I 674 38.21 -25.43 49.44
N ALA I 675 39.36 -26.09 49.27
CA ALA I 675 40.43 -25.98 50.26
C ALA I 675 40.97 -24.55 50.32
N CYS I 676 41.11 -23.90 49.17
CA CYS I 676 41.65 -22.54 49.16
C CYS I 676 40.65 -21.55 49.71
N LYS I 677 39.35 -21.80 49.51
CA LYS I 677 38.34 -20.82 49.91
C LYS I 677 38.37 -20.55 51.41
N LEU I 678 38.49 -21.60 52.23
CA LEU I 678 38.52 -21.38 53.67
C LEU I 678 39.84 -20.75 54.11
N ALA I 679 40.92 -21.02 53.38
CA ALA I 679 42.20 -20.40 53.70
C ALA I 679 42.13 -18.89 53.52
N ILE I 680 41.42 -18.44 52.48
CA ILE I 680 41.21 -17.01 52.29
C ILE I 680 40.40 -16.43 53.45
N ARG I 681 39.35 -17.15 53.86
CA ARG I 681 38.51 -16.68 54.96
C ARG I 681 39.29 -16.61 56.26
N GLU I 682 40.10 -17.64 56.54
CA GLU I 682 40.84 -17.67 57.80
C GLU I 682 41.86 -16.54 57.88
N SER I 683 42.47 -16.18 56.74
CA SER I 683 43.39 -15.05 56.73
C SER I 683 42.68 -13.74 57.05
N ILE I 684 41.37 -13.66 56.80
CA ILE I 684 40.63 -12.45 57.11
C ILE I 684 40.55 -12.26 58.62
N GLU I 685 40.23 -13.32 59.37
CA GLU I 685 40.19 -13.19 60.83
C GLU I 685 41.55 -12.84 61.40
N SER I 686 42.62 -13.34 60.79
CA SER I 686 43.97 -13.01 61.26
C SER I 686 44.24 -11.52 61.13
N GLU I 687 43.90 -10.93 59.98
CA GLU I 687 44.11 -9.50 59.81
C GLU I 687 43.05 -8.69 60.54
N ILE I 688 41.82 -9.22 60.67
CA ILE I 688 40.82 -8.57 61.51
C ILE I 688 41.29 -8.54 62.96
N ARG I 689 41.87 -9.66 63.43
CA ARG I 689 42.50 -9.65 64.75
C ARG I 689 43.63 -8.65 64.82
N ARG I 690 44.45 -8.57 63.77
CA ARG I 690 45.58 -7.64 63.77
C ARG I 690 45.10 -6.19 63.79
N GLU I 691 44.08 -5.87 63.01
CA GLU I 691 43.63 -4.47 62.94
C GLU I 691 42.90 -4.06 64.21
N ARG I 692 42.11 -4.97 64.80
CA ARG I 692 41.44 -4.66 66.05
C ARG I 692 42.39 -4.71 67.25
N GLU I 693 43.52 -5.41 67.12
CA GLU I 693 44.56 -5.33 68.15
C GLU I 693 45.32 -4.02 68.06
N ARG I 694 45.47 -3.47 66.85
CA ARG I 694 46.13 -2.19 66.68
C ARG I 694 45.31 -1.03 67.24
N GLN I 695 44.05 -1.25 67.61
CA GLN I 695 43.26 -0.21 68.26
C GLN I 695 43.84 0.21 69.60
N THR I 696 44.62 -0.66 70.24
CA THR I 696 45.21 -0.36 71.54
C THR I 696 46.55 0.34 71.41
N ASN I 697 47.40 -0.12 70.48
CA ASN I 697 48.71 0.47 70.30
C ASN I 697 48.68 1.44 69.12
N PRO I 698 48.87 2.74 69.34
CA PRO I 698 48.80 3.71 68.23
C PRO I 698 50.09 3.70 67.41
N SER I 699 50.01 3.13 66.20
CA SER I 699 51.12 3.12 65.25
C SER I 699 52.40 2.57 65.87
N ALA I 700 52.26 1.54 66.69
CA ALA I 700 53.41 0.91 67.34
C ALA I 700 53.90 -0.27 66.50
N MET I 701 54.49 0.08 65.35
CA MET I 701 55.01 -0.90 64.39
C MET I 701 56.44 -0.51 64.04
N GLU I 702 57.40 -1.03 64.81
CA GLU I 702 58.81 -0.77 64.52
C GLU I 702 59.22 -1.37 63.18
N VAL I 703 58.74 -2.59 62.88
CA VAL I 703 59.02 -3.26 61.63
C VAL I 703 57.80 -3.15 60.72
N GLU I 704 58.03 -2.82 59.46
CA GLU I 704 56.94 -2.57 58.51
C GLU I 704 56.38 -3.91 58.05
N GLU I 705 55.22 -4.27 58.58
CA GLU I 705 54.49 -5.45 58.13
C GLU I 705 53.01 -5.24 58.40
N ASP I 706 52.19 -5.47 57.38
CA ASP I 706 50.75 -5.25 57.49
C ASP I 706 49.95 -6.55 57.48
N ASP I 707 50.41 -7.56 56.77
CA ASP I 707 49.71 -8.83 56.62
C ASP I 707 50.70 -9.95 56.88
N PRO I 708 50.23 -11.13 57.28
CA PRO I 708 51.14 -12.27 57.46
C PRO I 708 51.80 -12.76 56.18
N VAL I 709 51.57 -12.05 55.06
CA VAL I 709 52.19 -12.35 53.76
C VAL I 709 51.92 -13.80 53.36
N PRO I 710 50.67 -14.12 52.92
CA PRO I 710 50.29 -15.48 52.51
C PRO I 710 51.21 -16.63 52.90
N GLU I 711 50.92 -17.25 54.04
CA GLU I 711 51.76 -18.30 54.60
C GLU I 711 51.02 -19.63 54.64
N ILE I 712 50.31 -19.95 53.55
CA ILE I 712 49.33 -21.04 53.47
C ILE I 712 49.81 -22.29 54.18
N ARG I 713 48.95 -22.86 55.02
CA ARG I 713 49.28 -24.00 55.86
C ARG I 713 48.71 -25.29 55.27
N ARG I 714 49.29 -26.41 55.70
CA ARG I 714 48.86 -27.72 55.24
C ARG I 714 47.71 -28.28 56.07
N ASP I 715 47.73 -28.07 57.38
CA ASP I 715 46.60 -28.47 58.21
C ASP I 715 45.31 -27.82 57.71
N HIS I 716 45.40 -26.57 57.27
CA HIS I 716 44.24 -25.89 56.70
C HIS I 716 43.77 -26.59 55.44
N PHE I 717 44.71 -27.03 54.60
CA PHE I 717 44.37 -27.85 53.45
C PHE I 717 43.79 -29.20 53.87
N GLU I 718 44.39 -29.83 54.89
CA GLU I 718 43.94 -31.14 55.33
C GLU I 718 42.53 -31.07 55.92
N GLU I 719 42.25 -30.02 56.68
CA GLU I 719 40.96 -29.91 57.35
C GLU I 719 39.83 -29.81 56.33
N ALA I 720 40.08 -29.15 55.20
CA ALA I 720 39.06 -29.07 54.15
C ALA I 720 38.84 -30.40 53.45
N MET I 721 39.90 -31.19 53.26
CA MET I 721 39.77 -32.48 52.58
C MET I 721 38.83 -33.40 53.34
N ARG I 722 38.78 -33.27 54.66
CA ARG I 722 37.86 -34.09 55.46
C ARG I 722 36.42 -33.91 55.02
N PHE I 723 36.07 -32.73 54.49
CA PHE I 723 34.73 -32.46 54.00
C PHE I 723 34.68 -32.68 52.49
N ALA I 724 34.92 -33.93 52.09
CA ALA I 724 34.96 -34.30 50.68
C ALA I 724 34.31 -35.66 50.50
N ARG I 725 33.47 -35.77 49.46
CA ARG I 725 32.78 -37.01 49.15
C ARG I 725 33.06 -37.41 47.70
N ARG I 726 33.04 -38.73 47.47
CA ARG I 726 33.33 -39.28 46.15
C ARG I 726 32.22 -38.93 45.18
N SER I 727 32.59 -38.40 44.02
CA SER I 727 31.63 -38.08 42.97
C SER I 727 31.49 -39.21 41.95
N VAL I 728 32.21 -40.31 42.13
CA VAL I 728 32.17 -41.42 41.18
C VAL I 728 30.98 -42.31 41.52
N SER I 729 30.11 -42.54 40.53
CA SER I 729 28.93 -43.38 40.69
C SER I 729 29.21 -44.76 40.09
N ASP I 730 29.03 -45.80 40.90
CA ASP I 730 29.37 -47.14 40.47
C ASP I 730 28.51 -47.59 39.29
N ASN I 731 27.21 -47.25 39.31
CA ASN I 731 26.33 -47.66 38.24
C ASN I 731 26.71 -47.00 36.92
N ASP I 732 27.11 -45.73 36.95
CA ASP I 732 27.40 -45.00 35.72
C ASP I 732 28.66 -45.53 35.04
N ILE I 733 29.73 -45.73 35.81
CA ILE I 733 30.98 -46.23 35.21
C ILE I 733 30.79 -47.64 34.69
N ARG I 734 29.98 -48.45 35.39
CA ARG I 734 29.70 -49.81 34.93
C ARG I 734 28.92 -49.79 33.63
N LYS I 735 28.02 -48.82 33.46
CA LYS I 735 27.24 -48.72 32.23
C LYS I 735 28.14 -48.46 31.03
N TYR I 736 29.15 -47.59 31.21
CA TYR I 736 30.01 -47.22 30.09
C TYR I 736 30.95 -48.37 29.73
N GLU I 737 31.48 -49.06 30.73
CA GLU I 737 32.48 -50.09 30.47
C GLU I 737 31.89 -51.27 29.70
N MET I 738 30.66 -51.65 30.03
CA MET I 738 30.00 -52.72 29.27
C MET I 738 29.64 -52.24 27.88
N PHE I 739 29.27 -50.97 27.73
CA PHE I 739 29.16 -50.39 26.40
C PHE I 739 30.52 -50.33 25.73
N ALA I 740 31.58 -50.04 26.50
CA ALA I 740 32.92 -50.06 25.93
C ALA I 740 33.30 -51.46 25.46
N GLN I 741 32.99 -52.48 26.25
CA GLN I 741 33.27 -53.85 25.84
C GLN I 741 32.41 -54.27 24.65
N THR I 742 31.15 -53.84 24.64
CA THR I 742 30.27 -54.14 23.50
C THR I 742 30.82 -53.54 22.22
N LEU I 743 31.27 -52.28 22.29
CA LEU I 743 31.95 -51.68 21.15
C LEU I 743 33.31 -52.33 20.92
N GLN I 744 34.02 -52.69 21.99
CA GLN I 744 35.28 -53.41 21.85
C GLN I 744 35.06 -54.77 21.21
N GLN I 745 34.01 -55.46 21.59
CA GLN I 745 33.70 -56.78 21.05
C GLN I 745 32.33 -56.80 20.38
N ARG J 3 45.77 35.91 44.15
CA ARG J 3 44.93 36.81 44.93
C ARG J 3 43.94 36.04 45.79
N PRO J 4 43.86 36.40 47.09
CA PRO J 4 42.90 35.77 48.01
C PRO J 4 41.52 36.43 47.96
N ASN J 5 41.03 36.70 46.77
CA ASN J 5 39.73 37.32 46.58
C ASN J 5 38.82 36.56 45.64
N ARG J 6 39.37 35.93 44.61
CA ARG J 6 38.56 35.21 43.63
C ARG J 6 38.26 33.81 44.15
N LEU J 7 36.99 33.43 44.08
CA LEU J 7 36.54 32.14 44.57
C LEU J 7 35.63 31.49 43.53
N ILE J 8 35.00 30.39 43.93
CA ILE J 8 34.03 29.69 43.09
C ILE J 8 32.74 29.51 43.88
N VAL J 9 31.62 29.55 43.17
CA VAL J 9 30.31 29.55 43.79
C VAL J 9 29.70 28.16 43.67
N ASP J 10 28.76 27.87 44.57
CA ASP J 10 28.05 26.59 44.58
C ASP J 10 26.68 26.81 45.19
N GLU J 11 25.77 25.89 44.89
CA GLU J 11 24.39 26.03 45.32
C GLU J 11 24.28 25.97 46.85
N ALA J 12 23.44 26.83 47.42
CA ALA J 12 23.23 26.90 48.84
C ALA J 12 22.02 26.05 49.25
N ILE J 13 21.67 26.10 50.53
CA ILE J 13 20.61 25.24 51.06
C ILE J 13 19.51 26.07 51.72
N ASN J 14 19.86 26.83 52.75
CA ASN J 14 18.86 27.47 53.61
C ASN J 14 18.58 28.92 53.22
N GLU J 15 18.01 29.11 52.03
CA GLU J 15 17.40 30.36 51.56
C GLU J 15 18.07 31.63 52.10
N ASP J 16 17.29 32.54 52.68
CA ASP J 16 17.83 33.72 53.36
C ASP J 16 18.69 34.55 52.41
N ASN J 17 18.00 35.23 51.48
CA ASN J 17 18.58 35.79 50.27
C ASN J 17 19.79 36.69 50.49
N SER J 18 20.15 36.95 51.74
CA SER J 18 21.38 37.70 51.99
C SER J 18 22.34 36.92 52.88
N VAL J 19 22.62 35.66 52.55
CA VAL J 19 23.61 34.86 53.25
C VAL J 19 24.60 34.26 52.25
N VAL J 20 25.87 34.23 52.65
CA VAL J 20 26.92 33.52 51.92
C VAL J 20 27.75 32.74 52.93
N SER J 21 28.31 31.61 52.48
CA SER J 21 29.08 30.73 53.34
C SER J 21 30.57 30.86 53.05
N LEU J 22 31.36 31.05 54.09
CA LEU J 22 32.81 31.15 53.98
C LEU J 22 33.47 30.28 55.04
N SER J 23 34.70 29.86 54.76
CA SER J 23 35.48 29.09 55.71
C SER J 23 36.10 30.01 56.76
N GLN J 24 36.38 29.43 57.93
CA GLN J 24 36.96 30.20 59.02
C GLN J 24 38.31 30.81 58.67
N PRO J 25 39.29 30.06 58.16
CA PRO J 25 40.61 30.69 57.87
C PRO J 25 40.55 31.79 56.84
N LYS J 26 39.62 31.73 55.89
CA LYS J 26 39.57 32.75 54.85
C LYS J 26 39.32 34.13 55.42
N MET J 27 38.33 34.24 56.32
CA MET J 27 38.09 35.51 56.98
C MET J 27 39.16 35.82 58.02
N ASP J 28 39.84 34.79 58.53
CA ASP J 28 40.94 35.02 59.46
C ASP J 28 42.08 35.76 58.78
N GLU J 29 42.39 35.41 57.54
CA GLU J 29 43.43 36.08 56.77
C GLU J 29 42.92 37.28 55.99
N LEU J 30 41.62 37.55 56.01
CA LEU J 30 41.03 38.69 55.33
C LEU J 30 40.49 39.73 56.30
N GLN J 31 40.98 39.75 57.53
CA GLN J 31 40.59 40.68 58.59
C GLN J 31 39.08 40.95 58.59
N LEU J 32 38.32 39.86 58.73
CA LEU J 32 36.87 39.91 58.73
C LEU J 32 36.33 39.43 60.07
N PHE J 33 35.17 39.97 60.45
CA PHE J 33 34.49 39.60 61.68
C PHE J 33 33.03 39.26 61.37
N ARG J 34 32.35 38.73 62.37
CA ARG J 34 30.94 38.38 62.22
C ARG J 34 30.10 39.63 62.00
N GLY J 35 29.17 39.55 61.06
CA GLY J 35 28.26 40.65 60.79
C GLY J 35 28.87 41.82 60.05
N ASP J 36 30.08 41.67 59.52
CA ASP J 36 30.70 42.73 58.74
C ASP J 36 30.17 42.70 57.31
N THR J 37 29.43 43.73 56.94
CA THR J 37 28.89 43.80 55.59
C THR J 37 30.03 43.87 54.59
N VAL J 38 29.86 43.17 53.46
CA VAL J 38 30.91 43.03 52.46
C VAL J 38 30.34 43.41 51.09
N LEU J 39 31.23 43.91 50.24
CA LEU J 39 30.88 44.26 48.87
C LEU J 39 31.28 43.11 47.96
N LEU J 40 30.39 42.73 47.06
CA LEU J 40 30.63 41.67 46.09
C LEU J 40 30.52 42.24 44.69
N LYS J 41 31.50 41.95 43.85
CA LYS J 41 31.54 42.47 42.48
C LYS J 41 31.82 41.32 41.52
N GLY J 42 31.18 41.37 40.36
CA GLY J 42 31.33 40.34 39.35
C GLY J 42 31.23 40.89 37.95
N LYS J 43 30.66 40.11 37.05
CA LYS J 43 30.56 40.49 35.65
C LYS J 43 29.69 41.73 35.46
N LYS J 44 29.96 42.46 34.38
CA LYS J 44 29.20 43.63 33.96
C LYS J 44 29.24 44.75 35.00
N ARG J 45 30.29 44.79 35.81
CA ARG J 45 30.47 45.83 36.83
C ARG J 45 29.25 45.93 37.73
N ARG J 46 28.67 44.79 38.06
CA ARG J 46 27.48 44.73 38.90
C ARG J 46 27.87 44.40 40.33
N GLU J 47 27.25 45.10 41.28
CA GLU J 47 27.59 44.98 42.68
C GLU J 47 26.38 44.52 43.48
N ALA J 48 26.61 43.62 44.43
CA ALA J 48 25.60 43.21 45.39
C ALA J 48 26.23 43.18 46.77
N VAL J 49 25.40 43.38 47.79
CA VAL J 49 25.86 43.45 49.17
C VAL J 49 25.22 42.30 49.95
N CYS J 50 26.01 41.67 50.82
CA CYS J 50 25.56 40.56 51.61
C CYS J 50 26.17 40.63 53.01
N ILE J 51 25.83 39.66 53.83
CA ILE J 51 26.37 39.55 55.19
C ILE J 51 27.10 38.22 55.30
N VAL J 52 28.22 38.23 56.01
CA VAL J 52 29.09 37.07 56.10
C VAL J 52 28.76 36.26 57.35
N LEU J 53 28.75 34.93 57.20
CA LEU J 53 28.59 34.05 58.34
C LEU J 53 29.35 32.76 58.06
N SER J 54 29.67 32.04 59.14
CA SER J 54 30.49 30.85 59.04
C SER J 54 29.70 29.67 58.50
N ASP J 55 30.43 28.66 58.05
CA ASP J 55 29.85 27.39 57.64
C ASP J 55 30.72 26.26 58.16
N ASP J 56 30.08 25.13 58.49
CA ASP J 56 30.80 24.04 59.12
C ASP J 56 31.79 23.38 58.16
N THR J 57 31.32 23.06 56.96
CA THR J 57 32.10 22.27 56.01
C THR J 57 32.56 23.10 54.81
N CYS J 58 32.59 24.42 54.93
CA CYS J 58 32.99 25.27 53.82
C CYS J 58 34.50 25.21 53.62
N SER J 59 34.91 24.95 52.38
CA SER J 59 36.32 24.94 52.05
C SER J 59 36.82 26.38 51.83
N ASP J 60 38.13 26.51 51.62
CA ASP J 60 38.74 27.82 51.54
C ASP J 60 38.27 28.58 50.31
N GLU J 61 38.34 27.95 49.14
CA GLU J 61 38.11 28.65 47.88
C GLU J 61 36.69 28.53 47.36
N LYS J 62 35.79 27.89 48.10
CA LYS J 62 34.41 27.72 47.68
C LYS J 62 33.48 28.55 48.56
N ILE J 63 32.55 29.26 47.94
CA ILE J 63 31.57 30.08 48.62
C ILE J 63 30.18 29.63 48.17
N ARG J 64 29.27 29.46 49.12
CA ARG J 64 27.94 28.95 48.85
C ARG J 64 26.97 30.12 48.71
N MET J 65 26.12 30.06 47.69
CA MET J 65 25.26 31.18 47.34
C MET J 65 23.99 30.65 46.68
N ASN J 66 22.84 31.16 47.12
CA ASN J 66 21.56 30.73 46.60
C ASN J 66 21.31 31.38 45.24
N ARG J 67 20.13 31.17 44.68
CA ARG J 67 19.89 31.60 43.31
C ARG J 67 19.68 33.10 43.18
N VAL J 68 19.10 33.74 44.20
CA VAL J 68 18.75 35.15 44.08
C VAL J 68 20.00 36.01 43.99
N VAL J 69 21.03 35.70 44.76
CA VAL J 69 22.24 36.54 44.74
C VAL J 69 22.99 36.37 43.43
N ARG J 70 23.09 35.15 42.92
CA ARG J 70 23.80 34.92 41.67
C ARG J 70 23.13 35.65 40.51
N ASN J 71 21.81 35.66 40.48
CA ASN J 71 21.10 36.32 39.40
C ASN J 71 21.43 37.81 39.35
N ASN J 72 21.60 38.44 40.52
CA ASN J 72 21.99 39.84 40.55
C ASN J 72 23.40 40.03 40.03
N LEU J 73 24.33 39.17 40.44
CA LEU J 73 25.72 39.29 40.02
C LEU J 73 25.94 38.89 38.57
N ARG J 74 24.94 38.29 37.91
CA ARG J 74 25.06 37.81 36.54
C ARG J 74 26.21 36.81 36.38
N VAL J 75 26.40 35.98 37.41
CA VAL J 75 27.38 34.90 37.34
C VAL J 75 26.64 33.58 37.31
N ARG J 76 27.37 32.49 37.08
CA ARG J 76 26.80 31.16 37.06
C ARG J 76 27.64 30.27 37.95
N LEU J 77 27.34 28.97 37.93
CA LEU J 77 28.07 28.03 38.76
C LEU J 77 29.54 28.04 38.42
N GLY J 78 30.39 27.87 39.44
CA GLY J 78 31.81 27.71 39.22
C GLY J 78 32.51 28.88 38.55
N ASP J 79 31.95 30.08 38.63
CA ASP J 79 32.60 31.26 38.05
C ASP J 79 33.48 31.92 39.10
N VAL J 80 33.95 33.13 38.84
CA VAL J 80 34.85 33.85 39.73
C VAL J 80 34.19 35.14 40.18
N ILE J 81 34.29 35.43 41.48
CA ILE J 81 33.69 36.62 42.07
C ILE J 81 34.75 37.37 42.88
N SER J 82 34.50 38.65 43.11
CA SER J 82 35.40 39.51 43.86
C SER J 82 34.72 39.96 45.15
N ILE J 83 35.41 39.80 46.27
CA ILE J 83 34.89 40.13 47.59
C ILE J 83 35.76 41.21 48.22
N GLN J 84 35.13 42.25 48.73
CA GLN J 84 35.82 43.38 49.34
C GLN J 84 35.01 43.91 50.51
N PRO J 85 35.51 43.77 51.75
CA PRO J 85 34.76 44.27 52.91
C PRO J 85 34.63 45.78 52.89
N CYS J 86 33.40 46.28 52.92
CA CYS J 86 33.11 47.71 52.88
C CYS J 86 32.09 48.04 53.97
N PRO J 87 32.52 48.05 55.24
CA PRO J 87 31.60 48.31 56.35
C PRO J 87 31.52 49.79 56.73
N ASP J 88 31.10 50.62 55.78
CA ASP J 88 30.91 52.05 56.02
C ASP J 88 29.63 52.53 55.36
N VAL J 89 28.56 51.77 55.50
CA VAL J 89 27.29 52.06 54.86
C VAL J 89 26.37 52.80 55.81
N LYS J 90 25.73 53.85 55.32
CA LYS J 90 24.85 54.71 56.10
C LYS J 90 23.39 54.32 55.87
N TYR J 91 22.56 54.61 56.87
CA TYR J 91 21.15 54.24 56.80
C TYR J 91 20.44 55.01 55.69
N GLY J 92 19.36 54.41 55.20
CA GLY J 92 18.59 55.01 54.13
C GLY J 92 17.44 55.85 54.62
N LYS J 93 17.09 56.86 53.84
CA LYS J 93 15.99 57.77 54.17
C LYS J 93 14.70 57.42 53.46
N ARG J 94 14.76 56.97 52.20
CA ARG J 94 13.57 56.61 51.46
C ARG J 94 13.94 55.67 50.33
N ILE J 95 13.10 54.65 50.11
CA ILE J 95 13.30 53.70 49.03
C ILE J 95 12.00 53.63 48.22
N HIS J 96 12.16 53.30 46.94
CA HIS J 96 11.03 53.15 46.02
C HIS J 96 11.15 51.81 45.32
N VAL J 97 10.32 50.85 45.73
CA VAL J 97 10.33 49.50 45.19
C VAL J 97 9.00 49.25 44.50
N LEU J 98 9.02 48.47 43.43
CA LEU J 98 7.84 48.17 42.64
C LEU J 98 7.88 46.73 42.16
N PRO J 99 6.73 46.13 41.88
CA PRO J 99 6.69 44.75 41.39
C PRO J 99 6.90 44.69 39.88
N ILE J 100 6.90 43.47 39.36
CA ILE J 100 6.98 43.21 37.93
C ILE J 100 5.59 42.87 37.42
N ASP J 101 5.27 43.30 36.20
CA ASP J 101 3.92 43.11 35.67
C ASP J 101 3.57 41.63 35.53
N ASP J 102 4.47 40.84 34.96
CA ASP J 102 4.11 39.44 34.75
C ASP J 102 4.34 38.58 36.00
N THR J 103 3.96 39.13 37.15
CA THR J 103 3.88 38.36 38.38
C THR J 103 2.70 38.73 39.26
N VAL J 104 2.02 39.86 39.02
CA VAL J 104 0.95 40.32 39.90
C VAL J 104 -0.34 40.51 39.11
N GLU J 105 -0.57 39.67 38.12
CA GLU J 105 -1.78 39.77 37.32
C GLU J 105 -3.01 39.57 38.20
N GLY J 106 -3.83 40.61 38.31
CA GLY J 106 -5.06 40.49 39.07
C GLY J 106 -4.89 40.19 40.54
N ILE J 107 -4.01 40.95 41.21
CA ILE J 107 -3.80 40.81 42.65
C ILE J 107 -4.20 42.07 43.40
N THR J 108 -3.52 43.19 43.10
CA THR J 108 -3.77 44.45 43.81
C THR J 108 -3.66 44.27 45.32
N GLY J 109 -4.43 45.04 46.07
CA GLY J 109 -4.41 44.94 47.52
C GLY J 109 -3.28 45.71 48.14
N ASN J 110 -3.18 45.58 49.46
CA ASN J 110 -2.17 46.29 50.25
C ASN J 110 -0.89 45.46 50.25
N LEU J 111 -0.07 45.66 49.23
CA LEU J 111 1.18 44.92 49.10
C LEU J 111 2.10 45.18 50.29
N PHE J 112 2.14 46.42 50.77
CA PHE J 112 3.09 46.79 51.82
C PHE J 112 2.84 46.02 53.12
N GLU J 113 1.65 45.46 53.29
CA GLU J 113 1.35 44.74 54.52
C GLU J 113 1.55 43.24 54.40
N VAL J 114 1.22 42.65 53.26
CA VAL J 114 1.30 41.20 53.10
C VAL J 114 2.68 40.71 52.66
N TYR J 115 3.43 41.50 51.90
CA TYR J 115 4.70 41.05 51.34
C TYR J 115 5.89 41.77 51.95
N LEU J 116 5.95 43.10 51.86
CA LEU J 116 7.13 43.82 52.30
C LEU J 116 7.27 43.83 53.82
N LYS J 117 6.16 44.02 54.54
CA LYS J 117 6.24 44.11 55.99
C LYS J 117 6.80 42.86 56.64
N PRO J 118 6.39 41.64 56.28
CA PRO J 118 7.01 40.47 56.92
C PRO J 118 8.44 40.21 56.47
N TYR J 119 8.77 40.57 55.23
CA TYR J 119 10.11 40.30 54.72
C TYR J 119 11.17 41.17 55.37
N PHE J 120 10.88 42.47 55.55
CA PHE J 120 11.84 43.43 56.07
C PHE J 120 11.69 43.66 57.57
N LEU J 121 11.27 42.65 58.33
CA LEU J 121 11.01 42.83 59.76
C LEU J 121 12.16 42.24 60.57
N GLU J 122 12.84 43.11 61.32
CA GLU J 122 13.92 42.70 62.24
C GLU J 122 15.01 41.91 61.51
N ALA J 123 15.33 42.33 60.28
CA ALA J 123 16.37 41.70 59.51
C ALA J 123 17.49 42.62 59.10
N TYR J 124 17.26 43.93 59.05
CA TYR J 124 18.29 44.91 58.69
C TYR J 124 18.89 44.57 57.33
N ARG J 125 18.02 44.30 56.37
CA ARG J 125 18.47 43.81 55.07
C ARG J 125 19.12 44.94 54.27
N PRO J 126 20.38 44.81 53.87
CA PRO J 126 20.99 45.83 53.02
C PRO J 126 20.67 45.58 51.55
N ILE J 127 20.47 46.67 50.82
CA ILE J 127 20.11 46.59 49.41
C ILE J 127 20.98 47.55 48.61
N ARG J 128 21.02 47.32 47.31
CA ARG J 128 21.70 48.19 46.37
C ARG J 128 20.76 48.50 45.21
N LYS J 129 20.87 49.71 44.68
CA LYS J 129 19.95 50.16 43.64
C LYS J 129 19.99 49.23 42.44
N GLY J 130 18.80 48.82 41.99
CA GLY J 130 18.66 48.03 40.79
C GLY J 130 18.53 46.53 40.96
N ASP J 131 18.69 46.01 42.18
CA ASP J 131 18.65 44.57 42.36
C ASP J 131 17.23 44.05 42.34
N ILE J 132 17.10 42.72 42.38
CA ILE J 132 15.82 42.04 42.35
C ILE J 132 15.79 41.01 43.46
N PHE J 133 14.69 40.95 44.20
CA PHE J 133 14.51 39.95 45.25
C PHE J 133 13.12 39.36 45.14
N LEU J 134 13.00 38.10 45.53
CA LEU J 134 11.77 37.33 45.37
C LEU J 134 11.13 37.07 46.72
N VAL J 135 9.87 37.46 46.86
CA VAL J 135 9.13 37.34 48.11
C VAL J 135 8.12 36.21 47.96
N ARG J 136 8.09 35.30 48.93
CA ARG J 136 7.19 34.15 48.88
C ARG J 136 5.82 34.58 49.40
N GLY J 137 4.82 34.56 48.51
CA GLY J 137 3.51 35.06 48.84
C GLY J 137 2.61 33.98 49.42
N GLY J 138 1.32 34.32 49.52
CA GLY J 138 0.36 33.38 50.05
C GLY J 138 0.14 32.19 49.14
N MET J 139 0.07 32.42 47.84
CA MET J 139 -0.03 31.34 46.88
C MET J 139 0.84 31.56 45.65
N ARG J 140 1.56 32.67 45.54
CA ARG J 140 2.45 32.96 44.43
C ARG J 140 3.83 33.31 44.95
N ALA J 141 4.68 33.78 44.05
CA ALA J 141 6.01 34.26 44.39
C ALA J 141 6.24 35.55 43.64
N VAL J 142 5.98 36.68 44.30
CA VAL J 142 6.05 38.00 43.67
C VAL J 142 7.46 38.54 43.85
N GLU J 143 8.06 38.98 42.75
CA GLU J 143 9.41 39.52 42.77
C GLU J 143 9.39 41.00 42.44
N PHE J 144 10.00 41.79 43.31
CA PHE J 144 10.02 43.24 43.20
C PHE J 144 11.30 43.72 42.56
N LYS J 145 11.49 45.03 42.56
CA LYS J 145 12.68 45.66 42.00
C LYS J 145 12.93 46.96 42.73
N VAL J 146 14.16 47.15 43.20
CA VAL J 146 14.56 48.41 43.83
C VAL J 146 14.93 49.38 42.71
N VAL J 147 13.97 50.24 42.33
CA VAL J 147 14.18 51.08 41.17
C VAL J 147 14.81 52.43 41.52
N GLU J 148 14.67 52.89 42.76
CA GLU J 148 15.25 54.15 43.18
C GLU J 148 15.43 54.13 44.69
N THR J 149 16.46 54.82 45.17
CA THR J 149 16.75 54.85 46.59
C THR J 149 17.50 56.13 46.93
N ASP J 150 17.71 56.33 48.23
CA ASP J 150 18.46 57.47 48.74
C ASP J 150 18.84 57.22 50.20
N PRO J 151 20.10 57.43 50.58
CA PRO J 151 21.23 57.88 49.76
C PRO J 151 21.80 56.77 48.91
N SER J 152 21.94 57.01 47.62
CA SER J 152 22.38 56.02 46.66
C SER J 152 23.83 55.64 46.91
N PRO J 153 24.18 54.36 46.68
CA PRO J 153 23.30 53.25 46.37
C PRO J 153 23.14 52.29 47.56
N TYR J 154 24.02 52.37 48.55
CA TYR J 154 24.04 51.43 49.66
C TYR J 154 23.23 52.01 50.81
N CYS J 155 22.04 51.46 51.04
CA CYS J 155 21.13 51.99 52.06
C CYS J 155 20.42 50.83 52.75
N ILE J 156 20.95 50.40 53.88
CA ILE J 156 20.37 49.31 54.66
C ILE J 156 19.06 49.78 55.26
N VAL J 157 18.04 48.92 55.19
CA VAL J 157 16.74 49.26 55.74
C VAL J 157 16.81 49.27 57.27
N ALA J 158 16.29 50.32 57.88
CA ALA J 158 16.37 50.58 59.30
C ALA J 158 14.97 50.66 59.90
N PRO J 159 14.84 50.42 61.21
CA PRO J 159 13.52 50.45 61.84
C PRO J 159 12.79 51.79 61.74
N ASP J 160 13.46 52.82 61.24
CA ASP J 160 12.82 54.11 60.96
C ASP J 160 13.20 54.51 59.54
N THR J 161 12.45 54.01 58.57
CA THR J 161 12.76 54.22 57.16
C THR J 161 11.45 54.34 56.38
N VAL J 162 11.55 54.91 55.18
CA VAL J 162 10.39 55.19 54.34
C VAL J 162 10.41 54.25 53.15
N ILE J 163 9.29 53.55 52.94
CA ILE J 163 9.13 52.62 51.82
C ILE J 163 8.02 53.13 50.93
N HIS J 164 8.34 53.34 49.65
CA HIS J 164 7.37 53.79 48.65
C HIS J 164 7.04 52.61 47.75
N CYS J 165 5.93 51.92 48.03
CA CYS J 165 5.56 50.73 47.29
C CYS J 165 4.48 50.97 46.25
N GLU J 166 4.13 52.24 45.99
CA GLU J 166 3.05 52.58 45.07
C GLU J 166 3.62 52.93 43.70
N GLY J 167 2.84 52.68 42.66
CA GLY J 167 3.22 53.02 41.32
C GLY J 167 2.90 51.90 40.35
N GLU J 168 2.94 52.23 39.06
CA GLU J 168 2.70 51.24 38.02
C GLU J 168 3.92 50.30 37.94
N PRO J 169 3.71 49.00 37.85
CA PRO J 169 4.84 48.07 37.88
C PRO J 169 5.68 48.13 36.62
N ILE J 170 6.96 47.77 36.77
CA ILE J 170 7.93 47.87 35.69
C ILE J 170 7.75 46.71 34.73
N LYS J 171 7.92 46.99 33.44
CA LYS J 171 7.91 45.92 32.44
C LYS J 171 9.09 44.99 32.64
N ARG J 172 8.85 43.69 32.45
CA ARG J 172 9.93 42.71 32.54
C ARG J 172 10.91 42.93 31.40
N GLU J 173 12.10 43.43 31.75
CA GLU J 173 13.11 43.73 30.75
C GLU J 173 13.84 42.45 30.33
N ASP J 174 14.66 42.59 29.29
CA ASP J 174 15.37 41.47 28.71
C ASP J 174 16.72 41.27 29.40
N GLU J 175 17.62 40.54 28.75
CA GLU J 175 18.91 40.10 29.30
C GLU J 175 18.73 39.06 30.40
N GLU J 176 18.35 39.48 31.60
CA GLU J 176 18.39 38.57 32.73
C GLU J 176 17.30 37.51 32.62
N GLU J 177 17.61 36.31 33.10
CA GLU J 177 16.62 35.26 33.18
C GLU J 177 15.78 35.44 34.44
N SER J 178 14.50 35.10 34.32
CA SER J 178 13.59 35.20 35.45
C SER J 178 14.03 34.28 36.58
N LEU J 179 13.65 34.63 37.80
CA LEU J 179 13.97 33.86 38.99
C LEU J 179 12.95 32.76 39.26
N ASN J 180 11.99 32.56 38.34
CA ASN J 180 10.93 31.59 38.53
C ASN J 180 11.09 30.33 37.67
N GLU J 181 11.98 30.33 36.69
CA GLU J 181 12.12 29.17 35.83
C GLU J 181 13.00 28.13 36.51
N VAL J 182 13.09 26.95 35.91
CA VAL J 182 13.59 25.74 36.56
C VAL J 182 15.08 25.88 36.87
N GLY J 183 15.55 25.11 37.85
CA GLY J 183 16.95 25.13 38.24
C GLY J 183 17.29 23.84 38.95
N TYR J 184 18.52 23.75 39.44
CA TYR J 184 18.96 22.52 40.09
C TYR J 184 18.24 22.28 41.41
N ASP J 185 17.64 23.31 41.99
CA ASP J 185 16.91 23.17 43.24
C ASP J 185 15.44 22.87 43.04
N ASP J 186 15.06 22.42 41.84
CA ASP J 186 13.68 22.13 41.49
C ASP J 186 13.49 20.69 41.05
N ILE J 187 14.38 19.80 41.48
CA ILE J 187 14.28 18.37 41.18
C ILE J 187 14.58 17.60 42.46
N GLY J 188 13.85 16.51 42.68
CA GLY J 188 14.11 15.64 43.80
C GLY J 188 13.83 14.20 43.43
N GLY J 189 14.42 13.29 44.19
CA GLY J 189 14.32 11.88 43.89
C GLY J 189 15.24 11.41 42.79
N CYS J 190 16.05 12.29 42.23
CA CYS J 190 17.01 11.98 41.18
C CYS J 190 18.35 12.61 41.48
N ARG J 191 18.86 12.40 42.70
CA ARG J 191 20.14 12.99 43.06
C ARG J 191 21.31 12.24 42.43
N LYS J 192 21.13 10.95 42.16
CA LYS J 192 22.20 10.17 41.54
C LYS J 192 22.26 10.41 40.04
N GLN J 193 21.11 10.32 39.36
CA GLN J 193 21.10 10.44 37.91
C GLN J 193 21.47 11.86 37.46
N LEU J 194 21.03 12.86 38.21
CA LEU J 194 21.40 14.23 37.88
C LEU J 194 22.87 14.51 38.18
N ALA J 195 23.55 13.58 38.86
CA ALA J 195 24.99 13.71 39.02
C ALA J 195 25.73 13.17 37.79
N GLN J 196 25.16 12.17 37.12
CA GLN J 196 25.78 11.63 35.92
C GLN J 196 25.61 12.57 34.73
N ILE J 197 24.42 13.15 34.57
CA ILE J 197 24.20 14.09 33.47
C ILE J 197 25.05 15.33 33.65
N LYS J 198 25.26 15.75 34.90
CA LYS J 198 25.93 17.03 35.14
C LYS J 198 27.42 16.94 34.84
N GLU J 199 28.07 15.84 35.23
CA GLU J 199 29.51 15.74 35.00
C GLU J 199 29.83 15.53 33.52
N MET J 200 28.93 14.92 32.77
CA MET J 200 29.16 14.62 31.37
C MET J 200 28.91 15.82 30.46
N VAL J 201 28.14 16.81 30.92
CA VAL J 201 27.73 17.92 30.09
C VAL J 201 28.26 19.26 30.58
N GLU J 202 28.74 19.35 31.82
CA GLU J 202 29.21 20.63 32.32
C GLU J 202 30.46 21.11 31.58
N LEU J 203 31.36 20.20 31.22
CA LEU J 203 32.61 20.60 30.60
C LEU J 203 32.46 21.03 29.15
N PRO J 204 31.79 20.27 28.27
CA PRO J 204 31.67 20.74 26.88
C PRO J 204 30.89 22.03 26.72
N LEU J 205 29.97 22.33 27.63
CA LEU J 205 29.10 23.48 27.48
C LEU J 205 29.63 24.74 28.14
N ARG J 206 30.54 24.60 29.11
CA ARG J 206 31.11 25.74 29.81
C ARG J 206 32.43 26.22 29.23
N HIS J 207 33.27 25.31 28.76
CA HIS J 207 34.58 25.64 28.20
C HIS J 207 34.67 25.06 26.80
N PRO J 208 34.01 25.68 25.82
CA PRO J 208 34.07 25.15 24.45
C PRO J 208 35.47 25.16 23.85
N ALA J 209 36.32 26.10 24.27
CA ALA J 209 37.63 26.24 23.64
C ALA J 209 38.60 25.17 24.12
N LEU J 210 38.48 24.75 25.37
CA LEU J 210 39.44 23.79 25.92
C LEU J 210 39.40 22.47 25.18
N PHE J 211 38.20 21.99 24.83
CA PHE J 211 38.10 20.75 24.06
C PHE J 211 38.71 20.89 22.67
N LYS J 212 38.69 22.09 22.11
CA LYS J 212 39.36 22.33 20.83
C LYS J 212 40.88 22.22 20.99
N ALA J 213 41.42 22.80 22.06
CA ALA J 213 42.87 22.80 22.25
C ALA J 213 43.39 21.40 22.56
N ILE J 214 42.76 20.70 23.50
CA ILE J 214 43.20 19.37 23.83
C ILE J 214 42.88 18.40 22.70
N GLY J 215 41.81 18.66 21.95
CA GLY J 215 41.47 17.81 20.81
C GLY J 215 41.02 16.40 21.15
N VAL J 216 40.15 16.25 22.15
CA VAL J 216 39.54 14.97 22.45
C VAL J 216 38.08 15.01 22.02
N LYS J 217 37.51 13.83 21.79
CA LYS J 217 36.15 13.75 21.28
C LYS J 217 35.15 13.93 22.42
N PRO J 218 34.13 14.77 22.26
CA PRO J 218 33.17 14.99 23.33
C PRO J 218 31.95 14.11 23.16
N PRO J 219 31.09 14.01 24.18
CA PRO J 219 29.82 13.30 23.99
C PRO J 219 28.93 14.03 23.00
N ARG J 220 28.12 13.27 22.28
CA ARG J 220 27.30 13.82 21.21
C ARG J 220 25.88 13.26 21.18
N GLY J 221 25.50 12.45 22.17
CA GLY J 221 24.14 11.98 22.25
C GLY J 221 23.86 11.33 23.59
N ILE J 222 22.80 11.74 24.25
CA ILE J 222 22.40 11.20 25.54
C ILE J 222 20.96 10.77 25.42
N LEU J 223 20.64 9.58 25.91
CA LEU J 223 19.32 9.01 25.73
C LEU J 223 18.71 8.72 27.09
N LEU J 224 17.83 9.60 27.54
CA LEU J 224 17.13 9.45 28.81
C LEU J 224 15.89 8.58 28.57
N TYR J 225 15.75 7.50 29.34
CA TYR J 225 14.61 6.63 29.14
C TYR J 225 13.96 6.30 30.49
N GLY J 226 12.65 6.12 30.46
CA GLY J 226 11.88 5.80 31.66
C GLY J 226 10.40 5.94 31.43
N PRO J 227 9.60 5.78 32.49
CA PRO J 227 8.15 5.91 32.35
C PRO J 227 7.76 7.36 32.11
N PRO J 228 6.58 7.60 31.55
CA PRO J 228 6.18 8.98 31.26
C PRO J 228 5.69 9.69 32.52
N GLY J 229 6.07 10.95 32.63
CA GLY J 229 5.70 11.75 33.79
C GLY J 229 6.71 11.75 34.91
N THR J 230 7.90 11.19 34.70
CA THR J 230 8.91 11.12 35.74
C THR J 230 9.87 12.30 35.72
N GLY J 231 9.66 13.26 34.83
CA GLY J 231 10.52 14.43 34.78
C GLY J 231 11.76 14.29 33.93
N LYS J 232 11.61 13.97 32.64
CA LYS J 232 12.77 13.87 31.76
C LYS J 232 13.00 15.19 31.03
N THR J 233 11.94 15.79 30.50
CA THR J 233 12.08 17.10 29.88
C THR J 233 12.25 18.21 30.90
N LEU J 234 12.40 17.85 32.17
CA LEU J 234 12.74 18.83 33.21
C LEU J 234 14.21 18.71 33.61
N ILE J 235 14.81 17.52 33.46
CA ILE J 235 16.25 17.40 33.63
C ILE J 235 16.98 18.12 32.50
N ALA J 236 16.40 18.09 31.29
CA ALA J 236 17.06 18.73 30.17
C ALA J 236 16.71 20.21 30.09
N ARG J 237 15.77 20.67 30.90
CA ARG J 237 15.49 22.10 30.96
C ARG J 237 16.24 22.78 32.09
N ALA J 238 16.62 22.02 33.11
CA ALA J 238 17.43 22.58 34.19
C ALA J 238 18.89 22.72 33.77
N VAL J 239 19.37 21.79 32.93
CA VAL J 239 20.76 21.81 32.52
C VAL J 239 21.03 22.99 31.59
N ALA J 240 20.08 23.29 30.70
CA ALA J 240 20.25 24.44 29.82
C ALA J 240 20.15 25.75 30.59
N ASN J 241 19.26 25.82 31.57
CA ASN J 241 19.04 27.08 32.27
C ASN J 241 20.13 27.40 33.29
N GLU J 242 21.03 26.46 33.58
CA GLU J 242 22.05 26.70 34.60
C GLU J 242 23.44 26.86 34.01
N THR J 243 23.86 25.96 33.11
CA THR J 243 25.17 26.10 32.50
C THR J 243 25.20 27.22 31.48
N GLY J 244 24.06 27.55 30.89
CA GLY J 244 24.00 28.57 29.87
C GLY J 244 24.07 27.96 28.49
N ALA J 245 22.93 27.90 27.82
CA ALA J 245 22.84 27.25 26.51
C ALA J 245 21.61 27.80 25.79
N PHE J 246 21.21 27.13 24.73
CA PHE J 246 20.15 27.57 23.83
C PHE J 246 19.14 26.45 23.61
N PHE J 247 18.63 25.89 24.70
CA PHE J 247 17.66 24.80 24.64
C PHE J 247 16.63 25.03 23.55
N PHE J 248 16.59 24.12 22.58
CA PHE J 248 15.73 24.25 21.41
C PHE J 248 14.94 22.95 21.24
N LEU J 249 13.79 22.87 21.88
CA LEU J 249 13.00 21.65 21.86
C LEU J 249 12.36 21.43 20.50
N ILE J 250 12.44 20.20 20.01
CA ILE J 250 11.64 19.75 18.87
C ILE J 250 10.79 18.58 19.36
N ASN J 251 9.55 18.53 18.91
CA ASN J 251 8.59 17.60 19.48
C ASN J 251 8.37 16.42 18.54
N GLY J 252 7.78 15.36 19.06
CA GLY J 252 7.52 14.17 18.29
C GLY J 252 6.28 14.29 17.43
N PRO J 253 5.11 14.44 18.05
CA PRO J 253 3.87 14.57 17.27
C PRO J 253 3.85 15.71 16.28
N GLU J 254 4.49 16.84 16.58
CA GLU J 254 4.39 17.96 15.66
C GLU J 254 5.26 17.78 14.42
N ILE J 255 6.42 17.13 14.55
CA ILE J 255 7.24 16.87 13.37
C ILE J 255 6.57 15.85 12.47
N MET J 256 5.95 14.83 13.06
CA MET J 256 5.45 13.69 12.31
C MET J 256 4.24 14.05 11.44
N SER J 257 3.51 15.10 11.76
CA SER J 257 2.23 15.38 11.12
C SER J 257 2.18 16.79 10.55
N LYS J 258 3.19 17.18 9.78
CA LYS J 258 3.15 18.51 9.17
C LYS J 258 2.49 18.46 7.79
N LEU J 259 3.18 17.86 6.82
CA LEU J 259 2.59 17.65 5.51
C LEU J 259 3.46 16.74 4.64
N ALA J 260 2.94 15.56 4.28
CA ALA J 260 3.57 14.67 3.31
C ALA J 260 5.08 14.61 3.43
N GLY J 261 5.77 15.17 2.45
CA GLY J 261 7.23 15.16 2.43
C GLY J 261 7.88 16.43 2.93
N GLU J 262 7.08 17.37 3.41
CA GLU J 262 7.61 18.63 3.92
C GLU J 262 8.05 18.52 5.38
N SER J 263 7.76 17.38 6.01
CA SER J 263 8.14 17.18 7.42
C SER J 263 9.64 17.11 7.60
N GLU J 264 10.37 16.67 6.57
CA GLU J 264 11.82 16.55 6.70
C GLU J 264 12.48 17.92 6.79
N SER J 265 11.91 18.92 6.12
CA SER J 265 12.54 20.24 6.12
C SER J 265 12.45 20.91 7.48
N ASN J 266 11.65 20.35 8.40
CA ASN J 266 11.61 20.89 9.75
C ASN J 266 12.81 20.45 10.57
N LEU J 267 13.29 19.23 10.36
CA LEU J 267 14.49 18.79 11.06
C LEU J 267 15.73 19.49 10.51
N ARG J 268 15.78 19.69 9.19
CA ARG J 268 16.95 20.35 8.61
C ARG J 268 17.07 21.79 9.10
N LYS J 269 15.95 22.47 9.26
CA LYS J 269 15.99 23.83 9.79
C LYS J 269 15.89 23.86 11.31
N ALA J 270 15.89 22.69 11.97
CA ALA J 270 15.99 22.66 13.43
C ALA J 270 17.43 22.60 13.88
N PHE J 271 18.26 21.82 13.18
CA PHE J 271 19.68 21.81 13.50
C PHE J 271 20.42 23.01 12.94
N GLU J 272 19.75 23.85 12.14
CA GLU J 272 20.43 25.01 11.57
C GLU J 272 20.70 26.06 12.64
N GLU J 273 19.71 26.39 13.46
CA GLU J 273 19.94 27.36 14.53
C GLU J 273 21.01 26.88 15.49
N ALA J 274 20.95 25.62 15.91
CA ALA J 274 21.92 25.12 16.87
C ALA J 274 23.35 25.20 16.35
N GLU J 275 23.53 25.23 15.03
CA GLU J 275 24.88 25.33 14.46
C GLU J 275 25.36 26.77 14.32
N LYS J 276 24.46 27.75 14.35
CA LYS J 276 24.85 29.14 14.21
C LYS J 276 24.44 30.00 15.40
N ASN J 277 24.07 29.39 16.52
CA ASN J 277 23.59 30.12 17.68
C ASN J 277 24.22 29.61 18.96
N ALA J 278 25.56 29.51 18.97
CA ALA J 278 26.34 29.33 20.20
C ALA J 278 26.16 27.92 20.75
N PRO J 279 26.91 27.51 21.82
CA PRO J 279 26.68 26.18 22.39
C PRO J 279 25.23 25.95 22.77
N ALA J 280 24.56 25.08 22.02
CA ALA J 280 23.14 24.83 22.19
C ALA J 280 22.94 23.41 22.66
N ILE J 281 21.69 23.04 22.86
CA ILE J 281 21.31 21.70 23.28
C ILE J 281 19.92 21.42 22.75
N ILE J 282 19.78 20.33 22.01
CA ILE J 282 18.56 19.99 21.32
C ILE J 282 17.89 18.85 22.07
N PHE J 283 16.57 18.85 22.11
CA PHE J 283 15.83 17.84 22.86
C PHE J 283 14.70 17.32 21.99
N ILE J 284 14.74 16.03 21.68
CA ILE J 284 13.78 15.39 20.78
C ILE J 284 12.82 14.58 21.64
N ASP J 285 11.70 15.17 22.02
CA ASP J 285 10.73 14.49 22.87
C ASP J 285 9.99 13.41 22.10
N GLU J 286 9.63 12.34 22.81
CA GLU J 286 8.86 11.23 22.25
C GLU J 286 9.53 10.70 20.98
N LEU J 287 10.75 10.17 21.16
CA LEU J 287 11.54 9.72 20.03
C LEU J 287 10.90 8.52 19.34
N ASP J 288 10.27 7.63 20.11
CA ASP J 288 9.71 6.43 19.51
C ASP J 288 8.48 6.73 18.65
N ALA J 289 8.05 7.99 18.56
CA ALA J 289 6.95 8.33 17.69
C ALA J 289 7.44 8.66 16.28
N ILE J 290 8.72 9.00 16.14
CA ILE J 290 9.27 9.32 14.82
C ILE J 290 10.34 8.35 14.37
N ALA J 291 10.90 7.54 15.27
CA ALA J 291 11.91 6.55 14.93
C ALA J 291 11.56 5.22 15.56
N PRO J 292 10.55 4.52 15.05
CA PRO J 292 10.14 3.25 15.61
C PRO J 292 10.95 2.10 15.02
N LYS J 293 10.62 0.88 15.45
CA LYS J 293 11.34 -0.30 15.01
C LYS J 293 11.16 -0.51 13.51
N ARG J 294 12.14 -1.19 12.91
CA ARG J 294 12.15 -1.35 11.45
C ARG J 294 10.94 -2.13 10.96
N GLU J 295 10.58 -3.22 11.63
CA GLU J 295 9.44 -4.02 11.21
C GLU J 295 8.12 -3.29 11.43
N LYS J 296 8.07 -2.35 12.36
CA LYS J 296 6.86 -1.57 12.57
C LYS J 296 6.69 -0.46 11.54
N THR J 297 7.70 -0.22 10.69
CA THR J 297 7.60 0.75 9.61
C THR J 297 7.05 0.04 8.38
N HIS J 298 5.87 0.46 7.93
CA HIS J 298 5.23 -0.12 6.76
C HIS J 298 5.19 0.81 5.56
N GLY J 299 5.00 2.11 5.78
CA GLY J 299 4.89 3.06 4.70
C GLY J 299 6.24 3.43 4.13
N GLU J 300 6.27 4.55 3.41
CA GLU J 300 7.51 5.09 2.86
C GLU J 300 7.86 6.46 3.42
N VAL J 301 6.86 7.30 3.69
CA VAL J 301 7.16 8.60 4.26
C VAL J 301 7.64 8.47 5.70
N GLU J 302 7.38 7.33 6.33
CA GLU J 302 7.91 7.12 7.67
C GLU J 302 9.21 6.31 7.64
N ARG J 303 9.68 5.95 6.44
CA ARG J 303 11.06 5.50 6.30
C ARG J 303 11.96 6.65 5.85
N ARG J 304 11.37 7.77 5.45
CA ARG J 304 12.15 8.93 5.05
C ARG J 304 12.59 9.74 6.25
N ILE J 305 11.71 9.87 7.25
CA ILE J 305 12.02 10.70 8.41
C ILE J 305 13.18 10.10 9.20
N VAL J 306 13.15 8.78 9.40
CA VAL J 306 14.20 8.13 10.19
C VAL J 306 15.56 8.34 9.53
N SER J 307 15.64 8.13 8.22
CA SER J 307 16.92 8.27 7.54
C SER J 307 17.28 9.73 7.32
N GLN J 308 16.35 10.64 7.58
CA GLN J 308 16.68 12.06 7.57
C GLN J 308 17.25 12.48 8.91
N LEU J 309 16.89 11.78 9.98
CA LEU J 309 17.47 12.04 11.28
C LEU J 309 18.88 11.45 11.38
N LEU J 310 19.12 10.33 10.71
CA LEU J 310 20.40 9.65 10.83
C LEU J 310 21.51 10.38 10.08
N THR J 311 21.17 11.04 8.97
CA THR J 311 22.20 11.74 8.22
C THR J 311 22.56 13.08 8.86
N LEU J 312 21.72 13.58 9.76
CA LEU J 312 22.04 14.83 10.43
C LEU J 312 22.93 14.62 11.65
N MET J 313 22.76 13.50 12.34
CA MET J 313 23.59 13.21 13.50
C MET J 313 25.04 12.97 13.10
N ASP J 314 25.24 12.26 11.99
CA ASP J 314 26.60 11.97 11.55
C ASP J 314 27.32 13.20 11.01
N GLY J 315 26.59 14.25 10.66
CA GLY J 315 27.18 15.48 10.21
C GLY J 315 27.63 16.42 11.30
N LEU J 316 27.49 16.02 12.57
CA LEU J 316 27.91 16.85 13.70
C LEU J 316 29.40 16.60 13.95
N LYS J 317 30.22 17.24 13.11
CA LYS J 317 31.67 17.11 13.20
C LYS J 317 32.24 18.45 13.66
N GLN J 318 32.42 18.57 14.98
CA GLN J 318 33.01 19.75 15.63
C GLN J 318 32.10 20.95 15.39
N ARG J 319 32.57 22.03 14.77
CA ARG J 319 31.84 23.30 14.62
C ARG J 319 31.37 23.73 16.02
N ALA J 320 30.12 24.13 16.20
CA ALA J 320 29.63 24.47 17.53
C ALA J 320 29.48 23.21 18.36
N HIS J 321 29.36 23.40 19.67
CA HIS J 321 29.19 22.27 20.57
C HIS J 321 27.70 22.03 20.79
N VAL J 322 27.12 21.14 20.01
CA VAL J 322 25.70 20.83 20.08
C VAL J 322 25.55 19.45 20.71
N ILE J 323 24.99 19.42 21.92
CA ILE J 323 24.57 18.19 22.56
C ILE J 323 23.13 17.94 22.16
N VAL J 324 22.76 16.69 21.94
CA VAL J 324 21.39 16.34 21.60
C VAL J 324 20.97 15.18 22.48
N MET J 325 19.91 15.39 23.26
CA MET J 325 19.31 14.32 24.04
C MET J 325 17.95 13.96 23.47
N ALA J 326 17.48 12.77 23.80
CA ALA J 326 16.17 12.31 23.39
C ALA J 326 15.54 11.54 24.53
N ALA J 327 14.23 11.57 24.62
CA ALA J 327 13.50 10.89 25.68
C ALA J 327 12.61 9.81 25.08
N THR J 328 12.78 8.58 25.55
CA THR J 328 11.96 7.48 25.06
C THR J 328 11.42 6.69 26.25
N ASN J 329 10.27 6.07 26.04
CA ASN J 329 9.60 5.33 27.09
C ASN J 329 10.27 3.97 27.32
N ARG J 330 10.53 3.25 26.24
CA ARG J 330 11.06 1.89 26.32
C ARG J 330 12.21 1.74 25.33
N PRO J 331 13.42 1.42 25.77
CA PRO J 331 14.56 1.34 24.84
C PRO J 331 14.44 0.21 23.83
N ASN J 332 13.51 -0.71 24.05
CA ASN J 332 13.26 -1.76 23.06
C ASN J 332 12.71 -1.19 21.76
N SER J 333 11.83 -0.20 21.85
CA SER J 333 11.08 0.26 20.70
C SER J 333 11.87 1.20 19.78
N ILE J 334 13.01 1.72 20.23
CA ILE J 334 13.81 2.61 19.39
C ILE J 334 14.46 1.80 18.27
N ASP J 335 14.51 2.39 17.09
CA ASP J 335 15.18 1.75 15.97
C ASP J 335 16.62 1.46 16.33
N PRO J 336 17.09 0.21 16.21
CA PRO J 336 18.44 -0.13 16.68
C PRO J 336 19.55 0.59 15.94
N ALA J 337 19.27 1.25 14.82
CA ALA J 337 20.32 1.97 14.11
C ALA J 337 20.80 3.18 14.90
N LEU J 338 20.03 3.66 15.87
CA LEU J 338 20.45 4.80 16.69
C LEU J 338 21.18 4.33 17.95
N ARG J 339 22.14 3.43 17.78
CA ARG J 339 22.95 2.95 18.89
C ARG J 339 24.43 2.89 18.54
N ARG J 340 24.79 3.06 17.27
CA ARG J 340 26.19 3.02 16.87
C ARG J 340 26.96 4.19 17.48
N PHE J 341 28.25 4.22 17.21
CA PHE J 341 29.10 5.28 17.73
C PHE J 341 28.98 6.53 16.85
N GLY J 342 29.09 7.69 17.47
CA GLY J 342 28.76 8.93 16.81
C GLY J 342 27.30 9.31 16.89
N ARG J 343 26.45 8.41 17.39
CA ARG J 343 25.03 8.62 17.60
C ARG J 343 24.73 8.40 19.09
N PHE J 344 23.45 8.30 19.41
CA PHE J 344 23.06 8.08 20.80
C PHE J 344 23.71 6.81 21.32
N ASP J 345 24.67 6.98 22.22
CA ASP J 345 25.43 5.88 22.77
C ASP J 345 25.38 5.83 24.29
N ARG J 346 25.35 6.98 24.94
CA ARG J 346 25.28 7.06 26.40
C ARG J 346 23.82 7.06 26.82
N GLU J 347 23.47 6.18 27.76
CA GLU J 347 22.08 5.98 28.14
C GLU J 347 21.94 6.12 29.65
N VAL J 348 20.97 6.91 30.08
CA VAL J 348 20.71 7.19 31.49
C VAL J 348 19.29 6.77 31.81
N ASP J 349 19.10 6.12 32.95
CA ASP J 349 17.80 5.59 33.34
C ASP J 349 17.21 6.41 34.47
N ILE J 350 16.02 6.94 34.25
CA ILE J 350 15.31 7.76 35.25
C ILE J 350 14.13 6.91 35.74
N GLY J 351 14.33 6.20 36.84
CA GLY J 351 13.27 5.37 37.39
C GLY J 351 12.29 6.15 38.23
N ILE J 352 11.18 5.51 38.56
CA ILE J 352 10.13 6.14 39.36
C ILE J 352 10.65 6.36 40.78
N PRO J 353 10.16 7.37 41.49
CA PRO J 353 10.68 7.63 42.85
C PRO J 353 10.27 6.55 43.83
N ASP J 354 11.13 6.37 44.84
CA ASP J 354 10.91 5.39 45.89
C ASP J 354 10.17 6.04 47.07
N ALA J 355 10.16 5.36 48.22
CA ALA J 355 9.38 5.83 49.36
C ALA J 355 9.94 7.12 49.94
N THR J 356 11.28 7.29 49.92
CA THR J 356 11.87 8.52 50.44
C THR J 356 12.01 9.56 49.33
N GLY J 357 11.95 9.13 48.08
CA GLY J 357 11.92 10.10 47.00
C GLY J 357 10.62 10.89 46.95
N ARG J 358 9.50 10.21 47.19
CA ARG J 358 8.20 10.87 47.03
C ARG J 358 7.98 11.91 48.10
N LEU J 359 8.65 11.78 49.24
CA LEU J 359 8.59 12.84 50.25
C LEU J 359 9.28 14.10 49.76
N GLU J 360 10.21 13.96 48.80
CA GLU J 360 10.95 15.11 48.33
C GLU J 360 10.21 15.87 47.24
N ILE J 361 9.40 15.17 46.45
CA ILE J 361 8.58 15.86 45.46
C ILE J 361 7.51 16.69 46.15
N LEU J 362 6.98 16.19 47.26
CA LEU J 362 5.93 16.91 47.98
C LEU J 362 6.44 18.25 48.50
N GLN J 363 7.63 18.26 49.10
CA GLN J 363 8.14 19.49 49.70
C GLN J 363 8.57 20.51 48.66
N ILE J 364 8.64 20.12 47.39
CA ILE J 364 8.98 21.09 46.35
C ILE J 364 7.73 21.82 45.88
N HIS J 365 6.65 21.07 45.62
CA HIS J 365 5.43 21.67 45.09
C HIS J 365 4.65 22.41 46.16
N THR J 366 4.68 21.92 47.39
CA THR J 366 3.99 22.58 48.50
C THR J 366 4.78 23.73 49.09
N LYS J 367 5.92 24.08 48.48
CA LYS J 367 6.75 25.16 49.01
C LYS J 367 6.01 26.49 49.00
N ASN J 368 5.22 26.73 47.95
CA ASN J 368 4.55 28.03 47.83
C ASN J 368 3.35 28.12 48.76
N MET J 369 2.63 27.02 48.97
CA MET J 369 1.41 27.04 49.76
C MET J 369 1.73 27.29 51.24
N LYS J 370 0.67 27.48 52.01
CA LYS J 370 0.76 27.82 53.43
C LYS J 370 0.06 26.73 54.22
N LEU J 371 0.77 25.64 54.51
CA LEU J 371 0.18 24.52 55.21
C LEU J 371 -0.08 24.86 56.67
N ALA J 372 -1.16 24.32 57.20
CA ALA J 372 -1.45 24.43 58.62
C ALA J 372 -0.59 23.44 59.40
N ASP J 373 -0.51 23.67 60.71
CA ASP J 373 0.37 22.88 61.58
C ASP J 373 -0.29 21.58 62.03
N ASP J 374 -0.89 20.85 61.09
CA ASP J 374 -1.43 19.52 61.38
C ASP J 374 -1.10 18.49 60.31
N VAL J 375 -0.52 18.88 59.17
CA VAL J 375 -0.26 17.97 58.07
C VAL J 375 1.12 17.35 58.24
N ASP J 376 1.17 16.02 58.19
CA ASP J 376 2.41 15.25 58.33
C ASP J 376 2.74 14.68 56.95
N LEU J 377 3.57 15.41 56.20
CA LEU J 377 3.87 15.02 54.82
C LEU J 377 4.51 13.65 54.73
N GLU J 378 5.17 13.19 55.79
CA GLU J 378 5.75 11.85 55.76
C GLU J 378 4.65 10.79 55.69
N GLN J 379 3.53 11.03 56.36
CA GLN J 379 2.43 10.07 56.32
C GLN J 379 1.85 9.96 54.91
N VAL J 380 1.76 11.08 54.19
CA VAL J 380 1.23 11.06 52.83
C VAL J 380 2.27 10.49 51.86
N ALA J 381 3.55 10.58 52.22
CA ALA J 381 4.60 10.13 51.31
C ALA J 381 4.69 8.62 51.26
N ASN J 382 4.59 7.96 52.41
CA ASN J 382 4.88 6.53 52.49
C ASN J 382 3.72 5.64 52.06
N GLU J 383 2.52 6.17 51.90
CA GLU J 383 1.34 5.37 51.64
C GLU J 383 0.83 5.51 50.21
N THR J 384 1.54 6.25 49.37
CA THR J 384 1.11 6.52 48.00
C THR J 384 2.01 5.83 46.99
N HIS J 385 2.32 4.55 47.22
CA HIS J 385 3.09 3.81 46.24
C HIS J 385 2.34 3.70 44.92
N GLY J 386 3.09 3.74 43.82
CA GLY J 386 2.52 3.68 42.50
C GLY J 386 2.40 5.00 41.78
N HIS J 387 2.80 6.11 42.41
CA HIS J 387 2.73 7.42 41.79
C HIS J 387 4.08 7.81 41.20
N VAL J 388 4.02 8.64 40.17
CA VAL J 388 5.21 9.17 39.51
C VAL J 388 5.36 10.62 39.94
N GLY J 389 6.39 11.30 39.45
CA GLY J 389 6.58 12.68 39.85
C GLY J 389 5.44 13.58 39.43
N ALA J 390 4.97 13.42 38.20
CA ALA J 390 3.93 14.30 37.69
C ALA J 390 2.62 14.12 38.43
N ASP J 391 2.40 12.94 39.00
CA ASP J 391 1.14 12.65 39.65
C ASP J 391 1.05 13.30 41.03
N LEU J 392 2.19 13.49 41.70
CA LEU J 392 2.18 14.16 42.99
C LEU J 392 2.06 15.67 42.83
N ALA J 393 2.12 16.17 41.59
CA ALA J 393 1.87 17.59 41.36
C ALA J 393 0.37 17.87 41.23
N ALA J 394 -0.40 16.89 40.77
CA ALA J 394 -1.85 17.05 40.74
C ALA J 394 -2.45 16.88 42.12
N LEU J 395 -1.85 16.02 42.94
CA LEU J 395 -2.36 15.79 44.29
C LEU J 395 -2.24 17.05 45.14
N CYS J 396 -1.16 17.82 44.94
CA CYS J 396 -1.00 19.06 45.69
C CYS J 396 -1.90 20.16 45.15
N SER J 397 -2.26 20.09 43.86
CA SER J 397 -3.11 21.12 43.29
C SER J 397 -4.54 21.01 43.77
N GLU J 398 -5.08 19.79 43.83
CA GLU J 398 -6.45 19.60 44.29
C GLU J 398 -6.58 19.65 45.81
N ALA J 399 -5.47 19.76 46.54
CA ALA J 399 -5.58 19.98 47.97
C ALA J 399 -5.63 21.46 48.31
N ALA J 400 -5.40 22.31 47.31
CA ALA J 400 -5.63 23.75 47.50
C ALA J 400 -6.96 24.16 46.90
N LEU J 401 -7.37 23.52 45.81
CA LEU J 401 -8.66 23.81 45.20
C LEU J 401 -9.80 23.42 46.13
N GLN J 402 -9.64 22.30 46.84
CA GLN J 402 -10.64 21.90 47.83
C GLN J 402 -10.65 22.86 49.01
N ALA J 403 -9.49 23.36 49.42
CA ALA J 403 -9.43 24.22 50.60
C ALA J 403 -9.78 25.66 50.27
N ILE J 404 -9.99 25.99 48.99
CA ILE J 404 -10.55 27.30 48.65
C ILE J 404 -12.03 27.16 48.32
N ARG J 405 -12.45 25.98 47.85
CA ARG J 405 -13.86 25.72 47.61
C ARG J 405 -14.67 25.80 48.90
N LYS J 406 -14.06 25.52 50.04
CA LYS J 406 -14.74 25.60 51.32
C LYS J 406 -14.79 27.01 51.90
N LYS J 407 -13.87 27.89 51.51
CA LYS J 407 -13.90 29.29 51.90
C LYS J 407 -14.53 30.16 50.83
N MET J 408 -15.29 29.55 49.91
CA MET J 408 -15.84 30.29 48.77
C MET J 408 -16.72 31.45 49.21
N ASP J 409 -17.33 31.35 50.39
CA ASP J 409 -18.23 32.41 50.85
C ASP J 409 -17.50 33.74 51.02
N LEU J 410 -16.29 33.70 51.60
CA LEU J 410 -15.53 34.92 51.82
C LEU J 410 -15.08 35.58 50.53
N ILE J 411 -14.86 34.80 49.47
CA ILE J 411 -14.40 35.33 48.20
C ILE J 411 -15.48 35.11 47.14
N ASP J 412 -16.74 35.16 47.56
CA ASP J 412 -17.85 34.98 46.64
C ASP J 412 -17.82 36.03 45.53
N LEU J 413 -17.49 35.60 44.30
CA LEU J 413 -17.47 36.47 43.14
C LEU J 413 -16.47 37.60 43.31
N GLU J 414 -16.72 38.50 44.27
CA GLU J 414 -15.87 39.64 44.56
C GLU J 414 -15.70 40.50 43.32
N ASP J 415 -14.49 40.51 42.77
CA ASP J 415 -14.18 41.23 41.54
C ASP J 415 -13.17 40.40 40.75
N GLU J 416 -12.60 41.02 39.71
CA GLU J 416 -11.60 40.31 38.92
C GLU J 416 -10.30 40.11 39.69
N THR J 417 -9.95 41.07 40.55
CA THR J 417 -8.73 41.00 41.34
C THR J 417 -9.06 40.55 42.76
N ILE J 418 -8.23 39.66 43.30
CA ILE J 418 -8.43 39.07 44.61
C ILE J 418 -7.49 39.74 45.60
N ASP J 419 -8.03 40.13 46.76
CA ASP J 419 -7.20 40.76 47.79
C ASP J 419 -6.15 39.77 48.28
N ALA J 420 -5.02 40.32 48.73
CA ALA J 420 -3.93 39.47 49.18
C ALA J 420 -4.20 38.89 50.57
N GLU J 421 -4.84 39.67 51.45
CA GLU J 421 -5.04 39.20 52.83
C GLU J 421 -5.94 37.99 52.87
N VAL J 422 -6.99 37.96 52.04
CA VAL J 422 -7.87 36.79 52.03
C VAL J 422 -7.12 35.57 51.51
N MET J 423 -6.10 35.77 50.68
CA MET J 423 -5.22 34.67 50.30
C MET J 423 -4.34 34.23 51.46
N ASN J 424 -3.72 35.19 52.14
CA ASN J 424 -2.83 34.85 53.24
C ASN J 424 -3.57 34.39 54.49
N SER J 425 -4.90 34.40 54.47
CA SER J 425 -5.69 33.82 55.53
C SER J 425 -5.99 32.35 55.31
N LEU J 426 -5.55 31.79 54.19
CA LEU J 426 -5.87 30.40 53.86
C LEU J 426 -5.04 29.45 54.72
N ALA J 427 -5.45 28.19 54.67
CA ALA J 427 -4.70 27.09 55.27
C ALA J 427 -5.12 25.80 54.59
N VAL J 428 -4.27 24.80 54.68
CA VAL J 428 -4.56 23.48 54.13
C VAL J 428 -4.34 22.45 55.24
N THR J 429 -5.32 21.58 55.43
CA THR J 429 -5.28 20.60 56.51
C THR J 429 -5.11 19.21 55.93
N MET J 430 -5.07 18.22 56.84
CA MET J 430 -4.95 16.84 56.39
C MET J 430 -6.24 16.35 55.74
N ASP J 431 -7.39 16.94 56.10
CA ASP J 431 -8.65 16.50 55.53
C ASP J 431 -8.67 16.68 54.01
N ASP J 432 -8.19 17.83 53.53
CA ASP J 432 -8.17 18.08 52.09
C ASP J 432 -7.23 17.11 51.38
N PHE J 433 -6.07 16.84 51.97
CA PHE J 433 -5.14 15.90 51.37
C PHE J 433 -5.72 14.50 51.32
N ARG J 434 -6.43 14.09 52.36
CA ARG J 434 -7.09 12.78 52.35
C ARG J 434 -8.23 12.77 51.35
N TRP J 435 -8.85 13.93 51.11
CA TRP J 435 -9.92 14.01 50.13
C TRP J 435 -9.39 13.92 48.71
N ALA J 436 -8.23 14.53 48.44
CA ALA J 436 -7.67 14.52 47.10
C ALA J 436 -7.09 13.15 46.75
N LEU J 437 -6.77 12.34 47.76
CA LEU J 437 -6.22 11.02 47.50
C LEU J 437 -7.26 10.06 46.95
N SER J 438 -8.52 10.22 47.34
CA SER J 438 -9.54 9.25 46.96
C SER J 438 -9.77 9.25 45.45
N GLN J 439 -9.97 10.42 44.86
CA GLN J 439 -10.21 10.52 43.43
C GLN J 439 -8.93 10.72 42.64
N SER J 440 -7.97 9.82 42.85
CA SER J 440 -6.70 9.85 42.13
C SER J 440 -6.38 8.45 41.65
N ASN J 441 -5.91 8.35 40.42
CA ASN J 441 -5.55 7.06 39.82
C ASN J 441 -4.04 7.03 39.57
N PRO J 442 -3.27 6.35 40.41
CA PRO J 442 -1.83 6.25 40.15
C PRO J 442 -1.56 5.55 38.82
N SER J 443 -0.50 5.99 38.15
CA SER J 443 -0.24 5.57 36.79
C SER J 443 0.87 4.53 36.66
N ALA J 444 1.65 4.28 37.72
CA ALA J 444 2.71 3.29 37.60
C ALA J 444 2.18 1.88 37.80
N LEU J 445 1.69 1.58 39.00
CA LEU J 445 1.12 0.27 39.34
C LEU J 445 1.97 -0.89 38.83
N ARG J 446 1.52 -1.51 37.76
CA ARG J 446 2.15 -2.72 37.24
C ARG J 446 3.50 -2.41 36.59
N GLU J 447 4.49 -2.08 37.41
CA GLU J 447 5.83 -1.83 36.93
C GLU J 447 6.82 -2.50 37.87
N THR J 448 7.95 -2.93 37.33
CA THR J 448 8.96 -3.59 38.14
C THR J 448 9.53 -2.62 39.16
N VAL J 449 9.33 -2.93 40.44
CA VAL J 449 9.78 -2.07 41.52
C VAL J 449 11.16 -2.56 41.95
N VAL J 450 12.15 -1.68 41.86
CA VAL J 450 13.53 -1.98 42.20
C VAL J 450 14.05 -0.90 43.14
N GLU J 451 14.43 -1.29 44.34
CA GLU J 451 14.96 -0.37 45.35
C GLU J 451 15.56 -1.21 46.48
N VAL J 452 16.16 -0.54 47.44
CA VAL J 452 16.80 -1.19 48.58
C VAL J 452 15.74 -1.51 49.62
N PRO J 453 15.46 -2.77 49.91
CA PRO J 453 14.45 -3.10 50.92
C PRO J 453 14.92 -2.72 52.32
N GLN J 454 13.94 -2.55 53.21
CA GLN J 454 14.18 -2.11 54.57
C GLN J 454 14.24 -3.25 55.59
N VAL J 455 14.14 -4.49 55.14
CA VAL J 455 14.16 -5.63 56.07
C VAL J 455 15.55 -5.76 56.69
N THR J 456 15.58 -5.97 58.00
CA THR J 456 16.81 -6.04 58.78
C THR J 456 17.02 -7.48 59.24
N TRP J 457 18.28 -7.80 59.59
CA TRP J 457 18.60 -9.13 60.11
C TRP J 457 17.68 -9.54 61.24
N GLU J 458 17.38 -8.61 62.16
CA GLU J 458 16.62 -8.95 63.35
C GLU J 458 15.16 -9.28 63.05
N ASP J 459 14.67 -8.93 61.86
CA ASP J 459 13.27 -9.21 61.54
C ASP J 459 12.98 -10.70 61.46
N ILE J 460 14.01 -11.53 61.24
CA ILE J 460 13.86 -12.98 61.22
C ILE J 460 14.62 -13.57 62.40
N GLY J 461 14.13 -14.69 62.89
CA GLY J 461 14.72 -15.35 64.06
C GLY J 461 15.33 -16.69 63.69
N GLY J 462 16.41 -17.03 64.36
CA GLY J 462 17.05 -18.31 64.13
C GLY J 462 17.80 -18.35 62.81
N LEU J 463 18.21 -19.56 62.44
CA LEU J 463 18.96 -19.81 61.21
C LEU J 463 20.21 -18.93 61.13
N GLU J 464 20.91 -18.80 62.25
CA GLU J 464 22.11 -17.97 62.26
C GLU J 464 23.25 -18.63 61.50
N ASP J 465 23.26 -19.96 61.39
CA ASP J 465 24.28 -20.62 60.60
C ASP J 465 24.18 -20.24 59.13
N VAL J 466 22.97 -20.26 58.57
CA VAL J 466 22.77 -19.78 57.21
C VAL J 466 22.92 -18.27 57.15
N LYS J 467 22.57 -17.59 58.26
CA LYS J 467 22.77 -16.14 58.32
C LYS J 467 24.23 -15.78 58.14
N ARG J 468 25.13 -16.53 58.79
CA ARG J 468 26.55 -16.30 58.59
C ARG J 468 26.98 -16.66 57.18
N GLU J 469 26.54 -17.83 56.69
CA GLU J 469 27.08 -18.37 55.44
C GLU J 469 26.84 -17.44 54.27
N LEU J 470 25.65 -16.81 54.21
CA LEU J 470 25.37 -15.88 53.12
C LEU J 470 26.36 -14.72 53.14
N GLN J 471 26.71 -14.23 54.33
CA GLN J 471 27.72 -13.18 54.41
C GLN J 471 29.08 -13.68 53.95
N GLU J 472 29.32 -14.99 54.08
CA GLU J 472 30.63 -15.53 53.68
C GLU J 472 30.75 -15.64 52.17
N LEU J 473 29.62 -15.56 51.46
CA LEU J 473 29.64 -15.83 50.03
C LEU J 473 29.53 -14.57 49.17
N VAL J 474 28.91 -13.51 49.68
CA VAL J 474 28.64 -12.31 48.88
C VAL J 474 29.42 -11.10 49.39
N GLN J 475 29.67 -11.01 50.69
CA GLN J 475 30.14 -9.75 51.26
C GLN J 475 31.61 -9.49 50.94
N TYR J 476 32.50 -10.38 51.36
CA TYR J 476 33.94 -10.13 51.15
C TYR J 476 34.37 -10.15 49.69
N PRO J 477 33.82 -10.98 48.79
CA PRO J 477 34.28 -10.94 47.39
C PRO J 477 34.13 -9.59 46.70
N VAL J 478 33.56 -8.58 47.36
CA VAL J 478 33.50 -7.24 46.79
C VAL J 478 34.14 -6.19 47.69
N GLU J 479 34.40 -6.48 48.96
CA GLU J 479 35.05 -5.51 49.85
C GLU J 479 36.53 -5.77 50.03
N HIS J 480 36.97 -7.01 49.86
CA HIS J 480 38.38 -7.37 50.00
C HIS J 480 38.80 -8.19 48.78
N PRO J 481 38.87 -7.56 47.61
CA PRO J 481 39.21 -8.31 46.39
C PRO J 481 40.70 -8.52 46.19
N ASP J 482 41.55 -7.85 46.96
CA ASP J 482 43.00 -8.00 46.79
C ASP J 482 43.44 -9.43 47.05
N LYS J 483 42.92 -10.05 48.10
CA LYS J 483 43.27 -11.43 48.40
C LYS J 483 42.72 -12.38 47.34
N PHE J 484 41.56 -12.06 46.76
CA PHE J 484 41.02 -12.86 45.67
C PHE J 484 41.78 -12.67 44.37
N LEU J 485 42.50 -11.54 44.22
CA LEU J 485 43.38 -11.39 43.07
C LEU J 485 44.46 -12.46 43.08
N LYS J 486 45.04 -12.71 44.25
CA LYS J 486 45.82 -13.92 44.45
C LYS J 486 44.89 -15.13 44.36
N PHE J 487 45.39 -16.21 43.75
CA PHE J 487 44.59 -17.37 43.40
C PHE J 487 43.62 -17.07 42.26
N GLY J 488 43.49 -17.99 41.31
CA GLY J 488 42.55 -17.81 40.23
C GLY J 488 41.13 -18.14 40.61
N MET J 489 40.65 -17.52 41.69
CA MET J 489 39.30 -17.80 42.18
C MET J 489 38.25 -17.19 41.27
N THR J 490 37.23 -18.00 40.95
CA THR J 490 36.02 -17.51 40.31
C THR J 490 34.93 -17.55 41.36
N PRO J 491 34.62 -16.43 42.02
CA PRO J 491 33.63 -16.47 43.09
C PRO J 491 32.27 -16.91 42.59
N SER J 492 31.55 -17.64 43.44
CA SER J 492 30.28 -18.23 43.05
C SER J 492 29.28 -17.15 42.67
N LYS J 493 28.63 -17.34 41.52
CA LYS J 493 27.70 -16.35 40.99
C LYS J 493 26.25 -16.66 41.32
N GLY J 494 25.96 -17.82 41.89
CA GLY J 494 24.57 -18.18 42.18
C GLY J 494 24.46 -19.06 43.39
N VAL J 495 23.34 -18.92 44.10
CA VAL J 495 23.03 -19.72 45.28
C VAL J 495 21.61 -20.21 45.14
N LEU J 496 21.39 -21.50 45.35
CA LEU J 496 20.06 -22.09 45.28
C LEU J 496 19.61 -22.48 46.69
N PHE J 497 18.47 -21.97 47.10
CA PHE J 497 17.85 -22.34 48.37
C PHE J 497 16.80 -23.42 48.13
N TYR J 498 16.81 -24.45 48.97
CA TYR J 498 15.80 -25.49 48.90
C TYR J 498 15.42 -25.92 50.31
N GLY J 499 14.13 -26.18 50.50
CA GLY J 499 13.63 -26.60 51.78
C GLY J 499 12.12 -26.73 51.78
N PRO J 500 11.53 -26.98 52.95
CA PRO J 500 10.08 -27.03 53.04
C PRO J 500 9.49 -25.69 52.70
N PRO J 501 8.32 -25.67 52.06
CA PRO J 501 7.70 -24.39 51.70
C PRO J 501 7.26 -23.62 52.94
N GLY J 502 7.25 -22.30 52.80
CA GLY J 502 6.89 -21.44 53.91
C GLY J 502 7.85 -21.50 55.08
N CYS J 503 9.15 -21.42 54.78
CA CYS J 503 10.18 -21.46 55.81
C CYS J 503 11.06 -20.22 55.85
N GLY J 504 10.86 -19.27 54.95
CA GLY J 504 11.55 -18.00 54.99
C GLY J 504 12.67 -17.79 53.99
N LYS J 505 12.67 -18.46 52.85
CA LYS J 505 13.73 -18.28 51.87
C LYS J 505 13.74 -16.86 51.33
N THR J 506 12.57 -16.31 51.03
CA THR J 506 12.50 -14.94 50.52
C THR J 506 13.02 -13.94 51.53
N LEU J 507 12.73 -14.16 52.83
CA LEU J 507 13.20 -13.25 53.85
C LEU J 507 14.72 -13.18 53.87
N LEU J 508 15.39 -14.32 53.65
CA LEU J 508 16.85 -14.33 53.65
C LEU J 508 17.41 -13.50 52.51
N ALA J 509 16.81 -13.61 51.32
CA ALA J 509 17.33 -12.87 50.18
C ALA J 509 17.05 -11.38 50.30
N LYS J 510 15.90 -11.01 50.87
CA LYS J 510 15.63 -9.60 51.10
C LYS J 510 16.61 -9.00 52.09
N ALA J 511 16.92 -9.73 53.16
CA ALA J 511 17.76 -9.17 54.22
C ALA J 511 19.17 -8.90 53.72
N ILE J 512 19.76 -9.83 52.97
CA ILE J 512 21.15 -9.66 52.55
C ILE J 512 21.28 -8.49 51.59
N ALA J 513 20.27 -8.28 50.73
CA ALA J 513 20.30 -7.13 49.84
C ALA J 513 20.32 -5.84 50.65
N ASN J 514 19.60 -5.81 51.77
CA ASN J 514 19.64 -4.64 52.65
C ASN J 514 21.00 -4.49 53.33
N GLU J 515 21.60 -5.61 53.73
CA GLU J 515 22.89 -5.56 54.42
C GLU J 515 23.99 -5.01 53.50
N CYS J 516 24.01 -5.47 52.25
CA CYS J 516 25.01 -5.01 51.31
C CYS J 516 24.59 -3.73 50.58
N GLN J 517 23.34 -3.30 50.76
CA GLN J 517 22.79 -2.11 50.11
C GLN J 517 22.92 -2.21 48.59
N ALA J 518 22.22 -3.20 48.04
CA ALA J 518 22.13 -3.40 46.61
C ALA J 518 20.66 -3.50 46.21
N ASN J 519 20.35 -3.10 44.99
CA ASN J 519 18.99 -3.13 44.50
C ASN J 519 18.48 -4.58 44.44
N PHE J 520 17.21 -4.76 44.75
CA PHE J 520 16.57 -6.07 44.77
C PHE J 520 15.55 -6.16 43.66
N ILE J 521 15.69 -7.15 42.79
CA ILE J 521 14.77 -7.40 41.69
C ILE J 521 14.20 -8.79 41.88
N SER J 522 12.88 -8.88 41.98
CA SER J 522 12.20 -10.14 42.26
C SER J 522 11.44 -10.60 41.02
N ILE J 523 11.47 -11.90 40.76
CA ILE J 523 10.74 -12.51 39.66
C ILE J 523 9.90 -13.64 40.23
N LYS J 524 8.58 -13.53 40.09
CA LYS J 524 7.68 -14.53 40.63
C LYS J 524 7.40 -15.62 39.58
N GLY J 525 6.83 -16.73 40.06
CA GLY J 525 6.52 -17.86 39.22
C GLY J 525 5.55 -17.54 38.09
N PRO J 526 4.40 -16.95 38.43
CA PRO J 526 3.46 -16.56 37.35
C PRO J 526 4.06 -15.59 36.35
N GLU J 527 5.00 -14.74 36.78
CA GLU J 527 5.71 -13.90 35.82
C GLU J 527 6.57 -14.75 34.88
N LEU J 528 7.19 -15.81 35.41
CA LEU J 528 7.96 -16.72 34.57
C LEU J 528 7.06 -17.42 33.57
N LEU J 529 5.81 -17.68 33.94
CA LEU J 529 4.89 -18.36 33.03
C LEU J 529 4.19 -17.39 32.07
N THR J 530 4.41 -16.08 32.22
CA THR J 530 3.76 -15.13 31.34
C THR J 530 4.28 -15.26 29.91
N MET J 531 5.59 -15.26 29.73
CA MET J 531 6.20 -15.44 28.42
C MET J 531 6.58 -16.89 28.14
N TRP J 532 6.24 -17.81 29.05
CA TRP J 532 6.51 -19.22 28.82
C TRP J 532 5.72 -19.77 27.63
N PHE J 533 4.64 -19.11 27.24
CA PHE J 533 3.81 -19.52 26.12
C PHE J 533 3.72 -18.39 25.10
N GLY J 534 3.80 -18.75 23.82
CA GLY J 534 3.43 -17.82 22.78
C GLY J 534 4.39 -16.66 22.60
N GLU J 535 4.46 -15.79 23.60
CA GLU J 535 5.32 -14.62 23.53
C GLU J 535 6.77 -15.03 23.34
N SER J 536 7.47 -14.29 22.48
CA SER J 536 8.87 -14.58 22.21
C SER J 536 9.72 -14.39 23.46
N GLU J 537 10.95 -14.88 23.40
CA GLU J 537 11.85 -14.82 24.53
C GLU J 537 12.61 -13.51 24.62
N ALA J 538 12.10 -12.45 23.96
CA ALA J 538 12.64 -11.12 24.15
C ALA J 538 12.31 -10.55 25.52
N ASN J 539 11.39 -11.18 26.25
CA ASN J 539 11.09 -10.72 27.61
C ASN J 539 12.24 -11.03 28.56
N VAL J 540 13.05 -12.04 28.24
CA VAL J 540 14.24 -12.35 29.05
C VAL J 540 15.38 -11.40 28.76
N ARG J 541 15.32 -10.66 27.64
CA ARG J 541 16.38 -9.73 27.29
C ARG J 541 16.57 -8.68 28.38
N GLU J 542 15.56 -7.84 28.59
CA GLU J 542 15.73 -6.68 29.46
C GLU J 542 15.61 -7.03 30.93
N ILE J 543 15.10 -8.21 31.25
CA ILE J 543 15.08 -8.65 32.65
C ILE J 543 16.51 -8.71 33.18
N PHE J 544 17.43 -9.29 32.40
CA PHE J 544 18.83 -9.28 32.77
C PHE J 544 19.46 -7.92 32.53
N ASP J 545 19.04 -7.22 31.48
CA ASP J 545 19.61 -5.92 31.17
C ASP J 545 19.24 -4.86 32.21
N LYS J 546 18.11 -5.02 32.90
CA LYS J 546 17.84 -4.17 34.04
C LYS J 546 18.84 -4.40 35.16
N ALA J 547 19.27 -5.65 35.34
CA ALA J 547 20.27 -5.95 36.35
C ALA J 547 21.62 -5.33 36.01
N ARG J 548 22.00 -5.34 34.73
CA ARG J 548 23.32 -4.86 34.34
C ARG J 548 23.49 -3.38 34.69
N GLN J 549 22.48 -2.57 34.39
CA GLN J 549 22.63 -1.12 34.58
C GLN J 549 22.55 -0.75 36.06
N ALA J 550 21.81 -1.52 36.86
CA ALA J 550 21.61 -1.19 38.27
C ALA J 550 22.60 -1.87 39.18
N ALA J 551 23.81 -2.16 38.69
CA ALA J 551 24.79 -2.84 39.51
C ALA J 551 25.17 -1.99 40.72
N PRO J 552 25.37 -2.58 41.90
CA PRO J 552 25.19 -4.00 42.22
C PRO J 552 23.73 -4.35 42.54
N CYS J 553 23.27 -5.56 42.24
CA CYS J 553 21.89 -5.93 42.51
C CYS J 553 21.80 -7.43 42.76
N VAL J 554 20.78 -7.82 43.51
CA VAL J 554 20.59 -9.21 43.89
C VAL J 554 19.33 -9.75 43.22
N LEU J 555 19.48 -10.28 42.01
CA LEU J 555 18.34 -10.85 41.31
C LEU J 555 17.80 -12.04 42.07
N PHE J 556 16.48 -12.23 42.02
CA PHE J 556 15.83 -13.30 42.77
C PHE J 556 14.90 -14.06 41.84
N PHE J 557 15.07 -15.37 41.79
CA PHE J 557 14.20 -16.26 41.03
C PHE J 557 13.37 -17.06 42.02
N ASP J 558 12.05 -16.98 41.91
CA ASP J 558 11.16 -17.64 42.84
C ASP J 558 10.36 -18.72 42.13
N GLU J 559 10.31 -19.90 42.73
CA GLU J 559 9.56 -21.03 42.20
C GLU J 559 9.97 -21.34 40.76
N LEU J 560 11.28 -21.41 40.53
CA LEU J 560 11.79 -21.65 39.19
C LEU J 560 11.48 -23.07 38.70
N ASP J 561 11.02 -23.95 39.58
CA ASP J 561 10.61 -25.28 39.16
C ASP J 561 9.14 -25.34 38.73
N SER J 562 8.44 -24.22 38.74
CA SER J 562 7.05 -24.21 38.29
C SER J 562 6.95 -24.58 36.82
N ILE J 563 7.89 -24.09 36.00
CA ILE J 563 7.91 -24.46 34.60
C ILE J 563 8.15 -25.96 34.44
N ALA J 564 9.06 -26.51 35.25
CA ALA J 564 9.29 -27.95 35.22
C ALA J 564 8.07 -28.73 35.68
N LYS J 565 7.37 -28.22 36.71
CA LYS J 565 6.17 -28.89 37.19
C LYS J 565 5.04 -28.85 36.16
N ALA J 566 4.95 -27.76 35.39
CA ALA J 566 3.96 -27.71 34.31
C ALA J 566 4.21 -28.78 33.27
N ARG J 567 5.49 -29.02 32.95
CA ARG J 567 5.83 -30.09 32.01
C ARG J 567 5.42 -31.45 32.55
N GLY J 568 5.64 -31.69 33.85
CA GLY J 568 5.20 -32.93 34.46
C GLY J 568 3.69 -33.02 34.56
N GLY J 569 3.09 -33.98 33.86
CA GLY J 569 1.65 -34.10 33.87
C GLY J 569 1.19 -35.20 32.91
N ASN J 570 -0.08 -35.13 32.56
CA ASN J 570 -0.66 -36.14 31.68
C ASN J 570 0.01 -36.16 30.31
N ILE J 571 0.26 -34.98 29.74
CA ILE J 571 0.90 -34.89 28.43
C ILE J 571 2.18 -34.07 28.56
N GLY J 572 2.08 -32.87 29.09
CA GLY J 572 3.22 -31.99 29.18
C GLY J 572 3.75 -31.57 27.82
N ASP J 573 2.84 -31.15 26.94
CA ASP J 573 3.21 -30.71 25.59
C ASP J 573 4.06 -29.44 25.61
N GLY J 574 4.14 -28.76 26.74
CA GLY J 574 5.00 -27.61 26.90
C GLY J 574 6.45 -27.95 27.19
N GLY J 575 6.83 -29.22 27.09
CA GLY J 575 8.22 -29.58 27.27
C GLY J 575 9.12 -28.92 26.25
N GLY J 576 8.67 -28.84 25.00
CA GLY J 576 9.38 -28.04 24.02
C GLY J 576 9.39 -26.57 24.39
N ALA J 577 8.31 -26.10 25.01
CA ALA J 577 8.29 -24.73 25.54
C ALA J 577 9.10 -24.64 26.83
N ALA J 578 9.19 -25.74 27.58
CA ALA J 578 9.93 -25.73 28.84
C ALA J 578 11.40 -25.45 28.63
N ASP J 579 12.00 -26.06 27.61
CA ASP J 579 13.43 -25.85 27.38
C ASP J 579 13.70 -24.45 26.83
N ARG J 580 12.67 -23.74 26.39
CA ARG J 580 12.88 -22.39 25.85
C ARG J 580 13.40 -21.45 26.92
N VAL J 581 12.70 -21.37 28.06
CA VAL J 581 13.08 -20.42 29.10
C VAL J 581 14.37 -20.84 29.78
N ILE J 582 14.54 -22.15 30.03
CA ILE J 582 15.76 -22.63 30.66
C ILE J 582 16.97 -22.35 29.78
N ASN J 583 16.82 -22.53 28.46
CA ASN J 583 17.89 -22.16 27.55
C ASN J 583 18.17 -20.66 27.63
N GLN J 584 17.12 -19.84 27.66
CA GLN J 584 17.32 -18.39 27.72
C GLN J 584 18.03 -17.99 29.01
N ILE J 585 17.60 -18.55 30.14
CA ILE J 585 18.27 -18.24 31.39
C ILE J 585 19.71 -18.73 31.36
N LEU J 586 19.93 -19.94 30.86
CA LEU J 586 21.28 -20.49 30.82
C LEU J 586 22.16 -19.76 29.82
N THR J 587 21.60 -19.27 28.73
CA THR J 587 22.42 -18.64 27.69
C THR J 587 23.05 -17.35 28.18
N GLU J 588 22.27 -16.46 28.77
CA GLU J 588 22.75 -15.15 29.19
C GLU J 588 22.95 -15.09 30.71
N MET J 589 23.43 -16.18 31.29
CA MET J 589 23.87 -16.17 32.68
C MET J 589 25.27 -16.76 32.85
N ASP J 590 25.77 -17.53 31.89
CA ASP J 590 27.19 -17.85 31.82
C ASP J 590 28.00 -16.74 31.16
N GLY J 591 27.35 -15.73 30.60
CA GLY J 591 28.00 -14.60 29.98
C GLY J 591 28.26 -13.43 30.91
N MET J 592 28.06 -13.60 32.21
CA MET J 592 28.34 -12.54 33.16
C MET J 592 29.83 -12.23 33.21
N SER J 593 30.15 -10.98 33.48
CA SER J 593 31.53 -10.54 33.61
C SER J 593 31.83 -10.25 35.08
N THR J 594 33.06 -10.59 35.49
CA THR J 594 33.47 -10.35 36.88
C THR J 594 33.56 -8.87 37.21
N LYS J 595 33.63 -8.00 36.20
CA LYS J 595 33.71 -6.57 36.45
C LYS J 595 32.41 -6.06 37.07
N LYS J 596 31.27 -6.40 36.46
CA LYS J 596 29.99 -6.06 37.05
C LYS J 596 29.68 -7.00 38.20
N ASN J 597 28.96 -6.49 39.19
CA ASN J 597 28.59 -7.27 40.38
C ASN J 597 27.09 -7.51 40.36
N VAL J 598 26.67 -8.58 39.68
CA VAL J 598 25.29 -9.03 39.67
C VAL J 598 25.24 -10.41 40.31
N PHE J 599 24.40 -10.56 41.32
CA PHE J 599 24.33 -11.77 42.12
C PHE J 599 22.99 -12.45 41.88
N ILE J 600 23.01 -13.77 41.73
CA ILE J 600 21.82 -14.54 41.40
C ILE J 600 21.47 -15.42 42.60
N ILE J 601 20.19 -15.45 42.95
CA ILE J 601 19.69 -16.29 44.04
C ILE J 601 18.42 -16.99 43.56
N GLY J 602 18.34 -18.28 43.81
CA GLY J 602 17.17 -19.05 43.43
C GLY J 602 16.53 -19.71 44.63
N ALA J 603 15.24 -19.97 44.51
CA ALA J 603 14.47 -20.60 45.57
C ALA J 603 13.54 -21.64 44.98
N THR J 604 13.48 -22.80 45.63
CA THR J 604 12.59 -23.87 45.19
C THR J 604 12.26 -24.77 46.37
N ASN J 605 11.13 -25.46 46.26
CA ASN J 605 10.66 -26.37 47.29
C ASN J 605 10.49 -27.80 46.79
N ARG J 606 10.79 -28.06 45.52
CA ARG J 606 10.78 -29.41 44.95
C ARG J 606 12.10 -29.61 44.22
N PRO J 607 13.19 -29.83 44.96
CA PRO J 607 14.51 -29.90 44.31
C PRO J 607 14.70 -31.09 43.39
N ASP J 608 13.85 -32.12 43.48
CA ASP J 608 14.05 -33.31 42.67
C ASP J 608 13.73 -33.05 41.20
N ILE J 609 12.81 -32.13 40.92
CA ILE J 609 12.30 -31.97 39.55
C ILE J 609 13.18 -31.06 38.69
N ILE J 610 13.95 -30.15 39.30
CA ILE J 610 14.76 -29.23 38.52
C ILE J 610 15.86 -30.01 37.81
N ASP J 611 16.10 -29.65 36.54
CA ASP J 611 17.02 -30.42 35.71
C ASP J 611 18.46 -30.24 36.20
N PRO J 612 19.23 -31.33 36.31
CA PRO J 612 20.65 -31.22 36.65
C PRO J 612 21.43 -30.19 35.82
N ALA J 613 20.89 -29.72 34.70
CA ALA J 613 21.64 -28.79 33.84
C ALA J 613 22.02 -27.52 34.58
N ILE J 614 21.07 -26.94 35.31
CA ILE J 614 21.37 -25.70 36.03
C ILE J 614 22.25 -26.00 37.25
N LEU J 615 22.27 -27.25 37.69
CA LEU J 615 23.15 -27.68 38.79
C LEU J 615 24.49 -28.09 38.18
N ARG J 616 25.30 -27.08 37.86
CA ARG J 616 26.58 -27.33 37.21
C ARG J 616 27.59 -26.30 37.67
N PRO J 617 28.85 -26.69 37.84
CA PRO J 617 29.89 -25.71 38.14
C PRO J 617 29.96 -24.63 37.06
N GLY J 618 30.23 -23.41 37.50
CA GLY J 618 30.14 -22.24 36.65
C GLY J 618 28.80 -21.55 36.69
N ARG J 619 27.78 -22.22 37.21
CA ARG J 619 26.44 -21.67 37.41
C ARG J 619 26.13 -21.72 38.91
N LEU J 620 24.89 -21.45 39.26
CA LEU J 620 24.49 -21.57 40.66
C LEU J 620 24.64 -23.03 41.11
N ASP J 621 25.48 -23.24 42.11
CA ASP J 621 25.84 -24.60 42.52
C ASP J 621 25.84 -24.84 44.02
N GLN J 622 25.85 -23.81 44.86
CA GLN J 622 25.79 -24.01 46.30
C GLN J 622 24.35 -24.29 46.69
N LEU J 623 24.09 -25.50 47.19
CA LEU J 623 22.74 -25.93 47.57
C LEU J 623 22.62 -25.86 49.07
N ILE J 624 22.19 -24.71 49.58
CA ILE J 624 22.02 -24.49 51.02
C ILE J 624 20.65 -25.01 51.42
N TYR J 625 20.63 -25.92 52.39
CA TYR J 625 19.40 -26.58 52.82
C TYR J 625 18.82 -25.81 54.00
N ILE J 626 17.62 -25.26 53.81
CA ILE J 626 16.91 -24.54 54.86
C ILE J 626 16.06 -25.54 55.63
N PRO J 627 16.38 -25.84 56.89
CA PRO J 627 15.61 -26.83 57.63
C PRO J 627 14.35 -26.22 58.22
N LEU J 628 13.57 -27.08 58.86
CA LEU J 628 12.42 -26.61 59.63
C LEU J 628 12.94 -25.77 60.79
N PRO J 629 12.18 -24.79 61.27
CA PRO J 629 12.70 -23.89 62.31
C PRO J 629 13.09 -24.64 63.57
N ASP J 630 14.19 -24.23 64.18
CA ASP J 630 14.69 -24.88 65.38
C ASP J 630 13.78 -24.56 66.57
N GLU J 631 13.93 -25.35 67.64
CA GLU J 631 13.11 -25.15 68.83
C GLU J 631 13.35 -23.77 69.43
N LYS J 632 14.61 -23.36 69.52
CA LYS J 632 14.90 -22.01 69.98
C LYS J 632 14.38 -20.96 69.01
N SER J 633 14.50 -21.24 67.71
CA SER J 633 14.04 -20.28 66.71
C SER J 633 12.53 -20.08 66.76
N ARG J 634 11.77 -21.12 67.10
CA ARG J 634 10.33 -20.98 67.18
C ARG J 634 9.91 -19.94 68.21
N VAL J 635 10.72 -19.76 69.25
CA VAL J 635 10.45 -18.69 70.22
C VAL J 635 10.69 -17.33 69.59
N ALA J 636 11.80 -17.18 68.88
CA ALA J 636 12.16 -15.89 68.30
C ALA J 636 11.20 -15.50 67.17
N ILE J 637 10.72 -16.49 66.41
CA ILE J 637 9.79 -16.21 65.33
C ILE J 637 8.51 -15.59 65.88
N LEU J 638 8.05 -16.09 67.02
CA LEU J 638 6.85 -15.54 67.64
C LEU J 638 7.04 -14.07 68.02
N LYS J 639 8.19 -13.75 68.61
CA LYS J 639 8.43 -12.39 69.09
C LYS J 639 8.50 -11.40 67.94
N ALA J 640 9.13 -11.80 66.83
CA ALA J 640 9.34 -10.88 65.71
C ALA J 640 8.01 -10.48 65.08
N ASN J 641 7.16 -11.46 64.75
CA ASN J 641 5.89 -11.16 64.11
C ASN J 641 4.88 -10.57 65.10
N LEU J 642 5.09 -10.75 66.40
CA LEU J 642 4.20 -10.22 67.44
C LEU J 642 4.82 -9.02 68.13
N ARG J 643 5.44 -8.13 67.35
CA ARG J 643 5.96 -6.88 67.86
C ARG J 643 5.02 -5.72 67.59
N LYS J 644 3.73 -6.01 67.38
CA LYS J 644 2.78 -4.95 67.05
C LYS J 644 2.30 -4.19 68.29
N SER J 645 1.48 -4.83 69.14
CA SER J 645 1.26 -4.45 70.52
C SER J 645 0.50 -5.56 71.25
N PRO J 646 1.05 -6.79 71.35
CA PRO J 646 0.31 -7.90 71.98
C PRO J 646 0.58 -8.03 73.47
N VAL J 647 0.25 -7.00 74.24
CA VAL J 647 0.46 -7.05 75.68
C VAL J 647 -0.68 -7.87 76.30
N ALA J 648 -0.42 -9.16 76.47
CA ALA J 648 -1.42 -10.10 77.00
C ALA J 648 -1.16 -10.38 78.48
N LYS J 649 -1.24 -9.29 79.28
CA LYS J 649 -0.90 -9.29 80.70
C LYS J 649 0.23 -10.26 81.01
N ASP J 650 0.01 -11.16 81.97
CA ASP J 650 0.97 -12.24 82.26
C ASP J 650 0.73 -13.36 81.24
N VAL J 651 1.26 -13.14 80.04
CA VAL J 651 1.01 -14.06 78.94
C VAL J 651 1.73 -15.39 79.15
N ASP J 652 2.96 -15.35 79.68
CA ASP J 652 3.81 -16.52 79.79
C ASP J 652 3.97 -17.20 78.43
N LEU J 653 4.55 -16.45 77.48
CA LEU J 653 4.63 -16.89 76.10
C LEU J 653 5.58 -18.07 75.93
N GLU J 654 6.44 -18.35 76.91
CA GLU J 654 7.35 -19.48 76.78
C GLU J 654 6.57 -20.79 76.66
N PHE J 655 5.31 -20.78 77.08
CA PHE J 655 4.43 -21.91 76.82
C PHE J 655 4.23 -22.14 75.32
N LEU J 656 4.18 -21.03 74.56
CA LEU J 656 3.79 -21.10 73.15
C LEU J 656 4.62 -22.11 72.37
N ALA J 657 5.93 -22.07 72.54
CA ALA J 657 6.82 -22.88 71.71
C ALA J 657 6.71 -24.37 72.04
N LYS J 658 6.67 -24.70 73.34
CA LYS J 658 6.90 -26.09 73.74
C LYS J 658 5.70 -26.98 73.41
N MET J 659 4.48 -26.51 73.69
CA MET J 659 3.32 -27.34 73.41
C MET J 659 3.14 -27.58 71.91
N THR J 660 3.34 -26.53 71.12
CA THR J 660 3.22 -26.61 69.66
C THR J 660 4.62 -26.74 69.07
N ASN J 661 5.18 -27.94 69.18
CA ASN J 661 6.50 -28.23 68.64
C ASN J 661 6.37 -28.68 67.19
N GLY J 662 7.49 -28.67 66.47
CA GLY J 662 7.52 -29.14 65.10
C GLY J 662 6.63 -28.37 64.14
N PHE J 663 6.70 -27.05 64.17
CA PHE J 663 5.85 -26.20 63.35
C PHE J 663 6.71 -25.37 62.40
N SER J 664 6.18 -25.15 61.19
CA SER J 664 6.85 -24.35 60.19
C SER J 664 6.79 -22.87 60.56
N GLY J 665 7.69 -22.09 59.96
CA GLY J 665 7.77 -20.68 60.29
C GLY J 665 6.54 -19.90 59.87
N ALA J 666 6.04 -20.15 58.66
CA ALA J 666 4.89 -19.42 58.16
C ALA J 666 3.62 -19.75 58.92
N ASP J 667 3.52 -20.96 59.48
CA ASP J 667 2.34 -21.32 60.25
C ASP J 667 2.25 -20.54 61.55
N LEU J 668 3.41 -20.25 62.15
CA LEU J 668 3.40 -19.51 63.42
C LEU J 668 2.89 -18.09 63.24
N THR J 669 3.19 -17.47 62.09
CA THR J 669 2.65 -16.14 61.80
C THR J 669 1.12 -16.21 61.64
N GLU J 670 0.63 -17.25 60.97
CA GLU J 670 -0.80 -17.37 60.73
C GLU J 670 -1.57 -17.56 62.05
N ILE J 671 -1.04 -18.38 62.95
CA ILE J 671 -1.81 -18.75 64.14
C ILE J 671 -2.06 -17.53 65.03
N CYS J 672 -1.17 -16.55 64.97
CA CYS J 672 -1.34 -15.36 65.80
C CYS J 672 -2.19 -14.32 65.09
N GLN J 673 -2.18 -14.31 63.75
CA GLN J 673 -3.05 -13.42 63.01
C GLN J 673 -4.51 -13.75 63.29
N ARG J 674 -4.85 -15.04 63.32
CA ARG J 674 -6.20 -15.45 63.68
C ARG J 674 -6.49 -15.17 65.14
N ALA J 675 -5.49 -15.35 66.02
CA ALA J 675 -5.71 -15.08 67.44
C ALA J 675 -6.07 -13.62 67.67
N CYS J 676 -5.35 -12.71 67.02
CA CYS J 676 -5.72 -11.30 67.10
C CYS J 676 -7.02 -11.02 66.37
N LYS J 677 -7.38 -11.85 65.37
CA LYS J 677 -8.63 -11.63 64.64
C LYS J 677 -9.83 -11.75 65.56
N LEU J 678 -9.84 -12.78 66.42
CA LEU J 678 -10.93 -12.90 67.39
C LEU J 678 -10.86 -11.80 68.44
N ALA J 679 -9.65 -11.38 68.82
CA ALA J 679 -9.51 -10.27 69.75
C ALA J 679 -10.10 -9.00 69.19
N ILE J 680 -10.10 -8.84 67.86
CA ILE J 680 -10.79 -7.70 67.24
C ILE J 680 -12.29 -7.79 67.53
N ARG J 681 -12.86 -8.98 67.39
CA ARG J 681 -14.29 -9.15 67.56
C ARG J 681 -14.72 -8.81 68.99
N GLU J 682 -13.93 -9.26 69.98
CA GLU J 682 -14.29 -9.03 71.37
C GLU J 682 -14.33 -7.54 71.68
N SER J 683 -13.35 -6.78 71.15
CA SER J 683 -13.36 -5.34 71.34
C SER J 683 -14.55 -4.68 70.63
N ILE J 684 -15.00 -5.27 69.52
CA ILE J 684 -16.15 -4.72 68.82
C ILE J 684 -17.40 -4.83 69.69
N GLU J 685 -17.66 -6.03 70.22
CA GLU J 685 -18.82 -6.18 71.10
C GLU J 685 -18.61 -5.45 72.42
N SER J 686 -17.35 -5.18 72.78
CA SER J 686 -17.08 -4.43 74.01
C SER J 686 -17.65 -3.03 73.94
N GLU J 687 -17.48 -2.36 72.80
CA GLU J 687 -18.05 -1.02 72.65
C GLU J 687 -19.48 -1.06 72.14
N ILE J 688 -19.88 -2.16 71.51
CA ILE J 688 -21.29 -2.36 71.16
C ILE J 688 -22.13 -2.47 72.43
N ARG J 689 -21.63 -3.22 73.42
CA ARG J 689 -22.31 -3.25 74.71
C ARG J 689 -22.32 -1.88 75.36
N ARG J 690 -21.18 -1.18 75.30
CA ARG J 690 -21.10 0.14 75.94
C ARG J 690 -22.05 1.14 75.30
N GLU J 691 -22.10 1.17 73.96
CA GLU J 691 -22.95 2.15 73.29
C GLU J 691 -24.43 1.88 73.55
N ARG J 692 -24.83 0.61 73.57
CA ARG J 692 -26.23 0.29 73.87
C ARG J 692 -26.55 0.44 75.35
N GLU J 693 -25.54 0.35 76.22
CA GLU J 693 -25.74 0.73 77.61
C GLU J 693 -25.77 2.25 77.78
N ARG J 694 -25.08 2.97 76.89
CA ARG J 694 -25.11 4.44 76.90
C ARG J 694 -26.46 5.00 76.50
N GLN J 695 -27.34 4.19 75.91
CA GLN J 695 -28.67 4.67 75.54
C GLN J 695 -29.53 4.97 76.76
N THR J 696 -29.22 4.36 77.91
CA THR J 696 -29.98 4.58 79.14
C THR J 696 -29.47 5.77 79.93
N ASN J 697 -28.14 5.97 79.98
CA ASN J 697 -27.56 7.08 80.71
C ASN J 697 -27.14 8.16 79.73
N PRO J 698 -27.79 9.32 79.71
CA PRO J 698 -27.45 10.37 78.75
C PRO J 698 -26.19 11.13 79.18
N SER J 699 -25.08 10.84 78.51
CA SER J 699 -23.81 11.54 78.72
C SER J 699 -23.41 11.53 80.20
N ALA J 700 -23.62 10.39 80.86
CA ALA J 700 -23.32 10.27 82.29
C ALA J 700 -21.92 9.70 82.47
N MET J 701 -20.93 10.49 82.05
CA MET J 701 -19.53 10.11 82.13
C MET J 701 -18.76 11.24 82.81
N GLU J 702 -18.51 11.10 84.12
CA GLU J 702 -17.70 12.08 84.83
C GLU J 702 -16.26 12.07 84.32
N VAL J 703 -15.73 10.88 84.02
CA VAL J 703 -14.39 10.72 83.47
C VAL J 703 -14.51 10.46 81.98
N GLU J 704 -13.53 10.97 81.22
CA GLU J 704 -13.55 10.83 79.76
C GLU J 704 -12.94 9.48 79.38
N GLU J 705 -13.79 8.55 78.95
CA GLU J 705 -13.33 7.27 78.44
C GLU J 705 -14.34 6.77 77.42
N ASP J 706 -13.84 6.27 76.29
CA ASP J 706 -14.68 5.79 75.20
C ASP J 706 -14.54 4.31 74.94
N ASP J 707 -13.32 3.78 75.03
CA ASP J 707 -13.03 2.38 74.77
C ASP J 707 -12.21 1.85 75.93
N PRO J 708 -12.24 0.52 76.16
CA PRO J 708 -11.39 -0.07 77.21
C PRO J 708 -9.89 0.05 76.92
N VAL J 709 -9.53 0.74 75.83
CA VAL J 709 -8.14 1.00 75.47
C VAL J 709 -7.36 -0.31 75.36
N PRO J 710 -7.57 -1.08 74.26
CA PRO J 710 -6.93 -2.40 74.09
C PRO J 710 -6.25 -3.04 75.29
N GLU J 711 -6.97 -3.91 75.97
CA GLU J 711 -6.53 -4.50 77.23
C GLU J 711 -6.28 -6.00 77.04
N ILE J 712 -5.60 -6.33 75.94
CA ILE J 712 -5.47 -7.72 75.48
C ILE J 712 -5.20 -8.67 76.64
N ARG J 713 -6.02 -9.72 76.73
CA ARG J 713 -5.91 -10.73 77.76
C ARG J 713 -5.03 -11.87 77.28
N ARG J 714 -4.92 -12.90 78.11
CA ARG J 714 -4.20 -14.12 77.74
C ARG J 714 -5.13 -15.28 77.42
N ASP J 715 -6.35 -15.28 77.97
CA ASP J 715 -7.24 -16.42 77.84
C ASP J 715 -7.66 -16.68 76.40
N HIS J 716 -7.70 -15.63 75.56
CA HIS J 716 -8.18 -15.82 74.20
C HIS J 716 -7.15 -16.56 73.35
N PHE J 717 -5.87 -16.45 73.72
CA PHE J 717 -4.80 -17.04 72.91
C PHE J 717 -4.89 -18.55 72.88
N GLU J 718 -5.04 -19.17 74.06
CA GLU J 718 -5.19 -20.62 74.12
C GLU J 718 -6.46 -21.07 73.44
N GLU J 719 -7.54 -20.31 73.62
CA GLU J 719 -8.78 -20.61 72.90
C GLU J 719 -8.58 -20.50 71.39
N ALA J 720 -7.74 -19.56 70.95
CA ALA J 720 -7.49 -19.40 69.52
C ALA J 720 -6.60 -20.53 69.00
N MET J 721 -5.75 -21.10 69.86
CA MET J 721 -4.87 -22.17 69.43
C MET J 721 -5.63 -23.39 68.96
N ARG J 722 -6.90 -23.53 69.37
CA ARG J 722 -7.66 -24.75 69.13
C ARG J 722 -7.73 -25.08 67.65
N PHE J 723 -7.76 -24.06 66.79
CA PHE J 723 -7.81 -24.26 65.34
C PHE J 723 -6.41 -24.04 64.78
N ALA J 724 -5.55 -25.03 64.97
CA ALA J 724 -4.23 -25.06 64.36
C ALA J 724 -4.24 -26.04 63.20
N ARG J 725 -3.09 -26.19 62.53
CA ARG J 725 -3.02 -27.10 61.39
C ARG J 725 -1.60 -27.60 61.22
N ARG J 726 -1.45 -28.92 61.13
CA ARG J 726 -0.17 -29.55 60.82
C ARG J 726 -0.06 -29.67 59.31
N SER J 727 0.39 -28.59 58.66
CA SER J 727 0.45 -28.56 57.21
C SER J 727 1.58 -29.43 56.68
N VAL J 728 2.82 -29.11 57.06
CA VAL J 728 3.95 -29.92 56.62
C VAL J 728 4.05 -31.14 57.52
N SER J 729 3.92 -32.32 56.91
CA SER J 729 3.87 -33.58 57.64
C SER J 729 5.19 -34.33 57.52
N ASP J 730 5.22 -35.53 58.10
CA ASP J 730 6.43 -36.34 58.10
C ASP J 730 6.80 -36.80 56.70
N ASN J 731 5.80 -37.00 55.83
CA ASN J 731 6.08 -37.46 54.48
C ASN J 731 6.92 -36.45 53.70
N ASP J 732 6.58 -35.16 53.82
CA ASP J 732 7.28 -34.14 53.07
C ASP J 732 8.70 -33.94 53.59
N ILE J 733 8.88 -33.92 54.91
CA ILE J 733 10.19 -33.62 55.48
C ILE J 733 11.18 -34.75 55.20
N ARG J 734 10.69 -35.99 55.12
CA ARG J 734 11.57 -37.12 54.84
C ARG J 734 12.21 -37.00 53.47
N LYS J 735 11.43 -36.55 52.47
CA LYS J 735 11.94 -36.45 51.11
C LYS J 735 13.11 -35.47 51.02
N TYR J 736 13.01 -34.34 51.72
CA TYR J 736 14.09 -33.37 51.68
C TYR J 736 15.36 -33.91 52.32
N GLU J 737 15.22 -34.66 53.42
CA GLU J 737 16.38 -35.12 54.15
C GLU J 737 17.12 -36.23 53.39
N MET J 738 16.38 -37.15 52.76
CA MET J 738 17.03 -38.20 51.99
C MET J 738 17.74 -37.62 50.77
N PHE J 739 17.14 -36.61 50.14
CA PHE J 739 17.83 -35.89 49.08
C PHE J 739 18.99 -35.08 49.64
N ALA J 740 18.84 -34.58 50.86
CA ALA J 740 19.96 -33.91 51.53
C ALA J 740 21.09 -34.89 51.80
N GLN J 741 20.76 -36.10 52.25
CA GLN J 741 21.79 -37.13 52.42
C GLN J 741 22.33 -37.61 51.07
N THR J 742 21.51 -37.54 50.02
CA THR J 742 21.99 -37.87 48.68
C THR J 742 23.11 -36.92 48.27
N LEU J 743 22.91 -35.62 48.49
CA LEU J 743 23.98 -34.66 48.22
C LEU J 743 25.13 -34.83 49.21
N GLN J 744 24.81 -35.04 50.49
CA GLN J 744 25.85 -35.15 51.50
C GLN J 744 26.71 -36.39 51.28
N GLN J 745 26.11 -37.51 50.90
CA GLN J 745 26.86 -38.74 50.68
C GLN J 745 26.54 -39.34 49.31
N ASP K 3 27.21 43.55 4.24
CA ASP K 3 28.04 42.95 3.21
C ASP K 3 28.77 44.01 2.40
N ILE K 4 28.03 45.05 2.01
CA ILE K 4 28.62 46.10 1.16
C ILE K 4 29.75 46.82 1.88
N GLY K 5 29.70 46.89 3.21
CA GLY K 5 30.72 47.59 3.97
C GLY K 5 32.05 46.84 4.04
N ASP K 6 32.05 45.68 4.68
CA ASP K 6 33.29 44.97 4.94
C ASP K 6 33.88 44.37 3.65
N TRP K 7 33.03 43.84 2.77
CA TRP K 7 33.53 43.24 1.53
C TRP K 7 34.22 44.27 0.66
N PHE K 8 33.67 45.48 0.57
CA PHE K 8 34.36 46.56 -0.13
C PHE K 8 35.70 46.87 0.52
N ARG K 9 35.74 46.90 1.85
CA ARG K 9 37.01 47.07 2.55
C ARG K 9 37.92 45.86 2.35
N SER K 10 37.34 44.67 2.16
CA SER K 10 38.15 43.49 1.91
C SER K 10 38.94 43.61 0.61
N ILE K 11 38.41 44.36 -0.35
CA ILE K 11 39.15 44.62 -1.59
C ILE K 11 40.38 45.46 -1.27
N PRO K 12 41.54 45.19 -1.87
CA PRO K 12 42.70 46.06 -1.64
C PRO K 12 42.40 47.49 -2.05
N ALA K 13 43.00 48.43 -1.31
CA ALA K 13 42.69 49.85 -1.49
C ALA K 13 42.97 50.30 -2.91
N ILE K 14 44.04 49.80 -3.52
CA ILE K 14 44.36 50.16 -4.90
C ILE K 14 43.26 49.69 -5.84
N THR K 15 42.84 48.43 -5.68
CA THR K 15 41.80 47.88 -6.55
C THR K 15 40.42 48.43 -6.18
N ARG K 16 40.16 48.63 -4.88
CA ARG K 16 38.88 49.17 -4.46
C ARG K 16 38.69 50.60 -4.97
N TYR K 17 39.79 51.36 -5.10
CA TYR K 17 39.70 52.69 -5.71
C TYR K 17 39.35 52.58 -7.18
N TRP K 18 39.92 51.61 -7.88
CA TRP K 18 39.54 51.37 -9.27
C TRP K 18 38.08 50.94 -9.37
N PHE K 19 37.62 50.09 -8.45
CA PHE K 19 36.23 49.69 -8.45
C PHE K 19 35.31 50.89 -8.25
N ALA K 20 35.65 51.77 -7.30
CA ALA K 20 34.81 52.92 -7.02
C ALA K 20 34.74 53.85 -8.23
N ALA K 21 35.86 54.05 -8.92
CA ALA K 21 35.86 54.93 -10.09
C ALA K 21 34.99 54.37 -11.21
N THR K 22 34.98 53.05 -11.37
CA THR K 22 34.28 52.42 -12.48
C THR K 22 32.78 52.27 -12.23
N VAL K 23 32.31 52.43 -11.00
CA VAL K 23 30.90 52.21 -10.70
C VAL K 23 30.19 53.54 -10.43
N ALA K 24 30.89 54.49 -9.84
CA ALA K 24 30.27 55.77 -9.49
C ALA K 24 29.93 56.58 -10.73
N VAL K 25 30.81 56.58 -11.73
CA VAL K 25 30.60 57.39 -12.92
C VAL K 25 29.35 56.98 -13.70
N PRO K 26 29.12 55.70 -14.01
CA PRO K 26 27.89 55.35 -14.74
C PRO K 26 26.62 55.70 -13.98
N LEU K 27 26.64 55.66 -12.65
CA LEU K 27 25.45 55.99 -11.88
C LEU K 27 25.03 57.44 -12.10
N VAL K 28 26.00 58.36 -12.12
CA VAL K 28 25.68 59.76 -12.39
C VAL K 28 25.17 59.93 -13.81
N GLY K 29 25.73 59.16 -14.75
CA GLY K 29 25.32 59.28 -16.14
C GLY K 29 23.89 58.82 -16.38
N LYS K 30 23.49 57.72 -15.75
CA LYS K 30 22.15 57.18 -16.00
C LYS K 30 21.07 58.13 -15.49
N LEU K 31 21.29 58.74 -14.32
CA LEU K 31 20.35 59.74 -13.83
C LEU K 31 20.52 61.07 -14.54
N GLY K 32 21.75 61.43 -14.89
CA GLY K 32 22.01 62.62 -15.69
C GLY K 32 21.96 63.93 -14.93
N LEU K 33 22.84 64.09 -13.94
CA LEU K 33 22.97 65.36 -13.24
C LEU K 33 23.97 66.28 -13.94
N ILE K 34 25.19 65.81 -14.10
CA ILE K 34 26.19 66.55 -14.86
C ILE K 34 25.93 66.38 -16.35
N SER K 35 26.53 67.26 -17.15
CA SER K 35 26.32 67.23 -18.59
C SER K 35 26.98 65.98 -19.18
N PRO K 36 26.22 65.08 -19.81
CA PRO K 36 26.85 63.91 -20.44
C PRO K 36 27.80 64.27 -21.56
N ALA K 37 27.52 65.34 -22.31
CA ALA K 37 28.39 65.75 -23.40
C ALA K 37 29.66 66.44 -22.91
N TYR K 38 29.75 66.75 -21.63
CA TYR K 38 30.92 67.44 -21.08
C TYR K 38 32.18 66.57 -21.07
N LEU K 39 32.04 65.27 -21.30
CA LEU K 39 33.19 64.34 -21.26
C LEU K 39 33.25 63.62 -22.61
N PHE K 40 34.01 64.19 -23.55
CA PHE K 40 34.11 63.66 -24.90
C PHE K 40 35.55 63.47 -25.38
N LEU K 41 36.51 64.20 -24.84
CA LEU K 41 37.93 64.06 -25.20
C LEU K 41 38.15 64.31 -26.69
N TRP K 42 37.89 65.56 -27.10
CA TRP K 42 38.07 65.95 -28.49
C TRP K 42 39.55 65.86 -28.87
N PRO K 43 39.92 64.96 -29.78
CA PRO K 43 41.34 64.87 -30.15
C PRO K 43 41.81 66.04 -30.99
N GLU K 44 40.98 66.52 -31.91
CA GLU K 44 41.34 67.68 -32.72
C GLU K 44 41.53 68.93 -31.88
N ALA K 45 40.70 69.13 -30.86
CA ALA K 45 40.88 70.26 -29.95
C ALA K 45 42.23 70.17 -29.24
N PHE K 46 42.65 68.94 -28.90
CA PHE K 46 43.96 68.77 -28.28
C PHE K 46 45.09 69.17 -29.22
N LEU K 47 44.96 68.87 -30.51
CA LEU K 47 46.00 69.23 -31.46
C LEU K 47 46.13 70.73 -31.63
N TYR K 48 45.07 71.48 -31.33
CA TYR K 48 45.12 72.95 -31.43
C TYR K 48 45.47 73.58 -30.09
N ARG K 49 44.68 73.30 -29.06
CA ARG K 49 44.89 73.86 -27.72
C ARG K 49 45.16 72.73 -26.74
N PHE K 50 45.83 73.10 -25.64
CA PHE K 50 46.19 72.10 -24.63
C PHE K 50 44.96 71.48 -24.00
N GLN K 51 43.95 72.30 -23.67
CA GLN K 51 42.69 71.84 -23.09
C GLN K 51 42.94 71.00 -21.83
N ILE K 52 43.47 71.69 -20.81
CA ILE K 52 43.82 71.07 -19.53
C ILE K 52 42.56 70.66 -18.79
N TRP K 53 41.38 70.99 -19.34
CA TRP K 53 40.13 70.60 -18.71
C TRP K 53 39.94 69.09 -18.69
N ARG K 54 40.28 68.41 -19.78
CA ARG K 54 39.96 66.99 -19.95
C ARG K 54 41.17 66.17 -20.41
N PRO K 55 42.23 66.10 -19.61
CA PRO K 55 43.30 65.13 -19.91
C PRO K 55 43.00 63.78 -19.30
N ILE K 56 42.15 63.80 -18.27
CA ILE K 56 41.86 62.63 -17.46
C ILE K 56 40.37 62.35 -17.32
N THR K 57 39.51 63.36 -17.46
CA THR K 57 38.10 63.21 -17.14
C THR K 57 37.41 62.17 -18.00
N ALA K 58 37.73 62.15 -19.30
CA ALA K 58 37.05 61.23 -20.21
C ALA K 58 37.64 59.82 -20.17
N THR K 59 38.68 59.58 -19.39
CA THR K 59 39.28 58.25 -19.30
C THR K 59 38.53 57.32 -18.36
N PHE K 60 37.50 57.81 -17.67
CA PHE K 60 36.68 56.97 -16.82
C PHE K 60 35.18 57.07 -17.10
N TYR K 61 34.75 58.04 -17.90
CA TYR K 61 33.33 58.22 -18.17
C TYR K 61 32.84 57.21 -19.21
N PHE K 62 31.62 56.73 -19.02
CA PHE K 62 31.00 55.84 -19.99
C PHE K 62 29.48 55.97 -19.89
N PRO K 63 28.82 56.44 -20.95
CA PRO K 63 27.34 56.56 -20.91
C PRO K 63 26.65 55.22 -21.14
N VAL K 64 26.76 54.33 -20.15
CA VAL K 64 26.11 53.03 -20.25
C VAL K 64 24.61 53.21 -20.06
N GLY K 65 23.84 52.37 -20.74
CA GLY K 65 22.39 52.49 -20.72
C GLY K 65 21.76 51.72 -21.86
N PRO K 66 20.86 52.36 -22.60
CA PRO K 66 20.17 51.69 -23.71
C PRO K 66 21.11 51.28 -24.84
N GLY K 67 22.35 51.78 -24.87
CA GLY K 67 23.27 51.42 -25.93
C GLY K 67 24.05 50.17 -25.62
N THR K 68 25.37 50.28 -25.51
CA THR K 68 26.22 49.13 -25.20
C THR K 68 26.18 48.79 -23.72
N GLY K 69 24.98 48.56 -23.20
CA GLY K 69 24.83 48.29 -21.77
C GLY K 69 25.48 46.98 -21.36
N PHE K 70 25.27 45.93 -22.15
CA PHE K 70 25.79 44.61 -21.78
C PHE K 70 27.30 44.57 -21.82
N LEU K 71 27.91 45.35 -22.73
CA LEU K 71 29.37 45.32 -22.86
C LEU K 71 30.05 45.83 -21.61
N TYR K 72 29.54 46.90 -21.00
CA TYR K 72 30.18 47.44 -19.81
C TYR K 72 30.12 46.44 -18.66
N LEU K 73 28.99 45.73 -18.55
CA LEU K 73 28.83 44.77 -17.46
C LEU K 73 29.88 43.68 -17.51
N VAL K 74 30.16 43.16 -18.71
CA VAL K 74 31.05 42.00 -18.81
C VAL K 74 32.49 42.39 -18.53
N ASN K 75 32.98 43.48 -19.13
CA ASN K 75 34.38 43.85 -18.93
C ASN K 75 34.65 44.17 -17.48
N LEU K 76 33.70 44.83 -16.82
CA LEU K 76 33.79 45.01 -15.37
C LEU K 76 33.74 43.67 -14.65
N TYR K 77 33.04 42.68 -15.24
CA TYR K 77 32.89 41.40 -14.55
C TYR K 77 34.18 40.60 -14.53
N PHE K 78 34.87 40.48 -15.67
CA PHE K 78 36.14 39.76 -15.64
C PHE K 78 37.16 40.49 -14.77
N LEU K 79 37.13 41.82 -14.80
CA LEU K 79 37.98 42.58 -13.91
C LEU K 79 37.71 42.22 -12.46
N TYR K 80 36.45 42.24 -12.04
CA TYR K 80 36.12 41.88 -10.67
C TYR K 80 36.54 40.44 -10.36
N GLN K 81 36.30 39.52 -11.28
CA GLN K 81 36.68 38.14 -11.06
C GLN K 81 38.19 37.90 -11.19
N TYR K 82 38.93 38.81 -11.82
CA TYR K 82 40.33 38.54 -12.09
C TYR K 82 41.31 39.62 -11.63
N SER K 83 40.84 40.83 -11.31
CA SER K 83 41.73 41.79 -10.68
C SER K 83 42.19 41.29 -9.32
N THR K 84 41.27 40.72 -8.54
CA THR K 84 41.65 40.15 -7.25
C THR K 84 42.64 39.03 -7.42
N ARG K 85 42.46 38.19 -8.43
CA ARG K 85 43.37 37.07 -8.65
C ARG K 85 44.77 37.54 -8.97
N LEU K 86 44.90 38.58 -9.79
CA LEU K 86 46.23 38.99 -10.25
C LEU K 86 47.00 39.72 -9.16
N GLU K 87 46.30 40.41 -8.25
CA GLU K 87 46.99 40.97 -7.08
C GLU K 87 47.61 39.86 -6.24
N THR K 88 46.86 38.78 -6.02
CA THR K 88 47.40 37.64 -5.29
C THR K 88 48.49 36.92 -6.05
N GLY K 89 48.59 37.15 -7.36
CA GLY K 89 49.64 36.53 -8.14
C GLY K 89 50.88 37.38 -8.24
N ALA K 90 51.86 37.09 -7.36
CA ALA K 90 53.17 37.72 -7.37
C ALA K 90 53.11 39.25 -7.29
N PHE K 91 51.99 39.81 -6.85
CA PHE K 91 51.81 41.25 -6.79
C PHE K 91 51.53 41.77 -5.39
N ASP K 92 51.33 40.90 -4.41
CA ASP K 92 51.07 41.37 -3.05
C ASP K 92 52.26 42.12 -2.47
N GLY K 93 53.46 41.62 -2.69
CA GLY K 93 54.66 42.25 -2.15
C GLY K 93 55.23 43.39 -2.97
N ARG K 94 54.71 43.63 -4.17
CA ARG K 94 55.21 44.68 -5.04
C ARG K 94 54.05 45.51 -5.59
N PRO K 95 53.40 46.30 -4.73
CA PRO K 95 52.33 47.17 -5.24
C PRO K 95 52.85 48.37 -5.99
N ALA K 96 54.02 48.90 -5.61
CA ALA K 96 54.57 50.06 -6.30
C ALA K 96 54.88 49.74 -7.76
N ASP K 97 55.43 48.55 -8.03
CA ASP K 97 55.58 48.10 -9.41
C ASP K 97 54.22 47.96 -10.09
N TYR K 98 53.23 47.42 -9.37
CA TYR K 98 51.91 47.26 -9.94
C TYR K 98 51.20 48.61 -10.09
N LEU K 99 51.52 49.56 -9.23
CA LEU K 99 51.05 50.92 -9.47
C LEU K 99 51.65 51.50 -10.76
N PHE K 100 52.91 51.18 -11.05
CA PHE K 100 53.59 51.89 -12.12
C PHE K 100 53.00 51.58 -13.50
N MET K 101 52.96 50.31 -13.90
CA MET K 101 52.60 49.95 -15.27
C MET K 101 51.15 50.29 -15.56
N LEU K 102 50.35 50.45 -14.51
CA LEU K 102 49.00 51.00 -14.68
C LEU K 102 49.06 52.37 -15.32
N LEU K 103 50.03 53.19 -14.90
CA LEU K 103 50.24 54.48 -15.55
C LEU K 103 50.82 54.30 -16.95
N PHE K 104 51.66 53.28 -17.14
CA PHE K 104 52.34 53.12 -18.43
C PHE K 104 51.36 52.81 -19.54
N ASN K 105 50.45 51.85 -19.33
CA ASN K 105 49.43 51.58 -20.34
C ASN K 105 48.49 52.76 -20.51
N TRP K 106 48.16 53.45 -19.41
CA TRP K 106 47.21 54.55 -19.50
C TRP K 106 47.76 55.68 -20.35
N ILE K 107 49.06 55.97 -20.24
CA ILE K 107 49.64 57.02 -21.07
C ILE K 107 49.91 56.49 -22.48
N CYS K 108 50.13 55.18 -22.62
CA CYS K 108 50.38 54.63 -23.95
C CYS K 108 49.11 54.61 -24.79
N ILE K 109 47.99 54.19 -24.20
CA ILE K 109 46.74 54.09 -24.96
C ILE K 109 46.22 55.47 -25.33
N VAL K 110 46.39 56.46 -24.43
CA VAL K 110 45.84 57.78 -24.68
C VAL K 110 46.61 58.48 -25.79
N ILE K 111 47.94 58.30 -25.84
CA ILE K 111 48.73 58.91 -26.90
C ILE K 111 48.35 58.33 -28.24
N THR K 112 48.24 57.00 -28.33
CA THR K 112 47.69 56.38 -29.52
C THR K 112 46.23 56.74 -29.69
N GLY K 113 45.51 56.92 -28.58
CA GLY K 113 44.13 57.35 -28.67
C GLY K 113 43.99 58.77 -29.17
N LEU K 114 44.89 59.66 -28.75
CA LEU K 114 44.82 61.04 -29.20
C LEU K 114 45.21 61.17 -30.67
N ALA K 115 46.08 60.28 -31.15
CA ALA K 115 46.49 60.31 -32.55
C ALA K 115 45.32 60.03 -33.48
N MET K 116 44.51 59.01 -33.16
CA MET K 116 43.36 58.67 -33.97
C MET K 116 42.12 59.32 -33.33
N ASP K 117 40.93 59.09 -33.90
CA ASP K 117 39.76 59.88 -33.55
C ASP K 117 38.68 59.08 -32.80
N MET K 118 39.05 58.05 -32.05
CA MET K 118 38.07 57.37 -31.23
C MET K 118 37.77 58.21 -30.00
N GLN K 119 36.67 57.90 -29.33
CA GLN K 119 36.15 58.75 -28.26
C GLN K 119 36.18 58.06 -26.88
N LEU K 120 35.80 56.79 -26.82
CA LEU K 120 35.67 56.09 -25.54
C LEU K 120 36.77 55.05 -25.42
N LEU K 121 37.77 55.35 -24.61
CA LEU K 121 38.84 54.39 -24.29
C LEU K 121 38.55 53.69 -22.95
N MET K 122 37.44 52.96 -22.94
CA MET K 122 37.02 52.24 -21.73
C MET K 122 37.47 50.78 -21.78
N ILE K 123 37.05 50.04 -22.81
CA ILE K 123 37.47 48.65 -22.95
C ILE K 123 38.99 48.51 -22.99
N PRO K 124 39.76 49.35 -23.70
CA PRO K 124 41.22 49.14 -23.75
C PRO K 124 41.89 49.06 -22.38
N LEU K 125 41.49 49.88 -21.41
CA LEU K 125 42.20 49.88 -20.14
C LEU K 125 41.82 48.66 -19.30
N ILE K 126 40.71 48.00 -19.63
CA ILE K 126 40.35 46.77 -18.93
C ILE K 126 41.10 45.58 -19.51
N MET K 127 41.09 45.45 -20.83
CA MET K 127 41.67 44.26 -21.46
C MET K 127 43.19 44.33 -21.55
N SER K 128 43.77 45.53 -21.52
CA SER K 128 45.23 45.65 -21.56
C SER K 128 45.86 44.98 -20.36
N VAL K 129 45.40 45.34 -19.15
CA VAL K 129 45.91 44.68 -17.94
C VAL K 129 45.47 43.23 -17.92
N LEU K 130 44.27 42.93 -18.42
CA LEU K 130 43.81 41.55 -18.50
C LEU K 130 44.70 40.74 -19.42
N TYR K 131 45.08 41.31 -20.57
CA TYR K 131 46.03 40.64 -21.45
C TYR K 131 47.38 40.46 -20.78
N VAL K 132 47.84 41.50 -20.06
CA VAL K 132 49.11 41.40 -19.35
C VAL K 132 49.05 40.31 -18.30
N TRP K 133 47.89 40.14 -17.66
CA TRP K 133 47.72 39.04 -16.73
C TRP K 133 47.99 37.69 -17.40
N ALA K 134 47.40 37.49 -18.58
CA ALA K 134 47.44 36.17 -19.22
C ALA K 134 48.88 35.73 -19.49
N GLN K 135 49.65 36.57 -20.18
CA GLN K 135 51.02 36.22 -20.49
C GLN K 135 51.87 36.07 -19.23
N LEU K 136 51.63 36.88 -18.21
CA LEU K 136 52.41 36.81 -16.99
C LEU K 136 51.87 35.77 -16.02
N ASN K 137 50.71 35.19 -16.32
CA ASN K 137 50.12 34.12 -15.52
C ASN K 137 49.62 32.99 -16.43
N ARG K 138 50.47 32.52 -17.34
CA ARG K 138 50.11 31.44 -18.25
C ARG K 138 50.07 30.08 -17.56
N ASP K 139 49.85 29.00 -18.33
CA ASP K 139 50.13 27.60 -17.94
C ASP K 139 49.22 27.09 -16.80
N MET K 140 47.92 27.42 -16.88
CA MET K 140 46.90 26.76 -16.07
C MET K 140 45.77 26.39 -17.00
N ILE K 141 45.04 25.32 -16.66
CA ILE K 141 43.80 24.98 -17.34
C ILE K 141 42.64 25.64 -16.60
N VAL K 142 41.73 26.25 -17.36
CA VAL K 142 40.49 26.80 -16.83
C VAL K 142 39.34 26.29 -17.68
N SER K 143 38.24 25.90 -17.03
CA SER K 143 37.07 25.37 -17.74
C SER K 143 35.83 25.72 -16.92
N PHE K 144 35.12 26.77 -17.34
CA PHE K 144 33.90 27.18 -16.69
C PHE K 144 32.72 26.33 -17.16
N TRP K 145 31.58 26.51 -16.49
CA TRP K 145 30.46 25.58 -16.66
C TRP K 145 29.88 25.62 -18.06
N PHE K 146 29.79 26.80 -18.67
CA PHE K 146 29.20 26.95 -19.99
C PHE K 146 30.24 27.01 -21.10
N GLY K 147 31.48 26.62 -20.81
CA GLY K 147 32.55 26.62 -21.78
C GLY K 147 32.99 25.22 -22.19
N THR K 148 34.01 25.20 -23.03
CA THR K 148 34.58 23.97 -23.55
C THR K 148 35.80 23.57 -22.73
N ARG K 149 36.51 22.55 -23.20
CA ARG K 149 37.71 22.02 -22.53
C ARG K 149 38.98 22.47 -23.23
N PHE K 150 39.03 23.72 -23.68
CA PHE K 150 40.16 24.23 -24.43
C PHE K 150 41.44 24.15 -23.60
N LYS K 151 42.56 23.88 -24.28
CA LYS K 151 43.84 23.67 -23.61
C LYS K 151 44.33 24.96 -22.96
N ALA K 152 45.27 24.79 -22.03
CA ALA K 152 45.85 25.91 -21.29
C ALA K 152 46.55 26.88 -22.23
N CYS K 153 47.00 28.01 -21.66
CA CYS K 153 47.78 29.04 -22.33
C CYS K 153 47.13 29.51 -23.64
N TYR K 154 45.83 29.27 -23.80
CA TYR K 154 45.07 29.77 -24.93
C TYR K 154 44.22 30.99 -24.57
N LEU K 155 44.22 31.40 -23.31
CA LEU K 155 43.30 32.43 -22.84
C LEU K 155 43.46 33.75 -23.57
N PRO K 156 44.66 34.32 -23.73
CA PRO K 156 44.75 35.63 -24.41
C PRO K 156 44.22 35.62 -25.83
N TRP K 157 44.34 34.49 -26.54
CA TRP K 157 43.88 34.45 -27.92
C TRP K 157 42.38 34.20 -27.99
N VAL K 158 41.87 33.26 -27.19
CA VAL K 158 40.45 32.93 -27.25
C VAL K 158 39.62 34.11 -26.73
N ILE K 159 40.13 34.83 -25.72
CA ILE K 159 39.41 36.00 -25.24
C ILE K 159 39.47 37.12 -26.27
N LEU K 160 40.55 37.18 -27.04
CA LEU K 160 40.72 38.27 -28.01
C LEU K 160 39.60 38.26 -29.05
N GLY K 161 39.24 37.09 -29.55
CA GLY K 161 38.17 37.03 -30.54
C GLY K 161 36.81 37.37 -29.97
N PHE K 162 36.61 37.10 -28.68
CA PHE K 162 35.27 37.22 -28.12
C PHE K 162 34.81 38.68 -28.08
N ASN K 163 35.63 39.57 -27.55
CA ASN K 163 35.21 40.97 -27.47
C ASN K 163 35.24 41.63 -28.84
N TYR K 164 36.11 41.16 -29.72
CA TYR K 164 36.20 41.72 -31.07
C TYR K 164 34.87 41.53 -31.81
N ILE K 165 34.36 40.29 -31.85
CA ILE K 165 33.18 40.01 -32.65
C ILE K 165 31.93 40.64 -32.04
N ILE K 166 31.91 40.89 -30.74
CA ILE K 166 30.78 41.54 -30.08
C ILE K 166 31.07 43.03 -30.06
N GLY K 167 30.55 43.74 -31.06
CA GLY K 167 30.79 45.16 -31.19
C GLY K 167 31.58 45.52 -32.42
N GLY K 168 32.82 45.97 -32.24
CA GLY K 168 33.66 46.36 -33.35
C GLY K 168 34.86 47.18 -32.91
N SER K 169 35.12 48.29 -33.60
CA SER K 169 36.22 49.19 -33.26
C SER K 169 37.55 48.45 -33.20
N VAL K 170 37.97 47.95 -34.37
CA VAL K 170 39.15 47.09 -34.48
C VAL K 170 40.38 47.76 -33.88
N ILE K 171 40.40 49.10 -33.83
CA ILE K 171 41.60 49.81 -33.40
C ILE K 171 41.93 49.50 -31.94
N ASN K 172 40.95 49.61 -31.04
CA ASN K 172 41.26 49.57 -29.62
C ASN K 172 41.71 48.17 -29.18
N GLU K 173 41.07 47.12 -29.72
CA GLU K 173 41.47 45.76 -29.35
C GLU K 173 42.90 45.46 -29.80
N LEU K 174 43.25 45.87 -31.03
CA LEU K 174 44.57 45.56 -31.55
C LEU K 174 45.66 46.30 -30.78
N ILE K 175 45.46 47.60 -30.54
CA ILE K 175 46.49 48.41 -29.90
C ILE K 175 46.71 47.94 -28.46
N GLY K 176 45.64 47.61 -27.74
CA GLY K 176 45.78 47.22 -26.35
C GLY K 176 46.60 45.95 -26.17
N ASN K 177 46.45 45.00 -27.10
CA ASN K 177 47.22 43.77 -26.99
C ASN K 177 48.70 43.99 -27.31
N LEU K 178 48.99 44.73 -28.39
CA LEU K 178 50.38 44.92 -28.78
C LEU K 178 51.13 45.79 -27.77
N VAL K 179 50.46 46.79 -27.20
CA VAL K 179 51.11 47.61 -26.19
C VAL K 179 51.42 46.78 -24.95
N GLY K 180 50.54 45.83 -24.62
CA GLY K 180 50.89 44.84 -23.61
C GLY K 180 51.99 43.91 -24.08
N HIS K 181 51.99 43.56 -25.36
CA HIS K 181 53.02 42.68 -25.90
C HIS K 181 54.40 43.31 -25.79
N LEU K 182 54.54 44.56 -26.25
CA LEU K 182 55.83 45.23 -26.20
C LEU K 182 56.26 45.45 -24.75
N TYR K 183 55.34 45.87 -23.88
CA TYR K 183 55.67 46.01 -22.47
C TYR K 183 56.03 44.67 -21.84
N PHE K 184 55.35 43.60 -22.26
CA PHE K 184 55.73 42.27 -21.80
C PHE K 184 57.16 41.94 -22.24
N PHE K 185 57.51 42.29 -23.46
CA PHE K 185 58.88 42.07 -23.93
C PHE K 185 59.84 43.06 -23.27
N LEU K 186 59.41 44.30 -23.05
CA LEU K 186 60.30 45.32 -22.51
C LEU K 186 60.53 45.11 -21.02
N MET K 187 59.44 45.12 -20.23
CA MET K 187 59.58 44.99 -18.78
C MET K 187 60.16 43.65 -18.38
N PHE K 188 59.72 42.58 -19.04
CA PHE K 188 60.06 41.22 -18.62
C PHE K 188 61.15 40.58 -19.48
N ARG K 189 60.99 40.59 -20.80
CA ARG K 189 61.89 39.83 -21.67
C ARG K 189 63.14 40.59 -22.08
N TYR K 190 63.06 41.92 -22.20
CA TYR K 190 64.19 42.69 -22.71
C TYR K 190 65.46 42.59 -21.86
N PRO K 191 65.40 42.69 -20.52
CA PRO K 191 66.67 42.73 -19.76
C PRO K 191 67.59 41.54 -20.00
N MET K 192 67.05 40.33 -20.11
CA MET K 192 67.90 39.16 -20.33
C MET K 192 67.90 38.67 -21.77
N ASP K 193 67.24 39.38 -22.69
CA ASP K 193 67.32 39.00 -24.10
C ASP K 193 68.62 39.49 -24.73
N LEU K 194 68.82 40.80 -24.74
CA LEU K 194 70.05 41.40 -25.25
C LEU K 194 70.69 42.36 -24.25
N GLY K 195 69.89 43.08 -23.50
CA GLY K 195 70.37 44.09 -22.57
C GLY K 195 69.29 45.12 -22.32
N GLY K 196 69.72 46.35 -22.07
CA GLY K 196 68.77 47.42 -21.84
C GLY K 196 67.93 47.19 -20.61
N ARG K 197 68.54 47.29 -19.44
CA ARG K 197 67.87 46.91 -18.19
C ARG K 197 66.82 47.97 -17.83
N ASN K 198 66.32 47.90 -16.59
CA ASN K 198 65.11 48.61 -16.20
C ASN K 198 65.39 50.11 -16.15
N PHE K 199 65.35 50.74 -17.32
CA PHE K 199 65.48 52.20 -17.39
C PHE K 199 64.12 52.88 -17.26
N LEU K 200 63.35 52.42 -16.28
CA LEU K 200 62.07 53.00 -15.92
C LEU K 200 61.83 52.95 -14.43
N SER K 201 62.91 52.88 -13.64
CA SER K 201 62.82 52.56 -12.23
C SER K 201 61.89 53.53 -11.51
N THR K 202 60.98 52.98 -10.72
CA THR K 202 60.04 53.80 -9.98
C THR K 202 60.78 54.64 -8.95
N PRO K 203 60.47 55.94 -8.85
CA PRO K 203 61.18 56.79 -7.89
C PRO K 203 60.89 56.37 -6.45
N GLN K 204 61.82 56.74 -5.56
CA GLN K 204 61.62 56.49 -4.13
C GLN K 204 60.37 57.18 -3.61
N PHE K 205 59.93 58.24 -4.27
CA PHE K 205 58.72 58.95 -3.83
C PHE K 205 57.51 58.03 -3.87
N LEU K 206 57.45 57.14 -4.87
CA LEU K 206 56.38 56.14 -4.90
C LEU K 206 56.48 55.18 -3.74
N TYR K 207 57.70 54.71 -3.43
CA TYR K 207 57.89 53.84 -2.28
C TYR K 207 57.57 54.57 -0.98
N ARG K 208 57.93 55.84 -0.90
CA ARG K 208 57.63 56.63 0.30
C ARG K 208 56.13 56.74 0.52
N TRP K 209 55.37 56.94 -0.55
CA TRP K 209 53.91 57.00 -0.43
C TRP K 209 53.33 55.68 0.04
N LEU K 210 53.72 54.58 -0.61
CA LEU K 210 53.24 53.25 -0.27
C LEU K 210 54.43 52.32 -0.15
N PRO K 211 54.70 51.75 1.03
CA PRO K 211 55.88 50.90 1.19
C PRO K 211 55.67 49.52 0.57
N SER K 212 56.78 48.83 0.36
CA SER K 212 56.77 47.47 -0.13
C SER K 212 56.69 46.51 1.05
N ARG K 213 56.86 45.21 0.78
CA ARG K 213 56.78 44.19 1.82
C ARG K 213 58.10 43.46 1.93
N ARG K 214 58.58 43.31 3.17
CA ARG K 214 59.81 42.60 3.46
C ARG K 214 59.58 41.64 4.61
N HIS K 215 60.24 40.50 4.55
CA HIS K 215 60.09 39.48 5.59
C HIS K 215 60.71 39.96 6.89
N ASN K 216 59.87 40.20 7.90
CA ASN K 216 60.33 40.70 9.19
C ASN K 216 60.96 39.56 9.97
N TRP K 217 62.29 39.63 10.16
CA TRP K 217 62.98 38.56 10.88
C TRP K 217 62.52 38.48 12.33
N GLY K 218 62.39 39.60 12.99
CA GLY K 218 61.99 39.62 14.40
C GLY K 218 63.20 39.60 15.33
N GLN K 219 63.31 38.54 16.14
CA GLN K 219 64.44 38.39 17.07
C GLN K 219 64.67 36.91 17.28
N GLY K 220 65.93 36.50 17.25
CA GLY K 220 66.28 35.10 17.44
C GLY K 220 66.45 34.79 18.91
N PHE K 221 65.82 33.71 19.38
CA PHE K 221 65.82 33.42 20.81
C PHE K 221 67.21 33.12 21.35
N ARG K 222 67.80 32.00 20.93
CA ARG K 222 69.14 31.64 21.39
C ARG K 222 69.58 30.40 20.63
N LEU K 223 70.87 30.08 20.76
CA LEU K 223 71.50 28.97 20.06
C LEU K 223 71.26 27.64 20.74
N GLY K 224 71.06 27.63 22.05
CA GLY K 224 70.72 26.41 22.76
C GLY K 224 71.95 25.65 23.21
N ASP K 225 71.73 24.35 23.43
CA ASP K 225 72.76 23.43 23.91
C ASP K 225 73.37 23.97 25.22
N ASP L 3 -15.12 60.44 19.50
CA ASP L 3 -13.79 59.85 19.45
C ASP L 3 -12.74 60.87 19.03
N ILE L 4 -13.17 61.87 18.27
CA ILE L 4 -12.24 62.89 17.80
C ILE L 4 -11.72 63.73 18.96
N GLY L 5 -12.55 63.98 19.97
CA GLY L 5 -12.16 64.83 21.08
C GLY L 5 -10.99 64.32 21.88
N ASP L 6 -11.17 63.18 22.57
CA ASP L 6 -10.11 62.66 23.43
C ASP L 6 -8.87 62.27 22.63
N TRP L 7 -9.07 61.60 21.49
CA TRP L 7 -7.93 61.11 20.72
C TRP L 7 -7.05 62.24 20.23
N PHE L 8 -7.65 63.33 19.74
CA PHE L 8 -6.85 64.48 19.30
C PHE L 8 -6.08 65.08 20.46
N ARG L 9 -6.71 65.15 21.64
CA ARG L 9 -6.00 65.63 22.83
C ARG L 9 -5.07 64.55 23.38
N SER L 10 -5.32 63.28 23.04
CA SER L 10 -4.44 62.20 23.50
C SER L 10 -3.07 62.27 22.85
N ILE L 11 -2.99 62.79 21.62
CA ILE L 11 -1.71 62.91 20.94
C ILE L 11 -0.82 63.88 21.71
N PRO L 12 0.48 63.62 21.85
CA PRO L 12 1.36 64.63 22.45
C PRO L 12 1.32 65.92 21.65
N ALA L 13 1.47 67.04 22.38
CA ALA L 13 1.21 68.35 21.79
C ALA L 13 2.11 68.61 20.57
N ILE L 14 3.38 68.26 20.66
CA ILE L 14 4.29 68.45 19.53
C ILE L 14 3.84 67.62 18.34
N THR L 15 3.50 66.36 18.58
CA THR L 15 2.98 65.52 17.51
C THR L 15 1.60 65.97 17.07
N ARG L 16 0.74 66.34 18.03
CA ARG L 16 -0.59 66.82 17.67
C ARG L 16 -0.50 68.13 16.89
N TYR L 17 0.50 68.96 17.18
CA TYR L 17 0.77 70.11 16.32
C TYR L 17 1.26 69.66 14.96
N TRP L 18 2.01 68.56 14.91
CA TRP L 18 2.54 68.05 13.66
C TRP L 18 1.42 67.54 12.75
N PHE L 19 0.51 66.75 13.31
CA PHE L 19 -0.56 66.16 12.51
C PHE L 19 -1.48 67.24 11.94
N ALA L 20 -1.81 68.24 12.75
CA ALA L 20 -2.71 69.30 12.29
C ALA L 20 -2.10 70.05 11.10
N ALA L 21 -0.81 70.37 11.19
CA ALA L 21 -0.15 71.09 10.10
C ALA L 21 -0.10 70.25 8.83
N THR L 22 0.00 68.92 8.98
CA THR L 22 0.09 68.04 7.83
C THR L 22 -1.26 67.74 7.20
N VAL L 23 -2.37 68.05 7.87
CA VAL L 23 -3.70 67.78 7.34
C VAL L 23 -4.48 69.04 7.06
N ALA L 24 -4.34 70.07 7.91
CA ALA L 24 -5.10 71.30 7.70
C ALA L 24 -4.62 72.06 6.47
N VAL L 25 -3.30 72.14 6.28
CA VAL L 25 -2.76 72.82 5.10
C VAL L 25 -3.24 72.17 3.81
N PRO L 26 -3.24 70.85 3.65
CA PRO L 26 -3.85 70.27 2.44
C PRO L 26 -5.31 70.61 2.28
N LEU L 27 -6.07 70.73 3.38
CA LEU L 27 -7.50 70.99 3.26
C LEU L 27 -7.76 72.32 2.56
N VAL L 28 -7.02 73.36 2.93
CA VAL L 28 -7.24 74.67 2.34
C VAL L 28 -6.93 74.65 0.84
N GLY L 29 -5.85 73.96 0.46
CA GLY L 29 -5.42 73.99 -0.93
C GLY L 29 -6.40 73.32 -1.88
N LYS L 30 -6.91 72.16 -1.49
CA LYS L 30 -7.70 71.36 -2.43
C LYS L 30 -9.04 72.02 -2.75
N LEU L 31 -9.75 72.49 -1.73
CA LEU L 31 -11.05 73.13 -1.99
C LEU L 31 -10.90 74.52 -2.60
N GLY L 32 -9.70 75.09 -2.61
CA GLY L 32 -9.48 76.37 -3.25
C GLY L 32 -9.85 77.56 -2.41
N LEU L 33 -9.44 77.58 -1.15
CA LEU L 33 -9.65 78.74 -0.29
C LEU L 33 -8.54 79.77 -0.49
N ILE L 34 -7.29 79.35 -0.31
CA ILE L 34 -6.16 80.21 -0.64
C ILE L 34 -5.70 79.92 -2.07
N SER L 35 -5.00 80.87 -2.64
CA SER L 35 -4.50 80.70 -4.00
C SER L 35 -3.47 79.59 -4.05
N PRO L 36 -3.66 78.55 -4.88
CA PRO L 36 -2.66 77.48 -4.94
C PRO L 36 -1.30 77.95 -5.38
N ALA L 37 -1.24 78.95 -6.27
CA ALA L 37 0.04 79.47 -6.73
C ALA L 37 0.69 80.41 -5.73
N TYR L 38 0.01 80.75 -4.64
CA TYR L 38 0.54 81.67 -3.65
C TYR L 38 1.66 81.07 -2.83
N LEU L 39 1.92 79.76 -2.95
CA LEU L 39 2.98 79.08 -2.20
C LEU L 39 3.80 78.25 -3.20
N PHE L 40 4.91 78.83 -3.68
CA PHE L 40 5.79 78.15 -4.61
C PHE L 40 7.26 78.18 -4.23
N LEU L 41 7.70 79.13 -3.40
CA LEU L 41 9.08 79.21 -2.94
C LEU L 41 10.05 79.35 -4.13
N TRP L 42 9.90 80.48 -4.83
CA TRP L 42 10.76 80.79 -5.96
C TRP L 42 12.20 80.94 -5.49
N PRO L 43 13.08 79.99 -5.85
CA PRO L 43 14.44 80.00 -5.29
C PRO L 43 15.32 81.07 -5.91
N GLU L 44 15.14 81.31 -7.21
CA GLU L 44 15.91 82.37 -7.87
C GLU L 44 15.59 83.73 -7.29
N ALA L 45 14.33 83.94 -6.86
CA ALA L 45 13.99 85.17 -6.17
C ALA L 45 14.73 85.29 -4.85
N PHE L 46 14.87 84.18 -4.12
CA PHE L 46 15.69 84.18 -2.91
C PHE L 46 17.14 84.55 -3.20
N LEU L 47 17.64 84.15 -4.38
CA LEU L 47 19.02 84.47 -4.73
C LEU L 47 19.22 85.98 -4.89
N TYR L 48 18.26 86.66 -5.52
CA TYR L 48 18.39 88.09 -5.78
C TYR L 48 17.94 88.92 -4.57
N ARG L 49 16.67 88.77 -4.18
CA ARG L 49 16.13 89.49 -3.05
C ARG L 49 15.98 88.58 -1.84
N PHE L 50 15.78 89.20 -0.68
CA PHE L 50 15.70 88.43 0.56
C PHE L 50 14.50 87.49 0.57
N GLN L 51 13.39 87.90 -0.05
CA GLN L 51 12.15 87.14 -0.07
C GLN L 51 11.71 86.79 1.35
N ILE L 52 11.44 87.84 2.12
CA ILE L 52 11.04 87.67 3.51
C ILE L 52 9.56 87.29 3.63
N TRP L 53 8.79 87.43 2.54
CA TRP L 53 7.36 87.17 2.60
C TRP L 53 7.08 85.69 2.89
N ARG L 54 7.84 84.79 2.27
CA ARG L 54 7.58 83.36 2.34
C ARG L 54 8.86 82.59 2.68
N PRO L 55 9.36 82.74 3.91
CA PRO L 55 10.55 81.98 4.30
C PRO L 55 10.24 80.52 4.56
N ILE L 56 9.09 80.26 5.17
CA ILE L 56 8.70 78.90 5.55
C ILE L 56 7.30 78.53 5.10
N THR L 57 6.48 79.49 4.67
CA THR L 57 5.09 79.19 4.35
C THR L 57 4.97 78.19 3.19
N ALA L 58 5.78 78.37 2.15
CA ALA L 58 5.72 77.47 1.01
C ALA L 58 6.32 76.10 1.29
N THR L 59 7.00 75.92 2.43
CA THR L 59 7.60 74.65 2.77
C THR L 59 6.59 73.63 3.29
N PHE L 60 5.36 74.05 3.56
CA PHE L 60 4.28 73.14 3.95
C PHE L 60 3.30 72.90 2.81
N TYR L 61 3.47 73.55 1.67
CA TYR L 61 2.49 73.48 0.59
C TYR L 61 2.56 72.13 -0.11
N PHE L 62 1.42 71.48 -0.26
CA PHE L 62 1.34 70.18 -0.93
C PHE L 62 0.03 70.11 -1.72
N PRO L 63 0.08 70.39 -3.03
CA PRO L 63 -1.13 70.27 -3.88
C PRO L 63 -1.40 68.82 -4.27
N VAL L 64 -2.09 68.10 -3.38
CA VAL L 64 -2.39 66.69 -3.63
C VAL L 64 -3.31 66.56 -4.83
N GLY L 65 -3.07 65.54 -5.64
CA GLY L 65 -3.87 65.28 -6.81
C GLY L 65 -4.11 63.79 -7.01
N PRO L 66 -5.14 63.45 -7.78
CA PRO L 66 -5.47 62.03 -7.96
C PRO L 66 -4.58 61.35 -9.00
N GLY L 67 -3.28 61.58 -8.91
CA GLY L 67 -2.31 60.85 -9.70
C GLY L 67 -1.17 60.35 -8.83
N THR L 68 -1.04 60.96 -7.65
CA THR L 68 -0.03 60.56 -6.69
C THR L 68 -0.58 60.55 -5.27
N GLY L 69 -1.90 60.66 -5.09
CA GLY L 69 -2.47 60.69 -3.76
C GLY L 69 -2.23 59.43 -2.96
N PHE L 70 -2.16 58.29 -3.64
CA PHE L 70 -1.87 57.03 -2.95
C PHE L 70 -0.54 57.10 -2.21
N LEU L 71 0.45 57.75 -2.81
CA LEU L 71 1.71 57.99 -2.11
C LEU L 71 1.50 58.90 -0.90
N TYR L 72 0.67 59.93 -1.05
CA TYR L 72 0.41 60.85 0.05
C TYR L 72 -0.25 60.16 1.23
N LEU L 73 -0.92 59.02 0.99
CA LEU L 73 -1.60 58.34 2.08
C LEU L 73 -0.67 57.39 2.83
N VAL L 74 0.24 56.73 2.12
CA VAL L 74 1.08 55.72 2.77
C VAL L 74 2.08 56.36 3.70
N ASN L 75 2.69 57.48 3.29
CA ASN L 75 3.67 58.13 4.16
C ASN L 75 3.01 58.72 5.40
N LEU L 76 1.85 59.34 5.24
CA LEU L 76 1.10 59.80 6.41
C LEU L 76 0.68 58.64 7.28
N TYR L 77 0.29 57.52 6.67
CA TYR L 77 0.06 56.30 7.44
C TYR L 77 1.33 55.85 8.15
N PHE L 78 2.47 55.91 7.44
CA PHE L 78 3.75 55.60 8.07
C PHE L 78 4.08 56.61 9.16
N LEU L 79 3.83 57.89 8.91
CA LEU L 79 4.13 58.92 9.90
C LEU L 79 3.28 58.73 11.16
N TYR L 80 2.00 58.41 10.99
CA TYR L 80 1.09 58.36 12.13
C TYR L 80 1.50 57.29 13.14
N GLN L 81 1.73 56.07 12.66
CA GLN L 81 1.95 54.96 13.57
C GLN L 81 3.37 54.91 14.10
N TYR L 82 4.36 55.34 13.30
CA TYR L 82 5.74 55.33 13.76
C TYR L 82 6.09 56.51 14.65
N SER L 83 5.41 57.65 14.50
CA SER L 83 5.67 58.78 15.39
C SER L 83 5.32 58.43 16.83
N THR L 84 4.33 57.55 17.02
CA THR L 84 4.07 57.03 18.36
C THR L 84 5.25 56.20 18.85
N ARG L 85 5.83 55.38 17.98
CA ARG L 85 6.92 54.50 18.39
C ARG L 85 8.15 55.29 18.79
N LEU L 86 8.50 56.33 18.03
CA LEU L 86 9.76 57.02 18.29
C LEU L 86 9.66 57.93 19.52
N GLU L 87 8.47 58.47 19.79
CA GLU L 87 8.32 59.35 20.94
C GLU L 87 8.41 58.57 22.25
N THR L 88 7.93 57.32 22.25
CA THR L 88 8.09 56.46 23.43
C THR L 88 9.36 55.63 23.38
N GLY L 89 10.14 55.70 22.31
CA GLY L 89 11.39 54.98 22.26
C GLY L 89 12.56 55.81 22.77
N ALA L 90 12.91 55.63 24.03
CA ALA L 90 14.01 56.32 24.71
C ALA L 90 13.89 57.83 24.62
N PHE L 91 12.72 58.37 24.29
CA PHE L 91 12.56 59.79 24.04
C PHE L 91 11.42 60.41 24.87
N ASP L 92 10.79 59.64 25.75
CA ASP L 92 9.72 60.20 26.58
C ASP L 92 10.24 61.29 27.50
N GLY L 93 11.39 61.05 28.14
CA GLY L 93 11.93 61.98 29.11
C GLY L 93 12.69 63.15 28.55
N ARG L 94 12.86 63.23 27.22
CA ARG L 94 13.60 64.32 26.58
C ARG L 94 12.80 64.86 25.40
N PRO L 95 11.65 65.48 25.65
CA PRO L 95 10.92 66.12 24.56
C PRO L 95 11.66 67.31 23.96
N ALA L 96 12.38 68.08 24.78
CA ALA L 96 13.13 69.22 24.26
C ALA L 96 14.26 68.76 23.34
N ASP L 97 14.94 67.68 23.71
CA ASP L 97 15.99 67.15 22.85
C ASP L 97 15.44 66.70 21.51
N TYR L 98 14.26 66.07 21.53
CA TYR L 98 13.64 65.64 20.28
C TYR L 98 13.16 66.83 19.46
N LEU L 99 12.51 67.80 20.11
CA LEU L 99 11.95 68.92 19.36
C LEU L 99 13.04 69.71 18.66
N PHE L 100 14.15 69.96 19.35
CA PHE L 100 15.27 70.66 18.70
C PHE L 100 15.91 69.83 17.60
N MET L 101 15.92 68.50 17.74
CA MET L 101 16.55 67.69 16.70
C MET L 101 15.77 67.80 15.40
N LEU L 102 14.48 68.10 15.49
CA LEU L 102 13.70 68.39 14.29
C LEU L 102 14.19 69.66 13.61
N LEU L 103 14.65 70.64 14.39
CA LEU L 103 15.07 71.91 13.82
C LEU L 103 16.26 71.73 12.89
N PHE L 104 17.24 70.91 13.29
CA PHE L 104 18.36 70.63 12.39
C PHE L 104 17.91 69.86 11.16
N ASN L 105 16.96 68.94 11.30
CA ASN L 105 16.50 68.21 10.12
C ASN L 105 15.74 69.12 9.17
N TRP L 106 15.24 70.26 9.66
CA TRP L 106 14.51 71.16 8.77
C TRP L 106 15.45 72.17 8.10
N ILE L 107 16.40 72.72 8.86
CA ILE L 107 17.30 73.73 8.29
C ILE L 107 18.17 73.12 7.20
N CYS L 108 18.57 71.86 7.37
CA CYS L 108 19.49 71.25 6.42
C CYS L 108 18.87 71.11 5.04
N ILE L 109 17.60 70.69 4.97
CA ILE L 109 16.95 70.56 3.67
C ILE L 109 16.71 71.92 3.03
N VAL L 110 16.29 72.91 3.80
CA VAL L 110 15.83 74.17 3.20
C VAL L 110 16.97 74.91 2.50
N ILE L 111 18.19 74.82 3.06
CA ILE L 111 19.35 75.38 2.35
C ILE L 111 19.63 74.57 1.09
N THR L 112 19.58 73.24 1.18
CA THR L 112 19.80 72.41 0.00
C THR L 112 18.71 72.65 -1.04
N GLY L 113 17.51 73.02 -0.59
CA GLY L 113 16.45 73.38 -1.52
C GLY L 113 16.66 74.71 -2.19
N LEU L 114 17.62 75.50 -1.71
CA LEU L 114 17.94 76.77 -2.36
C LEU L 114 19.02 76.60 -3.41
N ALA L 115 20.04 75.77 -3.13
CA ALA L 115 21.07 75.51 -4.12
C ALA L 115 20.49 74.83 -5.35
N MET L 116 19.62 73.85 -5.15
CA MET L 116 18.87 73.22 -6.23
C MET L 116 17.48 73.86 -6.25
N ASP L 117 16.59 73.34 -7.11
CA ASP L 117 15.35 74.05 -7.45
C ASP L 117 14.13 73.15 -7.31
N MET L 118 14.01 72.46 -6.17
CA MET L 118 12.81 71.68 -5.86
C MET L 118 11.89 72.48 -4.94
N GLN L 119 10.59 72.44 -5.26
CA GLN L 119 9.59 73.19 -4.53
C GLN L 119 8.75 72.35 -3.58
N LEU L 120 8.58 71.06 -3.87
CA LEU L 120 7.72 70.19 -3.07
C LEU L 120 8.55 69.58 -1.95
N LEU L 121 8.72 70.35 -0.88
CA LEU L 121 9.52 69.93 0.27
C LEU L 121 8.62 69.45 1.41
N MET L 122 8.04 68.26 1.21
CA MET L 122 7.33 67.56 2.27
C MET L 122 7.92 66.20 2.60
N ILE L 123 8.09 65.35 1.58
CA ILE L 123 8.57 63.98 1.84
C ILE L 123 9.95 63.91 2.46
N PRO L 124 10.97 64.67 2.01
CA PRO L 124 12.34 64.38 2.49
C PRO L 124 12.49 64.45 4.00
N LEU L 125 11.81 65.39 4.64
CA LEU L 125 11.86 65.47 6.10
C LEU L 125 11.18 64.27 6.74
N ILE L 126 10.08 63.79 6.14
CA ILE L 126 9.38 62.63 6.68
C ILE L 126 10.27 61.40 6.65
N MET L 127 10.92 61.16 5.52
CA MET L 127 11.76 59.97 5.40
C MET L 127 13.07 60.13 6.17
N SER L 128 13.52 61.37 6.37
CA SER L 128 14.77 61.58 7.10
C SER L 128 14.65 61.06 8.53
N VAL L 129 13.62 61.49 9.25
CA VAL L 129 13.42 61.00 10.61
C VAL L 129 13.12 59.51 10.60
N LEU L 130 12.39 59.03 9.59
CA LEU L 130 12.16 57.59 9.48
C LEU L 130 13.47 56.84 9.31
N TYR L 131 14.39 57.38 8.53
CA TYR L 131 15.74 56.83 8.47
C TYR L 131 16.43 56.96 9.82
N VAL L 132 16.24 58.10 10.49
CA VAL L 132 16.79 58.29 11.82
C VAL L 132 16.15 57.31 12.80
N TRP L 133 14.83 57.16 12.74
CA TRP L 133 14.12 56.29 13.69
C TRP L 133 14.57 54.84 13.57
N ALA L 134 14.71 54.35 12.34
CA ALA L 134 15.09 52.96 12.16
C ALA L 134 16.50 52.70 12.69
N GLN L 135 17.43 53.61 12.43
CA GLN L 135 18.83 53.34 12.76
C GLN L 135 19.10 53.45 14.25
N LEU L 136 18.48 54.41 14.94
CA LEU L 136 18.58 54.47 16.40
C LEU L 136 17.67 53.48 17.12
N ASN L 137 16.75 52.84 16.42
CA ASN L 137 15.90 51.80 17.00
C ASN L 137 16.03 50.56 16.11
N ARG L 138 17.29 50.18 15.86
CA ARG L 138 17.60 49.01 15.03
C ARG L 138 17.31 47.73 15.80
N ASP L 139 17.63 46.59 15.19
CA ASP L 139 17.62 45.28 15.86
C ASP L 139 16.23 44.89 16.34
N MET L 140 15.20 45.14 15.52
CA MET L 140 13.86 44.67 15.81
C MET L 140 13.29 43.99 14.58
N ILE L 141 12.71 42.82 14.76
CA ILE L 141 12.09 42.09 13.67
C ILE L 141 10.69 42.62 13.44
N VAL L 142 10.41 43.04 12.21
CA VAL L 142 9.09 43.52 11.83
C VAL L 142 8.64 42.78 10.57
N SER L 143 7.38 42.38 10.55
CA SER L 143 6.82 41.65 9.41
C SER L 143 5.32 41.96 9.36
N PHE L 144 4.96 42.89 8.47
CA PHE L 144 3.56 43.27 8.30
C PHE L 144 2.83 42.19 7.50
N TRP L 145 1.49 42.32 7.47
CA TRP L 145 0.65 41.26 6.93
C TRP L 145 0.92 41.02 5.45
N PHE L 146 1.07 42.09 4.66
CA PHE L 146 1.33 41.98 3.23
C PHE L 146 2.82 41.96 2.91
N GLY L 147 3.67 41.57 3.86
CA GLY L 147 5.09 41.55 3.67
C GLY L 147 5.70 40.17 3.90
N THR L 148 7.01 40.12 3.72
CA THR L 148 7.80 38.90 3.88
C THR L 148 8.44 38.88 5.27
N ARG L 149 9.26 37.85 5.51
CA ARG L 149 9.93 37.64 6.80
C ARG L 149 11.34 38.19 6.78
N PHE L 150 11.55 39.33 6.12
CA PHE L 150 12.88 39.91 6.00
C PHE L 150 13.47 40.22 7.37
N LYS L 151 14.80 40.08 7.47
CA LYS L 151 15.49 40.23 8.74
C LYS L 151 15.53 41.70 9.16
N ALA L 152 15.83 41.92 10.44
CA ALA L 152 15.85 43.24 11.03
C ALA L 152 16.99 44.08 10.45
N CYS L 153 17.10 45.31 10.97
CA CYS L 153 18.15 46.27 10.62
C CYS L 153 18.29 46.45 9.11
N TYR L 154 17.22 46.19 8.38
CA TYR L 154 17.19 46.37 6.93
C TYR L 154 16.21 47.45 6.49
N LEU L 155 15.47 48.04 7.43
CA LEU L 155 14.41 48.99 7.06
C LEU L 155 14.91 50.22 6.33
N PRO L 156 15.95 50.94 6.78
CA PRO L 156 16.30 52.19 6.08
C PRO L 156 16.77 51.97 4.66
N TRP L 157 17.25 50.77 4.33
CA TRP L 157 17.69 50.50 2.97
C TRP L 157 16.50 50.10 2.10
N VAL L 158 15.63 49.23 2.61
CA VAL L 158 14.49 48.77 1.83
C VAL L 158 13.47 49.90 1.65
N ILE L 159 13.26 50.71 2.69
CA ILE L 159 12.33 51.83 2.56
C ILE L 159 12.84 52.84 1.56
N LEU L 160 14.17 52.91 1.36
CA LEU L 160 14.73 53.75 0.32
C LEU L 160 14.42 53.21 -1.07
N GLY L 161 14.01 51.95 -1.17
CA GLY L 161 13.66 51.40 -2.47
C GLY L 161 12.21 51.65 -2.84
N PHE L 162 11.31 51.49 -1.86
CA PHE L 162 9.88 51.62 -2.14
C PHE L 162 9.52 53.03 -2.59
N ASN L 163 10.07 54.05 -1.93
CA ASN L 163 9.76 55.41 -2.31
C ASN L 163 10.45 55.80 -3.62
N TYR L 164 11.56 55.15 -3.95
CA TYR L 164 12.30 55.49 -5.16
C TYR L 164 11.51 55.10 -6.41
N ILE L 165 10.99 53.86 -6.44
CA ILE L 165 10.27 53.39 -7.62
C ILE L 165 8.97 54.17 -7.80
N ILE L 166 8.22 54.39 -6.73
CA ILE L 166 6.94 55.08 -6.78
C ILE L 166 7.23 56.57 -6.70
N GLY L 167 7.19 57.25 -7.85
CA GLY L 167 7.47 58.66 -7.90
C GLY L 167 8.76 58.98 -8.64
N GLY L 168 9.77 59.45 -7.92
CA GLY L 168 11.04 59.78 -8.53
C GLY L 168 11.79 60.83 -7.72
N SER L 169 12.33 61.83 -8.41
CA SER L 169 13.06 62.93 -7.78
C SER L 169 14.18 62.39 -6.89
N VAL L 170 15.15 61.74 -7.55
CA VAL L 170 16.17 60.97 -6.83
C VAL L 170 16.92 61.80 -5.80
N ILE L 171 16.92 63.14 -5.97
CA ILE L 171 17.77 63.98 -5.13
C ILE L 171 17.24 64.04 -3.70
N ASN L 172 15.92 64.14 -3.51
CA ASN L 172 15.41 64.35 -2.16
C ASN L 172 15.66 63.13 -1.28
N GLU L 173 15.55 61.93 -1.86
CA GLU L 173 15.85 60.73 -1.11
C GLU L 173 17.31 60.71 -0.65
N LEU L 174 18.22 61.12 -1.52
CA LEU L 174 19.64 61.15 -1.17
C LEU L 174 19.90 62.16 -0.06
N ILE L 175 19.39 63.38 -0.22
CA ILE L 175 19.67 64.43 0.76
C ILE L 175 18.99 64.12 2.09
N GLY L 176 17.86 63.41 2.06
CA GLY L 176 17.20 63.04 3.31
C GLY L 176 18.02 62.06 4.13
N ASN L 177 18.59 61.06 3.46
CA ASN L 177 19.34 60.03 4.17
C ASN L 177 20.64 60.58 4.76
N LEU L 178 21.32 61.46 4.02
CA LEU L 178 22.70 61.80 4.38
C LEU L 178 22.76 62.59 5.68
N VAL L 179 21.91 63.60 5.83
CA VAL L 179 22.03 64.48 6.98
C VAL L 179 21.65 63.74 8.26
N GLY L 180 20.60 62.92 8.21
CA GLY L 180 20.30 62.07 9.34
C GLY L 180 21.44 61.13 9.65
N HIS L 181 22.12 60.64 8.62
CA HIS L 181 23.31 59.82 8.83
C HIS L 181 24.44 60.65 9.43
N LEU L 182 24.65 61.87 8.90
CA LEU L 182 25.69 62.74 9.45
C LEU L 182 25.34 63.23 10.84
N TYR L 183 24.08 63.61 11.07
CA TYR L 183 23.66 64.04 12.40
C TYR L 183 23.81 62.91 13.41
N PHE L 184 23.47 61.68 12.99
CA PHE L 184 23.75 60.53 13.82
C PHE L 184 25.23 60.42 14.14
N PHE L 185 26.10 60.69 13.15
CA PHE L 185 27.52 60.74 13.42
C PHE L 185 27.89 61.96 14.26
N LEU L 186 27.27 63.11 13.99
CA LEU L 186 27.63 64.34 14.68
C LEU L 186 27.19 64.32 16.13
N MET L 187 25.88 64.16 16.37
CA MET L 187 25.34 64.24 17.72
C MET L 187 25.72 63.03 18.56
N PHE L 188 25.76 61.84 17.98
CA PHE L 188 25.89 60.60 18.74
C PHE L 188 27.24 59.93 18.59
N ARG L 189 27.83 59.93 17.39
CA ARG L 189 29.07 59.19 17.18
C ARG L 189 30.31 60.08 17.31
N TYR L 190 30.23 61.34 16.89
CA TYR L 190 31.40 62.21 16.98
C TYR L 190 31.91 62.39 18.41
N PRO L 191 31.07 62.63 19.43
CA PRO L 191 31.61 62.81 20.79
C PRO L 191 32.42 61.63 21.30
N MET L 192 32.00 60.40 21.00
CA MET L 192 32.70 59.23 21.51
C MET L 192 33.71 58.66 20.54
N ASP L 193 33.77 59.16 19.30
CA ASP L 193 34.78 58.71 18.34
C ASP L 193 36.13 59.35 18.63
N LEU L 194 36.22 60.66 18.48
CA LEU L 194 37.47 61.39 18.69
C LEU L 194 37.34 62.55 19.67
N GLY L 195 36.22 63.25 19.65
CA GLY L 195 36.02 64.41 20.48
C GLY L 195 34.96 65.31 19.86
N GLY L 196 35.05 66.60 20.20
CA GLY L 196 34.08 67.55 19.67
C GLY L 196 32.67 67.27 20.17
N ARG L 197 32.44 67.51 21.45
CA ARG L 197 31.17 67.19 22.07
C ARG L 197 30.11 68.21 21.65
N ASN L 198 29.00 68.24 22.38
CA ASN L 198 27.81 68.99 21.96
C ASN L 198 28.08 70.49 22.09
N PHE L 199 28.67 71.06 21.03
CA PHE L 199 28.75 72.50 20.91
C PHE L 199 27.57 73.07 20.15
N LEU L 200 26.37 72.56 20.48
CA LEU L 200 25.11 73.16 20.05
C LEU L 200 24.07 73.01 21.16
N SER L 201 24.50 72.92 22.42
CA SER L 201 23.66 72.43 23.50
C SER L 201 22.40 73.25 23.65
N THR L 202 21.38 72.62 24.20
CA THR L 202 20.07 73.23 24.36
C THR L 202 20.13 74.35 25.40
N PRO L 203 19.79 75.59 25.03
CA PRO L 203 19.82 76.67 26.01
C PRO L 203 18.69 76.53 27.03
N GLN L 204 18.84 77.26 28.14
CA GLN L 204 17.81 77.25 29.19
C GLN L 204 16.51 77.87 28.71
N PHE L 205 16.56 78.74 27.69
CA PHE L 205 15.34 79.35 27.16
C PHE L 205 14.34 78.28 26.72
N LEU L 206 14.86 77.15 26.22
CA LEU L 206 14.00 76.04 25.86
C LEU L 206 13.35 75.41 27.10
N TYR L 207 14.16 75.12 28.12
CA TYR L 207 13.63 74.48 29.32
C TYR L 207 12.66 75.40 30.05
N ARG L 208 12.85 76.71 29.90
CA ARG L 208 11.86 77.65 30.40
C ARG L 208 10.54 77.50 29.65
N TRP L 209 10.61 77.31 28.33
CA TRP L 209 9.39 77.08 27.54
C TRP L 209 8.69 75.81 27.98
N LEU L 210 9.45 74.73 28.18
CA LEU L 210 8.87 73.44 28.54
C LEU L 210 9.88 72.60 29.31
N PRO L 211 9.44 71.91 30.36
CA PRO L 211 10.35 71.04 31.12
C PRO L 211 10.58 69.72 30.40
N SER L 212 11.56 68.98 30.90
CA SER L 212 11.89 67.67 30.32
C SER L 212 11.12 66.54 31.01
N ARG L 213 11.37 66.35 32.30
CA ARG L 213 10.73 65.30 33.09
C ARG L 213 11.23 65.43 34.52
N ARG L 214 10.58 64.69 35.43
CA ARG L 214 10.99 64.64 36.83
C ARG L 214 10.35 63.41 37.47
N HIS L 215 11.15 62.66 38.22
CA HIS L 215 10.66 61.46 38.89
C HIS L 215 9.74 61.82 40.04
N ASN L 216 8.84 60.89 40.38
CA ASN L 216 7.90 61.08 41.47
C ASN L 216 8.11 59.99 42.52
N TRP L 217 8.05 60.39 43.79
CA TRP L 217 8.23 59.43 44.87
C TRP L 217 6.92 58.74 45.24
N GLY L 218 5.93 59.53 45.63
CA GLY L 218 4.65 58.97 46.06
C GLY L 218 4.39 59.19 47.54
N GLN L 219 3.25 58.69 48.02
CA GLN L 219 2.87 58.85 49.42
C GLN L 219 3.76 57.93 50.26
N GLY L 220 4.57 58.52 51.13
CA GLY L 220 5.53 57.75 51.87
C GLY L 220 4.91 57.00 53.03
N PHE L 221 5.60 55.93 53.45
CA PHE L 221 5.21 55.16 54.61
C PHE L 221 6.33 55.20 55.65
N ARG L 222 5.93 55.19 56.92
CA ARG L 222 6.90 55.16 58.02
C ARG L 222 6.43 54.06 58.96
N LEU L 223 6.87 52.83 58.67
CA LEU L 223 6.44 51.67 59.44
C LEU L 223 7.67 50.81 59.72
N GLY L 224 8.20 50.91 60.94
CA GLY L 224 9.25 50.04 61.40
C GLY L 224 8.99 49.55 62.80
N ASP L 225 8.87 48.23 62.97
CA ASP L 225 8.55 47.62 64.26
C ASP L 225 7.27 48.21 64.86
#